data_8WM6
#
_entry.id   8WM6
#
_cell.length_a   1.00
_cell.length_b   1.00
_cell.length_c   1.00
_cell.angle_alpha   90.00
_cell.angle_beta   90.00
_cell.angle_gamma   90.00
#
_symmetry.space_group_name_H-M   'P 1'
#
loop_
_entity.id
_entity.type
_entity.pdbx_description
1 polymer 'Photosystem I P700 chlorophyll a apoprotein A1'
2 polymer 'Photosystem I P700 chlorophyll a apoprotein A2'
3 polymer 'Photosystem I iron-sulfur center'
4 polymer 'Photosystem I reaction center subunit II'
5 polymer 'Photosystem I reaction center subunit IV'
6 polymer 'Photosystem I reaction center subunit III'
7 polymer 'Photosystem I reaction center subunit VIII'
8 polymer 'Photosystem I reaction center subunit IX'
9 polymer 'Photosystem I reaction center subunit XI'
10 polymer 'Photosystem I reaction center subunit XII'
11 polymer PsaO
12 polymer 'Photosystem I reaction center subunit PsaK'
13 polymer 'chain s'
14 polymer cac-c
15 polymer cac-a
16 polymer cac-b
17 polymer cac-h
18 polymer cac-f
19 polymer cac-e
20 polymer cac-l
21 polymer cac-k
22 polymer cac-i
23 polymer cac-d
24 polymer cac-g
25 polymer PsaR
26 polymer cac-n
27 polymer PsaQ
28 non-polymer 'CHLOROPHYLL A'
29 non-polymer PHYLLOQUINONE
30 non-polymer 1,2-DIPALMITOYL-PHOSPHATIDYL-GLYCEROLE
31 non-polymer 1,3,3-trimethyl-2-[(1E,3E,5E,7E,9E,11E,13E,15E,17E)-3,7,12,16-tetramethyl-18-[(1R)-2,6,6-trimethylcyclohex-2-en-1-yl]octadeca-1,3,5,7,9,11,13,15,17-nonaenyl]cyclohexene
32 non-polymer DODECYL-BETA-D-MALTOSIDE
33 non-polymer 'IRON/SULFUR CLUSTER'
34 non-polymer 'DIGALACTOSYL DIACYL GLYCEROL (DGDG)'
35 non-polymer 1,2-DISTEAROYL-MONOGALACTOSYL-DIGLYCERIDE
36 non-polymer (1~{R})-3,5,5-trimethyl-4-[(3~{E},5~{E},7~{E},9~{E},11~{E},13~{E},15~{E})-3,7,12,16-tetramethyl-18-[(4~{R})-2,6,6-trimethyl-4-oxidanyl-cyclohexen-1-yl]octadeca-3,5,7,9,11,13,15-heptaen-1,17-diynyl]cyclohex-3-en-1-ol
37 non-polymer (1~{R})-3,5,5-trimethyl-4-[(3~{E},5~{E},7~{E},9~{E},11~{E},13~{E},15~{E},17~{E})-3,7,12,16-tetramethyl-18-(2,6,6-trimethylcyclohexen-1-yl)octadeca-3,5,7,9,11,13,15,17-octaen-1-ynyl]cyclohex-3-en-1-ol
38 non-polymer 'Chlorophyll c2'
39 non-polymer DODECYL-ALPHA-D-MALTOSIDE
40 water water
#
loop_
_entity_poly.entity_id
_entity_poly.type
_entity_poly.pdbx_seq_one_letter_code
_entity_poly.pdbx_strand_id
1 'polypeptide(L)'
;MTISSKEQEAKKVSITVDRDPVATSFEKWAQPGHFSRTLAKGPKTTTWIWNLHADVHDFDSHTNSLEDISRKIFSAHFGQ
LSIIFLWLSGMYFHGARFSNYSAWLSNPTAVKPSAQVVWPIVGQEVLNGDVGGGFQGVQVTSGFFQIWRSSGITSEVELY
WCALAGLIMSGLMIFAGWFHYHKAAPKLEWFQNAESMLNHHLSGLLGLGCLSWAGHQIHVSLPVNKLLDAGVAPQEIPLP
HEFLVNRDLMAQLYPSFSKGLVPFFTLNWSEYSDFLTFKGGLNPVTGGLWLSDTAHHHLALAVLFIVAGHMYRTNWGIGH
SMKEILEAHKGPFTGEGHKGLYEILTTSWHAQLAINLAMLGSVSIIVAHHMYAMPPYPYIATDYPTQLSIFTHHMWIGGF
CVCGGAAHAGIFMVRDYNPAQNYNNLLDRVIRHRDAIISHLNWICIFLGFHSFGLYIHNDTMRALGRTQDMFSDTAIQLK
PVFAQWVQSIHTLAPGNTTPNALATASYAFGGDVVAVGNKVAMMPISLGTADFMVHHIHAFTIHVTVLILLKGVLFSRNS
RLIPDKANLGFRFPCDGPGRGGTCQSSAWDSVFLGLFWMYNCISVVIFHFSWKMQSDVWGTVQSDGTVTHITGGNFAQSA
ITINGWLRDFLWAQASQVIQSYGSALSAYGLIFLGAHFIWAFSLMFLFSGRGYWQELIESIVWAHNKLNVAPAIQPRALS
ITQGRAVGLAHYLLGGIGTTWAFFLARIISVG
;
A
2 'polypeptide(L)'
;MATKFPKFSQALAQDPATRRIWYGLATAHDLESHDGMTEENLYQKIFASHFGHLAVIFLWTSGNLFHVAWQGNFEQWVLN
PLKVKPIAHAIWDPHFGQPAVKAFTKGGVSYPVNIATSGVYHWWYTIGMRSNTDLYAGSLFLLFLAGVFLFAGWLHLQPK
FRPGLSWFKNNESRLNHHLSGLFGFSSLAWSAHLIHVAIPEARGQHVCWDNFTKVAPHPAGLQPFFTGNWGAYAASPDTT
NHIFGTSEGAGTAILTFLGGFHPQTQALWLTDIAHHHLAIGVVFIFAGHMYRTNWGIGHSLKEILDAHRPPGGRLGAGHK
GIFETLTNSLHFQLGLALASLGVITSLVAQHMYALPSYAFIAKDYVTQSALYTHHQYIAGFLMVGAFAHGAIFFVRDYDP
EQNKNNVLARILDHKEAIISHLSWVSLFLGFHTLGIYVHNDVVVAFGTPEKQILVEPVFAQWIQASSGKALYGFDVLLSS
TNSVAANASSNIWLPGWLEAINSGKNSLFLPIGPGDFLIHHAIALALHTTTLILVKGALDARGSKLMPDKKDFGYAFPCD
GPGRGGTCDISAWDAFYLSMFWMLNTIGWVTFYWHWKHITIWQGNAGQFNESSTYIMGWLRDYLWLNSSPLINGYNPFGM
NSLSVWSWMFLFGHLIWATGFMFLISWRGYWQELIETLVWAHERTPLANLVRWKDKPVALSIVQARLVGLIHFTAGYIFT
YAAFVIASTTGKFG
;
B
3 'polypeptide(L)'
;MSHSVKVYDTCIGCTQCVRACPCDVLEMVSWDGCKAGQIASAPRTEDCIGCKRCETACPTDFLSVRVYLGGETTRSMGLA
Y
;
C
4 'polypeptide(L)'
;MAETLNLQIPSPTFEGSTGGWLRAAEVEEKYAITWTSPKEQVFEMPTGGAAIMRQGENLLYLARKEQCLALATQVKNSFK
ITDYKVYRIFPSGEVQYLHPKDGVFPEKVNAGRVGVGNVSHSIGKNLNPAQIKFTSKSFNG
;
D
5 'polypeptide(L)' MVKRGSKVRILRKESYWYQDIGTVATIDTSGIRYPVVVRFEKVSYSGVNTNNFSLDEVVEVVAK E
6 'polypeptide(L)'
;MEIFFVKNWVSMLLVCSFLAFPSLAKADVAGLTPCGESKEFARRLDGSVKKLQTRLSKYEAGTPPALALQKQIDKTKNRF
DRYGKAGLLCGTDGLPHLITDGRWTHSGEFVIPGLLFLYVAGWIGWVGRSYVLFARTADKPTEKEIIIDVPVALSFVSTG
FIWPFSAFKEFTSGNLIVPADEITVSPR
;
F
7 'polypeptide(L)' MTAAYLPSILVPIIGLIFPGLVMAFAFIYIEQDEVA I
8 'polypeptide(L)' MDSNFLKYLSTAPVLFTVWLSFTASFIIEANRFFPDMLYFPM J
9 'polypeptide(L)'
;MSQFIKPYNDDPFVGNLATPVSTSSFTKSLLSNLPAYRAGLSPLLRGVEIGLTHGYFLVGPFYKLGPLRNSDVALLSGFF
SALGLIVILVACLTIYGVVSFEETEAKDQLQTAKGWRQFTSGWLVGSVGGASFAYILISNIPFLQTAGMSMLK
;
L
10 'polypeptide(L)' MISDTQIFIALILALVSLVLAIRLGRALYQ M
11 'polypeptide(L)'
;IFLAVLASASAFAPAAMPTQLGKPAAFTPSLRAARVAPSPLSVVAQSKSDFEISDGTPYTLNVPLVGAASFIGWVVPTLL
PSQIALYGGKGLSTAFFASIGTNLAKFPAPPGMTDPFWLLCFIWHSGLFATMILGSIGYNGYAGKK
;
O
12 'polypeptide(L)'
;MNADLLIALVPQTVAWSAKTGAVMVLSNILCIVAGRYVIQVKGTGPSLPISGSFAGFGLPELLASTSLGHIVGSGAILGL
SYVGVLS
;
K
13 'polypeptide(L)'
;RTSVLILAGVAVAQAFSPAVVSTGGLTSLRMAQGPPPSTGKPLPKAKIEALEVNKKQWGIEGGAAAPAAAAPPAPKKAAA
KKAAAPAGDTTGFSGVPSQFARPESGVYPAEPTEQTFLGMRGPRAPGHRENFGGKHTATMLAIAALLWQPVSEAGMYRMG
ADGALTKSSFSNMEVPGFGNMKKAPTIESLFPFAKNGFDASPALFGKGSMIVVEDPRDGCGAYANSGACHTFLDEIGDAL
KKTPESLPRSEAKATYSFPWMYEHAAWKK
;
s
14 'polypeptide(L)'
;LRTALIAACVASASAFVPASGFAPMAMKSRTSAVSSMRMQEGDFSAAVPFLKRPSNLDGAYIGDVGFDPLGFSDVFDLRV
LREAELKHGRFAMLAVLGFIVQELYTFPFFPKMAPVDAHDYFVKQGGGSQIIFWISFVELFGVVALFETLQGKREPGDFA
FDPLGLAKDEATLERYRLAEVKHARLAMIAIGGFIHQYWVTKQTVLEQLGNFKSLA
;
c
15 'polypeptide(L)'
;RTPVLVLAGAAAVSAFAPAANLAGLRTSSTRAAIARGPQMQEMSEAIPFMPKPANIDSSMPGYAGFDPLGFTDYYSAKWM
QEAEIKHGRVCMLAALGMVFPEFAKFPQFASFSTNPLEAFYQVSPAGWGQIFLFIGVLETFSYEKSFYNFEGGAPGALGF
DPLRMSSNPASAKQYAAAEVRNGRLAMIGFSGMLHHAIVSKQGPITQIVEQNFYPK
;
a
16 'polypeptide(L)'
;SYAFTASPALIRAGAATRATSGISGMKMQAKSKAVPFLSQPEALDGSMAGDVGFDPFGISSVIDIKWLRESELKHGRICM
LAATGCLVQEVVHLPGPAFSQKMALNAWAAAPRGGMISILVAIGLIEMISNRFALTATDMFANPNRVPGDLGFDPLSLGA
NPANRARFELSEVIHGRAAMMGFSGMVHQMIVSKQAPIEQLMHFKAVDSSLMKLGGAAGNLGY
;
b
17 'polypeptide(L)'
;STVALALVAGATAFAPAAMGPGLSLRAQGAAQRAPARAGLSALSMAQNPMSKAVADFAESSPEFGGRGLGVTVNAERWNG
RHAMFGIFAMVMTSYMKGHGLIPDADKVLDIAQWGPLAAVWDGAGNGISNERAIILIAHVHVLVVSVIAAIAPFGFQDTL
VKEKGYTPESPAGLIPPFKTGLTAEAELINGRLAMLGVISIVTASLFTGTSVVDTINLGMGKILY
;
h
18 'polypeptide(L)'
;VAAVACVASAAAFAPSAPMGVKATTRAVSSIGPRMQAMSESVPFLKKPEALDSSMAGYAGFDPLGLSSIADIKFLQESEI
KHCRIAMLAAAGSIAQDIFTFPGVSKVVGTAKMTGVHDVLVKQGAMGQILLWTSFLEVFGTIALLETLDGKRAPGDFKFD
PLGFSKNAETAKRYQLSEIKNGRLAMLATGGMVHGYFITGKGPLELLTNFGK
;
m,f,j
19 'polypeptide(L)'
;ATLACVASASAFAPSALLPQAGVRAAKTGMRMQENLAVPFLKAPAKLDSSMPGYAGFDPLGCSDFYDVKWLQEAEIKNGR
VAMLGVVGLLVPEFFHLPMYTAGATPYESYTTVPAFALIQIFLGCGAVEYFTHKGKISPDNMFDGGRVPGEFGWGKADMT
MQTKEIKNGRLAMLAFGGILHQQLFTKMGTIAHLTGGFKPLTF
;
e
20 'polypeptide(L)'
;PSEDIQSRAGVMDKHADIETEKSCIPGRIPRSRRCTLISIPRRVSDGCTLCSAAAIARGPTMQDNAMPFLERPPKLDGSL
AGDVGFDPVGFSNYFDLRWLRESELKHGRVCMLGVTGLLVQEAVCLPQFSNGKTPVDDFFVVPAAGLWQVFFAIGAVEFF
SHGFKLTPGDMFSEGREAGDFGFDPLGCGKNPDALARRRLVEVKNGRLAMIAFGGLLHQQLLTGQGTFEQLANFKAIA
;
l
21 'polypeptide(L)'
;TTLLVGAVGAASAFAPAALPSMARTTSRSGVSMQLYKDGVLQGKGMRAVPFAPAPDCLPENIPGYMGFDPLGLSTLCNVE
WLREAEIKHCRVAMLAAAGSIAQDLYQFPGVEKIVGSAKMTGVHDKILAAASTGDYKAQAMSQILFWTSFLEIVTLPAVF
ETMNGGPRKPGVFFFDPLGLGKGDKMGEMELKEIKNGRLAMIGVGGMVHHYLLTGKGPIQFLSGIPNYKSCIEPHIGALC
Q
;
k
22 'polypeptide(L)'
;ATLVAACVATASAFSASPVLLKAGTRSATSGLSGMKMQDMSASVPFLPRPAALDGSMVGDVGFDPLGFTTKYDIKWLRES
ELKHGRVCMLASLGCIVQEIVHLPFEATSNPVASEAFFQVPAGGLWQIFAGIGIVEHFSNNFKMSGSTMFSEGRAPGNLG
FDPLNFGKNPSARARYELAEIKNGRLAMLGFGGMIHGCFITGKGPIGALTSMDWHQSF
;
i
23 'polypeptide(L)'
;RLSLCAAIVASASAFAPSGVLPTAPRRAGAVSAMKMQLPTAIPPLGRPETDMFDGSVPGDAGFDPLTISAWLDSRWLREA
EIKHCRVAMLAAAGCIAQDIFQFPGAATVYKASTKMTALHDAAVKAGSMGQMLFWIGFVEAISTAATIQMLQGSGRAPGD
FGFDPLGLGKGPGRARMELSEIKNGRLAMIGFSGMVHHYFITGKGPIELLTSR
;
d
24 'polypeptide(L)'
;VLVAAVIGYASAFTAPVLPSTHAVGRTNAMSGMRMQAKSKAIPFLDAPPALSESMPGYVGFDPLWVSSMLPDAGYVKFLQ
EAEIKHGRVAMLAAAGAIVQDIFTFPGVKSVIGDVKMTSVHDKFLSMEAGSGKGDMAAMHQLLLWLGLLEIATSVAIIQS
FKGETSRGPGEFGFDPLNFGKGNSAGSDSYKLKEIKNGRLAMIGIGGMVHHYLLTGKGPLQFLGGIPNYKSCVSHPDSLL
PWLFKAVGPVLPKIC
;
g
25 'polypeptide(L)'
;LRCTVLLLAVASASAFVSGPATLALRSNTRAAISRGPQMFSPVPSPEGTKETYWETKAPSSDVLGIGAGVSSGNFAAASV
FAALVGGYCTGQVIPLTVEPNPLFLAGSFLLPYSWALHVAAWIQKNNGK
;
R
26 'polypeptide(L)'
;RSVAACACLASAAAFAPSAVLPRAAPRAAASNAPTMQLWNEGKIQGKGVSVIPLFPRPASLDGTFPGDQGFDPFGFSSWV
NMKFVAEAEIKHCRLAMLAFAGIMVESAGISFPGATSVLGSSKNIFEIHDKAVASGAMGQILLWVSFFEVVAGVPAMNEM
LNGESSRIPGYYAFDPLGQGKGDKMGRMQLSEIQNGRLAMLAVSGIVHHTLITGKGPLG
;
n
27 'polypeptide(L)'
;RTAAYVALAAASAEAFSTPALSGLKMAEPAQISRKDVLTTAAGAAIIAMPTLAGAASLDPKTGFPIQGGSREKLCGGSAS
AGCQPMTQAASILDKQRTVLAGKITVAANKVPVLTAAVDKMKTAKKPKLDRDYVLRYSALYLTTLVDAMEQYCLRDANGA
KAAGGAGLPKFKETLKPASSSSLYSYVDTVKSGIAAVSAAAKAGDFDGVNKAAGDIKTAADSFLSTANPPIIFN
;
Q
#
# COMPACT_ATOMS: atom_id res chain seq x y z
N LYS A 11 39.80 -24.46 -44.18
CA LYS A 11 39.48 -23.18 -43.55
C LYS A 11 37.97 -22.92 -43.50
N LYS A 12 37.19 -23.89 -43.02
CA LYS A 12 35.75 -23.69 -42.89
C LYS A 12 35.37 -22.73 -41.77
N VAL A 13 36.32 -22.33 -40.92
CA VAL A 13 36.11 -21.20 -40.01
C VAL A 13 36.60 -19.95 -40.72
N SER A 14 35.66 -19.11 -41.15
CA SER A 14 35.98 -17.94 -41.95
C SER A 14 35.11 -16.77 -41.53
N ILE A 15 35.58 -15.57 -41.86
CA ILE A 15 34.83 -14.35 -41.62
C ILE A 15 33.94 -14.07 -42.82
N THR A 16 32.64 -13.91 -42.56
CA THR A 16 31.67 -13.60 -43.60
C THR A 16 30.73 -12.52 -43.08
N VAL A 17 30.58 -11.47 -43.88
CA VAL A 17 29.90 -10.24 -43.48
C VAL A 17 29.03 -9.76 -44.63
N ASP A 18 27.79 -9.37 -44.31
CA ASP A 18 26.98 -8.59 -45.25
C ASP A 18 27.31 -7.12 -45.07
N ARG A 19 27.61 -6.44 -46.17
CA ARG A 19 28.02 -5.05 -46.13
C ARG A 19 26.83 -4.13 -46.35
N ASP A 20 26.76 -3.06 -45.53
CA ASP A 20 25.66 -2.13 -45.49
C ASP A 20 24.27 -2.79 -45.37
N PRO A 21 24.05 -3.68 -44.35
CA PRO A 21 22.76 -4.37 -44.26
C PRO A 21 21.59 -3.44 -44.03
N VAL A 22 21.68 -2.65 -42.96
CA VAL A 22 20.58 -1.83 -42.48
C VAL A 22 20.99 -0.37 -42.63
N ALA A 23 20.05 0.45 -43.11
CA ALA A 23 20.29 1.85 -43.35
C ALA A 23 20.17 2.65 -42.06
N THR A 24 21.16 3.51 -41.81
CA THR A 24 21.15 4.39 -40.64
C THR A 24 20.18 5.54 -40.89
N SER A 25 18.93 5.34 -40.49
CA SER A 25 17.87 6.30 -40.73
C SER A 25 17.14 6.61 -39.44
N PHE A 26 16.69 7.85 -39.29
CA PHE A 26 15.87 8.21 -38.14
C PHE A 26 14.40 7.88 -38.32
N GLU A 27 14.01 7.28 -39.44
CA GLU A 27 12.60 7.11 -39.76
C GLU A 27 11.90 6.15 -38.80
N LYS A 28 12.53 5.02 -38.47
CA LYS A 28 11.90 4.07 -37.56
C LYS A 28 11.90 4.56 -36.11
N TRP A 29 12.77 5.51 -35.77
CA TRP A 29 12.72 6.18 -34.48
C TRP A 29 11.39 6.88 -34.27
N ALA A 30 10.87 7.51 -35.32
CA ALA A 30 9.64 8.26 -35.29
C ALA A 30 8.40 7.38 -35.34
N GLN A 31 8.58 6.06 -35.42
CA GLN A 31 7.50 5.10 -35.57
C GLN A 31 7.60 4.07 -34.46
N PRO A 32 7.24 4.44 -33.23
CA PRO A 32 7.39 3.51 -32.09
C PRO A 32 6.60 2.22 -32.30
N GLY A 33 7.27 1.11 -32.08
CA GLY A 33 6.65 -0.18 -32.31
C GLY A 33 6.91 -0.78 -33.67
N HIS A 34 7.84 -0.21 -34.45
CA HIS A 34 8.10 -0.62 -35.83
C HIS A 34 8.53 -2.08 -35.96
N PHE A 35 9.03 -2.68 -34.87
CA PHE A 35 9.72 -3.95 -34.90
C PHE A 35 8.78 -5.15 -34.85
N SER A 36 7.50 -4.96 -34.60
CA SER A 36 6.56 -6.07 -34.56
C SER A 36 5.32 -5.72 -35.36
N ARG A 37 4.68 -6.73 -35.94
CA ARG A 37 3.50 -6.49 -36.77
C ARG A 37 2.29 -6.05 -35.95
N THR A 38 2.17 -6.54 -34.71
CA THR A 38 1.06 -6.13 -33.86
C THR A 38 1.21 -4.67 -33.44
N LEU A 39 2.39 -4.30 -32.95
CA LEU A 39 2.56 -2.97 -32.38
C LEU A 39 2.77 -1.88 -33.42
N ALA A 40 3.10 -2.23 -34.67
CA ALA A 40 3.45 -1.20 -35.65
C ALA A 40 2.24 -0.49 -36.23
N LYS A 41 1.04 -1.00 -36.01
CA LYS A 41 -0.16 -0.34 -36.50
C LYS A 41 -0.73 0.66 -35.51
N GLY A 42 -0.08 0.88 -34.38
CA GLY A 42 -0.42 1.97 -33.50
C GLY A 42 -1.32 1.59 -32.35
N PRO A 43 -1.40 2.48 -31.35
CA PRO A 43 -2.17 2.17 -30.15
C PRO A 43 -3.66 2.42 -30.34
N LYS A 44 -4.46 1.57 -29.71
CA LYS A 44 -5.88 1.83 -29.56
C LYS A 44 -6.31 1.78 -28.11
N THR A 45 -5.58 1.05 -27.28
CA THR A 45 -5.76 1.03 -25.84
C THR A 45 -4.39 1.28 -25.23
N THR A 46 -4.36 1.59 -23.93
CA THR A 46 -3.10 1.85 -23.23
C THR A 46 -2.24 0.61 -23.10
N THR A 47 -2.82 -0.58 -23.32
CA THR A 47 -2.08 -1.84 -23.31
C THR A 47 -0.96 -1.84 -24.34
N TRP A 48 -1.17 -1.17 -25.47
CA TRP A 48 -0.17 -1.03 -26.53
C TRP A 48 1.12 -0.43 -26.00
N ILE A 49 1.01 0.60 -25.15
CA ILE A 49 2.18 1.27 -24.59
C ILE A 49 3.01 0.32 -23.74
N TRP A 50 2.34 -0.47 -22.91
CA TRP A 50 3.06 -1.43 -22.08
C TRP A 50 3.60 -2.60 -22.90
N ASN A 51 2.82 -3.08 -23.88
CA ASN A 51 3.27 -4.15 -24.76
C ASN A 51 4.47 -3.73 -25.61
N LEU A 52 4.63 -2.43 -25.81
CA LEU A 52 5.76 -1.91 -26.58
C LEU A 52 7.08 -2.10 -25.85
N HIS A 53 7.10 -1.78 -24.56
CA HIS A 53 8.31 -1.92 -23.77
C HIS A 53 8.56 -3.37 -23.38
N ALA A 54 7.49 -4.17 -23.25
CA ALA A 54 7.61 -5.54 -22.75
C ALA A 54 8.33 -6.44 -23.74
N ASP A 55 8.09 -6.27 -25.03
CA ASP A 55 8.53 -7.21 -26.05
C ASP A 55 9.67 -6.69 -26.92
N VAL A 56 10.28 -5.56 -26.55
CA VAL A 56 11.15 -4.87 -27.49
C VAL A 56 12.48 -5.63 -27.70
N HIS A 57 13.05 -6.18 -26.65
CA HIS A 57 14.31 -6.87 -26.81
C HIS A 57 14.10 -8.35 -27.01
N ASP A 58 12.85 -8.79 -27.08
CA ASP A 58 12.51 -10.14 -27.49
C ASP A 58 12.65 -10.22 -29.01
N PHE A 59 13.91 -10.33 -29.47
CA PHE A 59 14.20 -10.31 -30.90
C PHE A 59 13.61 -11.53 -31.60
N ASP A 60 13.73 -12.71 -31.00
CA ASP A 60 13.19 -13.92 -31.63
C ASP A 60 11.67 -13.99 -31.61
N SER A 61 11.00 -12.97 -31.07
CA SER A 61 9.57 -12.79 -31.20
C SER A 61 9.19 -11.86 -32.35
N HIS A 62 10.15 -11.10 -32.90
CA HIS A 62 9.90 -10.22 -34.03
C HIS A 62 10.30 -10.83 -35.37
N THR A 63 11.41 -11.56 -35.38
CA THR A 63 12.05 -12.03 -36.60
C THR A 63 12.01 -13.55 -36.59
N ASN A 64 11.90 -14.13 -37.79
CA ASN A 64 12.02 -15.58 -37.91
C ASN A 64 13.46 -16.03 -38.04
N SER A 65 14.31 -15.23 -38.67
CA SER A 65 15.65 -15.69 -39.03
C SER A 65 16.60 -15.59 -37.86
N LEU A 66 17.38 -16.65 -37.67
CA LEU A 66 18.43 -16.66 -36.66
C LEU A 66 19.57 -15.70 -36.99
N GLU A 67 19.75 -15.34 -38.26
CA GLU A 67 20.82 -14.42 -38.64
C GLU A 67 20.53 -13.00 -38.15
N ASP A 68 19.34 -12.49 -38.44
CA ASP A 68 18.98 -11.14 -37.99
C ASP A 68 18.89 -11.06 -36.48
N ILE A 69 18.46 -12.14 -35.82
CA ILE A 69 18.44 -12.18 -34.36
C ILE A 69 19.85 -12.08 -33.80
N SER A 70 20.78 -12.85 -34.38
CA SER A 70 22.18 -12.86 -33.93
C SER A 70 22.84 -11.50 -34.13
N ARG A 71 22.50 -10.82 -35.23
CA ARG A 71 23.03 -9.49 -35.50
C ARG A 71 22.54 -8.47 -34.49
N LYS A 72 21.25 -8.52 -34.13
CA LYS A 72 20.72 -7.61 -33.13
C LYS A 72 21.37 -7.83 -31.77
N ILE A 73 21.66 -9.09 -31.43
CA ILE A 73 22.28 -9.42 -30.14
C ILE A 73 23.71 -8.92 -30.08
N PHE A 74 24.48 -9.14 -31.15
CA PHE A 74 25.88 -8.74 -31.17
C PHE A 74 26.04 -7.23 -31.02
N SER A 75 25.22 -6.47 -31.74
CA SER A 75 25.28 -5.01 -31.63
C SER A 75 24.72 -4.50 -30.31
N ALA A 76 23.74 -5.20 -29.73
CA ALA A 76 23.25 -4.80 -28.41
C ALA A 76 24.26 -5.10 -27.32
N HIS A 77 25.16 -6.07 -27.53
CA HIS A 77 26.19 -6.32 -26.54
C HIS A 77 27.26 -5.26 -26.56
N PHE A 78 27.50 -4.64 -27.72
CA PHE A 78 28.38 -3.49 -27.79
C PHE A 78 27.77 -2.28 -27.10
N GLY A 79 26.46 -2.10 -27.23
CA GLY A 79 25.78 -1.02 -26.54
C GLY A 79 25.85 -1.18 -25.03
N GLN A 80 25.73 -2.41 -24.54
CA GLN A 80 25.89 -2.66 -23.12
C GLN A 80 27.31 -2.37 -22.65
N LEU A 81 28.31 -2.77 -23.43
CA LEU A 81 29.71 -2.49 -23.12
C LEU A 81 29.98 -0.99 -23.08
N SER A 82 29.38 -0.24 -24.00
CA SER A 82 29.51 1.21 -24.03
C SER A 82 28.99 1.85 -22.75
N ILE A 83 27.90 1.32 -22.21
CA ILE A 83 27.31 1.83 -20.97
C ILE A 83 28.21 1.51 -19.78
N ILE A 84 28.78 0.30 -19.75
CA ILE A 84 29.65 -0.11 -18.66
C ILE A 84 30.93 0.72 -18.66
N PHE A 85 31.49 0.97 -19.84
CA PHE A 85 32.68 1.80 -19.95
C PHE A 85 32.40 3.23 -19.54
N LEU A 86 31.25 3.77 -19.96
CA LEU A 86 30.81 5.07 -19.49
C LEU A 86 30.63 5.10 -17.99
N TRP A 87 30.05 4.03 -17.43
CA TRP A 87 29.88 3.91 -15.98
C TRP A 87 31.23 3.86 -15.27
N LEU A 88 32.16 3.05 -15.78
CA LEU A 88 33.51 2.98 -15.19
C LEU A 88 34.24 4.30 -15.30
N SER A 89 34.14 4.97 -16.46
CA SER A 89 34.79 6.26 -16.68
C SER A 89 34.29 7.30 -15.69
N GLY A 90 32.99 7.29 -15.40
CA GLY A 90 32.45 8.18 -14.41
C GLY A 90 32.88 7.86 -13.00
N MET A 91 33.11 6.58 -12.70
CA MET A 91 33.60 6.20 -11.38
C MET A 91 35.00 6.73 -11.16
N TYR A 92 35.82 6.70 -12.21
CA TYR A 92 37.16 7.26 -12.13
C TYR A 92 37.14 8.78 -12.06
N PHE A 93 36.23 9.42 -12.80
CA PHE A 93 36.18 10.87 -12.81
C PHE A 93 35.72 11.42 -11.46
N HIS A 94 34.76 10.78 -10.83
CA HIS A 94 34.33 11.21 -9.51
C HIS A 94 35.41 10.95 -8.48
N GLY A 95 36.19 9.88 -8.65
CA GLY A 95 37.37 9.69 -7.84
C GLY A 95 38.45 10.73 -8.11
N ALA A 96 38.61 11.13 -9.38
CA ALA A 96 39.60 12.12 -9.75
C ALA A 96 39.23 13.52 -9.28
N ARG A 97 37.95 13.88 -9.42
CA ARG A 97 37.50 15.24 -9.24
C ARG A 97 36.76 15.49 -7.92
N PHE A 98 35.87 14.59 -7.50
CA PHE A 98 35.04 14.85 -6.33
C PHE A 98 35.31 13.89 -5.18
N SER A 99 36.57 13.55 -4.95
CA SER A 99 36.84 12.55 -3.92
C SER A 99 37.97 12.98 -3.00
N ASN A 100 38.06 12.26 -1.87
CA ASN A 100 39.15 12.41 -0.92
C ASN A 100 40.18 11.30 -1.07
N TYR A 101 40.38 10.81 -2.29
CA TYR A 101 41.27 9.67 -2.54
C TYR A 101 42.70 9.95 -2.06
N SER A 102 43.24 11.11 -2.41
CA SER A 102 44.61 11.45 -2.04
C SER A 102 44.79 11.55 -0.52
N ALA A 103 43.81 12.11 0.18
CA ALA A 103 43.86 12.11 1.64
C ALA A 103 43.73 10.69 2.19
N TRP A 104 42.94 9.84 1.53
CA TRP A 104 42.77 8.46 1.97
C TRP A 104 44.04 7.65 1.78
N LEU A 105 44.83 7.95 0.74
CA LEU A 105 46.09 7.24 0.53
C LEU A 105 47.06 7.46 1.69
N SER A 106 47.08 8.65 2.26
CA SER A 106 47.96 8.91 3.39
C SER A 106 47.47 8.19 4.64
N ASN A 107 46.16 8.20 4.89
CA ASN A 107 45.57 7.57 6.08
C ASN A 107 44.44 6.64 5.69
N PRO A 108 44.74 5.44 5.18
CA PRO A 108 43.67 4.50 4.81
C PRO A 108 42.82 4.02 5.98
N THR A 109 43.37 4.03 7.18
CA THR A 109 42.66 3.56 8.36
C THR A 109 41.87 4.66 9.05
N ALA A 110 42.13 5.93 8.72
CA ALA A 110 41.44 7.06 9.34
C ALA A 110 40.42 7.73 8.45
N VAL A 111 40.74 7.93 7.18
CA VAL A 111 39.85 8.58 6.24
C VAL A 111 38.82 7.59 5.74
N LYS A 112 37.57 8.05 5.63
CA LYS A 112 36.50 7.26 5.03
C LYS A 112 36.34 7.64 3.57
N PRO A 113 36.37 6.66 2.66
CA PRO A 113 36.25 6.97 1.23
C PRO A 113 34.95 7.67 0.88
N SER A 114 35.06 8.68 0.02
CA SER A 114 33.92 9.46 -0.39
C SER A 114 34.20 10.02 -1.77
N ALA A 115 33.35 9.74 -2.74
CA ALA A 115 33.53 10.21 -4.10
C ALA A 115 32.27 10.82 -4.67
N GLN A 116 31.34 11.25 -3.81
CA GLN A 116 30.10 11.85 -4.25
C GLN A 116 29.78 13.02 -3.33
N VAL A 117 29.65 14.20 -3.93
CA VAL A 117 29.35 15.44 -3.23
C VAL A 117 28.03 15.96 -3.77
N VAL A 118 27.14 16.40 -2.88
CA VAL A 118 25.83 16.87 -3.28
C VAL A 118 25.85 18.39 -3.38
N TRP A 119 24.95 18.92 -4.21
CA TRP A 119 24.73 20.35 -4.30
C TRP A 119 23.88 20.83 -3.13
N PRO A 120 24.10 22.05 -2.65
CA PRO A 120 23.21 22.60 -1.63
C PRO A 120 21.93 23.16 -2.22
N ILE A 121 20.82 22.44 -2.03
CA ILE A 121 19.58 22.96 -2.57
C ILE A 121 18.45 23.14 -1.56
N VAL A 122 17.98 22.08 -0.92
CA VAL A 122 16.81 22.16 -0.07
C VAL A 122 17.16 21.72 1.32
N GLY A 123 18.39 22.01 1.74
CA GLY A 123 18.94 21.47 2.95
C GLY A 123 19.61 20.13 2.77
N GLN A 124 19.70 19.64 1.54
CA GLN A 124 20.25 18.31 1.28
C GLN A 124 21.76 18.25 1.47
N GLU A 125 22.43 19.39 1.65
CA GLU A 125 23.87 19.42 1.84
C GLU A 125 24.31 18.86 3.19
N VAL A 126 23.36 18.54 4.08
CA VAL A 126 23.63 17.74 5.27
C VAL A 126 24.20 16.36 4.90
N LEU A 127 23.96 15.89 3.68
CA LEU A 127 24.51 14.62 3.21
C LEU A 127 26.01 14.68 3.00
N ASN A 128 26.58 15.88 2.82
CA ASN A 128 28.03 16.04 2.75
C ASN A 128 28.57 15.98 4.18
N GLY A 129 28.66 14.78 4.70
CA GLY A 129 29.19 14.57 6.02
C GLY A 129 30.70 14.62 6.07
N ASP A 130 31.22 14.66 7.28
CA ASP A 130 32.66 14.77 7.50
C ASP A 130 33.27 13.39 7.37
N VAL A 131 33.66 13.05 6.14
CA VAL A 131 34.27 11.76 5.87
C VAL A 131 35.76 11.75 6.20
N GLY A 132 36.36 12.91 6.37
CA GLY A 132 37.75 12.99 6.79
C GLY A 132 38.67 13.45 5.68
N GLY A 133 39.84 13.93 6.08
CA GLY A 133 40.77 14.49 5.13
C GLY A 133 40.42 15.87 4.63
N GLY A 134 39.81 16.69 5.47
CA GLY A 134 39.37 18.03 5.07
C GLY A 134 38.38 18.00 3.94
N PHE A 135 37.40 17.09 4.02
CA PHE A 135 36.51 16.82 2.91
C PHE A 135 35.11 16.58 3.45
N GLN A 136 34.13 16.94 2.63
CA GLN A 136 32.73 16.66 2.92
C GLN A 136 32.08 16.02 1.71
N GLY A 137 31.41 14.90 1.94
CA GLY A 137 30.77 14.22 0.83
C GLY A 137 30.03 13.00 1.33
N VAL A 138 29.42 12.31 0.37
CA VAL A 138 28.73 11.06 0.64
C VAL A 138 29.74 9.94 0.66
N GLN A 139 29.75 9.18 1.75
CA GLN A 139 30.66 8.05 1.89
C GLN A 139 30.30 6.95 0.91
N VAL A 140 31.30 6.44 0.19
CA VAL A 140 31.09 5.44 -0.84
C VAL A 140 31.64 4.11 -0.36
N THR A 141 30.97 3.03 -0.73
CA THR A 141 31.25 1.69 -0.21
C THR A 141 31.52 0.68 -1.31
N SER A 142 31.82 1.15 -2.52
CA SER A 142 32.00 0.23 -3.63
C SER A 142 33.40 -0.36 -3.69
N GLY A 143 34.31 0.10 -2.84
CA GLY A 143 35.66 -0.42 -2.83
C GLY A 143 36.56 0.03 -3.95
N PHE A 144 36.28 1.17 -4.59
CA PHE A 144 37.13 1.64 -5.67
C PHE A 144 38.49 2.12 -5.18
N PHE A 145 38.51 2.81 -4.03
CA PHE A 145 39.76 3.32 -3.45
C PHE A 145 40.74 2.20 -3.20
N GLN A 146 40.25 1.08 -2.68
CA GLN A 146 41.08 -0.08 -2.44
C GLN A 146 41.53 -0.74 -3.73
N ILE A 147 40.70 -0.70 -4.78
CA ILE A 147 41.12 -1.15 -6.10
C ILE A 147 42.24 -0.28 -6.64
N TRP A 148 42.06 1.05 -6.57
CA TRP A 148 43.02 1.99 -7.13
C TRP A 148 44.38 1.91 -6.44
N ARG A 149 44.38 1.75 -5.12
CA ARG A 149 45.63 1.55 -4.39
C ARG A 149 46.25 0.21 -4.76
N SER A 150 45.43 -0.83 -4.93
CA SER A 150 45.92 -2.10 -5.43
C SER A 150 46.48 -1.99 -6.84
N SER A 151 45.89 -1.10 -7.66
CA SER A 151 46.40 -0.86 -9.00
C SER A 151 47.67 -0.05 -8.99
N GLY A 152 47.88 0.75 -7.95
CA GLY A 152 49.02 1.62 -7.86
C GLY A 152 48.78 2.99 -8.47
N ILE A 153 47.60 3.56 -8.23
CA ILE A 153 47.23 4.81 -8.89
C ILE A 153 47.96 6.00 -8.27
N THR A 154 47.86 6.18 -6.96
CA THR A 154 48.62 7.14 -6.16
C THR A 154 48.45 8.63 -6.49
N SER A 155 47.56 9.01 -7.41
CA SER A 155 47.32 10.43 -7.69
C SER A 155 46.04 10.60 -8.49
N GLU A 156 45.42 11.78 -8.34
CA GLU A 156 44.22 12.12 -9.09
C GLU A 156 44.49 12.29 -10.58
N VAL A 157 45.72 12.67 -10.94
CA VAL A 157 46.10 12.84 -12.34
C VAL A 157 45.93 11.54 -13.11
N GLU A 158 46.39 10.44 -12.51
CA GLU A 158 46.23 9.14 -13.15
C GLU A 158 44.78 8.69 -13.18
N LEU A 159 43.95 9.17 -12.24
CA LEU A 159 42.53 8.84 -12.26
C LEU A 159 41.82 9.53 -13.41
N TYR A 160 42.31 10.71 -13.81
CA TYR A 160 41.76 11.40 -14.98
C TYR A 160 42.10 10.67 -16.27
N TRP A 161 43.27 10.04 -16.34
CA TRP A 161 43.65 9.32 -17.54
C TRP A 161 42.88 8.02 -17.67
N CYS A 162 42.60 7.36 -16.55
CA CYS A 162 41.71 6.21 -16.56
C CYS A 162 40.31 6.59 -16.99
N ALA A 163 39.83 7.76 -16.54
CA ALA A 163 38.50 8.24 -16.92
C ALA A 163 38.42 8.50 -18.42
N LEU A 164 39.47 9.07 -19.00
CA LEU A 164 39.51 9.26 -20.45
C LEU A 164 39.61 7.93 -21.18
N ALA A 165 40.36 6.98 -20.62
CA ALA A 165 40.50 5.65 -21.22
C ALA A 165 39.16 4.93 -21.26
N GLY A 166 38.33 5.12 -20.22
CA GLY A 166 36.98 4.59 -20.26
C GLY A 166 36.10 5.27 -21.30
N LEU A 167 36.19 6.60 -21.41
CA LEU A 167 35.41 7.34 -22.39
C LEU A 167 35.76 6.98 -23.83
N ILE A 168 37.06 6.80 -24.12
CA ILE A 168 37.48 6.39 -25.45
C ILE A 168 36.97 4.99 -25.77
N MET A 169 37.07 4.08 -24.80
CA MET A 169 36.50 2.74 -24.95
C MET A 169 34.99 2.80 -25.09
N SER A 170 34.33 3.68 -24.33
CA SER A 170 32.88 3.82 -24.40
C SER A 170 32.45 4.30 -25.77
N GLY A 171 33.20 5.24 -26.36
CA GLY A 171 32.93 5.66 -27.72
C GLY A 171 33.20 4.59 -28.75
N LEU A 172 34.25 3.78 -28.54
CA LEU A 172 34.59 2.73 -29.49
C LEU A 172 33.59 1.58 -29.48
N MET A 173 32.97 1.30 -28.33
CA MET A 173 31.99 0.21 -28.30
C MET A 173 30.69 0.61 -28.97
N ILE A 174 30.25 1.85 -28.74
CA ILE A 174 29.03 2.32 -29.39
C ILE A 174 29.24 2.49 -30.89
N PHE A 175 30.46 2.81 -31.33
CA PHE A 175 30.76 2.80 -32.75
C PHE A 175 30.69 1.40 -33.32
N ALA A 176 31.24 0.42 -32.60
CA ALA A 176 31.27 -0.96 -33.09
C ALA A 176 29.88 -1.56 -33.15
N GLY A 177 29.03 -1.26 -32.17
CA GLY A 177 27.64 -1.67 -32.25
C GLY A 177 26.89 -1.09 -33.42
N TRP A 178 27.14 0.19 -33.71
CA TRP A 178 26.57 0.76 -34.92
C TRP A 178 27.18 0.15 -36.17
N PHE A 179 28.51 0.03 -36.20
CA PHE A 179 29.21 -0.48 -37.38
C PHE A 179 28.82 -1.91 -37.69
N HIS A 180 28.73 -2.75 -36.67
CA HIS A 180 28.46 -4.16 -36.91
C HIS A 180 26.99 -4.46 -37.07
N TYR A 181 26.11 -3.48 -36.91
CA TYR A 181 24.72 -3.68 -37.30
C TYR A 181 24.38 -3.03 -38.62
N HIS A 182 24.98 -1.89 -38.91
CA HIS A 182 24.57 -1.07 -40.03
C HIS A 182 25.54 -1.11 -41.20
N LYS A 183 26.83 -1.29 -40.94
CA LYS A 183 27.83 -1.31 -42.00
C LYS A 183 28.32 -2.71 -42.31
N ALA A 184 28.73 -3.46 -41.30
CA ALA A 184 29.36 -4.76 -41.53
C ALA A 184 28.81 -5.77 -40.53
N ALA A 185 27.71 -6.42 -40.90
CA ALA A 185 27.05 -7.35 -40.00
C ALA A 185 27.47 -8.77 -40.34
N PRO A 186 27.98 -9.52 -39.37
CA PRO A 186 28.39 -10.89 -39.65
C PRO A 186 27.21 -11.79 -39.99
N LYS A 187 27.49 -12.80 -40.80
CA LYS A 187 26.50 -13.78 -41.19
C LYS A 187 26.35 -14.84 -40.11
N LEU A 188 25.27 -15.62 -40.21
CA LEU A 188 24.94 -16.63 -39.19
C LEU A 188 26.05 -17.66 -39.03
N GLU A 189 26.70 -18.04 -40.13
CA GLU A 189 27.83 -18.96 -40.08
C GLU A 189 29.02 -18.40 -39.32
N TRP A 190 29.14 -17.07 -39.20
CA TRP A 190 30.15 -16.49 -38.32
C TRP A 190 29.81 -16.72 -36.85
N PHE A 191 28.55 -16.46 -36.47
CA PHE A 191 28.15 -16.63 -35.07
C PHE A 191 28.16 -18.08 -34.66
N GLN A 192 27.92 -18.99 -35.60
CA GLN A 192 27.89 -20.42 -35.33
C GLN A 192 29.29 -21.02 -35.48
N ASN A 193 30.23 -20.46 -34.73
CA ASN A 193 31.58 -21.00 -34.62
C ASN A 193 31.89 -21.10 -33.14
N ALA A 194 31.40 -22.18 -32.53
CA ALA A 194 31.50 -22.33 -31.08
C ALA A 194 32.91 -22.73 -30.66
N GLU A 195 33.58 -23.54 -31.47
CA GLU A 195 34.97 -23.90 -31.19
C GLU A 195 35.88 -22.70 -31.28
N SER A 196 35.72 -21.88 -32.33
CA SER A 196 36.53 -20.68 -32.50
C SER A 196 36.30 -19.68 -31.38
N MET A 197 35.03 -19.44 -31.03
CA MET A 197 34.70 -18.47 -29.98
C MET A 197 35.25 -18.92 -28.63
N LEU A 198 35.12 -20.20 -28.30
CA LEU A 198 35.67 -20.72 -27.06
C LEU A 198 37.20 -20.69 -27.05
N ASN A 199 37.84 -20.99 -28.18
CA ASN A 199 39.28 -20.90 -28.25
C ASN A 199 39.76 -19.49 -27.98
N HIS A 200 39.09 -18.51 -28.57
CA HIS A 200 39.50 -17.13 -28.39
C HIS A 200 39.09 -16.57 -27.04
N HIS A 201 37.96 -17.00 -26.50
CA HIS A 201 37.57 -16.44 -25.22
C HIS A 201 38.30 -17.08 -24.06
N LEU A 202 38.81 -18.29 -24.23
CA LEU A 202 39.69 -18.88 -23.22
C LEU A 202 41.11 -18.35 -23.37
N SER A 203 41.70 -18.55 -24.55
CA SER A 203 43.06 -18.07 -24.82
C SER A 203 43.13 -16.55 -24.81
N GLY A 204 42.41 -15.90 -25.69
CA GLY A 204 42.58 -14.48 -25.90
C GLY A 204 41.98 -13.63 -24.80
N LEU A 205 40.68 -13.77 -24.54
CA LEU A 205 40.04 -12.92 -23.55
C LEU A 205 40.53 -13.22 -22.14
N LEU A 206 40.30 -14.44 -21.65
CA LEU A 206 40.63 -14.76 -20.27
C LEU A 206 42.13 -14.97 -20.06
N GLY A 207 42.81 -15.59 -21.01
CA GLY A 207 44.21 -15.91 -20.86
C GLY A 207 45.15 -14.72 -21.01
N LEU A 208 45.02 -13.99 -22.12
CA LEU A 208 45.77 -12.75 -22.25
C LEU A 208 45.24 -11.67 -21.32
N GLY A 209 44.00 -11.78 -20.86
CA GLY A 209 43.52 -10.87 -19.84
C GLY A 209 44.27 -11.02 -18.53
N CYS A 210 44.43 -12.26 -18.08
CA CYS A 210 45.15 -12.53 -16.85
C CYS A 210 46.64 -12.24 -16.99
N LEU A 211 47.24 -12.62 -18.12
CA LEU A 211 48.66 -12.43 -18.35
C LEU A 211 49.03 -10.95 -18.39
N SER A 212 48.25 -10.16 -19.11
CA SER A 212 48.47 -8.72 -19.16
C SER A 212 48.27 -8.08 -17.79
N TRP A 213 47.22 -8.48 -17.07
CA TRP A 213 47.03 -7.96 -15.72
C TRP A 213 48.15 -8.39 -14.78
N ALA A 214 48.64 -9.63 -14.93
CA ALA A 214 49.81 -10.07 -14.17
C ALA A 214 51.02 -9.20 -14.46
N GLY A 215 51.21 -8.80 -15.73
CA GLY A 215 52.28 -7.90 -16.09
C GLY A 215 52.15 -6.54 -15.44
N HIS A 216 50.93 -6.00 -15.40
CA HIS A 216 50.70 -4.75 -14.68
C HIS A 216 50.98 -4.92 -13.20
N GLN A 217 50.54 -6.04 -12.63
CA GLN A 217 50.76 -6.29 -11.22
C GLN A 217 52.23 -6.38 -10.91
N ILE A 218 53.00 -7.08 -11.74
CA ILE A 218 54.40 -7.32 -11.46
C ILE A 218 55.20 -6.04 -11.63
N HIS A 219 54.95 -5.30 -12.69
CA HIS A 219 55.76 -4.11 -12.98
C HIS A 219 55.23 -2.82 -12.38
N VAL A 220 53.99 -2.79 -11.88
CA VAL A 220 53.44 -1.53 -11.38
C VAL A 220 52.87 -1.74 -9.98
N SER A 221 51.95 -2.71 -9.83
CA SER A 221 51.29 -2.90 -8.53
C SER A 221 52.27 -3.36 -7.47
N LEU A 222 53.16 -4.32 -7.79
CA LEU A 222 54.09 -4.81 -6.78
C LEU A 222 55.09 -3.74 -6.33
N PRO A 223 55.81 -3.01 -7.21
CA PRO A 223 56.73 -1.98 -6.69
C PRO A 223 56.04 -0.83 -5.97
N VAL A 224 54.93 -0.32 -6.51
CA VAL A 224 54.25 0.83 -5.90
C VAL A 224 53.68 0.46 -4.54
N ASN A 225 53.12 -0.73 -4.41
CA ASN A 225 52.52 -1.11 -3.13
C ASN A 225 53.55 -1.57 -2.11
N LYS A 226 54.73 -2.03 -2.53
CA LYS A 226 55.78 -2.29 -1.56
C LYS A 226 56.28 -1.00 -0.92
N LEU A 227 56.41 0.06 -1.72
CA LEU A 227 56.83 1.35 -1.19
C LEU A 227 55.76 1.96 -0.29
N LEU A 228 54.49 1.81 -0.64
CA LEU A 228 53.41 2.31 0.21
C LEU A 228 53.35 1.59 1.54
N ASP A 229 53.48 0.26 1.53
CA ASP A 229 53.41 -0.53 2.76
C ASP A 229 54.70 -0.44 3.56
N ALA A 230 55.82 -0.09 2.93
CA ALA A 230 57.00 0.33 3.68
C ALA A 230 56.76 1.65 4.39
N GLY A 231 55.86 2.48 3.87
CA GLY A 231 55.53 3.74 4.49
C GLY A 231 55.89 4.98 3.70
N VAL A 232 56.32 4.85 2.45
CA VAL A 232 56.71 6.00 1.64
C VAL A 232 55.46 6.78 1.27
N ALA A 233 55.56 8.11 1.33
CA ALA A 233 54.47 8.98 0.95
C ALA A 233 54.16 8.83 -0.54
N PRO A 234 52.87 8.94 -0.93
CA PRO A 234 52.48 8.73 -2.33
C PRO A 234 53.15 9.62 -3.36
N GLN A 235 53.37 10.90 -3.06
CA GLN A 235 54.07 11.76 -4.01
C GLN A 235 55.58 11.56 -3.96
N GLU A 236 56.08 10.80 -2.99
CA GLU A 236 57.49 10.46 -2.89
C GLU A 236 57.81 9.17 -3.66
N ILE A 237 56.81 8.54 -4.25
CA ILE A 237 56.96 7.25 -4.93
C ILE A 237 57.23 7.48 -6.41
N PRO A 238 58.20 6.77 -7.01
CA PRO A 238 58.50 6.94 -8.43
C PRO A 238 57.30 6.58 -9.30
N LEU A 239 57.22 7.24 -10.45
CA LEU A 239 56.11 7.03 -11.36
C LEU A 239 56.22 5.63 -11.97
N PRO A 240 55.08 5.03 -12.40
CA PRO A 240 55.08 3.59 -12.75
C PRO A 240 55.98 3.21 -13.90
N HIS A 241 56.36 4.15 -14.77
CA HIS A 241 57.24 3.80 -15.87
C HIS A 241 58.70 3.79 -15.46
N GLU A 242 59.07 4.45 -14.37
CA GLU A 242 60.46 4.41 -13.93
C GLU A 242 60.84 3.05 -13.36
N PHE A 243 59.86 2.23 -13.00
CA PHE A 243 60.11 0.84 -12.69
C PHE A 243 60.32 0.02 -13.97
N LEU A 244 59.58 0.38 -15.02
CA LEU A 244 59.72 -0.31 -16.30
C LEU A 244 61.09 -0.09 -16.93
N VAL A 245 61.64 1.11 -16.83
CA VAL A 245 62.94 1.37 -17.44
C VAL A 245 64.09 1.06 -16.50
N ASN A 246 64.12 1.67 -15.31
CA ASN A 246 65.24 1.54 -14.41
C ASN A 246 65.13 0.19 -13.69
N ARG A 247 65.62 -0.83 -14.39
CA ARG A 247 65.70 -2.19 -13.87
C ARG A 247 66.57 -2.31 -12.62
N ASP A 248 67.50 -1.37 -12.41
CA ASP A 248 68.24 -1.33 -11.15
C ASP A 248 67.32 -0.96 -9.99
N LEU A 249 66.43 0.01 -10.21
CA LEU A 249 65.49 0.43 -9.16
C LEU A 249 64.48 -0.65 -8.84
N MET A 250 64.07 -1.42 -9.84
CA MET A 250 63.16 -2.53 -9.60
C MET A 250 63.86 -3.67 -8.88
N ALA A 251 65.15 -3.87 -9.17
CA ALA A 251 65.93 -4.90 -8.49
C ALA A 251 66.29 -4.51 -7.06
N GLN A 252 66.16 -3.24 -6.68
CA GLN A 252 66.27 -2.89 -5.27
C GLN A 252 65.16 -3.53 -4.46
N LEU A 253 63.92 -3.36 -4.91
CA LEU A 253 62.77 -3.89 -4.19
C LEU A 253 62.71 -5.41 -4.31
N TYR A 254 62.90 -5.93 -5.53
CA TYR A 254 62.84 -7.37 -5.82
C TYR A 254 64.13 -7.78 -6.52
N PRO A 255 65.13 -8.28 -5.78
CA PRO A 255 66.46 -8.55 -6.37
C PRO A 255 66.47 -9.59 -7.49
N SER A 256 65.43 -10.41 -7.62
CA SER A 256 65.32 -11.35 -8.73
C SER A 256 65.31 -10.67 -10.10
N PHE A 257 64.91 -9.39 -10.16
CA PHE A 257 64.91 -8.66 -11.42
C PHE A 257 66.31 -8.41 -11.96
N SER A 258 67.34 -8.56 -11.12
CA SER A 258 68.73 -8.48 -11.58
C SER A 258 69.07 -9.55 -12.61
N LYS A 259 68.31 -10.64 -12.67
CA LYS A 259 68.54 -11.72 -13.60
C LYS A 259 67.67 -11.65 -14.85
N GLY A 260 66.63 -10.81 -14.86
CA GLY A 260 65.84 -10.62 -16.06
C GLY A 260 65.05 -11.86 -16.45
N LEU A 261 64.90 -12.04 -17.77
CA LEU A 261 64.04 -13.06 -18.31
C LEU A 261 64.75 -14.35 -18.68
N VAL A 262 66.05 -14.45 -18.41
CA VAL A 262 66.74 -15.75 -18.55
C VAL A 262 66.17 -16.82 -17.62
N PRO A 263 65.88 -16.57 -16.32
CA PRO A 263 65.22 -17.62 -15.52
C PRO A 263 63.87 -18.07 -16.02
N PHE A 264 63.11 -17.18 -16.69
CA PHE A 264 61.84 -17.61 -17.25
C PHE A 264 62.02 -18.59 -18.40
N PHE A 265 62.94 -18.29 -19.32
CA PHE A 265 63.04 -19.09 -20.52
C PHE A 265 63.81 -20.38 -20.32
N THR A 266 64.79 -20.38 -19.42
CA THR A 266 65.61 -21.55 -19.15
C THR A 266 64.97 -22.52 -18.16
N LEU A 267 63.77 -22.18 -17.66
CA LEU A 267 62.94 -22.96 -16.74
C LEU A 267 63.49 -22.96 -15.32
N ASN A 268 64.24 -21.93 -14.97
CA ASN A 268 64.74 -21.74 -13.61
C ASN A 268 63.81 -20.76 -12.88
N TRP A 269 62.54 -21.18 -12.77
CA TRP A 269 61.49 -20.34 -12.22
C TRP A 269 61.65 -20.01 -10.75
N SER A 270 62.38 -20.83 -9.97
CA SER A 270 62.55 -20.60 -8.54
C SER A 270 63.25 -19.28 -8.24
N GLU A 271 64.00 -18.74 -9.22
CA GLU A 271 64.63 -17.43 -9.07
C GLU A 271 63.61 -16.32 -8.83
N TYR A 272 62.39 -16.48 -9.36
CA TYR A 272 61.37 -15.44 -9.32
C TYR A 272 60.55 -15.45 -8.04
N SER A 273 61.02 -16.12 -6.99
CA SER A 273 60.24 -16.26 -5.78
C SER A 273 60.15 -14.98 -4.96
N ASP A 274 60.93 -13.93 -5.30
CA ASP A 274 60.76 -12.63 -4.67
C ASP A 274 59.37 -12.06 -4.91
N PHE A 275 58.89 -12.15 -6.13
CA PHE A 275 57.64 -11.52 -6.52
C PHE A 275 56.58 -12.50 -6.96
N LEU A 276 56.92 -13.78 -7.15
CA LEU A 276 55.96 -14.82 -7.45
C LEU A 276 56.01 -15.78 -6.28
N THR A 277 55.22 -15.49 -5.26
CA THR A 277 55.25 -16.23 -4.01
C THR A 277 54.05 -17.18 -3.96
N PHE A 278 53.98 -17.96 -2.89
CA PHE A 278 52.79 -18.74 -2.58
C PHE A 278 52.54 -18.58 -1.08
N LYS A 279 52.49 -17.33 -0.62
CA LYS A 279 52.46 -17.08 0.82
C LYS A 279 51.16 -17.53 1.47
N GLY A 280 50.02 -17.12 0.93
CA GLY A 280 48.76 -17.35 1.58
C GLY A 280 48.58 -16.42 2.77
N GLY A 281 47.38 -16.44 3.33
CA GLY A 281 47.16 -15.52 4.44
C GLY A 281 47.05 -14.09 3.95
N LEU A 282 47.25 -13.17 4.89
CA LEU A 282 47.08 -11.76 4.59
C LEU A 282 48.36 -11.00 4.87
N ASN A 283 48.49 -9.86 4.20
CA ASN A 283 49.55 -8.92 4.49
C ASN A 283 49.23 -8.27 5.83
N PRO A 284 50.13 -8.34 6.83
CA PRO A 284 49.84 -7.72 8.14
C PRO A 284 49.63 -6.23 8.10
N VAL A 285 50.26 -5.52 7.15
CA VAL A 285 50.17 -4.07 7.11
C VAL A 285 48.80 -3.63 6.60
N THR A 286 48.33 -4.23 5.50
CA THR A 286 47.10 -3.77 4.89
C THR A 286 45.90 -4.66 5.20
N GLY A 287 46.13 -5.87 5.72
CA GLY A 287 45.03 -6.79 5.91
C GLY A 287 44.51 -7.39 4.63
N GLY A 288 45.27 -7.30 3.54
CA GLY A 288 44.86 -7.81 2.26
C GLY A 288 45.73 -8.97 1.84
N LEU A 289 45.36 -9.57 0.72
CA LEU A 289 46.16 -10.63 0.12
C LEU A 289 47.51 -10.08 -0.28
N TRP A 290 48.54 -10.92 -0.15
CA TRP A 290 49.84 -10.57 -0.69
C TRP A 290 49.72 -10.43 -2.19
N LEU A 291 50.12 -9.27 -2.71
CA LEU A 291 50.00 -9.03 -4.13
C LEU A 291 51.01 -9.85 -4.93
N SER A 292 52.12 -10.26 -4.31
CA SER A 292 52.99 -11.27 -4.92
C SER A 292 52.27 -12.60 -5.12
N ASP A 293 51.27 -12.91 -4.28
CA ASP A 293 50.47 -14.10 -4.51
C ASP A 293 49.50 -13.89 -5.66
N THR A 294 48.83 -12.73 -5.70
CA THR A 294 47.88 -12.44 -6.77
C THR A 294 48.55 -12.38 -8.13
N ALA A 295 49.80 -11.89 -8.18
CA ALA A 295 50.56 -11.89 -9.42
C ALA A 295 50.86 -13.31 -9.89
N HIS A 296 51.29 -14.18 -8.97
CA HIS A 296 51.51 -15.58 -9.31
C HIS A 296 50.21 -16.27 -9.65
N HIS A 297 49.13 -15.93 -8.95
CA HIS A 297 47.80 -16.46 -9.24
C HIS A 297 47.36 -16.12 -10.66
N HIS A 298 47.54 -14.88 -11.07
CA HIS A 298 47.10 -14.48 -12.40
C HIS A 298 48.01 -15.00 -13.49
N LEU A 299 49.32 -15.09 -13.22
CA LEU A 299 50.25 -15.69 -14.15
C LEU A 299 49.95 -17.17 -14.38
N ALA A 300 49.63 -17.89 -13.30
CA ALA A 300 49.34 -19.31 -13.43
C ALA A 300 47.98 -19.54 -14.08
N LEU A 301 47.00 -18.69 -13.75
CA LEU A 301 45.68 -18.77 -14.37
C LEU A 301 45.79 -18.49 -15.86
N ALA A 302 46.63 -17.51 -16.23
CA ALA A 302 46.81 -17.12 -17.62
C ALA A 302 47.31 -18.29 -18.46
N VAL A 303 48.26 -19.06 -17.91
CA VAL A 303 48.88 -20.16 -18.66
C VAL A 303 47.83 -21.21 -19.00
N LEU A 304 47.02 -21.60 -18.03
CA LEU A 304 46.09 -22.68 -18.28
C LEU A 304 44.79 -22.21 -18.91
N PHE A 305 44.56 -20.89 -19.02
CA PHE A 305 43.51 -20.40 -19.93
C PHE A 305 44.00 -20.39 -21.37
N ILE A 306 45.27 -20.07 -21.59
CA ILE A 306 45.85 -20.14 -22.92
C ILE A 306 45.98 -21.60 -23.36
N VAL A 307 46.30 -22.49 -22.42
CA VAL A 307 46.33 -23.92 -22.73
C VAL A 307 44.92 -24.43 -23.00
N ALA A 308 43.92 -24.01 -22.22
CA ALA A 308 42.56 -24.49 -22.40
C ALA A 308 41.96 -24.07 -23.73
N GLY A 309 42.38 -22.91 -24.25
CA GLY A 309 41.91 -22.40 -25.51
C GLY A 309 42.55 -23.00 -26.74
N HIS A 310 43.23 -24.14 -26.60
CA HIS A 310 43.79 -24.88 -27.71
C HIS A 310 43.12 -26.24 -27.84
N MET A 311 42.08 -26.47 -27.04
CA MET A 311 41.38 -27.75 -27.02
C MET A 311 40.55 -28.00 -28.26
N TYR A 312 39.83 -27.00 -28.76
CA TYR A 312 38.84 -27.22 -29.80
C TYR A 312 39.37 -27.01 -31.21
N ARG A 313 38.80 -27.78 -32.16
CA ARG A 313 39.22 -27.79 -33.56
C ARG A 313 38.59 -26.66 -34.35
N THR A 314 39.42 -25.88 -35.07
CA THR A 314 38.90 -24.80 -35.91
C THR A 314 39.25 -24.98 -37.38
N ASN A 315 40.52 -24.88 -37.76
CA ASN A 315 40.89 -24.77 -39.17
C ASN A 315 42.05 -25.65 -39.55
N TRP A 316 42.79 -26.14 -38.58
CA TRP A 316 43.84 -27.12 -38.71
C TRP A 316 43.38 -28.29 -37.88
N GLY A 317 43.59 -29.51 -38.38
CA GLY A 317 42.92 -30.71 -37.89
C GLY A 317 43.03 -31.02 -36.41
N ILE A 318 43.99 -30.38 -35.76
CA ILE A 318 44.20 -30.57 -34.33
C ILE A 318 43.07 -29.92 -33.56
N GLY A 319 42.65 -30.59 -32.49
CA GLY A 319 41.57 -30.11 -31.66
C GLY A 319 40.45 -31.11 -31.54
N HIS A 320 39.53 -30.80 -30.66
CA HIS A 320 38.35 -31.59 -30.44
C HIS A 320 37.17 -31.00 -31.21
N SER A 321 36.31 -31.89 -31.69
CA SER A 321 34.98 -31.51 -32.11
C SER A 321 34.08 -31.61 -30.89
N MET A 322 33.41 -30.51 -30.54
CA MET A 322 32.53 -30.54 -29.37
C MET A 322 31.32 -31.44 -29.57
N LYS A 323 30.86 -31.58 -30.82
CA LYS A 323 29.79 -32.52 -31.12
C LYS A 323 30.21 -33.95 -30.84
N GLU A 324 31.44 -34.31 -31.20
CA GLU A 324 31.94 -35.67 -30.98
C GLU A 324 32.09 -35.99 -29.49
N ILE A 325 32.53 -35.01 -28.70
CA ILE A 325 32.64 -35.20 -27.26
C ILE A 325 31.28 -35.49 -26.65
N LEU A 326 30.26 -34.72 -27.04
CA LEU A 326 28.95 -34.84 -26.44
C LEU A 326 28.27 -36.15 -26.85
N GLU A 327 28.29 -36.47 -28.14
CA GLU A 327 27.63 -37.69 -28.62
C GLU A 327 28.28 -38.97 -28.11
N ALA A 328 29.55 -38.92 -27.68
CA ALA A 328 30.22 -40.10 -27.17
C ALA A 328 29.86 -40.39 -25.72
N HIS A 329 29.42 -39.40 -24.95
CA HIS A 329 29.13 -39.59 -23.54
C HIS A 329 27.68 -40.06 -23.41
N LYS A 330 27.51 -41.37 -23.43
CA LYS A 330 26.21 -41.99 -23.28
C LYS A 330 26.42 -43.37 -22.66
N GLY A 331 25.65 -43.68 -21.65
CA GLY A 331 25.77 -44.92 -20.95
C GLY A 331 24.47 -45.69 -20.96
N PRO A 332 24.32 -46.64 -20.03
CA PRO A 332 23.14 -47.51 -20.02
C PRO A 332 21.94 -46.90 -19.34
N PHE A 333 22.10 -45.82 -18.59
CA PHE A 333 20.97 -45.17 -17.93
C PHE A 333 20.37 -44.05 -18.76
N THR A 334 21.11 -43.51 -19.72
CA THR A 334 20.75 -42.21 -20.27
C THR A 334 20.50 -42.22 -21.77
N GLY A 335 20.13 -43.36 -22.35
CA GLY A 335 19.62 -43.40 -23.71
C GLY A 335 20.65 -42.98 -24.73
N GLU A 336 20.29 -42.05 -25.61
CA GLU A 336 21.22 -41.55 -26.61
C GLU A 336 22.25 -40.59 -26.03
N GLY A 337 22.11 -40.19 -24.76
CA GLY A 337 23.11 -39.37 -24.13
C GLY A 337 23.01 -37.92 -24.50
N HIS A 338 24.15 -37.27 -24.68
CA HIS A 338 24.23 -35.85 -24.98
C HIS A 338 24.07 -35.54 -26.46
N LYS A 339 23.58 -36.49 -27.24
CA LYS A 339 23.30 -36.25 -28.66
C LYS A 339 22.24 -35.17 -28.82
N GLY A 340 22.48 -34.27 -29.79
CA GLY A 340 21.57 -33.18 -30.05
C GLY A 340 21.78 -31.96 -29.20
N LEU A 341 22.68 -31.99 -28.22
CA LEU A 341 22.93 -30.82 -27.39
C LEU A 341 23.78 -29.77 -28.10
N TYR A 342 24.68 -30.20 -28.99
CA TYR A 342 25.43 -29.24 -29.80
C TYR A 342 24.51 -28.43 -30.69
N GLU A 343 23.55 -29.09 -31.33
CA GLU A 343 22.59 -28.40 -32.20
C GLU A 343 21.74 -27.43 -31.41
N ILE A 344 21.37 -27.77 -30.18
CA ILE A 344 20.61 -26.87 -29.34
C ILE A 344 21.42 -25.62 -29.01
N LEU A 345 22.67 -25.82 -28.62
CA LEU A 345 23.47 -24.72 -28.11
C LEU A 345 24.16 -23.90 -29.20
N THR A 346 24.03 -24.29 -30.47
CA THR A 346 24.47 -23.44 -31.57
C THR A 346 23.32 -22.96 -32.43
N THR A 347 22.07 -23.21 -32.02
CA THR A 347 20.90 -22.70 -32.72
C THR A 347 19.92 -21.98 -31.81
N SER A 348 20.11 -22.03 -30.50
CA SER A 348 19.24 -21.33 -29.56
C SER A 348 20.08 -20.37 -28.73
N TRP A 349 19.76 -19.08 -28.83
CA TRP A 349 20.40 -18.10 -27.97
C TRP A 349 19.91 -18.21 -26.53
N HIS A 350 18.62 -18.54 -26.34
CA HIS A 350 18.05 -18.66 -24.99
C HIS A 350 18.68 -19.81 -24.21
N ALA A 351 18.93 -20.95 -24.87
CA ALA A 351 19.63 -22.06 -24.24
C ALA A 351 21.03 -21.66 -23.83
N GLN A 352 21.71 -20.86 -24.65
CA GLN A 352 23.01 -20.34 -24.27
C GLN A 352 22.89 -19.34 -23.14
N LEU A 353 21.86 -18.49 -23.17
CA LEU A 353 21.69 -17.48 -22.13
C LEU A 353 21.30 -18.11 -20.81
N ALA A 354 20.52 -19.20 -20.85
CA ALA A 354 20.15 -19.93 -19.64
C ALA A 354 21.37 -20.50 -18.92
N ILE A 355 22.30 -21.12 -19.66
CA ILE A 355 23.51 -21.64 -19.05
C ILE A 355 24.36 -20.51 -18.50
N ASN A 356 24.60 -19.50 -19.33
CA ASN A 356 25.56 -18.46 -19.00
C ASN A 356 25.06 -17.57 -17.88
N LEU A 357 23.74 -17.43 -17.73
CA LEU A 357 23.20 -16.67 -16.61
C LEU A 357 23.30 -17.45 -15.30
N ALA A 358 23.05 -18.76 -15.35
CA ALA A 358 23.18 -19.60 -14.17
C ALA A 358 24.62 -19.71 -13.72
N MET A 359 25.57 -19.75 -14.65
CA MET A 359 26.98 -19.83 -14.27
C MET A 359 27.49 -18.48 -13.77
N LEU A 360 27.12 -17.39 -14.44
CA LEU A 360 27.53 -16.06 -14.00
C LEU A 360 26.93 -15.72 -12.65
N GLY A 361 25.69 -16.15 -12.41
CA GLY A 361 25.10 -15.96 -11.10
C GLY A 361 25.80 -16.77 -10.04
N SER A 362 26.15 -18.01 -10.36
CA SER A 362 26.92 -18.84 -9.43
C SER A 362 28.28 -18.24 -9.13
N VAL A 363 28.98 -17.73 -10.15
CA VAL A 363 30.29 -17.12 -9.96
C VAL A 363 30.19 -15.87 -9.09
N SER A 364 29.10 -15.11 -9.27
CA SER A 364 28.89 -13.91 -8.47
C SER A 364 28.60 -14.25 -7.01
N ILE A 365 27.95 -15.39 -6.75
CA ILE A 365 27.76 -15.86 -5.38
C ILE A 365 29.08 -16.31 -4.79
N ILE A 366 29.94 -16.95 -5.60
CA ILE A 366 31.26 -17.39 -5.15
C ILE A 366 32.15 -16.20 -4.82
N VAL A 367 32.11 -15.16 -5.68
CA VAL A 367 32.85 -13.92 -5.47
C VAL A 367 32.52 -13.30 -4.12
N ALA A 368 31.24 -13.29 -3.75
CA ALA A 368 30.81 -12.78 -2.44
C ALA A 368 31.47 -13.54 -1.29
N HIS A 369 31.55 -14.87 -1.38
CA HIS A 369 32.16 -15.66 -0.32
C HIS A 369 33.68 -15.54 -0.31
N HIS A 370 34.31 -15.54 -1.48
CA HIS A 370 35.76 -15.54 -1.54
C HIS A 370 36.35 -14.17 -1.17
N MET A 371 35.64 -13.08 -1.42
CA MET A 371 36.21 -11.76 -1.20
C MET A 371 36.11 -11.30 0.25
N TYR A 372 35.11 -11.75 1.00
CA TYR A 372 35.11 -11.39 2.41
C TYR A 372 36.11 -12.24 3.18
N ALA A 373 36.31 -13.48 2.76
CA ALA A 373 37.12 -14.42 3.52
C ALA A 373 38.58 -14.31 3.21
N MET A 374 38.91 -13.92 2.00
CA MET A 374 40.30 -13.80 1.55
C MET A 374 40.45 -12.40 0.96
N PRO A 375 40.41 -11.35 1.79
CA PRO A 375 40.28 -9.95 1.30
C PRO A 375 41.40 -9.56 0.35
N PRO A 376 41.07 -9.29 -0.90
CA PRO A 376 42.11 -9.16 -1.93
C PRO A 376 42.73 -7.79 -2.02
N TYR A 377 42.10 -6.80 -1.57
CA TYR A 377 42.59 -5.45 -1.78
C TYR A 377 43.22 -4.91 -0.50
N PRO A 378 44.18 -3.99 -0.61
CA PRO A 378 44.75 -3.39 0.60
C PRO A 378 43.74 -2.49 1.28
N TYR A 379 43.56 -2.70 2.59
CA TYR A 379 42.70 -1.93 3.48
C TYR A 379 41.22 -2.07 3.16
N ILE A 380 40.83 -3.14 2.46
CA ILE A 380 39.41 -3.39 2.25
C ILE A 380 38.81 -4.24 3.37
N ALA A 381 39.63 -5.01 4.09
CA ALA A 381 39.10 -5.91 5.11
C ALA A 381 38.62 -5.16 6.34
N THR A 382 39.28 -4.05 6.67
CA THR A 382 38.91 -3.26 7.82
C THR A 382 38.01 -2.09 7.46
N ASP A 383 37.76 -1.89 6.18
CA ASP A 383 36.66 -1.05 5.73
C ASP A 383 35.44 -1.95 5.69
N TYR A 384 34.76 -2.01 6.82
CA TYR A 384 33.59 -2.86 6.99
C TYR A 384 32.38 -2.40 6.17
N PRO A 385 32.12 -1.08 5.96
CA PRO A 385 31.06 -0.75 5.00
C PRO A 385 31.26 -1.30 3.61
N THR A 386 32.49 -1.36 3.13
CA THR A 386 32.74 -1.96 1.83
C THR A 386 32.57 -3.48 1.86
N GLN A 387 33.11 -4.15 2.89
CA GLN A 387 32.99 -5.60 3.01
C GLN A 387 31.53 -6.05 3.04
N LEU A 388 30.70 -5.32 3.78
CA LEU A 388 29.28 -5.63 3.79
C LEU A 388 28.61 -5.29 2.47
N SER A 389 29.00 -4.17 1.85
CA SER A 389 28.36 -3.73 0.61
C SER A 389 28.64 -4.66 -0.56
N ILE A 390 29.90 -5.08 -0.73
CA ILE A 390 30.21 -5.87 -1.92
C ILE A 390 29.79 -7.32 -1.73
N PHE A 391 29.72 -7.81 -0.49
CA PHE A 391 29.14 -9.13 -0.27
C PHE A 391 27.66 -9.11 -0.62
N THR A 392 26.92 -8.14 -0.10
CA THR A 392 25.48 -8.06 -0.32
C THR A 392 25.16 -7.79 -1.78
N HIS A 393 25.96 -6.96 -2.44
CA HIS A 393 25.71 -6.65 -3.84
C HIS A 393 25.92 -7.87 -4.72
N HIS A 394 26.96 -8.66 -4.46
CA HIS A 394 27.26 -9.80 -5.31
C HIS A 394 26.43 -11.02 -5.00
N MET A 395 25.79 -11.06 -3.82
CA MET A 395 24.80 -12.09 -3.56
C MET A 395 23.50 -11.80 -4.32
N TRP A 396 23.14 -10.53 -4.44
CA TRP A 396 21.91 -10.18 -5.16
C TRP A 396 22.09 -10.34 -6.66
N ILE A 397 23.26 -9.98 -7.20
CA ILE A 397 23.52 -10.17 -8.61
C ILE A 397 23.49 -11.65 -8.95
N GLY A 398 24.05 -12.48 -8.07
CA GLY A 398 24.02 -13.92 -8.27
C GLY A 398 22.63 -14.51 -8.25
N GLY A 399 21.83 -14.15 -7.25
CA GLY A 399 20.49 -14.67 -7.14
C GLY A 399 19.58 -14.27 -8.28
N PHE A 400 19.67 -13.00 -8.73
CA PHE A 400 18.91 -12.55 -9.88
C PHE A 400 19.31 -13.30 -11.15
N CYS A 401 20.62 -13.42 -11.39
CA CYS A 401 21.11 -14.06 -12.60
C CYS A 401 20.77 -15.55 -12.63
N VAL A 402 20.72 -16.18 -11.46
CA VAL A 402 20.35 -17.59 -11.38
C VAL A 402 18.89 -17.79 -11.77
N CYS A 403 18.01 -16.86 -11.37
CA CYS A 403 16.60 -16.99 -11.69
C CYS A 403 16.33 -16.70 -13.16
N GLY A 404 17.14 -15.86 -13.78
CA GLY A 404 17.05 -15.66 -15.22
C GLY A 404 17.58 -16.82 -16.02
N GLY A 405 18.44 -17.64 -15.43
CA GLY A 405 18.83 -18.88 -16.09
C GLY A 405 17.66 -19.84 -16.23
N ALA A 406 16.81 -19.92 -15.21
CA ALA A 406 15.61 -20.72 -15.33
C ALA A 406 14.52 -20.01 -16.12
N ALA A 407 14.56 -18.67 -16.18
CA ALA A 407 13.65 -17.94 -17.04
C ALA A 407 13.89 -18.26 -18.50
N HIS A 408 15.15 -18.38 -18.89
CA HIS A 408 15.48 -18.58 -20.29
C HIS A 408 15.61 -20.05 -20.64
N ALA A 409 15.76 -20.92 -19.64
CA ALA A 409 15.54 -22.34 -19.85
C ALA A 409 14.09 -22.62 -20.18
N GLY A 410 13.17 -21.89 -19.55
CA GLY A 410 11.76 -21.99 -19.91
C GLY A 410 11.43 -21.43 -21.28
N ILE A 411 12.04 -20.30 -21.65
CA ILE A 411 11.81 -19.73 -22.97
C ILE A 411 12.36 -20.64 -24.05
N PHE A 412 13.47 -21.34 -23.78
CA PHE A 412 13.98 -22.33 -24.71
C PHE A 412 12.99 -23.47 -24.90
N MET A 413 12.51 -24.05 -23.79
CA MET A 413 11.66 -25.23 -23.84
C MET A 413 10.34 -24.94 -24.55
N VAL A 414 9.76 -23.78 -24.28
CA VAL A 414 8.49 -23.41 -24.91
C VAL A 414 8.66 -23.17 -26.40
N ARG A 415 9.78 -22.57 -26.80
CA ARG A 415 9.92 -22.07 -28.15
C ARG A 415 10.93 -22.86 -28.98
N ASP A 416 12.17 -22.95 -28.52
CA ASP A 416 13.25 -23.50 -29.33
C ASP A 416 13.36 -25.01 -29.22
N TYR A 417 12.57 -25.65 -28.38
CA TYR A 417 12.65 -27.09 -28.22
C TYR A 417 11.85 -27.77 -29.31
N ASN A 418 12.47 -28.75 -29.97
CA ASN A 418 11.82 -29.54 -31.01
C ASN A 418 11.99 -31.00 -30.65
N PRO A 419 10.90 -31.71 -30.33
CA PRO A 419 11.02 -33.14 -29.98
C PRO A 419 11.61 -34.03 -31.06
N ALA A 420 11.45 -33.67 -32.34
CA ALA A 420 11.95 -34.48 -33.44
C ALA A 420 13.48 -34.60 -33.40
N GLN A 421 14.15 -33.53 -33.02
CA GLN A 421 15.61 -33.51 -32.93
C GLN A 421 16.11 -33.90 -31.56
N ASN A 422 15.22 -34.24 -30.63
CA ASN A 422 15.58 -34.54 -29.26
C ASN A 422 14.92 -35.85 -28.82
N TYR A 423 15.04 -36.89 -29.63
CA TYR A 423 14.42 -38.16 -29.31
C TYR A 423 15.37 -39.01 -28.47
N ASN A 424 14.94 -39.36 -27.26
CA ASN A 424 15.59 -40.29 -26.34
C ASN A 424 16.93 -39.78 -25.83
N ASN A 425 17.21 -38.49 -25.95
CA ASN A 425 18.43 -37.93 -25.41
C ASN A 425 18.16 -37.46 -23.99
N LEU A 426 19.09 -36.68 -23.43
CA LEU A 426 19.01 -36.28 -22.03
C LEU A 426 17.82 -35.37 -21.75
N LEU A 427 17.49 -34.44 -22.66
CA LEU A 427 16.29 -33.64 -22.45
C LEU A 427 15.02 -34.46 -22.51
N ASP A 428 14.88 -35.30 -23.55
CA ASP A 428 13.72 -36.19 -23.69
C ASP A 428 13.53 -37.02 -22.43
N ARG A 429 14.63 -37.49 -21.85
CA ARG A 429 14.55 -38.34 -20.69
C ARG A 429 14.24 -37.55 -19.42
N VAL A 430 14.68 -36.30 -19.32
CA VAL A 430 14.35 -35.50 -18.13
C VAL A 430 12.85 -35.19 -18.10
N ILE A 431 12.29 -34.79 -19.25
CA ILE A 431 10.86 -34.45 -19.34
C ILE A 431 9.99 -35.68 -19.09
N ARG A 432 10.51 -36.85 -19.38
CA ARG A 432 9.73 -38.07 -19.25
C ARG A 432 9.82 -38.69 -17.86
N HIS A 433 10.49 -38.06 -16.92
CA HIS A 433 10.33 -38.52 -15.54
C HIS A 433 10.26 -37.34 -14.60
N ARG A 434 9.77 -36.20 -15.11
CA ARG A 434 9.68 -34.96 -14.35
C ARG A 434 8.76 -35.07 -13.13
N ASP A 435 7.80 -35.99 -13.13
CA ASP A 435 7.01 -36.24 -11.92
C ASP A 435 7.88 -36.82 -10.82
N ALA A 436 8.80 -37.72 -11.17
CA ALA A 436 9.71 -38.28 -10.18
C ALA A 436 10.70 -37.25 -9.66
N ILE A 437 11.10 -36.30 -10.50
CA ILE A 437 12.01 -35.25 -10.06
C ILE A 437 11.28 -34.28 -9.15
N ILE A 438 10.10 -33.83 -9.56
CA ILE A 438 9.40 -32.78 -8.83
C ILE A 438 8.80 -33.33 -7.54
N SER A 439 8.38 -34.59 -7.52
CA SER A 439 7.89 -35.18 -6.26
C SER A 439 9.02 -35.41 -5.26
N HIS A 440 10.22 -35.72 -5.73
CA HIS A 440 11.33 -35.95 -4.80
C HIS A 440 11.89 -34.65 -4.27
N LEU A 441 11.97 -33.64 -5.13
CA LEU A 441 12.36 -32.30 -4.68
C LEU A 441 11.33 -31.74 -3.72
N ASN A 442 10.04 -31.93 -4.02
CA ASN A 442 8.95 -31.46 -3.15
C ASN A 442 9.05 -32.07 -1.76
N TRP A 443 9.35 -33.37 -1.69
CA TRP A 443 9.54 -34.03 -0.40
C TRP A 443 10.76 -33.50 0.34
N ILE A 444 11.86 -33.24 -0.36
CA ILE A 444 13.06 -32.71 0.28
C ILE A 444 12.80 -31.34 0.87
N CYS A 445 12.04 -30.50 0.18
CA CYS A 445 11.74 -29.17 0.66
C CYS A 445 10.83 -29.18 1.88
N ILE A 446 9.90 -30.13 1.96
CA ILE A 446 9.08 -30.28 3.15
C ILE A 446 9.92 -30.78 4.32
N PHE A 447 10.76 -31.78 4.08
CA PHE A 447 11.66 -32.29 5.10
C PHE A 447 12.58 -31.19 5.59
N LEU A 448 13.17 -30.45 4.64
CA LEU A 448 14.13 -29.40 4.96
C LEU A 448 13.47 -28.29 5.76
N GLY A 449 12.25 -27.88 5.37
CA GLY A 449 11.57 -26.82 6.07
C GLY A 449 11.22 -27.22 7.49
N PHE A 450 10.71 -28.44 7.66
CA PHE A 450 10.39 -28.94 8.99
C PHE A 450 11.64 -29.07 9.84
N HIS A 451 12.73 -29.57 9.28
CA HIS A 451 13.90 -29.87 10.08
C HIS A 451 14.94 -28.77 10.09
N SER A 452 14.67 -27.63 9.47
CA SER A 452 15.48 -26.44 9.67
C SER A 452 14.70 -25.35 10.38
N PHE A 453 13.57 -24.91 9.81
CA PHE A 453 12.79 -23.86 10.43
C PHE A 453 12.00 -24.35 11.63
N GLY A 454 11.66 -25.63 11.67
CA GLY A 454 10.97 -26.17 12.83
C GLY A 454 11.85 -26.28 14.04
N LEU A 455 13.16 -26.38 13.85
CA LEU A 455 14.09 -26.31 14.99
C LEU A 455 14.05 -24.93 15.63
N TYR A 456 13.92 -23.88 14.82
CA TYR A 456 13.74 -22.53 15.35
C TYR A 456 12.44 -22.40 16.12
N ILE A 457 11.35 -23.00 15.60
CA ILE A 457 10.06 -22.93 16.26
C ILE A 457 10.06 -23.73 17.55
N HIS A 458 10.75 -24.87 17.55
CA HIS A 458 10.99 -25.62 18.78
C HIS A 458 11.70 -24.74 19.80
N ASN A 459 12.67 -23.94 19.37
CA ASN A 459 13.46 -23.14 20.29
C ASN A 459 12.70 -21.93 20.81
N ASP A 460 11.93 -21.27 19.93
CA ASP A 460 11.03 -20.19 20.35
C ASP A 460 10.12 -20.64 21.45
N THR A 461 9.52 -21.82 21.27
CA THR A 461 8.58 -22.34 22.23
C THR A 461 9.26 -22.72 23.53
N MET A 462 10.38 -23.46 23.47
CA MET A 462 11.08 -23.88 24.68
C MET A 462 11.62 -22.69 25.47
N ARG A 463 12.21 -21.72 24.80
CA ARG A 463 12.69 -20.52 25.50
C ARG A 463 11.52 -19.73 26.09
N ALA A 464 10.40 -19.65 25.37
CA ALA A 464 9.22 -18.99 25.90
C ALA A 464 8.60 -19.77 27.06
N LEU A 465 8.71 -21.09 27.05
CA LEU A 465 8.12 -21.91 28.10
C LEU A 465 9.00 -22.04 29.32
N GLY A 466 10.16 -21.39 29.33
CA GLY A 466 11.09 -21.51 30.43
C GLY A 466 11.96 -22.74 30.38
N ARG A 467 11.94 -23.50 29.29
CA ARG A 467 12.66 -24.76 29.18
C ARG A 467 13.87 -24.55 28.28
N THR A 468 14.94 -24.04 28.86
CA THR A 468 16.16 -23.81 28.09
C THR A 468 17.02 -25.06 27.99
N GLN A 469 16.76 -26.08 28.81
CA GLN A 469 17.43 -27.37 28.70
C GLN A 469 16.88 -28.23 27.58
N ASP A 470 15.74 -27.84 27.01
CA ASP A 470 15.05 -28.59 25.97
C ASP A 470 15.27 -28.01 24.58
N MET A 471 16.19 -27.06 24.49
CA MET A 471 16.40 -26.34 23.21
C MET A 471 17.55 -26.95 22.43
N PHE A 472 17.59 -26.74 21.13
CA PHE A 472 18.78 -27.16 20.35
C PHE A 472 19.75 -26.00 20.46
N SER A 473 20.74 -26.10 21.34
CA SER A 473 21.67 -24.97 21.59
C SER A 473 23.05 -25.53 21.92
N ASP A 474 24.08 -24.68 21.92
CA ASP A 474 25.42 -25.15 22.36
C ASP A 474 25.32 -25.52 23.84
N THR A 475 24.62 -24.72 24.63
CA THR A 475 24.41 -25.02 26.07
C THR A 475 23.55 -26.28 26.27
N ALA A 476 22.50 -26.48 25.47
CA ALA A 476 21.56 -27.63 25.67
C ALA A 476 21.84 -28.75 24.66
N ILE A 477 20.79 -29.31 24.05
CA ILE A 477 20.96 -30.36 23.01
C ILE A 477 21.80 -29.73 21.90
N GLN A 478 22.87 -30.38 21.45
CA GLN A 478 23.79 -29.71 20.51
C GLN A 478 23.73 -30.29 19.09
N LEU A 479 23.45 -29.45 18.10
CA LEU A 479 23.47 -29.86 16.70
C LEU A 479 24.77 -29.28 16.15
N LYS A 480 25.84 -30.03 16.30
CA LYS A 480 27.07 -29.39 15.88
C LYS A 480 27.32 -29.67 14.41
N PRO A 481 27.88 -28.70 13.71
CA PRO A 481 28.34 -28.94 12.35
C PRO A 481 29.73 -29.57 12.30
N VAL A 482 29.77 -30.88 12.56
CA VAL A 482 31.06 -31.57 12.65
C VAL A 482 31.77 -31.61 11.30
N PHE A 483 31.02 -31.74 10.20
CA PHE A 483 31.66 -31.80 8.88
C PHE A 483 32.28 -30.46 8.50
N ALA A 484 31.60 -29.36 8.80
CA ALA A 484 32.17 -28.05 8.53
C ALA A 484 33.34 -27.74 9.45
N GLN A 485 33.22 -28.13 10.73
CA GLN A 485 34.31 -27.98 11.68
C GLN A 485 35.52 -28.82 11.27
N TRP A 486 35.27 -30.02 10.74
CA TRP A 486 36.36 -30.89 10.30
C TRP A 486 37.07 -30.32 9.08
N VAL A 487 36.31 -29.78 8.12
CA VAL A 487 36.90 -29.14 6.95
C VAL A 487 37.71 -27.93 7.37
N GLN A 488 37.22 -27.18 8.37
CA GLN A 488 37.99 -26.07 8.95
C GLN A 488 39.28 -26.55 9.58
N SER A 489 39.26 -27.70 10.25
CA SER A 489 40.48 -28.28 10.81
C SER A 489 41.51 -28.58 9.75
N ILE A 490 41.07 -29.17 8.63
CA ILE A 490 41.97 -29.61 7.56
C ILE A 490 42.66 -28.41 6.93
N HIS A 491 41.92 -27.32 6.74
CA HIS A 491 42.50 -26.15 6.07
C HIS A 491 43.48 -25.42 6.95
N THR A 492 43.33 -25.51 8.27
CA THR A 492 44.35 -24.95 9.13
C THR A 492 45.57 -25.84 9.20
N LEU A 493 45.39 -27.14 8.99
CA LEU A 493 46.53 -28.02 8.99
C LEU A 493 47.23 -28.06 7.66
N ALA A 494 46.59 -27.57 6.59
CA ALA A 494 47.17 -27.63 5.24
C ALA A 494 48.54 -26.95 5.06
N PRO A 495 48.83 -25.75 5.60
CA PRO A 495 50.18 -25.19 5.40
C PRO A 495 51.28 -26.06 6.00
N GLY A 496 52.22 -26.47 5.15
CA GLY A 496 53.28 -27.35 5.55
C GLY A 496 52.93 -28.82 5.56
N ASN A 497 51.66 -29.19 5.41
CA ASN A 497 51.24 -30.58 5.43
C ASN A 497 50.70 -31.00 4.07
N THR A 498 49.53 -30.55 3.66
CA THR A 498 48.99 -30.95 2.36
C THR A 498 49.11 -29.83 1.35
N THR A 499 49.55 -28.66 1.77
CA THR A 499 50.02 -27.64 0.86
C THR A 499 51.40 -27.24 1.37
N PRO A 500 52.41 -28.11 1.17
CA PRO A 500 53.68 -27.97 1.92
C PRO A 500 54.43 -26.66 1.70
N ASN A 501 54.41 -26.11 0.49
CA ASN A 501 55.16 -24.88 0.26
C ASN A 501 54.38 -23.62 0.60
N ALA A 502 53.10 -23.73 0.92
CA ALA A 502 52.38 -22.59 1.48
C ALA A 502 52.89 -22.25 2.87
N LEU A 503 52.94 -20.97 3.17
CA LEU A 503 53.40 -20.52 4.46
C LEU A 503 52.25 -20.25 5.42
N ALA A 504 51.12 -19.76 4.92
CA ALA A 504 49.94 -19.51 5.72
C ALA A 504 48.73 -20.14 5.05
N THR A 505 47.63 -20.15 5.79
CA THR A 505 46.37 -20.70 5.32
C THR A 505 45.80 -19.83 4.20
N ALA A 506 44.90 -20.42 3.42
CA ALA A 506 44.20 -19.68 2.37
C ALA A 506 43.37 -18.56 2.97
N SER A 507 42.74 -18.82 4.10
CA SER A 507 41.98 -17.80 4.81
C SER A 507 42.02 -18.05 6.30
N TYR A 508 42.13 -16.97 7.06
CA TYR A 508 42.09 -17.08 8.52
C TYR A 508 40.72 -17.39 9.05
N ALA A 509 39.67 -17.34 8.22
CA ALA A 509 38.33 -17.78 8.61
C ALA A 509 38.30 -19.24 9.02
N PHE A 510 39.20 -20.06 8.46
CA PHE A 510 39.23 -21.48 8.80
C PHE A 510 39.80 -21.74 10.18
N GLY A 511 40.57 -20.80 10.71
CA GLY A 511 41.28 -20.98 11.95
C GLY A 511 42.62 -20.29 11.85
N GLY A 512 43.31 -20.15 12.97
CA GLY A 512 44.57 -19.45 12.97
C GLY A 512 44.51 -18.13 13.71
N ASP A 513 45.32 -17.17 13.26
CA ASP A 513 45.54 -15.94 13.98
C ASP A 513 44.39 -14.95 13.78
N VAL A 514 44.45 -13.87 14.57
CA VAL A 514 43.62 -12.69 14.36
C VAL A 514 44.49 -11.66 13.66
N VAL A 515 44.04 -11.21 12.50
CA VAL A 515 44.75 -10.19 11.73
C VAL A 515 44.10 -8.85 12.02
N ALA A 516 44.86 -7.94 12.59
CA ALA A 516 44.36 -6.63 12.98
C ALA A 516 45.07 -5.55 12.18
N VAL A 517 44.31 -4.61 11.65
CA VAL A 517 44.84 -3.47 10.90
C VAL A 517 44.19 -2.22 11.45
N GLY A 518 45.01 -1.31 11.98
CA GLY A 518 44.48 -0.11 12.61
C GLY A 518 43.58 -0.41 13.78
N ASN A 519 43.93 -1.44 14.55
CA ASN A 519 43.22 -1.96 15.72
C ASN A 519 41.85 -2.54 15.38
N LYS A 520 41.54 -2.72 14.09
CA LYS A 520 40.31 -3.35 13.66
C LYS A 520 40.63 -4.71 13.08
N VAL A 521 39.73 -5.67 13.29
CA VAL A 521 39.97 -7.03 12.81
C VAL A 521 39.83 -7.07 11.30
N ALA A 522 40.87 -7.57 10.62
CA ALA A 522 40.74 -7.85 9.20
C ALA A 522 40.02 -9.18 9.00
N MET A 523 40.58 -10.24 9.56
CA MET A 523 39.94 -11.55 9.53
C MET A 523 40.44 -12.35 10.72
N MET A 524 39.63 -13.30 11.14
CA MET A 524 39.84 -14.12 12.32
C MET A 524 38.92 -15.32 12.19
N PRO A 525 39.24 -16.45 12.82
CA PRO A 525 38.45 -17.68 12.62
C PRO A 525 36.97 -17.52 12.90
N ILE A 526 36.17 -18.01 11.96
CA ILE A 526 34.73 -17.93 12.02
C ILE A 526 34.24 -19.27 12.52
N SER A 527 34.03 -19.36 13.83
CA SER A 527 33.65 -20.60 14.47
C SER A 527 32.21 -20.96 14.13
N LEU A 528 31.95 -22.26 14.02
CA LEU A 528 30.66 -22.79 13.65
C LEU A 528 30.08 -23.55 14.83
N GLY A 529 28.83 -23.26 15.18
CA GLY A 529 28.17 -23.89 16.30
C GLY A 529 26.77 -24.33 15.93
N THR A 530 25.89 -24.49 16.92
CA THR A 530 24.52 -24.91 16.65
C THR A 530 23.79 -23.90 15.79
N ALA A 531 23.95 -22.60 16.11
CA ALA A 531 23.35 -21.52 15.31
C ALA A 531 23.82 -21.56 13.87
N ASP A 532 25.07 -21.95 13.64
CA ASP A 532 25.61 -22.06 12.28
C ASP A 532 25.08 -23.29 11.57
N PHE A 533 24.91 -24.40 12.30
CA PHE A 533 24.23 -25.57 11.76
C PHE A 533 22.81 -25.24 11.35
N MET A 534 22.10 -24.51 12.20
CA MET A 534 20.71 -24.20 11.95
C MET A 534 20.54 -23.30 10.72
N VAL A 535 21.32 -22.23 10.63
CA VAL A 535 21.10 -21.29 9.54
C VAL A 535 21.66 -21.83 8.23
N HIS A 536 22.61 -22.76 8.25
CA HIS A 536 23.04 -23.37 7.00
C HIS A 536 21.97 -24.30 6.43
N HIS A 537 21.23 -24.97 7.30
CA HIS A 537 20.12 -25.78 6.81
C HIS A 537 18.92 -24.92 6.42
N ILE A 538 18.79 -23.74 7.02
CA ILE A 538 17.88 -22.72 6.50
C ILE A 538 18.25 -22.37 5.06
N HIS A 539 19.55 -22.26 4.76
CA HIS A 539 20.00 -21.93 3.41
C HIS A 539 19.69 -23.04 2.43
N ALA A 540 20.01 -24.28 2.81
CA ALA A 540 19.75 -25.43 1.94
C ALA A 540 18.27 -25.60 1.67
N PHE A 541 17.43 -25.24 2.62
CA PHE A 541 15.99 -25.29 2.42
C PHE A 541 15.53 -24.22 1.42
N THR A 542 16.01 -22.98 1.58
CA THR A 542 15.54 -21.91 0.70
C THR A 542 16.09 -22.05 -0.71
N ILE A 543 17.30 -22.59 -0.86
CA ILE A 543 17.85 -22.84 -2.18
C ILE A 543 17.10 -23.98 -2.86
N HIS A 544 16.77 -25.04 -2.12
CA HIS A 544 16.07 -26.19 -2.70
C HIS A 544 14.65 -25.83 -3.13
N VAL A 545 13.94 -24.99 -2.36
CA VAL A 545 12.61 -24.56 -2.77
C VAL A 545 12.68 -23.67 -4.00
N THR A 546 13.69 -22.80 -4.07
CA THR A 546 13.89 -21.97 -5.25
C THR A 546 14.17 -22.82 -6.47
N VAL A 547 14.99 -23.86 -6.31
CA VAL A 547 15.19 -24.84 -7.38
C VAL A 547 13.88 -25.52 -7.72
N LEU A 548 13.07 -25.85 -6.69
CA LEU A 548 11.80 -26.54 -6.92
C LEU A 548 10.83 -25.70 -7.74
N ILE A 549 10.72 -24.41 -7.45
CA ILE A 549 9.78 -23.57 -8.19
C ILE A 549 10.26 -23.35 -9.61
N LEU A 550 11.56 -23.15 -9.78
CA LEU A 550 12.11 -22.87 -11.10
C LEU A 550 12.24 -24.12 -11.95
N LEU A 551 12.62 -25.26 -11.35
CA LEU A 551 12.69 -26.51 -12.11
C LEU A 551 11.31 -26.98 -12.53
N LYS A 552 10.32 -26.85 -11.65
CA LYS A 552 8.95 -27.22 -12.03
C LYS A 552 8.43 -26.37 -13.18
N GLY A 553 8.82 -25.10 -13.22
CA GLY A 553 8.45 -24.27 -14.35
C GLY A 553 9.11 -24.67 -15.65
N VAL A 554 10.38 -25.07 -15.61
CA VAL A 554 11.06 -25.48 -16.82
C VAL A 554 10.55 -26.85 -17.29
N LEU A 555 10.35 -27.77 -16.36
CA LEU A 555 9.94 -29.13 -16.70
C LEU A 555 8.51 -29.20 -17.17
N PHE A 556 7.64 -28.32 -16.67
CA PHE A 556 6.24 -28.33 -17.05
C PHE A 556 5.88 -27.15 -17.93
N SER A 557 6.85 -26.57 -18.63
CA SER A 557 6.61 -25.39 -19.44
C SER A 557 5.79 -25.70 -20.69
N ARG A 558 5.96 -26.89 -21.25
CA ARG A 558 5.29 -27.21 -22.51
C ARG A 558 3.94 -27.88 -22.32
N ASN A 559 3.75 -28.61 -21.23
CA ASN A 559 2.56 -29.40 -20.97
C ASN A 559 2.58 -29.95 -19.55
N SER A 560 1.39 -30.26 -19.06
CA SER A 560 1.19 -30.82 -17.73
C SER A 560 0.11 -31.88 -17.84
N ARG A 561 -0.23 -32.49 -16.70
CA ARG A 561 -1.49 -33.21 -16.63
C ARG A 561 -2.67 -32.26 -16.60
N LEU A 562 -2.43 -31.03 -16.13
CA LEU A 562 -3.46 -30.01 -16.09
C LEU A 562 -3.79 -29.48 -17.48
N ILE A 563 -2.81 -28.87 -18.14
CA ILE A 563 -2.98 -28.29 -19.46
C ILE A 563 -2.16 -29.10 -20.45
N PRO A 564 -2.78 -29.89 -21.33
CA PRO A 564 -2.02 -30.74 -22.24
C PRO A 564 -1.32 -30.01 -23.36
N ASP A 565 -1.60 -28.72 -23.57
CA ASP A 565 -1.07 -27.97 -24.70
C ASP A 565 -0.54 -26.61 -24.26
N LYS A 566 0.21 -26.61 -23.15
CA LYS A 566 0.74 -25.38 -22.57
C LYS A 566 1.72 -24.67 -23.49
N ALA A 567 2.36 -25.41 -24.41
CA ALA A 567 3.31 -24.80 -25.34
C ALA A 567 2.60 -23.94 -26.39
N ASN A 568 1.34 -24.24 -26.70
CA ASN A 568 0.58 -23.42 -27.64
C ASN A 568 0.14 -22.10 -27.04
N LEU A 569 0.08 -22.02 -25.71
CA LEU A 569 -0.24 -20.76 -25.05
C LEU A 569 0.96 -19.88 -24.88
N GLY A 570 2.17 -20.45 -24.89
CA GLY A 570 3.39 -19.69 -24.89
C GLY A 570 4.14 -19.81 -23.57
N PHE A 571 5.22 -19.04 -23.48
CA PHE A 571 6.02 -18.99 -22.27
C PHE A 571 5.32 -18.15 -21.20
N ARG A 572 4.67 -17.07 -21.61
CA ARG A 572 4.12 -16.07 -20.71
C ARG A 572 2.64 -15.91 -21.06
N PHE A 573 1.79 -16.60 -20.32
CA PHE A 573 0.36 -16.41 -20.39
C PHE A 573 -0.17 -16.37 -18.96
N PRO A 574 -1.27 -15.68 -18.71
CA PRO A 574 -1.71 -15.54 -17.32
C PRO A 574 -2.38 -16.77 -16.74
N CYS A 575 -3.08 -17.51 -17.59
CA CYS A 575 -3.90 -18.65 -17.19
C CYS A 575 -4.48 -19.33 -18.42
N ASP A 576 -5.20 -20.42 -18.20
CA ASP A 576 -6.06 -21.00 -19.22
C ASP A 576 -7.47 -21.12 -18.65
N GLY A 577 -7.94 -20.05 -18.02
CA GLY A 577 -9.33 -19.97 -17.62
C GLY A 577 -9.58 -20.44 -16.20
N PRO A 578 -10.80 -20.21 -15.72
CA PRO A 578 -11.15 -20.63 -14.36
C PRO A 578 -11.54 -22.08 -14.26
N GLY A 579 -11.52 -22.79 -15.37
CA GLY A 579 -11.87 -24.18 -15.38
C GLY A 579 -10.72 -25.06 -15.01
N ARG A 580 -11.02 -26.36 -14.91
CA ARG A 580 -10.16 -27.38 -14.29
C ARG A 580 -9.89 -27.05 -12.83
N GLY A 581 -10.82 -26.33 -12.19
CA GLY A 581 -10.66 -25.79 -10.88
C GLY A 581 -9.99 -24.43 -10.83
N GLY A 582 -9.30 -24.04 -11.90
CA GLY A 582 -8.56 -22.80 -11.94
C GLY A 582 -7.10 -22.99 -12.30
N THR A 583 -6.65 -22.31 -13.36
CA THR A 583 -5.30 -22.49 -13.89
C THR A 583 -4.52 -21.18 -13.85
N CYS A 584 -4.81 -20.35 -12.85
CA CYS A 584 -4.08 -19.12 -12.61
C CYS A 584 -2.60 -19.42 -12.41
N GLN A 585 -1.73 -18.67 -13.09
CA GLN A 585 -0.27 -18.71 -12.90
C GLN A 585 0.32 -20.07 -13.30
N SER A 586 -0.14 -20.61 -14.43
CA SER A 586 0.27 -21.93 -14.90
C SER A 586 1.43 -21.90 -15.88
N SER A 587 1.90 -20.72 -16.27
CA SER A 587 2.93 -20.64 -17.29
C SER A 587 4.32 -20.80 -16.69
N ALA A 588 5.29 -20.95 -17.57
CA ALA A 588 6.69 -20.98 -17.16
C ALA A 588 7.15 -19.63 -16.64
N TRP A 589 6.64 -18.53 -17.22
CA TRP A 589 6.90 -17.19 -16.69
C TRP A 589 6.44 -17.06 -15.25
N ASP A 590 5.37 -17.74 -14.87
CA ASP A 590 4.80 -17.62 -13.55
C ASP A 590 5.55 -18.42 -12.49
N SER A 591 6.45 -19.30 -12.89
CA SER A 591 7.36 -19.94 -11.95
C SER A 591 8.61 -19.11 -11.72
N VAL A 592 9.06 -18.37 -12.73
CA VAL A 592 10.11 -17.38 -12.54
C VAL A 592 9.62 -16.29 -11.61
N PHE A 593 8.35 -15.90 -11.77
CA PHE A 593 7.73 -14.91 -10.93
C PHE A 593 7.68 -15.36 -9.47
N LEU A 594 7.27 -16.61 -9.26
CA LEU A 594 7.22 -17.15 -7.91
C LEU A 594 8.58 -17.52 -7.36
N GLY A 595 9.54 -17.84 -8.23
CA GLY A 595 10.87 -18.19 -7.79
C GLY A 595 11.77 -17.03 -7.48
N LEU A 596 11.41 -15.83 -7.95
CA LEU A 596 12.16 -14.63 -7.58
C LEU A 596 11.81 -14.17 -6.17
N PHE A 597 10.61 -14.49 -5.70
CA PHE A 597 10.27 -14.27 -4.29
C PHE A 597 11.08 -15.18 -3.38
N TRP A 598 11.20 -16.44 -3.74
CA TRP A 598 11.95 -17.38 -2.92
C TRP A 598 13.45 -17.18 -3.05
N MET A 599 13.91 -16.66 -4.19
CA MET A 599 15.28 -16.17 -4.26
C MET A 599 15.48 -14.99 -3.33
N TYR A 600 14.52 -14.06 -3.33
CA TYR A 600 14.60 -12.92 -2.43
C TYR A 600 14.65 -13.37 -0.98
N ASN A 601 13.80 -14.33 -0.62
CA ASN A 601 13.80 -14.94 0.70
C ASN A 601 15.15 -15.59 1.02
N CYS A 602 15.72 -16.31 0.04
CA CYS A 602 16.98 -17.00 0.25
C CYS A 602 18.14 -16.04 0.49
N ILE A 603 18.32 -15.07 -0.41
CA ILE A 603 19.45 -14.14 -0.34
C ILE A 603 19.29 -13.19 0.83
N SER A 604 18.06 -12.92 1.27
CA SER A 604 17.86 -12.06 2.44
C SER A 604 18.37 -12.74 3.70
N VAL A 605 18.19 -14.05 3.82
CA VAL A 605 18.69 -14.76 4.97
C VAL A 605 20.20 -14.90 4.91
N VAL A 606 20.77 -15.04 3.71
CA VAL A 606 22.22 -15.16 3.54
C VAL A 606 22.92 -13.89 4.01
N ILE A 607 22.43 -12.74 3.55
CA ILE A 607 23.08 -11.48 3.91
C ILE A 607 22.82 -11.13 5.37
N PHE A 608 21.65 -11.52 5.92
CA PHE A 608 21.41 -11.37 7.35
C PHE A 608 22.30 -12.28 8.17
N HIS A 609 22.50 -13.51 7.72
CA HIS A 609 23.42 -14.42 8.38
C HIS A 609 24.83 -13.86 8.34
N PHE A 610 25.26 -13.38 7.16
CA PHE A 610 26.58 -12.77 7.04
C PHE A 610 26.73 -11.55 7.94
N SER A 611 25.74 -10.66 7.93
CA SER A 611 25.84 -9.40 8.65
C SER A 611 25.92 -9.63 10.15
N TRP A 612 25.03 -10.45 10.69
CA TRP A 612 25.02 -10.68 12.12
C TRP A 612 26.26 -11.45 12.56
N LYS A 613 26.67 -12.47 11.81
CA LYS A 613 27.83 -13.29 12.20
C LYS A 613 29.13 -12.49 12.16
N MET A 614 29.31 -11.64 11.16
CA MET A 614 30.55 -10.87 11.05
C MET A 614 30.63 -9.82 12.15
N GLN A 615 29.52 -9.17 12.47
CA GLN A 615 29.53 -8.20 13.55
C GLN A 615 29.69 -8.87 14.90
N SER A 616 29.00 -9.98 15.10
CA SER A 616 29.00 -10.66 16.40
C SER A 616 30.29 -11.42 16.64
N ASP A 617 30.87 -12.05 15.62
CA ASP A 617 31.98 -12.95 15.86
C ASP A 617 33.27 -12.60 15.16
N VAL A 618 33.31 -11.62 14.27
CA VAL A 618 34.52 -11.38 13.49
C VAL A 618 34.98 -9.94 13.60
N TRP A 619 34.09 -9.01 13.26
CA TRP A 619 34.47 -7.61 13.19
C TRP A 619 34.52 -6.98 14.55
N GLY A 620 35.35 -5.97 14.70
CA GLY A 620 35.44 -5.27 15.96
C GLY A 620 36.83 -4.71 16.16
N THR A 621 37.14 -4.43 17.43
CA THR A 621 38.38 -3.77 17.79
C THR A 621 39.27 -4.68 18.63
N VAL A 622 40.57 -4.60 18.39
CA VAL A 622 41.56 -5.30 19.20
C VAL A 622 42.20 -4.28 20.13
N GLN A 623 42.55 -4.70 21.34
CA GLN A 623 43.27 -3.84 22.28
C GLN A 623 44.20 -4.76 23.07
N SER A 624 44.85 -4.20 24.12
CA SER A 624 45.75 -4.90 25.05
C SER A 624 45.12 -6.22 25.47
N ASP A 625 45.97 -7.26 25.60
CA ASP A 625 45.72 -8.67 25.93
C ASP A 625 45.26 -9.36 24.65
N GLY A 626 45.27 -8.66 23.51
CA GLY A 626 44.87 -9.20 22.22
C GLY A 626 43.40 -9.56 22.05
N THR A 627 42.58 -9.32 23.08
CA THR A 627 41.20 -9.72 23.01
C THR A 627 40.46 -8.78 22.06
N VAL A 628 39.40 -9.31 21.47
CA VAL A 628 38.64 -8.60 20.45
C VAL A 628 37.28 -8.27 21.02
N THR A 629 36.88 -7.01 20.91
CA THR A 629 35.53 -6.59 21.26
C THR A 629 34.75 -6.50 19.95
N HIS A 630 33.78 -7.39 19.78
CA HIS A 630 33.06 -7.44 18.54
C HIS A 630 31.94 -6.40 18.53
N ILE A 631 31.41 -6.14 17.32
CA ILE A 631 30.44 -5.05 17.12
C ILE A 631 29.17 -5.29 17.92
N THR A 632 28.65 -6.52 17.88
CA THR A 632 27.48 -6.85 18.69
C THR A 632 27.81 -7.83 19.80
N GLY A 633 29.10 -7.98 20.13
CA GLY A 633 29.52 -8.65 21.35
C GLY A 633 29.23 -10.13 21.48
N GLY A 634 29.29 -10.87 20.38
CA GLY A 634 29.15 -12.32 20.44
C GLY A 634 27.79 -12.81 20.87
N ASN A 635 26.72 -12.18 20.41
CA ASN A 635 25.39 -12.63 20.77
C ASN A 635 24.81 -13.63 19.78
N PHE A 636 25.50 -13.91 18.67
CA PHE A 636 24.98 -14.79 17.63
C PHE A 636 24.74 -16.21 18.13
N ALA A 637 25.68 -16.76 18.90
CA ALA A 637 25.63 -18.16 19.32
C ALA A 637 24.38 -18.48 20.11
N GLN A 638 23.99 -17.62 21.04
CA GLN A 638 22.88 -17.91 21.92
C GLN A 638 21.61 -17.19 21.53
N SER A 639 21.64 -16.35 20.50
CA SER A 639 20.44 -15.64 20.11
C SER A 639 20.06 -15.83 18.65
N ALA A 640 20.90 -16.40 17.81
CA ALA A 640 20.45 -16.71 16.46
C ALA A 640 19.76 -18.06 16.37
N ILE A 641 19.44 -18.67 17.51
CA ILE A 641 18.78 -19.98 17.51
C ILE A 641 17.27 -19.84 17.65
N THR A 642 16.77 -18.66 17.99
CA THR A 642 15.35 -18.39 18.05
C THR A 642 15.00 -17.31 17.03
N ILE A 643 13.74 -17.31 16.58
CA ILE A 643 13.27 -16.24 15.71
C ILE A 643 13.22 -14.92 16.46
N ASN A 644 12.80 -14.98 17.73
CA ASN A 644 12.78 -13.80 18.59
C ASN A 644 14.17 -13.20 18.75
N GLY A 645 15.21 -14.02 18.75
CA GLY A 645 16.56 -13.49 18.74
C GLY A 645 16.88 -12.74 17.46
N TRP A 646 16.48 -13.27 16.31
CA TRP A 646 16.69 -12.55 15.04
C TRP A 646 15.86 -11.27 14.98
N LEU A 647 14.62 -11.33 15.46
CA LEU A 647 13.79 -10.13 15.51
C LEU A 647 14.36 -9.09 16.47
N ARG A 648 14.69 -9.51 17.69
CA ARG A 648 15.13 -8.57 18.72
C ARG A 648 16.60 -8.22 18.53
N ASP A 649 17.49 -9.22 18.58
CA ASP A 649 18.91 -8.91 18.64
C ASP A 649 19.52 -8.61 17.28
N PHE A 650 18.82 -8.88 16.18
CA PHE A 650 19.35 -8.47 14.89
C PHE A 650 18.55 -7.34 14.26
N LEU A 651 17.26 -7.51 13.99
CA LEU A 651 16.55 -6.47 13.27
C LEU A 651 16.27 -5.26 14.14
N TRP A 652 15.78 -5.49 15.36
CA TRP A 652 15.43 -4.37 16.22
C TRP A 652 16.68 -3.64 16.71
N ALA A 653 17.67 -4.39 17.22
CA ALA A 653 18.88 -3.80 17.77
C ALA A 653 19.66 -3.01 16.72
N GLN A 654 19.72 -3.53 15.49
CA GLN A 654 20.58 -2.91 14.47
C GLN A 654 19.80 -1.91 13.60
N ALA A 655 18.48 -1.80 13.76
CA ALA A 655 17.71 -0.79 13.01
C ALA A 655 17.83 0.56 13.72
N SER A 656 18.48 0.59 14.88
CA SER A 656 18.61 1.84 15.67
C SER A 656 19.30 2.92 14.85
N GLN A 657 20.38 2.57 14.15
CA GLN A 657 21.17 3.59 13.41
C GLN A 657 20.33 4.24 12.31
N VAL A 658 19.58 3.46 11.52
CA VAL A 658 18.83 4.02 10.36
C VAL A 658 17.63 4.85 10.83
N ILE A 659 17.01 4.49 11.95
CA ILE A 659 15.85 5.26 12.51
C ILE A 659 16.32 6.57 13.16
N GLN A 660 17.48 6.56 13.82
CA GLN A 660 17.98 7.75 14.55
C GLN A 660 18.91 8.54 13.64
N SER A 661 18.84 8.31 12.33
CA SER A 661 19.78 8.95 11.41
C SER A 661 19.38 10.35 10.99
N TYR A 662 18.13 10.77 11.26
CA TYR A 662 17.64 12.08 10.82
C TYR A 662 18.48 13.21 11.41
N GLY A 663 18.81 14.18 10.57
CA GLY A 663 19.64 15.29 10.96
C GLY A 663 21.14 15.03 10.84
N SER A 664 21.54 13.88 10.35
CA SER A 664 22.94 13.55 10.16
C SER A 664 23.21 13.39 8.67
N ALA A 665 24.44 12.98 8.34
CA ALA A 665 24.75 12.67 6.96
C ALA A 665 24.11 11.36 6.52
N LEU A 666 23.68 10.54 7.45
CA LEU A 666 23.02 9.28 7.17
C LEU A 666 21.50 9.40 7.13
N SER A 667 20.98 10.63 7.15
CA SER A 667 19.54 10.84 7.04
C SER A 667 19.00 10.40 5.68
N ALA A 668 19.86 10.33 4.66
CA ALA A 668 19.45 9.78 3.37
C ALA A 668 19.08 8.32 3.49
N TYR A 669 19.85 7.55 4.27
CA TYR A 669 19.51 6.16 4.53
C TYR A 669 18.23 6.05 5.33
N GLY A 670 18.00 6.98 6.26
CA GLY A 670 16.76 6.99 7.01
C GLY A 670 15.55 7.23 6.13
N LEU A 671 15.70 8.11 5.13
CA LEU A 671 14.61 8.37 4.18
C LEU A 671 14.39 7.20 3.23
N ILE A 672 15.48 6.55 2.77
CA ILE A 672 15.34 5.42 1.87
C ILE A 672 14.79 4.20 2.60
N PHE A 673 15.05 4.10 3.91
CA PHE A 673 14.46 3.05 4.74
C PHE A 673 12.94 3.14 4.71
N LEU A 674 12.41 4.33 4.94
CA LEU A 674 10.98 4.56 4.92
C LEU A 674 10.42 4.47 3.50
N GLY A 675 11.12 5.06 2.54
CA GLY A 675 10.68 5.03 1.15
C GLY A 675 10.59 3.63 0.57
N ALA A 676 11.51 2.76 0.97
CA ALA A 676 11.47 1.39 0.47
C ALA A 676 10.40 0.56 1.18
N HIS A 677 10.20 0.79 2.48
CA HIS A 677 9.05 0.22 3.20
C HIS A 677 7.75 0.58 2.50
N PHE A 678 7.66 1.81 1.98
CA PHE A 678 6.50 2.26 1.23
C PHE A 678 6.32 1.50 -0.08
N ILE A 679 7.38 1.43 -0.89
CA ILE A 679 7.35 0.78 -2.19
C ILE A 679 6.99 -0.69 -2.06
N TRP A 680 7.54 -1.35 -1.04
CA TRP A 680 7.23 -2.75 -0.75
C TRP A 680 5.74 -2.95 -0.47
N ALA A 681 5.17 -2.13 0.41
CA ALA A 681 3.76 -2.23 0.75
C ALA A 681 2.87 -1.90 -0.44
N PHE A 682 3.24 -0.88 -1.20
CA PHE A 682 2.53 -0.47 -2.40
C PHE A 682 2.49 -1.58 -3.44
N SER A 683 3.54 -2.41 -3.49
CA SER A 683 3.59 -3.56 -4.38
C SER A 683 2.48 -4.57 -4.09
N LEU A 684 2.06 -4.67 -2.84
CA LEU A 684 1.03 -5.62 -2.46
C LEU A 684 -0.33 -5.21 -3.00
N MET A 685 -0.50 -3.95 -3.41
CA MET A 685 -1.70 -3.55 -4.13
C MET A 685 -1.76 -4.29 -5.46
N PHE A 686 -0.64 -4.45 -6.12
CA PHE A 686 -0.61 -5.14 -7.41
C PHE A 686 -0.58 -6.65 -7.28
N LEU A 687 -0.09 -7.17 -6.15
CA LEU A 687 0.07 -8.61 -5.99
C LEU A 687 -1.20 -9.27 -5.48
N PHE A 688 -1.91 -8.61 -4.58
CA PHE A 688 -3.08 -9.23 -3.98
C PHE A 688 -4.35 -8.93 -4.75
N SER A 689 -4.29 -8.05 -5.75
CA SER A 689 -5.47 -7.63 -6.48
C SER A 689 -5.52 -8.27 -7.86
N GLY A 690 -6.67 -8.09 -8.50
CA GLY A 690 -6.89 -8.65 -9.82
C GLY A 690 -7.33 -7.57 -10.79
N ARG A 691 -7.07 -7.83 -12.07
CA ARG A 691 -7.33 -6.87 -13.13
C ARG A 691 -8.80 -6.48 -13.27
N GLY A 692 -9.72 -7.41 -12.99
CA GLY A 692 -11.13 -7.15 -13.21
C GLY A 692 -11.69 -6.07 -12.31
N TYR A 693 -11.20 -5.97 -11.08
CA TYR A 693 -11.57 -4.86 -10.22
C TYR A 693 -11.13 -3.54 -10.82
N TRP A 694 -9.90 -3.48 -11.33
CA TRP A 694 -9.31 -2.22 -11.73
C TRP A 694 -9.85 -1.71 -13.04
N GLN A 695 -10.29 -2.60 -13.93
CA GLN A 695 -10.94 -2.14 -15.15
C GLN A 695 -12.31 -1.54 -14.87
N GLU A 696 -13.06 -2.13 -13.94
CA GLU A 696 -14.37 -1.60 -13.59
C GLU A 696 -14.26 -0.28 -12.84
N LEU A 697 -13.22 -0.11 -12.02
CA LEU A 697 -12.96 1.19 -11.40
C LEU A 697 -12.60 2.24 -12.45
N ILE A 698 -11.80 1.85 -13.45
CA ILE A 698 -11.43 2.76 -14.54
C ILE A 698 -12.64 3.20 -15.35
N GLU A 699 -13.66 2.33 -15.46
CA GLU A 699 -14.89 2.66 -16.20
C GLU A 699 -15.60 3.88 -15.64
N SER A 700 -15.72 3.95 -14.31
CA SER A 700 -16.32 5.12 -13.68
C SER A 700 -15.45 6.36 -13.86
N ILE A 701 -14.14 6.20 -13.83
CA ILE A 701 -13.22 7.31 -14.07
C ILE A 701 -13.29 7.75 -15.53
N VAL A 702 -13.45 6.81 -16.45
CA VAL A 702 -13.67 7.14 -17.87
C VAL A 702 -14.97 7.90 -18.04
N TRP A 703 -16.00 7.52 -17.26
CA TRP A 703 -17.30 8.18 -17.34
C TRP A 703 -17.21 9.66 -16.99
N ALA A 704 -16.46 10.00 -15.94
CA ALA A 704 -16.33 11.39 -15.52
C ALA A 704 -15.57 12.21 -16.53
N HIS A 705 -14.70 11.56 -17.30
CA HIS A 705 -14.01 12.20 -18.41
C HIS A 705 -14.92 12.40 -19.59
N ASN A 706 -15.74 11.38 -19.87
CA ASN A 706 -16.76 11.49 -20.90
C ASN A 706 -17.72 12.62 -20.57
N LYS A 707 -18.05 12.79 -19.29
CA LYS A 707 -18.94 13.85 -18.83
C LYS A 707 -18.35 15.23 -19.14
N LEU A 708 -17.03 15.38 -19.01
CA LEU A 708 -16.37 16.63 -19.29
C LEU A 708 -15.79 16.70 -20.69
N ASN A 709 -16.07 15.70 -21.54
CA ASN A 709 -15.55 15.58 -22.90
C ASN A 709 -14.02 15.58 -22.93
N VAL A 710 -13.39 14.90 -21.97
CA VAL A 710 -11.93 14.86 -21.93
C VAL A 710 -11.44 13.41 -21.91
N ALA A 711 -12.22 12.50 -22.45
CA ALA A 711 -11.75 11.12 -22.52
C ALA A 711 -10.60 11.00 -23.54
N PRO A 712 -9.60 10.19 -23.25
CA PRO A 712 -8.49 10.01 -24.19
C PRO A 712 -8.85 9.09 -25.34
N ALA A 713 -8.14 9.26 -26.46
CA ALA A 713 -8.34 8.39 -27.61
C ALA A 713 -7.57 7.08 -27.48
N ILE A 714 -6.51 7.05 -26.65
CA ILE A 714 -5.89 5.80 -26.26
C ILE A 714 -6.63 5.34 -25.01
N GLN A 715 -7.57 4.42 -25.21
CA GLN A 715 -8.52 4.00 -24.17
C GLN A 715 -7.80 3.37 -23.00
N PRO A 716 -7.97 3.91 -21.79
CA PRO A 716 -7.25 3.37 -20.63
C PRO A 716 -7.73 1.98 -20.27
N ARG A 717 -6.76 1.13 -19.96
CA ARG A 717 -7.04 -0.22 -19.54
C ARG A 717 -6.32 -0.46 -18.22
N ALA A 718 -6.88 -1.34 -17.42
CA ALA A 718 -6.11 -1.93 -16.34
C ALA A 718 -4.98 -2.74 -16.95
N LEU A 719 -3.85 -2.77 -16.24
CA LEU A 719 -2.69 -3.56 -16.66
C LEU A 719 -3.08 -5.00 -16.89
N SER A 720 -2.33 -5.70 -17.74
CA SER A 720 -2.63 -7.10 -17.98
C SER A 720 -2.45 -7.92 -16.71
N ILE A 721 -2.95 -9.14 -16.73
CA ILE A 721 -2.80 -10.04 -15.60
C ILE A 721 -1.31 -10.28 -15.33
N THR A 722 -0.54 -10.53 -16.39
CA THR A 722 0.90 -10.70 -16.26
C THR A 722 1.58 -9.43 -15.78
N GLN A 723 1.21 -8.27 -16.32
CA GLN A 723 1.88 -7.02 -15.94
C GLN A 723 1.57 -6.62 -14.50
N GLY A 724 0.37 -6.91 -14.01
CA GLY A 724 0.10 -6.76 -12.58
C GLY A 724 1.01 -7.62 -11.73
N ARG A 725 1.30 -8.84 -12.18
CA ARG A 725 2.26 -9.68 -11.50
C ARG A 725 3.68 -9.14 -11.62
N ALA A 726 4.04 -8.64 -12.80
CA ALA A 726 5.38 -8.10 -13.00
C ALA A 726 5.57 -6.78 -12.25
N VAL A 727 4.55 -5.94 -12.18
CA VAL A 727 4.66 -4.67 -11.46
C VAL A 727 4.71 -4.92 -9.96
N GLY A 728 3.88 -5.86 -9.48
CA GLY A 728 3.90 -6.21 -8.08
C GLY A 728 5.23 -6.78 -7.64
N LEU A 729 5.80 -7.68 -8.44
CA LEU A 729 7.09 -8.28 -8.10
C LEU A 729 8.23 -7.26 -8.14
N ALA A 730 8.23 -6.36 -9.14
CA ALA A 730 9.27 -5.35 -9.27
C ALA A 730 9.29 -4.39 -8.08
N HIS A 731 8.13 -3.93 -7.64
CA HIS A 731 8.10 -3.02 -6.51
C HIS A 731 8.36 -3.74 -5.19
N TYR A 732 7.99 -5.04 -5.12
CA TYR A 732 8.34 -5.87 -3.96
C TYR A 732 9.84 -6.02 -3.83
N LEU A 733 10.52 -6.19 -4.95
CA LEU A 733 11.95 -6.41 -4.93
C LEU A 733 12.64 -5.07 -4.67
N LEU A 734 12.16 -4.02 -5.30
CA LEU A 734 12.72 -2.69 -5.09
C LEU A 734 12.53 -2.26 -3.63
N GLY A 735 11.38 -2.57 -3.06
CA GLY A 735 11.09 -2.19 -1.71
C GLY A 735 11.81 -3.05 -0.70
N GLY A 736 11.71 -4.37 -0.87
CA GLY A 736 12.38 -5.30 0.02
C GLY A 736 13.89 -5.12 0.06
N ILE A 737 14.53 -5.07 -1.11
CA ILE A 737 15.98 -4.94 -1.17
C ILE A 737 16.40 -3.54 -0.75
N GLY A 738 15.64 -2.51 -1.14
CA GLY A 738 15.97 -1.15 -0.78
C GLY A 738 15.91 -0.88 0.71
N THR A 739 15.01 -1.57 1.41
CA THR A 739 14.95 -1.47 2.86
C THR A 739 16.22 -2.04 3.49
N THR A 740 16.66 -3.21 3.02
CA THR A 740 17.85 -3.84 3.57
C THR A 740 19.10 -3.04 3.22
N TRP A 741 19.13 -2.45 2.03
CA TRP A 741 20.26 -1.63 1.58
C TRP A 741 20.51 -0.45 2.51
N ALA A 742 19.44 0.27 2.86
CA ALA A 742 19.53 1.39 3.78
C ALA A 742 19.89 0.92 5.18
N PHE A 743 19.24 -0.17 5.63
CA PHE A 743 19.49 -0.73 6.94
C PHE A 743 20.92 -1.21 7.06
N PHE A 744 21.42 -1.89 6.03
CA PHE A 744 22.80 -2.36 6.05
C PHE A 744 23.79 -1.22 6.02
N LEU A 745 23.54 -0.21 5.19
CA LEU A 745 24.53 0.83 4.99
C LEU A 745 24.58 1.83 6.12
N ALA A 746 23.44 2.29 6.63
CA ALA A 746 23.47 3.18 7.79
C ALA A 746 24.01 2.48 9.03
N ARG A 747 23.71 1.19 9.20
CA ARG A 747 24.19 0.46 10.36
C ARG A 747 25.71 0.32 10.34
N ILE A 748 26.27 -0.11 9.21
CA ILE A 748 27.69 -0.45 9.20
C ILE A 748 28.57 0.78 9.02
N ILE A 749 28.05 1.88 8.48
CA ILE A 749 28.83 3.12 8.43
C ILE A 749 28.97 3.70 9.82
N SER A 750 27.91 3.63 10.62
CA SER A 750 27.92 4.16 11.97
C SER A 750 28.85 3.36 12.89
N VAL A 751 28.77 2.04 12.85
CA VAL A 751 29.46 1.22 13.83
C VAL A 751 30.71 0.54 13.29
N GLY A 752 30.88 0.46 11.98
CA GLY A 752 32.02 -0.24 11.42
C GLY A 752 32.81 0.61 10.45
N THR B 3 -19.71 -38.47 0.33
CA THR B 3 -20.67 -38.34 -0.76
C THR B 3 -21.99 -37.80 -0.19
N LYS B 4 -22.02 -37.55 1.11
CA LYS B 4 -23.25 -37.00 1.67
C LYS B 4 -23.05 -35.87 2.68
N PHE B 5 -21.81 -35.40 2.92
CA PHE B 5 -21.63 -34.28 3.86
C PHE B 5 -22.40 -33.02 3.47
N PRO B 6 -22.20 -32.40 2.26
CA PRO B 6 -23.07 -31.26 1.96
C PRO B 6 -24.46 -31.80 1.63
N LYS B 7 -25.22 -32.17 2.66
CA LYS B 7 -26.59 -32.65 2.46
C LYS B 7 -27.49 -31.55 1.96
N PHE B 8 -27.10 -30.30 2.13
CA PHE B 8 -27.84 -29.15 1.62
C PHE B 8 -27.45 -28.80 0.20
N SER B 9 -26.51 -29.53 -0.40
CA SER B 9 -26.03 -29.18 -1.73
C SER B 9 -25.65 -30.45 -2.47
N GLN B 10 -26.46 -30.82 -3.46
CA GLN B 10 -26.16 -31.99 -4.27
C GLN B 10 -25.01 -31.73 -5.24
N ALA B 11 -24.77 -30.47 -5.61
CA ALA B 11 -23.64 -30.17 -6.49
C ALA B 11 -22.31 -30.38 -5.80
N LEU B 12 -22.24 -30.12 -4.49
CA LEU B 12 -20.99 -30.36 -3.75
C LEU B 12 -20.86 -31.81 -3.30
N ALA B 13 -21.98 -32.45 -2.93
CA ALA B 13 -21.94 -33.84 -2.48
C ALA B 13 -21.61 -34.83 -3.60
N GLN B 14 -21.61 -34.39 -4.86
CA GLN B 14 -21.18 -35.21 -5.97
C GLN B 14 -19.82 -34.81 -6.51
N ASP B 15 -19.17 -33.80 -5.93
CA ASP B 15 -17.79 -33.51 -6.28
C ASP B 15 -16.89 -34.62 -5.72
N PRO B 16 -16.01 -35.20 -6.52
CA PRO B 16 -15.15 -36.28 -6.03
C PRO B 16 -13.83 -35.82 -5.42
N ALA B 17 -13.63 -34.52 -5.26
CA ALA B 17 -12.37 -33.96 -4.81
C ALA B 17 -12.44 -33.60 -3.34
N THR B 18 -11.30 -33.12 -2.80
CA THR B 18 -11.28 -32.54 -1.46
C THR B 18 -11.95 -31.18 -1.39
N ARG B 19 -12.29 -30.60 -2.55
CA ARG B 19 -13.03 -29.34 -2.61
C ARG B 19 -14.41 -29.44 -1.97
N ARG B 20 -15.01 -30.64 -1.97
CA ARG B 20 -16.34 -30.83 -1.39
C ARG B 20 -16.35 -30.55 0.10
N ILE B 21 -15.31 -31.01 0.81
CA ILE B 21 -15.22 -30.79 2.26
C ILE B 21 -15.07 -29.30 2.56
N TRP B 22 -14.19 -28.62 1.83
CA TRP B 22 -13.96 -27.19 2.05
C TRP B 22 -15.22 -26.38 1.74
N TYR B 23 -15.83 -26.61 0.59
CA TYR B 23 -16.94 -25.80 0.14
C TYR B 23 -18.21 -26.06 0.92
N GLY B 24 -18.42 -27.31 1.36
CA GLY B 24 -19.55 -27.61 2.20
C GLY B 24 -19.48 -26.91 3.54
N LEU B 25 -18.28 -26.75 4.08
CA LEU B 25 -18.11 -26.05 5.34
C LEU B 25 -18.33 -24.55 5.18
N ALA B 26 -17.86 -23.99 4.07
CA ALA B 26 -17.93 -22.55 3.84
C ALA B 26 -19.30 -22.07 3.39
N THR B 27 -20.18 -22.97 2.97
CA THR B 27 -21.51 -22.60 2.50
C THR B 27 -22.61 -22.99 3.46
N ALA B 28 -22.25 -23.53 4.63
CA ALA B 28 -23.22 -24.14 5.54
C ALA B 28 -24.26 -23.16 6.06
N HIS B 29 -23.89 -21.91 6.27
CA HIS B 29 -24.79 -20.95 6.87
C HIS B 29 -25.53 -20.10 5.85
N ASP B 30 -25.29 -20.33 4.56
CA ASP B 30 -25.98 -19.60 3.49
C ASP B 30 -27.22 -20.40 3.09
N LEU B 31 -28.21 -20.35 3.98
CA LEU B 31 -29.40 -21.19 3.87
C LEU B 31 -30.22 -20.88 2.61
N GLU B 32 -30.14 -19.65 2.11
CA GLU B 32 -30.88 -19.27 0.89
C GLU B 32 -30.45 -20.08 -0.33
N SER B 33 -29.19 -20.52 -0.39
CA SER B 33 -28.64 -21.25 -1.52
C SER B 33 -28.78 -22.77 -1.38
N HIS B 34 -29.27 -23.26 -0.26
CA HIS B 34 -29.38 -24.69 -0.05
C HIS B 34 -30.52 -25.26 -0.87
N ASP B 35 -30.33 -26.51 -1.32
CA ASP B 35 -31.26 -27.15 -2.25
C ASP B 35 -32.64 -27.28 -1.62
N GLY B 36 -33.65 -26.91 -2.40
CA GLY B 36 -35.04 -27.02 -1.97
C GLY B 36 -35.38 -26.14 -0.78
N MET B 37 -34.85 -24.92 -0.74
CA MET B 37 -35.16 -23.99 0.34
C MET B 37 -36.35 -23.13 -0.04
N THR B 38 -37.40 -23.23 0.75
CA THR B 38 -38.55 -22.34 0.66
C THR B 38 -38.32 -21.12 1.52
N GLU B 39 -39.22 -20.15 1.39
CA GLU B 39 -39.11 -18.97 2.23
C GLU B 39 -39.59 -19.22 3.65
N GLU B 40 -40.60 -20.10 3.84
CA GLU B 40 -41.03 -20.52 5.16
C GLU B 40 -39.87 -21.09 5.96
N ASN B 41 -39.16 -22.07 5.39
CA ASN B 41 -38.11 -22.76 6.13
C ASN B 41 -36.90 -21.87 6.34
N LEU B 42 -36.64 -20.93 5.42
CA LEU B 42 -35.50 -20.04 5.59
C LEU B 42 -35.65 -19.17 6.83
N TYR B 43 -36.85 -18.62 7.05
CA TYR B 43 -37.07 -17.75 8.21
C TYR B 43 -37.16 -18.55 9.49
N GLN B 44 -37.59 -19.81 9.42
CA GLN B 44 -37.71 -20.64 10.61
C GLN B 44 -36.37 -21.18 11.08
N LYS B 45 -35.45 -21.48 10.16
CA LYS B 45 -34.12 -21.88 10.57
C LYS B 45 -33.32 -20.71 11.12
N ILE B 46 -33.49 -19.52 10.52
CA ILE B 46 -32.84 -18.32 11.03
C ILE B 46 -33.35 -17.99 12.43
N PHE B 47 -34.65 -18.19 12.66
CA PHE B 47 -35.25 -17.94 13.97
C PHE B 47 -34.63 -18.82 15.05
N ALA B 48 -34.50 -20.12 14.76
CA ALA B 48 -33.92 -21.05 15.72
C ALA B 48 -32.44 -20.82 15.93
N SER B 49 -31.70 -20.55 14.86
CA SER B 49 -30.27 -20.29 15.00
C SER B 49 -29.99 -18.93 15.60
N HIS B 50 -30.98 -18.05 15.72
CA HIS B 50 -30.83 -16.86 16.52
C HIS B 50 -30.97 -17.14 18.00
N PHE B 51 -31.83 -18.10 18.36
CA PHE B 51 -31.88 -18.58 19.73
C PHE B 51 -30.60 -19.29 20.11
N GLY B 52 -30.05 -20.07 19.17
CA GLY B 52 -28.81 -20.76 19.44
C GLY B 52 -27.63 -19.83 19.59
N HIS B 53 -27.60 -18.75 18.80
CA HIS B 53 -26.56 -17.73 18.97
C HIS B 53 -26.69 -17.03 20.32
N LEU B 54 -27.92 -16.74 20.73
CA LEU B 54 -28.18 -16.08 22.01
C LEU B 54 -27.67 -16.89 23.18
N ALA B 55 -27.87 -18.20 23.13
CA ALA B 55 -27.40 -19.09 24.18
C ALA B 55 -25.88 -19.14 24.23
N VAL B 56 -25.21 -19.08 23.07
CA VAL B 56 -23.75 -19.03 23.02
C VAL B 56 -23.23 -17.77 23.71
N ILE B 57 -23.94 -16.64 23.55
CA ILE B 57 -23.55 -15.40 24.21
C ILE B 57 -23.74 -15.51 25.72
N PHE B 58 -24.81 -16.20 26.15
CA PHE B 58 -25.04 -16.40 27.58
C PHE B 58 -24.09 -17.42 28.18
N LEU B 59 -23.66 -18.41 27.39
CA LEU B 59 -22.67 -19.38 27.88
C LEU B 59 -21.29 -18.75 27.96
N TRP B 60 -20.97 -17.87 27.02
CA TRP B 60 -19.72 -17.15 27.05
C TRP B 60 -19.64 -16.23 28.26
N THR B 61 -20.75 -15.59 28.60
CA THR B 61 -20.76 -14.69 29.74
C THR B 61 -20.71 -15.44 31.07
N SER B 62 -21.42 -16.58 31.16
CA SER B 62 -21.41 -17.36 32.39
C SER B 62 -20.03 -17.93 32.66
N GLY B 63 -19.32 -18.35 31.61
CA GLY B 63 -17.96 -18.83 31.77
C GLY B 63 -16.99 -17.77 32.28
N ASN B 64 -17.12 -16.54 31.80
CA ASN B 64 -16.30 -15.46 32.33
C ASN B 64 -16.62 -15.19 33.80
N LEU B 65 -17.89 -15.26 34.17
CA LEU B 65 -18.26 -15.08 35.57
C LEU B 65 -17.81 -16.24 36.42
N PHE B 66 -17.95 -17.46 35.92
CA PHE B 66 -17.60 -18.65 36.69
C PHE B 66 -16.10 -18.71 36.94
N HIS B 67 -15.30 -18.47 35.89
CA HIS B 67 -13.86 -18.62 36.01
C HIS B 67 -13.26 -17.56 36.90
N VAL B 68 -13.89 -16.39 36.98
CA VAL B 68 -13.44 -15.35 37.92
C VAL B 68 -13.88 -15.68 39.34
N ALA B 69 -15.12 -16.16 39.52
CA ALA B 69 -15.57 -16.58 40.85
C ALA B 69 -14.72 -17.73 41.37
N TRP B 70 -14.37 -18.67 40.49
CA TRP B 70 -13.60 -19.84 40.89
C TRP B 70 -12.13 -19.51 41.04
N GLN B 71 -11.51 -18.97 40.01
CA GLN B 71 -10.06 -18.87 39.97
C GLN B 71 -9.56 -17.45 40.15
N GLY B 72 -10.44 -16.46 40.16
CA GLY B 72 -10.02 -15.08 40.24
C GLY B 72 -9.73 -14.58 41.63
N ASN B 73 -9.30 -13.32 41.67
CA ASN B 73 -9.05 -12.61 42.91
C ASN B 73 -10.00 -11.42 43.03
N PHE B 74 -11.28 -11.64 42.71
CA PHE B 74 -12.26 -10.56 42.68
C PHE B 74 -12.42 -9.91 44.04
N GLU B 75 -12.46 -10.72 45.09
CA GLU B 75 -12.67 -10.20 46.44
C GLU B 75 -11.46 -9.38 46.90
N GLN B 76 -10.25 -9.82 46.56
CA GLN B 76 -9.05 -9.05 46.89
C GLN B 76 -8.96 -7.78 46.06
N TRP B 77 -9.30 -7.88 44.78
CA TRP B 77 -9.30 -6.72 43.89
C TRP B 77 -10.29 -5.68 44.38
N VAL B 78 -11.47 -6.10 44.84
CA VAL B 78 -12.51 -5.18 45.31
C VAL B 78 -12.04 -4.34 46.50
N LEU B 79 -11.21 -4.93 47.36
CA LEU B 79 -10.65 -4.21 48.50
C LEU B 79 -9.70 -3.10 48.04
N ASN B 80 -8.87 -3.37 47.04
CA ASN B 80 -7.79 -2.45 46.66
C ASN B 80 -7.64 -2.40 45.14
N PRO B 81 -8.62 -1.79 44.44
CA PRO B 81 -8.72 -1.99 42.98
C PRO B 81 -7.67 -1.31 42.13
N LEU B 82 -6.97 -0.30 42.64
CA LEU B 82 -5.88 0.28 41.86
C LEU B 82 -4.56 -0.45 42.01
N LYS B 83 -4.40 -1.27 43.04
CA LYS B 83 -3.14 -1.97 43.22
C LYS B 83 -3.17 -3.44 42.78
N VAL B 84 -4.31 -4.11 42.91
CA VAL B 84 -4.41 -5.51 42.52
C VAL B 84 -4.68 -5.60 41.03
N LYS B 85 -4.05 -6.57 40.37
CA LYS B 85 -4.27 -6.80 38.95
C LYS B 85 -5.28 -7.92 38.79
N PRO B 86 -6.39 -7.67 38.10
CA PRO B 86 -7.47 -8.66 38.03
C PRO B 86 -7.07 -9.92 37.29
N ILE B 87 -7.60 -11.04 37.76
CA ILE B 87 -7.28 -12.35 37.24
C ILE B 87 -8.42 -12.81 36.31
N ALA B 88 -8.06 -13.32 35.13
CA ALA B 88 -9.08 -13.81 34.20
C ALA B 88 -9.44 -15.27 34.50
N HIS B 89 -8.47 -16.16 34.41
CA HIS B 89 -8.63 -17.58 34.70
C HIS B 89 -7.26 -18.15 34.96
N ALA B 90 -7.23 -19.34 35.51
CA ALA B 90 -5.96 -19.99 35.81
C ALA B 90 -5.43 -20.75 34.61
N ILE B 91 -4.15 -21.08 34.67
CA ILE B 91 -3.43 -21.77 33.61
C ILE B 91 -3.13 -23.18 34.08
N TRP B 92 -3.50 -24.17 33.27
CA TRP B 92 -2.98 -25.52 33.45
C TRP B 92 -2.44 -25.97 32.10
N ASP B 93 -1.13 -25.86 31.93
CA ASP B 93 -0.47 -26.17 30.67
C ASP B 93 0.69 -27.12 30.96
N PRO B 94 0.63 -28.39 30.55
CA PRO B 94 1.72 -29.32 30.86
C PRO B 94 2.97 -29.11 30.01
N HIS B 95 2.99 -28.15 29.10
CA HIS B 95 4.18 -27.81 28.34
C HIS B 95 5.07 -26.80 29.06
N PHE B 96 4.58 -26.22 30.15
CA PHE B 96 5.31 -25.18 30.87
C PHE B 96 6.57 -25.74 31.53
N GLY B 97 7.61 -24.94 31.55
CA GLY B 97 8.69 -25.20 32.48
C GLY B 97 8.38 -24.62 33.83
N GLN B 98 9.23 -24.95 34.78
CA GLN B 98 9.05 -24.37 36.11
C GLN B 98 9.32 -22.86 36.15
N PRO B 99 10.26 -22.27 35.37
CA PRO B 99 10.29 -20.79 35.30
C PRO B 99 9.01 -20.15 34.78
N ALA B 100 8.33 -20.77 33.82
CA ALA B 100 7.09 -20.21 33.31
C ALA B 100 5.99 -20.23 34.37
N VAL B 101 5.93 -21.32 35.14
CA VAL B 101 4.93 -21.44 36.20
C VAL B 101 5.11 -20.35 37.24
N LYS B 102 6.36 -20.07 37.61
CA LYS B 102 6.65 -18.99 38.53
C LYS B 102 6.35 -17.62 37.92
N ALA B 103 6.67 -17.42 36.64
CA ALA B 103 6.49 -16.11 36.02
C ALA B 103 5.02 -15.72 35.87
N PHE B 104 4.11 -16.69 35.82
CA PHE B 104 2.69 -16.41 35.66
C PHE B 104 1.91 -16.49 36.97
N THR B 105 2.60 -16.59 38.11
CA THR B 105 1.98 -16.77 39.43
C THR B 105 1.76 -15.42 40.12
N LYS B 106 1.41 -14.42 39.35
CA LYS B 106 1.09 -13.11 39.85
C LYS B 106 -0.38 -13.07 40.27
N GLY B 107 -0.87 -11.88 40.62
CA GLY B 107 -2.25 -11.71 41.04
C GLY B 107 -2.53 -12.01 42.50
N GLY B 108 -1.52 -12.30 43.30
CA GLY B 108 -1.73 -12.65 44.69
C GLY B 108 -2.16 -14.07 44.96
N VAL B 109 -1.96 -14.96 43.99
CA VAL B 109 -2.44 -16.37 44.15
C VAL B 109 -1.26 -17.33 44.13
N SER B 110 -1.51 -18.63 44.33
CA SER B 110 -0.42 -19.64 44.40
C SER B 110 -0.33 -20.44 43.10
N TYR B 111 -1.03 -20.03 42.05
CA TYR B 111 -1.07 -20.85 40.82
C TYR B 111 -0.86 -19.96 39.58
N PRO B 112 -0.37 -20.51 38.45
CA PRO B 112 -0.24 -19.72 37.23
C PRO B 112 -1.62 -19.19 36.81
N VAL B 113 -1.68 -17.90 36.46
CA VAL B 113 -2.98 -17.27 36.08
C VAL B 113 -2.75 -16.29 34.93
N ASN B 114 -3.81 -15.98 34.19
CA ASN B 114 -3.71 -14.93 33.13
C ASN B 114 -4.35 -13.67 33.70
N ILE B 115 -3.64 -12.54 33.67
CA ILE B 115 -4.22 -11.25 34.13
C ILE B 115 -5.29 -10.80 33.11
N ALA B 116 -6.42 -10.26 33.58
CA ALA B 116 -7.55 -9.92 32.69
C ALA B 116 -7.39 -8.54 32.07
N THR B 117 -7.61 -8.42 30.76
CA THR B 117 -7.61 -7.12 30.10
C THR B 117 -9.01 -6.72 29.65
N SER B 118 -10.04 -7.49 30.01
CA SER B 118 -11.38 -7.27 29.50
C SER B 118 -12.16 -6.22 30.28
N GLY B 119 -11.73 -5.89 31.50
CA GLY B 119 -12.46 -4.91 32.28
C GLY B 119 -13.67 -5.41 33.01
N VAL B 120 -13.92 -6.73 32.99
CA VAL B 120 -15.11 -7.30 33.62
C VAL B 120 -15.11 -7.10 35.13
N TYR B 121 -13.92 -7.02 35.76
CA TYR B 121 -13.85 -6.70 37.18
C TYR B 121 -14.41 -5.32 37.47
N HIS B 122 -14.08 -4.34 36.64
CA HIS B 122 -14.53 -2.98 36.86
C HIS B 122 -16.01 -2.84 36.54
N TRP B 123 -16.50 -3.59 35.57
CA TRP B 123 -17.93 -3.56 35.23
C TRP B 123 -18.76 -4.23 36.32
N TRP B 124 -18.34 -5.41 36.80
CA TRP B 124 -19.10 -6.11 37.83
C TRP B 124 -19.04 -5.40 39.18
N TYR B 125 -17.91 -4.76 39.50
CA TYR B 125 -17.83 -3.97 40.71
C TYR B 125 -18.78 -2.78 40.67
N THR B 126 -18.80 -2.06 39.55
CA THR B 126 -19.61 -0.85 39.40
C THR B 126 -21.10 -1.15 39.46
N ILE B 127 -21.53 -2.31 38.94
CA ILE B 127 -22.96 -2.60 38.91
C ILE B 127 -23.42 -3.31 40.17
N GLY B 128 -22.53 -3.54 41.12
CA GLY B 128 -22.94 -4.08 42.39
C GLY B 128 -22.20 -5.29 42.93
N MET B 129 -21.65 -6.15 42.07
CA MET B 129 -21.06 -7.41 42.54
C MET B 129 -19.92 -7.16 43.53
N ARG B 130 -19.92 -7.90 44.64
CA ARG B 130 -18.97 -7.62 45.71
C ARG B 130 -18.22 -8.87 46.15
N SER B 131 -18.84 -10.03 46.03
CA SER B 131 -18.27 -11.27 46.48
C SER B 131 -18.13 -12.23 45.30
N ASN B 132 -17.48 -13.36 45.55
CA ASN B 132 -17.46 -14.42 44.57
C ASN B 132 -18.80 -15.13 44.48
N THR B 133 -19.61 -15.10 45.54
CA THR B 133 -20.83 -15.88 45.55
C THR B 133 -21.93 -15.25 44.72
N ASP B 134 -21.92 -13.93 44.51
CA ASP B 134 -22.90 -13.39 43.56
C ASP B 134 -22.36 -13.35 42.14
N LEU B 135 -21.05 -13.52 41.98
CA LEU B 135 -20.50 -13.70 40.65
C LEU B 135 -20.91 -15.06 40.12
N TYR B 136 -20.91 -16.06 41.01
CA TYR B 136 -21.27 -17.42 40.67
C TYR B 136 -22.78 -17.54 40.50
N ALA B 137 -23.54 -16.80 41.32
CA ALA B 137 -25.00 -16.76 41.18
C ALA B 137 -25.39 -16.22 39.82
N GLY B 138 -24.66 -15.21 39.34
CA GLY B 138 -24.89 -14.70 38.01
C GLY B 138 -24.53 -15.70 36.93
N SER B 139 -23.45 -16.47 37.14
CA SER B 139 -23.06 -17.52 36.20
C SER B 139 -24.15 -18.58 36.09
N LEU B 140 -24.76 -18.93 37.23
CA LEU B 140 -25.82 -19.94 37.27
C LEU B 140 -27.06 -19.45 36.53
N PHE B 141 -27.35 -18.16 36.63
CA PHE B 141 -28.51 -17.60 35.96
C PHE B 141 -28.33 -17.63 34.46
N LEU B 142 -27.13 -17.29 33.99
CA LEU B 142 -26.83 -17.34 32.56
C LEU B 142 -26.80 -18.76 32.03
N LEU B 143 -26.37 -19.73 32.85
CA LEU B 143 -26.45 -21.13 32.45
C LEU B 143 -27.89 -21.56 32.27
N PHE B 144 -28.76 -21.10 33.15
CA PHE B 144 -30.20 -21.32 33.02
C PHE B 144 -30.76 -20.61 31.78
N LEU B 145 -30.37 -19.35 31.57
CA LEU B 145 -30.88 -18.58 30.44
C LEU B 145 -30.45 -19.16 29.11
N ALA B 146 -29.20 -19.63 29.02
CA ALA B 146 -28.73 -20.29 27.81
C ALA B 146 -29.57 -21.51 27.49
N GLY B 147 -29.91 -22.31 28.51
CA GLY B 147 -30.77 -23.45 28.31
C GLY B 147 -32.18 -23.08 27.90
N VAL B 148 -32.74 -22.04 28.53
CA VAL B 148 -34.08 -21.55 28.19
C VAL B 148 -34.13 -21.11 26.74
N PHE B 149 -33.08 -20.45 26.26
CA PHE B 149 -33.03 -20.06 24.86
C PHE B 149 -32.62 -21.20 23.94
N LEU B 150 -31.90 -22.22 24.44
CA LEU B 150 -31.70 -23.42 23.65
C LEU B 150 -32.99 -24.17 23.46
N PHE B 151 -33.80 -24.26 24.51
CA PHE B 151 -35.09 -24.94 24.42
C PHE B 151 -36.07 -24.17 23.54
N ALA B 152 -36.04 -22.84 23.63
CA ALA B 152 -36.90 -21.99 22.81
C ALA B 152 -36.57 -22.14 21.34
N GLY B 153 -35.29 -22.25 21.00
CA GLY B 153 -34.89 -22.52 19.64
C GLY B 153 -35.39 -23.84 19.11
N TRP B 154 -35.31 -24.87 19.94
CA TRP B 154 -35.83 -26.17 19.54
C TRP B 154 -37.35 -26.15 19.45
N LEU B 155 -38.00 -25.44 20.40
CA LEU B 155 -39.45 -25.41 20.46
C LEU B 155 -40.06 -24.74 19.25
N HIS B 156 -39.49 -23.63 18.80
CA HIS B 156 -40.05 -22.93 17.66
C HIS B 156 -39.68 -23.57 16.32
N LEU B 157 -38.99 -24.70 16.34
CA LEU B 157 -38.85 -25.58 15.18
C LEU B 157 -39.85 -26.72 15.18
N GLN B 158 -40.69 -26.81 16.19
CA GLN B 158 -41.68 -27.87 16.26
C GLN B 158 -42.86 -27.49 15.39
N PRO B 159 -43.58 -28.49 14.83
CA PRO B 159 -44.61 -28.19 13.81
C PRO B 159 -45.69 -27.21 14.23
N LYS B 160 -46.12 -27.24 15.48
CA LYS B 160 -47.14 -26.30 15.92
C LYS B 160 -46.58 -24.94 16.30
N PHE B 161 -45.29 -24.87 16.65
CA PHE B 161 -44.68 -23.64 17.12
C PHE B 161 -43.81 -22.96 16.08
N ARG B 162 -43.87 -23.41 14.83
CA ARG B 162 -43.11 -22.78 13.77
C ARG B 162 -43.87 -21.57 13.24
N PRO B 163 -43.36 -20.36 13.40
CA PRO B 163 -44.11 -19.17 12.97
C PRO B 163 -44.27 -19.08 11.46
N GLY B 164 -45.39 -18.48 11.05
CA GLY B 164 -45.62 -18.25 9.64
C GLY B 164 -44.89 -17.02 9.14
N LEU B 165 -44.77 -16.94 7.81
CA LEU B 165 -44.09 -15.80 7.19
C LEU B 165 -44.81 -14.49 7.47
N SER B 166 -46.13 -14.55 7.66
CA SER B 166 -46.90 -13.37 8.04
C SER B 166 -46.48 -12.83 9.41
N TRP B 167 -46.05 -13.73 10.31
CA TRP B 167 -45.52 -13.30 11.59
C TRP B 167 -44.14 -12.68 11.44
N PHE B 168 -43.27 -13.32 10.64
CA PHE B 168 -41.89 -12.88 10.48
C PHE B 168 -41.78 -11.53 9.79
N LYS B 169 -42.83 -11.11 9.09
CA LYS B 169 -42.82 -9.87 8.32
C LYS B 169 -43.79 -8.84 8.88
N ASN B 170 -44.25 -9.03 10.12
CA ASN B 170 -45.03 -8.01 10.82
C ASN B 170 -44.04 -6.95 11.30
N ASN B 171 -43.81 -5.95 10.47
CA ASN B 171 -42.80 -4.93 10.76
C ASN B 171 -43.24 -4.02 11.90
N GLU B 172 -44.54 -3.71 11.98
CA GLU B 172 -45.01 -2.74 12.95
C GLU B 172 -45.11 -3.32 14.36
N SER B 173 -45.47 -4.60 14.48
CA SER B 173 -45.56 -5.20 15.81
C SER B 173 -44.18 -5.48 16.39
N ARG B 174 -43.23 -5.90 15.55
CA ARG B 174 -41.87 -6.15 16.01
C ARG B 174 -41.18 -4.85 16.40
N LEU B 175 -41.38 -3.78 15.64
CA LEU B 175 -40.79 -2.50 15.98
C LEU B 175 -41.38 -1.92 17.25
N ASN B 176 -42.69 -2.07 17.45
CA ASN B 176 -43.32 -1.60 18.68
C ASN B 176 -42.75 -2.30 19.90
N HIS B 177 -42.55 -3.61 19.82
CA HIS B 177 -42.05 -4.35 20.96
C HIS B 177 -40.56 -4.17 21.16
N HIS B 178 -39.79 -4.04 20.09
CA HIS B 178 -38.36 -3.91 20.29
C HIS B 178 -37.98 -2.52 20.75
N LEU B 179 -38.75 -1.50 20.40
CA LEU B 179 -38.46 -0.16 20.91
C LEU B 179 -38.94 0.00 22.34
N SER B 180 -40.16 -0.42 22.64
CA SER B 180 -40.71 -0.16 23.96
C SER B 180 -40.37 -1.24 24.97
N GLY B 181 -40.18 -2.48 24.54
CA GLY B 181 -39.81 -3.52 25.47
C GLY B 181 -38.34 -3.90 25.49
N LEU B 182 -37.76 -4.17 24.33
CA LEU B 182 -36.41 -4.68 24.29
C LEU B 182 -35.39 -3.57 24.53
N PHE B 183 -35.62 -2.40 23.95
CA PHE B 183 -34.77 -1.25 24.20
C PHE B 183 -35.24 -0.49 25.43
N GLY B 184 -36.51 -0.10 25.45
CA GLY B 184 -37.01 0.87 26.40
C GLY B 184 -37.27 0.38 27.79
N PHE B 185 -38.00 -0.73 27.89
CA PHE B 185 -38.33 -1.25 29.21
C PHE B 185 -37.10 -1.82 29.90
N SER B 186 -36.20 -2.44 29.16
CA SER B 186 -34.99 -2.97 29.80
C SER B 186 -34.00 -1.86 30.15
N SER B 187 -34.02 -0.74 29.44
CA SER B 187 -33.32 0.45 29.91
C SER B 187 -33.94 0.98 31.19
N LEU B 188 -35.27 0.92 31.30
CA LEU B 188 -35.96 1.26 32.53
C LEU B 188 -35.65 0.25 33.63
N ALA B 189 -35.63 -1.03 33.29
CA ALA B 189 -35.28 -2.05 34.27
C ALA B 189 -33.82 -1.94 34.70
N TRP B 190 -32.94 -1.51 33.80
CA TRP B 190 -31.55 -1.31 34.22
C TRP B 190 -31.42 -0.08 35.12
N SER B 191 -32.24 0.94 34.88
CA SER B 191 -32.33 2.07 35.81
C SER B 191 -32.77 1.60 37.19
N ALA B 192 -33.70 0.65 37.25
CA ALA B 192 -34.13 0.07 38.51
C ALA B 192 -33.02 -0.67 39.22
N HIS B 193 -32.20 -1.42 38.47
CA HIS B 193 -31.10 -2.16 39.09
C HIS B 193 -30.11 -1.22 39.74
N LEU B 194 -29.75 -0.14 39.06
CA LEU B 194 -28.79 0.82 39.59
C LEU B 194 -29.35 1.50 40.83
N ILE B 195 -30.60 1.94 40.78
CA ILE B 195 -31.23 2.63 41.90
C ILE B 195 -31.39 1.71 43.10
N HIS B 196 -31.71 0.44 42.85
CA HIS B 196 -32.02 -0.48 43.93
C HIS B 196 -30.80 -1.25 44.41
N VAL B 197 -29.79 -1.48 43.55
CA VAL B 197 -28.66 -2.34 43.92
C VAL B 197 -27.32 -1.61 43.78
N ALA B 198 -26.99 -1.17 42.57
CA ALA B 198 -25.65 -0.65 42.26
C ALA B 198 -25.32 0.60 43.06
N ILE B 199 -26.22 1.58 43.08
CA ILE B 199 -26.02 2.82 43.82
C ILE B 199 -26.00 2.53 45.33
N PRO B 200 -26.94 1.75 45.94
CA PRO B 200 -26.77 1.43 47.37
C PRO B 200 -25.48 0.74 47.74
N GLU B 201 -24.99 -0.17 46.90
CA GLU B 201 -23.75 -0.88 47.20
C GLU B 201 -22.52 -0.05 46.89
N ALA B 202 -22.63 0.95 46.01
CA ALA B 202 -21.60 1.96 45.92
C ALA B 202 -21.52 2.82 47.18
N ARG B 203 -22.54 2.78 48.04
CA ARG B 203 -22.61 3.55 49.27
C ARG B 203 -22.54 2.66 50.51
N GLY B 204 -22.01 1.45 50.38
CA GLY B 204 -21.76 0.59 51.52
C GLY B 204 -22.89 -0.34 51.90
N GLN B 205 -24.11 -0.07 51.44
CA GLN B 205 -25.28 -0.83 51.85
C GLN B 205 -25.50 -1.98 50.88
N HIS B 206 -25.42 -3.21 51.37
CA HIS B 206 -25.72 -4.38 50.57
C HIS B 206 -27.21 -4.48 50.27
N VAL B 207 -27.56 -4.66 49.00
CA VAL B 207 -28.94 -4.92 48.61
C VAL B 207 -28.95 -6.10 47.64
N CYS B 208 -29.61 -7.18 48.05
CA CYS B 208 -29.72 -8.40 47.26
C CYS B 208 -31.16 -8.85 47.31
N TRP B 209 -31.41 -10.01 46.70
CA TRP B 209 -32.75 -10.61 46.67
C TRP B 209 -33.26 -10.83 48.08
N ASP B 210 -32.35 -11.10 49.02
CA ASP B 210 -32.72 -11.32 50.41
C ASP B 210 -33.33 -10.07 51.06
N ASN B 211 -32.81 -8.89 50.78
CA ASN B 211 -33.32 -7.71 51.48
C ASN B 211 -33.93 -6.63 50.59
N PHE B 212 -34.02 -6.82 49.26
CA PHE B 212 -34.44 -5.74 48.36
C PHE B 212 -35.87 -5.28 48.60
N THR B 213 -36.78 -6.18 48.96
CA THR B 213 -38.17 -5.75 49.14
C THR B 213 -38.39 -5.00 50.46
N LYS B 214 -37.39 -4.93 51.33
CA LYS B 214 -37.49 -4.24 52.63
C LYS B 214 -36.41 -3.17 52.79
N VAL B 215 -35.76 -2.76 51.71
CA VAL B 215 -34.73 -1.72 51.73
C VAL B 215 -35.10 -0.69 50.68
N ALA B 216 -35.40 0.51 51.12
CA ALA B 216 -35.86 1.56 50.22
C ALA B 216 -34.66 2.20 49.52
N PRO B 217 -34.73 2.37 48.20
CA PRO B 217 -33.64 3.08 47.50
C PRO B 217 -33.46 4.51 47.95
N HIS B 218 -34.54 5.16 48.32
CA HIS B 218 -34.51 6.54 48.79
C HIS B 218 -35.20 6.58 50.14
N PRO B 219 -34.74 7.45 51.05
CA PRO B 219 -35.42 7.58 52.36
C PRO B 219 -36.88 8.00 52.26
N ALA B 220 -37.19 8.97 51.39
CA ALA B 220 -38.56 9.40 51.18
C ALA B 220 -39.35 8.24 50.59
N GLY B 221 -39.02 7.83 49.37
CA GLY B 221 -39.28 6.49 48.89
C GLY B 221 -40.58 6.41 48.13
N LEU B 222 -40.55 6.58 46.81
CA LEU B 222 -41.65 6.38 45.86
C LEU B 222 -42.88 7.25 46.15
N GLN B 223 -42.82 8.11 47.17
CA GLN B 223 -43.74 9.18 47.52
C GLN B 223 -43.43 10.46 46.73
N PRO B 224 -42.17 10.95 46.62
CA PRO B 224 -41.93 12.08 45.70
C PRO B 224 -42.30 11.78 44.26
N PHE B 225 -42.14 10.53 43.81
CA PHE B 225 -42.46 10.18 42.45
C PHE B 225 -43.95 10.34 42.17
N PHE B 226 -44.79 9.90 43.11
CA PHE B 226 -46.23 9.99 43.00
C PHE B 226 -46.78 11.33 43.48
N THR B 227 -45.95 12.35 43.52
CA THR B 227 -46.36 13.69 43.91
C THR B 227 -45.89 14.72 42.87
N GLY B 228 -44.99 14.33 41.98
CA GLY B 228 -44.39 15.30 41.08
C GLY B 228 -43.24 16.04 41.69
N ASN B 229 -42.88 15.74 42.95
CA ASN B 229 -41.72 16.30 43.60
C ASN B 229 -40.48 15.49 43.21
N TRP B 230 -40.26 15.36 41.89
CA TRP B 230 -39.23 14.47 41.36
C TRP B 230 -37.84 14.95 41.71
N GLY B 231 -37.64 16.26 41.77
CA GLY B 231 -36.37 16.86 42.16
C GLY B 231 -35.94 16.57 43.59
N ALA B 232 -36.84 16.05 44.43
CA ALA B 232 -36.45 15.56 45.75
C ALA B 232 -35.58 14.30 45.67
N TYR B 233 -35.47 13.67 44.51
CA TYR B 233 -34.63 12.51 44.28
C TYR B 233 -33.22 12.88 43.84
N ALA B 234 -32.98 14.14 43.50
CA ALA B 234 -31.65 14.63 43.17
C ALA B 234 -30.95 15.26 44.37
N ALA B 235 -31.65 15.37 45.49
CA ALA B 235 -31.13 16.08 46.66
C ALA B 235 -30.09 15.23 47.36
N SER B 236 -29.07 15.92 47.88
CA SER B 236 -27.90 15.36 48.55
C SER B 236 -27.22 14.32 47.65
N PRO B 237 -26.58 14.72 46.55
CA PRO B 237 -25.81 13.77 45.75
C PRO B 237 -24.56 13.34 46.51
N ASP B 238 -23.87 12.35 45.96
CA ASP B 238 -22.63 11.88 46.56
C ASP B 238 -21.61 13.02 46.62
N THR B 239 -20.98 13.15 47.77
CA THR B 239 -20.00 14.20 47.97
C THR B 239 -18.75 13.87 47.17
N THR B 240 -17.91 14.87 46.95
CA THR B 240 -16.62 14.65 46.32
C THR B 240 -15.64 13.93 47.23
N ASN B 241 -15.97 13.75 48.51
CA ASN B 241 -15.18 12.97 49.45
C ASN B 241 -15.61 11.53 49.52
N HIS B 242 -16.57 11.11 48.69
CA HIS B 242 -17.10 9.76 48.76
C HIS B 242 -16.04 8.73 48.38
N ILE B 243 -15.94 7.69 49.18
CA ILE B 243 -15.09 6.53 48.88
C ILE B 243 -16.02 5.45 48.38
N PHE B 244 -15.96 5.19 47.06
CA PHE B 244 -16.84 4.24 46.39
C PHE B 244 -16.78 2.87 47.04
N GLY B 245 -17.96 2.30 47.26
CA GLY B 245 -18.11 1.05 47.96
C GLY B 245 -18.34 1.19 49.43
N THR B 246 -18.22 2.39 50.00
CA THR B 246 -18.33 2.60 51.44
C THR B 246 -19.34 3.70 51.72
N SER B 247 -19.66 3.87 53.00
CA SER B 247 -20.66 4.84 53.42
C SER B 247 -20.10 6.25 53.60
N GLU B 248 -18.79 6.43 53.59
CA GLU B 248 -18.20 7.73 53.88
C GLU B 248 -18.27 8.65 52.67
N GLY B 249 -18.83 9.84 52.87
CA GLY B 249 -19.02 10.78 51.80
C GLY B 249 -20.22 10.51 50.93
N ALA B 250 -21.05 9.54 51.29
CA ALA B 250 -22.14 9.11 50.44
C ALA B 250 -23.36 10.01 50.62
N GLY B 251 -24.10 10.20 49.53
CA GLY B 251 -25.35 10.92 49.55
C GLY B 251 -26.54 9.98 49.61
N THR B 252 -27.71 10.55 49.37
CA THR B 252 -28.95 9.78 49.32
C THR B 252 -29.67 9.88 47.99
N ALA B 253 -29.18 10.72 47.07
CA ALA B 253 -29.83 10.94 45.78
C ALA B 253 -29.80 9.68 44.93
N ILE B 254 -30.79 9.54 44.06
CA ILE B 254 -30.80 8.39 43.15
C ILE B 254 -30.92 8.84 41.71
N LEU B 255 -31.22 10.12 41.47
CA LEU B 255 -31.45 10.59 40.10
C LEU B 255 -30.88 12.00 39.96
N THR B 256 -29.66 12.11 39.43
CA THR B 256 -29.00 13.40 39.33
C THR B 256 -28.49 13.63 37.93
N PHE B 257 -28.22 14.90 37.62
CA PHE B 257 -27.59 15.31 36.38
C PHE B 257 -26.40 16.21 36.72
N LEU B 258 -25.44 15.65 37.44
CA LEU B 258 -24.31 16.43 37.92
C LEU B 258 -23.32 16.74 36.81
N GLY B 259 -23.06 15.78 35.95
CA GLY B 259 -22.06 15.96 34.92
C GLY B 259 -20.66 15.73 35.46
N GLY B 260 -19.75 15.29 34.61
CA GLY B 260 -18.40 15.06 35.07
C GLY B 260 -18.22 13.69 35.68
N PHE B 261 -17.13 13.57 36.42
CA PHE B 261 -16.70 12.29 36.94
C PHE B 261 -16.74 12.31 38.46
N HIS B 262 -17.04 11.15 39.02
CA HIS B 262 -16.78 10.90 40.43
C HIS B 262 -15.28 11.14 40.67
N PRO B 263 -14.91 12.00 41.63
CA PRO B 263 -13.51 12.45 41.72
C PRO B 263 -12.52 11.36 42.08
N GLN B 264 -12.93 10.29 42.76
CA GLN B 264 -12.03 9.23 43.16
CA GLN B 264 -12.01 9.24 43.14
C GLN B 264 -12.02 8.07 42.18
N THR B 265 -13.18 7.67 41.65
CA THR B 265 -13.21 6.60 40.67
C THR B 265 -12.87 7.07 39.28
N GLN B 266 -12.91 8.39 39.04
CA GLN B 266 -12.69 9.03 37.73
C GLN B 266 -13.68 8.54 36.68
N ALA B 267 -14.86 8.12 37.13
CA ALA B 267 -15.90 7.56 36.30
C ALA B 267 -17.15 8.37 36.50
N LEU B 268 -18.10 8.19 35.57
CA LEU B 268 -19.38 8.89 35.63
C LEU B 268 -20.09 8.54 36.93
N TRP B 269 -20.87 9.49 37.43
CA TRP B 269 -21.66 9.24 38.63
C TRP B 269 -22.68 8.16 38.35
N LEU B 270 -22.87 7.28 39.33
CA LEU B 270 -23.89 6.24 39.20
C LEU B 270 -25.30 6.81 39.16
N THR B 271 -25.51 7.97 39.78
CA THR B 271 -26.82 8.61 39.73
C THR B 271 -27.07 9.31 38.40
N ASP B 272 -26.01 9.76 37.70
CA ASP B 272 -26.17 10.24 36.33
C ASP B 272 -26.56 9.10 35.40
N ILE B 273 -25.97 7.92 35.63
CA ILE B 273 -26.18 6.76 34.76
C ILE B 273 -27.58 6.20 34.96
N ALA B 274 -28.07 6.19 36.20
CA ALA B 274 -29.43 5.72 36.46
C ALA B 274 -30.46 6.67 35.88
N HIS B 275 -30.21 7.97 35.97
CA HIS B 275 -31.12 8.95 35.37
C HIS B 275 -31.02 8.94 33.84
N HIS B 276 -29.85 8.60 33.30
CA HIS B 276 -29.71 8.41 31.87
C HIS B 276 -30.62 7.28 31.38
N HIS B 277 -30.62 6.15 32.08
CA HIS B 277 -31.36 4.99 31.65
C HIS B 277 -32.86 5.12 31.90
N LEU B 278 -33.24 5.85 32.95
CA LEU B 278 -34.64 6.19 33.16
C LEU B 278 -35.17 7.06 32.04
N ALA B 279 -34.40 8.08 31.65
CA ALA B 279 -34.84 9.02 30.63
C ALA B 279 -34.88 8.37 29.26
N ILE B 280 -33.83 7.62 28.92
CA ILE B 280 -33.74 6.92 27.64
C ILE B 280 -34.85 5.88 27.56
N GLY B 281 -35.11 5.20 28.67
CA GLY B 281 -36.16 4.20 28.72
C GLY B 281 -37.54 4.77 28.48
N VAL B 282 -37.85 5.93 29.08
CA VAL B 282 -39.13 6.57 28.85
C VAL B 282 -39.28 6.97 27.40
N VAL B 283 -38.23 7.56 26.82
CA VAL B 283 -38.24 8.04 25.43
C VAL B 283 -38.47 6.88 24.48
N PHE B 284 -37.77 5.76 24.71
CA PHE B 284 -37.91 4.58 23.87
C PHE B 284 -39.29 3.94 23.98
N ILE B 285 -39.88 3.90 25.19
CA ILE B 285 -41.24 3.34 25.35
C ILE B 285 -42.25 4.16 24.56
N PHE B 286 -42.13 5.49 24.60
CA PHE B 286 -42.98 6.35 23.79
C PHE B 286 -42.77 6.06 22.31
N ALA B 287 -41.52 5.84 21.90
CA ALA B 287 -41.20 5.52 20.52
C ALA B 287 -41.87 4.22 20.08
N GLY B 288 -41.94 3.24 20.98
CA GLY B 288 -42.55 1.96 20.71
C GLY B 288 -44.07 1.96 20.65
N HIS B 289 -44.69 3.14 20.62
CA HIS B 289 -46.12 3.29 20.41
C HIS B 289 -46.41 3.95 19.08
N MET B 290 -45.41 4.04 18.21
CA MET B 290 -45.54 4.75 16.96
C MET B 290 -46.35 3.98 15.93
N TYR B 291 -46.24 2.66 15.91
CA TYR B 291 -46.73 1.89 14.79
C TYR B 291 -48.03 1.17 15.11
N ARG B 292 -48.91 1.12 14.11
CA ARG B 292 -50.23 0.53 14.25
C ARG B 292 -50.14 -0.98 14.27
N THR B 293 -50.69 -1.60 15.31
CA THR B 293 -50.68 -3.05 15.40
C THR B 293 -52.08 -3.64 15.34
N ASN B 294 -52.93 -3.40 16.34
CA ASN B 294 -54.24 -4.02 16.38
C ASN B 294 -55.35 -3.12 16.88
N TRP B 295 -55.07 -1.88 17.27
CA TRP B 295 -56.09 -1.07 17.93
C TRP B 295 -56.31 0.27 17.24
N GLY B 296 -55.85 0.42 16.01
CA GLY B 296 -56.27 1.54 15.18
C GLY B 296 -55.53 2.84 15.37
N ILE B 297 -54.64 2.94 16.34
CA ILE B 297 -53.78 4.09 16.45
C ILE B 297 -52.40 3.69 15.98
N GLY B 298 -51.69 4.64 15.40
CA GLY B 298 -50.33 4.42 15.00
C GLY B 298 -50.15 4.60 13.51
N HIS B 299 -48.95 4.27 13.06
CA HIS B 299 -48.54 4.50 11.69
C HIS B 299 -48.41 3.18 10.95
N SER B 300 -48.77 3.20 9.68
CA SER B 300 -48.36 2.17 8.75
C SER B 300 -47.01 2.59 8.17
N LEU B 301 -46.03 1.69 8.29
CA LEU B 301 -44.70 1.94 7.74
C LEU B 301 -44.74 2.12 6.23
N LYS B 302 -45.59 1.34 5.57
CA LYS B 302 -45.79 1.45 4.12
C LYS B 302 -46.31 2.83 3.73
N GLU B 303 -47.23 3.38 4.53
CA GLU B 303 -47.80 4.70 4.24
C GLU B 303 -46.78 5.81 4.37
N ILE B 304 -45.90 5.74 5.38
CA ILE B 304 -44.91 6.79 5.58
C ILE B 304 -43.90 6.82 4.44
N LEU B 305 -43.42 5.65 4.03
CA LEU B 305 -42.43 5.56 2.96
C LEU B 305 -43.00 6.02 1.63
N ASP B 306 -44.24 5.65 1.33
CA ASP B 306 -44.87 6.06 0.07
C ASP B 306 -45.07 7.56 -0.01
N ALA B 307 -45.34 8.20 1.13
CA ALA B 307 -45.63 9.63 1.13
C ALA B 307 -44.39 10.51 1.11
N HIS B 308 -43.20 9.95 1.27
CA HIS B 308 -42.00 10.78 1.30
C HIS B 308 -41.32 10.77 -0.06
N ARG B 309 -41.97 11.46 -0.97
CA ARG B 309 -41.43 11.83 -2.27
C ARG B 309 -41.45 13.34 -2.32
N PRO B 310 -40.28 14.01 -2.27
CA PRO B 310 -40.26 15.49 -2.38
C PRO B 310 -40.89 15.95 -3.67
N PRO B 311 -41.77 16.97 -3.61
CA PRO B 311 -42.54 17.38 -4.78
C PRO B 311 -41.71 17.98 -5.90
N GLY B 312 -40.51 18.49 -5.60
CA GLY B 312 -39.60 18.96 -6.64
C GLY B 312 -39.13 17.87 -7.58
N GLY B 313 -39.28 16.60 -7.20
CA GLY B 313 -39.00 15.49 -8.07
C GLY B 313 -37.54 15.08 -8.13
N ARG B 314 -36.70 15.64 -7.27
CA ARG B 314 -35.27 15.36 -7.32
C ARG B 314 -34.93 13.94 -6.90
N LEU B 315 -35.80 13.28 -6.15
CA LEU B 315 -35.57 11.89 -5.78
C LEU B 315 -36.39 10.92 -6.62
N GLY B 316 -37.08 11.40 -7.64
CA GLY B 316 -37.82 10.51 -8.52
C GLY B 316 -39.12 10.12 -7.88
N ALA B 317 -39.40 8.82 -7.87
CA ALA B 317 -40.55 8.29 -7.15
C ALA B 317 -40.35 8.21 -5.65
N GLY B 318 -39.16 8.58 -5.15
CA GLY B 318 -38.91 8.61 -3.73
C GLY B 318 -38.73 7.24 -3.12
N HIS B 319 -39.52 6.93 -2.10
CA HIS B 319 -39.44 5.67 -1.38
C HIS B 319 -40.62 4.76 -1.66
N LYS B 320 -41.32 4.97 -2.77
CA LYS B 320 -42.38 4.08 -3.20
C LYS B 320 -41.81 2.70 -3.53
N GLY B 321 -42.28 1.65 -2.89
CA GLY B 321 -41.71 0.36 -3.20
C GLY B 321 -40.47 -0.02 -2.41
N ILE B 322 -39.97 0.88 -1.55
CA ILE B 322 -38.86 0.53 -0.67
C ILE B 322 -39.35 -0.39 0.44
N PHE B 323 -40.59 -0.19 0.90
CA PHE B 323 -41.19 -1.01 1.97
C PHE B 323 -41.16 -2.50 1.65
N GLU B 324 -41.56 -2.84 0.43
CA GLU B 324 -41.56 -4.24 -0.01
C GLU B 324 -40.14 -4.73 -0.26
N THR B 325 -39.27 -3.85 -0.74
CA THR B 325 -37.88 -4.21 -1.02
C THR B 325 -37.12 -4.54 0.25
N LEU B 326 -37.33 -3.76 1.31
CA LEU B 326 -36.65 -4.01 2.57
C LEU B 326 -37.22 -5.22 3.30
N THR B 327 -38.55 -5.35 3.29
CA THR B 327 -39.18 -6.47 3.99
C THR B 327 -38.82 -7.81 3.37
N ASN B 328 -38.72 -7.87 2.04
CA ASN B 328 -38.47 -9.15 1.39
C ASN B 328 -37.00 -9.52 1.34
N SER B 329 -36.10 -8.58 1.57
CA SER B 329 -34.68 -8.86 1.46
C SER B 329 -34.06 -8.89 2.85
N LEU B 330 -33.66 -10.08 3.29
CA LEU B 330 -32.95 -10.20 4.56
C LEU B 330 -31.55 -9.62 4.48
N HIS B 331 -30.93 -9.62 3.29
CA HIS B 331 -29.62 -9.00 3.12
C HIS B 331 -29.69 -7.48 3.24
N PHE B 332 -30.76 -6.86 2.71
CA PHE B 332 -31.00 -5.43 2.92
C PHE B 332 -31.18 -5.15 4.42
N GLN B 333 -31.94 -5.99 5.12
CA GLN B 333 -32.11 -5.84 6.57
C GLN B 333 -30.80 -6.02 7.31
N LEU B 334 -30.02 -7.03 6.91
CA LEU B 334 -28.74 -7.29 7.56
C LEU B 334 -27.77 -6.13 7.37
N GLY B 335 -27.73 -5.57 6.15
CA GLY B 335 -26.86 -4.45 5.86
C GLY B 335 -27.18 -3.22 6.67
N LEU B 336 -28.48 -2.90 6.81
CA LEU B 336 -28.89 -1.78 7.64
C LEU B 336 -28.52 -2.01 9.10
N ALA B 337 -28.75 -3.24 9.58
CA ALA B 337 -28.40 -3.59 10.95
C ALA B 337 -26.89 -3.52 11.21
N LEU B 338 -26.08 -4.05 10.30
CA LEU B 338 -24.63 -4.04 10.48
C LEU B 338 -24.04 -2.64 10.37
N ALA B 339 -24.57 -1.81 9.46
CA ALA B 339 -24.11 -0.42 9.34
C ALA B 339 -24.45 0.35 10.59
N SER B 340 -25.65 0.15 11.10
CA SER B 340 -26.06 0.77 12.33
C SER B 340 -25.28 0.23 13.51
N LEU B 341 -25.11 -1.09 13.59
CA LEU B 341 -24.33 -1.69 14.67
C LEU B 341 -22.88 -1.25 14.59
N GLY B 342 -22.33 -1.17 13.37
CA GLY B 342 -20.95 -0.77 13.17
C GLY B 342 -20.67 0.64 13.67
N VAL B 343 -21.60 1.57 13.44
CA VAL B 343 -21.45 2.92 13.96
C VAL B 343 -21.48 2.93 15.49
N ILE B 344 -22.39 2.17 16.10
CA ILE B 344 -22.52 2.13 17.56
C ILE B 344 -21.32 1.56 18.25
N THR B 345 -20.78 0.46 17.72
CA THR B 345 -19.61 -0.10 18.36
C THR B 345 -18.42 0.86 18.19
N SER B 346 -18.44 1.71 17.17
CA SER B 346 -17.45 2.79 17.11
C SER B 346 -17.76 3.90 18.12
N LEU B 347 -19.05 4.24 18.33
CA LEU B 347 -19.39 5.17 19.42
C LEU B 347 -19.04 4.63 20.77
N VAL B 348 -19.22 3.32 20.96
CA VAL B 348 -18.88 2.68 22.22
C VAL B 348 -17.39 2.85 22.49
N ALA B 349 -16.56 2.57 21.48
CA ALA B 349 -15.11 2.75 21.63
C ALA B 349 -14.74 4.20 21.92
N GLN B 350 -15.38 5.15 21.24
CA GLN B 350 -15.02 6.55 21.46
C GLN B 350 -15.57 7.09 22.77
N HIS B 351 -16.81 6.79 23.11
CA HIS B 351 -17.35 7.37 24.33
C HIS B 351 -16.93 6.63 25.60
N MET B 352 -16.43 5.40 25.50
CA MET B 352 -16.00 4.72 26.72
C MET B 352 -14.58 5.09 27.12
N TYR B 353 -13.76 5.65 26.23
CA TYR B 353 -12.44 6.06 26.69
C TYR B 353 -12.46 7.49 27.19
N ALA B 354 -13.36 8.30 26.65
CA ALA B 354 -13.46 9.70 27.04
C ALA B 354 -14.43 9.90 28.20
N LEU B 355 -15.47 9.08 28.29
CA LEU B 355 -16.44 9.13 29.39
C LEU B 355 -16.59 7.73 29.96
N PRO B 356 -15.66 7.30 30.82
CA PRO B 356 -15.77 5.95 31.39
C PRO B 356 -16.81 5.88 32.50
N SER B 357 -17.53 4.76 32.54
CA SER B 357 -18.61 4.55 33.49
C SER B 357 -18.24 3.62 34.63
N TYR B 358 -17.17 2.86 34.50
CA TYR B 358 -16.81 1.86 35.49
C TYR B 358 -15.78 2.43 36.43
N ALA B 359 -15.89 2.06 37.70
CA ALA B 359 -15.03 2.61 38.72
C ALA B 359 -13.63 2.09 38.54
N PHE B 360 -12.64 2.98 38.62
CA PHE B 360 -11.19 2.74 38.62
C PHE B 360 -10.68 2.23 37.28
N ILE B 361 -11.54 2.02 36.30
CA ILE B 361 -11.09 1.84 34.94
C ILE B 361 -10.74 3.23 34.44
N ALA B 362 -9.85 3.30 33.44
CA ALA B 362 -9.06 4.45 32.92
C ALA B 362 -7.86 4.72 33.81
N LYS B 363 -7.69 4.00 34.92
CA LYS B 363 -6.39 3.79 35.52
C LYS B 363 -5.82 2.44 35.17
N ASP B 364 -6.61 1.60 34.51
CA ASP B 364 -6.14 0.32 33.97
C ASP B 364 -5.83 0.61 32.51
N TYR B 365 -4.59 1.05 32.27
CA TYR B 365 -4.17 1.43 30.93
C TYR B 365 -4.19 0.26 29.95
N VAL B 366 -3.95 -0.95 30.44
CA VAL B 366 -4.03 -2.13 29.58
C VAL B 366 -5.47 -2.43 29.20
N THR B 367 -6.37 -2.38 30.18
CA THR B 367 -7.79 -2.60 29.92
C THR B 367 -8.37 -1.51 29.03
N GLN B 368 -8.03 -0.26 29.31
CA GLN B 368 -8.51 0.86 28.50
C GLN B 368 -8.04 0.75 27.05
N SER B 369 -6.80 0.30 26.85
CA SER B 369 -6.26 0.14 25.51
C SER B 369 -6.86 -1.06 24.79
N ALA B 370 -6.99 -2.20 25.48
CA ALA B 370 -7.53 -3.40 24.86
C ALA B 370 -9.00 -3.22 24.48
N LEU B 371 -9.78 -2.57 25.35
CA LEU B 371 -11.20 -2.34 25.07
C LEU B 371 -11.43 -1.47 23.86
N TYR B 372 -10.63 -0.41 23.71
CA TYR B 372 -10.75 0.47 22.54
C TYR B 372 -10.39 -0.27 21.28
N THR B 373 -9.24 -0.93 21.28
CA THR B 373 -8.77 -1.69 20.14
C THR B 373 -9.75 -2.76 19.75
N HIS B 374 -10.28 -3.50 20.72
CA HIS B 374 -11.25 -4.56 20.48
C HIS B 374 -12.47 -4.04 19.74
N HIS B 375 -13.06 -2.94 20.22
CA HIS B 375 -14.34 -2.51 19.68
C HIS B 375 -14.22 -1.75 18.35
N GLN B 376 -13.09 -1.09 18.10
CA GLN B 376 -12.89 -0.51 16.77
C GLN B 376 -12.68 -1.59 15.73
N TYR B 377 -11.99 -2.68 16.09
CA TYR B 377 -11.85 -3.80 15.17
C TYR B 377 -13.18 -4.49 14.92
N ILE B 378 -14.02 -4.64 15.95
CA ILE B 378 -15.38 -5.15 15.75
C ILE B 378 -16.16 -4.21 14.84
N ALA B 379 -15.98 -2.89 15.02
CA ALA B 379 -16.65 -1.89 14.21
C ALA B 379 -16.29 -1.96 12.75
N GLY B 380 -15.00 -2.14 12.46
CA GLY B 380 -14.56 -2.23 11.09
C GLY B 380 -15.08 -3.47 10.38
N PHE B 381 -15.14 -4.60 11.11
CA PHE B 381 -15.73 -5.81 10.55
C PHE B 381 -17.21 -5.64 10.27
N LEU B 382 -17.94 -5.05 11.21
CA LEU B 382 -19.38 -4.81 11.03
C LEU B 382 -19.65 -3.86 9.87
N MET B 383 -18.76 -2.90 9.65
CA MET B 383 -18.97 -1.93 8.60
C MET B 383 -18.71 -2.54 7.23
N VAL B 384 -17.71 -3.40 7.13
CA VAL B 384 -17.46 -4.13 5.90
C VAL B 384 -18.63 -5.06 5.59
N GLY B 385 -19.14 -5.77 6.59
CA GLY B 385 -20.23 -6.71 6.40
C GLY B 385 -21.52 -6.08 5.91
N ALA B 386 -21.79 -4.85 6.36
CA ALA B 386 -22.96 -4.12 5.90
C ALA B 386 -22.90 -3.82 4.42
N PHE B 387 -21.75 -3.38 3.94
CA PHE B 387 -21.57 -3.12 2.52
C PHE B 387 -21.50 -4.41 1.72
N ALA B 388 -20.94 -5.48 2.29
CA ALA B 388 -20.92 -6.77 1.62
C ALA B 388 -22.34 -7.28 1.43
N HIS B 389 -23.17 -7.16 2.45
CA HIS B 389 -24.54 -7.63 2.37
C HIS B 389 -25.43 -6.67 1.59
N GLY B 390 -25.03 -5.40 1.46
CA GLY B 390 -25.64 -4.54 0.46
C GLY B 390 -25.32 -4.97 -0.96
N ALA B 391 -24.09 -5.45 -1.19
CA ALA B 391 -23.74 -6.04 -2.48
C ALA B 391 -24.51 -7.33 -2.73
N ILE B 392 -24.67 -8.18 -1.70
CA ILE B 392 -25.44 -9.41 -1.82
C ILE B 392 -26.90 -9.10 -2.09
N PHE B 393 -27.42 -8.03 -1.51
CA PHE B 393 -28.79 -7.60 -1.77
C PHE B 393 -29.01 -7.27 -3.25
N PHE B 394 -28.15 -6.42 -3.84
CA PHE B 394 -28.34 -6.01 -5.22
C PHE B 394 -28.24 -7.18 -6.19
N VAL B 395 -27.27 -8.07 -5.99
CA VAL B 395 -27.15 -9.25 -6.85
C VAL B 395 -28.36 -10.17 -6.71
N ARG B 396 -28.77 -10.46 -5.48
CA ARG B 396 -29.68 -11.55 -5.24
C ARG B 396 -31.11 -11.12 -5.00
N ASP B 397 -31.33 -10.05 -4.26
CA ASP B 397 -32.66 -9.72 -3.77
C ASP B 397 -33.27 -8.49 -4.40
N TYR B 398 -32.54 -7.74 -5.21
CA TYR B 398 -33.05 -6.49 -5.76
C TYR B 398 -33.75 -6.75 -7.08
N ASP B 399 -34.99 -6.28 -7.18
CA ASP B 399 -35.77 -6.41 -8.40
C ASP B 399 -35.97 -5.03 -9.00
N PRO B 400 -35.36 -4.73 -10.16
CA PRO B 400 -35.46 -3.37 -10.71
C PRO B 400 -36.86 -2.96 -11.14
N GLU B 401 -37.78 -3.91 -11.36
CA GLU B 401 -39.12 -3.58 -11.81
C GLU B 401 -40.08 -3.26 -10.68
N GLN B 402 -39.85 -3.78 -9.47
CA GLN B 402 -40.58 -3.29 -8.31
C GLN B 402 -39.98 -2.04 -7.71
N ASN B 403 -38.93 -1.48 -8.31
CA ASN B 403 -38.23 -0.34 -7.74
C ASN B 403 -38.07 0.78 -8.77
N LYS B 404 -39.00 0.89 -9.73
CA LYS B 404 -38.95 1.86 -10.81
C LYS B 404 -38.85 3.28 -10.29
N ASN B 405 -37.71 3.92 -10.54
CA ASN B 405 -37.43 5.34 -10.23
C ASN B 405 -37.40 5.63 -8.73
N ASN B 406 -37.08 4.62 -7.93
CA ASN B 406 -36.89 4.81 -6.50
C ASN B 406 -35.62 5.58 -6.19
N VAL B 407 -35.39 5.75 -4.89
CA VAL B 407 -34.07 6.14 -4.43
C VAL B 407 -33.05 5.06 -4.75
N LEU B 408 -33.45 3.78 -4.65
CA LEU B 408 -32.54 2.67 -4.96
C LEU B 408 -32.17 2.60 -6.43
N ALA B 409 -33.16 2.68 -7.32
CA ALA B 409 -32.89 2.63 -8.75
C ALA B 409 -32.12 3.86 -9.21
N ARG B 410 -32.42 5.03 -8.63
CA ARG B 410 -31.71 6.25 -9.01
C ARG B 410 -30.27 6.26 -8.51
N ILE B 411 -29.99 5.52 -7.42
CA ILE B 411 -28.60 5.28 -7.02
C ILE B 411 -27.84 4.57 -8.12
N LEU B 412 -28.42 3.49 -8.65
CA LEU B 412 -27.79 2.72 -9.71
C LEU B 412 -27.72 3.49 -11.02
N ASP B 413 -28.57 4.49 -11.19
CA ASP B 413 -28.56 5.31 -12.39
C ASP B 413 -27.40 6.30 -12.43
N HIS B 414 -26.85 6.68 -11.28
CA HIS B 414 -25.69 7.58 -11.27
C HIS B 414 -24.55 6.97 -10.47
N LYS B 415 -24.37 5.66 -10.61
CA LYS B 415 -23.35 4.95 -9.86
C LYS B 415 -21.94 5.38 -10.26
N GLU B 416 -21.73 5.76 -11.52
CA GLU B 416 -20.45 6.26 -11.96
C GLU B 416 -20.16 7.65 -11.40
N ALA B 417 -21.21 8.45 -11.19
CA ALA B 417 -21.02 9.73 -10.51
C ALA B 417 -20.58 9.52 -9.06
N ILE B 418 -21.18 8.54 -8.38
CA ILE B 418 -20.83 8.24 -7.00
C ILE B 418 -19.42 7.65 -6.93
N ILE B 419 -19.11 6.68 -7.79
CA ILE B 419 -17.85 5.96 -7.70
C ILE B 419 -16.67 6.84 -8.11
N SER B 420 -16.86 7.68 -9.14
CA SER B 420 -15.77 8.56 -9.55
C SER B 420 -15.52 9.67 -8.52
N HIS B 421 -16.56 10.12 -7.81
CA HIS B 421 -16.36 11.14 -6.79
C HIS B 421 -15.76 10.59 -5.49
N LEU B 422 -16.03 9.33 -5.16
CA LEU B 422 -15.20 8.66 -4.16
C LEU B 422 -13.76 8.49 -4.63
N SER B 423 -13.57 8.20 -5.91
CA SER B 423 -12.23 8.06 -6.45
C SER B 423 -11.47 9.37 -6.37
N TRP B 424 -12.13 10.49 -6.65
CA TRP B 424 -11.46 11.78 -6.55
C TRP B 424 -11.11 12.13 -5.11
N VAL B 425 -12.07 11.98 -4.19
CA VAL B 425 -11.87 12.38 -2.79
C VAL B 425 -10.82 11.49 -2.12
N SER B 426 -10.74 10.21 -2.50
CA SER B 426 -9.69 9.34 -1.99
C SER B 426 -8.32 9.79 -2.48
N LEU B 427 -8.21 10.05 -3.78
CA LEU B 427 -6.95 10.53 -4.34
C LEU B 427 -6.60 11.91 -3.82
N PHE B 428 -7.61 12.79 -3.69
CA PHE B 428 -7.40 14.12 -3.13
C PHE B 428 -6.84 14.05 -1.72
N LEU B 429 -7.45 13.25 -0.86
CA LEU B 429 -6.93 13.06 0.49
C LEU B 429 -5.56 12.41 0.46
N GLY B 430 -5.40 11.36 -0.37
CA GLY B 430 -4.17 10.59 -0.36
C GLY B 430 -2.95 11.34 -0.86
N PHE B 431 -3.08 12.11 -1.95
CA PHE B 431 -1.96 12.86 -2.49
C PHE B 431 -1.42 13.84 -1.48
N HIS B 432 -2.30 14.58 -0.82
CA HIS B 432 -1.84 15.65 0.04
C HIS B 432 -1.53 15.18 1.45
N THR B 433 -2.28 14.22 2.01
CA THR B 433 -1.95 13.71 3.34
C THR B 433 -0.60 12.99 3.34
N LEU B 434 -0.37 12.14 2.35
CA LEU B 434 0.93 11.49 2.22
C LEU B 434 1.99 12.53 1.84
N GLY B 435 1.62 13.49 0.99
CA GLY B 435 2.54 14.52 0.55
C GLY B 435 3.07 15.40 1.66
N ILE B 436 2.20 15.82 2.59
CA ILE B 436 2.66 16.62 3.74
C ILE B 436 3.56 15.78 4.64
N TYR B 437 3.18 14.53 4.89
CA TYR B 437 3.98 13.65 5.75
C TYR B 437 5.36 13.40 5.18
N VAL B 438 5.44 13.16 3.86
CA VAL B 438 6.73 12.97 3.20
C VAL B 438 7.53 14.27 3.19
N HIS B 439 6.83 15.40 3.00
CA HIS B 439 7.49 16.72 3.10
C HIS B 439 8.10 16.88 4.47
N ASN B 440 7.34 16.55 5.50
CA ASN B 440 7.79 16.72 6.88
C ASN B 440 8.96 15.79 7.18
N ASP B 441 8.89 14.55 6.70
CA ASP B 441 9.99 13.60 6.90
C ASP B 441 11.28 14.08 6.26
N VAL B 442 11.20 14.52 5.01
CA VAL B 442 12.38 14.96 4.27
C VAL B 442 12.96 16.22 4.91
N VAL B 443 12.08 17.12 5.31
CA VAL B 443 12.51 18.40 5.88
C VAL B 443 13.10 18.18 7.27
N VAL B 444 12.56 17.21 8.04
CA VAL B 444 13.10 16.88 9.36
C VAL B 444 14.39 16.10 9.22
N ALA B 445 14.48 15.22 8.20
CA ALA B 445 15.70 14.46 7.97
C ALA B 445 16.87 15.38 7.63
N PHE B 446 16.62 16.44 6.89
CA PHE B 446 17.67 17.39 6.53
C PHE B 446 17.98 18.38 7.64
N GLY B 447 17.52 18.14 8.87
CA GLY B 447 17.88 18.98 9.98
C GLY B 447 17.09 20.26 10.10
N THR B 448 15.93 20.35 9.47
CA THR B 448 15.16 21.59 9.42
C THR B 448 13.70 21.36 9.81
N PRO B 449 13.42 20.97 11.07
CA PRO B 449 12.03 20.68 11.46
C PRO B 449 11.10 21.89 11.43
N GLU B 450 11.66 23.10 11.40
CA GLU B 450 10.86 24.32 11.32
C GLU B 450 10.31 24.59 9.93
N LYS B 451 10.75 23.85 8.92
CA LYS B 451 10.14 23.95 7.61
C LYS B 451 8.98 22.98 7.41
N GLN B 452 8.60 22.24 8.45
CA GLN B 452 7.46 21.34 8.39
C GLN B 452 6.16 22.10 8.13
N ILE B 453 5.23 21.42 7.49
CA ILE B 453 3.89 21.95 7.28
C ILE B 453 3.04 21.44 8.43
N LEU B 454 2.76 22.33 9.38
CA LEU B 454 2.09 21.97 10.62
C LEU B 454 0.78 22.74 10.66
N VAL B 455 -0.32 22.08 10.35
CA VAL B 455 -1.61 22.74 10.33
C VAL B 455 -2.27 22.56 11.68
N GLU B 456 -2.69 23.66 12.27
CA GLU B 456 -3.43 23.59 13.52
C GLU B 456 -4.86 23.14 13.25
N PRO B 457 -5.35 22.12 13.94
CA PRO B 457 -6.71 21.62 13.72
C PRO B 457 -7.76 22.49 14.40
N VAL B 458 -7.84 23.75 13.95
CA VAL B 458 -8.66 24.77 14.59
C VAL B 458 -10.14 24.43 14.63
N PHE B 459 -10.64 23.70 13.63
CA PHE B 459 -12.07 23.37 13.59
C PHE B 459 -12.45 22.48 14.75
N ALA B 460 -11.61 21.48 15.04
CA ALA B 460 -11.85 20.58 16.17
C ALA B 460 -11.56 21.27 17.49
N GLN B 461 -10.56 22.15 17.53
CA GLN B 461 -10.24 22.91 18.75
C GLN B 461 -11.36 23.86 19.10
N TRP B 462 -11.99 24.45 18.07
CA TRP B 462 -13.16 25.28 18.27
C TRP B 462 -14.36 24.48 18.76
N ILE B 463 -14.48 23.22 18.32
CA ILE B 463 -15.52 22.33 18.83
C ILE B 463 -15.26 21.96 20.29
N GLN B 464 -14.00 21.72 20.64
CA GLN B 464 -13.64 21.49 22.03
C GLN B 464 -13.96 22.69 22.89
N ALA B 465 -13.65 23.89 22.39
CA ALA B 465 -13.95 25.12 23.11
C ALA B 465 -15.44 25.35 23.22
N SER B 466 -16.21 24.97 22.20
CA SER B 466 -17.66 25.08 22.26
C SER B 466 -18.26 24.24 23.38
N SER B 467 -17.58 23.16 23.79
CA SER B 467 -17.98 22.32 24.90
C SER B 467 -17.39 22.78 26.22
N GLY B 468 -16.64 23.88 26.23
CA GLY B 468 -16.11 24.44 27.45
C GLY B 468 -14.61 24.30 27.65
N LYS B 469 -13.89 23.71 26.70
CA LYS B 469 -12.44 23.57 26.84
C LYS B 469 -11.78 24.94 26.78
N ALA B 470 -11.08 25.30 27.86
CA ALA B 470 -10.48 26.61 28.03
C ALA B 470 -9.00 26.59 27.69
N LEU B 471 -8.62 25.82 26.68
CA LEU B 471 -7.22 25.56 26.39
C LEU B 471 -6.70 26.30 25.17
N TYR B 472 -7.59 26.76 24.28
CA TYR B 472 -7.18 27.43 23.06
C TYR B 472 -7.63 28.88 23.01
N GLY B 473 -8.16 29.41 24.10
CA GLY B 473 -8.58 30.81 24.18
C GLY B 473 -9.64 31.20 23.19
N PHE B 474 -10.44 30.26 22.71
CA PHE B 474 -11.42 30.57 21.68
C PHE B 474 -12.62 31.33 22.23
N ASP B 475 -13.00 31.07 23.49
CA ASP B 475 -14.05 31.79 24.24
C ASP B 475 -15.35 31.87 23.44
N VAL B 476 -15.86 30.70 23.12
CA VAL B 476 -17.07 30.51 22.33
C VAL B 476 -17.96 29.59 23.15
N LEU B 477 -19.27 29.88 23.07
CA LEU B 477 -20.32 29.03 23.70
C LEU B 477 -20.00 28.66 25.15
N LEU B 478 -19.83 27.38 25.42
CA LEU B 478 -19.61 26.94 26.80
C LEU B 478 -18.33 27.51 27.40
N SER B 479 -17.25 27.62 26.61
CA SER B 479 -16.04 28.28 27.08
C SER B 479 -16.29 29.75 27.39
N SER B 480 -17.15 30.42 26.63
CA SER B 480 -17.52 31.79 26.96
C SER B 480 -18.27 31.82 28.28
N THR B 481 -17.89 32.75 29.15
CA THR B 481 -18.51 32.81 30.48
C THR B 481 -19.93 33.32 30.40
N ASN B 482 -20.15 34.39 29.65
CA ASN B 482 -21.47 35.00 29.50
C ASN B 482 -21.97 34.68 28.09
N SER B 483 -22.57 33.51 27.96
CA SER B 483 -23.21 33.06 26.73
C SER B 483 -24.55 32.50 27.10
N VAL B 484 -25.49 32.50 26.14
CA VAL B 484 -26.79 31.90 26.38
C VAL B 484 -26.66 30.40 26.60
N ALA B 485 -25.72 29.75 25.89
CA ALA B 485 -25.45 28.33 26.06
C ALA B 485 -24.91 28.04 27.46
N ALA B 486 -23.92 28.82 27.89
CA ALA B 486 -23.29 28.59 29.19
C ALA B 486 -24.25 28.87 30.33
N ASN B 487 -25.10 29.87 30.20
CA ASN B 487 -26.02 30.22 31.28
C ASN B 487 -27.16 29.21 31.41
N ALA B 488 -27.53 28.57 30.30
CA ALA B 488 -28.66 27.64 30.30
C ALA B 488 -28.36 26.38 31.09
N SER B 489 -27.16 25.83 30.97
CA SER B 489 -26.80 24.57 31.60
C SER B 489 -26.16 24.77 32.97
N SER B 490 -26.03 26.02 33.42
CA SER B 490 -25.30 26.33 34.66
C SER B 490 -25.93 25.71 35.91
N ASN B 491 -27.24 25.52 35.94
CA ASN B 491 -27.88 25.01 37.19
C ASN B 491 -27.81 23.48 37.21
N ILE B 492 -27.40 22.86 36.10
CA ILE B 492 -27.38 21.38 36.00
C ILE B 492 -25.95 20.87 35.82
N TRP B 493 -25.61 20.41 34.61
CA TRP B 493 -24.31 19.73 34.38
C TRP B 493 -23.12 20.65 34.07
N LEU B 494 -23.34 21.93 33.76
CA LEU B 494 -22.19 22.78 33.35
C LEU B 494 -21.10 22.78 34.44
N PRO B 495 -21.36 23.06 35.75
CA PRO B 495 -20.25 23.10 36.70
C PRO B 495 -19.42 21.81 36.74
N GLY B 496 -20.08 20.65 36.78
CA GLY B 496 -19.38 19.35 36.80
C GLY B 496 -18.65 19.05 35.51
N TRP B 497 -19.27 19.34 34.37
CA TRP B 497 -18.64 19.14 33.04
C TRP B 497 -17.43 20.06 32.86
N LEU B 498 -17.50 21.31 33.30
CA LEU B 498 -16.33 22.23 33.08
C LEU B 498 -15.17 21.75 33.95
N GLU B 499 -15.46 21.22 35.14
CA GLU B 499 -14.40 20.63 35.96
C GLU B 499 -13.77 19.45 35.25
N ALA B 500 -14.58 18.62 34.58
CA ALA B 500 -14.10 17.41 33.94
C ALA B 500 -13.34 17.71 32.65
N ILE B 501 -13.79 18.69 31.88
CA ILE B 501 -13.19 18.96 30.57
C ILE B 501 -11.98 19.89 30.66
N ASN B 502 -11.82 20.60 31.78
CA ASN B 502 -10.69 21.51 31.92
C ASN B 502 -9.67 21.01 32.94
N SER B 503 -9.81 19.78 33.39
CA SER B 503 -8.71 19.07 34.01
C SER B 503 -7.96 18.30 32.93
N GLY B 504 -6.65 18.39 32.94
CA GLY B 504 -5.84 17.61 32.02
C GLY B 504 -5.46 16.28 32.62
N LYS B 505 -6.41 15.62 33.27
CA LYS B 505 -6.17 14.40 34.01
C LYS B 505 -7.07 13.26 33.56
N ASN B 506 -7.77 13.44 32.44
CA ASN B 506 -8.67 12.44 31.89
C ASN B 506 -8.54 12.50 30.37
N SER B 507 -9.43 11.80 29.66
CA SER B 507 -9.38 11.76 28.20
C SER B 507 -10.57 12.45 27.56
N LEU B 508 -11.26 13.28 28.33
CA LEU B 508 -12.36 14.06 27.78
C LEU B 508 -11.78 15.21 26.97
N PHE B 509 -12.04 15.20 25.65
CA PHE B 509 -11.60 16.22 24.69
C PHE B 509 -10.11 16.53 24.83
N LEU B 510 -9.30 15.49 24.60
CA LEU B 510 -7.84 15.57 24.71
C LEU B 510 -7.26 16.69 23.84
N PRO B 511 -6.22 17.39 24.33
CA PRO B 511 -5.60 18.47 23.54
C PRO B 511 -5.04 17.96 22.22
N ILE B 512 -5.23 18.77 21.17
CA ILE B 512 -4.88 18.35 19.81
C ILE B 512 -4.00 19.41 19.15
N GLY B 513 -3.22 18.94 18.17
CA GLY B 513 -2.29 19.78 17.45
C GLY B 513 -2.08 19.31 16.02
N PRO B 514 -0.96 19.70 15.42
CA PRO B 514 -0.67 19.28 14.03
C PRO B 514 -0.56 17.79 13.81
N GLY B 515 -0.07 17.02 14.79
CA GLY B 515 0.01 15.58 14.63
C GLY B 515 -1.37 14.94 14.57
N ASP B 516 -2.31 15.49 15.33
CA ASP B 516 -3.70 15.01 15.31
C ASP B 516 -4.42 15.42 14.04
N PHE B 517 -4.09 16.59 13.51
CA PHE B 517 -4.64 17.03 12.23
C PHE B 517 -4.26 16.07 11.11
N LEU B 518 -2.99 15.68 11.08
CA LEU B 518 -2.49 14.86 9.98
C LEU B 518 -3.07 13.47 10.02
N ILE B 519 -3.20 12.88 11.20
CA ILE B 519 -3.70 11.52 11.30
C ILE B 519 -5.19 11.43 11.01
N HIS B 520 -5.96 12.45 11.40
CA HIS B 520 -7.38 12.49 11.09
C HIS B 520 -7.63 12.55 9.59
N HIS B 521 -6.76 13.24 8.85
CA HIS B 521 -6.88 13.26 7.40
C HIS B 521 -6.41 11.96 6.77
N ALA B 522 -5.47 11.27 7.40
CA ALA B 522 -5.17 9.90 7.00
C ALA B 522 -6.34 8.96 7.28
N ILE B 523 -6.98 9.12 8.44
CA ILE B 523 -8.15 8.30 8.77
C ILE B 523 -9.30 8.62 7.81
N ALA B 524 -9.43 9.90 7.42
CA ALA B 524 -10.40 10.29 6.39
C ALA B 524 -10.08 9.64 5.05
N LEU B 525 -8.79 9.54 4.70
CA LEU B 525 -8.38 8.90 3.45
C LEU B 525 -8.77 7.44 3.46
N ALA B 526 -8.59 6.78 4.59
CA ALA B 526 -8.83 5.37 4.67
C ALA B 526 -10.33 5.05 4.77
N LEU B 527 -11.13 5.96 5.33
CA LEU B 527 -12.57 5.77 5.35
C LEU B 527 -13.18 5.92 3.96
N HIS B 528 -12.73 6.92 3.20
CA HIS B 528 -13.25 7.11 1.85
C HIS B 528 -12.76 6.03 0.89
N THR B 529 -11.54 5.52 1.10
CA THR B 529 -11.02 4.50 0.19
C THR B 529 -11.66 3.13 0.45
N THR B 530 -11.88 2.78 1.73
CA THR B 530 -12.61 1.57 2.05
C THR B 530 -14.05 1.65 1.55
N THR B 531 -14.67 2.83 1.69
CA THR B 531 -16.02 3.04 1.19
C THR B 531 -16.01 2.89 -0.33
N LEU B 532 -14.96 3.37 -0.99
CA LEU B 532 -14.89 3.31 -2.45
C LEU B 532 -14.94 1.89 -2.94
N ILE B 533 -14.13 0.99 -2.35
CA ILE B 533 -14.06 -0.39 -2.80
C ILE B 533 -15.38 -1.09 -2.55
N LEU B 534 -15.98 -0.81 -1.40
CA LEU B 534 -17.22 -1.45 -1.02
C LEU B 534 -18.40 -0.92 -1.82
N VAL B 535 -18.46 0.39 -2.03
CA VAL B 535 -19.52 0.98 -2.85
C VAL B 535 -19.40 0.54 -4.29
N LYS B 536 -18.16 0.51 -4.81
CA LYS B 536 -17.93 0.02 -6.15
C LYS B 536 -18.31 -1.45 -6.25
N GLY B 537 -18.05 -2.22 -5.20
CA GLY B 537 -18.49 -3.60 -5.18
C GLY B 537 -20.00 -3.74 -5.13
N ALA B 538 -20.68 -2.87 -4.39
CA ALA B 538 -22.14 -2.95 -4.32
C ALA B 538 -22.77 -2.45 -5.61
N LEU B 539 -22.27 -1.35 -6.17
CA LEU B 539 -22.91 -0.75 -7.32
C LEU B 539 -22.57 -1.43 -8.63
N ASP B 540 -21.43 -2.12 -8.72
CA ASP B 540 -21.08 -2.87 -9.92
C ASP B 540 -21.42 -4.34 -9.80
N ALA B 541 -22.05 -4.73 -8.69
CA ALA B 541 -22.39 -6.12 -8.42
C ALA B 541 -23.32 -6.71 -9.47
N ARG B 542 -24.36 -5.97 -9.83
CA ARG B 542 -25.31 -6.46 -10.82
C ARG B 542 -24.71 -6.51 -12.21
N GLY B 543 -23.95 -5.48 -12.60
CA GLY B 543 -23.28 -5.50 -13.88
C GLY B 543 -22.25 -4.39 -14.00
N SER B 544 -21.41 -4.52 -15.02
CA SER B 544 -20.39 -3.55 -15.36
C SER B 544 -20.24 -3.54 -16.88
N LYS B 545 -19.17 -2.93 -17.39
CA LYS B 545 -18.93 -3.05 -18.82
C LYS B 545 -18.19 -4.32 -19.18
N LEU B 546 -17.28 -4.80 -18.31
CA LEU B 546 -16.67 -6.11 -18.54
C LEU B 546 -17.67 -7.25 -18.45
N MET B 547 -18.43 -7.31 -17.36
CA MET B 547 -19.51 -8.30 -17.22
C MET B 547 -20.83 -7.58 -17.07
N PRO B 548 -21.49 -7.25 -18.18
CA PRO B 548 -22.83 -6.70 -18.09
C PRO B 548 -23.86 -7.67 -17.53
N ASP B 549 -23.57 -8.96 -17.57
CA ASP B 549 -24.44 -9.99 -17.01
C ASP B 549 -23.84 -10.59 -15.74
N LYS B 550 -23.12 -9.77 -14.96
CA LYS B 550 -22.44 -10.24 -13.75
C LYS B 550 -23.42 -10.82 -12.72
N LYS B 551 -24.67 -10.38 -12.74
CA LYS B 551 -25.66 -10.86 -11.78
C LYS B 551 -26.06 -12.31 -12.04
N ASP B 552 -25.87 -12.82 -13.26
CA ASP B 552 -26.17 -14.21 -13.55
C ASP B 552 -25.18 -15.17 -12.91
N PHE B 553 -24.03 -14.69 -12.44
CA PHE B 553 -22.99 -15.56 -11.93
C PHE B 553 -22.96 -15.63 -10.42
N GLY B 554 -23.62 -14.72 -9.73
CA GLY B 554 -23.73 -14.76 -8.29
C GLY B 554 -22.98 -13.63 -7.62
N TYR B 555 -22.65 -13.86 -6.36
CA TYR B 555 -21.88 -12.92 -5.57
C TYR B 555 -20.39 -13.25 -5.57
N ALA B 556 -20.05 -14.53 -5.38
CA ALA B 556 -18.67 -15.00 -5.29
C ALA B 556 -18.42 -15.99 -6.42
N PHE B 557 -17.75 -15.53 -7.47
CA PHE B 557 -17.25 -16.36 -8.55
C PHE B 557 -15.81 -15.94 -8.83
N PRO B 558 -14.95 -16.86 -9.29
CA PRO B 558 -13.51 -16.52 -9.43
C PRO B 558 -13.19 -15.40 -10.41
N CYS B 559 -13.75 -15.48 -11.62
CA CYS B 559 -13.47 -14.57 -12.72
C CYS B 559 -14.34 -14.98 -13.89
N ASP B 560 -14.21 -14.27 -14.99
CA ASP B 560 -14.86 -14.67 -16.22
C ASP B 560 -13.85 -15.19 -17.24
N GLY B 561 -12.63 -15.49 -16.80
CA GLY B 561 -11.61 -16.03 -17.65
C GLY B 561 -10.65 -14.98 -18.17
N PRO B 562 -9.67 -15.40 -18.96
CA PRO B 562 -8.64 -14.47 -19.44
C PRO B 562 -9.05 -13.61 -20.62
N GLY B 563 -10.23 -13.82 -21.18
CA GLY B 563 -10.65 -13.03 -22.31
C GLY B 563 -11.11 -11.65 -21.88
N ARG B 564 -11.28 -10.78 -22.88
CA ARG B 564 -11.65 -9.37 -22.72
C ARG B 564 -10.63 -8.61 -21.88
N GLY B 565 -9.38 -9.04 -21.92
CA GLY B 565 -8.29 -8.42 -21.23
C GLY B 565 -7.91 -9.08 -19.93
N GLY B 566 -8.78 -9.89 -19.35
CA GLY B 566 -8.53 -10.48 -18.05
C GLY B 566 -9.53 -10.00 -17.03
N THR B 567 -10.04 -10.90 -16.21
CA THR B 567 -11.16 -10.55 -15.33
C THR B 567 -10.94 -11.10 -13.93
N CYS B 568 -9.71 -11.11 -13.45
CA CYS B 568 -9.44 -11.52 -12.08
C CYS B 568 -10.03 -10.52 -11.11
N ASP B 569 -10.60 -11.01 -10.02
CA ASP B 569 -11.20 -10.20 -8.95
C ASP B 569 -12.34 -9.32 -9.46
N ILE B 570 -13.14 -9.84 -10.40
CA ILE B 570 -14.22 -9.03 -10.97
C ILE B 570 -15.54 -9.16 -10.21
N SER B 571 -15.64 -10.11 -9.29
CA SER B 571 -16.91 -10.32 -8.62
C SER B 571 -17.10 -9.30 -7.49
N ALA B 572 -18.37 -9.14 -7.09
CA ALA B 572 -18.70 -8.28 -5.96
C ALA B 572 -18.08 -8.79 -4.65
N TRP B 573 -17.93 -10.11 -4.53
CA TRP B 573 -17.23 -10.67 -3.38
C TRP B 573 -15.79 -10.21 -3.33
N ASP B 574 -15.16 -10.05 -4.49
CA ASP B 574 -13.76 -9.69 -4.52
C ASP B 574 -13.53 -8.26 -4.08
N ALA B 575 -14.55 -7.42 -4.11
CA ALA B 575 -14.42 -6.08 -3.56
C ALA B 575 -14.58 -6.09 -2.05
N PHE B 576 -15.33 -7.05 -1.50
CA PHE B 576 -15.26 -7.30 -0.06
C PHE B 576 -13.85 -7.69 0.35
N TYR B 577 -13.27 -8.63 -0.42
CA TYR B 577 -11.90 -9.10 -0.23
C TYR B 577 -10.90 -7.95 -0.23
N LEU B 578 -11.02 -7.04 -1.19
CA LEU B 578 -10.08 -5.94 -1.31
C LEU B 578 -10.29 -4.87 -0.26
N SER B 579 -11.53 -4.64 0.14
CA SER B 579 -11.81 -3.66 1.19
C SER B 579 -11.45 -4.15 2.58
N MET B 580 -11.23 -5.45 2.73
CA MET B 580 -10.84 -6.00 4.02
C MET B 580 -9.43 -5.58 4.38
N PHE B 581 -8.54 -5.48 3.38
CA PHE B 581 -7.21 -4.93 3.58
C PHE B 581 -7.26 -3.47 3.96
N TRP B 582 -8.17 -2.71 3.35
CA TRP B 582 -8.30 -1.30 3.68
C TRP B 582 -8.98 -1.09 5.00
N MET B 583 -9.89 -1.99 5.39
CA MET B 583 -10.44 -1.93 6.74
C MET B 583 -9.38 -2.23 7.79
N LEU B 584 -8.52 -3.21 7.55
CA LEU B 584 -7.47 -3.48 8.51
C LEU B 584 -6.49 -2.32 8.60
N ASN B 585 -6.16 -1.71 7.46
CA ASN B 585 -5.26 -0.56 7.44
C ASN B 585 -5.84 0.62 8.21
N THR B 586 -7.14 0.90 8.05
CA THR B 586 -7.74 2.05 8.73
C THR B 586 -7.81 1.85 10.25
N ILE B 587 -8.21 0.66 10.73
CA ILE B 587 -8.28 0.42 12.16
C ILE B 587 -6.88 0.39 12.74
N GLY B 588 -5.89 0.00 11.94
CA GLY B 588 -4.50 0.16 12.35
C GLY B 588 -4.15 1.61 12.59
N TRP B 589 -4.45 2.48 11.61
CA TRP B 589 -4.19 3.91 11.73
C TRP B 589 -4.95 4.54 12.91
N VAL B 590 -6.18 4.07 13.16
CA VAL B 590 -6.96 4.56 14.29
C VAL B 590 -6.38 4.07 15.61
N THR B 591 -6.10 2.77 15.72
CA THR B 591 -5.63 2.25 17.00
C THR B 591 -4.18 2.60 17.27
N PHE B 592 -3.33 2.72 16.24
CA PHE B 592 -1.98 3.23 16.42
C PHE B 592 -2.00 4.64 16.98
N TYR B 593 -2.90 5.47 16.46
CA TYR B 593 -3.04 6.85 16.91
C TYR B 593 -3.53 6.91 18.34
N TRP B 594 -4.62 6.19 18.64
CA TRP B 594 -5.18 6.16 19.99
C TRP B 594 -4.16 5.72 21.00
N HIS B 595 -3.41 4.67 20.70
CA HIS B 595 -2.52 4.08 21.68
C HIS B 595 -1.28 4.94 21.91
N TRP B 596 -0.67 5.45 20.84
CA TRP B 596 0.49 6.33 20.98
C TRP B 596 0.13 7.64 21.67
N LYS B 597 -1.00 8.23 21.30
CA LYS B 597 -1.45 9.44 21.99
C LYS B 597 -1.70 9.17 23.45
N HIS B 598 -2.18 7.98 23.79
CA HIS B 598 -2.48 7.70 25.19
C HIS B 598 -1.24 7.27 25.97
N ILE B 599 -0.35 6.45 25.40
CA ILE B 599 0.82 6.04 26.17
C ILE B 599 1.75 7.22 26.44
N THR B 600 1.86 8.17 25.51
CA THR B 600 2.67 9.35 25.77
C THR B 600 2.05 10.24 26.84
N ILE B 601 0.73 10.43 26.82
CA ILE B 601 0.04 11.16 27.89
C ILE B 601 0.16 10.45 29.23
N TRP B 602 -0.01 9.13 29.25
CA TRP B 602 0.03 8.38 30.50
C TRP B 602 1.42 8.40 31.14
N GLN B 603 2.48 8.58 30.34
CA GLN B 603 3.83 8.77 30.87
C GLN B 603 4.01 10.16 31.46
N GLY B 604 3.25 11.14 30.99
CA GLY B 604 3.53 12.53 31.27
C GLY B 604 4.34 13.23 30.22
N ASN B 605 4.43 12.66 29.01
CA ASN B 605 5.30 13.15 27.95
C ASN B 605 4.50 13.34 26.66
N ALA B 606 3.37 14.05 26.75
CA ALA B 606 2.54 14.31 25.57
C ALA B 606 3.29 15.07 24.49
N GLY B 607 4.33 15.83 24.86
CA GLY B 607 5.19 16.50 23.89
C GLY B 607 5.96 15.57 22.99
N GLN B 608 6.13 14.31 23.39
CA GLN B 608 6.77 13.33 22.50
C GLN B 608 5.87 12.97 21.34
N PHE B 609 4.56 12.83 21.58
CA PHE B 609 3.64 12.66 20.47
C PHE B 609 3.54 13.93 19.64
N ASN B 610 3.58 15.10 20.28
CA ASN B 610 3.31 16.36 19.59
C ASN B 610 4.37 16.64 18.52
N GLU B 611 5.62 16.29 18.81
CA GLU B 611 6.71 16.60 17.90
C GLU B 611 6.97 15.47 16.91
N SER B 612 6.82 14.21 17.32
CA SER B 612 7.17 13.08 16.47
C SER B 612 6.03 12.58 15.59
N SER B 613 4.79 13.00 15.80
CA SER B 613 3.71 12.45 14.99
C SER B 613 3.57 13.12 13.63
N THR B 614 4.33 14.17 13.36
CA THR B 614 4.13 14.92 12.13
C THR B 614 4.94 14.38 10.98
N TYR B 615 5.83 13.44 11.23
CA TYR B 615 6.53 12.71 10.19
C TYR B 615 6.43 11.22 10.50
N ILE B 616 6.69 10.40 9.48
CA ILE B 616 6.48 8.96 9.62
C ILE B 616 7.61 8.25 10.35
N MET B 617 8.81 8.83 10.40
CA MET B 617 9.86 8.21 11.21
C MET B 617 9.58 8.34 12.70
N GLY B 618 8.86 9.39 13.12
CA GLY B 618 8.43 9.47 14.49
C GLY B 618 7.48 8.34 14.89
N TRP B 619 6.59 7.96 13.97
CA TRP B 619 5.73 6.81 14.22
C TRP B 619 6.53 5.51 14.22
N LEU B 620 7.57 5.43 13.40
CA LEU B 620 8.32 4.19 13.33
C LEU B 620 9.23 4.01 14.54
N ARG B 621 10.03 5.03 14.88
CA ARG B 621 10.96 4.84 16.00
C ARG B 621 10.35 5.14 17.36
N ASP B 622 9.53 6.19 17.49
CA ASP B 622 9.06 6.56 18.82
C ASP B 622 7.81 5.82 19.22
N TYR B 623 7.15 5.13 18.29
CA TYR B 623 6.00 4.32 18.65
C TYR B 623 6.25 2.83 18.46
N LEU B 624 6.57 2.39 17.24
CA LEU B 624 6.69 0.95 17.02
C LEU B 624 7.98 0.41 17.58
N TRP B 625 9.10 1.08 17.29
CA TRP B 625 10.40 0.55 17.71
C TRP B 625 10.62 0.75 19.20
N LEU B 626 10.24 1.91 19.73
CA LEU B 626 10.49 2.20 21.14
C LEU B 626 9.66 1.34 22.06
N ASN B 627 8.40 1.09 21.72
CA ASN B 627 7.53 0.33 22.59
C ASN B 627 7.62 -1.16 22.35
N SER B 628 8.38 -1.58 21.34
CA SER B 628 8.57 -3.01 21.07
C SER B 628 9.40 -3.68 22.14
N SER B 629 10.32 -2.94 22.78
CA SER B 629 11.35 -3.57 23.62
C SER B 629 10.82 -4.37 24.81
N PRO B 630 9.80 -3.95 25.60
CA PRO B 630 9.30 -4.88 26.63
C PRO B 630 8.64 -6.12 26.04
N LEU B 631 8.05 -6.00 24.86
CA LEU B 631 7.36 -7.12 24.24
C LEU B 631 8.33 -8.16 23.71
N ILE B 632 9.39 -7.73 23.01
CA ILE B 632 10.32 -8.68 22.41
C ILE B 632 11.34 -9.21 23.39
N ASN B 633 11.36 -8.70 24.62
CA ASN B 633 12.18 -9.20 25.70
C ASN B 633 11.38 -10.07 26.68
N GLY B 634 10.17 -10.48 26.30
CA GLY B 634 9.38 -11.38 27.13
C GLY B 634 10.06 -12.72 27.37
N TYR B 635 10.89 -13.14 26.42
CA TYR B 635 11.90 -14.16 26.67
C TYR B 635 13.14 -13.76 25.87
N ASN B 636 14.29 -14.22 26.33
CA ASN B 636 15.56 -13.94 25.71
C ASN B 636 16.53 -14.99 26.26
N PRO B 637 17.83 -15.07 25.82
CA PRO B 637 18.73 -16.06 26.45
C PRO B 637 19.04 -15.84 27.93
N PHE B 638 18.48 -14.81 28.56
CA PHE B 638 18.71 -14.50 29.96
C PHE B 638 17.52 -14.84 30.86
N GLY B 639 16.43 -15.34 30.32
CA GLY B 639 15.30 -15.73 31.12
C GLY B 639 13.99 -15.51 30.37
N MET B 640 12.91 -15.51 31.15
CA MET B 640 11.58 -15.17 30.65
C MET B 640 10.78 -14.57 31.80
N ASN B 641 9.72 -13.84 31.44
CA ASN B 641 8.80 -13.27 32.42
C ASN B 641 7.39 -13.52 31.91
N SER B 642 6.39 -12.91 32.54
CA SER B 642 5.01 -13.21 32.16
C SER B 642 4.59 -12.57 30.84
N LEU B 643 5.40 -11.68 30.28
CA LEU B 643 5.17 -11.19 28.91
C LEU B 643 5.70 -12.16 27.86
N SER B 644 6.09 -13.37 28.25
CA SER B 644 6.57 -14.36 27.29
C SER B 644 5.45 -14.86 26.38
N VAL B 645 4.21 -14.85 26.86
CA VAL B 645 3.11 -15.34 26.04
C VAL B 645 2.76 -14.35 24.94
N TRP B 646 2.80 -13.06 25.26
CA TRP B 646 2.57 -12.02 24.27
C TRP B 646 3.73 -11.93 23.30
N SER B 647 4.95 -12.19 23.80
CA SER B 647 6.13 -12.25 22.94
C SER B 647 6.04 -13.38 21.94
N TRP B 648 5.38 -14.47 22.31
CA TRP B 648 5.19 -15.59 21.42
C TRP B 648 4.02 -15.36 20.46
N MET B 649 2.92 -14.79 20.95
CA MET B 649 1.80 -14.36 20.11
C MET B 649 2.21 -13.32 19.08
N PHE B 650 3.19 -12.49 19.43
CA PHE B 650 3.71 -11.47 18.52
C PHE B 650 4.37 -12.12 17.30
N LEU B 651 5.27 -13.05 17.54
CA LEU B 651 5.90 -13.82 16.46
C LEU B 651 4.90 -14.69 15.73
N PHE B 652 3.99 -15.31 16.47
CA PHE B 652 2.90 -16.10 15.92
C PHE B 652 2.07 -15.29 14.93
N GLY B 653 1.77 -14.04 15.31
CA GLY B 653 1.03 -13.17 14.42
C GLY B 653 1.78 -12.78 13.16
N HIS B 654 3.09 -12.52 13.28
CA HIS B 654 3.89 -12.28 12.08
C HIS B 654 3.94 -13.50 11.17
N LEU B 655 3.88 -14.70 11.75
CA LEU B 655 3.93 -15.93 10.96
C LEU B 655 2.64 -16.18 10.20
N ILE B 656 1.49 -16.01 10.86
CA ILE B 656 0.19 -16.20 10.19
C ILE B 656 -0.01 -15.16 9.10
N TRP B 657 0.36 -13.91 9.38
CA TRP B 657 0.25 -12.82 8.42
C TRP B 657 1.06 -13.09 7.16
N ALA B 658 2.28 -13.58 7.32
CA ALA B 658 3.13 -13.84 6.17
C ALA B 658 2.69 -15.08 5.40
N THR B 659 2.17 -16.09 6.09
CA THR B 659 1.63 -17.28 5.43
C THR B 659 0.44 -16.92 4.55
N GLY B 660 -0.31 -15.88 4.91
CA GLY B 660 -1.38 -15.40 4.07
C GLY B 660 -0.93 -14.87 2.73
N PHE B 661 0.27 -14.29 2.68
CA PHE B 661 0.87 -13.82 1.44
C PHE B 661 1.01 -14.93 0.41
N MET B 662 1.30 -16.16 0.88
CA MET B 662 1.43 -17.30 -0.03
C MET B 662 0.14 -17.61 -0.75
N PHE B 663 -0.98 -17.49 -0.06
CA PHE B 663 -2.26 -17.70 -0.71
C PHE B 663 -2.65 -16.50 -1.57
N LEU B 664 -2.12 -15.32 -1.29
CA LEU B 664 -2.51 -14.13 -2.03
C LEU B 664 -1.60 -13.83 -3.21
N ILE B 665 -0.33 -14.25 -3.17
CA ILE B 665 0.59 -13.96 -4.26
C ILE B 665 0.66 -15.11 -5.26
N SER B 666 0.79 -16.35 -4.78
CA SER B 666 0.86 -17.52 -5.64
C SER B 666 -0.55 -18.06 -5.85
N TRP B 667 -0.89 -18.36 -7.09
CA TRP B 667 -2.25 -18.76 -7.44
C TRP B 667 -2.26 -20.22 -7.92
N ARG B 668 -3.48 -20.70 -8.24
CA ARG B 668 -3.81 -22.13 -8.34
C ARG B 668 -2.97 -23.00 -9.28
N GLY B 669 -2.66 -22.51 -10.49
CA GLY B 669 -2.02 -23.37 -11.50
C GLY B 669 -0.69 -23.95 -11.07
N TYR B 670 0.11 -23.17 -10.34
CA TYR B 670 1.34 -23.68 -9.77
C TYR B 670 1.07 -24.83 -8.81
N TRP B 671 0.05 -24.68 -7.97
CA TRP B 671 -0.18 -25.64 -6.92
C TRP B 671 -0.86 -26.91 -7.41
N GLN B 672 -1.78 -26.80 -8.37
CA GLN B 672 -2.39 -28.00 -8.95
C GLN B 672 -1.37 -28.89 -9.63
N GLU B 673 -0.35 -28.31 -10.25
CA GLU B 673 0.66 -29.10 -10.96
C GLU B 673 1.61 -29.80 -9.99
N LEU B 674 1.96 -29.16 -8.86
CA LEU B 674 2.67 -29.87 -7.80
C LEU B 674 1.88 -31.05 -7.27
N ILE B 675 0.60 -30.84 -6.96
CA ILE B 675 -0.26 -31.85 -6.38
C ILE B 675 -0.39 -33.06 -7.31
N GLU B 676 -0.31 -32.84 -8.62
CA GLU B 676 -0.29 -33.95 -9.56
C GLU B 676 0.99 -34.76 -9.49
N THR B 677 2.12 -34.14 -9.11
CA THR B 677 3.34 -34.91 -8.89
C THR B 677 3.31 -35.64 -7.57
N LEU B 678 2.56 -35.16 -6.60
CA LEU B 678 2.40 -35.86 -5.33
C LEU B 678 1.42 -37.01 -5.44
N VAL B 679 0.39 -36.85 -6.27
CA VAL B 679 -0.53 -37.94 -6.53
C VAL B 679 0.19 -39.09 -7.22
N TRP B 680 1.08 -38.76 -8.17
CA TRP B 680 1.87 -39.79 -8.87
C TRP B 680 2.75 -40.55 -7.90
N ALA B 681 3.47 -39.83 -7.04
CA ALA B 681 4.45 -40.45 -6.15
C ALA B 681 3.81 -41.37 -5.13
N HIS B 682 2.62 -41.02 -4.64
CA HIS B 682 1.94 -41.88 -3.69
C HIS B 682 1.55 -43.20 -4.32
N GLU B 683 1.06 -43.16 -5.56
CA GLU B 683 0.64 -44.38 -6.24
C GLU B 683 1.83 -45.27 -6.58
N ARG B 684 3.01 -44.68 -6.74
CA ARG B 684 4.19 -45.43 -7.16
C ARG B 684 5.07 -45.83 -6.00
N THR B 685 4.82 -45.33 -4.80
CA THR B 685 5.63 -45.68 -3.66
C THR B 685 5.11 -46.98 -3.06
N PRO B 686 5.94 -48.02 -2.97
CA PRO B 686 5.50 -49.25 -2.29
C PRO B 686 5.28 -48.99 -0.82
N LEU B 687 4.37 -49.80 -0.23
CA LEU B 687 3.94 -49.84 1.17
C LEU B 687 3.09 -48.62 1.55
N ALA B 688 3.06 -47.62 0.69
CA ALA B 688 2.29 -46.40 0.87
C ALA B 688 1.08 -46.35 -0.03
N ASN B 689 1.18 -46.93 -1.23
CA ASN B 689 0.02 -47.05 -2.10
C ASN B 689 -0.99 -48.09 -1.60
N LEU B 690 -0.72 -48.80 -0.50
CA LEU B 690 -1.75 -49.57 0.17
C LEU B 690 -2.83 -48.67 0.76
N VAL B 691 -2.52 -47.41 0.99
CA VAL B 691 -3.43 -46.44 1.57
C VAL B 691 -3.90 -45.51 0.46
N ARG B 692 -5.21 -45.31 0.36
CA ARG B 692 -5.80 -44.59 -0.74
C ARG B 692 -6.70 -43.48 -0.22
N TRP B 693 -6.68 -42.35 -0.90
CA TRP B 693 -7.59 -41.27 -0.55
C TRP B 693 -9.00 -41.62 -1.02
N LYS B 694 -9.98 -41.23 -0.22
CA LYS B 694 -11.37 -41.25 -0.67
C LYS B 694 -11.72 -40.04 -1.52
N ASP B 695 -11.05 -38.91 -1.28
CA ASP B 695 -11.29 -37.68 -2.02
C ASP B 695 -10.00 -37.32 -2.75
N LYS B 696 -10.11 -37.12 -4.06
CA LYS B 696 -8.95 -36.83 -4.89
C LYS B 696 -8.32 -35.51 -4.43
N PRO B 697 -7.04 -35.48 -4.12
CA PRO B 697 -6.43 -34.26 -3.61
C PRO B 697 -6.31 -33.22 -4.71
N VAL B 698 -6.84 -32.03 -4.46
CA VAL B 698 -6.81 -30.96 -5.45
C VAL B 698 -6.35 -29.69 -4.77
N ALA B 699 -5.80 -28.79 -5.59
CA ALA B 699 -5.43 -27.48 -5.11
C ALA B 699 -6.69 -26.71 -4.74
N LEU B 700 -6.58 -25.83 -3.73
CA LEU B 700 -7.68 -24.97 -3.30
C LEU B 700 -8.23 -24.17 -4.48
N SER B 701 -9.49 -23.79 -4.40
CA SER B 701 -10.08 -23.05 -5.51
C SER B 701 -9.56 -21.62 -5.55
N ILE B 702 -9.89 -20.91 -6.63
CA ILE B 702 -9.44 -19.53 -6.81
C ILE B 702 -10.04 -18.63 -5.72
N VAL B 703 -11.34 -18.75 -5.48
CA VAL B 703 -12.02 -17.93 -4.47
C VAL B 703 -11.61 -18.36 -3.07
N GLN B 704 -11.44 -19.68 -2.86
CA GLN B 704 -11.11 -20.22 -1.55
C GLN B 704 -9.74 -19.73 -1.07
N ALA B 705 -8.76 -19.72 -1.97
CA ALA B 705 -7.43 -19.24 -1.64
C ALA B 705 -7.43 -17.77 -1.27
N ARG B 706 -8.28 -16.99 -1.91
CA ARG B 706 -8.44 -15.60 -1.52
C ARG B 706 -8.99 -15.52 -0.11
N LEU B 707 -9.97 -16.37 0.21
CA LEU B 707 -10.53 -16.39 1.56
C LEU B 707 -9.51 -16.92 2.57
N VAL B 708 -8.73 -17.93 2.22
CA VAL B 708 -7.75 -18.49 3.15
C VAL B 708 -6.63 -17.50 3.42
N GLY B 709 -6.13 -16.85 2.37
CA GLY B 709 -5.12 -15.82 2.55
C GLY B 709 -5.62 -14.62 3.32
N LEU B 710 -6.87 -14.20 3.06
CA LEU B 710 -7.47 -13.11 3.79
C LEU B 710 -7.61 -13.44 5.28
N ILE B 711 -8.01 -14.67 5.60
CA ILE B 711 -8.15 -15.09 6.99
C ILE B 711 -6.79 -15.08 7.69
N HIS B 712 -5.76 -15.63 7.02
CA HIS B 712 -4.42 -15.65 7.59
C HIS B 712 -3.86 -14.26 7.77
N PHE B 713 -3.97 -13.43 6.72
CA PHE B 713 -3.62 -12.01 6.81
C PHE B 713 -4.32 -11.34 8.00
N THR B 714 -5.65 -11.51 8.07
CA THR B 714 -6.44 -10.86 9.12
C THR B 714 -6.07 -11.39 10.50
N ALA B 715 -5.93 -12.71 10.64
CA ALA B 715 -5.59 -13.30 11.94
C ALA B 715 -4.21 -12.84 12.39
N GLY B 716 -3.24 -12.82 11.48
CA GLY B 716 -1.93 -12.32 11.81
C GLY B 716 -1.92 -10.86 12.22
N TYR B 717 -2.76 -10.06 11.57
CA TYR B 717 -2.91 -8.64 11.90
C TYR B 717 -3.39 -8.46 13.33
N ILE B 718 -4.44 -9.21 13.71
CA ILE B 718 -5.05 -9.08 15.04
C ILE B 718 -4.12 -9.54 16.14
N PHE B 719 -3.52 -10.73 15.97
CA PHE B 719 -2.70 -11.33 17.01
C PHE B 719 -1.45 -10.50 17.28
N THR B 720 -0.85 -9.94 16.23
CA THR B 720 0.33 -9.10 16.38
C THR B 720 0.02 -7.82 17.14
N TYR B 721 -1.05 -7.11 16.76
CA TYR B 721 -1.36 -5.84 17.43
C TYR B 721 -1.83 -6.07 18.86
N ALA B 722 -2.63 -7.11 19.09
CA ALA B 722 -3.11 -7.40 20.44
C ALA B 722 -1.95 -7.75 21.35
N ALA B 723 -0.99 -8.52 20.84
CA ALA B 723 0.22 -8.81 21.60
C ALA B 723 1.00 -7.53 21.86
N PHE B 724 1.08 -6.64 20.88
CA PHE B 724 1.80 -5.39 21.06
C PHE B 724 1.05 -4.43 21.98
N VAL B 725 -0.24 -4.18 21.71
CA VAL B 725 -0.97 -3.17 22.47
C VAL B 725 -1.10 -3.59 23.94
N ILE B 726 -1.13 -4.89 24.21
CA ILE B 726 -1.24 -5.34 25.59
C ILE B 726 0.14 -5.41 26.26
N ALA B 727 1.15 -6.00 25.61
CA ALA B 727 2.46 -6.14 26.25
C ALA B 727 3.21 -4.81 26.39
N SER B 728 3.13 -3.94 25.37
CA SER B 728 3.80 -2.65 25.48
C SER B 728 3.18 -1.80 26.57
N THR B 729 1.85 -1.89 26.73
CA THR B 729 1.19 -1.13 27.77
C THR B 729 1.48 -1.73 29.14
N THR B 730 1.41 -3.07 29.25
CA THR B 730 1.77 -3.78 30.48
C THR B 730 3.21 -3.49 30.88
N GLY B 731 4.14 -3.62 29.93
CA GLY B 731 5.55 -3.42 30.22
C GLY B 731 5.87 -2.00 30.66
N LYS B 732 5.19 -1.03 30.07
CA LYS B 732 5.45 0.36 30.44
C LYS B 732 4.71 0.76 31.70
N PHE B 733 3.43 0.39 31.80
CA PHE B 733 2.47 0.93 32.78
C PHE B 733 2.44 2.46 32.70
N GLY B 734 2.03 2.94 31.54
CA GLY B 734 2.06 4.35 31.25
C GLY B 734 2.04 4.52 29.76
N SER C 2 -21.79 -30.75 -13.79
CA SER C 2 -21.20 -30.25 -15.02
C SER C 2 -21.36 -28.75 -15.15
N HIS C 3 -20.66 -28.16 -16.11
CA HIS C 3 -20.82 -26.77 -16.44
C HIS C 3 -21.97 -26.58 -17.41
N SER C 4 -22.54 -25.38 -17.40
CA SER C 4 -23.67 -25.01 -18.24
C SER C 4 -23.18 -24.03 -19.29
N VAL C 5 -23.33 -24.39 -20.56
CA VAL C 5 -22.88 -23.58 -21.68
C VAL C 5 -24.08 -23.24 -22.54
N LYS C 6 -24.26 -21.95 -22.81
CA LYS C 6 -25.42 -21.43 -23.50
C LYS C 6 -24.99 -20.69 -24.75
N VAL C 7 -25.82 -20.73 -25.78
CA VAL C 7 -25.58 -19.97 -26.99
C VAL C 7 -26.79 -19.10 -27.23
N TYR C 8 -26.57 -17.80 -27.36
CA TYR C 8 -27.64 -16.83 -27.54
C TYR C 8 -27.79 -16.53 -29.01
N ASP C 9 -28.95 -15.99 -29.40
CA ASP C 9 -29.26 -15.88 -30.82
C ASP C 9 -28.53 -14.72 -31.50
N THR C 10 -27.57 -14.11 -30.83
CA THR C 10 -26.66 -13.14 -31.42
C THR C 10 -25.50 -13.80 -32.13
N CYS C 11 -25.42 -15.13 -32.10
CA CYS C 11 -24.33 -15.84 -32.75
C CYS C 11 -24.34 -15.61 -34.25
N ILE C 12 -23.20 -15.16 -34.77
CA ILE C 12 -23.04 -14.88 -36.19
C ILE C 12 -22.55 -16.09 -36.96
N GLY C 13 -22.41 -17.24 -36.30
CA GLY C 13 -21.99 -18.46 -36.97
C GLY C 13 -20.58 -18.46 -37.49
N CYS C 14 -19.65 -17.89 -36.72
CA CYS C 14 -18.26 -17.80 -37.16
C CYS C 14 -17.46 -19.07 -36.90
N THR C 15 -18.02 -20.03 -36.14
CA THR C 15 -17.46 -21.33 -35.78
C THR C 15 -16.21 -21.24 -34.92
N GLN C 16 -15.84 -20.05 -34.44
CA GLN C 16 -14.56 -19.87 -33.75
C GLN C 16 -14.55 -20.52 -32.38
N CYS C 17 -15.67 -20.46 -31.68
CA CYS C 17 -15.81 -21.13 -30.39
C CYS C 17 -15.64 -22.63 -30.54
N VAL C 18 -16.21 -23.20 -31.60
CA VAL C 18 -16.12 -24.64 -31.84
C VAL C 18 -14.69 -25.05 -32.14
N ARG C 19 -13.94 -24.21 -32.86
CA ARG C 19 -12.55 -24.53 -33.15
C ARG C 19 -11.66 -24.34 -31.94
N ALA C 20 -12.01 -23.41 -31.06
CA ALA C 20 -11.19 -23.16 -29.89
C ALA C 20 -11.44 -24.14 -28.75
N CYS C 21 -12.54 -24.87 -28.77
CA CYS C 21 -12.91 -25.73 -27.64
C CYS C 21 -11.94 -26.90 -27.52
N PRO C 22 -11.25 -27.05 -26.40
CA PRO C 22 -10.28 -28.15 -26.28
C PRO C 22 -10.89 -29.50 -25.98
N CYS C 23 -12.19 -29.55 -25.69
CA CYS C 23 -12.81 -30.80 -25.26
C CYS C 23 -13.99 -31.22 -26.13
N ASP C 24 -14.14 -30.65 -27.34
CA ASP C 24 -15.19 -31.02 -28.29
C ASP C 24 -16.58 -30.92 -27.64
N VAL C 25 -16.79 -29.81 -26.93
CA VAL C 25 -18.10 -29.62 -26.33
C VAL C 25 -19.04 -29.00 -27.34
N LEU C 26 -18.54 -28.15 -28.21
CA LEU C 26 -19.37 -27.36 -29.09
C LEU C 26 -19.40 -27.94 -30.49
N GLU C 27 -20.52 -27.74 -31.19
CA GLU C 27 -20.58 -28.03 -32.62
C GLU C 27 -21.56 -27.08 -33.29
N MET C 28 -21.53 -27.09 -34.62
CA MET C 28 -22.35 -26.19 -35.44
C MET C 28 -23.61 -26.92 -35.90
N VAL C 29 -24.76 -26.29 -35.67
CA VAL C 29 -26.03 -26.82 -36.14
C VAL C 29 -26.62 -25.80 -37.11
N SER C 30 -27.56 -26.26 -37.93
CA SER C 30 -28.15 -25.39 -38.95
C SER C 30 -29.11 -24.38 -38.34
N TRP C 31 -29.14 -23.19 -38.93
CA TRP C 31 -29.95 -22.09 -38.42
C TRP C 31 -30.40 -21.22 -39.58
N ASP C 32 -31.22 -20.21 -39.29
CA ASP C 32 -31.67 -19.27 -40.29
C ASP C 32 -31.75 -17.85 -39.72
N GLY C 33 -31.23 -17.63 -38.51
CA GLY C 33 -31.27 -16.34 -37.86
C GLY C 33 -30.05 -15.48 -38.07
N CYS C 34 -29.02 -16.02 -38.71
CA CYS C 34 -27.82 -15.26 -39.06
C CYS C 34 -27.46 -15.55 -40.50
N LYS C 35 -26.61 -14.68 -41.07
CA LYS C 35 -26.22 -14.79 -42.48
C LYS C 35 -25.49 -16.10 -42.76
N ALA C 36 -24.69 -16.58 -41.80
CA ALA C 36 -23.91 -17.79 -42.01
C ALA C 36 -24.76 -19.05 -42.07
N GLY C 37 -26.02 -18.99 -41.64
CA GLY C 37 -26.90 -20.14 -41.69
C GLY C 37 -26.61 -21.20 -40.64
N GLN C 38 -25.90 -20.84 -39.59
CA GLN C 38 -25.43 -21.81 -38.61
C GLN C 38 -25.27 -21.13 -37.27
N ILE C 39 -25.44 -21.91 -36.20
CA ILE C 39 -25.29 -21.39 -34.85
C ILE C 39 -24.50 -22.40 -34.05
N ALA C 40 -23.82 -21.93 -33.01
CA ALA C 40 -23.09 -22.83 -32.14
C ALA C 40 -24.06 -23.58 -31.25
N SER C 41 -23.64 -24.76 -30.83
CA SER C 41 -24.47 -25.63 -30.01
C SER C 41 -23.58 -26.25 -28.96
N ALA C 42 -24.18 -26.68 -27.86
CA ALA C 42 -23.43 -27.24 -26.73
C ALA C 42 -23.98 -28.61 -26.34
N PRO C 43 -23.80 -29.64 -27.19
CA PRO C 43 -24.39 -30.95 -26.88
C PRO C 43 -23.64 -31.78 -25.85
N ARG C 44 -22.39 -31.44 -25.53
CA ARG C 44 -21.54 -32.32 -24.71
C ARG C 44 -20.94 -31.55 -23.55
N THR C 45 -21.77 -30.81 -22.80
CA THR C 45 -21.29 -29.99 -21.69
C THR C 45 -20.78 -30.81 -20.51
N GLU C 46 -21.08 -32.12 -20.44
CA GLU C 46 -20.49 -32.97 -19.41
C GLU C 46 -18.97 -33.05 -19.56
N ASP C 47 -18.46 -32.81 -20.77
CA ASP C 47 -17.05 -32.73 -21.08
C ASP C 47 -16.48 -31.33 -20.95
N CYS C 48 -17.30 -30.34 -20.62
CA CYS C 48 -16.80 -28.98 -20.51
C CYS C 48 -15.94 -28.85 -19.27
N ILE C 49 -14.70 -28.41 -19.46
CA ILE C 49 -13.80 -28.20 -18.34
C ILE C 49 -13.89 -26.80 -17.77
N GLY C 50 -14.57 -25.88 -18.46
CA GLY C 50 -14.73 -24.52 -17.98
C GLY C 50 -13.60 -23.57 -18.31
N CYS C 51 -12.74 -23.93 -19.28
CA CYS C 51 -11.59 -23.11 -19.67
C CYS C 51 -12.00 -21.74 -20.19
N LYS C 52 -13.20 -21.63 -20.77
CA LYS C 52 -13.76 -20.41 -21.39
C LYS C 52 -12.92 -19.95 -22.58
N ARG C 53 -12.29 -20.89 -23.27
CA ARG C 53 -11.63 -20.56 -24.53
C ARG C 53 -12.64 -20.22 -25.62
N CYS C 54 -13.83 -20.80 -25.53
CA CYS C 54 -14.91 -20.43 -26.43
C CYS C 54 -15.31 -18.97 -26.28
N GLU C 55 -15.43 -18.49 -25.04
CA GLU C 55 -15.81 -17.10 -24.80
C GLU C 55 -14.77 -16.13 -25.31
N THR C 56 -13.49 -16.47 -25.15
CA THR C 56 -12.40 -15.67 -25.70
C THR C 56 -12.48 -15.60 -27.22
N ALA C 57 -12.80 -16.71 -27.87
CA ALA C 57 -12.87 -16.77 -29.32
C ALA C 57 -14.05 -16.00 -29.89
N CYS C 58 -15.12 -15.81 -29.11
CA CYS C 58 -16.35 -15.23 -29.65
C CYS C 58 -16.19 -13.74 -29.95
N PRO C 59 -16.57 -13.29 -31.16
CA PRO C 59 -16.42 -11.88 -31.53
C PRO C 59 -17.65 -10.99 -31.40
N THR C 60 -18.82 -11.51 -31.03
CA THR C 60 -20.00 -10.66 -30.86
C THR C 60 -19.77 -9.78 -29.63
N ASP C 61 -20.44 -8.63 -29.59
CA ASP C 61 -20.11 -7.59 -28.59
C ASP C 61 -20.25 -8.12 -27.19
N PHE C 62 -21.39 -8.65 -26.83
CA PHE C 62 -21.33 -9.51 -25.69
C PHE C 62 -21.52 -10.93 -26.16
N LEU C 63 -20.76 -11.80 -25.51
CA LEU C 63 -20.52 -13.18 -25.92
C LEU C 63 -21.81 -13.91 -26.24
N SER C 64 -21.85 -14.47 -27.43
CA SER C 64 -22.98 -15.32 -27.79
C SER C 64 -22.90 -16.64 -27.03
N VAL C 65 -21.69 -17.15 -26.82
CA VAL C 65 -21.50 -18.34 -26.01
C VAL C 65 -21.17 -17.91 -24.58
N ARG C 66 -21.90 -18.47 -23.61
CA ARG C 66 -21.64 -18.17 -22.20
C ARG C 66 -21.48 -19.44 -21.41
N VAL C 67 -20.36 -19.56 -20.71
CA VAL C 67 -20.08 -20.68 -19.83
C VAL C 67 -20.44 -20.28 -18.41
N TYR C 68 -21.18 -21.14 -17.72
CA TYR C 68 -21.57 -20.92 -16.34
C TYR C 68 -20.99 -22.06 -15.53
N LEU C 69 -19.94 -21.77 -14.77
CA LEU C 69 -19.27 -22.78 -13.97
C LEU C 69 -20.21 -23.30 -12.89
N GLY C 70 -20.31 -24.62 -12.78
CA GLY C 70 -21.28 -25.20 -11.88
C GLY C 70 -20.72 -26.25 -10.96
N GLY C 71 -21.40 -27.39 -10.85
CA GLY C 71 -20.88 -28.50 -10.09
C GLY C 71 -19.62 -29.08 -10.74
N GLU C 72 -18.67 -29.46 -9.89
CA GLU C 72 -17.41 -29.99 -10.36
C GLU C 72 -17.48 -31.50 -10.41
N THR C 73 -16.86 -32.09 -11.43
CA THR C 73 -16.79 -33.54 -11.59
C THR C 73 -15.33 -33.90 -11.83
N THR C 74 -15.06 -35.18 -12.08
CA THR C 74 -13.71 -35.56 -12.50
C THR C 74 -13.38 -34.96 -13.87
N ARG C 75 -14.36 -34.93 -14.77
CA ARG C 75 -14.15 -34.38 -16.11
C ARG C 75 -13.96 -32.88 -16.08
N SER C 76 -14.85 -32.17 -15.36
CA SER C 76 -14.80 -30.71 -15.37
C SER C 76 -13.71 -30.14 -14.48
N MET C 77 -13.10 -30.96 -13.62
CA MET C 77 -11.96 -30.51 -12.84
C MET C 77 -10.66 -30.82 -13.56
N GLY C 78 -10.74 -31.46 -14.73
CA GLY C 78 -9.61 -31.79 -15.55
C GLY C 78 -8.60 -32.62 -14.81
N LEU C 79 -9.07 -33.64 -14.10
CA LEU C 79 -8.23 -34.48 -13.29
C LEU C 79 -7.86 -35.73 -14.07
N ALA C 80 -6.57 -35.97 -14.22
CA ALA C 80 -6.07 -37.17 -14.85
C ALA C 80 -5.81 -38.25 -13.82
N TYR C 81 -6.16 -37.97 -12.57
CA TYR C 81 -6.04 -38.91 -11.47
C TYR C 81 -7.37 -39.05 -10.74
N GLU D 3 -16.58 -49.75 -37.06
CA GLU D 3 -16.68 -48.59 -36.18
C GLU D 3 -15.92 -48.82 -34.87
N THR D 4 -16.12 -49.99 -34.26
CA THR D 4 -15.59 -50.24 -32.93
C THR D 4 -14.08 -50.26 -32.94
N LEU D 5 -13.50 -49.86 -31.82
CA LEU D 5 -12.06 -49.85 -31.64
C LEU D 5 -11.49 -51.25 -31.85
N ASN D 6 -10.59 -51.37 -32.81
CA ASN D 6 -9.84 -52.60 -32.98
C ASN D 6 -8.71 -52.52 -31.98
N LEU D 7 -8.83 -53.29 -30.88
CA LEU D 7 -7.88 -53.23 -29.79
C LEU D 7 -6.46 -53.63 -30.20
N GLN D 8 -6.30 -54.32 -31.33
CA GLN D 8 -5.04 -54.88 -31.79
C GLN D 8 -4.18 -53.89 -32.56
N ILE D 9 -4.63 -52.66 -32.79
CA ILE D 9 -3.87 -51.65 -33.55
C ILE D 9 -2.55 -51.36 -32.82
N PRO D 10 -1.41 -51.37 -33.53
CA PRO D 10 -0.13 -51.15 -32.84
C PRO D 10 0.00 -49.74 -32.30
N SER D 11 0.77 -49.62 -31.27
CA SER D 11 0.95 -48.34 -30.59
C SER D 11 2.27 -47.69 -31.02
N PRO D 12 2.27 -46.34 -31.09
CA PRO D 12 3.50 -45.61 -31.38
C PRO D 12 4.66 -46.00 -30.47
N THR D 13 5.85 -46.16 -31.07
CA THR D 13 7.04 -46.46 -30.30
C THR D 13 7.30 -45.36 -29.28
N PHE D 14 7.21 -45.72 -28.00
CA PHE D 14 7.44 -44.81 -26.90
C PHE D 14 8.23 -45.56 -25.84
N GLU D 15 9.11 -44.84 -25.16
CA GLU D 15 9.96 -45.43 -24.13
C GLU D 15 9.37 -45.28 -22.74
N GLY D 16 8.18 -44.70 -22.63
CA GLY D 16 7.52 -44.55 -21.36
C GLY D 16 7.83 -43.21 -20.71
N SER D 17 6.96 -42.84 -19.78
CA SER D 17 7.12 -41.63 -19.01
C SER D 17 6.30 -41.76 -17.73
N THR D 18 6.58 -40.86 -16.78
CA THR D 18 5.75 -40.80 -15.59
C THR D 18 4.47 -40.01 -15.82
N GLY D 19 4.31 -39.40 -16.99
CA GLY D 19 3.18 -38.55 -17.30
C GLY D 19 1.95 -39.28 -17.78
N GLY D 20 2.00 -40.59 -17.92
CA GLY D 20 0.88 -41.37 -18.40
C GLY D 20 -0.26 -41.51 -17.41
N TRP D 21 -1.13 -42.47 -17.63
CA TRP D 21 -2.32 -42.54 -16.82
C TRP D 21 -2.08 -43.34 -15.54
N LEU D 22 -2.92 -43.06 -14.55
CA LEU D 22 -2.80 -43.57 -13.20
C LEU D 22 -4.01 -44.47 -12.92
N ARG D 23 -4.19 -44.83 -11.64
CA ARG D 23 -5.19 -45.81 -11.24
C ARG D 23 -6.61 -45.41 -11.64
N ALA D 24 -6.89 -44.12 -11.74
CA ALA D 24 -8.22 -43.67 -12.17
C ALA D 24 -8.54 -44.07 -13.60
N ALA D 25 -7.54 -44.32 -14.45
CA ALA D 25 -7.84 -44.80 -15.78
C ALA D 25 -8.31 -46.25 -15.79
N GLU D 26 -7.72 -47.08 -14.94
CA GLU D 26 -8.11 -48.48 -14.91
C GLU D 26 -9.31 -48.76 -14.02
N VAL D 27 -9.80 -47.77 -13.28
CA VAL D 27 -10.99 -47.96 -12.45
C VAL D 27 -12.13 -47.00 -12.78
N GLU D 28 -11.90 -45.91 -13.52
CA GLU D 28 -13.00 -45.00 -13.84
C GLU D 28 -13.27 -44.93 -15.34
N GLU D 29 -12.28 -44.57 -16.16
CA GLU D 29 -12.42 -44.45 -17.61
C GLU D 29 -11.06 -44.16 -18.24
N LYS D 30 -10.92 -44.58 -19.49
CA LYS D 30 -9.72 -44.33 -20.25
C LYS D 30 -10.13 -43.81 -21.61
N TYR D 31 -9.27 -43.02 -22.21
CA TYR D 31 -9.52 -42.49 -23.54
C TYR D 31 -8.47 -43.03 -24.49
N ALA D 32 -8.89 -43.28 -25.73
CA ALA D 32 -8.00 -43.75 -26.75
C ALA D 32 -8.14 -42.92 -28.00
N ILE D 33 -7.04 -42.75 -28.73
CA ILE D 33 -7.06 -42.07 -30.01
C ILE D 33 -6.34 -42.95 -31.03
N THR D 34 -6.94 -43.06 -32.21
CA THR D 34 -6.34 -43.76 -33.34
C THR D 34 -6.19 -42.78 -34.48
N TRP D 35 -5.16 -42.98 -35.30
CA TRP D 35 -4.98 -42.15 -36.49
C TRP D 35 -4.08 -42.89 -37.45
N THR D 36 -4.17 -42.49 -38.71
CA THR D 36 -3.36 -43.07 -39.77
C THR D 36 -2.19 -42.15 -40.06
N SER D 37 -0.98 -42.72 -40.12
CA SER D 37 0.20 -41.97 -40.46
C SER D 37 0.75 -42.47 -41.79
N PRO D 38 1.13 -41.57 -42.70
CA PRO D 38 1.82 -42.01 -43.92
C PRO D 38 3.31 -42.25 -43.72
N LYS D 39 3.84 -42.00 -42.52
CA LYS D 39 5.27 -42.01 -42.29
C LYS D 39 5.55 -42.54 -40.90
N GLU D 40 6.83 -42.81 -40.65
CA GLU D 40 7.31 -43.28 -39.35
C GLU D 40 8.08 -42.10 -38.74
N GLN D 41 7.35 -41.21 -38.09
CA GLN D 41 7.85 -39.89 -37.74
C GLN D 41 7.65 -39.59 -36.26
N VAL D 42 8.46 -38.67 -35.75
CA VAL D 42 8.45 -38.31 -34.34
C VAL D 42 7.37 -37.26 -34.09
N PHE D 43 6.56 -37.47 -33.06
CA PHE D 43 5.62 -36.47 -32.56
C PHE D 43 5.85 -36.27 -31.07
N GLU D 44 5.17 -35.29 -30.50
CA GLU D 44 5.28 -35.00 -29.08
C GLU D 44 4.07 -35.56 -28.36
N MET D 45 4.32 -36.32 -27.30
CA MET D 45 3.23 -36.83 -26.49
C MET D 45 2.66 -35.71 -25.63
N PRO D 46 1.34 -35.65 -25.44
CA PRO D 46 0.75 -34.66 -24.53
C PRO D 46 1.19 -34.81 -23.10
N THR D 47 1.68 -35.99 -22.71
CA THR D 47 1.98 -36.34 -21.34
C THR D 47 3.47 -36.29 -21.02
N GLY D 48 4.30 -35.79 -21.92
CA GLY D 48 5.72 -35.91 -21.68
C GLY D 48 6.61 -35.62 -22.86
N GLY D 49 7.50 -36.55 -23.17
CA GLY D 49 8.50 -36.35 -24.20
C GLY D 49 8.01 -36.61 -25.61
N ALA D 50 8.85 -37.28 -26.40
CA ALA D 50 8.58 -37.53 -27.80
C ALA D 50 8.35 -39.01 -28.04
N ALA D 51 7.43 -39.31 -28.95
CA ALA D 51 7.18 -40.67 -29.40
C ALA D 51 7.31 -40.69 -30.91
N ILE D 52 7.31 -41.90 -31.47
CA ILE D 52 7.41 -42.09 -32.92
C ILE D 52 6.17 -42.84 -33.37
N MET D 53 5.37 -42.23 -34.24
CA MET D 53 4.20 -42.88 -34.77
C MET D 53 4.60 -43.80 -35.93
N ARG D 54 4.04 -45.00 -35.96
CA ARG D 54 4.43 -45.97 -36.97
C ARG D 54 3.63 -45.68 -38.23
N GLN D 55 4.22 -45.99 -39.39
CA GLN D 55 3.50 -45.87 -40.65
C GLN D 55 2.28 -46.79 -40.63
N GLY D 56 1.13 -46.23 -41.00
CA GLY D 56 -0.11 -46.97 -40.93
C GLY D 56 -0.97 -46.51 -39.77
N GLU D 57 -1.56 -47.45 -39.05
CA GLU D 57 -2.50 -47.15 -37.97
C GLU D 57 -1.82 -47.16 -36.62
N ASN D 58 -2.06 -46.12 -35.83
CA ASN D 58 -1.52 -45.96 -34.49
C ASN D 58 -2.66 -45.97 -33.47
N LEU D 59 -2.31 -46.22 -32.22
CA LEU D 59 -3.29 -46.24 -31.13
C LEU D 59 -2.62 -45.81 -29.84
N LEU D 60 -3.26 -44.90 -29.11
CA LEU D 60 -2.75 -44.46 -27.82
C LEU D 60 -3.84 -44.63 -26.78
N TYR D 61 -3.44 -44.59 -25.52
CA TYR D 61 -4.37 -44.51 -24.41
C TYR D 61 -3.98 -43.33 -23.53
N LEU D 62 -4.95 -42.49 -23.21
CA LEU D 62 -4.72 -41.33 -22.36
C LEU D 62 -5.79 -41.26 -21.29
N ALA D 63 -5.52 -40.48 -20.24
CA ALA D 63 -6.42 -40.39 -19.10
C ALA D 63 -7.52 -39.36 -19.30
N ARG D 64 -7.25 -38.27 -20.01
CA ARG D 64 -8.21 -37.20 -20.18
C ARG D 64 -8.61 -37.08 -21.64
N LYS D 65 -9.85 -36.65 -21.86
CA LYS D 65 -10.33 -36.40 -23.21
C LYS D 65 -9.58 -35.25 -23.85
N GLU D 66 -9.25 -34.22 -23.06
CA GLU D 66 -8.48 -33.09 -23.54
C GLU D 66 -7.08 -33.51 -23.99
N GLN D 67 -6.51 -34.55 -23.38
CA GLN D 67 -5.19 -35.01 -23.80
C GLN D 67 -5.24 -35.65 -25.17
N CYS D 68 -6.33 -36.36 -25.49
CA CYS D 68 -6.46 -36.97 -26.80
C CYS D 68 -6.66 -35.92 -27.88
N LEU D 69 -7.40 -34.86 -27.56
CA LEU D 69 -7.69 -33.83 -28.55
C LEU D 69 -6.52 -32.87 -28.73
N ALA D 70 -5.76 -32.60 -27.65
CA ALA D 70 -4.53 -31.84 -27.78
C ALA D 70 -3.53 -32.54 -28.69
N LEU D 71 -3.49 -33.86 -28.65
CA LEU D 71 -2.67 -34.60 -29.59
C LEU D 71 -3.24 -34.53 -30.99
N ALA D 72 -4.58 -34.63 -31.10
CA ALA D 72 -5.27 -34.54 -32.38
C ALA D 72 -5.02 -33.20 -33.05
N THR D 73 -5.05 -32.11 -32.29
CA THR D 73 -4.75 -30.78 -32.80
C THR D 73 -3.34 -30.73 -33.37
N GLN D 74 -2.37 -31.26 -32.62
CA GLN D 74 -0.97 -31.27 -33.06
C GLN D 74 -0.79 -32.16 -34.28
N VAL D 75 -1.45 -33.32 -34.30
CA VAL D 75 -1.30 -34.27 -35.40
C VAL D 75 -1.91 -33.71 -36.69
N LYS D 76 -2.86 -32.79 -36.58
CA LYS D 76 -3.51 -32.23 -37.75
C LYS D 76 -2.86 -30.92 -38.19
N ASN D 77 -2.10 -30.27 -37.30
CA ASN D 77 -1.49 -28.99 -37.62
C ASN D 77 -0.06 -29.14 -38.13
N SER D 78 0.63 -30.22 -37.79
CA SER D 78 2.02 -30.41 -38.19
C SER D 78 2.22 -31.64 -39.07
N PHE D 79 1.31 -32.61 -39.03
CA PHE D 79 1.44 -33.81 -39.83
C PHE D 79 0.26 -34.00 -40.77
N LYS D 80 -0.69 -33.07 -40.75
CA LYS D 80 -1.88 -33.01 -41.63
C LYS D 80 -2.66 -34.31 -41.66
N ILE D 81 -2.62 -35.04 -40.54
CA ILE D 81 -3.47 -36.21 -40.35
C ILE D 81 -4.81 -35.72 -39.84
N THR D 82 -5.86 -35.95 -40.64
CA THR D 82 -7.23 -35.64 -40.25
C THR D 82 -8.02 -36.90 -39.99
N ASP D 83 -7.34 -38.04 -39.82
CA ASP D 83 -7.94 -39.36 -39.76
C ASP D 83 -8.06 -39.84 -38.32
N TYR D 84 -8.32 -38.95 -37.38
CA TYR D 84 -8.23 -39.32 -35.97
C TYR D 84 -9.61 -39.56 -35.38
N LYS D 85 -9.73 -40.64 -34.63
CA LYS D 85 -10.96 -41.03 -33.95
C LYS D 85 -10.68 -41.21 -32.48
N VAL D 86 -11.49 -40.60 -31.62
CA VAL D 86 -11.28 -40.59 -30.18
C VAL D 86 -12.38 -41.42 -29.53
N TYR D 87 -11.98 -42.30 -28.63
CA TYR D 87 -12.88 -43.21 -27.95
C TYR D 87 -12.80 -43.02 -26.44
N ARG D 88 -13.91 -43.29 -25.77
CA ARG D 88 -13.94 -43.41 -24.32
C ARG D 88 -14.09 -44.88 -23.97
N ILE D 89 -13.34 -45.33 -22.98
CA ILE D 89 -13.30 -46.75 -22.60
C ILE D 89 -13.55 -46.85 -21.12
N PHE D 90 -14.50 -47.58 -20.76
CA PHE D 90 -14.89 -47.87 -19.40
C PHE D 90 -14.30 -49.20 -18.95
N PRO D 91 -14.04 -49.39 -17.65
CA PRO D 91 -13.48 -50.66 -17.17
C PRO D 91 -14.38 -51.87 -17.36
N SER D 92 -15.67 -51.66 -17.66
CA SER D 92 -16.58 -52.74 -18.02
C SER D 92 -16.29 -53.33 -19.40
N GLY D 93 -15.36 -52.75 -20.15
CA GLY D 93 -15.10 -53.14 -21.51
C GLY D 93 -15.83 -52.33 -22.55
N GLU D 94 -16.79 -51.50 -22.14
CA GLU D 94 -17.55 -50.70 -23.08
C GLU D 94 -16.67 -49.62 -23.69
N VAL D 95 -16.68 -49.55 -25.01
CA VAL D 95 -15.92 -48.55 -25.76
C VAL D 95 -16.91 -47.59 -26.39
N GLN D 96 -16.72 -46.31 -26.12
CA GLN D 96 -17.66 -45.25 -26.48
C GLN D 96 -16.95 -44.31 -27.45
N TYR D 97 -17.40 -44.30 -28.70
CA TYR D 97 -16.87 -43.38 -29.70
C TYR D 97 -17.24 -41.94 -29.37
N LEU D 98 -16.27 -41.05 -29.51
CA LEU D 98 -16.42 -39.68 -29.04
C LEU D 98 -16.27 -38.64 -30.14
N HIS D 99 -15.22 -38.73 -30.96
CA HIS D 99 -14.89 -37.61 -31.78
C HIS D 99 -14.19 -38.03 -33.07
N PRO D 100 -14.63 -37.55 -34.25
CA PRO D 100 -15.81 -36.69 -34.48
C PRO D 100 -17.11 -37.47 -34.37
N LYS D 101 -18.08 -36.90 -33.67
CA LYS D 101 -19.19 -37.66 -33.10
C LYS D 101 -20.10 -38.26 -34.16
N ASP D 102 -20.26 -37.57 -35.29
CA ASP D 102 -21.14 -38.07 -36.35
C ASP D 102 -20.42 -38.15 -37.69
N GLY D 103 -19.11 -38.37 -37.66
CA GLY D 103 -18.31 -38.52 -38.86
C GLY D 103 -17.83 -37.23 -39.47
N VAL D 104 -18.38 -36.10 -39.04
CA VAL D 104 -18.04 -34.79 -39.57
C VAL D 104 -17.57 -33.96 -38.39
N PHE D 105 -16.55 -33.13 -38.63
CA PHE D 105 -15.98 -32.33 -37.57
C PHE D 105 -17.00 -31.32 -37.07
N PRO D 106 -16.94 -30.97 -35.77
CA PRO D 106 -17.93 -30.06 -35.20
C PRO D 106 -17.97 -28.68 -35.83
N GLU D 107 -16.85 -28.17 -36.34
CA GLU D 107 -16.84 -26.84 -36.94
C GLU D 107 -17.48 -26.82 -38.32
N LYS D 108 -17.76 -27.99 -38.89
CA LYS D 108 -18.53 -28.10 -40.10
C LYS D 108 -19.96 -28.47 -39.73
N VAL D 109 -20.93 -27.82 -40.38
CA VAL D 109 -22.34 -28.07 -40.12
C VAL D 109 -22.68 -29.48 -40.62
N ASN D 110 -23.70 -30.08 -40.01
CA ASN D 110 -24.18 -31.37 -40.46
C ASN D 110 -25.68 -31.40 -40.22
N ALA D 111 -26.40 -32.04 -41.14
CA ALA D 111 -27.82 -32.27 -40.94
C ALA D 111 -28.04 -33.28 -39.82
N GLY D 112 -29.23 -33.26 -39.24
CA GLY D 112 -29.53 -34.16 -38.15
C GLY D 112 -28.85 -33.82 -36.84
N ARG D 113 -28.09 -32.74 -36.78
CA ARG D 113 -27.60 -32.22 -35.52
C ARG D 113 -28.68 -31.35 -34.90
N VAL D 114 -29.05 -31.65 -33.68
CA VAL D 114 -30.05 -30.88 -32.95
C VAL D 114 -29.30 -29.92 -32.03
N GLY D 115 -29.75 -28.67 -32.01
CA GLY D 115 -29.12 -27.65 -31.19
C GLY D 115 -29.43 -27.79 -29.72
N VAL D 116 -28.40 -27.88 -28.91
CA VAL D 116 -28.52 -27.96 -27.46
C VAL D 116 -27.93 -26.69 -26.86
N GLY D 117 -28.63 -26.11 -25.89
CA GLY D 117 -28.14 -24.94 -25.20
C GLY D 117 -28.47 -23.62 -25.85
N ASN D 118 -29.30 -23.60 -26.87
CA ASN D 118 -29.55 -22.39 -27.63
C ASN D 118 -30.69 -21.60 -27.01
N VAL D 119 -30.44 -20.30 -26.80
CA VAL D 119 -31.36 -19.42 -26.09
C VAL D 119 -31.87 -18.39 -27.09
N SER D 120 -33.19 -18.23 -27.16
CA SER D 120 -33.84 -17.50 -28.23
C SER D 120 -33.61 -15.99 -28.17
N HIS D 121 -33.14 -15.46 -27.05
CA HIS D 121 -32.92 -14.03 -26.92
C HIS D 121 -31.44 -13.75 -26.73
N SER D 122 -31.09 -12.47 -26.71
CA SER D 122 -29.70 -12.13 -26.46
C SER D 122 -29.43 -12.20 -24.96
N ILE D 123 -28.15 -12.09 -24.60
CA ILE D 123 -27.71 -12.42 -23.26
C ILE D 123 -28.23 -11.41 -22.24
N GLY D 124 -28.53 -10.19 -22.69
CA GLY D 124 -29.07 -9.18 -21.81
C GLY D 124 -30.51 -9.29 -21.46
N LYS D 125 -31.20 -10.26 -22.04
CA LYS D 125 -32.62 -10.42 -21.84
C LYS D 125 -32.93 -11.50 -20.81
N ASN D 126 -31.93 -11.93 -20.04
CA ASN D 126 -32.15 -12.91 -18.99
C ASN D 126 -32.95 -12.31 -17.85
N LEU D 127 -33.40 -13.17 -16.95
CA LEU D 127 -34.21 -12.73 -15.83
C LEU D 127 -33.31 -12.39 -14.64
N ASN D 128 -33.72 -11.38 -13.88
CA ASN D 128 -32.97 -11.01 -12.69
C ASN D 128 -33.11 -12.10 -11.63
N PRO D 129 -32.07 -12.28 -10.80
CA PRO D 129 -32.11 -13.35 -9.78
C PRO D 129 -33.24 -13.22 -8.77
N ALA D 130 -33.60 -11.99 -8.41
CA ALA D 130 -34.69 -11.74 -7.47
C ALA D 130 -36.02 -12.27 -7.99
N GLN D 131 -36.26 -12.13 -9.30
CA GLN D 131 -37.50 -12.60 -9.92
C GLN D 131 -37.68 -14.10 -9.79
N ILE D 132 -36.60 -14.87 -9.85
CA ILE D 132 -36.69 -16.32 -9.82
C ILE D 132 -36.27 -16.88 -8.46
N LYS D 133 -36.23 -16.03 -7.43
CA LYS D 133 -35.91 -16.52 -6.09
C LYS D 133 -37.10 -17.29 -5.54
N PHE D 134 -36.80 -18.42 -4.87
CA PHE D 134 -37.80 -19.38 -4.34
C PHE D 134 -38.75 -19.89 -5.42
N THR D 135 -38.31 -19.84 -6.67
CA THR D 135 -39.03 -20.31 -7.84
C THR D 135 -38.06 -21.19 -8.62
N SER D 136 -38.58 -22.22 -9.27
CA SER D 136 -37.75 -23.11 -10.07
C SER D 136 -37.45 -22.55 -11.45
N LYS D 137 -38.07 -21.42 -11.82
CA LYS D 137 -38.01 -20.91 -13.19
C LYS D 137 -36.58 -20.50 -13.55
N SER D 138 -36.19 -20.79 -14.78
CA SER D 138 -34.82 -20.59 -15.22
C SER D 138 -34.59 -19.15 -15.64
N PHE D 139 -33.36 -18.68 -15.44
CA PHE D 139 -33.03 -17.28 -15.69
C PHE D 139 -32.98 -16.95 -17.18
N ASN D 140 -32.91 -17.94 -18.06
CA ASN D 140 -32.90 -17.71 -19.51
C ASN D 140 -34.33 -17.49 -20.01
N GLY D 141 -34.92 -16.40 -19.57
CA GLY D 141 -36.29 -16.10 -19.92
C GLY D 141 -37.29 -16.91 -19.11
N VAL E 2 -32.69 2.56 -40.71
CA VAL E 2 -31.56 3.40 -41.05
C VAL E 2 -31.15 3.11 -42.49
N LYS E 3 -29.99 3.60 -42.90
CA LYS E 3 -29.45 3.29 -44.22
C LYS E 3 -27.95 3.18 -44.08
N ARG E 4 -27.33 2.49 -45.04
CA ARG E 4 -25.88 2.27 -45.03
C ARG E 4 -25.13 3.60 -45.00
N GLY E 5 -24.11 3.66 -44.16
CA GLY E 5 -23.27 4.84 -44.06
C GLY E 5 -23.73 5.86 -43.04
N SER E 6 -24.93 5.71 -42.49
CA SER E 6 -25.45 6.66 -41.52
C SER E 6 -24.84 6.44 -40.15
N LYS E 7 -24.91 7.48 -39.31
CA LYS E 7 -24.38 7.46 -37.95
C LYS E 7 -25.50 7.10 -37.00
N VAL E 8 -25.26 6.16 -36.09
CA VAL E 8 -26.31 5.65 -35.21
C VAL E 8 -25.82 5.58 -33.77
N ARG E 9 -26.75 5.81 -32.85
CA ARG E 9 -26.50 5.74 -31.41
C ARG E 9 -27.05 4.42 -30.87
N ILE E 10 -26.19 3.62 -30.25
CA ILE E 10 -26.51 2.24 -29.91
C ILE E 10 -27.39 2.21 -28.66
N LEU E 11 -28.43 1.36 -28.68
CA LEU E 11 -29.40 1.27 -27.60
C LEU E 11 -29.46 -0.13 -26.99
N ARG E 12 -28.47 -0.97 -27.23
CA ARG E 12 -28.38 -2.28 -26.58
C ARG E 12 -27.60 -2.12 -25.28
N LYS E 13 -28.27 -2.30 -24.14
CA LYS E 13 -27.70 -1.91 -22.85
C LYS E 13 -26.46 -2.71 -22.47
N GLU E 14 -26.30 -3.91 -23.00
CA GLU E 14 -25.08 -4.65 -22.74
C GLU E 14 -24.03 -4.49 -23.82
N SER E 15 -24.25 -3.61 -24.79
CA SER E 15 -23.21 -3.34 -25.75
C SER E 15 -22.06 -2.57 -25.10
N TYR E 16 -20.84 -2.84 -25.58
CA TYR E 16 -19.70 -2.00 -25.22
C TYR E 16 -19.94 -0.55 -25.61
N TRP E 17 -20.62 -0.35 -26.75
CA TRP E 17 -20.85 0.98 -27.29
C TRP E 17 -22.27 1.45 -27.04
N TYR E 18 -22.92 0.95 -25.99
CA TYR E 18 -24.25 1.41 -25.60
C TYR E 18 -24.22 2.90 -25.33
N GLN E 19 -25.05 3.64 -26.04
CA GLN E 19 -25.14 5.11 -26.03
C GLN E 19 -23.90 5.77 -26.63
N ASP E 20 -23.16 5.04 -27.47
CA ASP E 20 -22.10 5.58 -28.30
C ASP E 20 -22.51 5.56 -29.77
N ILE E 21 -21.76 6.29 -30.58
CA ILE E 21 -22.06 6.46 -31.99
C ILE E 21 -21.19 5.53 -32.82
N GLY E 22 -21.81 4.77 -33.69
CA GLY E 22 -21.11 4.05 -34.74
C GLY E 22 -21.61 4.45 -36.11
N THR E 23 -21.14 3.79 -37.16
CA THR E 23 -21.63 4.04 -38.50
C THR E 23 -22.06 2.73 -39.14
N VAL E 24 -23.19 2.77 -39.84
CA VAL E 24 -23.81 1.56 -40.38
C VAL E 24 -23.02 1.10 -41.59
N ALA E 25 -22.57 -0.14 -41.57
CA ALA E 25 -21.78 -0.69 -42.66
C ALA E 25 -22.69 -1.27 -43.75
N THR E 26 -23.50 -2.27 -43.38
CA THR E 26 -24.45 -2.88 -44.31
C THR E 26 -25.73 -3.17 -43.53
N ILE E 27 -26.81 -3.41 -44.27
CA ILE E 27 -28.06 -3.87 -43.69
C ILE E 27 -28.54 -5.07 -44.50
N ASP E 28 -28.69 -6.22 -43.84
CA ASP E 28 -29.09 -7.48 -44.53
C ASP E 28 -30.59 -7.50 -44.81
N THR E 29 -30.99 -7.66 -46.07
CA THR E 29 -32.42 -7.74 -46.47
C THR E 29 -33.04 -9.07 -46.04
N SER E 30 -32.21 -10.10 -45.80
CA SER E 30 -32.73 -11.46 -45.48
C SER E 30 -33.32 -11.47 -44.06
N GLY E 31 -33.99 -12.55 -43.68
CA GLY E 31 -34.64 -12.59 -42.36
C GLY E 31 -33.62 -12.88 -41.28
N ILE E 32 -32.72 -11.92 -41.02
CA ILE E 32 -31.67 -12.06 -39.98
C ILE E 32 -32.16 -11.32 -38.74
N ARG E 33 -31.94 -11.91 -37.56
CA ARG E 33 -32.37 -11.33 -36.30
C ARG E 33 -31.68 -10.00 -36.03
N TYR E 34 -30.43 -9.85 -36.46
CA TYR E 34 -29.64 -8.64 -36.20
C TYR E 34 -29.03 -8.18 -37.51
N PRO E 35 -29.80 -7.46 -38.32
CA PRO E 35 -29.37 -7.17 -39.70
C PRO E 35 -28.52 -5.92 -39.90
N VAL E 36 -28.34 -5.07 -38.89
CA VAL E 36 -27.60 -3.82 -39.05
C VAL E 36 -26.16 -4.05 -38.60
N VAL E 37 -25.21 -3.83 -39.50
CA VAL E 37 -23.80 -3.97 -39.19
C VAL E 37 -23.24 -2.57 -38.91
N VAL E 38 -22.69 -2.39 -37.71
CA VAL E 38 -22.24 -1.08 -37.23
C VAL E 38 -20.77 -1.18 -36.87
N ARG E 39 -19.97 -0.25 -37.37
CA ARG E 39 -18.55 -0.15 -37.07
C ARG E 39 -18.29 1.07 -36.20
N PHE E 40 -17.31 0.94 -35.32
CA PHE E 40 -17.02 1.96 -34.31
C PHE E 40 -15.54 2.32 -34.37
N GLU E 41 -15.20 3.45 -33.76
CA GLU E 41 -13.80 3.83 -33.67
C GLU E 41 -13.13 3.31 -32.41
N LYS E 42 -13.88 3.17 -31.31
CA LYS E 42 -13.36 2.48 -30.14
C LYS E 42 -13.45 0.97 -30.32
N VAL E 43 -12.46 0.27 -29.83
CA VAL E 43 -12.52 -1.18 -29.75
C VAL E 43 -13.16 -1.55 -28.42
N SER E 44 -13.83 -2.69 -28.41
CA SER E 44 -14.36 -3.23 -27.18
C SER E 44 -13.22 -3.83 -26.36
N TYR E 45 -13.54 -4.37 -25.18
CA TYR E 45 -12.54 -5.02 -24.34
C TYR E 45 -11.89 -6.22 -25.02
N SER E 46 -12.58 -6.81 -25.99
CA SER E 46 -12.08 -7.88 -26.83
C SER E 46 -11.32 -7.36 -28.05
N GLY E 47 -11.23 -6.06 -28.24
CA GLY E 47 -10.55 -5.51 -29.40
C GLY E 47 -11.33 -5.60 -30.69
N VAL E 48 -12.61 -5.86 -30.61
CA VAL E 48 -13.48 -5.85 -31.78
C VAL E 48 -14.00 -4.44 -31.96
N ASN E 49 -14.16 -4.00 -33.21
CA ASN E 49 -14.65 -2.65 -33.51
C ASN E 49 -15.92 -2.68 -34.36
N THR E 50 -16.63 -3.81 -34.38
CA THR E 50 -17.84 -3.93 -35.19
C THR E 50 -18.81 -4.88 -34.51
N ASN E 51 -20.10 -4.68 -34.74
CA ASN E 51 -21.10 -5.58 -34.19
C ASN E 51 -22.39 -5.48 -34.99
N ASN E 52 -23.18 -6.55 -34.92
CA ASN E 52 -24.48 -6.60 -35.56
C ASN E 52 -25.56 -6.16 -34.58
N PHE E 53 -26.59 -5.52 -35.10
CA PHE E 53 -27.66 -4.99 -34.28
C PHE E 53 -28.98 -5.11 -35.02
N SER E 54 -30.06 -5.00 -34.27
CA SER E 54 -31.40 -4.96 -34.84
C SER E 54 -31.84 -3.50 -34.98
N LEU E 55 -32.95 -3.31 -35.68
CA LEU E 55 -33.46 -1.97 -35.94
C LEU E 55 -33.94 -1.29 -34.67
N ASP E 56 -34.58 -2.03 -33.77
CA ASP E 56 -35.06 -1.47 -32.50
C ASP E 56 -33.95 -1.29 -31.46
N GLU E 57 -32.68 -1.37 -31.87
CA GLU E 57 -31.52 -1.18 -31.01
C GLU E 57 -30.63 -0.07 -31.53
N VAL E 58 -31.12 0.73 -32.45
CA VAL E 58 -30.31 1.61 -33.30
C VAL E 58 -31.14 2.84 -33.65
N VAL E 59 -30.61 4.03 -33.36
CA VAL E 59 -31.30 5.29 -33.64
C VAL E 59 -30.35 6.21 -34.40
N GLU E 60 -30.84 6.81 -35.49
CA GLU E 60 -30.03 7.77 -36.23
C GLU E 60 -29.81 9.04 -35.40
N VAL E 61 -28.63 9.63 -35.56
CA VAL E 61 -28.36 10.92 -34.96
C VAL E 61 -28.10 11.96 -36.05
N ASP F 28 -2.05 33.55 20.98
CA ASP F 28 -2.70 34.26 19.88
C ASP F 28 -3.93 33.46 19.45
N VAL F 29 -3.98 33.06 18.18
CA VAL F 29 -5.02 32.19 17.67
C VAL F 29 -4.76 30.79 18.20
N ALA F 30 -5.80 30.15 18.74
CA ALA F 30 -5.77 28.77 19.24
C ALA F 30 -4.69 28.57 20.30
N GLY F 31 -4.46 29.59 21.13
CA GLY F 31 -3.45 29.54 22.16
C GLY F 31 -2.03 29.43 21.66
N LEU F 32 -1.76 29.86 20.43
CA LEU F 32 -0.43 29.79 19.85
C LEU F 32 0.33 31.09 20.10
N THR F 33 1.62 31.03 19.92
CA THR F 33 2.50 32.15 20.19
C THR F 33 3.16 32.59 18.89
N PRO F 34 3.26 33.90 18.63
CA PRO F 34 4.02 34.36 17.46
C PRO F 34 5.46 33.89 17.58
N CYS F 35 5.99 33.40 16.46
CA CYS F 35 7.31 32.77 16.45
C CYS F 35 8.43 33.75 16.82
N GLY F 36 8.20 35.04 16.64
CA GLY F 36 9.20 36.03 17.01
C GLY F 36 9.41 36.18 18.50
N GLU F 37 8.44 35.79 19.33
CA GLU F 37 8.60 35.84 20.77
C GLU F 37 8.54 34.47 21.43
N SER F 38 8.45 33.40 20.66
CA SER F 38 8.50 32.07 21.24
C SER F 38 9.91 31.77 21.73
N LYS F 39 10.03 31.35 22.99
CA LYS F 39 11.32 30.97 23.51
C LYS F 39 11.77 29.63 22.96
N GLU F 40 10.82 28.75 22.65
CA GLU F 40 11.18 27.47 22.08
C GLU F 40 11.64 27.64 20.63
N PHE F 41 11.08 28.60 19.89
CA PHE F 41 11.62 28.95 18.57
C PHE F 41 13.05 29.47 18.69
N ALA F 42 13.31 30.27 19.73
CA ALA F 42 14.65 30.81 19.94
C ALA F 42 15.67 29.71 20.23
N ARG F 43 15.27 28.71 21.01
CA ARG F 43 16.17 27.57 21.26
C ARG F 43 16.34 26.68 20.04
N ARG F 44 15.32 26.59 19.17
CA ARG F 44 15.48 25.86 17.90
C ARG F 44 16.59 26.48 17.06
N LEU F 45 16.58 27.81 16.94
CA LEU F 45 17.58 28.51 16.14
C LEU F 45 18.97 28.33 16.73
N ASP F 46 19.09 28.41 18.06
CA ASP F 46 20.38 28.29 18.70
C ASP F 46 20.94 26.88 18.58
N GLY F 47 20.10 25.88 18.85
CA GLY F 47 20.56 24.49 18.72
C GLY F 47 20.95 24.12 17.31
N SER F 48 20.24 24.67 16.32
CA SER F 48 20.57 24.42 14.91
C SER F 48 21.92 25.02 14.54
N VAL F 49 22.29 26.14 15.17
CA VAL F 49 23.57 26.78 14.87
C VAL F 49 24.70 26.15 15.68
N LYS F 50 24.45 25.76 16.94
CA LYS F 50 25.47 25.06 17.73
C LYS F 50 25.84 23.74 17.08
N LYS F 51 24.87 23.08 16.45
CA LYS F 51 25.14 21.83 15.76
C LYS F 51 26.03 22.05 14.54
N LEU F 52 25.85 23.16 13.83
CA LEU F 52 26.71 23.48 12.70
C LEU F 52 28.07 24.00 13.14
N GLN F 53 28.11 24.78 14.23
CA GLN F 53 29.37 25.35 14.71
C GLN F 53 30.30 24.28 15.27
N THR F 54 29.78 23.21 15.84
CA THR F 54 30.68 22.16 16.30
C THR F 54 31.23 21.33 15.15
N ARG F 55 30.52 21.28 14.02
CA ARG F 55 31.10 20.70 12.81
C ARG F 55 32.13 21.63 12.19
N LEU F 56 31.93 22.94 12.34
CA LEU F 56 32.88 23.93 11.85
C LEU F 56 34.14 24.02 12.70
N SER F 57 34.07 23.59 13.97
CA SER F 57 35.21 23.58 14.88
C SER F 57 36.29 22.56 14.50
N LYS F 58 36.07 21.77 13.45
CA LYS F 58 36.98 20.71 13.03
C LYS F 58 37.62 21.01 11.70
N TYR F 59 37.59 22.28 11.28
CA TYR F 59 38.09 22.69 9.98
C TYR F 59 38.84 24.00 10.14
N GLU F 60 39.79 24.24 9.25
CA GLU F 60 40.55 25.47 9.24
C GLU F 60 39.85 26.51 8.37
N ALA F 61 40.20 27.78 8.59
CA ALA F 61 39.36 28.93 8.25
C ALA F 61 39.03 28.99 6.76
N GLY F 62 40.03 28.95 5.91
CA GLY F 62 39.81 29.16 4.50
C GLY F 62 39.49 27.90 3.72
N THR F 63 39.31 26.75 4.38
CA THR F 63 39.07 25.50 3.71
C THR F 63 37.71 25.51 3.02
N PRO F 64 37.51 24.71 1.98
CA PRO F 64 36.16 24.52 1.42
C PRO F 64 35.15 23.92 2.40
N PRO F 65 35.48 22.96 3.30
CA PRO F 65 34.47 22.60 4.30
C PRO F 65 34.13 23.70 5.28
N ALA F 66 35.02 24.65 5.53
CA ALA F 66 34.66 25.74 6.44
C ALA F 66 33.72 26.74 5.78
N LEU F 67 33.97 27.06 4.51
CA LEU F 67 33.09 27.97 3.78
C LEU F 67 31.72 27.37 3.57
N ALA F 68 31.66 26.05 3.32
CA ALA F 68 30.39 25.36 3.14
C ALA F 68 29.54 25.43 4.39
N LEU F 69 30.15 25.23 5.56
CA LEU F 69 29.41 25.28 6.81
C LEU F 69 29.11 26.70 7.25
N GLN F 70 29.99 27.66 6.96
CA GLN F 70 29.70 29.06 7.27
C GLN F 70 28.54 29.59 6.44
N LYS F 71 28.38 29.08 5.21
CA LYS F 71 27.23 29.46 4.40
C LYS F 71 25.95 28.80 4.89
N GLN F 72 26.07 27.64 5.54
CA GLN F 72 24.89 26.98 6.11
C GLN F 72 24.46 27.62 7.41
N ILE F 73 25.39 28.23 8.15
CA ILE F 73 25.02 28.95 9.36
C ILE F 73 24.35 30.26 8.99
N ASP F 74 24.79 30.89 7.90
CA ASP F 74 24.11 32.09 7.40
C ASP F 74 22.71 31.78 6.91
N LYS F 75 22.54 30.66 6.18
CA LYS F 75 21.23 30.28 5.67
C LYS F 75 20.26 29.92 6.80
N THR F 76 20.74 29.19 7.81
CA THR F 76 19.90 28.79 8.93
C THR F 76 19.39 30.00 9.71
N LYS F 77 20.29 30.95 10.01
CA LYS F 77 19.91 32.15 10.74
C LYS F 77 18.93 33.00 9.95
N ASN F 78 19.13 33.11 8.63
CA ASN F 78 18.25 33.89 7.78
C ASN F 78 16.84 33.32 7.77
N ARG F 79 16.72 31.99 7.68
CA ARG F 79 15.41 31.34 7.67
C ARG F 79 14.66 31.58 8.98
N PHE F 80 15.35 31.43 10.11
CA PHE F 80 14.74 31.65 11.42
C PHE F 80 14.32 33.11 11.60
N ASP F 81 15.16 34.03 11.12
CA ASP F 81 14.82 35.46 11.18
C ASP F 81 13.58 35.77 10.36
N ARG F 82 13.49 35.22 9.14
CA ARG F 82 12.35 35.47 8.26
C ARG F 82 11.06 34.93 8.84
N TYR F 83 11.10 33.72 9.41
CA TYR F 83 9.91 33.10 10.00
C TYR F 83 9.40 33.89 11.19
N GLY F 84 10.33 34.39 12.01
CA GLY F 84 9.95 35.17 13.17
C GLY F 84 9.23 36.46 12.82
N LYS F 85 9.61 37.09 11.73
CA LYS F 85 9.08 38.38 11.31
C LYS F 85 7.91 38.26 10.33
N ALA F 86 7.46 37.05 10.04
CA ALA F 86 6.45 36.81 9.02
C ALA F 86 5.02 36.73 9.54
N GLY F 87 4.82 36.71 10.84
CA GLY F 87 3.49 36.53 11.37
C GLY F 87 3.07 35.08 11.54
N LEU F 88 3.99 34.14 11.34
CA LEU F 88 3.72 32.75 11.70
C LEU F 88 3.59 32.60 13.20
N LEU F 89 2.80 31.61 13.60
CA LEU F 89 2.57 31.29 15.00
C LEU F 89 3.26 29.99 15.35
N CYS F 90 4.00 29.99 16.45
CA CYS F 90 4.69 28.80 16.92
C CYS F 90 3.89 28.11 17.99
N GLY F 91 4.15 26.81 18.16
CA GLY F 91 3.53 26.02 19.19
C GLY F 91 4.35 26.00 20.46
N THR F 92 4.02 25.05 21.33
CA THR F 92 4.86 24.76 22.49
C THR F 92 6.17 24.11 22.06
N ASP F 93 6.18 23.45 20.90
CA ASP F 93 7.36 22.76 20.41
C ASP F 93 8.33 23.69 19.70
N GLY F 94 7.97 24.97 19.52
CA GLY F 94 8.83 25.92 18.87
C GLY F 94 8.89 25.82 17.37
N LEU F 95 7.94 25.16 16.76
CA LEU F 95 7.85 25.04 15.32
C LEU F 95 6.66 25.85 14.81
N PRO F 96 6.76 26.45 13.62
CA PRO F 96 5.64 27.22 13.07
C PRO F 96 4.41 26.35 12.80
N HIS F 97 3.25 26.91 13.10
CA HIS F 97 1.97 26.26 12.84
C HIS F 97 1.17 27.10 11.86
N LEU F 98 0.41 26.44 11.01
CA LEU F 98 -0.36 27.10 9.97
C LEU F 98 -1.83 27.17 10.36
N ILE F 99 -2.42 28.35 10.21
CA ILE F 99 -3.83 28.58 10.47
C ILE F 99 -4.53 28.61 9.12
N THR F 100 -5.52 27.74 8.94
CA THR F 100 -6.12 27.51 7.63
C THR F 100 -7.64 27.55 7.69
N ASP F 101 -8.20 28.30 8.63
CA ASP F 101 -9.65 28.36 8.80
C ASP F 101 -10.31 29.36 7.87
N GLY F 102 -9.54 30.21 7.19
CA GLY F 102 -10.06 31.21 6.28
C GLY F 102 -9.82 32.64 6.71
N ARG F 103 -9.29 32.88 7.91
CA ARG F 103 -9.06 34.24 8.38
C ARG F 103 -7.98 34.93 7.55
N TRP F 104 -8.17 36.23 7.35
CA TRP F 104 -7.37 36.96 6.36
C TRP F 104 -5.98 37.27 6.85
N THR F 105 -5.79 37.33 8.17
CA THR F 105 -4.47 37.52 8.75
C THR F 105 -3.54 36.33 8.52
N HIS F 106 -4.09 35.21 8.04
CA HIS F 106 -3.34 33.99 7.80
C HIS F 106 -3.59 33.42 6.42
N SER F 107 -4.02 34.26 5.48
CA SER F 107 -4.35 33.79 4.14
C SER F 107 -3.11 33.42 3.33
N GLY F 108 -1.94 33.89 3.73
CA GLY F 108 -0.73 33.55 3.02
C GLY F 108 -0.20 32.18 3.30
N GLU F 109 -0.83 31.44 4.21
CA GLU F 109 -0.39 30.08 4.50
C GLU F 109 -1.18 29.02 3.74
N PHE F 110 -2.45 29.25 3.46
CA PHE F 110 -3.13 28.26 2.63
C PHE F 110 -3.93 28.87 1.49
N VAL F 111 -4.64 29.97 1.74
CA VAL F 111 -5.64 30.46 0.79
C VAL F 111 -4.98 31.02 -0.46
N ILE F 112 -3.94 31.81 -0.30
CA ILE F 112 -3.21 32.37 -1.43
C ILE F 112 -2.36 31.30 -2.10
N PRO F 113 -1.54 30.47 -1.37
CA PRO F 113 -0.90 29.33 -2.06
C PRO F 113 -1.90 28.42 -2.77
N GLY F 114 -3.08 28.27 -2.18
CA GLY F 114 -4.11 27.51 -2.82
C GLY F 114 -4.71 28.16 -4.06
N LEU F 115 -4.93 29.48 -4.01
CA LEU F 115 -5.36 30.22 -5.19
C LEU F 115 -4.32 30.16 -6.30
N LEU F 116 -3.04 30.24 -5.93
CA LEU F 116 -1.96 30.07 -6.89
C LEU F 116 -1.96 28.67 -7.48
N PHE F 117 -2.22 27.65 -6.64
CA PHE F 117 -2.24 26.28 -7.15
C PHE F 117 -3.35 26.06 -8.15
N LEU F 118 -4.57 26.50 -7.81
CA LEU F 118 -5.74 26.18 -8.62
C LEU F 118 -5.67 26.87 -9.96
N TYR F 119 -5.03 28.03 -10.03
CA TYR F 119 -4.77 28.68 -11.29
C TYR F 119 -3.87 27.85 -12.20
N VAL F 120 -2.80 27.30 -11.64
CA VAL F 120 -1.92 26.43 -12.42
C VAL F 120 -2.62 25.13 -12.77
N ALA F 121 -3.35 24.54 -11.80
CA ALA F 121 -4.00 23.25 -12.00
C ALA F 121 -5.09 23.32 -13.05
N GLY F 122 -5.93 24.37 -13.01
CA GLY F 122 -6.92 24.56 -14.03
C GLY F 122 -6.33 24.88 -15.38
N TRP F 123 -5.20 25.59 -15.39
CA TRP F 123 -4.44 25.83 -16.62
C TRP F 123 -4.02 24.52 -17.26
N ILE F 124 -3.36 23.64 -16.48
CA ILE F 124 -2.93 22.32 -16.96
C ILE F 124 -4.13 21.51 -17.43
N GLY F 125 -5.23 21.55 -16.68
CA GLY F 125 -6.44 20.83 -17.07
C GLY F 125 -7.08 21.38 -18.34
N TRP F 126 -7.20 22.71 -18.44
CA TRP F 126 -7.79 23.33 -19.63
C TRP F 126 -6.96 23.07 -20.87
N VAL F 127 -5.65 23.10 -20.71
CA VAL F 127 -4.73 22.94 -21.82
C VAL F 127 -4.70 21.49 -22.28
N GLY F 128 -4.71 20.55 -21.32
CA GLY F 128 -4.77 19.15 -21.66
C GLY F 128 -6.08 18.77 -22.32
N ARG F 129 -7.18 19.34 -21.83
CA ARG F 129 -8.48 19.10 -22.41
C ARG F 129 -8.58 19.65 -23.82
N SER F 130 -8.00 20.82 -24.06
CA SER F 130 -8.05 21.43 -25.37
C SER F 130 -7.30 20.59 -26.40
N TYR F 131 -6.18 19.99 -26.00
CA TYR F 131 -5.41 19.15 -26.91
C TYR F 131 -6.11 17.82 -27.20
N VAL F 132 -6.81 17.23 -26.22
CA VAL F 132 -7.47 15.95 -26.48
C VAL F 132 -8.64 16.14 -27.44
N LEU F 133 -9.27 17.32 -27.42
CA LEU F 133 -10.34 17.62 -28.35
C LEU F 133 -9.81 17.89 -29.74
N PHE F 134 -8.63 18.51 -29.83
CA PHE F 134 -7.97 18.72 -31.11
C PHE F 134 -7.60 17.39 -31.73
N ALA F 135 -7.01 16.49 -30.94
CA ALA F 135 -6.53 15.22 -31.44
C ALA F 135 -7.64 14.31 -31.92
N ARG F 136 -8.87 14.51 -31.45
CA ARG F 136 -9.99 13.71 -31.91
C ARG F 136 -10.31 13.98 -33.38
N THR F 137 -10.09 15.21 -33.84
CA THR F 137 -10.31 15.60 -35.23
C THR F 137 -9.08 15.39 -36.10
N ALA F 138 -8.21 14.45 -35.75
CA ALA F 138 -6.99 14.22 -36.49
C ALA F 138 -7.13 13.01 -37.40
N ASP F 139 -6.17 12.88 -38.32
CA ASP F 139 -6.17 11.75 -39.26
C ASP F 139 -6.04 10.42 -38.54
N LYS F 140 -5.12 10.33 -37.58
CA LYS F 140 -5.00 9.20 -36.66
C LYS F 140 -5.01 9.79 -35.26
N PRO F 141 -6.15 9.74 -34.56
CA PRO F 141 -6.25 10.42 -33.26
C PRO F 141 -5.33 9.87 -32.19
N THR F 142 -5.00 8.58 -32.23
CA THR F 142 -4.14 8.01 -31.21
C THR F 142 -2.66 8.21 -31.50
N GLU F 143 -2.31 8.52 -32.75
CA GLU F 143 -0.93 8.89 -33.04
C GLU F 143 -0.60 10.29 -32.55
N LYS F 144 -1.62 11.16 -32.44
CA LYS F 144 -1.37 12.50 -31.88
C LYS F 144 -1.11 12.48 -30.39
N GLU F 145 -1.39 11.37 -29.71
CA GLU F 145 -1.23 11.30 -28.27
C GLU F 145 0.04 10.60 -27.84
N ILE F 146 0.65 9.80 -28.71
CA ILE F 146 1.98 9.30 -28.45
C ILE F 146 3.05 10.07 -29.22
N ILE F 147 2.69 10.76 -30.29
CA ILE F 147 3.57 11.70 -30.98
C ILE F 147 2.81 13.00 -31.00
N ILE F 148 3.16 13.88 -30.08
CA ILE F 148 2.42 15.11 -29.86
C ILE F 148 2.81 16.13 -30.90
N ASP F 149 1.80 16.78 -31.50
CA ASP F 149 2.06 17.89 -32.41
C ASP F 149 2.50 19.10 -31.60
N VAL F 150 3.82 19.23 -31.45
CA VAL F 150 4.36 20.19 -30.48
C VAL F 150 4.04 21.64 -30.82
N PRO F 151 4.04 22.11 -32.09
CA PRO F 151 3.54 23.48 -32.35
C PRO F 151 2.10 23.72 -31.95
N VAL F 152 1.22 22.74 -32.16
CA VAL F 152 -0.18 22.88 -31.77
C VAL F 152 -0.35 22.73 -30.26
N ALA F 153 0.38 21.80 -29.66
CA ALA F 153 0.33 21.64 -28.21
C ALA F 153 0.90 22.83 -27.48
N LEU F 154 1.87 23.54 -28.08
CA LEU F 154 2.34 24.80 -27.51
C LEU F 154 1.36 25.92 -27.75
N SER F 155 0.59 25.88 -28.84
CA SER F 155 -0.50 26.83 -29.02
C SER F 155 -1.51 26.70 -27.89
N PHE F 156 -1.76 25.46 -27.44
CA PHE F 156 -2.73 25.27 -26.37
C PHE F 156 -2.19 25.70 -25.02
N VAL F 157 -0.91 25.44 -24.72
CA VAL F 157 -0.36 25.77 -23.40
C VAL F 157 -0.36 27.27 -23.16
N SER F 158 -0.20 28.06 -24.22
CA SER F 158 -0.23 29.50 -24.07
C SER F 158 -1.64 30.01 -23.78
N THR F 159 -2.67 29.30 -24.25
CA THR F 159 -4.06 29.70 -24.04
C THR F 159 -4.54 29.55 -22.61
N GLY F 160 -3.78 28.89 -21.74
CA GLY F 160 -4.30 28.54 -20.44
C GLY F 160 -4.37 29.67 -19.44
N PHE F 161 -3.82 30.83 -19.77
CA PHE F 161 -3.73 31.94 -18.83
C PHE F 161 -5.08 32.54 -18.49
N ILE F 162 -6.10 32.29 -19.30
CA ILE F 162 -7.44 32.80 -19.04
C ILE F 162 -8.42 31.64 -18.98
N TRP F 163 -7.95 30.49 -18.52
CA TRP F 163 -8.82 29.34 -18.36
C TRP F 163 -10.09 29.59 -17.52
N PRO F 164 -10.11 30.38 -16.40
CA PRO F 164 -11.41 30.58 -15.72
C PRO F 164 -12.50 31.19 -16.59
N PHE F 165 -12.16 32.18 -17.40
CA PHE F 165 -13.14 32.76 -18.30
C PHE F 165 -13.44 31.84 -19.49
N SER F 166 -12.39 31.23 -20.07
CA SER F 166 -12.58 30.34 -21.22
C SER F 166 -13.38 29.10 -20.84
N ALA F 167 -13.15 28.54 -19.65
CA ALA F 167 -13.85 27.31 -19.25
C ALA F 167 -15.28 27.56 -18.81
N PHE F 168 -15.55 28.70 -18.18
CA PHE F 168 -16.92 28.97 -17.78
C PHE F 168 -17.79 29.31 -18.98
N LYS F 169 -17.26 30.10 -19.92
CA LYS F 169 -17.98 30.34 -21.16
C LYS F 169 -18.18 29.04 -21.94
N GLU F 170 -17.21 28.14 -21.87
CA GLU F 170 -17.33 26.79 -22.44
C GLU F 170 -18.48 26.04 -21.79
N PHE F 171 -18.61 26.17 -20.46
CA PHE F 171 -19.69 25.53 -19.72
C PHE F 171 -21.05 26.08 -20.11
N THR F 172 -21.21 27.41 -20.06
CA THR F 172 -22.51 28.02 -20.31
C THR F 172 -22.92 27.93 -21.77
N SER F 173 -21.95 27.85 -22.69
CA SER F 173 -22.27 27.65 -24.10
C SER F 173 -22.55 26.20 -24.45
N GLY F 174 -22.69 25.33 -23.46
CA GLY F 174 -23.02 23.93 -23.67
C GLY F 174 -21.95 23.12 -24.38
N ASN F 175 -20.69 23.37 -24.06
CA ASN F 175 -19.60 22.66 -24.69
C ASN F 175 -18.62 22.03 -23.71
N LEU F 176 -18.84 22.19 -22.40
CA LEU F 176 -18.02 21.51 -21.40
C LEU F 176 -18.65 20.18 -20.99
N ILE F 177 -19.94 20.18 -20.72
CA ILE F 177 -20.65 19.04 -20.16
C ILE F 177 -21.39 18.37 -21.30
N VAL F 178 -21.26 17.05 -21.44
CA VAL F 178 -22.03 16.38 -22.46
C VAL F 178 -23.26 15.84 -21.75
N PRO F 179 -24.42 15.75 -22.42
CA PRO F 179 -25.61 15.22 -21.77
C PRO F 179 -25.44 13.74 -21.45
N ALA F 180 -26.20 13.29 -20.43
CA ALA F 180 -26.11 11.93 -19.90
C ALA F 180 -26.40 10.85 -20.93
N ASP F 181 -27.12 11.18 -22.01
CA ASP F 181 -27.53 10.18 -22.99
C ASP F 181 -26.54 10.03 -24.15
N GLU F 182 -25.41 10.72 -24.14
CA GLU F 182 -24.29 10.43 -25.04
C GLU F 182 -23.10 9.85 -24.31
N ILE F 183 -23.30 9.26 -23.13
CA ILE F 183 -22.23 8.69 -22.34
C ILE F 183 -22.52 7.22 -22.11
N THR F 184 -21.56 6.37 -22.42
CA THR F 184 -21.77 4.94 -22.21
C THR F 184 -21.75 4.61 -20.73
N VAL F 185 -22.73 3.83 -20.30
CA VAL F 185 -22.85 3.44 -18.89
C VAL F 185 -23.02 1.93 -18.86
N SER F 186 -22.79 1.37 -17.68
CA SER F 186 -23.02 -0.06 -17.47
C SER F 186 -24.53 -0.29 -17.46
N PRO F 187 -24.98 -1.51 -17.88
CA PRO F 187 -26.43 -1.81 -17.96
C PRO F 187 -27.26 -1.44 -16.74
N ARG F 188 -26.72 -1.66 -15.55
CA ARG F 188 -27.41 -1.25 -14.34
C ARG F 188 -27.35 0.26 -14.15
N MET G 1 -6.67 -23.14 45.10
CA MET G 1 -7.84 -23.27 44.25
C MET G 1 -8.76 -24.38 44.73
N THR G 2 -10.06 -24.11 44.74
CA THR G 2 -11.05 -25.12 45.08
C THR G 2 -11.31 -26.04 43.89
N ALA G 3 -11.49 -27.32 44.21
CA ALA G 3 -11.58 -28.42 43.24
C ALA G 3 -10.40 -28.37 42.27
N ALA G 4 -9.20 -28.19 42.84
CA ALA G 4 -7.98 -27.93 42.09
C ALA G 4 -7.61 -29.08 41.15
N TYR G 5 -8.16 -30.26 41.37
CA TYR G 5 -7.91 -31.42 40.53
C TYR G 5 -8.57 -31.31 39.17
N LEU G 6 -9.60 -30.47 39.03
CA LEU G 6 -10.38 -30.40 37.80
C LEU G 6 -9.59 -29.98 36.57
N PRO G 7 -8.72 -28.93 36.58
CA PRO G 7 -7.94 -28.64 35.36
C PRO G 7 -7.06 -29.79 34.89
N SER G 8 -6.45 -30.53 35.80
CA SER G 8 -5.61 -31.65 35.38
C SER G 8 -6.44 -32.82 34.86
N ILE G 9 -7.74 -32.85 35.13
CA ILE G 9 -8.61 -33.85 34.52
C ILE G 9 -9.20 -33.34 33.21
N LEU G 10 -9.78 -32.15 33.24
CA LEU G 10 -10.60 -31.69 32.13
C LEU G 10 -9.80 -31.14 30.96
N VAL G 11 -8.65 -30.51 31.19
CA VAL G 11 -7.85 -29.94 30.11
C VAL G 11 -7.29 -31.01 29.17
N PRO G 12 -6.66 -32.13 29.63
CA PRO G 12 -6.30 -33.17 28.65
C PRO G 12 -7.48 -33.77 27.90
N ILE G 13 -8.63 -33.95 28.56
CA ILE G 13 -9.80 -34.51 27.88
C ILE G 13 -10.34 -33.54 26.84
N ILE G 14 -10.53 -32.28 27.24
CA ILE G 14 -11.04 -31.26 26.32
C ILE G 14 -10.03 -30.97 25.22
N GLY G 15 -8.75 -30.96 25.55
CA GLY G 15 -7.75 -30.60 24.58
C GLY G 15 -7.24 -31.73 23.70
N LEU G 16 -7.37 -32.97 24.14
CA LEU G 16 -6.86 -34.09 23.34
C LEU G 16 -7.95 -35.07 22.94
N ILE G 17 -8.72 -35.59 23.89
CA ILE G 17 -9.73 -36.61 23.59
C ILE G 17 -10.91 -36.00 22.85
N PHE G 18 -11.39 -34.83 23.28
CA PHE G 18 -12.50 -34.17 22.60
C PHE G 18 -12.19 -33.86 21.13
N PRO G 19 -11.08 -33.18 20.76
CA PRO G 19 -10.80 -33.06 19.33
C PRO G 19 -10.50 -34.39 18.66
N GLY G 20 -9.80 -35.31 19.35
CA GLY G 20 -9.53 -36.62 18.79
C GLY G 20 -10.77 -37.41 18.44
N LEU G 21 -11.86 -37.17 19.18
CA LEU G 21 -13.12 -37.84 18.91
C LEU G 21 -13.95 -37.11 17.86
N VAL G 22 -13.96 -35.77 17.85
CA VAL G 22 -14.75 -35.10 16.83
C VAL G 22 -14.09 -35.23 15.47
N MET G 23 -12.76 -35.12 15.39
CA MET G 23 -12.05 -35.42 14.13
C MET G 23 -12.30 -36.83 13.65
N ALA G 24 -12.26 -37.81 14.56
CA ALA G 24 -12.51 -39.20 14.17
C ALA G 24 -13.93 -39.38 13.64
N PHE G 25 -14.92 -38.82 14.32
CA PHE G 25 -16.29 -39.02 13.90
C PHE G 25 -16.71 -38.10 12.76
N ALA G 26 -16.15 -36.89 12.67
CA ALA G 26 -16.40 -36.03 11.51
C ALA G 26 -15.85 -36.64 10.24
N PHE G 27 -14.66 -37.26 10.33
CA PHE G 27 -14.04 -37.91 9.18
C PHE G 27 -14.93 -39.02 8.65
N ILE G 28 -15.52 -39.81 9.56
CA ILE G 28 -16.43 -40.89 9.15
C ILE G 28 -17.67 -40.32 8.46
N TYR G 29 -18.22 -39.23 9.00
CA TYR G 29 -19.41 -38.62 8.42
C TYR G 29 -19.13 -38.01 7.05
N ILE G 30 -18.00 -37.33 6.88
CA ILE G 30 -17.68 -36.70 5.60
C ILE G 30 -17.20 -37.69 4.55
N GLU G 31 -16.88 -38.93 4.93
CA GLU G 31 -16.37 -39.92 3.98
C GLU G 31 -17.31 -41.11 3.82
N GLN G 32 -18.60 -40.91 4.06
CA GLN G 32 -19.58 -41.97 3.89
C GLN G 32 -20.48 -41.66 2.71
N ASP G 33 -20.76 -42.70 1.90
CA ASP G 33 -21.64 -42.54 0.74
C ASP G 33 -23.10 -42.39 1.11
N GLU G 34 -23.51 -42.90 2.27
CA GLU G 34 -24.93 -42.89 2.62
C GLU G 34 -25.11 -42.50 4.09
N MET H 1 16.76 20.77 -39.70
CA MET H 1 16.97 19.58 -38.88
C MET H 1 16.03 18.50 -39.41
N ASP H 2 16.44 17.22 -39.31
CA ASP H 2 15.67 16.10 -39.84
C ASP H 2 14.27 16.05 -39.24
N SER H 3 13.27 15.86 -40.10
CA SER H 3 11.89 15.85 -39.65
C SER H 3 11.53 14.55 -38.93
N ASN H 4 12.24 13.46 -39.26
CA ASN H 4 12.01 12.20 -38.55
C ASN H 4 12.67 12.20 -37.18
N PHE H 5 13.76 12.95 -37.03
CA PHE H 5 14.36 13.15 -35.72
C PHE H 5 13.54 14.12 -34.87
N LEU H 6 12.88 15.09 -35.49
CA LEU H 6 11.98 15.96 -34.74
C LEU H 6 10.70 15.25 -34.39
N LYS H 7 10.26 14.32 -35.24
CA LYS H 7 9.11 13.49 -34.91
C LYS H 7 9.45 12.50 -33.81
N TYR H 8 10.73 12.14 -33.69
CA TYR H 8 11.17 11.30 -32.60
C TYR H 8 11.19 12.07 -31.28
N LEU H 9 11.60 13.33 -31.31
CA LEU H 9 11.63 14.14 -30.11
C LEU H 9 10.24 14.58 -29.67
N SER H 10 9.25 14.48 -30.55
CA SER H 10 7.86 14.77 -30.23
C SER H 10 7.14 13.56 -29.64
N THR H 11 7.81 12.42 -29.54
CA THR H 11 7.21 11.24 -28.94
C THR H 11 6.97 11.50 -27.47
N ALA H 12 5.92 10.86 -26.95
CA ALA H 12 5.48 11.04 -25.56
C ALA H 12 6.58 10.84 -24.51
N PRO H 13 7.41 9.78 -24.52
CA PRO H 13 8.42 9.66 -23.46
C PRO H 13 9.48 10.75 -23.46
N VAL H 14 9.89 11.23 -24.64
CA VAL H 14 10.91 12.28 -24.69
C VAL H 14 10.35 13.59 -24.15
N LEU H 15 9.16 13.97 -24.63
CA LEU H 15 8.51 15.20 -24.15
C LEU H 15 8.19 15.13 -22.68
N PHE H 16 7.73 13.96 -22.20
CA PHE H 16 7.49 13.77 -20.78
C PHE H 16 8.76 13.89 -19.97
N THR H 17 9.86 13.33 -20.48
CA THR H 17 11.11 13.42 -19.75
C THR H 17 11.67 14.84 -19.81
N VAL H 18 11.54 15.51 -20.95
CA VAL H 18 12.07 16.87 -21.10
C VAL H 18 11.25 17.88 -20.31
N TRP H 19 9.92 17.79 -20.41
CA TRP H 19 9.04 18.78 -19.76
C TRP H 19 9.12 18.68 -18.25
N LEU H 20 9.08 17.47 -17.72
CA LEU H 20 9.20 17.30 -16.29
C LEU H 20 10.61 17.49 -15.79
N SER H 21 11.62 17.36 -16.66
CA SER H 21 12.95 17.79 -16.24
C SER H 21 13.06 19.31 -16.25
N PHE H 22 12.48 19.96 -17.26
CA PHE H 22 12.40 21.42 -17.26
C PHE H 22 11.56 21.95 -16.10
N THR H 23 10.44 21.29 -15.81
CA THR H 23 9.58 21.70 -14.70
C THR H 23 10.29 21.52 -13.36
N ALA H 24 10.91 20.36 -13.14
CA ALA H 24 11.72 20.12 -11.95
C ALA H 24 12.86 21.12 -11.84
N SER H 25 13.37 21.57 -12.97
CA SER H 25 14.54 22.41 -12.99
C SER H 25 14.23 23.85 -12.57
N PHE H 26 13.05 24.37 -12.87
CA PHE H 26 12.79 25.73 -12.39
C PHE H 26 12.21 25.74 -10.99
N ILE H 27 11.69 24.62 -10.49
CA ILE H 27 11.44 24.50 -9.05
C ILE H 27 12.76 24.49 -8.29
N ILE H 28 13.75 23.77 -8.81
CA ILE H 28 15.06 23.71 -8.18
C ILE H 28 15.71 25.09 -8.16
N GLU H 29 15.66 25.78 -9.30
CA GLU H 29 16.23 27.12 -9.39
C GLU H 29 15.48 28.12 -8.52
N ALA H 30 14.14 28.02 -8.47
CA ALA H 30 13.36 28.91 -7.62
C ALA H 30 13.66 28.71 -6.14
N ASN H 31 13.98 27.48 -5.74
CA ASN H 31 14.36 27.21 -4.36
C ASN H 31 15.82 27.51 -4.08
N ARG H 32 16.62 27.76 -5.12
CA ARG H 32 17.98 28.21 -4.89
C ARG H 32 18.01 29.70 -4.56
N PHE H 33 17.41 30.50 -5.43
CA PHE H 33 17.36 31.95 -5.23
C PHE H 33 16.38 32.35 -4.14
N PHE H 34 15.26 31.65 -3.99
CA PHE H 34 14.24 31.98 -2.99
C PHE H 34 13.94 30.77 -2.11
N PRO H 35 14.82 30.43 -1.17
CA PRO H 35 14.63 29.23 -0.35
C PRO H 35 13.70 29.45 0.85
N ASP H 36 13.25 28.30 1.40
CA ASP H 36 12.49 28.20 2.65
C ASP H 36 11.18 28.99 2.65
N MET H 37 10.43 28.92 1.55
CA MET H 37 9.13 29.60 1.42
C MET H 37 7.98 28.73 1.94
N LEU H 38 7.81 28.73 3.26
CA LEU H 38 6.71 28.00 3.88
C LEU H 38 5.35 28.65 3.65
N TYR H 39 5.33 29.93 3.27
CA TYR H 39 4.11 30.72 3.20
C TYR H 39 4.24 31.68 2.04
N PHE H 40 3.13 32.14 1.52
CA PHE H 40 3.17 33.25 0.58
C PHE H 40 3.43 34.51 1.38
N PRO H 41 4.52 35.26 1.11
CA PRO H 41 4.89 36.37 1.99
C PRO H 41 3.91 37.52 1.92
N MET H 42 3.14 37.65 3.00
CA MET H 42 2.11 38.64 3.14
C MET H 42 1.80 38.82 4.63
N SER I 2 23.20 -51.47 -24.02
CA SER I 2 22.25 -51.92 -23.01
C SER I 2 21.46 -50.74 -22.44
N GLN I 3 20.21 -50.99 -22.09
CA GLN I 3 19.34 -49.96 -21.56
C GLN I 3 18.70 -50.44 -20.27
N PHE I 4 18.78 -49.61 -19.24
CA PHE I 4 18.31 -49.98 -17.91
C PHE I 4 16.92 -49.45 -17.60
N ILE I 5 16.40 -48.52 -18.39
CA ILE I 5 15.09 -47.96 -18.14
C ILE I 5 14.19 -48.35 -19.30
N LYS I 6 13.02 -48.89 -18.98
CA LYS I 6 12.06 -49.36 -19.97
C LYS I 6 10.66 -48.97 -19.52
N PRO I 7 9.63 -49.08 -20.37
CA PRO I 7 8.26 -48.88 -19.89
C PRO I 7 7.85 -49.89 -18.84
N TYR I 8 6.90 -49.48 -18.00
CA TYR I 8 6.49 -50.25 -16.84
C TYR I 8 5.53 -51.35 -17.27
N ASN I 9 5.97 -52.61 -17.12
CA ASN I 9 5.18 -53.81 -17.45
C ASN I 9 4.74 -53.79 -18.90
N ASP I 10 5.68 -53.51 -19.80
CA ASP I 10 5.56 -53.50 -21.26
C ASP I 10 4.65 -52.40 -21.78
N ASP I 11 4.08 -51.55 -20.90
CA ASP I 11 3.11 -50.56 -21.31
C ASP I 11 3.78 -49.20 -21.40
N PRO I 12 4.00 -48.66 -22.61
CA PRO I 12 4.65 -47.36 -22.73
C PRO I 12 3.81 -46.18 -22.25
N PHE I 13 2.51 -46.35 -22.04
CA PHE I 13 1.64 -45.21 -21.78
C PHE I 13 1.08 -45.19 -20.37
N VAL I 14 1.48 -46.12 -19.52
CA VAL I 14 1.13 -46.06 -18.11
C VAL I 14 2.06 -45.05 -17.44
N GLY I 15 1.60 -44.46 -16.33
CA GLY I 15 2.36 -43.42 -15.67
C GLY I 15 3.50 -43.90 -14.80
N ASN I 16 4.32 -44.83 -15.29
CA ASN I 16 5.43 -45.35 -14.51
C ASN I 16 6.51 -45.87 -15.44
N LEU I 17 7.71 -46.02 -14.88
CA LEU I 17 8.87 -46.52 -15.59
C LEU I 17 9.45 -47.71 -14.85
N ALA I 18 10.16 -48.55 -15.59
CA ALA I 18 10.87 -49.69 -15.03
C ALA I 18 12.32 -49.29 -14.91
N THR I 19 12.68 -48.76 -13.75
CA THR I 19 14.02 -48.32 -13.41
C THR I 19 14.66 -49.31 -12.44
N PRO I 20 16.00 -49.34 -12.33
CA PRO I 20 16.65 -50.25 -11.37
C PRO I 20 16.18 -50.14 -9.93
N VAL I 21 15.91 -48.93 -9.45
CA VAL I 21 15.33 -48.81 -8.12
C VAL I 21 13.94 -49.43 -8.10
N SER I 22 13.16 -49.21 -9.15
CA SER I 22 11.78 -49.68 -9.19
C SER I 22 11.70 -51.20 -9.40
N THR I 23 12.47 -51.74 -10.36
CA THR I 23 12.28 -53.14 -10.75
C THR I 23 13.55 -53.98 -10.86
N SER I 24 14.57 -53.75 -10.04
CA SER I 24 15.68 -54.70 -10.10
C SER I 24 15.29 -55.96 -9.33
N SER I 25 16.07 -57.03 -9.57
CA SER I 25 15.87 -58.27 -8.84
C SER I 25 16.00 -58.05 -7.33
N PHE I 26 16.93 -57.19 -6.92
CA PHE I 26 17.12 -56.84 -5.52
C PHE I 26 15.89 -56.16 -4.93
N THR I 27 15.30 -55.24 -5.68
CA THR I 27 14.11 -54.53 -5.23
C THR I 27 12.92 -55.48 -5.13
N LYS I 28 12.65 -56.21 -6.22
CA LYS I 28 11.58 -57.21 -6.27
C LYS I 28 11.65 -58.15 -5.09
N SER I 29 12.85 -58.67 -4.81
CA SER I 29 13.09 -59.53 -3.64
C SER I 29 12.63 -58.88 -2.35
N LEU I 30 13.12 -57.66 -2.07
CA LEU I 30 12.79 -56.98 -0.81
C LEU I 30 11.29 -56.73 -0.71
N LEU I 31 10.68 -56.20 -1.79
CA LEU I 31 9.24 -55.93 -1.78
C LEU I 31 8.43 -57.19 -1.57
N SER I 32 8.74 -58.25 -2.33
CA SER I 32 7.97 -59.49 -2.26
C SER I 32 8.10 -60.16 -0.90
N ASN I 33 9.18 -59.91 -0.17
CA ASN I 33 9.40 -60.60 1.10
C ASN I 33 9.02 -59.74 2.29
N LEU I 34 8.64 -58.49 2.08
CA LEU I 34 8.17 -57.64 3.16
C LEU I 34 6.81 -58.15 3.64
N PRO I 35 6.47 -57.95 4.92
CA PRO I 35 5.22 -58.51 5.46
C PRO I 35 3.97 -58.06 4.74
N ALA I 36 3.91 -56.82 4.25
CA ALA I 36 2.77 -56.33 3.50
C ALA I 36 2.56 -57.13 2.21
N TYR I 37 3.63 -57.52 1.53
CA TYR I 37 3.49 -58.19 0.25
C TYR I 37 3.83 -59.68 0.26
N ARG I 38 4.32 -60.24 1.37
CA ARG I 38 4.75 -61.64 1.37
C ARG I 38 3.56 -62.58 1.25
N ALA I 39 3.74 -63.62 0.43
CA ALA I 39 2.72 -64.62 0.21
C ALA I 39 2.59 -65.57 1.40
N GLY I 40 1.40 -66.13 1.55
CA GLY I 40 1.17 -67.10 2.61
C GLY I 40 0.94 -66.49 3.97
N LEU I 41 0.75 -65.18 4.03
CA LEU I 41 0.55 -64.47 5.28
C LEU I 41 -0.91 -64.03 5.36
N SER I 42 -1.53 -64.27 6.51
CA SER I 42 -2.85 -63.72 6.75
C SER I 42 -2.70 -62.23 6.98
N PRO I 43 -3.77 -61.43 6.77
CA PRO I 43 -3.67 -59.99 7.09
C PRO I 43 -3.36 -59.73 8.55
N LEU I 44 -3.84 -60.59 9.45
CA LEU I 44 -3.51 -60.45 10.87
C LEU I 44 -2.02 -60.64 11.10
N LEU I 45 -1.42 -61.65 10.47
CA LEU I 45 0.03 -61.87 10.61
C LEU I 45 0.83 -60.75 9.96
N ARG I 46 0.33 -60.19 8.86
CA ARG I 46 0.99 -59.03 8.26
C ARG I 46 1.01 -57.86 9.24
N GLY I 47 -0.11 -57.64 9.93
CA GLY I 47 -0.16 -56.59 10.94
C GLY I 47 0.79 -56.82 12.10
N VAL I 48 0.91 -58.07 12.55
CA VAL I 48 1.75 -58.37 13.71
C VAL I 48 3.22 -58.06 13.41
N GLU I 49 3.71 -58.52 12.25
CA GLU I 49 5.12 -58.33 11.90
C GLU I 49 5.44 -56.85 11.68
N ILE I 50 4.55 -56.12 11.02
CA ILE I 50 4.72 -54.68 10.87
C ILE I 50 4.61 -53.99 12.22
N GLY I 51 3.65 -54.40 13.05
CA GLY I 51 3.47 -53.79 14.36
C GLY I 51 4.66 -53.98 15.27
N LEU I 52 5.23 -55.18 15.30
CA LEU I 52 6.38 -55.47 16.16
C LEU I 52 7.55 -54.61 15.78
N THR I 53 7.76 -54.44 14.48
CA THR I 53 8.82 -53.61 13.94
C THR I 53 8.63 -52.15 14.31
N HIS I 54 7.43 -51.62 14.08
CA HIS I 54 7.18 -50.20 14.28
C HIS I 54 7.13 -49.83 15.76
N GLY I 55 6.49 -50.66 16.58
CA GLY I 55 6.41 -50.39 18.01
C GLY I 55 7.77 -50.41 18.68
N TYR I 56 8.64 -51.33 18.26
CA TYR I 56 9.96 -51.47 18.85
C TYR I 56 10.80 -50.22 18.65
N PHE I 57 10.84 -49.69 17.42
CA PHE I 57 11.64 -48.48 17.23
C PHE I 57 10.98 -47.25 17.81
N LEU I 58 9.66 -47.24 18.01
CA LEU I 58 8.97 -46.05 18.53
C LEU I 58 9.44 -45.65 19.92
N VAL I 59 9.77 -46.64 20.77
CA VAL I 59 10.12 -46.39 22.16
C VAL I 59 11.35 -45.50 22.28
N GLY I 60 12.36 -45.72 21.44
CA GLY I 60 13.64 -45.05 21.54
C GLY I 60 13.69 -43.53 21.42
N PRO I 61 13.10 -42.93 20.36
CA PRO I 61 13.05 -41.46 20.29
C PRO I 61 12.29 -40.80 21.42
N PHE I 62 11.18 -41.40 21.86
CA PHE I 62 10.45 -40.85 22.99
C PHE I 62 11.27 -40.90 24.27
N TYR I 63 11.98 -42.01 24.50
CA TYR I 63 12.79 -42.17 25.70
C TYR I 63 14.00 -41.25 25.70
N LYS I 64 14.76 -41.23 24.61
CA LYS I 64 16.00 -40.45 24.58
C LYS I 64 15.76 -38.95 24.46
N LEU I 65 14.74 -38.51 23.75
CA LEU I 65 14.58 -37.09 23.49
C LEU I 65 13.32 -36.44 24.08
N GLY I 66 12.52 -37.18 24.83
CA GLY I 66 11.28 -36.65 25.39
C GLY I 66 11.51 -35.73 26.56
N PRO I 67 10.42 -35.13 27.04
CA PRO I 67 10.52 -34.17 28.17
C PRO I 67 11.08 -34.74 29.44
N LEU I 68 10.80 -36.01 29.74
CA LEU I 68 11.26 -36.65 30.96
C LEU I 68 12.53 -37.45 30.74
N ARG I 69 13.28 -37.16 29.67
CA ARG I 69 14.47 -37.93 29.29
C ARG I 69 15.55 -37.89 30.37
N ASN I 70 15.70 -36.78 31.08
CA ASN I 70 16.74 -36.63 32.09
C ASN I 70 16.29 -37.11 33.46
N SER I 71 15.07 -37.63 33.56
CA SER I 71 14.53 -38.20 34.78
C SER I 71 14.80 -39.70 34.83
N ASP I 72 14.53 -40.31 35.98
CA ASP I 72 14.61 -41.75 36.10
C ASP I 72 13.33 -42.44 35.65
N VAL I 73 12.31 -41.66 35.30
CA VAL I 73 11.07 -42.18 34.75
C VAL I 73 11.07 -42.06 33.23
N ALA I 74 12.26 -41.85 32.64
CA ALA I 74 12.42 -41.61 31.21
C ALA I 74 11.92 -42.77 30.36
N LEU I 75 12.27 -44.00 30.75
CA LEU I 75 11.85 -45.16 29.98
C LEU I 75 10.35 -45.42 30.13
N LEU I 76 9.81 -45.21 31.34
CA LEU I 76 8.37 -45.34 31.55
C LEU I 76 7.62 -44.32 30.73
N SER I 77 8.10 -43.07 30.74
CA SER I 77 7.47 -42.00 29.98
C SER I 77 7.58 -42.26 28.48
N GLY I 78 8.74 -42.74 28.03
CA GLY I 78 8.91 -43.09 26.63
C GLY I 78 8.03 -44.24 26.15
N PHE I 79 7.85 -45.27 26.98
CA PHE I 79 6.96 -46.37 26.61
C PHE I 79 5.52 -45.90 26.53
N PHE I 80 5.06 -45.15 27.54
CA PHE I 80 3.69 -44.66 27.54
C PHE I 80 3.45 -43.67 26.40
N SER I 81 4.47 -42.88 26.04
CA SER I 81 4.37 -42.01 24.88
C SER I 81 4.23 -42.82 23.59
N ALA I 82 5.00 -43.91 23.48
CA ALA I 82 4.85 -44.82 22.35
C ALA I 82 3.49 -45.48 22.35
N LEU I 83 3.02 -45.89 23.53
CA LEU I 83 1.70 -46.51 23.66
C LEU I 83 0.60 -45.55 23.26
N GLY I 84 0.72 -44.28 23.63
CA GLY I 84 -0.22 -43.27 23.21
C GLY I 84 -0.23 -43.05 21.71
N LEU I 85 0.95 -43.01 21.10
CA LEU I 85 1.03 -42.90 19.64
C LEU I 85 0.42 -44.11 18.96
N ILE I 86 0.74 -45.31 19.46
CA ILE I 86 0.19 -46.58 18.93
C ILE I 86 -1.34 -46.57 18.99
N VAL I 87 -1.91 -46.12 20.11
CA VAL I 87 -3.37 -46.04 20.25
C VAL I 87 -3.96 -45.01 19.28
N ILE I 88 -3.31 -43.86 19.14
CA ILE I 88 -3.77 -42.84 18.17
C ILE I 88 -3.70 -43.38 16.76
N LEU I 89 -2.62 -44.07 16.42
CA LEU I 89 -2.46 -44.68 15.10
C LEU I 89 -3.49 -45.78 14.84
N VAL I 90 -3.84 -46.56 15.88
CA VAL I 90 -4.85 -47.59 15.72
C VAL I 90 -6.22 -46.99 15.43
N ALA I 91 -6.54 -45.84 16.04
CA ALA I 91 -7.78 -45.13 15.70
C ALA I 91 -7.77 -44.70 14.24
N CYS I 92 -6.61 -44.25 13.76
CA CYS I 92 -6.44 -43.89 12.35
C CYS I 92 -6.68 -45.08 11.43
N LEU I 93 -6.18 -46.25 11.83
CA LEU I 93 -6.38 -47.47 11.07
C LEU I 93 -7.83 -47.88 11.05
N THR I 94 -8.50 -47.80 12.20
CA THR I 94 -9.90 -48.20 12.31
C THR I 94 -10.81 -47.33 11.45
N ILE I 95 -10.62 -46.01 11.52
CA ILE I 95 -11.48 -45.09 10.76
C ILE I 95 -11.20 -45.21 9.27
N TYR I 96 -9.96 -45.52 8.88
CA TYR I 96 -9.67 -45.79 7.47
C TYR I 96 -10.50 -46.97 6.98
N GLY I 97 -10.57 -48.04 7.77
CA GLY I 97 -11.34 -49.21 7.39
C GLY I 97 -12.82 -48.95 7.27
N VAL I 98 -13.36 -48.12 8.16
CA VAL I 98 -14.78 -47.80 8.16
C VAL I 98 -15.17 -47.05 6.88
N VAL I 99 -14.31 -46.13 6.44
CA VAL I 99 -14.67 -45.28 5.32
C VAL I 99 -14.13 -45.77 3.98
N SER I 100 -13.21 -46.74 3.96
CA SER I 100 -12.59 -47.09 2.69
C SER I 100 -13.05 -48.41 2.09
N PHE I 101 -13.64 -49.29 2.88
CA PHE I 101 -13.96 -50.63 2.39
C PHE I 101 -15.41 -50.95 2.62
N GLU I 102 -16.07 -51.44 1.57
CA GLU I 102 -17.42 -51.95 1.67
C GLU I 102 -17.37 -53.33 2.29
N GLU I 103 -18.46 -53.74 2.95
CA GLU I 103 -18.43 -55.00 3.69
C GLU I 103 -18.67 -56.18 2.76
N THR I 104 -17.65 -57.01 2.59
CA THR I 104 -17.69 -58.22 1.77
C THR I 104 -17.02 -59.35 2.53
N GLU I 105 -17.34 -60.58 2.14
CA GLU I 105 -16.85 -61.77 2.84
C GLU I 105 -15.33 -61.96 2.75
N ALA I 106 -14.69 -61.39 1.73
CA ALA I 106 -13.26 -61.58 1.53
C ALA I 106 -12.46 -61.06 2.72
N LYS I 107 -11.59 -61.91 3.26
CA LYS I 107 -10.83 -61.53 4.44
C LYS I 107 -9.34 -61.83 4.33
N ASP I 108 -8.87 -62.42 3.24
CA ASP I 108 -7.47 -62.80 3.11
C ASP I 108 -6.64 -61.76 2.37
N GLN I 109 -7.26 -60.66 1.96
CA GLN I 109 -6.61 -59.52 1.31
C GLN I 109 -6.55 -58.37 2.30
N LEU I 110 -5.52 -57.54 2.15
CA LEU I 110 -5.40 -56.35 3.00
C LEU I 110 -6.48 -55.32 2.68
N GLN I 111 -6.82 -55.17 1.42
CA GLN I 111 -7.76 -54.12 1.00
C GLN I 111 -9.18 -54.67 0.93
N THR I 112 -9.62 -55.17 2.07
CA THR I 112 -11.00 -55.58 2.30
C THR I 112 -11.38 -55.08 3.68
N ALA I 113 -12.69 -55.05 3.95
CA ALA I 113 -13.18 -54.55 5.24
C ALA I 113 -12.74 -55.43 6.40
N LYS I 114 -12.94 -56.75 6.25
CA LYS I 114 -12.49 -57.68 7.28
C LYS I 114 -10.98 -57.78 7.31
N GLY I 115 -10.34 -57.85 6.13
CA GLY I 115 -8.89 -57.95 6.07
C GLY I 115 -8.18 -56.76 6.67
N TRP I 116 -8.73 -55.56 6.49
CA TRP I 116 -8.20 -54.40 7.20
C TRP I 116 -8.42 -54.50 8.70
N ARG I 117 -9.60 -54.95 9.13
CA ARG I 117 -9.86 -55.14 10.55
C ARG I 117 -8.94 -56.20 11.15
N GLN I 118 -8.65 -57.25 10.39
CA GLN I 118 -7.63 -58.22 10.79
C GLN I 118 -6.27 -57.58 10.94
N PHE I 119 -5.85 -56.82 9.93
CA PHE I 119 -4.54 -56.18 9.93
C PHE I 119 -4.40 -55.18 11.06
N THR I 120 -5.46 -54.41 11.33
CA THR I 120 -5.45 -53.46 12.43
C THR I 120 -5.31 -54.15 13.77
N SER I 121 -6.03 -55.27 13.96
CA SER I 121 -5.91 -56.07 15.18
C SER I 121 -4.48 -56.56 15.38
N GLY I 122 -3.87 -57.08 14.31
CA GLY I 122 -2.50 -57.55 14.40
C GLY I 122 -1.51 -56.44 14.69
N TRP I 123 -1.75 -55.26 14.10
CA TRP I 123 -0.80 -54.16 14.25
C TRP I 123 -0.80 -53.62 15.67
N LEU I 124 -1.97 -53.51 16.29
CA LEU I 124 -2.05 -53.02 17.66
C LEU I 124 -1.38 -53.98 18.63
N VAL I 125 -1.64 -55.28 18.48
CA VAL I 125 -1.03 -56.28 19.36
C VAL I 125 0.48 -56.31 19.16
N GLY I 126 0.92 -56.31 17.90
CA GLY I 126 2.34 -56.32 17.63
C GLY I 126 3.05 -55.05 18.09
N SER I 127 2.40 -53.89 17.92
CA SER I 127 3.02 -52.62 18.32
C SER I 127 3.23 -52.56 19.82
N VAL I 128 2.22 -52.92 20.59
CA VAL I 128 2.36 -52.99 22.04
C VAL I 128 3.38 -54.06 22.42
N GLY I 129 3.36 -55.20 21.70
CA GLY I 129 4.36 -56.24 21.94
C GLY I 129 5.78 -55.79 21.62
N GLY I 130 5.97 -55.14 20.48
CA GLY I 130 7.29 -54.67 20.10
C GLY I 130 7.80 -53.54 20.98
N ALA I 131 6.91 -52.62 21.37
CA ALA I 131 7.27 -51.57 22.30
C ALA I 131 7.61 -52.14 23.68
N SER I 132 6.84 -53.14 24.12
CA SER I 132 7.11 -53.80 25.41
C SER I 132 8.44 -54.53 25.40
N PHE I 133 8.78 -55.18 24.28
CA PHE I 133 10.06 -55.86 24.16
C PHE I 133 11.22 -54.88 24.24
N ALA I 134 11.09 -53.75 23.56
CA ALA I 134 12.11 -52.70 23.62
C ALA I 134 12.23 -52.14 25.02
N TYR I 135 11.10 -51.98 25.72
CA TYR I 135 11.12 -51.53 27.12
C TYR I 135 11.91 -52.48 27.99
N ILE I 136 11.66 -53.79 27.85
CA ILE I 136 12.38 -54.81 28.63
C ILE I 136 13.87 -54.77 28.34
N LEU I 137 14.25 -54.67 27.07
CA LEU I 137 15.66 -54.68 26.69
C LEU I 137 16.38 -53.44 27.20
N ILE I 138 15.77 -52.26 27.04
CA ILE I 138 16.41 -51.03 27.49
C ILE I 138 16.51 -50.99 29.01
N SER I 139 15.45 -51.45 29.72
CA SER I 139 15.44 -51.44 31.19
C SER I 139 16.61 -52.21 31.79
N ASN I 140 17.02 -53.30 31.15
CA ASN I 140 17.95 -54.23 31.74
C ASN I 140 19.38 -54.07 31.25
N ILE I 141 19.58 -53.57 30.02
CA ILE I 141 20.89 -53.54 29.39
C ILE I 141 21.39 -52.10 29.44
N PRO I 142 22.48 -51.81 30.18
CA PRO I 142 22.97 -50.43 30.29
C PRO I 142 23.55 -49.86 29.02
N PHE I 143 23.94 -50.71 28.06
CA PHE I 143 24.43 -50.24 26.77
C PHE I 143 23.33 -49.51 26.01
N LEU I 144 22.11 -50.04 26.05
CA LEU I 144 21.01 -49.44 25.29
C LEU I 144 20.51 -48.17 25.93
N GLN I 145 20.64 -48.04 27.26
CA GLN I 145 20.20 -46.84 27.97
C GLN I 145 21.01 -45.62 27.55
N THR I 146 22.31 -45.79 27.40
CA THR I 146 23.15 -44.79 26.79
C THR I 146 23.20 -45.07 25.29
N ALA I 147 24.01 -44.31 24.57
CA ALA I 147 24.15 -44.53 23.15
C ALA I 147 25.26 -45.51 22.83
N GLY I 148 25.56 -46.44 23.73
CA GLY I 148 26.83 -47.11 23.75
C GLY I 148 27.87 -46.40 24.57
N MET I 149 27.49 -45.33 25.27
CA MET I 149 28.41 -44.49 26.01
C MET I 149 28.90 -45.12 27.30
N SER I 150 28.35 -46.28 27.69
CA SER I 150 28.83 -46.97 28.88
C SER I 150 30.28 -47.45 28.72
N MET I 151 30.71 -47.72 27.48
CA MET I 151 32.06 -48.26 27.27
C MET I 151 33.13 -47.20 27.50
N LEU I 152 32.84 -45.94 27.22
CA LEU I 152 33.85 -44.89 27.35
C LEU I 152 33.96 -44.41 28.78
N MET J 1 -15.42 -17.84 48.98
CA MET J 1 -14.89 -18.83 48.04
C MET J 1 -16.02 -19.73 47.56
N ILE J 2 -15.76 -20.50 46.52
CA ILE J 2 -16.73 -21.39 45.89
C ILE J 2 -16.45 -22.81 46.38
N SER J 3 -17.48 -23.53 46.79
CA SER J 3 -17.25 -24.92 47.17
C SER J 3 -17.21 -25.82 45.93
N ASP J 4 -16.63 -27.01 46.09
CA ASP J 4 -16.65 -27.98 44.99
C ASP J 4 -18.08 -28.41 44.65
N THR J 5 -18.95 -28.56 45.66
CA THR J 5 -20.36 -28.83 45.40
C THR J 5 -20.99 -27.77 44.52
N GLN J 6 -20.60 -26.50 44.71
CA GLN J 6 -21.11 -25.43 43.87
C GLN J 6 -20.61 -25.56 42.44
N ILE J 7 -19.36 -25.96 42.25
CA ILE J 7 -18.83 -26.27 40.93
C ILE J 7 -19.62 -27.41 40.30
N PHE J 8 -20.00 -28.39 41.10
CA PHE J 8 -20.76 -29.53 40.59
C PHE J 8 -22.16 -29.14 40.17
N ILE J 9 -22.76 -28.14 40.84
CA ILE J 9 -24.06 -27.61 40.41
C ILE J 9 -23.95 -26.99 39.02
N ALA J 10 -22.88 -26.23 38.78
CA ALA J 10 -22.63 -25.61 37.48
C ALA J 10 -22.42 -26.67 36.40
N LEU J 11 -21.69 -27.74 36.72
CA LEU J 11 -21.49 -28.82 35.76
C LEU J 11 -22.79 -29.55 35.44
N ILE J 12 -23.70 -29.68 36.41
CA ILE J 12 -25.03 -30.24 36.12
C ILE J 12 -25.79 -29.34 35.16
N LEU J 13 -25.86 -28.03 35.46
CA LEU J 13 -26.65 -27.12 34.63
C LEU J 13 -26.04 -26.92 33.25
N ALA J 14 -24.72 -26.97 33.14
CA ALA J 14 -24.09 -26.89 31.83
C ALA J 14 -24.28 -28.18 31.05
N LEU J 15 -24.38 -29.32 31.75
CA LEU J 15 -24.74 -30.57 31.10
C LEU J 15 -26.15 -30.51 30.53
N VAL J 16 -27.09 -29.93 31.27
CA VAL J 16 -28.46 -29.74 30.79
C VAL J 16 -28.45 -28.87 29.54
N SER J 17 -27.58 -27.86 29.51
CA SER J 17 -27.42 -27.04 28.33
C SER J 17 -26.80 -27.80 27.16
N LEU J 18 -25.87 -28.73 27.45
CA LEU J 18 -25.29 -29.54 26.38
C LEU J 18 -26.33 -30.43 25.73
N VAL J 19 -27.23 -31.02 26.54
CA VAL J 19 -28.29 -31.88 26.02
C VAL J 19 -29.28 -31.05 25.20
N LEU J 20 -29.62 -29.85 25.65
CA LEU J 20 -30.52 -28.98 24.89
C LEU J 20 -29.86 -28.44 23.63
N ALA J 21 -28.54 -28.21 23.66
CA ALA J 21 -27.82 -27.77 22.47
C ALA J 21 -27.80 -28.85 21.40
N ILE J 22 -27.63 -30.11 21.80
CA ILE J 22 -27.68 -31.22 20.85
C ILE J 22 -29.05 -31.29 20.19
N ARG J 23 -30.11 -31.17 20.97
CA ARG J 23 -31.47 -31.27 20.44
C ARG J 23 -31.80 -30.11 19.52
N LEU J 24 -31.35 -28.90 19.87
CA LEU J 24 -31.55 -27.76 18.96
C LEU J 24 -30.74 -27.95 17.69
N GLY J 25 -29.50 -28.44 17.80
CA GLY J 25 -28.70 -28.66 16.63
C GLY J 25 -29.22 -29.76 15.73
N ARG J 26 -29.82 -30.81 16.32
CA ARG J 26 -30.41 -31.88 15.51
C ARG J 26 -31.67 -31.40 14.81
N ALA J 27 -32.45 -30.54 15.46
CA ALA J 27 -33.63 -29.95 14.84
C ALA J 27 -33.25 -29.05 13.67
N LEU J 28 -32.22 -28.23 13.84
CA LEU J 28 -31.72 -27.39 12.76
C LEU J 28 -31.16 -28.22 11.60
N TYR J 29 -30.47 -29.31 11.92
CA TYR J 29 -29.93 -30.21 10.90
C TYR J 29 -31.01 -30.98 10.16
N GLN J 30 -32.20 -31.13 10.78
CA GLN J 30 -33.48 -31.77 10.34
C GLN J 30 -33.51 -33.24 10.74
N LEU K 41 23.62 -56.01 1.34
CA LEU K 41 22.86 -56.46 0.14
C LEU K 41 23.41 -57.81 -0.34
N SER K 42 23.64 -57.95 -1.65
CA SER K 42 24.17 -59.21 -2.23
C SER K 42 25.18 -58.87 -3.33
N VAL K 43 26.04 -59.82 -3.69
CA VAL K 43 27.02 -59.59 -4.80
C VAL K 43 26.70 -60.55 -5.94
N VAL K 44 26.67 -60.06 -7.19
CA VAL K 44 26.50 -61.03 -8.30
C VAL K 44 27.87 -61.25 -8.97
N ALA K 45 28.14 -62.50 -9.33
CA ALA K 45 29.42 -62.93 -9.94
C ALA K 45 29.42 -62.67 -11.45
N GLN K 46 30.57 -62.88 -12.09
CA GLN K 46 30.74 -62.75 -13.56
C GLN K 46 29.88 -63.81 -14.26
N SER K 47 29.80 -65.01 -13.66
CA SER K 47 29.01 -66.13 -14.23
C SER K 47 27.51 -65.87 -14.08
N LYS K 48 26.70 -66.53 -14.92
CA LYS K 48 25.32 -66.06 -15.19
C LYS K 48 24.40 -66.65 -14.12
N SER K 49 23.98 -65.77 -13.20
CA SER K 49 22.74 -65.89 -12.39
C SER K 49 21.57 -65.30 -13.17
N ASP K 50 20.38 -65.33 -12.57
CA ASP K 50 19.14 -64.83 -13.22
C ASP K 50 18.85 -63.39 -12.75
N PHE K 51 19.87 -62.68 -12.26
CA PHE K 51 19.75 -61.28 -11.78
C PHE K 51 19.49 -60.35 -12.97
N GLU K 52 18.54 -59.42 -12.79
CA GLU K 52 18.15 -58.43 -13.82
C GLU K 52 18.25 -57.04 -13.19
N ILE K 53 19.00 -56.14 -13.82
CA ILE K 53 19.19 -54.77 -13.33
C ILE K 53 17.88 -54.00 -13.35
N SER K 54 16.92 -54.41 -14.17
CA SER K 54 15.62 -53.76 -14.30
C SER K 54 14.60 -54.84 -14.67
N ASP K 55 13.44 -54.41 -15.19
CA ASP K 55 12.28 -55.30 -15.37
C ASP K 55 12.59 -56.53 -16.18
N GLY K 56 13.16 -56.36 -17.37
CA GLY K 56 13.35 -57.49 -18.25
C GLY K 56 14.76 -57.65 -18.73
N THR K 57 15.67 -56.77 -18.32
CA THR K 57 17.04 -56.82 -18.81
C THR K 57 17.98 -57.50 -17.82
N PRO K 58 18.45 -58.72 -18.09
CA PRO K 58 19.51 -59.29 -17.27
C PRO K 58 20.83 -58.60 -17.57
N TYR K 59 21.60 -58.37 -16.52
CA TYR K 59 22.86 -57.65 -16.67
C TYR K 59 23.82 -58.21 -15.64
N THR K 60 24.99 -58.67 -16.08
CA THR K 60 25.94 -59.21 -15.12
C THR K 60 26.70 -58.07 -14.46
N LEU K 61 26.35 -57.81 -13.21
CA LEU K 61 27.20 -57.00 -12.36
C LEU K 61 28.45 -57.82 -12.10
N ASN K 62 29.61 -57.24 -12.33
CA ASN K 62 30.84 -58.00 -12.09
C ASN K 62 31.45 -57.61 -10.75
N VAL K 63 30.66 -57.83 -9.69
CA VAL K 63 31.08 -57.40 -8.35
C VAL K 63 32.38 -58.04 -7.87
N PRO K 64 32.65 -59.38 -8.06
CA PRO K 64 34.00 -59.88 -7.73
C PRO K 64 35.09 -59.20 -8.53
N LEU K 65 35.01 -59.27 -9.85
CA LEU K 65 36.09 -58.77 -10.70
C LEU K 65 36.26 -57.26 -10.57
N VAL K 66 35.16 -56.49 -10.57
CA VAL K 66 35.30 -55.04 -10.51
C VAL K 66 35.85 -54.62 -9.15
N GLY K 67 35.26 -55.16 -8.07
CA GLY K 67 35.70 -54.80 -6.73
C GLY K 67 37.13 -55.19 -6.45
N ALA K 68 37.54 -56.37 -6.90
CA ALA K 68 38.94 -56.80 -6.75
C ALA K 68 39.89 -55.92 -7.56
N ALA K 69 39.58 -55.72 -8.85
CA ALA K 69 40.45 -54.93 -9.71
C ALA K 69 40.47 -53.46 -9.31
N SER K 70 39.31 -52.89 -8.98
CA SER K 70 39.26 -51.51 -8.51
C SER K 70 40.03 -51.34 -7.21
N PHE K 71 39.90 -52.29 -6.29
CA PHE K 71 40.66 -52.21 -5.04
C PHE K 71 42.16 -52.23 -5.32
N ILE K 72 42.63 -53.21 -6.10
CA ILE K 72 44.06 -53.34 -6.37
C ILE K 72 44.55 -52.19 -7.25
N GLY K 73 43.74 -51.79 -8.22
CA GLY K 73 44.11 -50.72 -9.13
C GLY K 73 44.18 -49.36 -8.48
N TRP K 74 43.58 -49.21 -7.30
CA TRP K 74 43.67 -47.99 -6.53
C TRP K 74 44.68 -48.09 -5.40
N VAL K 75 44.78 -49.25 -4.74
CA VAL K 75 45.67 -49.41 -3.57
C VAL K 75 47.14 -49.39 -3.99
N VAL K 76 47.48 -50.11 -5.07
CA VAL K 76 48.88 -50.19 -5.48
C VAL K 76 49.49 -48.84 -5.89
N PRO K 77 48.85 -48.00 -6.74
CA PRO K 77 49.44 -46.66 -6.97
C PRO K 77 49.54 -45.84 -5.70
N THR K 78 48.57 -46.00 -4.81
CA THR K 78 48.43 -45.28 -3.55
C THR K 78 49.48 -45.70 -2.52
N LEU K 79 50.23 -46.76 -2.80
CA LEU K 79 51.38 -47.13 -1.98
C LEU K 79 52.50 -46.10 -2.04
N LEU K 80 52.48 -45.19 -3.01
CA LEU K 80 53.49 -44.16 -3.21
C LEU K 80 53.69 -43.34 -1.93
N PRO K 81 54.87 -43.38 -1.34
CA PRO K 81 55.07 -42.71 -0.06
C PRO K 81 55.20 -41.21 -0.22
N SER K 82 55.07 -40.53 0.92
CA SER K 82 55.17 -39.09 0.94
C SER K 82 55.53 -38.67 2.36
N GLN K 83 56.56 -37.84 2.50
CA GLN K 83 57.03 -37.41 3.81
C GLN K 83 56.22 -36.24 4.34
N ILE K 84 54.91 -36.36 4.25
CA ILE K 84 53.94 -35.39 4.69
C ILE K 84 53.30 -35.89 5.98
N ALA K 85 53.02 -34.95 6.90
CA ALA K 85 52.55 -35.26 8.26
C ALA K 85 51.28 -36.09 8.26
N LEU K 86 50.40 -35.91 7.27
CA LEU K 86 49.22 -36.75 7.16
C LEU K 86 49.60 -38.19 6.83
N TYR K 87 50.46 -38.38 5.83
CA TYR K 87 50.91 -39.73 5.50
C TYR K 87 51.89 -40.25 6.52
N GLY K 88 52.84 -39.42 6.94
CA GLY K 88 53.85 -39.86 7.88
C GLY K 88 54.97 -40.69 7.28
N GLY K 89 55.24 -40.56 6.00
CA GLY K 89 56.24 -41.36 5.34
C GLY K 89 55.71 -42.57 4.61
N LYS K 90 54.47 -42.95 4.86
CA LYS K 90 53.83 -44.04 4.15
C LYS K 90 53.06 -43.50 2.94
N GLY K 91 52.41 -44.41 2.21
CA GLY K 91 51.48 -44.00 1.16
C GLY K 91 50.13 -43.67 1.73
N LEU K 92 49.18 -43.31 0.86
CA LEU K 92 47.85 -43.02 1.38
C LEU K 92 47.15 -44.28 1.85
N SER K 93 47.28 -45.40 1.13
CA SER K 93 46.68 -46.65 1.59
C SER K 93 47.31 -47.12 2.89
N THR K 94 48.62 -47.06 3.00
CA THR K 94 49.33 -47.59 4.15
C THR K 94 49.19 -46.70 5.38
N ALA K 95 49.24 -45.37 5.23
CA ALA K 95 48.93 -44.49 6.35
C ALA K 95 47.50 -44.69 6.83
N PHE K 96 46.58 -44.84 5.88
CA PHE K 96 45.20 -45.19 6.19
C PHE K 96 45.09 -46.54 6.87
N PHE K 97 45.69 -47.58 6.27
CA PHE K 97 45.70 -48.91 6.90
C PHE K 97 46.37 -48.89 8.26
N ALA K 98 47.35 -47.99 8.46
CA ALA K 98 47.92 -47.80 9.78
C ALA K 98 46.93 -47.13 10.71
N SER K 99 46.11 -46.21 10.19
CA SER K 99 45.20 -45.47 11.05
C SER K 99 43.95 -46.25 11.41
N ILE K 100 43.61 -47.28 10.64
CA ILE K 100 42.55 -48.19 11.06
C ILE K 100 42.95 -48.92 12.33
N GLY K 101 44.18 -49.45 12.35
CA GLY K 101 44.64 -50.21 13.50
C GLY K 101 44.86 -49.40 14.76
N THR K 102 45.44 -48.19 14.63
CA THR K 102 45.66 -47.34 15.80
C THR K 102 44.35 -46.97 16.49
N ASN K 103 43.34 -46.58 15.71
CA ASN K 103 42.02 -46.29 16.28
C ASN K 103 41.30 -47.56 16.72
N LEU K 104 41.56 -48.70 16.06
CA LEU K 104 41.01 -49.97 16.55
C LEU K 104 41.60 -50.37 17.89
N ALA K 105 42.85 -49.97 18.20
CA ALA K 105 43.43 -50.24 19.51
C ALA K 105 42.60 -49.60 20.61
N LYS K 106 42.21 -48.35 20.42
CA LYS K 106 41.23 -47.69 21.28
C LYS K 106 39.85 -47.97 20.72
N PHE K 107 39.41 -49.25 20.80
CA PHE K 107 38.21 -49.64 20.06
C PHE K 107 36.95 -48.86 20.40
N PRO K 108 36.55 -48.68 21.68
CA PRO K 108 35.32 -47.88 21.90
C PRO K 108 35.48 -46.43 21.46
N ALA K 109 36.65 -45.84 21.69
CA ALA K 109 36.87 -44.42 21.40
C ALA K 109 36.91 -44.15 19.90
N PRO K 110 36.20 -43.13 19.42
CA PRO K 110 36.27 -42.74 18.01
C PRO K 110 37.49 -41.89 17.73
N PRO K 111 37.94 -41.81 16.48
CA PRO K 111 39.02 -40.87 16.15
C PRO K 111 38.57 -39.43 16.28
N GLY K 112 39.48 -38.56 16.72
CA GLY K 112 39.15 -37.16 16.93
C GLY K 112 39.07 -36.36 15.63
N MET K 113 38.56 -35.13 15.74
CA MET K 113 38.41 -34.26 14.57
C MET K 113 39.74 -33.97 13.89
N THR K 114 40.79 -33.71 14.67
CA THR K 114 42.10 -33.49 14.09
C THR K 114 42.88 -34.78 13.83
N ASP K 115 42.31 -35.94 14.17
CA ASP K 115 42.96 -37.21 13.88
C ASP K 115 43.10 -37.38 12.37
N PRO K 116 44.24 -37.88 11.89
CA PRO K 116 44.41 -38.10 10.45
C PRO K 116 43.52 -39.19 9.87
N PHE K 117 42.77 -39.95 10.69
CA PHE K 117 41.98 -41.06 10.18
C PHE K 117 40.93 -40.57 9.18
N TRP K 118 40.19 -39.51 9.53
CA TRP K 118 39.07 -39.04 8.72
C TRP K 118 39.53 -38.56 7.35
N LEU K 119 40.61 -37.77 7.30
CA LEU K 119 41.10 -37.25 6.01
C LEU K 119 41.59 -38.40 5.15
N LEU K 120 42.34 -39.33 5.75
CA LEU K 120 42.85 -40.49 5.04
C LEU K 120 41.70 -41.35 4.53
N CYS K 121 40.69 -41.55 5.38
CA CYS K 121 39.54 -42.37 5.02
C CYS K 121 38.76 -41.74 3.87
N PHE K 122 38.53 -40.42 3.94
CA PHE K 122 37.76 -39.74 2.90
C PHE K 122 38.49 -39.80 1.56
N ILE K 123 39.81 -39.51 1.57
CA ILE K 123 40.59 -39.49 0.34
C ILE K 123 40.70 -40.89 -0.25
N TRP K 124 40.91 -41.91 0.59
CA TRP K 124 41.06 -43.28 0.12
C TRP K 124 39.77 -43.76 -0.55
N HIS K 125 38.64 -43.49 0.08
CA HIS K 125 37.36 -43.97 -0.44
C HIS K 125 36.94 -43.17 -1.66
N SER K 126 37.30 -41.89 -1.72
CA SER K 126 36.98 -41.07 -2.88
C SER K 126 37.63 -41.62 -4.13
N GLY K 127 38.92 -41.96 -4.03
CA GLY K 127 39.61 -42.60 -5.14
C GLY K 127 39.08 -44.00 -5.38
N LEU K 128 38.79 -44.73 -4.31
CA LEU K 128 38.26 -46.10 -4.43
C LEU K 128 36.90 -46.11 -5.09
N PHE K 129 36.00 -45.20 -4.70
CA PHE K 129 34.69 -45.14 -5.33
C PHE K 129 34.83 -44.76 -6.80
N ALA K 130 35.72 -43.82 -7.09
CA ALA K 130 35.96 -43.39 -8.47
C ALA K 130 36.51 -44.52 -9.32
N THR K 131 37.50 -45.27 -8.80
CA THR K 131 38.02 -46.40 -9.57
C THR K 131 36.97 -47.51 -9.70
N MET K 132 36.14 -47.73 -8.67
CA MET K 132 35.04 -48.70 -8.78
C MET K 132 34.05 -48.27 -9.84
N ILE K 133 33.67 -46.98 -9.83
CA ILE K 133 32.75 -46.45 -10.84
C ILE K 133 33.36 -46.59 -12.23
N LEU K 134 34.60 -46.14 -12.40
CA LEU K 134 35.27 -46.21 -13.69
C LEU K 134 35.57 -47.65 -14.08
N GLY K 135 35.87 -48.50 -13.10
CA GLY K 135 36.07 -49.90 -13.38
C GLY K 135 34.83 -50.64 -13.82
N SER K 136 33.69 -50.34 -13.18
CA SER K 136 32.42 -50.89 -13.62
C SER K 136 32.06 -50.40 -15.02
N ILE K 137 32.32 -49.11 -15.31
CA ILE K 137 32.08 -48.58 -16.64
C ILE K 137 32.96 -49.29 -17.67
N GLY K 138 34.24 -49.42 -17.36
CA GLY K 138 35.17 -50.05 -18.28
C GLY K 138 34.90 -51.52 -18.50
N TYR K 139 34.66 -52.26 -17.42
CA TYR K 139 34.52 -53.70 -17.59
C TYR K 139 33.15 -54.09 -18.15
N ASN K 140 32.06 -53.58 -17.55
CA ASN K 140 30.72 -53.96 -17.99
C ASN K 140 30.46 -53.49 -19.41
N GLY K 141 30.86 -52.28 -19.74
CA GLY K 141 30.54 -51.72 -21.03
C GLY K 141 31.42 -52.13 -22.17
N TYR K 142 32.71 -51.88 -22.03
CA TYR K 142 33.63 -52.22 -23.10
C TYR K 142 33.85 -53.71 -23.22
N ALA K 143 33.56 -54.48 -22.16
CA ALA K 143 33.69 -55.95 -22.10
C ALA K 143 35.10 -56.43 -22.46
N GLY K 144 36.08 -55.54 -22.46
CA GLY K 144 37.41 -55.84 -22.94
C GLY K 144 38.03 -54.67 -23.68
N VAL L 10 60.75 -23.47 -1.05
CA VAL L 10 60.55 -23.27 -2.49
C VAL L 10 61.15 -24.45 -3.25
N PRO L 11 60.40 -25.02 -4.19
CA PRO L 11 60.91 -26.09 -5.04
C PRO L 11 62.17 -25.70 -5.79
N GLN L 12 63.24 -26.47 -5.58
CA GLN L 12 64.52 -26.18 -6.21
C GLN L 12 64.43 -26.35 -7.72
N THR L 13 64.92 -25.36 -8.46
CA THR L 13 65.06 -25.45 -9.92
C THR L 13 66.51 -25.14 -10.23
N VAL L 14 66.99 -25.59 -11.38
CA VAL L 14 68.40 -25.49 -11.71
C VAL L 14 68.58 -24.66 -12.98
N ALA L 15 69.72 -23.98 -13.09
CA ALA L 15 70.07 -23.24 -14.30
C ALA L 15 70.20 -24.20 -15.46
N TRP L 16 69.89 -23.70 -16.66
CA TRP L 16 69.87 -24.53 -17.87
C TRP L 16 71.20 -25.24 -18.07
N SER L 17 71.12 -26.54 -18.25
CA SER L 17 72.26 -27.37 -18.58
C SER L 17 71.80 -28.28 -19.70
N ALA L 18 72.75 -29.04 -20.25
CA ALA L 18 72.43 -29.99 -21.29
C ALA L 18 71.47 -31.08 -20.79
N LYS L 19 71.42 -31.31 -19.47
CA LYS L 19 70.45 -32.25 -18.90
C LYS L 19 69.04 -31.71 -19.07
N THR L 20 68.84 -30.41 -18.81
CA THR L 20 67.56 -29.75 -19.07
C THR L 20 67.19 -29.86 -20.55
N GLY L 21 68.17 -29.62 -21.43
CA GLY L 21 67.96 -29.80 -22.86
C GLY L 21 67.56 -31.22 -23.22
N ALA L 22 68.19 -32.21 -22.60
CA ALA L 22 67.90 -33.62 -22.87
C ALA L 22 66.44 -33.96 -22.60
N VAL L 23 65.93 -33.56 -21.43
CA VAL L 23 64.52 -33.77 -21.08
C VAL L 23 63.60 -33.12 -22.09
N MET L 24 63.87 -31.86 -22.45
CA MET L 24 63.08 -31.14 -23.43
C MET L 24 63.08 -31.83 -24.79
N VAL L 25 64.26 -32.22 -25.27
CA VAL L 25 64.40 -32.91 -26.57
C VAL L 25 63.60 -34.21 -26.56
N LEU L 26 63.78 -35.01 -25.51
CA LEU L 26 63.05 -36.27 -25.33
C LEU L 26 61.54 -36.05 -25.39
N SER L 27 61.05 -35.09 -24.59
CA SER L 27 59.63 -34.78 -24.51
C SER L 27 59.05 -34.32 -25.84
N ASN L 28 59.79 -33.48 -26.56
CA ASN L 28 59.34 -33.00 -27.86
C ASN L 28 59.21 -34.16 -28.86
N ILE L 29 60.23 -35.01 -28.93
CA ILE L 29 60.22 -36.17 -29.82
C ILE L 29 59.12 -37.14 -29.42
N LEU L 30 58.97 -37.39 -28.10
CA LEU L 30 57.91 -38.25 -27.56
C LEU L 30 56.54 -37.81 -28.06
N CYS L 31 56.29 -36.50 -28.04
CA CYS L 31 55.00 -35.98 -28.48
C CYS L 31 54.88 -35.99 -30.00
N ILE L 32 55.99 -35.78 -30.72
CA ILE L 32 55.95 -35.87 -32.19
C ILE L 32 55.53 -37.27 -32.62
N VAL L 33 56.05 -38.29 -31.94
CA VAL L 33 55.62 -39.65 -32.22
C VAL L 33 54.19 -39.86 -31.78
N ALA L 34 53.83 -39.34 -30.59
CA ALA L 34 52.45 -39.47 -30.10
C ALA L 34 51.47 -38.75 -31.02
N GLY L 35 51.82 -37.55 -31.48
CA GLY L 35 50.99 -36.81 -32.41
C GLY L 35 50.76 -37.50 -33.74
N ARG L 36 51.76 -38.27 -34.22
CA ARG L 36 51.53 -39.08 -35.40
C ARG L 36 50.51 -40.19 -35.16
N TYR L 37 50.32 -40.59 -33.91
CA TYR L 37 49.42 -41.68 -33.54
C TYR L 37 48.04 -41.20 -33.13
N VAL L 38 47.95 -40.09 -32.38
CA VAL L 38 46.71 -39.76 -31.67
C VAL L 38 46.00 -38.54 -32.23
N ILE L 39 46.62 -37.74 -33.09
CA ILE L 39 45.90 -36.65 -33.72
C ILE L 39 44.95 -37.24 -34.76
N GLN L 40 43.65 -37.12 -34.50
CA GLN L 40 42.65 -37.85 -35.26
C GLN L 40 42.37 -37.23 -36.62
N VAL L 41 42.48 -35.91 -36.75
CA VAL L 41 42.29 -35.23 -38.02
C VAL L 41 43.63 -34.62 -38.43
N LYS L 42 44.11 -35.01 -39.61
CA LYS L 42 45.36 -34.48 -40.12
C LYS L 42 45.14 -33.87 -41.51
N SER L 51 55.80 -44.68 -44.66
CA SER L 51 55.95 -43.27 -44.30
C SER L 51 55.22 -42.95 -43.00
N GLY L 52 55.79 -43.39 -41.88
CA GLY L 52 55.16 -43.20 -40.58
C GLY L 52 55.02 -41.73 -40.19
N SER L 53 56.05 -40.94 -40.48
CA SER L 53 56.01 -39.50 -40.26
C SER L 53 56.03 -38.70 -41.55
N PHE L 54 56.04 -39.38 -42.70
CA PHE L 54 56.07 -38.72 -43.99
C PHE L 54 54.71 -38.78 -44.68
N ALA L 55 53.65 -39.15 -43.97
CA ALA L 55 52.30 -39.11 -44.53
C ALA L 55 51.53 -38.04 -43.79
N GLY L 56 51.03 -37.05 -44.54
CA GLY L 56 50.12 -36.07 -44.00
C GLY L 56 50.67 -35.23 -42.87
N PHE L 57 52.00 -35.16 -42.72
CA PHE L 57 52.62 -34.40 -41.66
C PHE L 57 52.84 -32.98 -42.14
N GLY L 58 52.24 -32.02 -41.44
CA GLY L 58 52.41 -30.64 -41.83
C GLY L 58 52.82 -29.77 -40.67
N LEU L 59 52.84 -28.46 -40.94
CA LEU L 59 53.22 -27.51 -39.89
C LEU L 59 52.24 -27.49 -38.73
N PRO L 60 50.90 -27.42 -38.90
CA PRO L 60 50.02 -27.45 -37.72
C PRO L 60 50.12 -28.71 -36.89
N GLU L 61 50.42 -29.86 -37.50
CA GLU L 61 50.70 -31.06 -36.71
C GLU L 61 52.03 -30.94 -35.99
N LEU L 62 53.08 -30.46 -36.68
CA LEU L 62 54.38 -30.31 -36.04
C LEU L 62 54.38 -29.23 -34.97
N LEU L 63 53.73 -28.10 -35.25
CA LEU L 63 53.66 -27.01 -34.29
C LEU L 63 52.83 -27.36 -33.07
N ALA L 64 51.91 -28.33 -33.19
CA ALA L 64 51.10 -28.75 -32.06
C ALA L 64 51.83 -29.77 -31.18
N SER L 65 52.52 -30.72 -31.81
CA SER L 65 53.21 -31.76 -31.04
C SER L 65 54.39 -31.18 -30.27
N THR L 66 55.10 -30.23 -30.87
CA THR L 66 56.16 -29.54 -30.15
C THR L 66 55.64 -28.55 -29.12
N SER L 67 54.41 -28.04 -29.28
CA SER L 67 53.79 -27.24 -28.23
C SER L 67 53.45 -28.08 -27.02
N LEU L 68 52.96 -29.30 -27.23
CA LEU L 68 52.73 -30.20 -26.12
C LEU L 68 54.03 -30.71 -25.54
N GLY L 69 55.08 -30.77 -26.38
CA GLY L 69 56.39 -31.15 -25.88
C GLY L 69 56.97 -30.14 -24.93
N HIS L 70 56.85 -28.86 -25.25
CA HIS L 70 57.23 -27.81 -24.32
C HIS L 70 56.29 -27.69 -23.13
N ILE L 71 55.08 -28.23 -23.19
CA ILE L 71 54.24 -28.30 -22.00
C ILE L 71 54.61 -29.50 -21.15
N VAL L 72 54.74 -30.67 -21.77
CA VAL L 72 55.16 -31.89 -21.08
C VAL L 72 56.61 -31.76 -20.60
N GLY L 73 57.49 -31.21 -21.45
CA GLY L 73 58.89 -31.05 -21.07
C GLY L 73 59.10 -30.06 -19.94
N SER L 74 58.36 -28.95 -19.94
CA SER L 74 58.46 -27.99 -18.85
C SER L 74 57.96 -28.60 -17.54
N GLY L 75 56.86 -29.37 -17.61
CA GLY L 75 56.37 -30.04 -16.42
C GLY L 75 57.33 -31.10 -15.91
N ALA L 76 57.92 -31.88 -16.83
CA ALA L 76 58.87 -32.91 -16.46
C ALA L 76 60.14 -32.32 -15.86
N ILE L 77 60.66 -31.24 -16.46
CA ILE L 77 61.86 -30.56 -15.94
C ILE L 77 61.62 -30.04 -14.53
N LEU L 78 60.50 -29.34 -14.32
CA LEU L 78 60.19 -28.78 -13.01
C LEU L 78 59.95 -29.88 -11.98
N GLY L 79 59.29 -30.98 -12.38
CA GLY L 79 59.08 -32.09 -11.47
C GLY L 79 60.35 -32.83 -11.13
N LEU L 80 61.23 -33.05 -12.11
CA LEU L 80 62.48 -33.75 -11.83
C LEU L 80 63.44 -32.89 -11.04
N SER L 81 63.34 -31.57 -11.17
CA SER L 81 64.08 -30.67 -10.29
C SER L 81 63.51 -30.69 -8.88
N TYR L 82 62.18 -30.83 -8.76
CA TYR L 82 61.52 -30.85 -7.46
C TYR L 82 61.96 -32.05 -6.63
N VAL L 83 62.01 -33.23 -7.24
CA VAL L 83 62.26 -34.42 -6.47
C VAL L 83 63.75 -34.72 -6.33
N GLY L 84 64.59 -34.12 -7.17
CA GLY L 84 66.03 -34.30 -7.07
C GLY L 84 66.66 -35.00 -8.25
N VAL L 85 65.88 -35.56 -9.17
CA VAL L 85 66.42 -36.24 -10.35
C VAL L 85 67.13 -35.25 -11.27
N LEU L 86 66.60 -34.03 -11.36
CA LEU L 86 67.12 -32.88 -12.13
C LEU L 86 66.99 -33.17 -13.62
N ASP M 89 -3.02 21.64 -42.76
CA ASP M 89 -3.04 21.31 -41.33
C ASP M 89 -3.17 22.57 -40.50
N THR M 90 -2.76 22.45 -39.25
CA THR M 90 -2.68 23.58 -38.32
C THR M 90 -1.21 23.93 -38.15
N THR M 91 -0.87 25.21 -38.37
CA THR M 91 0.54 25.56 -38.26
C THR M 91 0.99 25.66 -36.81
N GLY M 92 0.14 26.10 -35.91
CA GLY M 92 0.59 26.37 -34.56
C GLY M 92 0.60 27.86 -34.34
N PHE M 93 -0.13 28.33 -33.32
CA PHE M 93 -0.39 29.74 -33.04
C PHE M 93 -1.06 30.45 -34.20
N SER M 94 -1.76 29.69 -35.06
CA SER M 94 -2.41 30.24 -36.24
C SER M 94 -3.49 31.22 -35.85
N GLY M 95 -4.16 30.94 -34.75
CA GLY M 95 -5.17 31.81 -34.23
C GLY M 95 -6.57 31.56 -34.69
N VAL M 96 -6.79 30.67 -35.64
CA VAL M 96 -8.13 30.41 -36.15
C VAL M 96 -8.73 29.28 -35.31
N PRO M 97 -9.90 29.48 -34.70
CA PRO M 97 -10.46 28.47 -33.80
C PRO M 97 -10.90 27.20 -34.50
N SER M 98 -11.07 27.22 -35.83
CA SER M 98 -11.46 26.00 -36.51
C SER M 98 -10.28 25.09 -36.76
N GLN M 99 -9.06 25.59 -36.65
CA GLN M 99 -7.87 24.76 -36.80
C GLN M 99 -7.43 24.09 -35.51
N PHE M 100 -8.00 24.47 -34.37
CA PHE M 100 -7.67 23.85 -33.09
C PHE M 100 -8.86 23.12 -32.49
N ALA M 101 -9.92 22.89 -33.28
CA ALA M 101 -11.12 22.14 -32.89
C ALA M 101 -11.82 22.77 -31.69
N ARG M 102 -11.74 24.10 -31.57
CA ARG M 102 -12.33 24.99 -30.60
C ARG M 102 -13.59 25.61 -31.17
N PRO M 103 -14.65 25.78 -30.36
CA PRO M 103 -15.90 26.34 -30.87
C PRO M 103 -15.77 27.84 -31.09
N GLU M 104 -16.04 28.27 -32.32
CA GLU M 104 -16.07 29.68 -32.67
C GLU M 104 -17.51 30.18 -32.71
N SER M 105 -17.64 31.51 -32.69
CA SER M 105 -18.97 32.11 -32.75
C SER M 105 -19.60 31.99 -34.13
N GLY M 106 -18.78 31.95 -35.18
CA GLY M 106 -19.27 32.05 -36.54
C GLY M 106 -19.62 33.46 -36.96
N VAL M 107 -19.56 34.43 -36.05
CA VAL M 107 -19.88 35.82 -36.33
C VAL M 107 -18.57 36.59 -36.31
N TYR M 108 -18.25 37.23 -37.44
CA TYR M 108 -17.01 37.97 -37.59
C TYR M 108 -17.34 39.29 -38.28
N PRO M 109 -17.54 40.36 -37.50
CA PRO M 109 -17.99 41.64 -38.07
C PRO M 109 -16.95 42.23 -39.01
N ALA M 110 -17.44 42.89 -40.06
CA ALA M 110 -16.56 43.63 -40.95
C ALA M 110 -15.98 44.82 -40.21
N GLU M 111 -14.69 45.09 -40.47
CA GLU M 111 -13.98 46.13 -39.73
C GLU M 111 -14.11 47.47 -40.43
N PRO M 112 -14.76 48.45 -39.82
CA PRO M 112 -14.85 49.78 -40.44
C PRO M 112 -13.54 50.54 -40.27
N THR M 113 -13.52 51.76 -40.79
CA THR M 113 -12.30 52.55 -40.82
C THR M 113 -12.37 53.82 -39.99
N GLU M 114 -13.54 54.18 -39.47
CA GLU M 114 -13.70 55.43 -38.75
C GLU M 114 -13.11 55.32 -37.35
N GLN M 115 -12.56 56.42 -36.86
CA GLN M 115 -11.86 56.47 -35.59
C GLN M 115 -12.42 57.59 -34.72
N THR M 116 -12.23 57.47 -33.40
CA THR M 116 -12.54 58.51 -32.43
C THR M 116 -11.26 58.83 -31.66
N PHE M 117 -11.19 60.05 -31.13
CA PHE M 117 -9.95 60.58 -30.55
C PHE M 117 -9.49 59.80 -29.31
N LEU M 118 -10.35 59.53 -28.34
CA LEU M 118 -9.88 58.83 -27.15
C LEU M 118 -10.49 57.43 -27.05
N GLY M 119 -11.03 56.94 -28.16
CA GLY M 119 -11.61 55.63 -28.30
C GLY M 119 -10.88 54.90 -29.41
N MET M 120 -11.40 53.74 -29.81
CA MET M 120 -10.73 52.87 -30.74
C MET M 120 -11.61 52.63 -31.98
N ARG M 121 -10.96 52.15 -33.02
CA ARG M 121 -11.62 51.70 -34.24
C ARG M 121 -12.23 50.32 -34.02
N GLY M 122 -13.37 50.07 -34.64
CA GLY M 122 -14.03 48.79 -34.51
C GLY M 122 -15.51 48.86 -34.79
N PRO M 123 -16.18 47.70 -34.74
CA PRO M 123 -17.63 47.65 -34.96
C PRO M 123 -18.40 48.42 -33.89
N ARG M 124 -19.19 49.38 -34.33
CA ARG M 124 -20.07 50.14 -33.47
C ARG M 124 -21.51 49.99 -33.96
N ALA M 125 -22.42 50.57 -33.20
CA ALA M 125 -23.82 50.63 -33.58
C ALA M 125 -24.00 51.66 -34.69
N PRO M 126 -25.10 51.60 -35.45
CA PRO M 126 -25.36 52.67 -36.43
C PRO M 126 -25.64 53.98 -35.74
N GLY M 127 -25.00 55.04 -36.23
CA GLY M 127 -25.11 56.35 -35.65
C GLY M 127 -24.24 56.59 -34.44
N HIS M 128 -23.44 55.61 -34.02
CA HIS M 128 -22.69 55.74 -32.77
C HIS M 128 -21.52 56.69 -32.92
N ARG M 129 -20.77 56.56 -34.01
CA ARG M 129 -19.65 57.46 -34.28
C ARG M 129 -20.10 58.87 -34.65
N GLU M 130 -21.39 59.07 -34.91
CA GLU M 130 -21.91 60.40 -35.17
C GLU M 130 -22.25 61.14 -33.90
N ASN M 131 -22.58 60.43 -32.83
CA ASN M 131 -22.88 61.07 -31.55
C ASN M 131 -21.75 60.97 -30.55
N PHE M 132 -20.93 59.92 -30.64
CA PHE M 132 -19.82 59.67 -29.73
C PHE M 132 -18.53 59.53 -30.50
N GLY M 133 -18.33 60.43 -31.45
CA GLY M 133 -17.19 60.42 -32.30
C GLY M 133 -16.09 61.34 -31.82
N GLY M 134 -15.32 61.86 -32.77
CA GLY M 134 -14.24 62.77 -32.42
C GLY M 134 -14.77 64.08 -31.88
N LYS M 135 -15.90 64.55 -32.40
CA LYS M 135 -16.51 65.80 -31.96
C LYS M 135 -16.97 65.72 -30.50
N HIS M 136 -17.68 64.63 -30.15
CA HIS M 136 -18.10 64.40 -28.77
C HIS M 136 -16.91 64.29 -27.84
N THR M 137 -15.95 63.44 -28.20
CA THR M 137 -14.85 63.09 -27.31
C THR M 137 -13.92 64.26 -27.05
N ALA M 138 -13.64 65.05 -28.08
CA ALA M 138 -12.83 66.27 -27.89
C ALA M 138 -13.54 67.30 -27.03
N THR M 139 -14.84 67.51 -27.26
CA THR M 139 -15.60 68.51 -26.52
C THR M 139 -15.71 68.14 -25.04
N MET M 140 -15.98 66.86 -24.76
CA MET M 140 -16.11 66.38 -23.40
C MET M 140 -14.83 66.55 -22.61
N LEU M 141 -13.69 66.27 -23.26
CA LEU M 141 -12.39 66.50 -22.63
C LEU M 141 -12.16 67.97 -22.36
N ALA M 142 -12.64 68.84 -23.25
CA ALA M 142 -12.50 70.28 -23.08
C ALA M 142 -13.31 70.79 -21.89
N ILE M 143 -14.53 70.28 -21.69
CA ILE M 143 -15.35 70.67 -20.56
C ILE M 143 -14.76 70.12 -19.26
N ALA M 144 -14.27 68.87 -19.29
CA ALA M 144 -13.66 68.26 -18.12
C ALA M 144 -12.41 69.01 -17.67
N ALA M 145 -11.64 69.53 -18.63
CA ALA M 145 -10.44 70.29 -18.30
C ALA M 145 -10.78 71.69 -17.79
N LEU M 146 -11.89 72.27 -18.25
CA LEU M 146 -12.32 73.57 -17.73
C LEU M 146 -12.87 73.46 -16.32
N LEU M 147 -13.74 72.46 -16.09
CA LEU M 147 -14.31 72.25 -14.75
C LEU M 147 -13.30 71.72 -13.75
N TRP M 148 -12.15 71.25 -14.23
CA TRP M 148 -11.07 70.87 -13.32
C TRP M 148 -10.55 72.07 -12.55
N GLN M 149 -10.55 73.23 -13.18
CA GLN M 149 -9.98 74.43 -12.55
C GLN M 149 -10.72 74.86 -11.29
N PRO M 150 -12.07 74.93 -11.23
CA PRO M 150 -12.71 75.08 -9.91
C PRO M 150 -12.42 73.93 -8.94
N VAL M 151 -12.42 72.69 -9.43
CA VAL M 151 -12.27 71.52 -8.56
C VAL M 151 -10.87 71.45 -7.96
N SER M 152 -9.85 71.72 -8.77
CA SER M 152 -8.46 71.69 -8.29
C SER M 152 -8.18 72.77 -7.26
N GLU M 153 -9.02 73.81 -7.21
CA GLU M 153 -8.91 74.89 -6.24
C GLU M 153 -10.06 74.92 -5.26
N ALA M 154 -10.73 73.78 -5.05
CA ALA M 154 -11.93 73.74 -4.24
C ALA M 154 -11.61 74.02 -2.77
N GLY M 155 -12.39 74.89 -2.16
CA GLY M 155 -12.19 75.25 -0.77
C GLY M 155 -13.06 76.42 -0.40
N MET M 156 -13.11 76.69 0.90
CA MET M 156 -13.86 77.81 1.45
C MET M 156 -12.95 79.02 1.54
N TYR M 157 -13.11 79.95 0.61
CA TYR M 157 -12.29 81.16 0.58
C TYR M 157 -13.07 82.26 1.29
N ARG M 158 -12.53 82.73 2.41
CA ARG M 158 -13.20 83.72 3.24
C ARG M 158 -12.24 84.88 3.47
N MET M 159 -12.78 86.09 3.53
CA MET M 159 -11.96 87.27 3.83
C MET M 159 -11.89 87.53 5.32
N GLY M 160 -10.70 87.92 5.78
CA GLY M 160 -10.52 88.41 7.12
C GLY M 160 -10.93 89.87 7.23
N ALA M 161 -10.34 90.55 8.23
CA ALA M 161 -10.63 91.96 8.47
C ALA M 161 -10.24 92.82 7.28
N ASP M 162 -9.04 92.61 6.75
CA ASP M 162 -8.64 93.21 5.50
C ASP M 162 -9.17 92.36 4.35
N GLY M 163 -8.68 92.59 3.14
CA GLY M 163 -9.10 91.76 2.05
C GLY M 163 -8.43 90.41 1.95
N ALA M 164 -7.64 90.01 2.93
CA ALA M 164 -6.86 88.78 2.86
C ALA M 164 -7.75 87.55 2.94
N LEU M 165 -7.48 86.58 2.07
CA LEU M 165 -8.32 85.39 1.94
C LEU M 165 -7.70 84.22 2.68
N THR M 166 -8.52 83.50 3.44
CA THR M 166 -8.15 82.27 4.11
C THR M 166 -8.81 81.11 3.40
N LYS M 167 -8.05 80.03 3.19
CA LYS M 167 -8.56 78.84 2.54
C LYS M 167 -8.85 77.78 3.61
N SER M 168 -10.00 77.13 3.50
CA SER M 168 -10.40 76.10 4.42
C SER M 168 -11.04 74.96 3.65
N SER M 169 -11.15 73.81 4.30
CA SER M 169 -11.84 72.69 3.69
C SER M 169 -13.33 72.89 3.77
N PHE M 170 -14.04 72.29 2.81
CA PHE M 170 -15.49 72.33 2.78
C PHE M 170 -16.14 71.51 3.87
N SER M 171 -15.36 70.67 4.56
CA SER M 171 -15.86 69.97 5.74
C SER M 171 -16.29 70.94 6.81
N ASN M 172 -15.64 72.11 6.92
CA ASN M 172 -16.03 73.16 7.87
C ASN M 172 -17.45 73.71 7.66
N MET M 173 -18.12 73.35 6.57
CA MET M 173 -19.51 73.72 6.32
C MET M 173 -20.38 72.66 6.99
N GLU M 174 -20.86 72.97 8.19
CA GLU M 174 -21.68 72.06 8.95
C GLU M 174 -23.13 72.19 8.51
N VAL M 175 -23.64 71.18 7.81
CA VAL M 175 -25.04 71.18 7.37
C VAL M 175 -25.95 71.07 8.60
N PRO M 176 -27.06 71.78 8.64
CA PRO M 176 -27.83 71.86 9.88
C PRO M 176 -28.76 70.68 10.16
N GLY M 177 -29.34 70.07 9.13
CA GLY M 177 -30.50 69.24 9.39
C GLY M 177 -30.45 67.77 9.07
N PHE M 178 -29.32 67.13 9.35
CA PHE M 178 -29.16 65.72 8.99
C PHE M 178 -28.75 64.90 10.20
N GLY M 179 -29.45 65.11 11.31
CA GLY M 179 -29.30 64.29 12.50
C GLY M 179 -27.90 64.31 13.06
N ASN M 180 -27.30 63.11 13.11
CA ASN M 180 -25.94 62.98 13.66
C ASN M 180 -24.87 63.40 12.67
N MET M 181 -25.13 63.31 11.36
CA MET M 181 -24.16 63.81 10.40
C MET M 181 -24.19 65.33 10.41
N LYS M 182 -23.08 65.94 10.80
CA LYS M 182 -22.97 67.38 10.78
C LYS M 182 -21.93 67.88 9.77
N LYS M 183 -20.82 67.18 9.65
CA LYS M 183 -19.85 67.42 8.60
C LYS M 183 -20.27 66.55 7.41
N ALA M 184 -20.39 67.16 6.25
CA ALA M 184 -20.96 66.45 5.12
C ALA M 184 -19.91 66.12 4.06
N PRO M 185 -20.12 65.07 3.25
CA PRO M 185 -19.27 64.89 2.07
C PRO M 185 -19.46 66.03 1.09
N THR M 186 -18.38 66.36 0.39
CA THR M 186 -18.35 67.51 -0.51
C THR M 186 -17.61 67.10 -1.77
N ILE M 187 -17.22 68.08 -2.59
CA ILE M 187 -16.39 67.79 -3.76
C ILE M 187 -14.96 67.43 -3.36
N GLU M 188 -14.56 67.70 -2.12
CA GLU M 188 -13.26 67.32 -1.63
C GLU M 188 -13.15 65.84 -1.27
N SER M 189 -14.25 65.11 -1.28
CA SER M 189 -14.22 63.67 -1.02
C SER M 189 -14.01 62.86 -2.29
N LEU M 190 -14.43 63.41 -3.43
CA LEU M 190 -14.20 62.81 -4.73
C LEU M 190 -12.88 63.23 -5.32
N PHE M 191 -12.34 64.35 -4.86
CA PHE M 191 -11.04 64.84 -5.31
C PHE M 191 -10.19 65.18 -4.09
N PRO M 192 -9.80 64.17 -3.27
CA PRO M 192 -9.03 64.50 -2.06
C PRO M 192 -7.55 64.68 -2.35
N PHE M 193 -7.21 65.82 -2.97
CA PHE M 193 -5.81 66.14 -3.23
C PHE M 193 -5.03 66.32 -1.95
N ALA M 194 -5.62 67.06 -0.99
CA ALA M 194 -4.91 67.52 0.21
C ALA M 194 -4.45 66.36 1.09
N LYS M 195 -5.30 65.33 1.25
CA LYS M 195 -4.96 64.19 2.10
C LYS M 195 -3.70 63.49 1.62
N ASN M 196 -3.56 63.32 0.31
CA ASN M 196 -2.34 62.78 -0.27
C ASN M 196 -1.25 63.83 -0.45
N GLY M 197 -1.48 65.06 0.01
CA GLY M 197 -0.52 66.14 -0.11
C GLY M 197 -0.19 66.51 -1.55
N PHE M 198 -1.22 66.67 -2.39
CA PHE M 198 -0.91 66.85 -3.81
C PHE M 198 -0.74 68.32 -4.18
N ASP M 199 -1.60 69.23 -3.69
CA ASP M 199 -1.59 70.64 -4.13
C ASP M 199 -1.86 70.74 -5.63
N ALA M 200 -3.09 70.39 -5.99
CA ALA M 200 -3.52 70.45 -7.37
C ALA M 200 -3.57 71.89 -7.87
N SER M 201 -3.50 72.03 -9.16
CA SER M 201 -3.51 73.29 -9.86
C SER M 201 -4.56 73.22 -10.95
N PRO M 202 -5.08 74.35 -11.40
CA PRO M 202 -5.87 74.35 -12.65
C PRO M 202 -5.08 73.89 -13.87
N ALA M 203 -3.74 73.87 -13.80
CA ALA M 203 -2.86 73.26 -14.79
C ALA M 203 -2.30 71.92 -14.32
N LEU M 204 -2.90 71.34 -13.27
CA LEU M 204 -2.71 70.02 -12.65
C LEU M 204 -1.44 69.93 -11.80
N PHE M 205 -0.49 70.84 -11.90
CA PHE M 205 0.69 70.75 -11.04
C PHE M 205 0.88 72.10 -10.38
N GLY M 206 0.76 72.13 -9.06
CA GLY M 206 0.85 73.37 -8.31
C GLY M 206 2.26 73.71 -7.94
N LYS M 207 2.44 74.92 -7.39
CA LYS M 207 3.76 75.41 -7.01
C LYS M 207 4.44 74.47 -6.03
N GLY M 208 3.72 74.04 -5.00
CA GLY M 208 4.14 72.87 -4.26
C GLY M 208 3.67 71.65 -5.02
N SER M 209 4.51 70.61 -5.01
CA SER M 209 4.41 69.42 -5.88
C SER M 209 4.48 69.80 -7.36
N MET M 210 5.65 70.31 -7.75
CA MET M 210 5.96 70.68 -9.11
C MET M 210 6.86 69.61 -9.73
N ILE M 211 6.78 69.48 -11.06
CA ILE M 211 7.65 68.60 -11.84
C ILE M 211 9.12 68.93 -11.55
N VAL M 212 9.94 67.89 -11.45
CA VAL M 212 11.36 68.01 -11.16
C VAL M 212 12.13 67.69 -12.44
N VAL M 213 12.80 68.69 -13.00
CA VAL M 213 13.59 68.53 -14.22
C VAL M 213 15.05 68.79 -13.86
N GLU M 214 15.86 67.73 -13.85
CA GLU M 214 17.26 67.82 -13.53
C GLU M 214 18.08 67.74 -14.82
N ASP M 215 19.38 68.06 -14.73
CA ASP M 215 20.24 67.92 -15.88
C ASP M 215 21.18 66.74 -15.66
N PRO M 216 21.12 65.71 -16.49
CA PRO M 216 21.98 64.54 -16.26
C PRO M 216 23.43 64.72 -16.66
N ARG M 217 23.73 65.77 -17.43
CA ARG M 217 25.10 66.05 -17.85
C ARG M 217 25.97 66.52 -16.70
N ASP M 218 25.38 66.94 -15.58
CA ASP M 218 26.05 67.24 -14.31
C ASP M 218 27.08 68.35 -14.44
N GLY M 219 26.93 69.21 -15.44
CA GLY M 219 27.77 70.38 -15.59
C GLY M 219 29.15 70.15 -16.18
N CYS M 220 29.32 69.15 -17.03
CA CYS M 220 30.61 68.94 -17.70
C CYS M 220 30.33 68.45 -19.11
N GLY M 221 31.39 68.28 -19.89
CA GLY M 221 31.29 68.00 -21.31
C GLY M 221 31.41 66.52 -21.66
N ALA M 222 31.39 66.25 -22.97
CA ALA M 222 31.52 64.89 -23.46
C ALA M 222 32.95 64.37 -23.35
N TYR M 223 33.94 65.21 -23.63
CA TYR M 223 35.32 64.75 -23.71
C TYR M 223 36.25 65.78 -23.07
N ALA M 224 37.42 65.28 -22.67
CA ALA M 224 38.49 66.05 -22.02
C ALA M 224 37.98 66.77 -20.78
N ASN M 225 37.55 65.95 -19.82
CA ASN M 225 37.09 66.40 -18.52
C ASN M 225 38.19 66.22 -17.49
N SER M 226 38.07 66.96 -16.39
CA SER M 226 39.04 66.93 -15.31
C SER M 226 38.32 66.99 -13.97
N GLY M 227 38.63 66.05 -13.08
CA GLY M 227 38.00 66.00 -11.78
C GLY M 227 37.05 64.84 -11.58
N ALA M 228 35.96 65.07 -10.84
CA ALA M 228 34.99 64.02 -10.54
C ALA M 228 33.98 63.83 -11.64
N CYS M 229 34.44 63.69 -12.88
CA CYS M 229 33.56 63.54 -14.04
C CYS M 229 34.35 62.88 -15.16
N HIS M 230 34.05 61.61 -15.40
CA HIS M 230 34.82 60.81 -16.35
C HIS M 230 33.83 60.14 -17.30
N THR M 231 33.69 60.68 -18.50
CA THR M 231 32.68 60.19 -19.41
C THR M 231 33.15 58.92 -20.10
N PHE M 232 32.21 58.30 -20.82
CA PHE M 232 32.53 57.11 -21.60
C PHE M 232 33.56 57.41 -22.67
N LEU M 233 33.45 58.57 -23.31
CA LEU M 233 34.44 59.01 -24.30
C LEU M 233 35.82 59.22 -23.66
N ASP M 234 35.85 59.72 -22.43
CA ASP M 234 37.09 59.80 -21.67
C ASP M 234 37.68 58.42 -21.39
N GLU M 235 36.82 57.44 -21.13
CA GLU M 235 37.30 56.07 -20.91
C GLU M 235 37.88 55.46 -22.18
N ILE M 236 37.37 55.85 -23.35
CA ILE M 236 37.95 55.41 -24.60
C ILE M 236 39.31 56.07 -24.82
N GLY M 237 39.41 57.36 -24.46
CA GLY M 237 40.70 58.04 -24.52
C GLY M 237 41.71 57.49 -23.51
N ASP M 238 41.24 57.07 -22.33
CA ASP M 238 42.15 56.52 -21.33
C ASP M 238 42.71 55.17 -21.76
N ALA M 239 41.89 54.34 -22.39
CA ALA M 239 42.36 53.03 -22.84
C ALA M 239 43.35 53.15 -23.98
N LEU M 240 43.09 54.04 -24.94
CA LEU M 240 43.95 54.21 -26.10
C LEU M 240 45.29 54.85 -25.75
N LYS M 241 45.45 55.38 -24.54
CA LYS M 241 46.68 56.03 -24.10
C LYS M 241 47.03 55.43 -22.74
N LYS M 242 47.90 54.43 -22.74
CA LYS M 242 48.15 53.62 -21.55
C LYS M 242 49.40 52.77 -21.72
N ASP N 43 41.42 2.64 -58.93
CA ASP N 43 42.66 3.34 -59.20
C ASP N 43 43.45 3.58 -57.92
N PHE N 44 44.66 4.11 -58.07
CA PHE N 44 45.57 4.34 -56.95
C PHE N 44 45.45 5.78 -56.48
N SER N 45 45.81 6.00 -55.21
CA SER N 45 45.78 7.34 -54.64
C SER N 45 46.85 8.22 -55.29
N ALA N 46 46.46 9.47 -55.59
CA ALA N 46 47.40 10.42 -56.17
C ALA N 46 48.55 10.73 -55.23
N ALA N 47 48.25 10.87 -53.94
CA ALA N 47 49.28 11.21 -52.96
C ALA N 47 50.14 10.00 -52.62
N VAL N 48 49.52 8.96 -52.09
CA VAL N 48 50.23 7.75 -51.73
C VAL N 48 50.09 6.77 -52.88
N PRO N 49 51.14 6.58 -53.71
CA PRO N 49 51.01 5.75 -54.92
C PRO N 49 50.58 4.32 -54.67
N PHE N 50 51.04 3.74 -53.57
CA PHE N 50 50.83 2.34 -53.25
C PHE N 50 49.54 2.10 -52.47
N LEU N 51 48.90 3.16 -51.98
CA LEU N 51 47.58 3.06 -51.37
C LEU N 51 46.51 3.23 -52.45
N LYS N 52 45.47 2.41 -52.38
CA LYS N 52 44.36 2.53 -53.31
C LYS N 52 43.55 3.77 -52.98
N ARG N 53 42.86 4.33 -53.99
CA ARG N 53 42.01 5.49 -53.77
C ARG N 53 40.86 5.10 -52.84
N PRO N 54 40.48 5.98 -51.90
CA PRO N 54 39.45 5.64 -50.89
C PRO N 54 38.08 5.24 -51.41
N SER N 55 37.63 5.83 -52.53
CA SER N 55 36.39 5.66 -53.32
C SER N 55 35.27 6.60 -52.90
N ASN N 56 35.40 7.24 -51.74
CA ASN N 56 34.49 8.33 -51.41
C ASN N 56 35.17 9.66 -51.67
N LEU N 57 36.37 9.60 -52.23
CA LEU N 57 37.20 10.75 -52.53
C LEU N 57 37.52 10.70 -54.02
N ASP N 58 36.53 11.01 -54.85
CA ASP N 58 36.73 10.94 -56.30
C ASP N 58 36.89 12.32 -56.92
N GLY N 59 37.79 13.14 -56.38
CA GLY N 59 37.99 14.50 -56.87
C GLY N 59 36.78 15.41 -56.74
N ALA N 60 35.82 15.06 -55.91
CA ALA N 60 34.63 15.88 -55.73
C ALA N 60 34.97 17.20 -55.06
N TYR N 61 35.88 17.17 -54.08
CA TYR N 61 36.26 18.36 -53.35
C TYR N 61 37.62 18.85 -53.81
N ILE N 62 37.82 20.15 -53.68
CA ILE N 62 39.05 20.78 -54.09
C ILE N 62 40.07 20.67 -52.96
N GLY N 63 41.26 20.19 -53.30
CA GLY N 63 42.24 19.76 -52.32
C GLY N 63 42.30 18.27 -52.10
N ASP N 64 41.64 17.49 -52.94
CA ASP N 64 41.54 16.04 -52.80
C ASP N 64 42.75 15.38 -53.45
N VAL N 65 43.63 14.81 -52.65
CA VAL N 65 44.75 14.05 -53.19
C VAL N 65 44.63 12.56 -52.81
N GLY N 66 43.44 12.14 -52.38
CA GLY N 66 43.22 10.74 -52.08
C GLY N 66 43.80 10.26 -50.78
N PHE N 67 44.32 11.15 -49.94
CA PHE N 67 44.93 10.74 -48.69
C PHE N 67 43.85 10.50 -47.64
N ASP N 68 43.51 9.22 -47.42
CA ASP N 68 42.58 8.82 -46.37
C ASP N 68 42.85 7.36 -45.98
N PRO N 69 44.01 7.08 -45.35
CA PRO N 69 44.31 5.69 -44.97
C PRO N 69 43.37 5.07 -43.95
N LEU N 70 42.94 5.83 -42.95
CA LEU N 70 42.07 5.30 -41.92
C LEU N 70 40.67 5.01 -42.43
N GLY N 71 40.35 5.51 -43.60
CA GLY N 71 39.06 5.31 -44.22
C GLY N 71 37.92 5.91 -43.44
N PHE N 72 38.13 7.08 -42.84
CA PHE N 72 37.07 7.79 -42.17
C PHE N 72 36.00 8.24 -43.16
N SER N 73 36.33 8.39 -44.44
CA SER N 73 35.35 8.75 -45.45
C SER N 73 34.56 7.55 -45.93
N ASP N 74 35.04 6.34 -45.68
CA ASP N 74 34.22 5.16 -45.94
C ASP N 74 33.13 4.99 -44.90
N VAL N 75 33.28 5.63 -43.75
CA VAL N 75 32.33 5.51 -42.64
C VAL N 75 31.50 6.78 -42.50
N PHE N 76 32.14 7.94 -42.49
CA PHE N 76 31.50 9.19 -42.14
C PHE N 76 31.22 10.04 -43.38
N ASP N 77 30.27 10.95 -43.21
CA ASP N 77 29.87 11.85 -44.28
C ASP N 77 31.01 12.81 -44.61
N LEU N 78 31.38 12.88 -45.89
CA LEU N 78 32.50 13.73 -46.28
C LEU N 78 32.16 15.20 -46.23
N ARG N 79 30.88 15.56 -46.34
CA ARG N 79 30.47 16.96 -46.18
C ARG N 79 30.71 17.44 -44.75
N VAL N 80 30.36 16.62 -43.76
CA VAL N 80 30.63 16.94 -42.37
C VAL N 80 32.13 17.05 -42.13
N LEU N 81 32.90 16.13 -42.70
CA LEU N 81 34.34 16.11 -42.50
C LEU N 81 35.01 17.33 -43.14
N ARG N 82 34.48 17.77 -44.28
CA ARG N 82 35.05 18.93 -44.97
C ARG N 82 34.69 20.21 -44.24
N GLU N 83 33.47 20.28 -43.68
CA GLU N 83 33.08 21.41 -42.85
C GLU N 83 34.02 21.55 -41.67
N ALA N 84 34.34 20.42 -41.02
CA ALA N 84 35.26 20.41 -39.88
C ALA N 84 36.68 20.78 -40.32
N GLU N 85 37.13 20.21 -41.44
CA GLU N 85 38.47 20.51 -41.98
C GLU N 85 38.65 22.01 -42.17
N LEU N 86 37.69 22.66 -42.80
CA LEU N 86 37.80 24.08 -43.05
C LEU N 86 37.60 24.88 -41.76
N LYS N 87 36.76 24.41 -40.84
CA LYS N 87 36.57 25.12 -39.59
C LYS N 87 37.80 25.04 -38.69
N HIS N 88 38.37 23.83 -38.54
CA HIS N 88 39.62 23.65 -37.81
C HIS N 88 40.74 24.46 -38.46
N GLY N 89 40.80 24.46 -39.79
CA GLY N 89 41.85 25.19 -40.48
C GLY N 89 41.72 26.70 -40.37
N ARG N 90 40.50 27.23 -40.44
CA ARG N 90 40.29 28.66 -40.28
C ARG N 90 40.61 29.11 -38.86
N PHE N 91 40.26 28.30 -37.86
CA PHE N 91 40.69 28.56 -36.49
C PHE N 91 42.20 28.57 -36.38
N ALA N 92 42.86 27.60 -37.03
CA ALA N 92 44.31 27.50 -36.98
C ALA N 92 44.98 28.69 -37.65
N MET N 93 44.44 29.15 -38.78
CA MET N 93 45.00 30.30 -39.49
C MET N 93 44.87 31.57 -38.66
N LEU N 94 43.70 31.80 -38.08
CA LEU N 94 43.52 32.93 -37.19
C LEU N 94 44.41 32.82 -35.95
N ALA N 95 44.69 31.59 -35.52
CA ALA N 95 45.53 31.40 -34.36
C ALA N 95 46.99 31.72 -34.66
N VAL N 96 47.53 31.21 -35.79
CA VAL N 96 48.95 31.45 -36.10
C VAL N 96 49.20 32.94 -36.28
N LEU N 97 48.30 33.64 -36.98
CA LEU N 97 48.39 35.08 -37.10
C LEU N 97 48.20 35.71 -35.73
N GLY N 98 47.31 35.11 -34.94
CA GLY N 98 47.04 35.57 -33.59
C GLY N 98 48.29 35.61 -32.74
N PHE N 99 49.07 34.52 -32.73
CA PHE N 99 50.41 34.53 -32.13
C PHE N 99 51.25 35.68 -32.64
N ILE N 100 51.56 35.68 -33.95
CA ILE N 100 52.56 36.54 -34.58
C ILE N 100 52.29 38.01 -34.28
N VAL N 101 51.04 38.44 -34.45
CA VAL N 101 50.68 39.81 -34.15
C VAL N 101 50.76 40.09 -32.66
N GLN N 102 50.39 39.12 -31.81
CA GLN N 102 50.38 39.33 -30.36
C GLN N 102 51.79 39.50 -29.79
N GLU N 103 52.81 38.87 -30.36
CA GLU N 103 54.14 39.27 -29.93
C GLU N 103 54.52 40.64 -30.47
N LEU N 104 54.26 40.91 -31.74
CA LEU N 104 54.66 42.18 -32.34
C LEU N 104 53.97 43.34 -31.64
N TYR N 105 52.67 43.24 -31.42
CA TYR N 105 51.92 44.30 -30.78
C TYR N 105 50.92 43.69 -29.80
N THR N 106 50.54 44.45 -28.79
CA THR N 106 49.37 44.16 -27.97
C THR N 106 48.68 45.47 -27.65
N PHE N 107 47.39 45.38 -27.36
CA PHE N 107 46.58 46.57 -27.13
C PHE N 107 47.01 47.25 -25.83
N PRO N 108 47.06 48.58 -25.80
CA PRO N 108 47.53 49.30 -24.60
C PRO N 108 46.71 49.01 -23.34
N PHE N 109 45.39 48.82 -23.47
CA PHE N 109 44.57 48.56 -22.30
C PHE N 109 44.77 47.16 -21.74
N PHE N 110 45.36 46.23 -22.52
CA PHE N 110 45.64 44.89 -22.03
C PHE N 110 47.13 44.75 -21.68
N PRO N 111 47.47 43.97 -20.65
CA PRO N 111 48.88 43.78 -20.28
C PRO N 111 49.67 43.02 -21.33
N LYS N 112 50.96 43.37 -21.44
CA LYS N 112 51.85 42.63 -22.32
C LYS N 112 52.24 41.31 -21.66
N MET N 113 52.21 40.23 -22.45
CA MET N 113 52.39 38.84 -22.03
C MET N 113 52.30 37.92 -23.23
N ALA N 114 52.72 36.67 -23.01
CA ALA N 114 52.79 35.63 -24.03
C ALA N 114 51.40 35.06 -24.29
N PRO N 115 51.15 34.56 -25.52
CA PRO N 115 49.79 34.10 -25.87
C PRO N 115 49.19 32.99 -25.01
N VAL N 116 49.99 32.05 -24.50
CA VAL N 116 49.44 31.05 -23.60
C VAL N 116 49.09 31.68 -22.26
N ASP N 117 49.96 32.57 -21.75
CA ASP N 117 49.64 33.39 -20.60
C ASP N 117 48.42 34.26 -20.84
N ALA N 118 48.21 34.68 -22.10
CA ALA N 118 46.99 35.40 -22.43
C ALA N 118 45.76 34.52 -22.28
N HIS N 119 45.85 33.24 -22.69
CA HIS N 119 44.73 32.32 -22.49
C HIS N 119 44.33 32.27 -21.03
N ASP N 120 45.31 32.09 -20.13
CA ASP N 120 45.00 31.95 -18.71
C ASP N 120 44.55 33.28 -18.10
N TYR N 121 45.18 34.38 -18.52
CA TYR N 121 44.78 35.69 -18.02
C TYR N 121 43.34 36.01 -18.42
N PHE N 122 42.95 35.70 -19.64
CA PHE N 122 41.60 36.02 -20.09
C PHE N 122 40.59 34.97 -19.68
N VAL N 123 41.02 33.79 -19.23
CA VAL N 123 40.12 32.92 -18.49
C VAL N 123 39.69 33.59 -17.19
N LYS N 124 40.64 34.17 -16.46
CA LYS N 124 40.30 34.74 -15.16
C LYS N 124 39.84 36.19 -15.24
N GLN N 125 40.05 36.88 -16.37
CA GLN N 125 39.72 38.30 -16.49
C GLN N 125 38.31 38.49 -17.01
N GLY N 126 37.85 37.68 -17.96
CA GLY N 126 36.48 37.87 -18.38
C GLY N 126 36.33 38.00 -19.88
N GLY N 127 37.39 38.44 -20.55
CA GLY N 127 37.36 38.56 -21.99
C GLY N 127 37.41 37.22 -22.71
N GLY N 128 37.93 36.19 -22.06
CA GLY N 128 37.88 34.86 -22.63
C GLY N 128 36.46 34.35 -22.78
N SER N 129 35.63 34.56 -21.75
CA SER N 129 34.22 34.19 -21.81
C SER N 129 33.44 35.00 -22.83
N GLN N 130 33.80 36.27 -22.98
CA GLN N 130 33.32 37.11 -24.06
C GLN N 130 33.53 36.46 -25.42
N ILE N 131 34.78 36.09 -25.71
CA ILE N 131 35.11 35.48 -26.99
C ILE N 131 34.40 34.15 -27.15
N ILE N 132 34.33 33.36 -26.08
CA ILE N 132 33.65 32.07 -26.11
C ILE N 132 32.16 32.26 -26.38
N PHE N 133 31.53 33.25 -25.73
CA PHE N 133 30.11 33.52 -25.97
C PHE N 133 29.84 33.92 -27.41
N TRP N 134 30.63 34.85 -27.95
CA TRP N 134 30.35 35.34 -29.29
C TRP N 134 30.68 34.30 -30.35
N ILE N 135 31.70 33.48 -30.14
CA ILE N 135 31.98 32.35 -31.03
C ILE N 135 30.81 31.37 -31.01
N SER N 136 30.33 31.04 -29.80
CA SER N 136 29.22 30.12 -29.64
C SER N 136 27.95 30.66 -30.27
N PHE N 137 27.75 31.97 -30.17
CA PHE N 137 26.63 32.64 -30.83
C PHE N 137 26.67 32.45 -32.34
N VAL N 138 27.83 32.68 -32.96
CA VAL N 138 28.00 32.48 -34.39
C VAL N 138 27.84 31.01 -34.74
N GLU N 139 28.33 30.13 -33.88
CA GLU N 139 28.25 28.69 -34.12
C GLU N 139 26.83 28.16 -34.06
N LEU N 140 25.89 28.89 -33.44
CA LEU N 140 24.48 28.53 -33.54
C LEU N 140 24.00 28.58 -34.98
N PHE N 141 24.24 29.70 -35.66
CA PHE N 141 23.93 29.81 -37.07
C PHE N 141 24.84 28.94 -37.91
N GLY N 142 26.00 28.55 -37.38
CA GLY N 142 26.80 27.50 -38.00
C GLY N 142 26.13 26.14 -37.92
N VAL N 143 25.43 25.84 -36.82
CA VAL N 143 24.66 24.60 -36.71
C VAL N 143 23.56 24.57 -37.75
N VAL N 144 22.87 25.69 -37.93
CA VAL N 144 21.89 25.82 -39.01
C VAL N 144 22.56 25.65 -40.36
N ALA N 145 23.76 26.22 -40.53
CA ALA N 145 24.52 26.09 -41.77
C ALA N 145 24.88 24.64 -42.07
N LEU N 146 25.29 23.90 -41.05
CA LEU N 146 25.65 22.50 -41.25
C LEU N 146 24.43 21.64 -41.56
N PHE N 147 23.27 21.97 -40.99
CA PHE N 147 22.04 21.32 -41.39
C PHE N 147 21.71 21.62 -42.85
N GLU N 148 21.97 22.85 -43.29
CA GLU N 148 21.77 23.21 -44.69
C GLU N 148 22.72 22.43 -45.60
N THR N 149 23.94 22.17 -45.14
CA THR N 149 24.90 21.39 -45.92
C THR N 149 24.47 19.93 -46.01
N LEU N 150 24.06 19.34 -44.87
CA LEU N 150 23.57 17.97 -44.84
C LEU N 150 22.34 17.79 -45.72
N GLN N 151 21.48 18.80 -45.78
CA GLN N 151 20.27 18.80 -46.58
C GLN N 151 20.55 19.14 -48.04
N GLY N 152 21.82 19.17 -48.44
CA GLY N 152 22.24 19.32 -49.81
C GLY N 152 22.36 20.72 -50.36
N LYS N 153 21.98 21.75 -49.59
CA LYS N 153 21.85 23.09 -50.15
C LYS N 153 23.02 24.03 -49.83
N ARG N 154 24.20 23.52 -49.49
CA ARG N 154 25.32 24.41 -49.22
C ARG N 154 26.64 23.63 -49.33
N GLU N 155 27.66 24.29 -49.88
CA GLU N 155 29.00 23.73 -49.86
C GLU N 155 29.49 23.72 -48.42
N PRO N 156 30.35 22.76 -48.03
CA PRO N 156 30.68 22.58 -46.59
C PRO N 156 31.29 23.77 -45.85
N GLY N 157 32.18 24.55 -46.46
CA GLY N 157 32.69 25.74 -45.79
C GLY N 157 32.21 27.07 -46.30
N ASP N 158 31.18 27.10 -47.15
CA ASP N 158 30.69 28.31 -47.79
C ASP N 158 29.74 29.06 -46.87
N PHE N 159 30.13 30.24 -46.42
CA PHE N 159 29.24 31.11 -45.65
C PHE N 159 28.86 32.36 -46.43
N ALA N 160 29.16 32.40 -47.74
CA ALA N 160 28.90 33.54 -48.63
C ALA N 160 29.59 34.80 -48.13
N PHE N 161 30.78 34.61 -47.56
CA PHE N 161 31.58 35.67 -46.96
C PHE N 161 32.61 36.12 -47.98
N ASP N 162 32.22 37.04 -48.84
CA ASP N 162 33.13 37.67 -49.80
C ASP N 162 32.91 39.19 -49.79
N PRO N 163 33.14 39.87 -48.64
CA PRO N 163 32.86 41.33 -48.58
C PRO N 163 33.66 42.16 -49.56
N LEU N 164 34.91 41.79 -49.78
CA LEU N 164 35.82 42.54 -50.62
C LEU N 164 35.82 42.07 -52.07
N GLY N 165 34.88 41.19 -52.42
CA GLY N 165 34.69 40.71 -53.79
C GLY N 165 35.92 40.09 -54.43
N LEU N 166 36.82 39.52 -53.62
CA LEU N 166 38.10 39.01 -54.13
C LEU N 166 37.90 37.88 -55.12
N ALA N 167 36.94 37.00 -54.87
CA ALA N 167 36.61 35.94 -55.81
C ALA N 167 35.83 36.53 -56.98
N LYS N 168 36.38 36.38 -58.19
CA LYS N 168 35.83 37.03 -59.38
C LYS N 168 34.93 36.11 -60.19
N ASP N 169 35.44 34.95 -60.62
CA ASP N 169 34.66 33.98 -61.37
C ASP N 169 35.07 32.59 -60.92
N GLU N 170 34.66 31.58 -61.72
CA GLU N 170 34.81 30.19 -61.31
C GLU N 170 36.27 29.77 -61.19
N ALA N 171 37.12 30.17 -62.15
CA ALA N 171 38.52 29.75 -62.16
C ALA N 171 39.29 30.30 -60.95
N THR N 172 39.22 31.62 -60.73
CA THR N 172 39.91 32.22 -59.59
C THR N 172 39.34 31.72 -58.26
N LEU N 173 38.05 31.36 -58.22
CA LEU N 173 37.47 30.85 -56.98
C LEU N 173 37.95 29.45 -56.68
N GLU N 174 38.13 28.60 -57.71
CA GLU N 174 38.68 27.27 -57.51
C GLU N 174 40.13 27.34 -57.02
N ARG N 175 40.92 28.22 -57.62
CA ARG N 175 42.31 28.40 -57.16
C ARG N 175 42.35 28.97 -55.75
N TYR N 176 41.44 29.91 -55.44
CA TYR N 176 41.40 30.49 -54.10
C TYR N 176 41.03 29.46 -53.04
N ARG N 177 40.08 28.58 -53.35
CA ARG N 177 39.70 27.59 -52.36
C ARG N 177 40.70 26.46 -52.24
N LEU N 178 41.42 26.13 -53.33
CA LEU N 178 42.57 25.23 -53.20
C LEU N 178 43.64 25.83 -52.30
N ALA N 179 43.92 27.13 -52.47
CA ALA N 179 44.89 27.82 -51.64
C ALA N 179 44.42 27.89 -50.19
N GLU N 180 43.11 28.08 -49.98
CA GLU N 180 42.56 28.10 -48.63
C GLU N 180 42.72 26.76 -47.93
N VAL N 181 42.44 25.66 -48.64
CA VAL N 181 42.58 24.32 -48.06
C VAL N 181 44.04 24.04 -47.71
N LYS N 182 44.95 24.36 -48.62
CA LYS N 182 46.37 24.12 -48.40
C LYS N 182 46.89 24.93 -47.21
N HIS N 183 46.51 26.20 -47.13
CA HIS N 183 46.88 27.04 -46.00
C HIS N 183 46.27 26.54 -44.70
N ALA N 184 45.01 26.07 -44.76
CA ALA N 184 44.31 25.61 -43.58
C ALA N 184 44.96 24.39 -42.96
N ARG N 185 45.35 23.42 -43.80
CA ARG N 185 46.08 22.25 -43.34
C ARG N 185 47.45 22.62 -42.79
N LEU N 186 48.15 23.52 -43.49
CA LEU N 186 49.49 23.95 -43.07
C LEU N 186 49.46 24.70 -41.75
N ALA N 187 48.45 25.55 -41.56
CA ALA N 187 48.31 26.28 -40.30
C ALA N 187 47.94 25.37 -39.14
N MET N 188 47.18 24.30 -39.40
CA MET N 188 46.91 23.32 -38.36
C MET N 188 48.19 22.68 -37.85
N ILE N 189 49.08 22.31 -38.78
CA ILE N 189 50.41 21.82 -38.42
C ILE N 189 51.17 22.88 -37.65
N ALA N 190 51.17 24.11 -38.19
CA ALA N 190 51.91 25.23 -37.60
C ALA N 190 51.49 25.47 -36.17
N ILE N 191 50.17 25.45 -35.91
CA ILE N 191 49.61 25.70 -34.57
C ILE N 191 50.22 24.78 -33.54
N GLY N 192 50.20 23.47 -33.82
CA GLY N 192 50.83 22.52 -32.89
C GLY N 192 52.24 22.95 -32.56
N GLY N 193 52.99 23.37 -33.58
CA GLY N 193 54.40 23.74 -33.35
C GLY N 193 54.54 24.92 -32.40
N PHE N 194 53.77 25.99 -32.59
CA PHE N 194 53.99 27.19 -31.75
C PHE N 194 53.64 26.89 -30.29
N ILE N 195 52.50 26.25 -30.05
CA ILE N 195 52.05 25.99 -28.64
C ILE N 195 52.98 24.97 -27.99
N HIS N 196 53.29 23.86 -28.69
CA HIS N 196 54.14 22.79 -28.10
C HIS N 196 55.56 23.30 -27.88
N GLN N 197 56.09 24.08 -28.82
CA GLN N 197 57.49 24.57 -28.71
C GLN N 197 57.57 25.57 -27.56
N TYR N 198 56.54 26.41 -27.39
CA TYR N 198 56.54 27.33 -26.22
C TYR N 198 56.59 26.51 -24.93
N TRP N 199 55.89 25.38 -24.88
CA TRP N 199 55.90 24.57 -23.67
C TRP N 199 57.29 24.00 -23.41
N VAL N 200 57.90 23.38 -24.43
CA VAL N 200 59.20 22.74 -24.27
C VAL N 200 60.30 23.77 -23.99
N THR N 201 60.35 24.85 -24.77
CA THR N 201 61.26 25.95 -24.53
C THR N 201 60.42 27.21 -24.39
N LYS N 202 60.51 27.89 -23.24
CA LYS N 202 59.59 28.98 -22.93
C LYS N 202 59.97 30.27 -23.68
N GLN N 203 59.93 30.18 -25.00
CA GLN N 203 60.27 31.28 -25.87
C GLN N 203 59.19 31.39 -26.93
N THR N 204 58.91 32.60 -27.36
CA THR N 204 57.85 32.84 -28.31
C THR N 204 58.35 32.50 -29.72
N VAL N 205 57.42 32.34 -30.67
CA VAL N 205 57.79 31.84 -32.01
C VAL N 205 58.80 32.77 -32.71
N LEU N 206 58.57 34.08 -32.67
CA LEU N 206 59.50 35.00 -33.34
C LEU N 206 60.82 35.10 -32.58
N GLU N 207 60.75 35.17 -31.24
CA GLU N 207 61.95 35.17 -30.42
C GLU N 207 62.68 33.83 -30.47
N GLN N 208 61.98 32.73 -30.75
CA GLN N 208 62.67 31.45 -30.90
C GLN N 208 63.42 31.39 -32.23
N LEU N 209 62.84 31.92 -33.30
CA LEU N 209 63.61 32.11 -34.54
C LEU N 209 64.78 33.06 -34.33
N GLY N 210 64.57 34.11 -33.53
CA GLY N 210 65.63 35.09 -33.30
C GLY N 210 66.79 34.52 -32.52
N ASN N 211 66.51 33.72 -31.50
CA ASN N 211 67.55 33.06 -30.73
C ASN N 211 67.83 31.68 -31.34
N PHE N 212 68.61 30.86 -30.61
CA PHE N 212 69.13 29.56 -31.05
C PHE N 212 69.86 29.64 -32.39
N GLU O 42 -26.63 40.23 -35.91
CA GLU O 42 -27.03 41.15 -34.85
C GLU O 42 -26.00 41.09 -33.73
N MET O 43 -25.52 42.25 -33.29
CA MET O 43 -24.50 42.35 -32.27
C MET O 43 -25.05 42.98 -31.00
N SER O 44 -24.37 42.70 -29.89
CA SER O 44 -24.80 43.21 -28.61
C SER O 44 -24.51 44.70 -28.49
N GLU O 45 -25.45 45.41 -27.90
CA GLU O 45 -25.34 46.85 -27.70
C GLU O 45 -24.23 47.18 -26.71
N ALA O 46 -24.17 46.44 -25.59
CA ALA O 46 -23.20 46.73 -24.55
C ALA O 46 -21.77 46.49 -25.02
N ILE O 47 -21.52 45.36 -25.68
CA ILE O 47 -20.18 45.00 -26.10
C ILE O 47 -20.21 44.86 -27.62
N PRO O 48 -20.01 45.96 -28.36
CA PRO O 48 -20.37 46.00 -29.79
C PRO O 48 -19.62 45.01 -30.68
N PHE O 49 -18.45 44.53 -30.28
CA PHE O 49 -17.72 43.56 -31.08
C PHE O 49 -18.12 42.12 -30.81
N MET O 50 -18.96 41.88 -29.81
CA MET O 50 -19.45 40.53 -29.58
C MET O 50 -20.85 40.36 -30.18
N PRO O 51 -21.23 39.13 -30.53
CA PRO O 51 -22.61 38.91 -30.98
C PRO O 51 -23.58 39.03 -29.82
N LYS O 52 -24.83 39.32 -30.19
CA LYS O 52 -25.89 39.50 -29.20
C LYS O 52 -26.15 38.20 -28.43
N PRO O 53 -26.26 38.27 -27.09
CA PRO O 53 -26.71 37.10 -26.34
C PRO O 53 -28.13 36.73 -26.71
N ALA O 54 -28.33 35.47 -27.09
CA ALA O 54 -29.55 35.04 -27.77
C ALA O 54 -30.76 35.08 -26.84
N ASN O 55 -30.57 34.86 -25.54
CA ASN O 55 -31.69 34.61 -24.66
C ASN O 55 -32.08 35.82 -23.82
N ILE O 56 -31.43 36.96 -24.00
CA ILE O 56 -31.94 38.20 -23.44
C ILE O 56 -32.48 39.05 -24.58
N ASP O 57 -33.40 39.94 -24.23
CA ASP O 57 -34.18 40.63 -25.25
C ASP O 57 -34.48 42.03 -24.74
N SER O 58 -34.75 42.94 -25.71
CA SER O 58 -35.12 44.33 -25.42
C SER O 58 -36.36 44.44 -24.55
N SER O 59 -37.21 43.40 -24.54
CA SER O 59 -38.37 43.33 -23.66
C SER O 59 -38.01 43.48 -22.18
N MET O 60 -36.84 43.03 -21.80
CA MET O 60 -36.45 43.05 -20.39
C MET O 60 -36.01 44.45 -20.00
N PRO O 61 -36.49 44.98 -18.86
CA PRO O 61 -36.36 46.42 -18.56
C PRO O 61 -34.95 47.00 -18.56
N GLY O 62 -33.97 46.30 -18.01
CA GLY O 62 -32.64 46.83 -17.94
C GLY O 62 -31.73 46.26 -19.00
N TYR O 63 -32.31 45.81 -20.12
CA TYR O 63 -31.55 45.16 -21.17
C TYR O 63 -30.51 46.10 -21.76
N ALA O 64 -29.27 45.64 -21.81
CA ALA O 64 -28.21 46.31 -22.53
C ALA O 64 -27.52 45.39 -23.51
N GLY O 65 -27.95 44.13 -23.62
CA GLY O 65 -27.21 43.17 -24.38
C GLY O 65 -25.97 42.67 -23.70
N PHE O 66 -25.92 42.73 -22.37
CA PHE O 66 -24.70 42.42 -21.64
C PHE O 66 -24.82 41.04 -21.01
N ASP O 67 -24.29 40.06 -21.71
CA ASP O 67 -24.09 38.74 -21.15
C ASP O 67 -22.84 38.11 -21.75
N PRO O 68 -21.63 38.69 -21.52
CA PRO O 68 -20.40 38.14 -22.14
C PRO O 68 -20.17 36.67 -21.84
N LEU O 69 -20.29 36.27 -20.58
CA LEU O 69 -20.40 34.87 -20.20
C LEU O 69 -21.88 34.52 -20.28
N GLY O 70 -22.25 33.63 -21.19
CA GLY O 70 -23.66 33.46 -21.46
C GLY O 70 -24.45 32.69 -20.42
N PHE O 71 -24.70 33.30 -19.26
CA PHE O 71 -25.53 32.69 -18.23
C PHE O 71 -26.91 32.35 -18.75
N THR O 72 -27.50 33.24 -19.54
CA THR O 72 -28.81 32.97 -20.13
C THR O 72 -28.78 31.88 -21.18
N ASP O 73 -27.61 31.58 -21.76
CA ASP O 73 -27.53 30.45 -22.68
C ASP O 73 -27.67 29.11 -21.95
N TYR O 74 -27.48 29.07 -20.63
CA TYR O 74 -27.58 27.84 -19.86
C TYR O 74 -28.70 27.89 -18.84
N TYR O 75 -28.78 28.94 -18.05
CA TYR O 75 -29.82 29.07 -17.05
C TYR O 75 -31.02 29.77 -17.67
N SER O 76 -32.17 29.64 -17.00
CA SER O 76 -33.37 30.30 -17.47
C SER O 76 -33.23 31.79 -17.34
N ALA O 77 -33.50 32.52 -18.43
CA ALA O 77 -33.37 33.97 -18.41
C ALA O 77 -34.35 34.62 -17.45
N LYS O 78 -35.53 34.02 -17.26
CA LYS O 78 -36.52 34.61 -16.38
C LYS O 78 -36.20 34.35 -14.91
N TRP O 79 -35.60 33.20 -14.60
CA TRP O 79 -35.06 32.96 -13.26
C TRP O 79 -33.95 33.95 -12.91
N MET O 80 -33.01 34.15 -13.85
CA MET O 80 -31.96 35.15 -13.64
C MET O 80 -32.54 36.54 -13.47
N GLN O 81 -33.59 36.84 -14.24
CA GLN O 81 -34.24 38.14 -14.18
C GLN O 81 -34.86 38.38 -12.81
N GLU O 82 -35.56 37.38 -12.29
CA GLU O 82 -36.14 37.44 -10.95
C GLU O 82 -35.08 37.53 -9.87
N ALA O 83 -33.96 36.84 -10.03
CA ALA O 83 -32.88 36.87 -9.01
C ALA O 83 -32.22 38.25 -8.98
N GLU O 84 -31.96 38.84 -10.14
CA GLU O 84 -31.30 40.17 -10.21
C GLU O 84 -32.20 41.20 -9.52
N ILE O 85 -33.51 41.14 -9.77
CA ILE O 85 -34.46 42.12 -9.16
C ILE O 85 -34.49 41.96 -7.63
N LYS O 86 -34.53 40.74 -7.12
CA LYS O 86 -34.59 40.51 -5.66
C LYS O 86 -33.29 40.97 -5.03
N HIS O 87 -32.15 40.66 -5.65
CA HIS O 87 -30.84 41.08 -5.14
C HIS O 87 -30.80 42.60 -5.11
N GLY O 88 -31.30 43.24 -6.17
CA GLY O 88 -31.34 44.71 -6.24
C GLY O 88 -32.23 45.32 -5.18
N ARG O 89 -33.42 44.73 -4.96
CA ARG O 89 -34.36 45.26 -3.94
C ARG O 89 -33.75 45.11 -2.55
N VAL O 90 -33.14 43.97 -2.27
CA VAL O 90 -32.48 43.76 -0.94
C VAL O 90 -31.31 44.74 -0.83
N CYS O 91 -30.52 44.90 -1.90
CA CYS O 91 -29.36 45.81 -1.89
C CYS O 91 -29.77 47.28 -1.80
N MET O 92 -30.88 47.66 -2.43
CA MET O 92 -31.36 49.07 -2.34
C MET O 92 -31.67 49.37 -0.89
N LEU O 93 -32.34 48.45 -0.19
CA LEU O 93 -32.58 48.63 1.27
C LEU O 93 -31.25 48.55 2.01
N ALA O 94 -30.38 47.62 1.63
CA ALA O 94 -29.08 47.43 2.32
C ALA O 94 -28.19 48.66 2.16
N ALA O 95 -28.16 49.24 0.96
CA ALA O 95 -27.35 50.46 0.74
C ALA O 95 -27.90 51.60 1.60
N LEU O 96 -29.23 51.76 1.67
CA LEU O 96 -29.78 52.80 2.58
C LEU O 96 -29.45 52.44 4.02
N GLY O 97 -29.59 51.16 4.40
CA GLY O 97 -29.33 50.71 5.77
C GLY O 97 -27.89 50.90 6.21
N MET O 98 -26.93 50.67 5.33
CA MET O 98 -25.50 50.91 5.68
C MET O 98 -25.32 52.41 5.90
N VAL O 99 -26.06 53.24 5.16
CA VAL O 99 -25.85 54.68 5.26
C VAL O 99 -26.68 55.32 6.36
N PHE O 100 -27.92 54.84 6.60
CA PHE O 100 -28.89 55.65 7.35
C PHE O 100 -28.51 55.88 8.81
N PRO O 101 -28.06 54.85 9.64
CA PRO O 101 -27.69 55.17 11.03
C PRO O 101 -26.48 56.10 11.23
N GLU O 102 -25.86 56.56 10.15
CA GLU O 102 -24.96 57.71 10.24
C GLU O 102 -25.74 58.94 10.66
N PHE O 103 -26.97 59.09 10.15
CA PHE O 103 -27.79 60.26 10.44
C PHE O 103 -28.55 60.10 11.74
N ALA O 104 -29.29 59.01 11.89
CA ALA O 104 -30.18 58.86 13.03
C ALA O 104 -30.33 57.38 13.34
N LYS O 105 -30.51 57.07 14.61
CA LYS O 105 -30.73 55.72 15.08
C LYS O 105 -32.08 55.65 15.77
N PHE O 106 -32.68 54.46 15.74
CA PHE O 106 -33.87 54.24 16.53
C PHE O 106 -33.50 54.32 18.00
N PRO O 107 -34.37 54.91 18.85
CA PRO O 107 -34.01 55.19 20.27
C PRO O 107 -33.56 53.98 21.06
N GLN O 108 -34.14 52.82 20.81
CA GLN O 108 -33.71 51.60 21.50
C GLN O 108 -32.29 51.21 21.11
N PHE O 109 -31.97 51.26 19.81
CA PHE O 109 -30.63 50.97 19.31
C PHE O 109 -29.77 52.21 19.18
N ALA O 110 -30.05 53.25 19.98
CA ALA O 110 -29.27 54.47 19.92
C ALA O 110 -27.85 54.25 20.41
N SER O 111 -27.66 53.32 21.35
CA SER O 111 -26.34 52.99 21.85
C SER O 111 -25.53 52.16 20.86
N PHE O 112 -26.16 51.64 19.82
CA PHE O 112 -25.49 50.73 18.89
C PHE O 112 -24.52 51.50 18.00
N SER O 113 -23.55 50.78 17.45
CA SER O 113 -22.46 51.44 16.73
C SER O 113 -22.90 51.86 15.33
N THR O 114 -22.20 52.84 14.79
CA THR O 114 -22.47 53.37 13.47
C THR O 114 -21.68 52.64 12.38
N ASN O 115 -20.63 51.93 12.76
CA ASN O 115 -20.07 50.92 11.88
C ASN O 115 -21.10 49.81 11.74
N PRO O 116 -21.59 49.51 10.53
CA PRO O 116 -22.64 48.50 10.39
C PRO O 116 -22.18 47.11 10.75
N LEU O 117 -20.90 46.80 10.56
CA LEU O 117 -20.42 45.44 10.78
C LEU O 117 -20.28 45.11 12.25
N GLU O 118 -20.31 46.12 13.13
CA GLU O 118 -20.40 45.88 14.56
C GLU O 118 -21.82 45.95 15.07
N ALA O 119 -22.64 46.85 14.52
CA ALA O 119 -24.06 46.90 14.84
C ALA O 119 -24.79 45.62 14.44
N PHE O 120 -24.23 44.84 13.52
CA PHE O 120 -24.75 43.51 13.20
C PHE O 120 -24.72 42.59 14.42
N TYR O 121 -23.59 42.56 15.12
CA TYR O 121 -23.46 41.73 16.30
C TYR O 121 -24.04 42.36 17.55
N GLN O 122 -24.28 43.67 17.53
CA GLN O 122 -24.87 44.31 18.70
C GLN O 122 -26.36 44.05 18.82
N VAL O 123 -27.02 43.65 17.74
CA VAL O 123 -28.43 43.32 17.76
C VAL O 123 -28.61 41.96 18.42
N SER O 124 -29.66 41.84 19.24
CA SER O 124 -29.92 40.61 19.96
C SER O 124 -30.43 39.53 19.01
N PRO O 125 -30.20 38.25 19.33
CA PRO O 125 -30.75 37.17 18.48
C PRO O 125 -32.26 37.09 18.43
N ALA O 126 -32.96 37.62 19.43
CA ALA O 126 -34.41 37.74 19.31
C ALA O 126 -34.77 38.73 18.22
N GLY O 127 -34.00 39.83 18.12
CA GLY O 127 -34.24 40.79 17.06
C GLY O 127 -33.94 40.24 15.68
N TRP O 128 -32.81 39.55 15.53
CA TRP O 128 -32.48 38.93 14.25
C TRP O 128 -33.44 37.83 13.88
N GLY O 129 -33.96 37.10 14.88
CA GLY O 129 -34.97 36.10 14.62
C GLY O 129 -36.27 36.68 14.11
N GLN O 130 -36.69 37.82 14.67
CA GLN O 130 -37.88 38.52 14.17
C GLN O 130 -37.68 39.04 12.76
N ILE O 131 -36.48 39.56 12.45
CA ILE O 131 -36.17 39.98 11.08
C ILE O 131 -36.25 38.80 10.13
N PHE O 132 -35.66 37.67 10.53
CA PHE O 132 -35.65 36.48 9.69
C PHE O 132 -37.06 35.94 9.46
N LEU O 133 -37.91 35.98 10.50
CA LEU O 133 -39.29 35.57 10.35
C LEU O 133 -40.06 36.49 9.40
N PHE O 134 -39.85 37.81 9.52
CA PHE O 134 -40.53 38.77 8.66
C PHE O 134 -40.12 38.61 7.21
N ILE O 135 -38.82 38.42 6.96
CA ILE O 135 -38.34 38.15 5.62
C ILE O 135 -38.87 36.82 5.12
N GLY O 136 -39.03 35.85 6.03
CA GLY O 136 -39.66 34.59 5.65
C GLY O 136 -41.10 34.72 5.20
N VAL O 137 -41.88 35.51 5.93
CA VAL O 137 -43.26 35.78 5.56
C VAL O 137 -43.36 36.48 4.22
N LEU O 138 -42.48 37.46 3.99
CA LEU O 138 -42.43 38.14 2.70
C LEU O 138 -41.95 37.21 1.59
N GLU O 139 -41.08 36.26 1.91
CA GLU O 139 -40.55 35.35 0.91
C GLU O 139 -41.46 34.18 0.59
N THR O 140 -42.51 33.94 1.39
CA THR O 140 -43.50 32.94 1.04
C THR O 140 -44.20 33.28 -0.27
N PHE O 141 -44.37 34.56 -0.55
CA PHE O 141 -45.01 34.99 -1.79
C PHE O 141 -44.11 34.76 -2.99
N SER O 142 -42.80 34.90 -2.83
CA SER O 142 -41.89 34.55 -3.90
C SER O 142 -41.73 33.04 -4.04
N TYR O 143 -41.77 32.32 -2.92
CA TYR O 143 -41.81 30.85 -2.99
C TYR O 143 -43.09 30.39 -3.68
N GLU O 144 -44.14 31.16 -3.61
CA GLU O 144 -45.33 30.73 -4.32
C GLU O 144 -45.30 31.19 -5.77
N LYS O 145 -44.73 32.36 -6.05
CA LYS O 145 -44.60 32.82 -7.43
C LYS O 145 -43.61 31.96 -8.22
N SER O 146 -42.34 31.97 -7.81
CA SER O 146 -41.40 30.98 -8.31
C SER O 146 -41.78 29.65 -7.72
N PHE O 147 -41.48 28.56 -8.43
CA PHE O 147 -41.77 27.16 -8.13
C PHE O 147 -43.23 26.75 -8.34
N TYR O 148 -44.20 27.67 -8.43
CA TYR O 148 -45.56 27.25 -8.78
C TYR O 148 -46.13 27.96 -10.00
N ASN O 149 -46.34 29.27 -9.98
CA ASN O 149 -46.71 29.96 -11.23
C ASN O 149 -45.51 30.75 -11.77
N PHE O 150 -44.50 29.99 -12.19
CA PHE O 150 -43.29 30.57 -12.73
C PHE O 150 -43.54 31.36 -14.01
N GLU O 151 -44.40 30.85 -14.88
CA GLU O 151 -44.64 31.43 -16.19
C GLU O 151 -45.74 32.48 -16.20
N GLY O 152 -46.41 32.70 -15.07
CA GLY O 152 -47.46 33.69 -15.05
C GLY O 152 -47.03 35.00 -14.44
N GLY O 153 -46.72 35.98 -15.29
CA GLY O 153 -46.41 37.31 -14.80
C GLY O 153 -45.16 37.91 -15.40
N ALA O 154 -44.49 38.74 -14.61
CA ALA O 154 -43.26 39.40 -14.98
C ALA O 154 -42.26 39.18 -13.85
N PRO O 155 -40.96 39.14 -14.16
CA PRO O 155 -39.96 38.91 -13.11
C PRO O 155 -39.99 39.96 -12.02
N GLY O 156 -40.07 39.49 -10.78
CA GLY O 156 -40.14 40.35 -9.63
C GLY O 156 -41.52 40.88 -9.29
N ALA O 157 -42.57 40.39 -9.95
CA ALA O 157 -43.92 40.94 -9.77
C ALA O 157 -44.63 40.17 -8.67
N LEU O 158 -44.47 40.66 -7.44
CA LEU O 158 -45.03 40.02 -6.25
C LEU O 158 -46.36 40.63 -5.83
N GLY O 159 -47.03 41.36 -6.72
CA GLY O 159 -48.29 41.98 -6.40
C GLY O 159 -48.22 43.09 -5.38
N PHE O 160 -47.12 43.85 -5.37
CA PHE O 160 -46.91 44.92 -4.41
C PHE O 160 -46.88 46.23 -5.19
N ASP O 161 -48.06 46.79 -5.43
CA ASP O 161 -48.19 48.11 -6.05
C ASP O 161 -49.27 48.91 -5.30
N PRO O 162 -49.07 49.20 -3.99
CA PRO O 162 -50.15 49.84 -3.22
C PRO O 162 -50.53 51.25 -3.67
N LEU O 163 -49.59 52.08 -4.10
CA LEU O 163 -49.94 53.44 -4.52
C LEU O 163 -50.39 53.51 -5.95
N ARG O 164 -50.58 52.36 -6.60
CA ARG O 164 -51.09 52.22 -7.96
C ARG O 164 -50.27 53.03 -8.95
N MET O 165 -48.94 52.91 -8.82
CA MET O 165 -48.05 53.47 -9.81
C MET O 165 -48.04 52.49 -10.97
N SER O 166 -47.21 52.71 -11.98
CA SER O 166 -47.07 51.85 -13.16
C SER O 166 -48.40 51.69 -13.93
N SER O 167 -49.41 52.51 -13.63
CA SER O 167 -50.67 52.52 -14.35
C SER O 167 -50.50 53.16 -15.71
N ASN O 168 -49.99 54.40 -15.72
CA ASN O 168 -49.55 55.04 -16.94
C ASN O 168 -48.45 54.18 -17.57
N PRO O 169 -48.57 53.82 -18.86
CA PRO O 169 -47.56 52.96 -19.48
C PRO O 169 -46.16 53.55 -19.55
N ALA O 170 -46.03 54.83 -19.90
CA ALA O 170 -44.71 55.48 -19.93
C ALA O 170 -44.08 55.47 -18.54
N SER O 171 -44.87 55.76 -17.51
CA SER O 171 -44.39 55.68 -16.13
C SER O 171 -43.98 54.26 -15.77
N ALA O 172 -44.77 53.26 -16.19
CA ALA O 172 -44.46 51.85 -15.91
C ALA O 172 -43.15 51.43 -16.56
N LYS O 173 -42.93 51.85 -17.81
CA LYS O 173 -41.69 51.58 -18.52
C LYS O 173 -40.50 52.18 -17.79
N GLN O 174 -40.62 53.46 -17.45
CA GLN O 174 -39.56 54.18 -16.74
C GLN O 174 -39.28 53.57 -15.38
N TYR O 175 -40.34 53.17 -14.65
CA TYR O 175 -40.15 52.58 -13.32
C TYR O 175 -39.51 51.21 -13.39
N ALA O 176 -39.89 50.39 -14.38
CA ALA O 176 -39.27 49.08 -14.58
C ALA O 176 -37.76 49.23 -14.79
N ALA O 177 -37.36 50.11 -15.70
CA ALA O 177 -35.94 50.32 -15.97
C ALA O 177 -35.24 50.97 -14.78
N ALA O 178 -35.92 51.89 -14.08
CA ALA O 178 -35.30 52.58 -12.95
C ALA O 178 -35.09 51.65 -11.76
N GLU O 179 -36.05 50.75 -11.51
CA GLU O 179 -35.88 49.77 -10.45
C GLU O 179 -34.70 48.86 -10.70
N VAL O 180 -34.54 48.42 -11.95
CA VAL O 180 -33.41 47.57 -12.32
C VAL O 180 -32.10 48.33 -12.16
N ARG O 181 -32.04 49.57 -12.65
CA ARG O 181 -30.78 50.32 -12.62
C ARG O 181 -30.40 50.75 -11.22
N ASN O 182 -31.37 51.17 -10.40
CA ASN O 182 -31.07 51.50 -9.01
C ASN O 182 -30.73 50.27 -8.20
N GLY O 183 -31.31 49.12 -8.55
CA GLY O 183 -30.92 47.88 -7.91
C GLY O 183 -29.50 47.44 -8.23
N ARG O 184 -29.10 47.56 -9.49
CA ARG O 184 -27.72 47.24 -9.87
C ARG O 184 -26.73 48.20 -9.23
N LEU O 185 -27.08 49.49 -9.19
CA LEU O 185 -26.23 50.50 -8.57
C LEU O 185 -26.09 50.26 -7.08
N ALA O 186 -27.19 49.89 -6.42
CA ALA O 186 -27.15 49.57 -5.00
C ALA O 186 -26.34 48.32 -4.72
N MET O 187 -26.36 47.34 -5.62
CA MET O 187 -25.51 46.15 -5.47
C MET O 187 -24.04 46.52 -5.45
N ILE O 188 -23.62 47.32 -6.43
CA ILE O 188 -22.24 47.79 -6.48
C ILE O 188 -21.92 48.67 -5.28
N GLY O 189 -22.83 49.58 -4.94
CA GLY O 189 -22.59 50.50 -3.83
C GLY O 189 -22.51 49.80 -2.49
N PHE O 190 -23.39 48.83 -2.24
CA PHE O 190 -23.31 48.06 -1.00
C PHE O 190 -22.05 47.23 -0.93
N SER O 191 -21.64 46.65 -2.05
CA SER O 191 -20.42 45.85 -2.13
C SER O 191 -19.21 46.68 -1.74
N GLY O 192 -19.11 47.88 -2.29
CA GLY O 192 -18.17 48.89 -1.87
C GLY O 192 -18.23 49.12 -0.38
N MET O 193 -19.38 49.57 0.13
CA MET O 193 -19.51 49.99 1.53
C MET O 193 -19.23 48.87 2.52
N LEU O 194 -19.59 47.64 2.17
CA LEU O 194 -19.27 46.50 3.01
C LEU O 194 -17.76 46.33 3.18
N HIS O 195 -17.03 46.28 2.06
CA HIS O 195 -15.60 46.09 2.13
C HIS O 195 -14.90 47.31 2.70
N HIS O 196 -15.50 48.48 2.56
CA HIS O 196 -14.95 49.69 3.17
C HIS O 196 -15.09 49.63 4.69
N ALA O 197 -16.19 49.06 5.19
CA ALA O 197 -16.36 48.84 6.63
C ALA O 197 -15.41 47.76 7.15
N ILE O 198 -15.03 46.80 6.30
CA ILE O 198 -14.02 45.83 6.68
C ILE O 198 -12.66 46.49 6.84
N VAL O 199 -12.27 47.36 5.91
CA VAL O 199 -10.95 47.99 5.98
C VAL O 199 -10.92 49.03 7.09
N SER O 200 -11.69 50.11 6.93
CA SER O 200 -11.83 51.11 7.97
C SER O 200 -13.01 50.70 8.83
N LYS O 201 -12.78 50.51 10.13
CA LYS O 201 -13.82 50.03 11.02
C LYS O 201 -14.83 51.13 11.40
N GLN O 202 -15.50 51.66 10.37
CA GLN O 202 -16.52 52.70 10.53
C GLN O 202 -17.53 52.54 9.41
N GLY O 203 -18.47 53.48 9.32
CA GLY O 203 -19.45 53.47 8.26
C GLY O 203 -19.05 54.34 7.10
N PRO O 204 -19.87 54.36 6.04
CA PRO O 204 -19.50 55.11 4.81
C PRO O 204 -19.25 56.60 5.00
N ILE O 205 -20.22 57.30 5.61
CA ILE O 205 -20.11 58.74 5.81
C ILE O 205 -18.92 59.08 6.72
N THR O 206 -18.78 58.33 7.83
CA THR O 206 -17.67 58.53 8.76
C THR O 206 -16.31 58.39 8.08
N GLN O 207 -16.14 57.32 7.28
CA GLN O 207 -14.91 57.14 6.49
C GLN O 207 -14.65 58.35 5.59
N ILE O 208 -15.70 58.89 4.96
CA ILE O 208 -15.55 60.04 4.07
C ILE O 208 -15.15 61.28 4.86
N VAL O 209 -15.86 61.56 5.97
CA VAL O 209 -15.63 62.76 6.78
C VAL O 209 -14.21 62.77 7.34
N GLU O 210 -13.77 61.64 7.90
CA GLU O 210 -12.43 61.53 8.44
C GLU O 210 -11.38 61.34 7.35
N GLN O 211 -11.82 61.24 6.08
CA GLN O 211 -10.98 61.02 4.91
C GLN O 211 -10.17 59.73 5.02
N ASN O 212 -10.69 58.76 5.78
CA ASN O 212 -10.09 57.44 5.93
C ASN O 212 -10.41 56.61 4.69
N PHE O 213 -9.72 56.95 3.59
CA PHE O 213 -10.02 56.33 2.32
C PHE O 213 -9.11 55.17 1.99
N TYR O 214 -8.02 54.99 2.73
CA TYR O 214 -7.07 53.96 2.37
C TYR O 214 -6.71 53.16 3.60
N PRO O 215 -6.31 51.87 3.43
CA PRO O 215 -5.81 51.07 4.56
C PRO O 215 -4.74 51.78 5.38
N LYS O 216 -5.04 52.05 6.64
CA LYS O 216 -4.09 52.70 7.53
C LYS O 216 -2.92 51.76 7.85
N ALA P 30 17.18 32.53 -54.10
CA ALA P 30 16.31 31.89 -53.12
C ALA P 30 17.03 31.74 -51.79
N LYS P 31 18.18 32.38 -51.67
CA LYS P 31 18.87 32.48 -50.40
C LYS P 31 18.36 33.70 -49.63
N SER P 32 18.57 33.68 -48.33
CA SER P 32 18.22 34.80 -47.48
C SER P 32 19.08 36.02 -47.82
N LYS P 33 18.48 37.21 -47.66
CA LYS P 33 19.25 38.43 -47.87
C LYS P 33 20.04 38.81 -46.62
N ALA P 34 19.44 38.61 -45.45
CA ALA P 34 20.15 38.84 -44.21
C ALA P 34 21.26 37.82 -44.02
N VAL P 35 20.95 36.55 -44.17
CA VAL P 35 21.96 35.52 -43.95
C VAL P 35 22.20 34.82 -45.29
N PRO P 36 23.18 35.26 -46.08
CA PRO P 36 23.29 34.82 -47.48
C PRO P 36 23.53 33.34 -47.68
N PHE P 37 24.07 32.63 -46.69
CA PHE P 37 24.38 31.22 -46.85
C PHE P 37 23.25 30.29 -46.43
N LEU P 38 22.15 30.83 -45.92
CA LEU P 38 21.00 30.00 -45.61
C LEU P 38 19.93 30.18 -46.67
N SER P 39 19.05 29.19 -46.72
CA SER P 39 17.89 29.28 -47.60
C SER P 39 16.88 30.28 -47.05
N GLN P 40 16.18 30.95 -47.96
CA GLN P 40 15.18 31.93 -47.58
C GLN P 40 14.02 31.22 -46.89
N PRO P 41 13.60 31.66 -45.71
CA PRO P 41 12.57 30.92 -44.98
C PRO P 41 11.20 31.12 -45.57
N GLU P 42 10.44 30.02 -45.69
CA GLU P 42 9.03 30.12 -46.03
C GLU P 42 8.29 30.82 -44.88
N ALA P 43 7.12 31.36 -45.23
CA ALA P 43 6.27 32.29 -44.48
C ALA P 43 6.91 33.68 -44.37
N LEU P 44 8.08 33.89 -44.96
CA LEU P 44 8.72 35.20 -45.09
C LEU P 44 8.83 35.47 -46.58
N ASP P 45 7.98 36.36 -47.09
CA ASP P 45 7.92 36.64 -48.52
C ASP P 45 8.19 38.11 -48.86
N GLY P 46 8.73 38.89 -47.93
CA GLY P 46 9.01 40.28 -48.19
C GLY P 46 7.80 41.19 -48.18
N SER P 47 6.63 40.67 -47.82
CA SER P 47 5.45 41.52 -47.72
C SER P 47 5.49 42.37 -46.47
N MET P 48 5.81 41.77 -45.33
CA MET P 48 5.79 42.45 -44.05
C MET P 48 6.89 43.51 -43.96
N ALA P 49 6.63 44.54 -43.18
CA ALA P 49 7.62 45.57 -42.98
C ALA P 49 8.74 45.04 -42.09
N GLY P 50 9.96 45.33 -42.50
CA GLY P 50 11.09 44.83 -41.77
C GLY P 50 11.48 43.41 -42.14
N ASP P 51 10.86 42.85 -43.16
CA ASP P 51 11.15 41.51 -43.63
C ASP P 51 12.39 41.59 -44.52
N VAL P 52 13.45 40.92 -44.10
CA VAL P 52 14.71 40.92 -44.84
C VAL P 52 15.19 39.48 -44.96
N GLY P 53 14.35 38.53 -44.54
CA GLY P 53 14.71 37.14 -44.67
C GLY P 53 15.41 36.55 -43.48
N PHE P 54 15.28 37.16 -42.30
CA PHE P 54 16.02 36.73 -41.13
C PHE P 54 15.12 35.82 -40.29
N ASP P 55 15.33 34.53 -40.43
CA ASP P 55 14.80 33.55 -39.50
C ASP P 55 15.66 32.28 -39.56
N PRO P 56 16.93 32.35 -39.11
CA PRO P 56 17.81 31.18 -39.23
C PRO P 56 17.33 29.96 -38.46
N PHE P 57 16.71 30.15 -37.31
CA PHE P 57 16.26 29.02 -36.50
C PHE P 57 14.95 28.41 -37.00
N GLY P 58 14.31 29.02 -37.99
CA GLY P 58 13.12 28.46 -38.59
C GLY P 58 11.91 28.43 -37.67
N ILE P 59 11.72 29.46 -36.86
CA ILE P 59 10.54 29.56 -36.01
C ILE P 59 9.29 29.86 -36.85
N SER P 60 9.44 30.60 -37.95
CA SER P 60 8.32 30.92 -38.83
C SER P 60 7.71 29.67 -39.46
N SER P 61 8.48 28.61 -39.62
CA SER P 61 7.97 27.36 -40.15
C SER P 61 7.13 26.60 -39.13
N VAL P 62 7.33 26.89 -37.85
CA VAL P 62 6.63 26.25 -36.75
C VAL P 62 5.50 27.11 -36.20
N ILE P 63 5.74 28.40 -36.08
CA ILE P 63 4.80 29.33 -35.48
C ILE P 63 4.32 30.24 -36.59
N ASP P 64 3.01 30.44 -36.66
CA ASP P 64 2.40 31.30 -37.67
C ASP P 64 2.99 32.70 -37.58
N ILE P 65 3.34 33.25 -38.75
CA ILE P 65 4.00 34.55 -38.84
C ILE P 65 3.11 35.67 -38.35
N LYS P 66 1.78 35.47 -38.34
CA LYS P 66 0.85 36.46 -37.83
C LYS P 66 1.02 36.67 -36.34
N TRP P 67 1.08 35.56 -35.60
CA TRP P 67 1.34 35.61 -34.16
C TRP P 67 2.71 36.19 -33.87
N LEU P 68 3.72 35.83 -34.67
CA LEU P 68 5.07 36.32 -34.47
C LEU P 68 5.17 37.82 -34.70
N ARG P 69 4.46 38.34 -35.70
CA ARG P 69 4.49 39.78 -35.93
C ARG P 69 3.67 40.55 -34.89
N GLU P 70 2.54 39.99 -34.45
CA GLU P 70 1.82 40.56 -33.31
C GLU P 70 2.73 40.69 -32.10
N SER P 71 3.44 39.61 -31.76
CA SER P 71 4.32 39.59 -30.61
C SER P 71 5.54 40.50 -30.80
N GLU P 72 6.04 40.62 -32.03
CA GLU P 72 7.19 41.49 -32.29
C GLU P 72 6.82 42.95 -32.15
N LEU P 73 5.69 43.34 -32.74
CA LEU P 73 5.21 44.71 -32.61
C LEU P 73 4.90 45.05 -31.16
N LYS P 74 4.31 44.11 -30.41
CA LYS P 74 4.00 44.35 -29.01
C LYS P 74 5.26 44.49 -28.18
N HIS P 75 6.23 43.57 -28.33
CA HIS P 75 7.50 43.66 -27.62
C HIS P 75 8.23 44.95 -27.96
N GLY P 76 8.22 45.34 -29.23
CA GLY P 76 8.87 46.57 -29.63
C GLY P 76 8.20 47.83 -29.13
N ARG P 77 6.87 47.86 -29.12
CA ARG P 77 6.15 49.01 -28.58
C ARG P 77 6.38 49.16 -27.08
N ILE P 78 6.36 48.05 -26.33
CA ILE P 78 6.68 48.05 -24.91
C ILE P 78 8.09 48.57 -24.67
N CYS P 79 9.05 48.14 -25.50
CA CYS P 79 10.43 48.55 -25.30
C CYS P 79 10.71 49.98 -25.72
N MET P 80 10.00 50.52 -26.73
CA MET P 80 10.11 51.95 -27.01
C MET P 80 9.73 52.78 -25.81
N LEU P 81 8.58 52.47 -25.20
CA LEU P 81 8.16 53.14 -24.00
C LEU P 81 9.14 52.92 -22.86
N ALA P 82 9.69 51.70 -22.77
CA ALA P 82 10.55 51.36 -21.66
C ALA P 82 11.91 52.03 -21.75
N ALA P 83 12.50 52.08 -22.96
CA ALA P 83 13.77 52.79 -23.15
C ALA P 83 13.61 54.28 -22.91
N THR P 84 12.54 54.86 -23.46
CA THR P 84 12.21 56.26 -23.19
C THR P 84 11.92 56.46 -21.71
N GLY P 85 11.30 55.46 -21.08
CA GLY P 85 11.02 55.54 -19.66
C GLY P 85 12.27 55.69 -18.82
N CYS P 86 13.28 54.85 -19.09
CA CYS P 86 14.56 54.92 -18.39
C CYS P 86 15.25 56.28 -18.55
N LEU P 87 15.40 56.75 -19.80
CA LEU P 87 16.12 58.00 -20.05
C LEU P 87 15.38 59.21 -19.47
N VAL P 88 14.07 59.29 -19.68
CA VAL P 88 13.31 60.46 -19.22
C VAL P 88 13.20 60.45 -17.71
N GLN P 89 12.96 59.27 -17.12
CA GLN P 89 12.99 59.10 -15.67
C GLN P 89 14.32 59.49 -15.09
N GLU P 90 15.41 59.35 -15.82
CA GLU P 90 16.64 59.98 -15.34
C GLU P 90 16.52 61.50 -15.27
N VAL P 91 15.95 62.10 -16.31
CA VAL P 91 15.95 63.55 -16.43
C VAL P 91 14.81 64.16 -15.64
N VAL P 92 13.57 63.70 -15.86
CA VAL P 92 12.39 64.37 -15.36
C VAL P 92 11.65 63.45 -14.40
N HIS P 93 11.20 63.99 -13.28
CA HIS P 93 10.44 63.25 -12.27
C HIS P 93 9.12 63.92 -12.00
N LEU P 94 8.13 63.10 -11.67
CA LEU P 94 6.95 63.59 -10.97
C LEU P 94 7.37 64.05 -9.58
N PRO P 95 6.61 64.97 -8.97
CA PRO P 95 6.96 65.41 -7.61
C PRO P 95 6.87 64.30 -6.58
N GLY P 96 7.46 64.56 -5.42
CA GLY P 96 7.39 63.64 -4.32
C GLY P 96 8.62 62.79 -4.15
N PRO P 97 8.86 62.31 -2.93
CA PRO P 97 10.03 61.44 -2.69
C PRO P 97 9.89 60.05 -3.29
N ALA P 98 8.67 59.57 -3.52
CA ALA P 98 8.47 58.24 -4.09
C ALA P 98 8.84 58.18 -5.57
N PHE P 99 9.03 59.33 -6.22
CA PHE P 99 9.31 59.40 -7.64
C PHE P 99 10.67 60.05 -7.91
N SER P 100 11.55 60.09 -6.92
CA SER P 100 12.83 60.78 -7.03
C SER P 100 13.99 59.84 -7.29
N GLN P 101 13.79 58.77 -8.04
CA GLN P 101 14.83 57.76 -8.27
C GLN P 101 15.38 57.89 -9.68
N LYS P 102 16.55 58.53 -9.81
CA LYS P 102 17.22 58.64 -11.11
C LYS P 102 17.50 57.27 -11.71
N MET P 103 18.11 56.38 -10.93
CA MET P 103 18.27 54.99 -11.36
C MET P 103 16.91 54.34 -11.53
N ALA P 104 16.63 53.86 -12.75
CA ALA P 104 15.29 53.37 -13.05
C ALA P 104 15.00 52.04 -12.38
N LEU P 105 16.00 51.19 -12.17
CA LEU P 105 15.77 49.95 -11.45
C LEU P 105 15.40 50.18 -9.99
N ASN P 106 15.80 51.31 -9.42
CA ASN P 106 15.43 51.66 -8.05
C ASN P 106 14.01 52.21 -7.99
N ALA P 107 13.51 52.71 -9.11
CA ALA P 107 12.16 53.25 -9.18
C ALA P 107 11.11 52.18 -9.01
N TRP P 108 11.41 50.96 -9.45
CA TRP P 108 10.53 49.80 -9.29
C TRP P 108 10.10 49.63 -7.84
N ALA P 109 11.07 49.71 -6.92
CA ALA P 109 10.78 49.54 -5.51
C ALA P 109 10.22 50.80 -4.86
N ALA P 110 10.69 51.97 -5.30
CA ALA P 110 10.32 53.22 -4.66
C ALA P 110 8.90 53.65 -5.00
N ALA P 111 8.46 53.44 -6.25
CA ALA P 111 7.15 53.86 -6.71
C ALA P 111 6.05 53.19 -5.88
N PRO P 112 5.00 53.96 -5.49
CA PRO P 112 3.89 53.42 -4.69
C PRO P 112 3.31 52.12 -5.24
N ARG P 113 3.33 51.07 -4.41
CA ARG P 113 2.92 49.73 -4.84
C ARG P 113 1.49 49.71 -5.36
N GLY P 114 0.57 50.38 -4.64
CA GLY P 114 -0.82 50.47 -5.07
C GLY P 114 -0.98 51.01 -6.48
N GLY P 115 -0.23 52.05 -6.82
CA GLY P 115 -0.29 52.59 -8.17
C GLY P 115 0.42 51.73 -9.20
N MET P 116 1.45 50.99 -8.79
CA MET P 116 2.15 50.08 -9.70
C MET P 116 1.24 48.91 -10.08
N ILE P 117 0.46 48.41 -9.13
CA ILE P 117 -0.50 47.35 -9.37
C ILE P 117 -1.72 47.90 -10.09
N SER P 118 -2.01 49.18 -9.91
CA SER P 118 -3.00 49.87 -10.74
C SER P 118 -2.58 49.86 -12.21
N ILE P 119 -1.31 50.15 -12.48
CA ILE P 119 -0.77 50.09 -13.84
C ILE P 119 -0.94 48.70 -14.42
N LEU P 120 -0.61 47.68 -13.62
CA LEU P 120 -0.69 46.28 -14.04
C LEU P 120 -2.11 45.87 -14.39
N VAL P 121 -3.07 46.24 -13.52
CA VAL P 121 -4.47 45.92 -13.75
C VAL P 121 -5.00 46.64 -14.97
N ALA P 122 -4.64 47.92 -15.13
CA ALA P 122 -5.05 48.70 -16.30
C ALA P 122 -4.48 48.09 -17.58
N ILE P 123 -3.24 47.59 -17.54
CA ILE P 123 -2.65 46.92 -18.69
C ILE P 123 -3.45 45.69 -19.06
N GLY P 124 -3.87 44.90 -18.06
CA GLY P 124 -4.68 43.73 -18.32
C GLY P 124 -6.04 44.05 -18.93
N LEU P 125 -6.68 45.12 -18.43
CA LEU P 125 -7.93 45.57 -19.02
C LEU P 125 -7.72 46.04 -20.46
N ILE P 126 -6.61 46.76 -20.72
CA ILE P 126 -6.25 47.15 -22.07
C ILE P 126 -6.03 45.94 -22.96
N GLU P 127 -5.34 44.93 -22.44
CA GLU P 127 -5.07 43.72 -23.21
C GLU P 127 -6.36 43.01 -23.61
N MET P 128 -7.34 42.93 -22.71
CA MET P 128 -8.54 42.20 -23.11
C MET P 128 -9.41 43.02 -24.08
N ILE P 129 -9.52 44.35 -23.87
CA ILE P 129 -10.46 45.15 -24.65
C ILE P 129 -9.92 45.46 -26.03
N SER P 130 -8.67 45.91 -26.11
CA SER P 130 -8.04 46.21 -27.40
C SER P 130 -7.95 44.97 -28.28
N ASN P 131 -7.83 43.78 -27.69
CA ASN P 131 -7.85 42.56 -28.47
C ASN P 131 -9.26 42.02 -28.68
N ARG P 132 -10.26 42.61 -27.99
CA ARG P 132 -11.68 42.31 -28.19
C ARG P 132 -12.06 40.89 -27.77
N PHE P 133 -11.45 40.41 -26.69
CA PHE P 133 -11.59 39.08 -26.09
C PHE P 133 -11.07 37.95 -26.96
N ALA P 134 -10.34 38.28 -28.03
CA ALA P 134 -9.62 37.29 -28.84
C ALA P 134 -8.16 37.33 -28.41
N LEU P 135 -7.88 36.71 -27.27
CA LEU P 135 -6.60 36.88 -26.59
C LEU P 135 -5.59 35.80 -26.91
N THR P 136 -6.02 34.61 -27.23
CA THR P 136 -5.16 33.46 -27.15
C THR P 136 -4.60 33.08 -28.51
N ALA P 137 -3.76 32.05 -28.49
CA ALA P 137 -3.13 31.48 -29.67
C ALA P 137 -4.12 30.79 -30.60
N THR P 138 -5.34 30.53 -30.13
CA THR P 138 -6.34 29.84 -30.92
C THR P 138 -7.50 30.74 -31.33
N ASP P 139 -7.58 31.97 -30.82
CA ASP P 139 -8.70 32.84 -31.20
C ASP P 139 -8.35 34.28 -31.56
N MET P 140 -7.15 34.78 -31.26
CA MET P 140 -6.67 36.00 -31.91
C MET P 140 -6.59 35.70 -33.39
N PHE P 141 -6.92 36.68 -34.25
CA PHE P 141 -6.97 36.54 -35.72
C PHE P 141 -8.09 35.62 -36.18
N ALA P 142 -9.05 35.29 -35.31
CA ALA P 142 -10.24 34.53 -35.73
C ALA P 142 -11.05 35.32 -36.73
N ASN P 143 -11.18 36.60 -36.51
CA ASN P 143 -11.71 37.48 -37.50
C ASN P 143 -10.70 37.59 -38.63
N PRO P 144 -11.10 37.32 -39.88
CA PRO P 144 -10.16 37.50 -40.99
C PRO P 144 -9.75 38.96 -41.20
N ASN P 145 -10.49 39.90 -40.63
CA ASN P 145 -10.15 41.32 -40.71
C ASN P 145 -9.00 41.69 -39.80
N ARG P 146 -8.75 40.91 -38.75
CA ARG P 146 -7.69 41.22 -37.80
C ARG P 146 -6.33 41.10 -38.47
N VAL P 147 -5.47 42.09 -38.24
CA VAL P 147 -4.15 42.18 -38.86
C VAL P 147 -3.12 42.19 -37.74
N PRO P 148 -1.97 41.53 -37.91
CA PRO P 148 -0.94 41.51 -36.85
C PRO P 148 -0.44 42.89 -36.45
N GLY P 149 -0.62 43.21 -35.18
CA GLY P 149 -0.21 44.49 -34.64
C GLY P 149 -1.21 45.60 -34.82
N ASP P 150 -2.22 45.42 -35.66
CA ASP P 150 -3.20 46.45 -35.98
C ASP P 150 -4.39 46.30 -35.04
N LEU P 151 -4.41 47.11 -33.98
CA LEU P 151 -5.45 47.06 -32.97
C LEU P 151 -6.53 48.12 -33.19
N GLY P 152 -6.44 48.90 -34.25
CA GLY P 152 -7.33 50.03 -34.43
C GLY P 152 -6.89 51.28 -33.72
N PHE P 153 -5.66 51.32 -33.22
CA PHE P 153 -5.14 52.45 -32.46
C PHE P 153 -4.56 53.45 -33.43
N ASP P 154 -5.34 54.48 -33.73
CA ASP P 154 -4.84 55.68 -34.41
C ASP P 154 -5.61 56.89 -33.93
N PRO P 155 -5.44 57.28 -32.64
CA PRO P 155 -6.27 58.36 -32.05
C PRO P 155 -6.27 59.68 -32.80
N LEU P 156 -5.13 60.06 -33.37
CA LEU P 156 -5.03 61.31 -34.11
C LEU P 156 -5.07 61.11 -35.61
N SER P 157 -5.43 59.90 -36.08
CA SER P 157 -5.53 59.56 -37.50
C SER P 157 -4.25 59.88 -38.25
N LEU P 158 -3.11 59.57 -37.63
CA LEU P 158 -1.83 59.85 -38.24
C LEU P 158 -1.49 58.90 -39.36
N GLY P 159 -2.15 57.75 -39.42
CA GLY P 159 -1.95 56.80 -40.49
C GLY P 159 -3.03 56.89 -41.54
N ALA P 160 -3.76 58.02 -41.54
CA ALA P 160 -4.82 58.23 -42.52
C ALA P 160 -4.28 58.29 -43.94
N ASN P 161 -3.14 58.94 -44.12
CA ASN P 161 -2.51 59.01 -45.44
C ASN P 161 -1.98 57.63 -45.83
N PRO P 162 -2.46 57.04 -46.93
CA PRO P 162 -1.95 55.73 -47.34
C PRO P 162 -0.61 55.78 -48.04
N ALA P 163 -0.11 56.98 -48.34
CA ALA P 163 1.22 57.12 -48.94
C ALA P 163 2.32 56.90 -47.91
N ASN P 164 2.10 57.35 -46.68
CA ASN P 164 3.06 57.17 -45.60
C ASN P 164 2.99 55.80 -44.95
N ARG P 165 2.05 54.94 -45.37
CA ARG P 165 1.74 53.72 -44.62
C ARG P 165 2.91 52.76 -44.57
N ALA P 166 3.52 52.47 -45.72
CA ALA P 166 4.61 51.49 -45.80
C ALA P 166 5.83 51.93 -45.00
N ARG P 167 6.19 53.20 -45.07
CA ARG P 167 7.37 53.65 -44.33
C ARG P 167 7.09 53.79 -42.84
N PHE P 168 5.86 54.13 -42.45
CA PHE P 168 5.47 54.05 -41.03
C PHE P 168 5.56 52.65 -40.49
N GLU P 169 5.06 51.66 -41.25
CA GLU P 169 5.15 50.28 -40.79
C GLU P 169 6.60 49.85 -40.65
N LEU P 170 7.44 50.21 -41.63
CA LEU P 170 8.85 49.86 -41.56
C LEU P 170 9.52 50.51 -40.36
N SER P 171 9.32 51.81 -40.18
CA SER P 171 10.01 52.51 -39.09
C SER P 171 9.43 52.19 -37.72
N GLU P 172 8.17 51.76 -37.63
CA GLU P 172 7.65 51.25 -36.37
C GLU P 172 8.34 49.95 -35.97
N VAL P 173 8.47 49.02 -36.92
CA VAL P 173 9.16 47.76 -36.68
C VAL P 173 10.61 48.00 -36.30
N ILE P 174 11.28 48.93 -37.00
CA ILE P 174 12.70 49.19 -36.77
C ILE P 174 12.92 49.87 -35.42
N HIS P 175 12.09 50.88 -35.10
CA HIS P 175 12.16 51.51 -33.78
C HIS P 175 11.92 50.49 -32.67
N GLY P 176 10.99 49.57 -32.89
CA GLY P 176 10.73 48.54 -31.92
C GLY P 176 11.89 47.59 -31.69
N ARG P 177 12.52 47.13 -32.78
CA ARG P 177 13.69 46.26 -32.68
C ARG P 177 14.85 46.95 -31.97
N ALA P 178 15.16 48.18 -32.41
CA ALA P 178 16.24 48.95 -31.81
C ALA P 178 16.00 49.21 -30.33
N ALA P 179 14.76 49.48 -29.95
CA ALA P 179 14.45 49.75 -28.56
C ALA P 179 14.46 48.49 -27.71
N MET P 180 14.12 47.32 -28.29
CA MET P 180 14.29 46.06 -27.58
C MET P 180 15.75 45.85 -27.19
N MET P 181 16.63 46.01 -28.16
CA MET P 181 18.06 45.85 -27.94
C MET P 181 18.58 46.92 -26.97
N GLY P 182 18.15 48.17 -27.17
CA GLY P 182 18.61 49.25 -26.33
C GLY P 182 18.16 49.13 -24.89
N PHE P 183 16.89 48.76 -24.66
CA PHE P 183 16.40 48.58 -23.29
C PHE P 183 17.06 47.41 -22.60
N SER P 184 17.29 46.31 -23.33
CA SER P 184 17.99 45.16 -22.79
C SER P 184 19.37 45.54 -22.31
N GLY P 185 20.09 46.30 -23.15
CA GLY P 185 21.38 46.80 -22.76
C GLY P 185 21.34 47.70 -21.55
N MET P 186 20.36 48.61 -21.51
CA MET P 186 20.26 49.56 -20.41
C MET P 186 19.96 48.86 -19.09
N VAL P 187 19.08 47.85 -19.09
CA VAL P 187 18.77 47.10 -17.87
C VAL P 187 19.99 46.36 -17.34
N HIS P 188 20.71 45.68 -18.22
CA HIS P 188 21.84 44.91 -17.74
C HIS P 188 23.06 45.76 -17.46
N GLN P 189 23.13 46.97 -18.02
CA GLN P 189 24.12 47.93 -17.57
C GLN P 189 23.74 48.59 -16.25
N MET P 190 22.44 48.68 -15.93
CA MET P 190 22.04 49.08 -14.58
C MET P 190 22.37 48.02 -13.56
N ILE P 191 22.24 46.75 -13.93
CA ILE P 191 22.61 45.66 -13.03
C ILE P 191 24.11 45.68 -12.75
N VAL P 192 24.92 45.72 -13.82
CA VAL P 192 26.39 45.70 -13.67
C VAL P 192 26.85 46.95 -12.94
N SER P 193 26.46 48.11 -13.44
CA SER P 193 26.83 49.38 -12.86
C SER P 193 25.59 49.93 -12.17
N LYS P 194 25.66 50.16 -10.87
CA LYS P 194 24.47 50.62 -10.14
C LYS P 194 24.30 52.13 -10.36
N GLN P 195 24.05 52.46 -11.63
CA GLN P 195 23.97 53.81 -12.11
C GLN P 195 22.88 53.91 -13.17
N ALA P 196 22.27 55.08 -13.25
CA ALA P 196 21.27 55.36 -14.25
C ALA P 196 21.95 55.50 -15.62
N PRO P 197 21.24 55.24 -16.73
CA PRO P 197 21.92 55.15 -18.05
C PRO P 197 22.68 56.39 -18.54
N ILE P 198 22.12 57.59 -18.43
CA ILE P 198 22.84 58.77 -18.93
C ILE P 198 23.99 59.11 -18.00
N GLU P 199 23.78 59.00 -16.69
CA GLU P 199 24.89 59.32 -15.80
C GLU P 199 25.85 58.15 -15.62
N GLN P 200 25.50 56.97 -16.15
CA GLN P 200 26.51 55.93 -16.37
C GLN P 200 27.40 56.29 -17.55
N LEU P 201 26.85 56.94 -18.57
CA LEU P 201 27.66 57.42 -19.67
C LEU P 201 28.51 58.62 -19.28
N MET P 202 28.05 59.43 -18.32
CA MET P 202 28.76 60.65 -17.98
C MET P 202 29.69 60.49 -16.80
N HIS P 203 29.56 59.41 -16.02
CA HIS P 203 30.44 59.05 -14.91
C HIS P 203 30.88 57.60 -15.03
N PHE P 204 31.34 57.22 -16.23
CA PHE P 204 31.68 55.83 -16.53
C PHE P 204 32.76 55.24 -15.64
N LYS P 205 32.57 53.99 -15.28
CA LYS P 205 33.54 53.19 -14.53
C LYS P 205 33.61 51.83 -15.21
N ALA P 206 34.82 51.32 -15.40
CA ALA P 206 35.00 50.08 -16.14
C ALA P 206 34.74 48.87 -15.26
N VAL P 207 34.50 47.72 -15.91
CA VAL P 207 34.21 46.46 -15.16
C VAL P 207 35.52 45.91 -14.60
N ASP P 208 35.61 45.77 -13.27
CA ASP P 208 36.85 45.30 -12.61
C ASP P 208 36.98 43.77 -12.77
N SER P 209 35.85 43.06 -12.82
CA SER P 209 35.83 41.56 -12.95
C SER P 209 36.13 40.93 -11.60
N SER P 210 36.32 41.74 -10.56
CA SER P 210 36.54 41.24 -9.18
C SER P 210 35.17 41.07 -8.56
N LEU P 211 34.14 41.47 -9.30
CA LEU P 211 32.74 41.30 -8.85
C LEU P 211 31.91 40.83 -10.04
N MET P 212 30.69 40.32 -9.79
CA MET P 212 29.75 39.90 -10.87
C MET P 212 30.36 38.90 -11.85
N LYS P 213 31.18 37.97 -11.37
CA LYS P 213 31.69 36.92 -12.30
C LYS P 213 30.49 36.09 -12.77
N LEU P 214 30.49 35.68 -14.03
CA LEU P 214 29.32 34.95 -14.58
C LEU P 214 29.41 33.47 -14.21
N GLY P 215 28.26 32.84 -13.93
CA GLY P 215 28.23 31.41 -13.68
C GLY P 215 28.82 31.06 -12.33
N GLY P 216 29.33 29.84 -12.24
CA GLY P 216 30.07 29.43 -11.07
C GLY P 216 29.29 28.75 -9.98
N ALA P 217 27.99 28.58 -10.14
CA ALA P 217 27.20 27.88 -9.14
C ALA P 217 27.62 26.42 -9.00
N ALA P 218 28.08 25.79 -10.08
CA ALA P 218 28.50 24.40 -10.04
C ALA P 218 30.01 24.22 -10.06
N GLY P 219 30.78 25.25 -10.41
CA GLY P 219 32.23 25.13 -10.43
C GLY P 219 32.83 24.91 -9.05
N ASN P 220 32.40 25.69 -8.06
CA ASN P 220 32.80 25.49 -6.67
C ASN P 220 31.98 24.42 -5.96
N LEU P 221 31.10 23.73 -6.69
CA LEU P 221 30.18 22.70 -6.22
C LEU P 221 29.11 23.28 -5.29
N GLY P 222 28.78 24.55 -5.46
CA GLY P 222 27.79 25.23 -4.64
C GLY P 222 28.46 26.18 -3.67
N TYR P 223 27.60 26.90 -2.94
CA TYR P 223 27.92 27.86 -1.87
C TYR P 223 28.57 29.12 -2.44
N PHE Q 64 -22.12 -46.19 12.00
CA PHE Q 64 -22.95 -45.21 12.68
C PHE Q 64 -23.47 -45.79 14.02
N GLY Q 65 -24.78 -45.77 14.22
CA GLY Q 65 -25.43 -46.35 15.37
C GLY Q 65 -26.05 -47.72 15.16
N GLY Q 66 -25.77 -48.37 14.04
CA GLY Q 66 -26.29 -49.70 13.79
C GLY Q 66 -25.26 -50.77 14.08
N ARG Q 67 -24.19 -50.39 14.79
CA ARG Q 67 -23.13 -51.32 15.18
C ARG Q 67 -23.21 -51.70 16.66
N GLY Q 68 -24.35 -51.47 17.30
CA GLY Q 68 -24.49 -51.80 18.70
C GLY Q 68 -24.11 -50.70 19.66
N LEU Q 69 -24.18 -49.45 19.24
CA LEU Q 69 -23.81 -48.31 20.08
C LEU Q 69 -25.04 -47.45 20.30
N GLY Q 70 -25.10 -46.77 21.44
CA GLY Q 70 -26.24 -45.94 21.75
C GLY Q 70 -27.09 -46.58 22.81
N VAL Q 71 -28.41 -46.37 22.81
CA VAL Q 71 -29.27 -47.07 23.78
C VAL Q 71 -29.70 -48.38 23.13
N THR Q 72 -28.82 -49.36 23.25
CA THR Q 72 -29.04 -50.72 22.78
C THR Q 72 -28.79 -51.68 23.94
N VAL Q 73 -29.14 -52.95 23.74
CA VAL Q 73 -28.87 -53.95 24.78
C VAL Q 73 -27.38 -54.31 24.80
N ASN Q 74 -26.67 -54.13 23.69
CA ASN Q 74 -25.22 -54.33 23.67
C ASN Q 74 -24.53 -53.32 24.57
N ALA Q 75 -24.88 -52.05 24.43
CA ALA Q 75 -24.36 -51.01 25.32
C ALA Q 75 -24.81 -51.23 26.75
N GLU Q 76 -26.06 -51.66 26.96
CA GLU Q 76 -26.56 -51.96 28.29
C GLU Q 76 -25.72 -53.04 28.97
N ARG Q 77 -25.44 -54.12 28.25
CA ARG Q 77 -24.63 -55.19 28.79
C ARG Q 77 -23.20 -54.74 29.09
N TRP Q 78 -22.59 -53.99 28.16
CA TRP Q 78 -21.21 -53.55 28.33
C TRP Q 78 -21.05 -52.59 29.49
N ASN Q 79 -21.96 -51.64 29.62
CA ASN Q 79 -21.95 -50.72 30.74
C ASN Q 79 -22.29 -51.43 32.04
N GLY Q 80 -23.14 -52.45 31.95
CA GLY Q 80 -23.39 -53.28 33.11
C GLY Q 80 -22.15 -53.96 33.62
N ARG Q 81 -21.35 -54.56 32.72
CA ARG Q 81 -20.09 -55.21 33.10
C ARG Q 81 -19.10 -54.24 33.70
N HIS Q 82 -19.00 -53.04 33.13
CA HIS Q 82 -18.06 -52.05 33.67
C HIS Q 82 -18.51 -51.53 35.02
N ALA Q 83 -19.81 -51.40 35.26
CA ALA Q 83 -20.27 -50.93 36.55
C ALA Q 83 -20.12 -51.98 37.65
N MET Q 84 -20.28 -53.27 37.31
CA MET Q 84 -19.98 -54.34 38.26
C MET Q 84 -18.51 -54.31 38.64
N PHE Q 85 -17.64 -54.18 37.64
CA PHE Q 85 -16.21 -54.05 37.92
C PHE Q 85 -15.95 -52.79 38.74
N GLY Q 86 -16.65 -51.72 38.42
CA GLY Q 86 -16.45 -50.47 39.14
C GLY Q 86 -16.90 -50.53 40.59
N ILE Q 87 -17.99 -51.25 40.86
CA ILE Q 87 -18.41 -51.46 42.24
C ILE Q 87 -17.36 -52.26 43.00
N PHE Q 88 -16.82 -53.31 42.36
CA PHE Q 88 -15.70 -54.05 42.93
C PHE Q 88 -14.53 -53.13 43.21
N ALA Q 89 -14.20 -52.26 42.25
CA ALA Q 89 -13.02 -51.41 42.38
C ALA Q 89 -13.20 -50.35 43.45
N MET Q 90 -14.42 -49.80 43.58
CA MET Q 90 -14.72 -48.84 44.63
C MET Q 90 -14.67 -49.48 46.01
N VAL Q 91 -15.24 -50.67 46.16
CA VAL Q 91 -15.14 -51.43 47.42
C VAL Q 91 -13.68 -51.74 47.70
N MET Q 92 -12.94 -52.14 46.65
CA MET Q 92 -11.57 -52.57 46.82
C MET Q 92 -10.67 -51.41 47.24
N THR Q 93 -10.89 -50.23 46.66
CA THR Q 93 -10.10 -49.06 47.07
C THR Q 93 -10.51 -48.55 48.44
N SER Q 94 -11.79 -48.67 48.81
CA SER Q 94 -12.23 -48.31 50.16
C SER Q 94 -11.50 -49.14 51.20
N TYR Q 95 -11.51 -50.46 51.03
CA TYR Q 95 -10.76 -51.35 51.89
C TYR Q 95 -9.25 -51.10 51.78
N MET Q 96 -8.77 -50.70 50.61
CA MET Q 96 -7.32 -50.61 50.38
C MET Q 96 -6.73 -49.37 51.04
N LYS Q 97 -7.42 -48.24 50.96
CA LYS Q 97 -6.91 -47.05 51.63
C LYS Q 97 -7.41 -46.92 53.06
N GLY Q 98 -8.40 -47.71 53.46
CA GLY Q 98 -8.79 -47.74 54.86
C GLY Q 98 -7.73 -48.35 55.75
N HIS Q 99 -7.07 -49.40 55.27
CA HIS Q 99 -6.00 -50.06 55.99
C HIS Q 99 -4.62 -49.48 55.69
N GLY Q 100 -4.53 -48.47 54.84
CA GLY Q 100 -3.25 -47.88 54.47
C GLY Q 100 -2.34 -48.80 53.70
N LEU Q 101 -2.89 -49.62 52.80
CA LEU Q 101 -2.11 -50.52 51.98
C LEU Q 101 -1.73 -49.92 50.64
N ILE Q 102 -2.06 -48.65 50.40
CA ILE Q 102 -1.52 -47.90 49.28
C ILE Q 102 -0.27 -47.18 49.79
N PRO Q 103 0.91 -47.48 49.24
CA PRO Q 103 2.14 -46.96 49.85
C PRO Q 103 2.31 -45.47 49.57
N ASP Q 104 2.68 -44.73 50.63
CA ASP Q 104 2.93 -43.29 50.59
C ASP Q 104 1.73 -42.52 50.04
N ALA Q 105 0.52 -42.90 50.49
CA ALA Q 105 -0.74 -42.42 49.93
C ALA Q 105 -0.83 -40.90 49.90
N ASP Q 106 -0.27 -40.24 50.91
CA ASP Q 106 -0.29 -38.78 50.99
C ASP Q 106 0.90 -38.11 50.31
N LYS Q 107 1.96 -38.87 50.00
CA LYS Q 107 3.20 -38.28 49.47
C LYS Q 107 2.96 -37.63 48.11
N VAL Q 108 3.33 -36.38 48.01
CA VAL Q 108 3.01 -35.55 46.84
C VAL Q 108 4.10 -35.72 45.80
N LEU Q 109 3.71 -36.08 44.59
CA LEU Q 109 4.69 -36.34 43.52
C LEU Q 109 5.40 -35.05 43.14
N ASP Q 110 6.68 -35.17 42.83
CA ASP Q 110 7.49 -34.02 42.49
C ASP Q 110 7.53 -33.84 40.98
N ILE Q 111 7.29 -32.59 40.54
CA ILE Q 111 7.40 -32.22 39.13
C ILE Q 111 8.83 -32.42 38.62
N ALA Q 112 9.83 -32.36 39.51
CA ALA Q 112 11.21 -32.62 39.13
C ALA Q 112 11.39 -34.01 38.54
N GLN Q 113 10.63 -34.99 39.02
CA GLN Q 113 10.67 -36.33 38.48
C GLN Q 113 9.63 -36.56 37.38
N TRP Q 114 8.41 -36.05 37.56
CA TRP Q 114 7.30 -36.42 36.68
C TRP Q 114 6.88 -35.35 35.71
N GLY Q 115 7.27 -34.10 35.92
CA GLY Q 115 6.94 -33.05 35.00
C GLY Q 115 5.63 -32.37 35.32
N PRO Q 116 5.20 -31.47 34.44
CA PRO Q 116 4.04 -30.61 34.74
C PRO Q 116 2.70 -31.34 34.75
N LEU Q 117 2.64 -32.59 34.31
CA LEU Q 117 1.41 -33.36 34.46
C LEU Q 117 1.12 -33.66 35.92
N ALA Q 118 2.13 -33.61 36.79
CA ALA Q 118 1.95 -33.89 38.21
C ALA Q 118 1.39 -32.70 38.99
N ALA Q 119 1.37 -31.51 38.41
CA ALA Q 119 0.89 -30.31 39.10
C ALA Q 119 -0.62 -30.33 39.28
N VAL Q 120 -1.09 -29.77 40.41
CA VAL Q 120 -2.53 -29.76 40.68
C VAL Q 120 -3.10 -28.37 41.01
N TRP Q 121 -2.27 -27.50 41.62
CA TRP Q 121 -2.56 -26.11 42.05
C TRP Q 121 -3.46 -26.04 43.26
N ASP Q 122 -3.59 -27.12 44.00
CA ASP Q 122 -4.09 -27.00 45.36
C ASP Q 122 -3.04 -26.25 46.14
N GLY Q 123 -3.48 -25.32 47.01
CA GLY Q 123 -2.57 -24.36 47.66
C GLY Q 123 -1.38 -24.99 48.38
N ALA Q 124 -1.57 -26.20 48.91
CA ALA Q 124 -0.54 -26.92 49.65
C ALA Q 124 0.04 -28.04 48.78
N GLY Q 125 1.32 -27.94 48.47
CA GLY Q 125 2.03 -28.96 47.71
C GLY Q 125 2.12 -28.79 46.21
N ASN Q 126 1.02 -28.32 45.58
CA ASN Q 126 0.94 -28.04 44.14
C ASN Q 126 1.31 -29.27 43.30
N GLY Q 127 0.85 -30.44 43.73
CA GLY Q 127 1.17 -31.66 43.02
C GLY Q 127 0.20 -32.76 43.38
N ILE Q 128 0.05 -33.72 42.45
CA ILE Q 128 -0.81 -34.88 42.69
C ILE Q 128 -0.24 -35.71 43.84
N SER Q 129 -1.12 -36.35 44.58
CA SER Q 129 -0.68 -37.27 45.61
C SER Q 129 -0.38 -38.62 44.99
N ASN Q 130 0.35 -39.45 45.74
CA ASN Q 130 0.82 -40.72 45.21
C ASN Q 130 -0.30 -41.73 45.13
N GLU Q 131 -1.25 -41.68 46.07
CA GLU Q 131 -2.42 -42.55 46.03
C GLU Q 131 -3.21 -42.38 44.75
N ARG Q 132 -3.50 -41.11 44.39
CA ARG Q 132 -4.26 -40.80 43.19
C ARG Q 132 -3.55 -41.32 41.94
N ALA Q 133 -2.24 -41.10 41.86
CA ALA Q 133 -1.44 -41.60 40.75
C ALA Q 133 -1.49 -43.13 40.65
N ILE Q 134 -1.44 -43.81 41.80
CA ILE Q 134 -1.47 -45.28 41.82
C ILE Q 134 -2.82 -45.82 41.37
N ILE Q 135 -3.92 -45.21 41.83
CA ILE Q 135 -5.25 -45.59 41.37
C ILE Q 135 -5.39 -45.35 39.88
N LEU Q 136 -4.86 -44.23 39.38
CA LEU Q 136 -4.91 -43.94 37.95
C LEU Q 136 -4.11 -44.94 37.13
N ILE Q 137 -2.95 -45.36 37.62
CA ILE Q 137 -2.12 -46.33 36.90
C ILE Q 137 -2.79 -47.70 36.87
N ALA Q 138 -3.51 -48.06 37.94
CA ALA Q 138 -4.35 -49.26 37.94
C ALA Q 138 -5.40 -49.20 36.84
N HIS Q 139 -6.09 -48.07 36.75
CA HIS Q 139 -7.06 -47.83 35.69
C HIS Q 139 -6.39 -47.84 34.31
N VAL Q 140 -5.13 -47.42 34.22
CA VAL Q 140 -4.42 -47.42 32.95
C VAL Q 140 -4.14 -48.85 32.49
N HIS Q 141 -3.80 -49.75 33.43
CA HIS Q 141 -3.72 -51.18 33.16
C HIS Q 141 -4.99 -51.72 32.53
N VAL Q 142 -6.15 -51.45 33.12
CA VAL Q 142 -7.39 -51.99 32.57
C VAL Q 142 -7.88 -51.23 31.34
N LEU Q 143 -7.47 -49.95 31.15
CA LEU Q 143 -7.72 -49.26 29.89
C LEU Q 143 -6.92 -49.83 28.72
N VAL Q 144 -5.65 -50.18 28.94
CA VAL Q 144 -4.88 -50.79 27.86
C VAL Q 144 -5.47 -52.15 27.50
N VAL Q 145 -5.87 -52.93 28.52
CA VAL Q 145 -6.62 -54.17 28.28
C VAL Q 145 -7.89 -53.89 27.48
N SER Q 146 -8.57 -52.80 27.81
CA SER Q 146 -9.84 -52.43 27.19
C SER Q 146 -9.66 -52.14 25.70
N VAL Q 147 -8.63 -51.37 25.36
CA VAL Q 147 -8.34 -51.03 23.97
C VAL Q 147 -7.98 -52.28 23.17
N ILE Q 148 -7.09 -53.12 23.73
CA ILE Q 148 -6.68 -54.34 23.03
C ILE Q 148 -7.86 -55.29 22.88
N ALA Q 149 -8.76 -55.33 23.86
CA ALA Q 149 -9.94 -56.18 23.72
C ALA Q 149 -10.96 -55.58 22.76
N ALA Q 150 -11.02 -54.24 22.64
CA ALA Q 150 -11.96 -53.65 21.71
C ALA Q 150 -11.53 -53.84 20.26
N ILE Q 151 -10.26 -53.62 19.96
CA ILE Q 151 -9.76 -53.65 18.60
C ILE Q 151 -9.33 -55.05 18.19
N ALA Q 152 -8.73 -55.83 19.10
CA ALA Q 152 -8.34 -57.20 18.84
C ALA Q 152 -8.98 -58.11 19.88
N PRO Q 153 -10.28 -58.39 19.76
CA PRO Q 153 -10.96 -59.20 20.75
C PRO Q 153 -10.62 -60.68 20.61
N PHE Q 154 -11.07 -61.45 21.61
CA PHE Q 154 -10.91 -62.88 21.60
C PHE Q 154 -11.85 -63.51 20.58
N GLY Q 155 -11.60 -64.78 20.26
CA GLY Q 155 -12.41 -65.48 19.27
C GLY Q 155 -13.85 -65.66 19.72
N PHE Q 156 -14.07 -65.88 21.01
CA PHE Q 156 -15.38 -66.14 21.59
C PHE Q 156 -16.01 -64.93 22.26
N GLN Q 157 -15.20 -63.91 22.57
CA GLN Q 157 -15.66 -62.78 23.36
C GLN Q 157 -16.72 -61.97 22.63
N ASP Q 158 -17.71 -61.48 23.39
CA ASP Q 158 -18.69 -60.54 22.85
C ASP Q 158 -17.97 -59.25 22.47
N THR Q 159 -18.25 -58.74 21.28
CA THR Q 159 -17.52 -57.59 20.79
C THR Q 159 -18.25 -56.29 21.16
N LEU Q 160 -17.46 -55.24 21.41
CA LEU Q 160 -18.03 -53.94 21.70
C LEU Q 160 -18.82 -53.39 20.51
N VAL Q 161 -18.24 -53.44 19.32
CA VAL Q 161 -18.94 -53.05 18.11
C VAL Q 161 -19.50 -54.29 17.43
N LYS Q 162 -20.36 -54.10 16.44
CA LYS Q 162 -21.06 -55.22 15.82
C LYS Q 162 -20.88 -55.20 14.31
N GLU Q 163 -21.31 -56.29 13.66
CA GLU Q 163 -21.08 -56.55 12.23
C GLU Q 163 -21.70 -55.55 11.26
N LYS Q 164 -22.67 -54.74 11.70
CA LYS Q 164 -23.42 -53.73 10.86
C LYS Q 164 -24.76 -54.35 10.40
N GLY Q 165 -24.84 -55.68 10.32
CA GLY Q 165 -26.03 -56.40 9.92
C GLY Q 165 -26.40 -57.45 10.94
N TYR Q 166 -25.90 -57.28 12.17
CA TYR Q 166 -26.11 -58.24 13.25
C TYR Q 166 -27.57 -58.20 13.71
N THR Q 167 -28.01 -59.30 14.31
CA THR Q 167 -29.34 -59.32 14.91
C THR Q 167 -29.23 -58.94 16.38
N PRO Q 168 -29.82 -57.81 16.80
CA PRO Q 168 -29.73 -57.37 18.19
C PRO Q 168 -30.38 -58.38 19.13
N GLU Q 169 -29.75 -58.59 20.28
CA GLU Q 169 -30.36 -59.42 21.32
C GLU Q 169 -31.68 -58.79 21.74
N SER Q 170 -32.63 -59.63 22.12
CA SER Q 170 -33.95 -59.12 22.46
C SER Q 170 -33.89 -58.42 23.80
N PRO Q 171 -34.43 -57.20 23.91
CA PRO Q 171 -34.40 -56.46 25.18
C PRO Q 171 -35.11 -57.23 26.28
N ALA Q 172 -34.51 -57.18 27.47
CA ALA Q 172 -34.98 -58.00 28.59
C ALA Q 172 -36.32 -57.52 29.09
N GLY Q 173 -36.46 -56.22 29.34
CA GLY Q 173 -37.67 -55.71 29.91
C GLY Q 173 -37.49 -55.31 31.36
N LEU Q 174 -38.55 -55.50 32.16
CA LEU Q 174 -38.50 -55.05 33.54
C LEU Q 174 -37.58 -55.91 34.38
N ILE Q 175 -37.61 -57.22 34.17
CA ILE Q 175 -36.63 -58.11 34.80
C ILE Q 175 -36.52 -59.40 33.99
N PRO Q 176 -35.30 -59.81 33.67
CA PRO Q 176 -35.05 -61.02 32.87
C PRO Q 176 -35.46 -62.28 33.60
N PRO Q 177 -35.55 -63.42 32.91
CA PRO Q 177 -35.85 -64.69 33.61
C PRO Q 177 -34.76 -65.04 34.61
N PHE Q 178 -35.20 -65.41 35.81
CA PHE Q 178 -34.25 -65.70 36.88
C PHE Q 178 -33.54 -67.01 36.58
N LYS Q 179 -32.38 -66.89 35.95
CA LYS Q 179 -31.51 -68.01 35.63
C LYS Q 179 -30.26 -67.85 36.47
N THR Q 180 -30.19 -68.59 37.58
CA THR Q 180 -29.13 -68.41 38.57
C THR Q 180 -27.76 -68.86 38.11
N GLY Q 181 -27.59 -69.29 36.87
CA GLY Q 181 -26.30 -69.74 36.39
C GLY Q 181 -25.41 -68.56 36.04
N LEU Q 182 -24.23 -68.89 35.52
CA LEU Q 182 -23.36 -67.92 34.86
C LEU Q 182 -23.93 -67.63 33.46
N THR Q 183 -25.09 -66.97 33.45
CA THR Q 183 -25.89 -66.80 32.27
C THR Q 183 -25.93 -65.32 31.86
N ALA Q 184 -26.54 -65.08 30.71
CA ALA Q 184 -26.69 -63.71 30.25
C ALA Q 184 -27.80 -62.99 31.01
N GLU Q 185 -28.80 -63.74 31.47
CA GLU Q 185 -29.84 -63.16 32.30
C GLU Q 185 -29.27 -62.68 33.62
N ALA Q 186 -28.45 -63.51 34.27
CA ALA Q 186 -27.79 -63.12 35.51
C ALA Q 186 -26.84 -61.94 35.29
N GLU Q 187 -26.12 -61.96 34.17
CA GLU Q 187 -25.19 -60.87 33.84
C GLU Q 187 -25.92 -59.54 33.66
N LEU Q 188 -27.04 -59.54 32.93
CA LEU Q 188 -27.78 -58.31 32.67
C LEU Q 188 -28.47 -57.78 33.92
N ILE Q 189 -29.05 -58.68 34.74
CA ILE Q 189 -29.69 -58.27 35.99
C ILE Q 189 -28.68 -57.60 36.91
N ASN Q 190 -27.57 -58.30 37.15
CA ASN Q 190 -26.52 -57.80 38.03
C ASN Q 190 -25.88 -56.54 37.46
N GLY Q 191 -25.81 -56.42 36.14
CA GLY Q 191 -25.28 -55.22 35.53
C GLY Q 191 -26.16 -54.00 35.71
N ARG Q 192 -27.48 -54.17 35.54
CA ARG Q 192 -28.43 -53.09 35.86
C ARG Q 192 -28.33 -52.70 37.33
N LEU Q 193 -28.25 -53.69 38.21
CA LEU Q 193 -28.15 -53.44 39.65
C LEU Q 193 -26.87 -52.70 39.99
N ALA Q 194 -25.76 -53.04 39.33
CA ALA Q 194 -24.50 -52.37 39.61
C ALA Q 194 -24.48 -50.93 39.11
N MET Q 195 -25.06 -50.69 37.92
CA MET Q 195 -25.15 -49.32 37.40
C MET Q 195 -26.02 -48.45 38.30
N LEU Q 196 -27.16 -48.99 38.73
CA LEU Q 196 -28.01 -48.31 39.71
C LEU Q 196 -27.26 -48.07 41.01
N GLY Q 197 -26.45 -49.04 41.44
CA GLY Q 197 -25.66 -48.89 42.65
C GLY Q 197 -24.60 -47.81 42.54
N VAL Q 198 -23.95 -47.71 41.37
CA VAL Q 198 -22.99 -46.64 41.11
C VAL Q 198 -23.63 -45.29 41.31
N ILE Q 199 -24.77 -45.05 40.64
CA ILE Q 199 -25.53 -43.81 40.77
C ILE Q 199 -25.90 -43.56 42.22
N SER Q 200 -26.52 -44.57 42.87
CA SER Q 200 -26.93 -44.50 44.28
C SER Q 200 -25.80 -44.09 45.20
N ILE Q 201 -24.63 -44.72 45.05
CA ILE Q 201 -23.46 -44.40 45.88
C ILE Q 201 -23.00 -42.97 45.64
N VAL Q 202 -22.92 -42.55 44.36
CA VAL Q 202 -22.57 -41.17 44.00
C VAL Q 202 -23.51 -40.17 44.68
N THR Q 203 -24.82 -40.35 44.50
CA THR Q 203 -25.79 -39.41 45.07
C THR Q 203 -25.74 -39.42 46.59
N ALA Q 204 -25.63 -40.62 47.20
CA ALA Q 204 -25.54 -40.73 48.66
C ALA Q 204 -24.33 -39.97 49.18
N SER Q 205 -23.17 -40.14 48.54
CA SER Q 205 -21.97 -39.45 48.98
C SER Q 205 -22.06 -37.95 48.79
N LEU Q 206 -22.63 -37.50 47.66
CA LEU Q 206 -22.76 -36.08 47.39
C LEU Q 206 -23.67 -35.40 48.40
N PHE Q 207 -24.80 -36.03 48.71
CA PHE Q 207 -25.79 -35.38 49.58
C PHE Q 207 -25.35 -35.45 51.03
N THR Q 208 -24.85 -36.61 51.48
CA THR Q 208 -24.40 -36.74 52.85
C THR Q 208 -23.15 -35.89 53.12
N GLY Q 209 -22.40 -35.54 52.08
CA GLY Q 209 -21.18 -34.77 52.24
C GLY Q 209 -19.94 -35.59 52.49
N THR Q 210 -20.09 -36.90 52.73
CA THR Q 210 -18.99 -37.80 53.03
C THR Q 210 -18.24 -38.18 51.77
N SER Q 211 -17.10 -38.82 51.97
CA SER Q 211 -16.33 -39.35 50.86
C SER Q 211 -17.02 -40.61 50.35
N VAL Q 212 -16.76 -40.94 49.09
CA VAL Q 212 -17.31 -42.15 48.49
C VAL Q 212 -16.76 -43.38 49.21
N VAL Q 213 -15.49 -43.34 49.58
CA VAL Q 213 -14.83 -44.43 50.29
C VAL Q 213 -15.49 -44.65 51.66
N ASP Q 214 -15.76 -43.55 52.38
CA ASP Q 214 -16.49 -43.65 53.65
C ASP Q 214 -17.93 -44.10 53.44
N THR Q 215 -18.60 -43.58 52.40
CA THR Q 215 -20.00 -43.92 52.13
C THR Q 215 -20.15 -45.41 51.86
N ILE Q 216 -19.21 -45.98 51.11
CA ILE Q 216 -19.22 -47.41 50.82
C ILE Q 216 -19.01 -48.22 52.09
N ASN Q 217 -18.09 -47.76 52.96
CA ASN Q 217 -17.84 -48.46 54.22
C ASN Q 217 -19.08 -48.47 55.10
N LEU Q 218 -19.76 -47.33 55.23
CA LEU Q 218 -20.95 -47.23 56.07
C LEU Q 218 -22.11 -48.07 55.53
N GLY Q 219 -22.30 -48.09 54.21
CA GLY Q 219 -23.36 -48.90 53.62
C GLY Q 219 -23.18 -50.38 53.88
N MET Q 220 -21.94 -50.83 53.89
CA MET Q 220 -21.58 -52.22 54.15
C MET Q 220 -21.43 -52.49 55.64
N GLY Q 221 -21.75 -51.54 56.50
CA GLY Q 221 -21.68 -51.77 57.93
C GLY Q 221 -20.30 -51.68 58.53
N LYS Q 222 -19.41 -50.89 57.92
CA LYS Q 222 -18.00 -50.72 58.35
C LYS Q 222 -17.26 -52.04 58.46
N ILE Q 223 -17.54 -52.96 57.54
CA ILE Q 223 -16.81 -54.23 57.48
C ILE Q 223 -15.38 -54.01 57.00
N LEU Q 224 -15.21 -53.15 56.00
CA LEU Q 224 -13.90 -52.98 55.38
C LEU Q 224 -12.91 -52.29 56.31
N TYR Q 225 -13.34 -51.23 56.98
CA TYR Q 225 -12.51 -50.56 57.97
C TYR Q 225 -13.40 -49.80 58.95
N ALA R 37 7.18 69.89 -60.43
CA ALA R 37 6.81 70.61 -59.23
C ALA R 37 7.84 70.42 -58.13
N MET R 38 8.63 71.47 -57.89
CA MET R 38 9.61 71.52 -56.81
C MET R 38 9.27 72.71 -55.92
N SER R 39 9.77 72.64 -54.69
CA SER R 39 9.43 73.63 -53.67
C SER R 39 9.98 75.00 -54.02
N GLU R 40 9.15 76.04 -53.82
CA GLU R 40 9.63 77.40 -54.03
C GLU R 40 10.64 77.82 -52.97
N SER R 41 10.43 77.38 -51.73
CA SER R 41 11.34 77.77 -50.67
C SER R 41 12.58 76.90 -50.61
N VAL R 42 12.47 75.61 -50.90
CA VAL R 42 13.65 74.74 -50.86
C VAL R 42 13.81 74.08 -52.22
N PRO R 43 14.59 74.69 -53.14
CA PRO R 43 14.54 74.29 -54.56
C PRO R 43 14.96 72.86 -54.86
N PHE R 44 15.87 72.29 -54.06
CA PHE R 44 16.27 70.91 -54.29
C PHE R 44 15.25 69.91 -53.78
N LEU R 45 14.24 70.35 -53.05
CA LEU R 45 13.21 69.49 -52.50
C LEU R 45 11.94 69.62 -53.33
N LYS R 46 11.11 68.58 -53.26
CA LYS R 46 9.86 68.54 -54.00
C LYS R 46 8.80 69.41 -53.34
N LYS R 47 7.77 69.75 -54.12
CA LYS R 47 6.58 70.37 -53.58
C LYS R 47 5.93 69.43 -52.57
N PRO R 48 5.46 69.93 -51.42
CA PRO R 48 5.03 69.06 -50.32
C PRO R 48 3.67 68.39 -50.47
N GLU R 49 3.05 68.38 -51.66
CA GLU R 49 1.91 67.51 -52.08
C GLU R 49 0.68 67.54 -51.17
N ALA R 50 0.65 68.45 -50.21
CA ALA R 50 -0.50 68.71 -49.37
C ALA R 50 -0.70 70.21 -49.16
N LEU R 51 0.19 71.03 -49.68
CA LEU R 51 0.14 72.48 -49.52
C LEU R 51 -0.14 73.11 -50.87
N ASP R 52 -1.03 74.08 -50.89
CA ASP R 52 -1.41 74.76 -52.12
C ASP R 52 -1.55 76.26 -51.86
N SER R 53 -1.31 77.06 -52.90
CA SER R 53 -1.21 78.52 -52.76
C SER R 53 -2.52 79.17 -52.32
N SER R 54 -3.65 78.47 -52.43
CA SER R 54 -4.90 78.89 -51.81
C SER R 54 -4.82 79.03 -50.28
N MET R 55 -3.75 78.54 -49.66
CA MET R 55 -3.48 78.73 -48.24
C MET R 55 -2.81 80.08 -48.02
N ALA R 56 -2.92 80.58 -46.80
CA ALA R 56 -2.38 81.87 -46.45
C ALA R 56 -0.99 81.71 -45.87
N GLY R 57 -0.03 82.46 -46.40
CA GLY R 57 1.34 82.31 -45.96
C GLY R 57 2.07 81.15 -46.58
N TYR R 58 1.58 80.63 -47.70
CA TYR R 58 2.23 79.51 -48.36
C TYR R 58 3.54 79.97 -49.00
N ALA R 59 4.60 79.21 -48.75
CA ALA R 59 5.84 79.36 -49.48
C ALA R 59 6.38 78.01 -49.94
N GLY R 60 5.59 76.95 -49.84
CA GLY R 60 6.08 75.62 -50.14
C GLY R 60 7.03 75.07 -49.11
N PHE R 61 7.01 75.61 -47.90
CA PHE R 61 7.94 75.20 -46.86
C PHE R 61 7.31 74.12 -45.99
N ASP R 62 7.50 72.87 -46.40
CA ASP R 62 7.24 71.72 -45.52
C ASP R 62 8.29 70.64 -45.80
N PRO R 63 9.57 70.93 -45.54
CA PRO R 63 10.62 69.95 -45.89
C PRO R 63 10.52 68.62 -45.16
N LEU R 64 10.03 68.62 -43.92
CA LEU R 64 9.92 67.42 -43.12
C LEU R 64 8.64 66.64 -43.40
N GLY R 65 7.79 67.12 -44.29
CA GLY R 65 6.60 66.38 -44.67
C GLY R 65 5.53 66.28 -43.62
N LEU R 66 5.48 67.23 -42.68
CA LEU R 66 4.49 67.19 -41.61
C LEU R 66 3.07 67.41 -42.12
N SER R 67 2.91 68.17 -43.22
CA SER R 67 1.60 68.36 -43.81
C SER R 67 1.03 67.05 -44.38
N SER R 68 1.90 66.08 -44.68
CA SER R 68 1.46 64.74 -45.04
C SER R 68 1.17 63.90 -43.80
N ILE R 69 1.77 64.23 -42.66
CA ILE R 69 1.61 63.40 -41.46
C ILE R 69 0.31 63.77 -40.75
N ALA R 70 0.22 65.01 -40.30
CA ALA R 70 -0.96 65.53 -39.64
C ALA R 70 -1.95 66.02 -40.68
N ASP R 71 -3.22 66.12 -40.27
CA ASP R 71 -4.22 66.72 -41.14
C ASP R 71 -3.89 68.20 -41.30
N ILE R 72 -3.98 68.69 -42.54
CA ILE R 72 -3.48 70.01 -42.85
C ILE R 72 -4.33 71.11 -42.20
N LYS R 73 -5.64 70.88 -42.08
CA LYS R 73 -6.52 71.88 -41.47
C LYS R 73 -6.17 72.07 -39.99
N PHE R 74 -5.83 70.99 -39.30
CA PHE R 74 -5.37 71.06 -37.92
C PHE R 74 -4.09 71.85 -37.82
N LEU R 75 -3.16 71.61 -38.73
CA LEU R 75 -1.89 72.32 -38.75
C LEU R 75 -2.10 73.81 -39.01
N GLN R 76 -3.01 74.13 -39.92
CA GLN R 76 -3.29 75.53 -40.23
C GLN R 76 -3.90 76.24 -39.04
N GLU R 77 -4.87 75.60 -38.36
CA GLU R 77 -5.50 76.18 -37.18
C GLU R 77 -4.49 76.36 -36.06
N SER R 78 -3.59 75.40 -35.91
CA SER R 78 -2.53 75.49 -34.91
C SER R 78 -1.55 76.61 -35.21
N GLU R 79 -1.18 76.81 -36.48
CA GLU R 79 -0.21 77.85 -36.80
C GLU R 79 -0.77 79.22 -36.47
N ILE R 80 -2.01 79.48 -36.88
CA ILE R 80 -2.68 80.75 -36.58
C ILE R 80 -2.87 80.93 -35.08
N LYS R 81 -3.22 79.87 -34.36
CA LYS R 81 -3.35 79.97 -32.90
C LYS R 81 -2.01 80.32 -32.26
N HIS R 82 -0.97 79.52 -32.53
CA HIS R 82 0.41 79.83 -32.11
C HIS R 82 0.81 81.25 -32.53
N CYS R 83 0.40 81.67 -33.74
CA CYS R 83 0.72 83.00 -34.27
C CYS R 83 0.13 84.11 -33.42
N ARG R 84 -1.18 84.04 -33.15
CA ARG R 84 -1.88 85.08 -32.41
C ARG R 84 -1.44 85.13 -30.95
N ILE R 85 -1.25 83.99 -30.31
CA ILE R 85 -0.79 83.97 -28.91
C ILE R 85 0.61 84.55 -28.82
N ALA R 86 1.48 84.21 -29.76
CA ALA R 86 2.83 84.74 -29.75
C ALA R 86 2.87 86.22 -30.09
N MET R 87 1.95 86.68 -30.95
CA MET R 87 1.84 88.11 -31.21
C MET R 87 1.48 88.88 -29.96
N LEU R 88 0.49 88.39 -29.21
CA LEU R 88 0.16 88.98 -27.92
C LEU R 88 1.33 88.87 -26.94
N ALA R 89 2.04 87.74 -26.96
CA ALA R 89 3.15 87.52 -26.02
C ALA R 89 4.32 88.47 -26.29
N ALA R 90 4.69 88.64 -27.56
CA ALA R 90 5.79 89.55 -27.90
C ALA R 90 5.42 91.00 -27.60
N ALA R 91 4.21 91.40 -27.98
CA ALA R 91 3.73 92.77 -27.68
C ALA R 91 3.60 92.99 -26.19
N GLY R 92 3.19 91.95 -25.47
CA GLY R 92 3.08 92.06 -24.03
C GLY R 92 4.43 92.19 -23.34
N SER R 93 5.42 91.43 -23.82
CA SER R 93 6.80 91.58 -23.34
C SER R 93 7.30 93.01 -23.51
N ILE R 94 7.14 93.56 -24.73
CA ILE R 94 7.55 94.93 -25.03
C ILE R 94 6.84 95.93 -24.13
N ALA R 95 5.51 95.82 -24.03
CA ALA R 95 4.72 96.80 -23.29
C ALA R 95 4.96 96.72 -21.79
N GLN R 96 4.99 95.49 -21.24
CA GLN R 96 5.34 95.29 -19.83
C GLN R 96 6.69 95.88 -19.48
N ASP R 97 7.63 95.83 -20.42
CA ASP R 97 8.89 96.52 -20.23
C ASP R 97 8.72 98.04 -20.29
N ILE R 98 7.79 98.53 -21.11
CA ILE R 98 7.59 99.98 -21.22
C ILE R 98 6.89 100.51 -19.98
N PHE R 99 5.67 100.05 -19.73
CA PHE R 99 4.92 100.50 -18.56
C PHE R 99 4.28 99.28 -17.90
N THR R 100 3.65 99.54 -16.77
CA THR R 100 3.06 98.50 -15.94
C THR R 100 1.83 99.11 -15.28
N PHE R 101 0.76 98.31 -15.16
CA PHE R 101 -0.53 98.82 -14.71
C PHE R 101 -0.46 99.26 -13.25
N PRO R 102 -1.34 100.18 -12.82
CA PRO R 102 -1.25 100.69 -11.44
C PRO R 102 -1.39 99.61 -10.37
N GLY R 103 -0.56 99.73 -9.34
CA GLY R 103 -0.55 98.79 -8.24
C GLY R 103 0.25 97.54 -8.47
N VAL R 104 0.63 97.23 -9.71
CA VAL R 104 1.28 95.96 -10.02
C VAL R 104 2.68 95.92 -9.44
N SER R 105 3.39 97.06 -9.44
CA SER R 105 4.75 97.14 -8.91
C SER R 105 4.84 96.75 -7.44
N LYS R 106 3.73 96.84 -6.71
CA LYS R 106 3.68 96.36 -5.33
C LYS R 106 3.85 94.85 -5.29
N VAL R 107 2.97 94.13 -5.99
CA VAL R 107 3.02 92.67 -5.99
C VAL R 107 4.20 92.16 -6.81
N VAL R 108 4.42 92.74 -7.98
CA VAL R 108 5.48 92.30 -8.89
C VAL R 108 6.63 93.30 -8.68
N GLY R 109 7.75 92.86 -8.12
CA GLY R 109 8.80 93.82 -7.84
C GLY R 109 9.92 93.82 -8.86
N THR R 110 11.04 93.18 -8.51
CA THR R 110 12.13 93.01 -9.45
C THR R 110 11.76 92.01 -10.54
N ALA R 111 10.70 91.23 -10.32
CA ALA R 111 10.25 90.22 -11.25
C ALA R 111 9.80 90.87 -12.55
N LYS R 112 10.16 90.21 -13.66
CA LYS R 112 9.81 90.64 -15.00
C LYS R 112 9.72 89.40 -15.86
N MET R 113 9.08 89.57 -17.03
CA MET R 113 8.93 88.46 -18.01
C MET R 113 8.38 87.21 -17.35
N THR R 114 9.05 86.09 -17.54
CA THR R 114 8.58 84.83 -16.96
C THR R 114 8.62 84.87 -15.42
N GLY R 115 9.43 85.77 -14.85
CA GLY R 115 9.57 85.85 -13.40
C GLY R 115 8.27 86.19 -12.70
N VAL R 116 7.45 87.07 -13.28
CA VAL R 116 6.18 87.46 -12.67
C VAL R 116 5.18 86.32 -12.61
N HIS R 117 5.39 85.24 -13.39
CA HIS R 117 4.41 84.16 -13.48
C HIS R 117 4.18 83.47 -12.13
N ASP R 118 5.24 83.16 -11.39
CA ASP R 118 5.05 82.43 -10.15
C ASP R 118 4.45 83.30 -9.04
N VAL R 119 4.81 84.59 -9.02
CA VAL R 119 4.24 85.50 -8.03
C VAL R 119 2.75 85.73 -8.31
N LEU R 120 2.35 85.82 -9.58
CA LEU R 120 0.96 86.05 -9.93
C LEU R 120 0.14 84.77 -9.99
N VAL R 121 0.78 83.59 -9.94
CA VAL R 121 0.06 82.35 -9.69
C VAL R 121 -0.37 82.26 -8.22
N LYS R 122 0.47 82.75 -7.31
CA LYS R 122 0.07 82.87 -5.90
C LYS R 122 -1.18 83.73 -5.77
N GLN R 123 -1.16 84.92 -6.34
CA GLN R 123 -2.36 85.71 -6.56
C GLN R 123 -3.26 85.00 -7.62
N GLY R 124 -4.47 85.45 -7.81
CA GLY R 124 -5.32 84.80 -8.79
C GLY R 124 -5.24 85.38 -10.18
N ALA R 125 -4.21 86.16 -10.51
CA ALA R 125 -4.12 86.78 -11.83
C ALA R 125 -3.96 85.73 -12.93
N MET R 126 -2.95 84.86 -12.80
CA MET R 126 -2.74 83.83 -13.81
C MET R 126 -3.86 82.79 -13.78
N GLY R 127 -4.42 82.53 -12.60
CA GLY R 127 -5.58 81.66 -12.49
C GLY R 127 -6.78 82.20 -13.23
N GLN R 128 -7.01 83.51 -13.13
CA GLN R 128 -8.13 84.12 -13.82
C GLN R 128 -7.91 84.16 -15.33
N ILE R 129 -6.69 84.50 -15.77
CA ILE R 129 -6.36 84.45 -17.20
C ILE R 129 -6.53 83.04 -17.74
N LEU R 130 -6.05 82.03 -16.99
CA LEU R 130 -6.18 80.64 -17.43
C LEU R 130 -7.63 80.21 -17.49
N LEU R 131 -8.43 80.60 -16.50
CA LEU R 131 -9.85 80.28 -16.47
C LEU R 131 -10.58 80.80 -17.71
N TRP R 132 -10.38 82.07 -18.05
CA TRP R 132 -11.13 82.66 -19.14
C TRP R 132 -10.62 82.22 -20.50
N THR R 133 -9.31 82.03 -20.66
CA THR R 133 -8.82 81.51 -21.94
C THR R 133 -9.21 80.05 -22.13
N SER R 134 -9.24 79.27 -21.05
CA SER R 134 -9.75 77.90 -21.13
C SER R 134 -11.23 77.87 -21.48
N PHE R 135 -12.01 78.80 -20.93
CA PHE R 135 -13.41 78.91 -21.28
C PHE R 135 -13.60 79.18 -22.75
N LEU R 136 -12.81 80.10 -23.31
CA LEU R 136 -12.81 80.35 -24.74
C LEU R 136 -12.30 79.16 -25.53
N GLU R 137 -11.39 78.38 -24.93
CA GLU R 137 -10.83 77.25 -25.65
C GLU R 137 -11.74 76.03 -25.72
N VAL R 138 -12.76 75.94 -24.86
CA VAL R 138 -13.81 74.94 -25.06
C VAL R 138 -14.53 75.22 -26.38
N PHE R 139 -14.88 76.48 -26.61
CA PHE R 139 -15.48 76.87 -27.87
C PHE R 139 -14.48 76.83 -29.02
N GLY R 140 -13.21 77.08 -28.73
CA GLY R 140 -12.17 76.85 -29.72
C GLY R 140 -12.06 75.39 -30.11
N THR R 141 -12.26 74.49 -29.15
CA THR R 141 -12.26 73.05 -29.43
C THR R 141 -13.42 72.66 -30.34
N ILE R 142 -14.62 73.17 -30.04
CA ILE R 142 -15.79 72.93 -30.89
C ILE R 142 -15.54 73.46 -32.29
N ALA R 143 -14.93 74.64 -32.39
CA ALA R 143 -14.60 75.23 -33.69
C ALA R 143 -13.60 74.40 -34.48
N LEU R 144 -12.56 73.90 -33.81
CA LEU R 144 -11.56 73.07 -34.49
C LEU R 144 -12.17 71.78 -34.99
N LEU R 145 -13.08 71.20 -34.21
CA LEU R 145 -13.71 69.95 -34.62
C LEU R 145 -14.66 70.17 -35.80
N GLU R 146 -15.32 71.34 -35.86
CA GLU R 146 -16.07 71.71 -37.05
C GLU R 146 -15.14 71.95 -38.24
N THR R 147 -13.96 72.54 -37.99
CA THR R 147 -12.96 72.73 -39.05
C THR R 147 -12.53 71.40 -39.66
N LEU R 148 -12.25 70.41 -38.81
CA LEU R 148 -11.90 69.07 -39.27
C LEU R 148 -13.07 68.41 -39.99
N ASP R 149 -14.31 68.74 -39.62
CA ASP R 149 -15.47 68.34 -40.42
C ASP R 149 -15.47 69.00 -41.79
N GLY R 150 -14.85 70.16 -41.92
CA GLY R 150 -14.83 70.88 -43.17
C GLY R 150 -15.88 71.95 -43.32
N LYS R 151 -16.36 72.52 -42.22
CA LYS R 151 -17.38 73.57 -42.28
C LYS R 151 -16.84 74.92 -41.85
N ARG R 152 -15.53 75.06 -41.72
CA ARG R 152 -14.97 76.29 -41.20
C ARG R 152 -13.53 76.39 -41.66
N ALA R 153 -13.14 77.58 -42.12
CA ALA R 153 -11.75 77.82 -42.43
C ALA R 153 -10.93 77.82 -41.13
N PRO R 154 -9.68 77.35 -41.18
CA PRO R 154 -8.84 77.37 -39.98
C PRO R 154 -8.57 78.79 -39.50
N GLY R 155 -8.73 78.98 -38.19
CA GLY R 155 -8.53 80.28 -37.59
C GLY R 155 -9.65 81.28 -37.81
N ASP R 156 -10.73 80.88 -38.47
CA ASP R 156 -11.83 81.80 -38.78
C ASP R 156 -12.85 81.74 -37.66
N PHE R 157 -12.73 82.67 -36.71
CA PHE R 157 -13.72 82.83 -35.67
C PHE R 157 -14.71 83.94 -35.99
N LYS R 158 -14.69 84.45 -37.23
CA LYS R 158 -15.61 85.47 -37.75
C LYS R 158 -15.51 86.80 -37.02
N PHE R 159 -14.39 87.04 -36.34
CA PHE R 159 -14.25 88.20 -35.46
C PHE R 159 -13.70 89.36 -36.29
N ASP R 160 -14.59 90.25 -36.70
CA ASP R 160 -14.21 91.49 -37.35
C ASP R 160 -15.14 92.61 -36.90
N PRO R 161 -15.04 93.03 -35.59
CA PRO R 161 -15.95 94.06 -35.08
C PRO R 161 -15.79 95.40 -35.79
N LEU R 162 -14.58 95.97 -35.76
CA LEU R 162 -14.26 97.05 -36.66
C LEU R 162 -14.08 96.46 -38.05
N GLY R 163 -14.34 97.27 -39.07
CA GLY R 163 -14.33 96.75 -40.42
C GLY R 163 -13.01 96.90 -41.14
N PHE R 164 -12.37 95.79 -41.41
CA PHE R 164 -11.12 95.79 -42.16
C PHE R 164 -11.16 94.88 -43.38
N SER R 165 -11.79 93.72 -43.27
CA SER R 165 -11.83 92.71 -44.33
C SER R 165 -13.12 92.77 -45.14
N LYS R 166 -13.62 93.99 -45.38
CA LYS R 166 -14.75 94.15 -46.29
C LYS R 166 -14.36 93.74 -47.71
N ASN R 167 -13.27 94.29 -48.23
CA ASN R 167 -12.79 93.99 -49.56
C ASN R 167 -12.07 92.65 -49.59
N ALA R 168 -12.16 91.95 -50.73
CA ALA R 168 -11.54 90.63 -50.87
C ALA R 168 -10.02 90.73 -50.97
N GLU R 169 -9.50 91.65 -51.79
CA GLU R 169 -8.05 91.84 -51.91
C GLU R 169 -7.44 92.27 -50.58
N THR R 170 -8.11 93.18 -49.87
CA THR R 170 -7.67 93.57 -48.53
C THR R 170 -7.73 92.38 -47.57
N ALA R 171 -8.78 91.55 -47.69
CA ALA R 171 -8.92 90.37 -46.83
C ALA R 171 -7.77 89.40 -47.01
N LYS R 172 -7.38 89.14 -48.26
CA LYS R 172 -6.30 88.20 -48.53
C LYS R 172 -4.96 88.78 -48.07
N ARG R 173 -4.76 90.07 -48.28
CA ARG R 173 -3.51 90.73 -47.91
C ARG R 173 -3.36 90.71 -46.38
N TYR R 174 -4.45 91.01 -45.66
CA TYR R 174 -4.40 90.95 -44.19
C TYR R 174 -4.21 89.53 -43.69
N GLN R 175 -4.75 88.52 -44.40
CA GLN R 175 -4.49 87.13 -44.04
C GLN R 175 -3.00 86.82 -44.12
N LEU R 176 -2.35 87.26 -45.20
CA LEU R 176 -0.92 87.05 -45.34
C LEU R 176 -0.14 87.85 -44.31
N SER R 177 -0.57 89.09 -44.05
CA SER R 177 0.08 89.92 -43.03
C SER R 177 -0.03 89.32 -41.65
N GLU R 178 -1.20 88.78 -41.31
CA GLU R 178 -1.39 88.12 -40.01
C GLU R 178 -0.51 86.91 -39.85
N ILE R 179 -0.44 86.07 -40.88
CA ILE R 179 0.38 84.86 -40.84
C ILE R 179 1.86 85.22 -40.74
N LYS R 180 2.31 86.18 -41.56
CA LYS R 180 3.72 86.58 -41.55
C LYS R 180 4.12 87.23 -40.23
N ASN R 181 3.31 88.16 -39.72
CA ASN R 181 3.61 88.81 -38.45
C ASN R 181 3.53 87.82 -37.29
N GLY R 182 2.59 86.88 -37.34
CA GLY R 182 2.50 85.88 -36.31
C GLY R 182 3.69 84.95 -36.29
N ARG R 183 4.18 84.59 -37.47
CA ARG R 183 5.41 83.81 -37.60
C ARG R 183 6.60 84.56 -37.01
N LEU R 184 6.74 85.84 -37.37
CA LEU R 184 7.79 86.69 -36.82
C LEU R 184 7.69 86.83 -35.31
N ALA R 185 6.46 86.92 -34.80
CA ALA R 185 6.28 87.09 -33.37
C ALA R 185 6.54 85.80 -32.61
N MET R 186 6.39 84.64 -33.26
CA MET R 186 6.75 83.38 -32.64
C MET R 186 8.23 83.33 -32.36
N LEU R 187 9.03 83.66 -33.38
CA LEU R 187 10.48 83.74 -33.22
C LEU R 187 10.87 84.83 -32.25
N ALA R 188 10.20 85.98 -32.31
CA ALA R 188 10.42 87.10 -31.40
C ALA R 188 10.26 86.68 -29.94
N THR R 189 9.10 86.10 -29.61
CA THR R 189 8.80 85.61 -28.26
C THR R 189 9.89 84.69 -27.75
N GLY R 190 10.29 83.70 -28.57
CA GLY R 190 11.41 82.81 -28.33
C GLY R 190 12.66 83.57 -27.93
N GLY R 191 13.11 84.46 -28.81
CA GLY R 191 14.26 85.31 -28.53
C GLY R 191 14.14 86.12 -27.25
N MET R 192 12.99 86.75 -27.06
CA MET R 192 12.78 87.62 -25.89
C MET R 192 12.85 86.83 -24.59
N VAL R 193 12.13 85.71 -24.50
CA VAL R 193 12.13 84.95 -23.26
C VAL R 193 13.49 84.29 -23.03
N HIS R 194 14.16 83.87 -24.09
CA HIS R 194 15.48 83.27 -23.93
C HIS R 194 16.51 84.33 -23.58
N GLY R 195 16.31 85.57 -24.04
CA GLY R 195 17.17 86.66 -23.61
C GLY R 195 17.02 86.93 -22.12
N TYR R 196 15.81 86.75 -21.59
CA TYR R 196 15.60 86.83 -20.15
C TYR R 196 16.26 85.64 -19.46
N PHE R 197 16.15 84.45 -20.05
CA PHE R 197 16.77 83.26 -19.49
C PHE R 197 18.30 83.34 -19.47
N ILE R 198 18.88 84.23 -20.28
CA ILE R 198 20.32 84.47 -20.30
C ILE R 198 20.69 85.63 -19.40
N THR R 199 20.09 86.79 -19.62
CA THR R 199 20.54 88.00 -18.96
C THR R 199 19.59 88.53 -17.89
N GLY R 200 18.32 88.14 -17.93
CA GLY R 200 17.37 88.71 -16.99
C GLY R 200 16.95 90.12 -17.29
N LYS R 201 17.22 90.63 -18.49
CA LYS R 201 17.07 92.06 -18.72
C LYS R 201 15.69 92.43 -19.21
N GLY R 202 15.08 91.65 -20.09
CA GLY R 202 13.88 92.10 -20.75
C GLY R 202 14.25 92.72 -22.07
N PRO R 203 13.30 92.72 -23.03
CA PRO R 203 13.59 93.14 -24.41
C PRO R 203 14.17 94.54 -24.58
N LEU R 204 13.42 95.53 -24.08
CA LEU R 204 13.86 96.92 -24.15
C LEU R 204 15.15 97.14 -23.37
N GLU R 205 15.26 96.54 -22.17
CA GLU R 205 16.48 96.71 -21.38
C GLU R 205 17.66 95.97 -22.01
N LEU R 206 17.42 94.90 -22.75
CA LEU R 206 18.52 94.27 -23.46
C LEU R 206 18.99 95.13 -24.64
N LEU R 207 18.08 95.89 -25.26
CA LEU R 207 18.49 96.84 -26.29
C LEU R 207 19.30 97.99 -25.69
N THR R 208 18.83 98.55 -24.57
CA THR R 208 19.52 99.67 -23.94
C THR R 208 20.91 99.28 -23.44
N ASN R 209 21.01 98.13 -22.78
CA ASN R 209 22.26 97.63 -22.22
C ASN R 209 22.68 96.37 -22.95
N PHE R 210 23.80 96.43 -23.66
CA PHE R 210 24.47 95.32 -24.36
C PHE R 210 23.65 94.87 -25.57
N ASN S 35 47.74 -72.06 -21.66
CA ASN S 35 48.15 -73.19 -22.49
C ASN S 35 48.94 -74.15 -21.62
N LEU S 36 50.24 -74.21 -21.87
CA LEU S 36 51.16 -75.09 -21.18
C LEU S 36 51.91 -74.41 -20.05
N ALA S 37 52.09 -73.08 -20.11
CA ALA S 37 52.87 -72.37 -19.10
C ALA S 37 52.08 -72.19 -17.81
N VAL S 38 50.90 -71.58 -17.93
CA VAL S 38 49.93 -71.41 -16.85
C VAL S 38 48.80 -72.41 -17.13
N PRO S 39 48.85 -73.61 -16.55
CA PRO S 39 47.92 -74.68 -16.95
C PRO S 39 46.49 -74.48 -16.50
N PHE S 40 46.25 -73.69 -15.46
CA PHE S 40 44.89 -73.44 -14.98
C PHE S 40 44.21 -72.30 -15.72
N LEU S 41 44.75 -71.89 -16.86
CA LEU S 41 44.17 -70.90 -17.74
C LEU S 41 44.00 -71.55 -19.10
N LYS S 42 43.26 -70.86 -19.97
CA LYS S 42 43.09 -71.37 -21.32
C LYS S 42 44.33 -71.14 -22.16
N ALA S 43 44.42 -71.91 -23.23
CA ALA S 43 45.38 -71.65 -24.28
C ALA S 43 45.06 -70.29 -24.91
N PRO S 44 46.06 -69.42 -25.12
CA PRO S 44 45.78 -68.10 -25.72
C PRO S 44 45.12 -68.16 -27.09
N ALA S 45 45.46 -69.16 -27.91
CA ALA S 45 44.91 -69.43 -29.24
C ALA S 45 45.15 -68.29 -30.23
N LYS S 46 46.06 -67.37 -29.89
CA LYS S 46 46.60 -66.39 -30.81
C LYS S 46 48.08 -66.61 -31.05
N LEU S 47 48.68 -67.55 -30.32
CA LEU S 47 50.08 -67.92 -30.46
C LEU S 47 50.15 -69.40 -30.77
N ASP S 48 51.28 -69.83 -31.32
CA ASP S 48 51.49 -71.24 -31.61
C ASP S 48 52.97 -71.55 -31.46
N SER S 49 53.29 -72.84 -31.48
CA SER S 49 54.69 -73.29 -31.39
C SER S 49 55.52 -72.87 -32.60
N SER S 50 54.88 -72.41 -33.68
CA SER S 50 55.58 -71.80 -34.81
C SER S 50 56.44 -70.62 -34.38
N MET S 51 55.90 -69.77 -33.48
CA MET S 51 56.60 -68.58 -33.03
C MET S 51 57.87 -68.94 -32.28
N PRO S 52 58.95 -68.12 -32.42
CA PRO S 52 60.29 -68.50 -31.91
C PRO S 52 60.35 -68.89 -30.44
N GLY S 53 59.94 -67.99 -29.56
CA GLY S 53 60.09 -68.22 -28.15
C GLY S 53 58.85 -68.72 -27.44
N TYR S 54 57.89 -69.26 -28.19
CA TYR S 54 56.58 -69.63 -27.66
C TYR S 54 56.69 -70.64 -26.52
N ALA S 55 55.94 -70.36 -25.45
CA ALA S 55 55.79 -71.28 -24.34
C ALA S 55 54.35 -71.33 -23.88
N GLY S 56 53.43 -70.70 -24.59
CA GLY S 56 52.04 -70.65 -24.17
C GLY S 56 51.76 -69.69 -23.05
N PHE S 57 52.71 -68.81 -22.72
CA PHE S 57 52.61 -67.89 -21.59
C PHE S 57 52.03 -66.55 -22.03
N ASP S 58 50.71 -66.44 -22.02
CA ASP S 58 50.04 -65.16 -22.23
C ASP S 58 48.83 -65.09 -21.29
N PRO S 59 49.09 -64.98 -19.96
CA PRO S 59 47.97 -65.02 -19.00
C PRO S 59 46.99 -63.87 -19.12
N LEU S 60 47.46 -62.64 -19.30
CA LEU S 60 46.57 -61.49 -19.39
C LEU S 60 45.91 -61.37 -20.75
N GLY S 61 46.36 -62.14 -21.73
CA GLY S 61 45.75 -62.10 -23.05
C GLY S 61 46.03 -60.83 -23.80
N CYS S 62 47.25 -60.29 -23.67
CA CYS S 62 47.64 -59.08 -24.41
C CYS S 62 47.65 -59.33 -25.91
N SER S 63 47.96 -60.56 -26.32
CA SER S 63 47.99 -60.93 -27.74
C SER S 63 46.62 -60.76 -28.39
N ASP S 64 45.54 -60.96 -27.62
CA ASP S 64 44.19 -60.73 -28.12
C ASP S 64 43.95 -59.26 -28.47
N PHE S 65 44.47 -58.33 -27.67
CA PHE S 65 44.14 -56.91 -27.84
C PHE S 65 45.09 -56.16 -28.78
N TYR S 66 46.30 -56.66 -29.00
CA TYR S 66 47.27 -56.02 -29.88
C TYR S 66 47.72 -57.00 -30.95
N ASP S 67 48.13 -56.48 -32.09
CA ASP S 67 48.69 -57.30 -33.15
C ASP S 67 49.93 -58.04 -32.65
N VAL S 68 50.01 -59.33 -32.98
CA VAL S 68 51.11 -60.15 -32.46
C VAL S 68 52.41 -59.97 -33.22
N LYS S 69 52.37 -59.50 -34.47
CA LYS S 69 53.60 -59.09 -35.14
C LYS S 69 54.24 -57.92 -34.41
N TRP S 70 53.43 -56.93 -34.02
CA TRP S 70 53.96 -55.79 -33.27
C TRP S 70 54.46 -56.22 -31.91
N LEU S 71 53.76 -57.17 -31.27
CA LEU S 71 54.15 -57.64 -29.95
C LEU S 71 55.44 -58.42 -30.00
N GLN S 72 55.57 -59.33 -30.99
CA GLN S 72 56.82 -60.05 -31.18
C GLN S 72 57.92 -59.04 -31.38
N GLU S 73 57.74 -58.13 -32.36
CA GLU S 73 58.67 -57.04 -32.70
C GLU S 73 59.18 -56.31 -31.48
N ALA S 74 58.25 -55.87 -30.63
CA ALA S 74 58.58 -55.14 -29.42
C ALA S 74 59.37 -56.02 -28.45
N GLU S 75 59.00 -57.29 -28.33
CA GLU S 75 59.71 -58.20 -27.44
C GLU S 75 61.16 -58.43 -27.90
N ILE S 76 61.38 -58.66 -29.20
CA ILE S 76 62.74 -58.83 -29.72
C ILE S 76 63.56 -57.56 -29.49
N LYS S 77 62.99 -56.39 -29.82
CA LYS S 77 63.70 -55.13 -29.70
C LYS S 77 64.09 -54.82 -28.25
N ASN S 78 63.10 -54.81 -27.34
CA ASN S 78 63.33 -54.63 -25.89
C ASN S 78 64.42 -55.58 -25.39
N GLY S 79 64.32 -56.86 -25.81
CA GLY S 79 65.33 -57.85 -25.48
C GLY S 79 66.74 -57.46 -25.93
N ARG S 80 66.90 -57.11 -27.21
CA ARG S 80 68.22 -56.75 -27.75
C ARG S 80 68.80 -55.52 -27.06
N VAL S 81 67.98 -54.50 -26.83
CA VAL S 81 68.44 -53.28 -26.16
C VAL S 81 68.90 -53.60 -24.74
N ALA S 82 68.12 -54.42 -24.03
CA ALA S 82 68.47 -54.81 -22.67
C ALA S 82 69.68 -55.73 -22.64
N MET S 83 69.89 -56.53 -23.70
CA MET S 83 71.10 -57.35 -23.79
C MET S 83 72.34 -56.46 -23.87
N LEU S 84 72.27 -55.43 -24.71
CA LEU S 84 73.34 -54.44 -24.79
C LEU S 84 73.47 -53.69 -23.47
N GLY S 85 72.34 -53.49 -22.78
CA GLY S 85 72.35 -52.75 -21.52
C GLY S 85 72.98 -53.50 -20.37
N VAL S 86 72.85 -54.84 -20.35
CA VAL S 86 73.52 -55.64 -19.33
C VAL S 86 75.03 -55.47 -19.42
N VAL S 87 75.58 -55.57 -20.63
CA VAL S 87 76.99 -55.27 -20.85
C VAL S 87 77.29 -53.80 -20.60
N GLY S 88 76.34 -52.92 -20.92
CA GLY S 88 76.51 -51.49 -20.67
C GLY S 88 76.61 -51.14 -19.20
N LEU S 89 76.02 -51.95 -18.33
CA LEU S 89 76.19 -51.81 -16.89
C LEU S 89 77.41 -52.57 -16.37
N LEU S 90 77.81 -53.65 -17.04
CA LEU S 90 78.91 -54.47 -16.55
C LEU S 90 80.28 -53.89 -16.92
N VAL S 91 80.51 -53.72 -18.23
CA VAL S 91 81.86 -53.37 -18.71
C VAL S 91 82.38 -52.02 -18.20
N PRO S 92 81.61 -50.91 -18.18
CA PRO S 92 82.17 -49.64 -17.66
C PRO S 92 82.65 -49.65 -16.21
N GLU S 93 82.28 -50.65 -15.42
CA GLU S 93 82.90 -50.82 -14.10
C GLU S 93 84.40 -51.09 -14.24
N PHE S 94 84.76 -52.04 -15.10
CA PHE S 94 86.17 -52.41 -15.26
C PHE S 94 86.93 -51.33 -16.02
N PHE S 95 86.30 -50.74 -17.03
CA PHE S 95 87.00 -49.86 -17.97
C PHE S 95 86.01 -48.80 -18.42
N HIS S 96 86.32 -47.54 -18.16
CA HIS S 96 85.53 -46.42 -18.65
C HIS S 96 86.38 -45.64 -19.64
N LEU S 97 85.72 -45.13 -20.69
CA LEU S 97 86.41 -44.47 -21.80
C LEU S 97 87.17 -43.24 -21.29
N PRO S 98 88.35 -42.95 -21.85
CA PRO S 98 89.18 -41.85 -21.31
C PRO S 98 88.55 -40.48 -21.44
N MET S 99 87.61 -40.30 -22.38
CA MET S 99 86.98 -39.00 -22.59
C MET S 99 86.19 -38.55 -21.37
N TYR S 100 85.50 -39.48 -20.72
CA TYR S 100 84.49 -39.15 -19.74
C TYR S 100 85.08 -39.23 -18.34
N THR S 101 84.22 -39.07 -17.34
CA THR S 101 84.48 -39.51 -15.99
C THR S 101 83.36 -40.45 -15.59
N ALA S 102 83.71 -41.51 -14.87
CA ALA S 102 82.83 -42.66 -14.74
C ALA S 102 81.74 -42.49 -13.70
N GLY S 103 81.72 -41.39 -12.94
CA GLY S 103 80.78 -41.29 -11.84
C GLY S 103 81.10 -42.32 -10.77
N ALA S 104 80.05 -42.82 -10.11
CA ALA S 104 80.21 -43.80 -9.05
C ALA S 104 79.90 -45.22 -9.50
N THR S 105 78.80 -45.41 -10.23
CA THR S 105 78.36 -46.68 -10.78
C THR S 105 78.11 -46.48 -12.26
N PRO S 106 78.19 -47.56 -13.07
CA PRO S 106 77.83 -47.45 -14.50
C PRO S 106 76.41 -46.96 -14.74
N TYR S 107 75.48 -47.25 -13.83
CA TYR S 107 74.18 -46.59 -13.88
C TYR S 107 74.32 -45.08 -13.75
N GLU S 108 74.98 -44.60 -12.68
CA GLU S 108 75.03 -43.17 -12.36
C GLU S 108 75.84 -42.36 -13.38
N SER S 109 76.59 -43.04 -14.25
CA SER S 109 77.43 -42.40 -15.25
C SER S 109 76.67 -41.50 -16.22
N TYR S 110 75.35 -41.67 -16.38
CA TYR S 110 74.63 -40.78 -17.29
C TYR S 110 74.51 -39.37 -16.72
N THR S 111 74.66 -39.20 -15.41
CA THR S 111 74.60 -37.88 -14.78
C THR S 111 75.95 -37.18 -14.75
N THR S 112 77.00 -37.81 -15.26
CA THR S 112 78.33 -37.24 -15.24
C THR S 112 78.99 -37.13 -16.62
N VAL S 113 78.54 -37.91 -17.60
CA VAL S 113 78.94 -37.74 -18.99
C VAL S 113 78.22 -36.51 -19.51
N PRO S 114 78.69 -35.81 -20.57
CA PRO S 114 77.91 -34.68 -21.09
C PRO S 114 76.55 -35.15 -21.57
N ALA S 115 75.51 -34.44 -21.18
CA ALA S 115 74.17 -34.86 -21.55
C ALA S 115 73.93 -34.75 -23.04
N PHE S 116 74.67 -33.87 -23.74
CA PHE S 116 74.58 -33.80 -25.19
C PHE S 116 75.10 -35.08 -25.85
N ALA S 117 76.02 -35.79 -25.19
CA ALA S 117 76.45 -37.10 -25.68
C ALA S 117 75.28 -38.09 -25.71
N LEU S 118 74.47 -38.10 -24.65
CA LEU S 118 73.29 -38.94 -24.62
C LEU S 118 72.22 -38.45 -25.58
N ILE S 119 72.14 -37.13 -25.79
CA ILE S 119 71.25 -36.57 -26.80
C ILE S 119 71.63 -37.09 -28.19
N GLN S 120 72.93 -37.13 -28.50
CA GLN S 120 73.35 -37.65 -29.80
C GLN S 120 73.10 -39.15 -29.92
N ILE S 121 73.25 -39.90 -28.82
CA ILE S 121 72.86 -41.30 -28.80
C ILE S 121 71.38 -41.45 -29.14
N PHE S 122 70.54 -40.60 -28.52
CA PHE S 122 69.10 -40.65 -28.74
C PHE S 122 68.72 -40.39 -30.19
N LEU S 123 69.31 -39.35 -30.80
CA LEU S 123 69.02 -39.06 -32.20
C LEU S 123 69.67 -40.06 -33.15
N GLY S 124 70.84 -40.59 -32.79
CA GLY S 124 71.46 -41.63 -33.61
C GLY S 124 70.65 -42.90 -33.63
N CYS S 125 70.14 -43.32 -32.47
CA CYS S 125 69.23 -44.46 -32.42
C CYS S 125 67.95 -44.18 -33.17
N GLY S 126 67.49 -42.93 -33.17
CA GLY S 126 66.33 -42.56 -33.97
C GLY S 126 66.60 -42.66 -35.46
N ALA S 127 67.79 -42.27 -35.90
CA ALA S 127 68.18 -42.44 -37.29
C ALA S 127 68.21 -43.91 -37.67
N VAL S 128 68.73 -44.76 -36.78
CA VAL S 128 68.74 -46.20 -37.00
C VAL S 128 67.32 -46.75 -37.09
N GLU S 129 66.42 -46.25 -36.25
CA GLU S 129 65.02 -46.68 -36.33
C GLU S 129 64.38 -46.27 -37.64
N TYR S 130 64.63 -45.05 -38.10
CA TYR S 130 64.02 -44.60 -39.35
C TYR S 130 64.76 -45.16 -40.57
N PHE S 131 65.92 -45.79 -40.39
CA PHE S 131 66.65 -46.41 -41.49
C PHE S 131 66.39 -47.91 -41.60
N THR S 132 66.69 -48.66 -40.53
CA THR S 132 66.47 -50.11 -40.51
C THR S 132 65.01 -50.47 -40.77
N HIS S 133 64.10 -49.70 -40.19
CA HIS S 133 62.73 -49.68 -40.66
C HIS S 133 62.65 -48.68 -41.79
N LYS S 134 62.19 -49.10 -42.96
CA LYS S 134 62.28 -48.28 -44.17
C LYS S 134 61.19 -47.20 -44.16
N GLY S 135 61.29 -46.29 -43.18
CA GLY S 135 60.30 -45.25 -42.96
C GLY S 135 59.05 -45.71 -42.26
N LYS S 136 58.95 -47.00 -41.91
CA LYS S 136 57.75 -47.58 -41.32
C LYS S 136 57.93 -47.64 -39.80
N ILE S 137 57.18 -46.84 -39.05
CA ILE S 137 57.44 -46.75 -37.62
C ILE S 137 56.16 -46.92 -36.80
N SER S 138 55.09 -47.40 -37.43
CA SER S 138 53.82 -47.56 -36.74
C SER S 138 53.29 -48.98 -36.93
N PRO S 139 52.38 -49.44 -36.05
CA PRO S 139 51.78 -50.79 -36.24
C PRO S 139 51.11 -51.00 -37.58
N ASP S 140 50.40 -49.98 -38.09
CA ASP S 140 49.75 -50.12 -39.40
C ASP S 140 50.77 -50.22 -40.53
N ASN S 141 51.94 -49.61 -40.36
CA ASN S 141 52.94 -49.45 -41.41
C ASN S 141 53.92 -50.59 -41.50
N MET S 142 54.47 -51.05 -40.37
CA MET S 142 55.39 -52.18 -40.35
C MET S 142 54.73 -53.43 -40.92
N PHE S 143 55.58 -54.37 -41.33
CA PHE S 143 55.22 -55.71 -41.81
C PHE S 143 54.43 -55.69 -43.12
N ASP S 144 54.46 -54.55 -43.85
CA ASP S 144 53.64 -54.42 -45.05
C ASP S 144 54.17 -55.28 -46.19
N GLY S 145 55.49 -55.34 -46.36
CA GLY S 145 56.06 -56.17 -47.40
C GLY S 145 56.38 -57.57 -46.92
N GLY S 146 55.79 -57.97 -45.79
CA GLY S 146 56.07 -59.29 -45.24
C GLY S 146 57.31 -59.37 -44.39
N ARG S 147 57.78 -58.24 -43.84
CA ARG S 147 58.93 -58.23 -42.95
C ARG S 147 58.65 -59.09 -41.72
N VAL S 148 59.48 -60.09 -41.52
CA VAL S 148 59.39 -60.93 -40.30
C VAL S 148 59.83 -60.08 -39.12
N PRO S 149 59.16 -60.19 -37.93
CA PRO S 149 59.49 -59.35 -36.76
C PRO S 149 60.96 -59.22 -36.41
N GLY S 150 61.67 -60.32 -36.13
CA GLY S 150 63.06 -60.20 -35.70
C GLY S 150 63.98 -59.65 -36.77
N GLU S 151 63.78 -60.07 -38.01
CA GLU S 151 64.71 -59.79 -39.10
C GLU S 151 64.79 -58.31 -39.45
N PHE S 152 66.03 -57.81 -39.52
CA PHE S 152 66.34 -56.48 -40.03
C PHE S 152 67.26 -56.59 -41.22
N GLY S 153 67.38 -57.78 -41.79
CA GLY S 153 68.27 -58.05 -42.90
C GLY S 153 69.62 -58.61 -42.53
N TRP S 154 69.84 -59.00 -41.27
CA TRP S 154 71.11 -59.64 -40.93
C TRP S 154 71.11 -61.14 -41.19
N GLY S 155 70.00 -61.75 -41.58
CA GLY S 155 70.01 -63.14 -41.98
C GLY S 155 68.71 -63.85 -41.72
N LYS S 156 68.73 -65.15 -41.98
CA LYS S 156 67.63 -66.07 -41.68
C LYS S 156 68.18 -67.15 -40.76
N ALA S 157 67.48 -67.43 -39.68
CA ALA S 157 67.97 -68.36 -38.67
C ALA S 157 66.95 -69.46 -38.42
N ASP S 158 67.47 -70.56 -37.88
CA ASP S 158 66.65 -71.69 -37.49
C ASP S 158 65.71 -71.26 -36.36
N MET S 159 64.51 -71.89 -36.33
CA MET S 159 63.54 -71.66 -35.26
C MET S 159 64.18 -71.81 -33.87
N THR S 160 65.10 -72.77 -33.74
CA THR S 160 65.88 -72.93 -32.51
C THR S 160 66.75 -71.71 -32.24
N MET S 161 67.37 -71.16 -33.29
CA MET S 161 68.29 -70.04 -33.10
C MET S 161 67.53 -68.77 -32.75
N GLN S 162 66.37 -68.57 -33.36
CA GLN S 162 65.50 -67.45 -32.98
C GLN S 162 65.03 -67.62 -31.54
N THR S 163 64.76 -68.86 -31.11
CA THR S 163 64.37 -69.13 -29.72
C THR S 163 65.48 -68.72 -28.76
N LYS S 164 66.72 -69.10 -29.08
CA LYS S 164 67.89 -68.75 -28.26
C LYS S 164 67.97 -67.24 -28.04
N GLU S 165 67.91 -66.46 -29.12
CA GLU S 165 67.90 -65.00 -29.05
C GLU S 165 66.79 -64.47 -28.15
N ILE S 166 65.56 -64.94 -28.37
CA ILE S 166 64.40 -64.47 -27.60
C ILE S 166 64.58 -64.74 -26.11
N LYS S 167 64.90 -65.99 -25.74
CA LYS S 167 65.02 -66.36 -24.34
C LYS S 167 66.19 -65.65 -23.66
N ASN S 168 67.33 -65.52 -24.34
CA ASN S 168 68.45 -64.74 -23.79
C ASN S 168 68.04 -63.27 -23.64
N GLY S 169 67.28 -62.75 -24.60
CA GLY S 169 66.79 -61.39 -24.53
C GLY S 169 65.88 -61.17 -23.33
N ARG S 170 64.94 -62.10 -23.11
CA ARG S 170 64.06 -62.05 -21.95
C ARG S 170 64.84 -62.08 -20.65
N LEU S 171 65.87 -62.93 -20.58
CA LEU S 171 66.72 -63.03 -19.41
C LEU S 171 67.46 -61.73 -19.14
N ALA S 172 68.03 -61.13 -20.17
CA ALA S 172 68.77 -59.89 -20.01
C ALA S 172 67.85 -58.72 -19.68
N MET S 173 66.58 -58.78 -20.08
CA MET S 173 65.60 -57.80 -19.64
C MET S 173 65.43 -57.85 -18.14
N LEU S 174 65.21 -59.05 -17.60
CA LEU S 174 65.08 -59.25 -16.16
C LEU S 174 66.38 -58.89 -15.46
N ALA S 175 67.51 -59.28 -16.06
CA ALA S 175 68.82 -58.97 -15.48
C ALA S 175 69.12 -57.49 -15.50
N PHE S 176 68.68 -56.78 -16.54
CA PHE S 176 68.88 -55.33 -16.57
C PHE S 176 68.13 -54.64 -15.45
N GLY S 177 66.86 -55.04 -15.24
CA GLY S 177 66.11 -54.56 -14.09
C GLY S 177 66.82 -54.84 -12.78
N GLY S 178 67.32 -56.06 -12.62
CA GLY S 178 68.01 -56.44 -11.39
C GLY S 178 69.28 -55.66 -11.16
N ILE S 179 70.13 -55.56 -12.20
CA ILE S 179 71.43 -54.90 -12.06
C ILE S 179 71.28 -53.39 -11.89
N LEU S 180 70.36 -52.76 -12.66
CA LEU S 180 70.17 -51.31 -12.53
C LEU S 180 69.68 -50.93 -11.14
N HIS S 181 68.66 -51.63 -10.64
CA HIS S 181 68.17 -51.30 -9.31
C HIS S 181 69.18 -51.72 -8.24
N GLN S 182 70.02 -52.73 -8.52
CA GLN S 182 71.08 -53.11 -7.58
C GLN S 182 72.10 -51.99 -7.43
N GLN S 183 72.59 -51.47 -8.56
CA GLN S 183 73.54 -50.35 -8.53
C GLN S 183 72.90 -49.08 -7.99
N LEU S 184 71.59 -48.91 -8.22
CA LEU S 184 70.87 -47.77 -7.69
C LEU S 184 70.78 -47.82 -6.16
N PHE S 185 70.46 -48.99 -5.61
CA PHE S 185 70.27 -49.11 -4.16
C PHE S 185 71.61 -49.19 -3.43
N THR S 186 72.53 -50.04 -3.92
CA THR S 186 73.85 -50.16 -3.30
C THR S 186 74.65 -48.87 -3.40
N LYS S 187 74.49 -48.15 -4.53
CA LYS S 187 75.27 -46.95 -4.90
C LYS S 187 76.73 -47.35 -5.09
N MET S 188 76.94 -48.60 -5.49
CA MET S 188 78.23 -49.20 -5.76
C MET S 188 78.09 -50.11 -6.98
N GLY S 189 79.22 -50.48 -7.55
CA GLY S 189 79.22 -51.28 -8.76
C GLY S 189 78.76 -52.71 -8.55
N THR S 190 78.34 -53.35 -9.65
CA THR S 190 77.74 -54.69 -9.61
C THR S 190 78.70 -55.79 -9.16
N ILE S 191 79.88 -55.90 -9.78
CA ILE S 191 80.76 -57.03 -9.45
C ILE S 191 81.48 -56.75 -8.14
N ALA S 192 81.83 -55.48 -7.89
CA ALA S 192 82.36 -55.08 -6.59
C ALA S 192 81.40 -55.47 -5.46
N HIS S 193 80.09 -55.29 -5.68
CA HIS S 193 79.08 -55.71 -4.72
C HIS S 193 78.99 -57.23 -4.63
N LEU S 194 79.09 -57.93 -5.77
CA LEU S 194 78.96 -59.39 -5.77
C LEU S 194 80.18 -60.05 -5.13
N THR S 195 81.39 -59.64 -5.54
CA THR S 195 82.62 -60.22 -5.01
C THR S 195 82.88 -59.74 -3.57
N GLY S 196 82.61 -58.48 -3.29
CA GLY S 196 82.69 -57.98 -1.93
C GLY S 196 81.46 -58.44 -1.18
N GLY S 197 81.37 -58.05 0.10
CA GLY S 197 80.29 -58.49 0.96
C GLY S 197 78.94 -58.21 0.33
N PHE S 198 78.11 -59.25 0.20
CA PHE S 198 76.89 -59.17 -0.58
C PHE S 198 75.82 -58.48 0.25
N LYS S 199 75.94 -57.15 0.32
CA LYS S 199 75.04 -56.37 1.15
C LYS S 199 73.65 -56.37 0.53
N PRO S 200 72.59 -56.60 1.32
CA PRO S 200 71.22 -56.48 0.80
C PRO S 200 70.93 -55.08 0.29
N LEU S 201 70.06 -55.04 -0.72
CA LEU S 201 69.62 -53.77 -1.29
C LEU S 201 68.61 -53.13 -0.35
N THR S 202 68.87 -51.89 0.03
CA THR S 202 68.04 -51.18 0.98
C THR S 202 67.89 -49.73 0.54
N PHE S 203 66.68 -49.22 0.61
CA PHE S 203 66.42 -47.83 0.30
C PHE S 203 65.36 -47.30 1.26
N ASP T 64 -30.05 86.51 -34.66
CA ASP T 64 -28.95 86.03 -35.49
C ASP T 64 -28.35 84.75 -34.93
N ASN T 65 -27.24 84.32 -35.52
CA ASN T 65 -26.45 83.21 -34.96
C ASN T 65 -25.58 83.77 -33.84
N ALA T 66 -25.70 83.20 -32.65
CA ALA T 66 -24.90 83.66 -31.51
C ALA T 66 -23.42 83.41 -31.74
N MET T 67 -23.08 82.28 -32.36
CA MET T 67 -21.69 81.91 -32.63
C MET T 67 -21.56 81.78 -34.14
N PRO T 68 -21.25 82.87 -34.84
CA PRO T 68 -21.33 82.87 -36.32
C PRO T 68 -20.33 81.94 -36.98
N PHE T 69 -19.21 81.66 -36.34
CA PHE T 69 -18.24 80.73 -36.91
C PHE T 69 -18.74 79.28 -36.82
N LEU T 70 -19.43 78.93 -35.75
CA LEU T 70 -20.04 77.62 -35.63
C LEU T 70 -21.30 77.52 -36.46
N GLU T 71 -21.53 76.33 -37.01
CA GLU T 71 -22.79 76.05 -37.68
C GLU T 71 -23.93 76.06 -36.67
N ARG T 72 -25.10 76.49 -37.14
CA ARG T 72 -26.26 76.55 -36.24
C ARG T 72 -26.70 75.14 -35.87
N PRO T 73 -27.00 74.89 -34.60
CA PRO T 73 -27.49 73.57 -34.17
C PRO T 73 -28.77 73.20 -34.90
N PRO T 74 -28.92 71.93 -35.29
CA PRO T 74 -30.04 71.58 -36.19
C PRO T 74 -31.40 71.58 -35.52
N LYS T 75 -31.48 71.29 -34.23
CA LYS T 75 -32.77 71.22 -33.56
C LYS T 75 -33.23 72.54 -32.99
N LEU T 76 -32.39 73.57 -32.98
CA LEU T 76 -32.78 74.87 -32.44
C LEU T 76 -33.46 75.68 -33.55
N ASP T 77 -34.73 75.38 -33.78
CA ASP T 77 -35.57 76.24 -34.58
C ASP T 77 -36.06 77.40 -33.72
N GLY T 78 -36.54 78.45 -34.39
CA GLY T 78 -36.87 79.68 -33.71
C GLY T 78 -38.13 79.67 -32.87
N SER T 79 -38.86 78.54 -32.85
CA SER T 79 -40.16 78.46 -32.19
C SER T 79 -40.09 78.77 -30.69
N LEU T 80 -39.05 78.28 -30.03
CA LEU T 80 -38.88 78.60 -28.61
C LEU T 80 -38.39 80.04 -28.46
N ALA T 81 -38.89 80.71 -27.42
CA ALA T 81 -38.41 82.05 -27.14
C ALA T 81 -37.01 81.99 -26.53
N GLY T 82 -36.28 83.09 -26.69
CA GLY T 82 -34.90 83.15 -26.23
C GLY T 82 -33.90 82.43 -27.11
N ASP T 83 -34.35 81.84 -28.22
CA ASP T 83 -33.48 81.13 -29.14
C ASP T 83 -32.65 82.15 -29.92
N VAL T 84 -31.36 82.16 -29.66
CA VAL T 84 -30.41 82.91 -30.47
C VAL T 84 -29.45 81.95 -31.19
N GLY T 85 -29.82 80.68 -31.24
CA GLY T 85 -28.99 79.64 -31.83
C GLY T 85 -27.75 79.34 -31.04
N PHE T 86 -27.85 79.31 -29.71
CA PHE T 86 -26.70 79.13 -28.84
C PHE T 86 -26.78 77.74 -28.23
N ASP T 87 -26.12 76.78 -28.89
CA ASP T 87 -25.92 75.45 -28.31
C ASP T 87 -24.63 74.83 -28.85
N PRO T 88 -23.47 75.43 -28.51
CA PRO T 88 -22.21 74.91 -29.08
C PRO T 88 -21.86 73.50 -28.63
N VAL T 89 -22.02 73.19 -27.34
CA VAL T 89 -21.61 71.91 -26.77
C VAL T 89 -22.38 70.76 -27.39
N GLY T 90 -23.58 71.01 -27.86
CA GLY T 90 -24.28 70.01 -28.59
C GLY T 90 -25.34 69.30 -27.82
N PHE T 91 -25.93 69.94 -26.80
CA PHE T 91 -27.21 69.47 -26.30
C PHE T 91 -28.26 69.70 -27.39
N SER T 92 -29.47 69.16 -27.15
CA SER T 92 -30.61 69.19 -28.07
C SER T 92 -30.34 68.26 -29.27
N ASN T 93 -29.13 67.73 -29.38
CA ASN T 93 -28.71 66.67 -30.28
C ASN T 93 -28.68 65.33 -29.57
N TYR T 94 -28.75 65.35 -28.22
CA TYR T 94 -28.87 64.16 -27.40
C TYR T 94 -30.13 64.13 -26.57
N PHE T 95 -30.47 65.25 -25.95
CA PHE T 95 -31.57 65.30 -25.00
C PHE T 95 -32.80 65.91 -25.65
N ASP T 96 -33.93 65.78 -24.95
CA ASP T 96 -35.18 66.34 -25.44
C ASP T 96 -35.17 67.84 -25.19
N LEU T 97 -35.53 68.60 -26.23
CA LEU T 97 -35.55 70.05 -26.07
C LEU T 97 -36.71 70.50 -25.19
N ARG T 98 -37.79 69.71 -25.12
CA ARG T 98 -38.85 69.98 -24.17
C ARG T 98 -38.35 69.84 -22.74
N TRP T 99 -37.57 68.80 -22.45
CA TRP T 99 -36.99 68.62 -21.11
C TRP T 99 -36.00 69.72 -20.78
N LEU T 100 -35.13 70.09 -21.74
CA LEU T 100 -34.13 71.12 -21.51
C LEU T 100 -34.77 72.48 -21.29
N ARG T 101 -35.84 72.78 -22.03
CA ARG T 101 -36.51 74.06 -21.89
C ARG T 101 -37.28 74.13 -20.58
N GLU T 102 -37.92 73.02 -20.19
CA GLU T 102 -38.65 73.01 -18.93
C GLU T 102 -37.67 73.12 -17.76
N SER T 103 -36.50 72.50 -17.90
CA SER T 103 -35.42 72.63 -16.92
C SER T 103 -34.87 74.05 -16.88
N GLU T 104 -34.77 74.72 -18.03
CA GLU T 104 -34.25 76.08 -18.09
C GLU T 104 -35.18 77.07 -17.40
N LEU T 105 -36.48 76.99 -17.69
CA LEU T 105 -37.47 77.80 -16.98
C LEU T 105 -37.53 77.50 -15.50
N LYS T 106 -37.40 76.22 -15.11
CA LYS T 106 -37.44 75.90 -13.69
C LYS T 106 -36.25 76.51 -12.96
N HIS T 107 -35.04 76.31 -13.51
CA HIS T 107 -33.84 76.97 -12.98
C HIS T 107 -34.02 78.49 -12.95
N GLY T 108 -34.60 79.06 -14.01
CA GLY T 108 -34.71 80.51 -14.07
C GLY T 108 -35.66 81.09 -13.04
N ARG T 109 -36.86 80.51 -12.92
CA ARG T 109 -37.84 80.97 -11.94
C ARG T 109 -37.37 80.76 -10.51
N VAL T 110 -36.74 79.62 -10.22
CA VAL T 110 -36.10 79.40 -8.92
C VAL T 110 -35.06 80.47 -8.63
N CYS T 111 -34.27 80.85 -9.64
CA CYS T 111 -33.22 81.83 -9.39
C CYS T 111 -33.74 83.26 -9.28
N MET T 112 -34.86 83.60 -9.93
CA MET T 112 -35.49 84.90 -9.67
C MET T 112 -35.96 85.00 -8.23
N LEU T 113 -36.66 83.97 -7.74
CA LEU T 113 -37.01 83.92 -6.32
C LEU T 113 -35.78 83.87 -5.44
N GLY T 114 -34.71 83.22 -5.91
CA GLY T 114 -33.49 83.12 -5.11
C GLY T 114 -32.78 84.45 -4.94
N VAL T 115 -32.68 85.24 -6.02
CA VAL T 115 -32.05 86.55 -5.88
C VAL T 115 -32.91 87.50 -5.05
N THR T 116 -34.25 87.42 -5.20
CA THR T 116 -35.15 88.18 -4.35
C THR T 116 -34.95 87.80 -2.89
N GLY T 117 -34.81 86.50 -2.62
CA GLY T 117 -34.58 86.04 -1.26
C GLY T 117 -33.28 86.54 -0.67
N LEU T 118 -32.20 86.49 -1.45
CA LEU T 118 -30.91 87.00 -1.00
C LEU T 118 -30.98 88.49 -0.64
N LEU T 119 -31.55 89.31 -1.53
CA LEU T 119 -31.65 90.75 -1.26
C LEU T 119 -32.56 91.05 -0.06
N VAL T 120 -33.72 90.38 0.01
CA VAL T 120 -34.67 90.63 1.11
C VAL T 120 -34.07 90.22 2.45
N GLN T 121 -33.55 89.00 2.54
CA GLN T 121 -33.01 88.47 3.80
C GLN T 121 -31.77 89.22 4.27
N GLU T 122 -31.09 89.93 3.38
CA GLU T 122 -30.04 90.85 3.79
C GLU T 122 -30.60 91.98 4.65
N ALA T 123 -31.90 92.28 4.54
CA ALA T 123 -32.53 93.34 5.31
C ALA T 123 -33.58 92.80 6.28
N VAL T 124 -34.58 92.05 5.80
CA VAL T 124 -35.71 91.62 6.60
C VAL T 124 -35.35 90.31 7.29
N CYS T 125 -35.95 90.09 8.46
CA CYS T 125 -35.86 88.84 9.20
C CYS T 125 -37.15 88.63 9.97
N LEU T 126 -37.75 87.46 9.79
CA LEU T 126 -38.96 87.13 10.56
C LEU T 126 -38.60 87.04 12.04
N PRO T 127 -39.51 87.46 12.94
CA PRO T 127 -39.17 87.47 14.37
C PRO T 127 -38.92 86.09 14.96
N GLN T 128 -39.55 85.05 14.43
CA GLN T 128 -39.37 83.70 14.95
C GLN T 128 -38.02 83.10 14.58
N PHE T 129 -37.26 83.74 13.70
CA PHE T 129 -35.99 83.21 13.23
C PHE T 129 -34.85 84.09 13.73
N SER T 130 -33.70 83.45 13.94
CA SER T 130 -32.46 84.19 14.14
C SER T 130 -32.04 84.87 12.85
N ASN T 131 -30.92 85.59 12.91
CA ASN T 131 -30.39 86.23 11.72
C ASN T 131 -28.95 85.78 11.53
N GLY T 132 -28.64 85.30 10.35
CA GLY T 132 -27.26 85.01 10.02
C GLY T 132 -26.51 86.28 9.73
N LYS T 133 -25.18 86.14 9.63
CA LYS T 133 -24.36 87.27 9.22
C LYS T 133 -24.68 87.69 7.79
N THR T 134 -24.94 86.72 6.94
CA THR T 134 -25.27 86.91 5.54
C THR T 134 -26.51 86.09 5.23
N PRO T 135 -27.24 86.43 4.15
CA PRO T 135 -28.36 85.60 3.70
C PRO T 135 -28.00 84.15 3.40
N VAL T 136 -26.73 83.84 3.12
CA VAL T 136 -26.37 82.43 3.01
C VAL T 136 -26.21 81.80 4.39
N ASP T 137 -25.77 82.56 5.39
CA ASP T 137 -25.81 82.08 6.78
C ASP T 137 -27.20 82.11 7.38
N ASP T 138 -28.18 82.67 6.67
CA ASP T 138 -29.58 82.57 7.06
C ASP T 138 -30.08 81.14 6.97
N PHE T 139 -29.50 80.35 6.05
CA PHE T 139 -29.85 78.94 5.94
C PHE T 139 -29.48 78.16 7.19
N PHE T 140 -28.45 78.59 7.90
CA PHE T 140 -27.87 77.82 8.99
C PHE T 140 -28.41 78.19 10.36
N VAL T 141 -29.34 79.15 10.46
CA VAL T 141 -30.03 79.44 11.71
C VAL T 141 -31.50 79.13 11.66
N VAL T 142 -32.01 78.63 10.55
CA VAL T 142 -33.40 78.23 10.44
C VAL T 142 -33.47 76.79 10.92
N PRO T 143 -34.42 76.44 11.80
CA PRO T 143 -34.46 75.10 12.40
C PRO T 143 -34.51 74.01 11.35
N ALA T 144 -33.84 72.89 11.67
CA ALA T 144 -33.76 71.74 10.77
C ALA T 144 -35.12 71.26 10.31
N ALA T 145 -36.10 71.29 11.22
CA ALA T 145 -37.47 70.93 10.89
C ALA T 145 -38.06 71.90 9.88
N GLY T 146 -37.72 73.19 10.00
CA GLY T 146 -38.22 74.16 9.06
C GLY T 146 -37.72 73.96 7.64
N LEU T 147 -36.42 73.69 7.50
CA LEU T 147 -35.85 73.38 6.19
C LEU T 147 -36.48 72.13 5.60
N TRP T 148 -36.72 71.12 6.44
CA TRP T 148 -37.31 69.87 5.98
C TRP T 148 -38.76 70.06 5.58
N GLN T 149 -39.51 70.88 6.33
CA GLN T 149 -40.89 71.21 5.94
C GLN T 149 -40.95 71.94 4.60
N VAL T 150 -40.03 72.89 4.36
CA VAL T 150 -40.02 73.58 3.07
C VAL T 150 -39.67 72.61 1.95
N PHE T 151 -38.68 71.75 2.17
CA PHE T 151 -38.30 70.72 1.20
C PHE T 151 -39.47 69.81 0.82
N PHE T 152 -40.21 69.32 1.81
CA PHE T 152 -41.34 68.44 1.50
C PHE T 152 -42.51 69.22 0.88
N ALA T 153 -42.72 70.47 1.29
CA ALA T 153 -43.75 71.29 0.66
C ALA T 153 -43.45 71.54 -0.82
N ILE T 154 -42.18 71.85 -1.16
CA ILE T 154 -41.79 72.02 -2.55
C ILE T 154 -41.93 70.71 -3.29
N GLY T 155 -41.56 69.60 -2.65
CA GLY T 155 -41.75 68.29 -3.25
C GLY T 155 -43.19 67.98 -3.55
N ALA T 156 -44.09 68.37 -2.64
CA ALA T 156 -45.53 68.23 -2.87
C ALA T 156 -45.96 69.03 -4.10
N VAL T 157 -45.48 70.28 -4.22
CA VAL T 157 -45.77 71.10 -5.39
C VAL T 157 -45.24 70.45 -6.67
N GLU T 158 -44.01 69.92 -6.62
CA GLU T 158 -43.39 69.29 -7.78
C GLU T 158 -44.17 68.06 -8.24
N PHE T 159 -44.69 67.29 -7.29
CA PHE T 159 -45.53 66.14 -7.64
C PHE T 159 -46.86 66.58 -8.25
N PHE T 160 -47.57 67.51 -7.59
CA PHE T 160 -48.92 67.87 -8.03
C PHE T 160 -48.92 68.68 -9.32
N SER T 161 -47.95 69.57 -9.49
CA SER T 161 -47.94 70.42 -10.68
C SER T 161 -47.53 69.64 -11.91
N HIS T 162 -46.76 68.57 -11.76
CA HIS T 162 -46.30 67.77 -12.88
C HIS T 162 -47.12 66.51 -13.09
N GLY T 163 -48.30 66.43 -12.48
CA GLY T 163 -49.20 65.30 -12.65
C GLY T 163 -48.61 63.98 -12.21
N PHE T 164 -47.78 64.00 -11.16
CA PHE T 164 -47.02 62.86 -10.63
C PHE T 164 -46.12 62.21 -11.70
N LYS T 165 -45.76 62.94 -12.75
CA LYS T 165 -44.91 62.47 -13.83
C LYS T 165 -43.67 63.36 -13.86
N LEU T 166 -42.56 62.86 -13.31
CA LEU T 166 -41.41 63.69 -13.00
C LEU T 166 -40.14 63.35 -13.76
N THR T 167 -40.12 62.27 -14.52
CA THR T 167 -38.91 61.80 -15.18
C THR T 167 -38.94 62.17 -16.67
N PRO T 168 -37.78 62.21 -17.35
CA PRO T 168 -37.80 62.49 -18.81
C PRO T 168 -38.55 61.46 -19.63
N GLY T 169 -38.78 60.26 -19.10
CA GLY T 169 -39.56 59.27 -19.82
C GLY T 169 -41.05 59.53 -19.81
N ASP T 170 -41.58 60.16 -18.76
CA ASP T 170 -43.03 60.32 -18.64
C ASP T 170 -43.54 61.74 -18.44
N MET T 171 -42.65 62.73 -18.20
CA MET T 171 -43.11 64.09 -17.93
C MET T 171 -43.87 64.69 -19.11
N PHE T 172 -43.49 64.33 -20.32
CA PHE T 172 -44.06 64.92 -21.51
C PHE T 172 -44.91 63.95 -22.31
N SER T 173 -45.33 62.84 -21.69
CA SER T 173 -46.14 61.86 -22.41
C SER T 173 -47.63 62.21 -22.40
N GLU T 174 -48.02 63.31 -21.75
CA GLU T 174 -49.39 63.80 -21.80
C GLU T 174 -49.56 64.97 -22.75
N GLY T 175 -48.47 65.55 -23.24
CA GLY T 175 -48.53 66.61 -24.22
C GLY T 175 -48.41 68.02 -23.68
N ARG T 176 -47.67 68.23 -22.60
CA ARG T 176 -47.51 69.57 -22.07
C ARG T 176 -46.44 70.32 -22.83
N GLU T 177 -46.60 71.63 -22.92
CA GLU T 177 -45.55 72.48 -23.43
C GLU T 177 -44.62 72.84 -22.28
N ALA T 178 -43.34 73.01 -22.59
CA ALA T 178 -42.28 73.06 -21.59
C ALA T 178 -42.41 74.29 -20.70
N GLY T 179 -42.65 74.06 -19.42
CA GLY T 179 -42.74 75.13 -18.44
C GLY T 179 -44.13 75.62 -18.12
N ASP T 180 -45.16 75.12 -18.79
CA ASP T 180 -46.54 75.54 -18.55
C ASP T 180 -47.16 74.70 -17.44
N PHE T 181 -47.69 75.39 -16.43
CA PHE T 181 -48.48 74.77 -15.39
C PHE T 181 -49.87 75.39 -15.28
N GLY T 182 -50.28 76.18 -16.28
CA GLY T 182 -51.55 76.87 -16.23
C GLY T 182 -51.61 77.89 -15.10
N PHE T 183 -50.57 78.70 -14.98
CA PHE T 183 -50.42 79.63 -13.87
C PHE T 183 -50.54 81.05 -14.40
N ASP T 184 -51.76 81.61 -14.36
CA ASP T 184 -51.97 83.02 -14.68
C ASP T 184 -53.17 83.59 -13.93
N PRO T 185 -53.10 83.67 -12.58
CA PRO T 185 -54.24 84.23 -11.82
C PRO T 185 -54.57 85.67 -12.20
N LEU T 186 -53.55 86.51 -12.40
CA LEU T 186 -53.78 87.89 -12.82
C LEU T 186 -54.12 88.01 -14.30
N GLY T 187 -54.03 86.92 -15.06
CA GLY T 187 -54.33 86.93 -16.48
C GLY T 187 -53.43 87.80 -17.32
N CYS T 188 -52.13 87.85 -16.99
CA CYS T 188 -51.20 88.66 -17.76
C CYS T 188 -50.95 88.08 -19.14
N GLY T 189 -51.16 86.78 -19.32
CA GLY T 189 -50.96 86.13 -20.60
C GLY T 189 -52.25 86.02 -21.42
N LYS T 190 -53.23 86.89 -21.14
CA LYS T 190 -54.47 86.88 -21.90
C LYS T 190 -54.23 87.21 -23.36
N ASN T 191 -53.41 88.20 -23.64
CA ASN T 191 -53.07 88.58 -25.00
C ASN T 191 -52.05 87.61 -25.58
N PRO T 192 -52.22 87.15 -26.83
CA PRO T 192 -51.23 86.27 -27.46
C PRO T 192 -49.87 86.90 -27.73
N ASP T 193 -49.84 88.05 -28.41
CA ASP T 193 -48.57 88.69 -28.75
C ASP T 193 -47.85 89.19 -27.50
N ALA T 194 -48.59 89.74 -26.54
CA ALA T 194 -48.01 90.06 -25.24
C ALA T 194 -47.45 88.83 -24.55
N LEU T 195 -48.12 87.68 -24.71
CA LEU T 195 -47.59 86.44 -24.15
C LEU T 195 -46.25 86.10 -24.77
N ALA T 196 -46.12 86.26 -26.09
CA ALA T 196 -44.85 86.01 -26.78
C ALA T 196 -43.75 86.90 -26.24
N ARG T 197 -44.04 88.19 -26.06
CA ARG T 197 -43.04 89.12 -25.53
C ARG T 197 -42.65 88.73 -24.10
N ARG T 198 -43.63 88.39 -23.26
CA ARG T 198 -43.31 87.99 -21.90
C ARG T 198 -42.66 86.62 -21.81
N ARG T 199 -42.86 85.74 -22.80
CA ARG T 199 -42.09 84.50 -22.86
C ARG T 199 -40.60 84.79 -23.04
N LEU T 200 -40.29 85.70 -23.98
CA LEU T 200 -38.90 86.13 -24.17
C LEU T 200 -38.37 86.83 -22.93
N VAL T 201 -39.17 87.68 -22.30
CA VAL T 201 -38.77 88.38 -21.07
C VAL T 201 -38.47 87.38 -19.96
N GLU T 202 -39.35 86.39 -19.79
CA GLU T 202 -39.19 85.39 -18.73
C GLU T 202 -37.90 84.60 -18.89
N VAL T 203 -37.64 84.09 -20.09
CA VAL T 203 -36.46 83.26 -20.28
C VAL T 203 -35.18 84.11 -20.11
N LYS T 204 -35.20 85.38 -20.54
CA LYS T 204 -33.98 86.18 -20.46
C LYS T 204 -33.73 86.70 -19.05
N ASN T 205 -34.79 87.12 -18.34
CA ASN T 205 -34.63 87.48 -16.94
C ASN T 205 -34.28 86.27 -16.09
N GLY T 206 -34.80 85.10 -16.46
CA GLY T 206 -34.47 83.87 -15.76
C GLY T 206 -32.99 83.51 -15.93
N ARG T 207 -32.49 83.62 -17.17
CA ARG T 207 -31.07 83.39 -17.44
C ARG T 207 -30.20 84.38 -16.67
N LEU T 208 -30.64 85.64 -16.63
CA LEU T 208 -29.92 86.68 -15.91
C LEU T 208 -29.89 86.38 -14.42
N ALA T 209 -31.03 86.00 -13.87
CA ALA T 209 -31.12 85.69 -12.45
C ALA T 209 -30.31 84.45 -12.09
N MET T 210 -30.14 83.51 -13.03
CA MET T 210 -29.27 82.36 -12.80
C MET T 210 -27.84 82.80 -12.56
N ILE T 211 -27.30 83.62 -13.48
CA ILE T 211 -25.93 84.14 -13.34
C ILE T 211 -25.82 85.01 -12.11
N ALA T 212 -26.80 85.90 -11.91
CA ALA T 212 -26.80 86.83 -10.78
C ALA T 212 -26.83 86.08 -9.46
N PHE T 213 -27.59 84.99 -9.38
CA PHE T 213 -27.63 84.20 -8.17
C PHE T 213 -26.28 83.56 -7.88
N GLY T 214 -25.61 83.05 -8.92
CA GLY T 214 -24.26 82.56 -8.77
C GLY T 214 -23.32 83.61 -8.23
N GLY T 215 -23.40 84.82 -8.79
CA GLY T 215 -22.56 85.91 -8.32
C GLY T 215 -22.84 86.34 -6.89
N LEU T 216 -24.11 86.52 -6.56
CA LEU T 216 -24.49 86.95 -5.22
C LEU T 216 -24.08 85.93 -4.17
N LEU T 217 -24.34 84.64 -4.43
CA LEU T 217 -24.01 83.60 -3.46
C LEU T 217 -22.51 83.48 -3.24
N HIS T 218 -21.72 83.50 -4.32
CA HIS T 218 -20.27 83.32 -4.17
C HIS T 218 -19.62 84.54 -3.54
N GLN T 219 -20.12 85.73 -3.85
CA GLN T 219 -19.58 86.93 -3.22
C GLN T 219 -19.95 87.00 -1.74
N GLN T 220 -21.17 86.59 -1.39
CA GLN T 220 -21.59 86.55 0.01
C GLN T 220 -20.77 85.52 0.78
N LEU T 221 -20.46 84.39 0.16
CA LEU T 221 -19.60 83.41 0.79
C LEU T 221 -18.19 83.97 0.97
N LEU T 222 -17.67 84.67 -0.04
CA LEU T 222 -16.29 85.12 -0.01
C LEU T 222 -16.09 86.25 0.99
N THR T 223 -16.77 87.38 0.78
CA THR T 223 -16.61 88.52 1.65
C THR T 223 -17.23 88.26 3.02
N GLY T 224 -18.44 87.70 3.04
CA GLY T 224 -19.14 87.54 4.29
C GLY T 224 -19.86 88.79 4.74
N GLN T 225 -20.22 89.67 3.82
CA GLN T 225 -20.81 90.95 4.18
C GLN T 225 -21.98 91.29 3.25
N GLY T 226 -22.89 90.34 3.01
CA GLY T 226 -24.09 90.66 2.25
C GLY T 226 -23.81 91.08 0.80
N THR T 227 -24.83 91.68 0.19
CA THR T 227 -24.69 92.24 -1.14
C THR T 227 -24.62 93.75 -1.14
N PHE T 228 -25.63 94.43 -0.58
CA PHE T 228 -25.59 95.89 -0.48
C PHE T 228 -24.52 96.36 0.47
N GLU T 229 -24.32 95.65 1.59
CA GLU T 229 -23.24 95.96 2.51
C GLU T 229 -21.88 95.80 1.83
N GLN T 230 -21.72 94.75 1.02
CA GLN T 230 -20.49 94.57 0.24
C GLN T 230 -20.24 95.76 -0.68
N LEU T 231 -21.27 96.20 -1.41
CA LEU T 231 -21.09 97.33 -2.34
C LEU T 231 -20.74 98.62 -1.59
N ALA T 232 -21.41 98.88 -0.47
CA ALA T 232 -21.13 100.06 0.34
C ALA T 232 -19.84 99.95 1.13
N ASN T 233 -19.23 98.77 1.19
CA ASN T 233 -17.96 98.56 1.89
C ASN T 233 -17.03 97.68 1.05
N PHE T 234 -16.89 98.02 -0.24
CA PHE T 234 -16.12 97.18 -1.16
C PHE T 234 -14.66 97.11 -0.77
N LYS T 235 -14.15 95.89 -0.72
CA LYS T 235 -12.79 95.61 -0.27
C LYS T 235 -12.23 94.54 -1.18
N ALA T 236 -11.27 94.93 -2.01
CA ALA T 236 -10.67 94.04 -3.00
C ALA T 236 -9.98 92.85 -2.35
N ILE T 237 -9.65 91.85 -3.19
CA ILE T 237 -8.95 90.66 -2.72
C ILE T 237 -7.53 91.05 -2.31
N ALA T 238 -7.13 90.65 -1.10
CA ALA T 238 -5.76 90.87 -0.66
C ALA T 238 -5.16 89.56 -0.16
N ARG U 47 -64.94 60.08 -3.87
CA ARG U 47 -63.75 59.46 -3.29
C ARG U 47 -63.21 60.32 -2.16
N ALA U 48 -62.72 59.66 -1.11
CA ALA U 48 -62.20 60.37 0.06
C ALA U 48 -61.02 61.24 -0.30
N VAL U 49 -60.13 60.75 -1.16
CA VAL U 49 -58.99 61.53 -1.61
C VAL U 49 -59.05 61.58 -3.14
N PRO U 50 -59.44 62.71 -3.74
CA PRO U 50 -59.38 62.85 -5.21
C PRO U 50 -58.00 62.56 -5.78
N PHE U 51 -56.96 62.97 -5.05
CA PHE U 51 -55.57 62.70 -5.42
C PHE U 51 -55.34 61.20 -5.59
N ALA U 52 -55.51 60.44 -4.51
CA ALA U 52 -55.27 59.00 -4.50
C ALA U 52 -56.54 58.23 -4.15
N PRO U 53 -57.26 57.70 -5.14
CA PRO U 53 -58.51 56.98 -4.84
C PRO U 53 -58.28 55.59 -4.26
N ALA U 54 -59.37 54.89 -3.91
CA ALA U 54 -59.28 53.57 -3.32
C ALA U 54 -59.02 52.52 -4.40
N PRO U 55 -58.27 51.46 -4.08
CA PRO U 55 -58.10 50.35 -5.02
C PRO U 55 -59.40 49.70 -5.43
N ASP U 56 -59.41 49.17 -6.65
CA ASP U 56 -60.52 48.35 -7.13
C ASP U 56 -60.68 47.04 -6.37
N CYS U 57 -59.67 46.63 -5.58
CA CYS U 57 -59.79 45.45 -4.73
C CYS U 57 -60.92 45.62 -3.72
N LEU U 58 -61.06 46.80 -3.15
CA LEU U 58 -62.16 47.11 -2.25
C LEU U 58 -63.47 47.15 -3.01
N PRO U 59 -64.46 46.33 -2.66
CA PRO U 59 -65.80 46.56 -3.17
C PRO U 59 -66.43 47.77 -2.49
N GLU U 60 -67.45 48.33 -3.13
CA GLU U 60 -68.09 49.54 -2.63
C GLU U 60 -69.39 49.23 -1.89
N ASN U 61 -69.65 47.96 -1.59
CA ASN U 61 -70.88 47.53 -0.96
C ASN U 61 -70.69 47.16 0.50
N ILE U 62 -69.54 47.50 1.08
CA ILE U 62 -69.24 47.14 2.46
C ILE U 62 -69.63 48.30 3.37
N PRO U 63 -70.13 48.01 4.57
CA PRO U 63 -70.45 49.08 5.54
C PRO U 63 -69.25 49.96 5.84
N GLY U 64 -69.45 51.26 5.76
CA GLY U 64 -68.37 52.16 6.06
C GLY U 64 -67.44 52.43 4.90
N TYR U 65 -67.82 52.06 3.68
CA TYR U 65 -67.00 52.35 2.51
C TYR U 65 -67.16 53.82 2.16
N MET U 66 -66.09 54.58 2.32
CA MET U 66 -66.07 56.00 2.00
C MET U 66 -64.87 56.34 1.13
N GLY U 67 -64.48 55.41 0.26
CA GLY U 67 -63.43 55.63 -0.71
C GLY U 67 -62.06 55.89 -0.14
N PHE U 68 -61.83 55.55 1.12
CA PHE U 68 -60.60 55.90 1.80
C PHE U 68 -59.67 54.71 1.85
N ASP U 69 -58.75 54.68 0.92
CA ASP U 69 -57.61 53.78 0.97
C ASP U 69 -56.47 54.34 0.11
N PRO U 70 -55.95 55.56 0.40
CA PRO U 70 -54.92 56.14 -0.49
C PRO U 70 -53.66 55.31 -0.57
N LEU U 71 -53.30 54.63 0.51
CA LEU U 71 -52.10 53.81 0.57
C LEU U 71 -52.28 52.41 0.00
N GLY U 72 -53.45 52.09 -0.57
CA GLY U 72 -53.68 50.79 -1.19
C GLY U 72 -53.52 49.58 -0.29
N LEU U 73 -53.93 49.71 0.98
CA LEU U 73 -53.70 48.64 1.94
C LEU U 73 -54.63 47.45 1.77
N SER U 74 -55.67 47.57 0.95
CA SER U 74 -56.50 46.41 0.65
C SER U 74 -55.93 45.56 -0.47
N THR U 75 -54.95 46.06 -1.21
CA THR U 75 -54.24 45.22 -2.18
C THR U 75 -53.20 44.34 -1.50
N LEU U 76 -52.82 44.66 -0.27
CA LEU U 76 -51.75 43.96 0.42
C LEU U 76 -52.24 42.89 1.36
N CYS U 77 -53.55 42.64 1.44
CA CYS U 77 -54.09 41.62 2.32
C CYS U 77 -55.49 41.26 1.83
N ASN U 78 -56.04 40.20 2.41
CA ASN U 78 -57.40 39.80 2.13
C ASN U 78 -58.36 40.86 2.65
N VAL U 79 -59.34 41.22 1.82
CA VAL U 79 -60.27 42.27 2.21
C VAL U 79 -61.21 41.79 3.31
N GLU U 80 -61.54 40.49 3.31
CA GLU U 80 -62.41 39.92 4.33
C GLU U 80 -61.72 39.95 5.69
N TRP U 81 -60.43 39.58 5.72
CA TRP U 81 -59.62 39.67 6.92
C TRP U 81 -59.52 41.10 7.43
N LEU U 82 -59.32 42.06 6.53
CA LEU U 82 -59.18 43.45 6.93
C LEU U 82 -60.47 44.01 7.51
N ARG U 83 -61.61 43.69 6.88
CA ARG U 83 -62.90 44.12 7.38
C ARG U 83 -63.16 43.54 8.76
N GLU U 84 -62.89 42.25 8.93
CA GLU U 84 -63.04 41.59 10.22
C GLU U 84 -62.14 42.20 11.26
N ALA U 85 -60.89 42.51 10.88
CA ALA U 85 -59.94 43.11 11.80
C ALA U 85 -60.36 44.50 12.24
N GLU U 86 -60.91 45.30 11.31
CA GLU U 86 -61.30 46.65 11.70
C GLU U 86 -62.54 46.66 12.56
N ILE U 87 -63.49 45.76 12.33
CA ILE U 87 -64.65 45.63 13.22
C ILE U 87 -64.21 45.19 14.61
N LYS U 88 -63.27 44.26 14.70
CA LYS U 88 -62.79 43.81 16.01
C LYS U 88 -62.01 44.93 16.72
N HIS U 89 -61.14 45.63 15.99
CA HIS U 89 -60.43 46.78 16.54
C HIS U 89 -61.40 47.85 16.99
N CYS U 90 -62.46 48.10 16.21
CA CYS U 90 -63.48 49.08 16.55
C CYS U 90 -64.16 48.74 17.87
N ARG U 91 -64.60 47.49 18.03
CA ARG U 91 -65.32 47.09 19.24
C ARG U 91 -64.43 47.11 20.47
N VAL U 92 -63.19 46.60 20.35
CA VAL U 92 -62.25 46.63 21.47
C VAL U 92 -61.95 48.07 21.88
N ALA U 93 -61.78 48.96 20.90
CA ALA U 93 -61.50 50.36 21.20
C ALA U 93 -62.70 51.08 21.79
N MET U 94 -63.91 50.73 21.36
CA MET U 94 -65.12 51.30 21.96
C MET U 94 -65.21 50.95 23.44
N LEU U 95 -64.96 49.69 23.78
CA LEU U 95 -64.92 49.28 25.17
C LEU U 95 -63.83 50.01 25.93
N ALA U 96 -62.64 50.14 25.32
CA ALA U 96 -61.53 50.82 25.97
C ALA U 96 -61.84 52.29 26.22
N ALA U 97 -62.45 52.98 25.25
CA ALA U 97 -62.75 54.40 25.42
C ALA U 97 -63.83 54.63 26.46
N ALA U 98 -64.94 53.88 26.37
CA ALA U 98 -66.01 53.99 27.36
C ALA U 98 -65.52 53.64 28.75
N GLY U 99 -64.67 52.63 28.85
CA GLY U 99 -64.08 52.28 30.11
C GLY U 99 -63.15 53.33 30.63
N SER U 100 -62.42 54.01 29.74
CA SER U 100 -61.55 55.11 30.17
C SER U 100 -62.35 56.25 30.79
N ILE U 101 -63.48 56.61 30.17
CA ILE U 101 -64.35 57.65 30.72
C ILE U 101 -64.97 57.20 32.04
N ALA U 102 -65.49 55.95 32.06
CA ALA U 102 -66.21 55.45 33.22
C ALA U 102 -65.27 55.27 34.40
N GLN U 103 -64.03 54.79 34.17
CA GLN U 103 -63.01 54.60 35.25
C GLN U 103 -62.59 55.94 35.85
N ASP U 104 -63.12 57.06 35.37
CA ASP U 104 -62.93 58.37 35.94
C ASP U 104 -64.19 58.84 36.65
N LEU U 105 -65.36 58.79 36.01
CA LEU U 105 -66.58 59.28 36.65
C LEU U 105 -67.04 58.40 37.83
N TYR U 106 -66.96 57.07 37.73
CA TYR U 106 -67.46 56.18 38.79
C TYR U 106 -66.61 54.92 38.85
N GLN U 107 -66.23 54.51 40.06
CA GLN U 107 -65.38 53.33 40.21
C GLN U 107 -66.08 52.28 41.06
N PHE U 108 -65.84 51.01 40.73
CA PHE U 108 -66.50 49.91 41.42
C PHE U 108 -65.99 49.82 42.85
N PRO U 109 -66.85 49.37 43.80
CA PRO U 109 -66.51 49.48 45.23
C PRO U 109 -65.26 48.70 45.61
N GLY U 110 -64.52 49.26 46.56
CA GLY U 110 -63.41 48.59 47.17
C GLY U 110 -62.09 48.75 46.44
N VAL U 111 -62.10 49.14 45.16
CA VAL U 111 -60.88 49.11 44.35
C VAL U 111 -59.82 50.11 44.81
N GLU U 112 -60.20 51.14 45.57
CA GLU U 112 -59.25 52.16 45.98
C GLU U 112 -58.15 51.59 46.89
N LYS U 113 -58.44 50.53 47.63
CA LYS U 113 -57.37 49.90 48.38
C LYS U 113 -56.48 49.06 47.46
N ILE U 114 -57.03 48.44 46.43
CA ILE U 114 -56.21 47.63 45.53
C ILE U 114 -55.55 48.49 44.43
N VAL U 115 -56.17 49.59 44.02
CA VAL U 115 -55.67 50.39 42.89
C VAL U 115 -55.26 51.81 43.30
N GLY U 116 -55.74 52.34 44.41
CA GLY U 116 -55.44 53.72 44.74
C GLY U 116 -56.07 54.70 43.76
N SER U 117 -55.30 55.70 43.36
CA SER U 117 -55.80 56.75 42.48
C SER U 117 -55.17 56.71 41.10
N ALA U 118 -54.60 55.58 40.70
CA ALA U 118 -54.06 55.43 39.36
C ALA U 118 -55.15 55.53 38.30
N LYS U 119 -54.83 56.16 37.18
CA LYS U 119 -55.76 56.30 36.08
C LYS U 119 -55.54 55.15 35.08
N MET U 120 -56.04 55.33 33.84
CA MET U 120 -56.31 54.23 32.89
C MET U 120 -55.12 53.31 32.58
N THR U 121 -53.98 53.85 32.17
CA THR U 121 -52.86 52.93 31.89
C THR U 121 -52.28 52.38 33.18
N GLY U 122 -52.25 53.21 34.23
CA GLY U 122 -51.65 52.82 35.49
C GLY U 122 -52.35 51.66 36.19
N VAL U 123 -53.69 51.61 36.09
CA VAL U 123 -54.48 50.58 36.77
C VAL U 123 -54.05 49.18 36.32
N HIS U 124 -53.86 49.00 35.00
CA HIS U 124 -53.41 47.73 34.43
C HIS U 124 -52.09 47.30 35.05
N ASP U 125 -51.11 48.21 35.08
CA ASP U 125 -49.79 47.90 35.60
C ASP U 125 -49.84 47.61 37.10
N LYS U 126 -50.66 48.34 37.84
CA LYS U 126 -50.68 48.19 39.29
C LYS U 126 -51.39 46.92 39.74
N ILE U 127 -52.50 46.55 39.08
CA ILE U 127 -53.17 45.28 39.36
C ILE U 127 -52.24 44.12 39.03
N LEU U 128 -51.52 44.20 37.91
CA LEU U 128 -50.56 43.14 37.58
C LEU U 128 -49.37 43.14 38.52
N ALA U 129 -49.05 44.30 39.11
CA ALA U 129 -48.02 44.35 40.14
C ALA U 129 -48.47 43.63 41.41
N ALA U 130 -49.71 43.90 41.83
CA ALA U 130 -50.26 43.24 43.01
C ALA U 130 -50.41 41.74 42.80
N ALA U 131 -50.85 41.31 41.61
CA ALA U 131 -50.98 39.89 41.30
C ALA U 131 -49.63 39.17 41.24
N SER U 132 -48.53 39.91 41.08
CA SER U 132 -47.18 39.39 41.01
C SER U 132 -46.62 38.97 42.37
N THR U 133 -47.45 38.88 43.39
CA THR U 133 -47.03 38.57 44.74
C THR U 133 -47.73 37.34 45.30
N GLY U 134 -48.92 37.02 44.79
CA GLY U 134 -49.73 35.95 45.33
C GLY U 134 -51.06 36.49 45.82
N ASP U 135 -51.33 37.74 45.48
CA ASP U 135 -52.54 38.40 45.94
C ASP U 135 -53.77 37.82 45.25
N TYR U 136 -54.77 37.45 46.05
CA TYR U 136 -56.00 36.88 45.50
C TYR U 136 -56.88 37.96 44.86
N LYS U 137 -57.01 39.12 45.52
CA LYS U 137 -57.94 40.16 45.08
C LYS U 137 -57.35 41.10 44.04
N ALA U 138 -56.43 40.62 43.21
CA ALA U 138 -55.87 41.44 42.15
C ALA U 138 -55.73 40.64 40.87
N GLN U 139 -56.71 39.79 40.57
CA GLN U 139 -56.65 38.92 39.41
C GLN U 139 -57.66 39.32 38.35
N ALA U 140 -58.02 40.61 38.29
CA ALA U 140 -58.93 41.07 37.26
C ALA U 140 -58.33 40.93 35.87
N MET U 141 -57.03 41.20 35.74
CA MET U 141 -56.33 41.05 34.46
C MET U 141 -56.33 39.63 33.95
N SER U 142 -55.99 38.66 34.83
CA SER U 142 -55.96 37.27 34.41
C SER U 142 -57.34 36.78 34.03
N GLN U 143 -58.37 37.26 34.74
CA GLN U 143 -59.74 36.87 34.44
C GLN U 143 -60.18 37.38 33.08
N ILE U 144 -59.99 38.67 32.79
CA ILE U 144 -60.39 39.23 31.50
C ILE U 144 -59.59 38.59 30.36
N LEU U 145 -58.28 38.39 30.57
CA LEU U 145 -57.45 37.75 29.55
C LEU U 145 -57.92 36.33 29.29
N PHE U 146 -58.26 35.59 30.34
CA PHE U 146 -58.75 34.21 30.17
C PHE U 146 -60.02 34.17 29.34
N TRP U 147 -61.00 35.01 29.70
CA TRP U 147 -62.30 34.91 29.06
C TRP U 147 -62.28 35.44 27.63
N THR U 148 -61.54 36.52 27.38
CA THR U 148 -61.40 37.01 26.02
C THR U 148 -60.60 36.05 25.15
N SER U 149 -59.56 35.42 25.73
CA SER U 149 -58.83 34.41 24.98
C SER U 149 -59.71 33.20 24.68
N PHE U 150 -60.52 32.78 25.67
CA PHE U 150 -61.44 31.68 25.44
C PHE U 150 -62.46 32.02 24.37
N LEU U 151 -62.99 33.25 24.39
CA LEU U 151 -63.96 33.68 23.39
C LEU U 151 -63.33 33.73 22.00
N GLU U 152 -62.12 34.29 21.88
CA GLU U 152 -61.44 34.31 20.61
C GLU U 152 -61.00 32.92 20.16
N ILE U 153 -60.82 31.98 21.09
CA ILE U 153 -60.45 30.61 20.72
C ILE U 153 -61.65 29.88 20.12
N VAL U 154 -62.83 30.02 20.71
CA VAL U 154 -63.97 29.26 20.21
C VAL U 154 -64.68 29.94 19.05
N THR U 155 -64.52 31.25 18.89
CA THR U 155 -65.03 31.95 17.72
C THR U 155 -63.99 32.01 16.61
N LEU U 156 -62.82 31.41 16.82
CA LEU U 156 -61.76 31.44 15.81
C LEU U 156 -62.12 30.83 14.46
N PRO U 157 -62.82 29.68 14.34
CA PRO U 157 -63.14 29.19 12.99
C PRO U 157 -64.05 30.09 12.18
N ALA U 158 -64.73 31.05 12.80
CA ALA U 158 -65.65 31.92 12.09
C ALA U 158 -64.90 32.77 11.07
N VAL U 159 -63.77 33.37 11.46
CA VAL U 159 -63.04 34.27 10.59
C VAL U 159 -62.37 33.52 9.44
N PHE U 160 -62.25 32.20 9.53
CA PHE U 160 -61.72 31.42 8.43
C PHE U 160 -62.83 30.90 7.54
N GLU U 161 -64.01 30.64 8.10
CA GLU U 161 -65.17 30.33 7.26
C GLU U 161 -65.56 31.48 6.35
N THR U 162 -65.52 32.74 6.85
CA THR U 162 -65.87 33.89 6.00
C THR U 162 -64.94 34.00 4.80
N MET U 163 -63.64 33.83 5.00
CA MET U 163 -62.71 33.90 3.89
C MET U 163 -62.90 32.72 2.94
N ASN U 164 -63.18 31.54 3.49
CA ASN U 164 -63.44 30.33 2.69
C ASN U 164 -64.73 30.38 1.88
N GLY U 165 -65.48 31.49 1.91
CA GLY U 165 -66.75 31.57 1.23
C GLY U 165 -67.95 31.29 2.09
N GLY U 166 -67.79 31.25 3.41
CA GLY U 166 -68.85 30.88 4.32
C GLY U 166 -70.00 31.85 4.33
N PRO U 167 -71.16 31.39 4.82
CA PRO U 167 -72.35 32.24 4.89
C PRO U 167 -72.17 33.52 5.70
N ARG U 168 -71.46 33.48 6.82
CA ARG U 168 -71.44 34.62 7.72
C ARG U 168 -70.53 35.72 7.16
N LYS U 169 -71.04 36.94 7.24
CA LYS U 169 -70.40 38.16 6.80
C LYS U 169 -69.38 38.57 7.87
N PRO U 170 -68.36 39.37 7.53
CA PRO U 170 -67.42 39.84 8.57
C PRO U 170 -68.07 40.53 9.75
N GLY U 171 -67.63 40.11 10.93
CA GLY U 171 -68.02 40.71 12.18
C GLY U 171 -69.34 40.26 12.75
N VAL U 172 -70.14 39.50 12.02
CA VAL U 172 -71.49 39.17 12.49
C VAL U 172 -71.41 37.88 13.30
N PHE U 173 -71.71 37.99 14.59
CA PHE U 173 -71.89 36.83 15.45
C PHE U 173 -73.35 36.56 15.76
N PHE U 174 -74.27 37.25 15.07
CA PHE U 174 -75.72 37.15 15.28
C PHE U 174 -76.10 37.50 16.72
N PHE U 175 -75.32 38.38 17.34
CA PHE U 175 -75.51 38.74 18.74
C PHE U 175 -76.47 39.92 18.75
N ASP U 176 -77.76 39.62 18.79
CA ASP U 176 -78.80 40.63 18.92
C ASP U 176 -79.82 40.17 19.96
N PRO U 177 -79.44 40.10 21.26
CA PRO U 177 -80.40 39.62 22.28
C PRO U 177 -81.66 40.45 22.38
N LEU U 178 -81.52 41.77 22.43
CA LEU U 178 -82.68 42.65 22.50
C LEU U 178 -83.47 42.68 21.21
N GLY U 179 -82.89 42.19 20.10
CA GLY U 179 -83.58 42.15 18.84
C GLY U 179 -83.86 43.49 18.21
N LEU U 180 -83.30 44.58 18.76
CA LEU U 180 -83.61 45.92 18.31
C LEU U 180 -83.12 46.16 16.90
N GLY U 181 -81.90 45.71 16.59
CA GLY U 181 -81.36 45.88 15.25
C GLY U 181 -81.98 44.95 14.24
N LYS U 182 -82.43 43.77 14.69
CA LYS U 182 -82.89 42.73 13.78
C LYS U 182 -84.34 42.96 13.34
N GLY U 183 -85.25 43.09 14.32
CA GLY U 183 -86.66 43.33 14.01
C GLY U 183 -86.88 44.62 13.23
N ASP U 184 -86.22 45.69 13.65
CA ASP U 184 -86.16 46.89 12.83
C ASP U 184 -85.25 46.64 11.64
N LYS U 185 -85.45 47.41 10.56
CA LYS U 185 -84.58 47.29 9.40
C LYS U 185 -83.15 47.64 9.76
N MET U 186 -82.20 46.80 9.31
CA MET U 186 -80.83 46.89 9.75
C MET U 186 -79.94 47.38 8.61
N GLY U 187 -78.88 48.12 8.96
CA GLY U 187 -77.94 48.65 7.99
C GLY U 187 -77.45 50.04 8.36
N GLU U 188 -78.30 50.84 8.99
CA GLU U 188 -77.84 52.09 9.56
C GLU U 188 -76.99 51.84 10.80
N MET U 189 -77.36 50.83 11.59
CA MET U 189 -76.61 50.49 12.80
C MET U 189 -75.21 49.99 12.48
N GLU U 190 -75.03 49.34 11.33
CA GLU U 190 -73.69 48.91 10.90
C GLU U 190 -72.78 50.11 10.71
N LEU U 191 -73.27 51.14 10.02
CA LEU U 191 -72.44 52.30 9.78
C LEU U 191 -72.24 53.09 11.06
N LYS U 192 -73.26 53.15 11.94
CA LYS U 192 -73.10 53.78 13.25
C LYS U 192 -72.04 53.05 14.09
N GLU U 193 -72.03 51.72 14.04
CA GLU U 193 -71.02 50.94 14.74
C GLU U 193 -69.62 51.26 14.22
N ILE U 194 -69.47 51.28 12.89
CA ILE U 194 -68.18 51.52 12.26
C ILE U 194 -67.66 52.93 12.55
N LYS U 195 -68.53 53.94 12.47
CA LYS U 195 -68.12 55.33 12.75
C LYS U 195 -67.72 55.51 14.21
N ASN U 196 -68.55 55.00 15.13
CA ASN U 196 -68.21 55.09 16.55
C ASN U 196 -66.98 54.29 16.88
N GLY U 197 -66.77 53.18 16.18
CA GLY U 197 -65.58 52.38 16.43
C GLY U 197 -64.30 53.05 15.97
N ARG U 198 -64.32 53.64 14.77
CA ARG U 198 -63.17 54.40 14.27
C ARG U 198 -62.84 55.58 15.17
N LEU U 199 -63.88 56.29 15.61
CA LEU U 199 -63.72 57.40 16.54
C LEU U 199 -63.16 56.92 17.88
N ALA U 200 -63.60 55.75 18.32
CA ALA U 200 -63.10 55.18 19.57
C ALA U 200 -61.63 54.83 19.48
N MET U 201 -61.17 54.32 18.33
CA MET U 201 -59.76 54.00 18.12
C MET U 201 -58.88 55.23 18.27
N ILE U 202 -59.25 56.30 17.57
CA ILE U 202 -58.54 57.58 17.67
C ILE U 202 -58.63 58.11 19.10
N GLY U 203 -59.82 57.99 19.71
CA GLY U 203 -60.02 58.49 21.06
C GLY U 203 -59.19 57.77 22.12
N VAL U 204 -59.08 56.44 21.99
CA VAL U 204 -58.20 55.66 22.87
C VAL U 204 -56.77 56.15 22.75
N GLY U 205 -56.29 56.33 21.52
CA GLY U 205 -54.99 56.87 21.17
C GLY U 205 -54.68 58.15 21.90
N GLY U 206 -55.59 59.12 21.75
CA GLY U 206 -55.57 60.39 22.46
C GLY U 206 -55.42 60.19 23.95
N MET U 207 -56.45 59.58 24.59
CA MET U 207 -56.49 59.30 26.03
C MET U 207 -55.19 58.69 26.58
N VAL U 208 -54.72 57.61 25.95
CA VAL U 208 -53.51 56.91 26.40
C VAL U 208 -52.30 57.83 26.33
N HIS U 209 -52.06 58.44 25.16
CA HIS U 209 -50.88 59.27 24.98
C HIS U 209 -50.95 60.55 25.80
N HIS U 210 -52.14 61.10 26.00
CA HIS U 210 -52.31 62.24 26.89
C HIS U 210 -51.94 61.84 28.32
N TYR U 211 -52.27 60.60 28.71
CA TYR U 211 -51.84 60.09 30.02
C TYR U 211 -50.34 59.90 30.06
N LEU U 212 -49.76 59.32 29.00
CA LEU U 212 -48.33 59.04 28.94
C LEU U 212 -47.49 60.31 29.03
N LEU U 213 -48.09 61.47 28.77
CA LEU U 213 -47.45 62.76 28.95
C LEU U 213 -47.81 63.38 30.29
N THR U 214 -49.09 63.46 30.63
CA THR U 214 -49.55 64.06 31.87
C THR U 214 -50.45 63.07 32.59
N GLY U 215 -50.27 62.93 33.91
CA GLY U 215 -51.00 61.95 34.71
C GLY U 215 -52.51 62.09 34.74
N LYS U 216 -53.07 63.13 34.13
CA LYS U 216 -54.51 63.30 34.05
C LYS U 216 -55.11 62.17 33.23
N GLY U 217 -56.33 61.77 33.59
CA GLY U 217 -57.09 60.84 32.80
C GLY U 217 -57.95 61.60 31.82
N PRO U 218 -59.03 60.97 31.31
CA PRO U 218 -59.95 61.66 30.41
C PRO U 218 -60.58 62.94 30.95
N ILE U 219 -61.27 62.83 32.10
CA ILE U 219 -62.03 63.95 32.63
C ILE U 219 -61.11 65.07 33.09
N GLN U 220 -60.04 64.72 33.81
CA GLN U 220 -59.06 65.71 34.28
C GLN U 220 -58.41 66.46 33.12
N PHE U 221 -58.02 65.75 32.06
CA PHE U 221 -57.37 66.41 30.93
C PHE U 221 -58.36 67.28 30.17
N LEU U 222 -59.60 66.82 30.00
CA LEU U 222 -60.58 67.65 29.29
C LEU U 222 -60.98 68.88 30.11
N SER U 223 -61.04 68.74 31.44
CA SER U 223 -61.54 69.81 32.31
C SER U 223 -60.67 71.07 32.22
N GLY U 224 -59.35 70.89 32.27
CA GLY U 224 -58.43 71.99 32.14
C GLY U 224 -57.66 71.94 30.84
N ILE U 225 -56.73 72.86 30.70
CA ILE U 225 -55.86 72.98 29.52
C ILE U 225 -54.44 73.39 29.93
N PRO U 226 -53.59 72.44 30.38
CA PRO U 226 -52.18 72.77 30.62
C PRO U 226 -51.42 73.20 29.36
N ALA V 37 13.78 -84.49 1.38
CA ALA V 37 14.92 -83.63 1.09
C ALA V 37 15.33 -82.83 2.32
N MET V 38 16.03 -83.48 3.24
CA MET V 38 16.42 -82.88 4.50
C MET V 38 17.94 -82.79 4.58
N SER V 39 18.43 -81.78 5.30
CA SER V 39 19.86 -81.62 5.46
C SER V 39 20.44 -82.76 6.28
N GLU V 40 21.61 -83.24 5.86
CA GLU V 40 22.27 -84.34 6.56
C GLU V 40 22.85 -83.88 7.89
N SER V 41 23.53 -82.73 7.90
CA SER V 41 24.21 -82.25 9.10
C SER V 41 23.22 -81.71 10.12
N VAL V 42 22.15 -81.07 9.65
CA VAL V 42 21.12 -80.46 10.47
C VAL V 42 19.81 -81.15 10.11
N PRO V 43 19.42 -82.23 10.82
CA PRO V 43 18.30 -83.08 10.36
C PRO V 43 16.95 -82.38 10.26
N PHE V 44 16.75 -81.28 10.97
CA PHE V 44 15.46 -80.60 11.00
C PHE V 44 15.36 -79.49 9.96
N LEU V 45 16.38 -79.30 9.13
CA LEU V 45 16.40 -78.26 8.12
C LEU V 45 16.19 -78.90 6.75
N LYS V 46 15.60 -78.16 5.83
CA LYS V 46 15.48 -78.65 4.46
C LYS V 46 16.86 -78.62 3.83
N LYS V 47 17.10 -79.56 2.91
CA LYS V 47 18.34 -79.61 2.15
C LYS V 47 18.55 -78.27 1.43
N PRO V 48 19.70 -77.62 1.65
CA PRO V 48 19.99 -76.35 0.95
C PRO V 48 19.96 -76.52 -0.55
N GLU V 49 19.17 -75.66 -1.21
CA GLU V 49 18.89 -75.78 -2.64
C GLU V 49 20.16 -75.70 -3.48
N ALA V 50 20.99 -74.67 -3.25
CA ALA V 50 22.19 -74.47 -4.07
C ALA V 50 23.27 -75.51 -3.83
N LEU V 51 23.16 -76.29 -2.76
CA LEU V 51 24.17 -77.28 -2.40
C LEU V 51 23.84 -78.62 -3.04
N ASP V 52 24.89 -79.38 -3.36
CA ASP V 52 24.72 -80.68 -4.02
C ASP V 52 25.80 -81.64 -3.51
N SER V 53 25.46 -82.94 -3.49
CA SER V 53 26.39 -83.97 -3.00
C SER V 53 27.61 -84.16 -3.89
N SER V 54 27.62 -83.58 -5.09
CA SER V 54 28.80 -83.63 -5.94
C SER V 54 29.94 -82.78 -5.39
N MET V 55 29.63 -81.72 -4.64
CA MET V 55 30.65 -80.85 -4.10
C MET V 55 31.47 -81.57 -3.04
N ALA V 56 32.79 -81.36 -3.07
CA ALA V 56 33.66 -81.96 -2.09
C ALA V 56 33.49 -81.29 -0.74
N GLY V 57 33.41 -82.09 0.32
CA GLY V 57 33.14 -81.56 1.63
C GLY V 57 31.70 -81.24 1.90
N TYR V 58 30.79 -81.67 1.04
CA TYR V 58 29.38 -81.39 1.24
C TYR V 58 28.83 -82.25 2.37
N ALA V 59 28.09 -81.62 3.26
CA ALA V 59 27.35 -82.34 4.29
C ALA V 59 25.96 -81.76 4.47
N GLY V 60 25.53 -80.83 3.61
CA GLY V 60 24.25 -80.18 3.78
C GLY V 60 24.24 -79.06 4.78
N PHE V 61 25.39 -78.44 5.03
CA PHE V 61 25.50 -77.42 6.07
C PHE V 61 25.47 -76.04 5.41
N ASP V 62 24.26 -75.48 5.33
CA ASP V 62 24.09 -74.04 5.11
C ASP V 62 22.75 -73.63 5.73
N PRO V 63 22.68 -73.52 7.06
CA PRO V 63 21.40 -73.18 7.70
C PRO V 63 20.96 -71.74 7.49
N LEU V 64 21.86 -70.86 7.05
CA LEU V 64 21.58 -69.45 6.91
C LEU V 64 21.20 -69.07 5.50
N GLY V 65 21.42 -69.96 4.53
CA GLY V 65 21.08 -69.66 3.15
C GLY V 65 22.07 -68.73 2.49
N LEU V 66 23.35 -68.79 2.89
CA LEU V 66 24.37 -67.92 2.32
C LEU V 66 24.83 -68.42 0.96
N SER V 67 24.51 -69.67 0.62
CA SER V 67 24.84 -70.23 -0.68
C SER V 67 23.96 -69.65 -1.79
N SER V 68 22.87 -68.98 -1.42
CA SER V 68 21.98 -68.33 -2.37
C SER V 68 22.33 -66.86 -2.56
N ILE V 69 22.81 -66.20 -1.49
CA ILE V 69 23.19 -64.80 -1.55
C ILE V 69 24.34 -64.61 -2.53
N ALA V 70 25.47 -65.27 -2.26
CA ALA V 70 26.59 -65.26 -3.17
C ALA V 70 26.60 -66.54 -4.00
N ASP V 71 27.24 -66.49 -5.16
CA ASP V 71 27.29 -67.64 -6.05
C ASP V 71 28.10 -68.76 -5.41
N ILE V 72 27.58 -69.99 -5.52
CA ILE V 72 28.16 -71.15 -4.85
C ILE V 72 29.61 -71.40 -5.27
N LYS V 73 29.94 -71.14 -6.53
CA LYS V 73 31.29 -71.41 -7.01
C LYS V 73 32.28 -70.38 -6.51
N PHE V 74 31.85 -69.12 -6.40
CA PHE V 74 32.66 -68.11 -5.71
C PHE V 74 32.91 -68.52 -4.27
N LEU V 75 31.88 -69.03 -3.60
CA LEU V 75 32.00 -69.47 -2.22
C LEU V 75 32.95 -70.66 -2.10
N GLN V 76 32.91 -71.58 -3.07
CA GLN V 76 33.81 -72.72 -3.04
C GLN V 76 35.26 -72.30 -3.20
N GLU V 77 35.55 -71.42 -4.17
CA GLU V 77 36.89 -70.89 -4.35
C GLU V 77 37.36 -70.12 -3.11
N SER V 78 36.46 -69.33 -2.51
CA SER V 78 36.79 -68.61 -1.29
C SER V 78 37.10 -69.57 -0.14
N GLU V 79 36.28 -70.61 0.03
CA GLU V 79 36.50 -71.58 1.10
C GLU V 79 37.80 -72.34 0.92
N ILE V 80 38.09 -72.77 -0.31
CA ILE V 80 39.31 -73.54 -0.58
C ILE V 80 40.54 -72.67 -0.37
N LYS V 81 40.46 -71.39 -0.77
CA LYS V 81 41.55 -70.44 -0.51
C LYS V 81 41.78 -70.28 0.98
N HIS V 82 40.69 -70.09 1.75
CA HIS V 82 40.75 -70.03 3.21
C HIS V 82 41.31 -71.32 3.79
N CYS V 83 40.91 -72.48 3.23
CA CYS V 83 41.39 -73.79 3.68
C CYS V 83 42.90 -73.90 3.58
N ARG V 84 43.45 -73.60 2.41
CA ARG V 84 44.87 -73.77 2.16
C ARG V 84 45.71 -72.77 2.93
N ILE V 85 45.26 -71.51 3.02
CA ILE V 85 45.98 -70.50 3.78
C ILE V 85 46.02 -70.87 5.26
N ALA V 86 44.89 -71.31 5.81
CA ALA V 86 44.86 -71.65 7.22
C ALA V 86 45.57 -72.97 7.52
N MET V 87 45.65 -73.86 6.53
CA MET V 87 46.48 -75.06 6.69
C MET V 87 47.94 -74.68 6.82
N LEU V 88 48.43 -73.78 5.97
CA LEU V 88 49.79 -73.27 6.12
C LEU V 88 49.95 -72.50 7.42
N ALA V 89 48.91 -71.76 7.83
CA ALA V 89 48.96 -70.96 9.04
C ALA V 89 49.09 -71.82 10.28
N ALA V 90 48.29 -72.89 10.36
CA ALA V 90 48.36 -73.80 11.50
C ALA V 90 49.70 -74.54 11.54
N ALA V 91 50.14 -75.08 10.40
CA ALA V 91 51.44 -75.74 10.32
C ALA V 91 52.57 -74.77 10.61
N GLY V 92 52.41 -73.51 10.24
CA GLY V 92 53.42 -72.52 10.53
C GLY V 92 53.54 -72.21 11.99
N SER V 93 52.39 -72.08 12.67
CA SER V 93 52.35 -71.95 14.12
C SER V 93 53.09 -73.10 14.81
N ILE V 94 52.74 -74.33 14.43
CA ILE V 94 53.31 -75.54 15.03
C ILE V 94 54.81 -75.61 14.78
N ALA V 95 55.23 -75.40 13.52
CA ALA V 95 56.64 -75.51 13.17
C ALA V 95 57.47 -74.44 13.84
N GLN V 96 56.97 -73.19 13.89
CA GLN V 96 57.70 -72.11 14.54
C GLN V 96 57.86 -72.35 16.03
N ASP V 97 56.95 -73.11 16.64
CA ASP V 97 57.23 -73.65 17.96
C ASP V 97 58.38 -74.63 17.92
N ILE V 98 58.31 -75.62 17.02
CA ILE V 98 59.24 -76.75 17.01
C ILE V 98 60.66 -76.28 16.74
N PHE V 99 60.84 -75.41 15.75
CA PHE V 99 62.16 -74.89 15.44
C PHE V 99 62.02 -73.56 14.72
N THR V 100 63.13 -72.86 14.59
CA THR V 100 63.21 -71.68 13.75
C THR V 100 64.40 -71.83 12.83
N PHE V 101 64.38 -71.04 11.77
CA PHE V 101 65.40 -71.10 10.74
C PHE V 101 66.68 -70.43 11.22
N PRO V 102 67.84 -70.73 10.62
CA PRO V 102 69.10 -70.14 11.10
C PRO V 102 69.11 -68.62 11.04
N GLY V 103 69.46 -68.00 12.16
CA GLY V 103 69.54 -66.56 12.23
C GLY V 103 68.25 -65.87 12.59
N VAL V 104 67.14 -66.61 12.64
CA VAL V 104 65.85 -65.99 12.95
C VAL V 104 65.82 -65.47 14.38
N SER V 105 66.45 -66.19 15.32
CA SER V 105 66.53 -65.77 16.71
C SER V 105 67.31 -64.47 16.87
N LYS V 106 68.26 -64.19 15.97
CA LYS V 106 68.93 -62.89 15.94
C LYS V 106 67.92 -61.77 15.75
N VAL V 107 67.00 -61.95 14.81
CA VAL V 107 66.07 -60.88 14.44
C VAL V 107 64.88 -60.84 15.38
N VAL V 108 64.36 -62.00 15.80
CA VAL V 108 63.19 -62.06 16.66
C VAL V 108 63.66 -62.54 18.04
N GLY V 109 63.55 -61.69 19.03
CA GLY V 109 64.00 -62.09 20.35
C GLY V 109 62.97 -62.89 21.13
N THR V 110 61.83 -62.28 21.40
CA THR V 110 60.81 -62.85 22.27
C THR V 110 59.46 -62.93 21.57
N ALA V 111 59.28 -62.20 20.47
CA ALA V 111 58.07 -62.27 19.66
C ALA V 111 57.85 -63.69 19.18
N LYS V 112 56.61 -64.18 19.32
CA LYS V 112 56.37 -65.61 19.16
C LYS V 112 55.42 -65.95 18.03
N MET V 113 54.19 -65.43 18.04
CA MET V 113 53.20 -65.85 17.07
C MET V 113 52.77 -64.72 16.15
N THR V 114 52.22 -63.65 16.69
CA THR V 114 51.89 -62.50 15.88
C THR V 114 52.79 -61.32 16.18
N GLY V 115 53.60 -61.40 17.23
CA GLY V 115 54.65 -60.42 17.42
C GLY V 115 55.70 -60.49 16.34
N VAL V 116 55.99 -61.69 15.83
CA VAL V 116 56.97 -61.85 14.77
C VAL V 116 56.51 -61.16 13.51
N HIS V 117 55.20 -61.08 13.26
CA HIS V 117 54.68 -60.24 12.19
C HIS V 117 55.10 -58.78 12.39
N ASP V 118 54.95 -58.27 13.62
CA ASP V 118 55.20 -56.86 13.90
C ASP V 118 56.68 -56.50 13.73
N VAL V 119 57.57 -57.40 14.15
CA VAL V 119 59.00 -57.14 14.02
C VAL V 119 59.51 -57.42 12.59
N LEU V 120 58.87 -58.32 11.84
CA LEU V 120 59.33 -58.62 10.49
C LEU V 120 58.60 -57.80 9.42
N VAL V 121 57.67 -56.92 9.80
CA VAL V 121 57.29 -55.81 8.93
C VAL V 121 58.42 -54.78 8.87
N LYS V 122 59.07 -54.54 10.03
CA LYS V 122 60.27 -53.71 10.07
C LYS V 122 61.35 -54.26 9.17
N GLN V 123 61.68 -55.54 9.33
CA GLN V 123 62.54 -56.26 8.41
C GLN V 123 61.75 -56.52 7.11
N GLY V 124 62.38 -57.10 6.11
CA GLY V 124 61.67 -57.21 4.87
C GLY V 124 60.85 -58.44 4.62
N ALA V 125 60.78 -59.38 5.58
CA ALA V 125 60.20 -60.70 5.31
C ALA V 125 58.72 -60.63 4.96
N MET V 126 57.94 -59.88 5.75
CA MET V 126 56.50 -59.81 5.54
C MET V 126 56.17 -59.12 4.23
N GLY V 127 56.89 -58.04 3.90
CA GLY V 127 56.69 -57.37 2.63
C GLY V 127 57.02 -58.26 1.44
N GLN V 128 58.07 -59.08 1.58
CA GLN V 128 58.44 -60.03 0.53
C GLN V 128 57.34 -61.06 0.29
N ILE V 129 56.83 -61.68 1.36
CA ILE V 129 55.77 -62.68 1.24
C ILE V 129 54.50 -62.04 0.69
N LEU V 130 54.19 -60.80 1.12
CA LEU V 130 53.03 -60.09 0.61
C LEU V 130 53.16 -59.82 -0.89
N LEU V 131 54.33 -59.39 -1.34
CA LEU V 131 54.56 -59.12 -2.76
C LEU V 131 54.40 -60.38 -3.61
N TRP V 132 54.93 -61.50 -3.16
CA TRP V 132 54.90 -62.71 -3.98
C TRP V 132 53.55 -63.40 -3.93
N THR V 133 52.88 -63.39 -2.78
CA THR V 133 51.52 -63.91 -2.76
C THR V 133 50.58 -63.02 -3.56
N SER V 134 50.83 -61.71 -3.61
CA SER V 134 49.98 -60.83 -4.42
C SER V 134 50.24 -61.02 -5.90
N PHE V 135 51.50 -61.24 -6.26
CA PHE V 135 51.86 -61.71 -7.61
C PHE V 135 51.06 -62.94 -8.01
N LEU V 136 50.96 -63.93 -7.11
CA LEU V 136 50.21 -65.15 -7.41
C LEU V 136 48.71 -64.88 -7.48
N GLU V 137 48.20 -64.05 -6.58
CA GLU V 137 46.80 -63.65 -6.58
C GLU V 137 46.34 -62.96 -7.86
N VAL V 138 47.23 -62.30 -8.59
CA VAL V 138 46.85 -61.69 -9.87
C VAL V 138 46.38 -62.78 -10.84
N PHE V 139 47.14 -63.86 -10.92
CA PHE V 139 46.73 -64.99 -11.75
C PHE V 139 45.62 -65.78 -11.08
N GLY V 140 45.58 -65.78 -9.75
CA GLY V 140 44.43 -66.32 -9.04
C GLY V 140 43.15 -65.56 -9.32
N THR V 141 43.26 -64.25 -9.56
CA THR V 141 42.10 -63.44 -9.90
C THR V 141 41.60 -63.74 -11.30
N ILE V 142 42.53 -63.88 -12.26
CA ILE V 142 42.19 -64.37 -13.58
C ILE V 142 41.53 -65.74 -13.50
N ALA V 143 42.04 -66.63 -12.65
CA ALA V 143 41.48 -67.96 -12.53
C ALA V 143 40.11 -67.94 -11.84
N LEU V 144 39.89 -67.01 -10.91
CA LEU V 144 38.55 -66.87 -10.33
C LEU V 144 37.53 -66.40 -11.36
N LEU V 145 37.90 -65.45 -12.22
CA LEU V 145 37.01 -65.07 -13.31
C LEU V 145 36.75 -66.25 -14.25
N GLU V 146 37.80 -67.04 -14.50
CA GLU V 146 37.70 -68.23 -15.34
C GLU V 146 36.72 -69.24 -14.75
N THR V 147 36.79 -69.47 -13.43
CA THR V 147 35.88 -70.42 -12.80
C THR V 147 34.48 -69.84 -12.66
N LEU V 148 34.35 -68.51 -12.61
CA LEU V 148 33.03 -67.90 -12.66
C LEU V 148 32.35 -68.19 -13.98
N ASP V 149 33.02 -67.92 -15.11
CA ASP V 149 32.50 -68.27 -16.44
C ASP V 149 32.16 -69.75 -16.55
N GLY V 150 32.89 -70.60 -15.83
CA GLY V 150 32.64 -72.03 -15.80
C GLY V 150 33.72 -72.89 -16.39
N LYS V 151 34.85 -72.31 -16.80
CA LYS V 151 35.89 -73.10 -17.43
C LYS V 151 36.75 -73.88 -16.43
N ARG V 152 36.85 -73.42 -15.18
CA ARG V 152 37.78 -74.00 -14.23
C ARG V 152 37.01 -74.41 -12.99
N ALA V 153 37.44 -75.48 -12.35
CA ALA V 153 36.83 -75.84 -11.08
C ALA V 153 37.41 -74.95 -9.98
N PRO V 154 36.62 -74.62 -8.95
CA PRO V 154 37.16 -73.80 -7.86
C PRO V 154 38.31 -74.49 -7.13
N GLY V 155 39.34 -73.70 -6.80
CA GLY V 155 40.52 -74.20 -6.13
C GLY V 155 41.44 -75.04 -6.99
N ASP V 156 41.12 -75.18 -8.28
CA ASP V 156 41.84 -76.06 -9.18
C ASP V 156 42.88 -75.24 -9.95
N PHE V 157 44.15 -75.42 -9.59
CA PHE V 157 45.23 -74.73 -10.25
C PHE V 157 46.15 -75.68 -11.00
N LYS V 158 45.73 -76.93 -11.19
CA LYS V 158 46.45 -77.98 -11.93
C LYS V 158 47.80 -78.30 -11.30
N PHE V 159 47.97 -77.99 -10.02
CA PHE V 159 49.22 -78.20 -9.31
C PHE V 159 49.25 -79.60 -8.70
N ASP V 160 49.64 -80.57 -9.52
CA ASP V 160 49.88 -81.93 -9.02
C ASP V 160 51.22 -82.42 -9.57
N PRO V 161 52.35 -81.83 -9.14
CA PRO V 161 53.65 -82.25 -9.68
C PRO V 161 54.04 -83.68 -9.37
N LEU V 162 53.73 -84.18 -8.17
CA LEU V 162 54.16 -85.52 -7.77
C LEU V 162 53.14 -86.60 -8.13
N GLY V 163 52.16 -86.28 -8.95
CA GLY V 163 51.18 -87.24 -9.46
C GLY V 163 50.41 -87.98 -8.39
N PHE V 164 50.02 -87.29 -7.31
CA PHE V 164 49.29 -87.92 -6.22
C PHE V 164 47.90 -88.36 -6.63
N SER V 165 47.23 -87.62 -7.51
CA SER V 165 45.84 -87.88 -7.86
C SER V 165 45.68 -88.64 -9.17
N LYS V 166 46.73 -89.34 -9.63
CA LYS V 166 46.67 -90.03 -10.93
C LYS V 166 45.66 -91.18 -10.99
N ASN V 167 45.44 -91.90 -9.88
CA ASN V 167 44.55 -93.08 -9.89
C ASN V 167 43.11 -92.76 -10.29
N ALA V 168 42.60 -91.56 -9.92
CA ALA V 168 41.20 -91.11 -10.21
C ALA V 168 40.25 -91.42 -9.05
N GLU V 169 40.62 -92.32 -8.14
CA GLU V 169 39.85 -92.64 -6.96
C GLU V 169 40.46 -91.96 -5.75
N THR V 170 41.79 -91.91 -5.72
CA THR V 170 42.50 -91.15 -4.71
C THR V 170 42.19 -89.68 -4.84
N ALA V 171 42.00 -89.20 -6.08
CA ALA V 171 41.76 -87.79 -6.36
C ALA V 171 40.53 -87.27 -5.63
N LYS V 172 39.45 -88.05 -5.61
CA LYS V 172 38.26 -87.66 -4.87
C LYS V 172 38.52 -87.64 -3.37
N ARG V 173 39.12 -88.71 -2.82
CA ARG V 173 39.33 -88.76 -1.38
C ARG V 173 40.33 -87.69 -0.95
N TYR V 174 41.26 -87.32 -1.84
CA TYR V 174 42.19 -86.23 -1.59
C TYR V 174 41.47 -84.90 -1.55
N GLN V 175 40.49 -84.71 -2.45
CA GLN V 175 39.66 -83.51 -2.40
C GLN V 175 38.90 -83.43 -1.10
N LEU V 176 38.31 -84.55 -0.67
CA LEU V 176 37.58 -84.56 0.59
C LEU V 176 38.52 -84.28 1.76
N SER V 177 39.70 -84.92 1.79
CA SER V 177 40.64 -84.70 2.89
C SER V 177 41.20 -83.29 2.90
N GLU V 178 41.41 -82.70 1.71
CA GLU V 178 41.87 -81.31 1.63
C GLU V 178 40.88 -80.36 2.30
N ILE V 179 39.59 -80.51 1.99
CA ILE V 179 38.57 -79.69 2.61
C ILE V 179 38.45 -79.99 4.11
N LYS V 180 38.62 -81.25 4.52
CA LYS V 180 38.45 -81.60 5.92
C LYS V 180 39.57 -80.99 6.78
N ASN V 181 40.84 -81.32 6.48
CA ASN V 181 41.90 -80.59 7.18
C ASN V 181 41.96 -79.11 6.84
N GLY V 182 41.33 -78.65 5.76
CA GLY V 182 41.26 -77.21 5.53
C GLY V 182 40.32 -76.52 6.50
N ARG V 183 39.12 -77.08 6.68
CA ARG V 183 38.17 -76.55 7.65
C ARG V 183 38.71 -76.67 9.07
N LEU V 184 39.29 -77.83 9.39
CA LEU V 184 39.89 -78.03 10.71
C LEU V 184 41.02 -77.06 10.96
N ALA V 185 41.82 -76.75 9.94
CA ALA V 185 42.90 -75.80 10.14
C ALA V 185 42.41 -74.37 10.23
N MET V 186 41.29 -74.02 9.58
CA MET V 186 40.70 -72.71 9.84
C MET V 186 40.33 -72.55 11.29
N LEU V 187 39.60 -73.53 11.82
CA LEU V 187 39.22 -73.52 13.23
C LEU V 187 40.45 -73.59 14.13
N ALA V 188 41.44 -74.39 13.74
CA ALA V 188 42.63 -74.53 14.57
C ALA V 188 43.45 -73.25 14.59
N THR V 189 43.68 -72.64 13.41
CA THR V 189 44.41 -71.37 13.31
C THR V 189 43.77 -70.30 14.19
N GLY V 190 42.45 -70.18 14.14
CA GLY V 190 41.75 -69.27 15.02
C GLY V 190 41.96 -69.62 16.48
N GLY V 191 41.94 -70.91 16.78
CA GLY V 191 41.92 -71.38 18.14
C GLY V 191 43.19 -71.37 18.91
N MET V 192 44.33 -71.38 18.17
CA MET V 192 45.72 -71.13 18.56
C MET V 192 46.04 -69.65 18.67
N VAL V 193 45.70 -68.86 17.64
CA VAL V 193 45.99 -67.42 17.70
C VAL V 193 45.22 -66.77 18.82
N HIS V 194 44.03 -67.28 19.14
CA HIS V 194 43.30 -66.72 20.26
C HIS V 194 43.82 -67.25 21.58
N GLY V 195 44.24 -68.53 21.61
CA GLY V 195 44.96 -69.04 22.77
C GLY V 195 46.24 -68.28 23.05
N TYR V 196 46.90 -67.80 22.00
CA TYR V 196 48.09 -66.99 22.17
C TYR V 196 47.74 -65.54 22.54
N PHE V 197 46.63 -64.99 22.04
CA PHE V 197 46.20 -63.67 22.52
C PHE V 197 45.91 -63.68 24.01
N ILE V 198 45.36 -64.79 24.51
CA ILE V 198 45.14 -64.95 25.93
C ILE V 198 46.46 -65.08 26.67
N THR V 199 47.21 -66.15 26.43
CA THR V 199 48.35 -66.47 27.26
C THR V 199 49.68 -65.94 26.74
N GLY V 200 49.84 -65.76 25.44
CA GLY V 200 51.15 -65.46 24.89
C GLY V 200 52.02 -66.67 24.66
N LYS V 201 51.54 -67.87 25.00
CA LYS V 201 52.40 -69.04 24.99
C LYS V 201 52.67 -69.55 23.58
N GLY V 202 51.64 -69.63 22.73
CA GLY V 202 51.76 -70.31 21.47
C GLY V 202 51.27 -71.73 21.66
N PRO V 203 50.99 -72.47 20.55
CA PRO V 203 50.33 -73.79 20.65
C PRO V 203 51.04 -74.85 21.47
N LEU V 204 52.29 -75.19 21.10
CA LEU V 204 53.03 -76.19 21.85
C LEU V 204 53.40 -75.69 23.24
N GLU V 205 53.74 -74.41 23.38
CA GLU V 205 54.00 -73.90 24.72
C GLU V 205 52.74 -73.79 25.55
N LEU V 206 51.57 -73.66 24.93
CA LEU V 206 50.34 -73.77 25.71
C LEU V 206 50.17 -75.18 26.25
N LEU V 207 50.38 -76.19 25.40
CA LEU V 207 50.20 -77.57 25.83
C LEU V 207 51.21 -77.98 26.89
N THR V 208 52.50 -77.77 26.61
CA THR V 208 53.54 -78.22 27.54
C THR V 208 53.50 -77.44 28.85
N ASN V 209 53.13 -76.16 28.79
CA ASN V 209 52.91 -75.34 29.98
C ASN V 209 51.41 -75.11 30.15
N PHE V 210 50.73 -76.07 30.79
CA PHE V 210 49.29 -75.96 31.07
C PHE V 210 48.98 -74.83 32.06
N ASP W 39 -75.83 -15.23 21.94
CA ASP W 39 -75.32 -14.02 21.31
C ASP W 39 -74.51 -13.18 22.28
N MET W 40 -75.22 -12.51 23.18
CA MET W 40 -74.59 -11.75 24.24
C MET W 40 -74.16 -12.67 25.37
N SER W 41 -73.33 -12.14 26.26
CA SER W 41 -72.84 -12.92 27.38
C SER W 41 -73.87 -12.89 28.51
N ALA W 42 -74.20 -14.08 29.02
CA ALA W 42 -75.21 -14.21 30.07
C ALA W 42 -74.80 -13.48 31.35
N SER W 43 -73.53 -13.59 31.73
CA SER W 43 -73.06 -12.93 32.93
C SER W 43 -72.61 -11.49 32.68
N VAL W 44 -72.01 -11.22 31.52
CA VAL W 44 -71.56 -9.87 31.21
C VAL W 44 -72.43 -9.32 30.08
N PRO W 45 -73.55 -8.65 30.40
CA PRO W 45 -74.60 -8.37 29.41
C PRO W 45 -74.15 -7.53 28.21
N PHE W 46 -73.18 -6.64 28.41
CA PHE W 46 -72.70 -5.79 27.35
C PHE W 46 -71.67 -6.47 26.46
N LEU W 47 -71.12 -7.57 26.89
CA LEU W 47 -70.16 -8.29 26.08
C LEU W 47 -70.84 -9.38 25.24
N PRO W 48 -70.29 -9.72 24.08
CA PRO W 48 -70.81 -10.87 23.33
C PRO W 48 -70.39 -12.18 23.96
N ARG W 49 -71.16 -13.24 23.66
CA ARG W 49 -70.87 -14.55 24.20
C ARG W 49 -69.72 -15.19 23.42
N PRO W 50 -68.65 -15.60 24.09
CA PRO W 50 -67.52 -16.27 23.42
C PRO W 50 -67.94 -17.49 22.61
N ALA W 51 -67.31 -17.62 21.43
CA ALA W 51 -67.63 -18.72 20.51
C ALA W 51 -67.36 -20.08 21.12
N ALA W 52 -66.25 -20.22 21.82
CA ALA W 52 -65.77 -21.52 22.29
C ALA W 52 -66.53 -22.02 23.51
N LEU W 53 -67.55 -21.31 23.97
CA LEU W 53 -68.28 -21.74 25.16
C LEU W 53 -69.41 -22.69 24.80
N ASP W 54 -70.31 -22.25 23.90
CA ASP W 54 -71.39 -23.02 23.26
C ASP W 54 -72.48 -23.46 24.23
N GLY W 55 -72.37 -23.19 25.53
CA GLY W 55 -73.39 -23.47 26.50
C GLY W 55 -73.35 -24.87 27.09
N SER W 56 -72.97 -25.88 26.30
CA SER W 56 -73.06 -27.28 26.73
C SER W 56 -72.14 -27.59 27.90
N MET W 57 -70.99 -26.93 27.96
CA MET W 57 -69.92 -27.33 28.87
C MET W 57 -70.20 -26.79 30.26
N VAL W 58 -70.02 -27.63 31.28
CA VAL W 58 -70.54 -27.39 32.62
C VAL W 58 -69.83 -26.21 33.25
N GLY W 59 -70.61 -25.28 33.81
CA GLY W 59 -70.09 -24.07 34.42
C GLY W 59 -70.19 -22.82 33.61
N ASP W 60 -70.94 -22.85 32.52
CA ASP W 60 -70.92 -21.76 31.56
C ASP W 60 -72.01 -20.76 31.91
N VAL W 61 -71.61 -19.52 32.20
CA VAL W 61 -72.54 -18.41 32.26
C VAL W 61 -72.05 -17.35 31.28
N GLY W 62 -71.33 -17.79 30.25
CA GLY W 62 -70.80 -16.87 29.26
C GLY W 62 -69.68 -15.99 29.76
N PHE W 63 -68.96 -16.42 30.78
CA PHE W 63 -67.99 -15.57 31.46
C PHE W 63 -66.59 -15.87 30.90
N ASP W 64 -66.31 -15.27 29.75
CA ASP W 64 -64.96 -15.27 29.20
C ASP W 64 -64.73 -13.92 28.50
N PRO W 65 -64.54 -12.86 29.28
CA PRO W 65 -64.36 -11.53 28.67
C PRO W 65 -63.02 -11.35 27.97
N LEU W 66 -61.92 -11.82 28.58
CA LEU W 66 -60.57 -11.62 28.03
C LEU W 66 -60.20 -12.57 26.90
N GLY W 67 -61.16 -13.31 26.35
CA GLY W 67 -60.94 -14.14 25.17
C GLY W 67 -59.84 -15.17 25.32
N PHE W 68 -59.75 -15.80 26.48
CA PHE W 68 -58.72 -16.82 26.69
C PHE W 68 -59.02 -18.11 25.96
N THR W 69 -60.28 -18.36 25.62
CA THR W 69 -60.64 -19.57 24.88
C THR W 69 -60.28 -19.51 23.42
N THR W 70 -60.06 -18.32 22.87
CA THR W 70 -59.65 -18.22 21.49
C THR W 70 -58.17 -18.58 21.33
N LYS W 71 -57.39 -18.38 22.39
CA LYS W 71 -55.97 -18.64 22.35
C LYS W 71 -55.58 -20.02 22.86
N TYR W 72 -56.45 -20.67 23.64
CA TYR W 72 -56.11 -21.97 24.18
C TYR W 72 -57.29 -22.92 24.00
N ASP W 73 -56.96 -24.20 23.97
CA ASP W 73 -57.96 -25.25 23.92
C ASP W 73 -58.72 -25.29 25.24
N ILE W 74 -60.05 -25.38 25.17
CA ILE W 74 -60.84 -25.26 26.40
C ILE W 74 -60.82 -26.56 27.19
N LYS W 75 -60.54 -27.70 26.55
CA LYS W 75 -60.39 -28.96 27.28
C LYS W 75 -59.24 -28.87 28.27
N TRP W 76 -58.10 -28.35 27.81
CA TRP W 76 -56.94 -28.13 28.68
C TRP W 76 -57.26 -27.11 29.77
N LEU W 77 -57.99 -26.05 29.42
CA LEU W 77 -58.34 -25.02 30.39
C LEU W 77 -59.26 -25.56 31.49
N ARG W 78 -60.24 -26.38 31.14
CA ARG W 78 -61.12 -26.98 32.12
C ARG W 78 -60.38 -27.97 33.00
N GLU W 79 -59.50 -28.79 32.40
CA GLU W 79 -58.64 -29.69 33.16
C GLU W 79 -57.81 -28.91 34.16
N SER W 80 -57.24 -27.78 33.73
CA SER W 80 -56.50 -26.91 34.64
C SER W 80 -57.39 -26.32 35.73
N GLU W 81 -58.60 -25.88 35.35
CA GLU W 81 -59.52 -25.28 36.32
C GLU W 81 -59.95 -26.30 37.36
N LEU W 82 -60.29 -27.51 36.92
CA LEU W 82 -60.67 -28.58 37.83
C LEU W 82 -59.52 -28.98 38.75
N LYS W 83 -58.32 -29.12 38.18
CA LYS W 83 -57.15 -29.48 38.98
C LYS W 83 -56.81 -28.38 39.97
N HIS W 84 -56.90 -27.11 39.55
CA HIS W 84 -56.68 -25.98 40.45
C HIS W 84 -57.69 -25.96 41.59
N GLY W 85 -58.98 -26.14 41.25
CA GLY W 85 -60.02 -26.12 42.27
C GLY W 85 -59.92 -27.28 43.23
N ARG W 86 -59.51 -28.45 42.74
CA ARG W 86 -59.32 -29.62 43.61
C ARG W 86 -58.18 -29.41 44.59
N VAL W 87 -57.05 -28.87 44.11
CA VAL W 87 -55.95 -28.51 45.01
C VAL W 87 -56.40 -27.48 46.02
N CYS W 88 -57.23 -26.53 45.59
CA CYS W 88 -57.64 -25.43 46.46
C CYS W 88 -58.62 -25.88 47.54
N MET W 89 -59.53 -26.80 47.19
CA MET W 89 -60.42 -27.39 48.19
C MET W 89 -59.62 -28.16 49.24
N LEU W 90 -58.63 -28.93 48.80
CA LEU W 90 -57.73 -29.62 49.73
C LEU W 90 -56.96 -28.62 50.59
N ALA W 91 -56.52 -27.52 49.98
CA ALA W 91 -55.68 -26.56 50.69
C ALA W 91 -56.46 -25.75 51.70
N SER W 92 -57.67 -25.33 51.35
CA SER W 92 -58.49 -24.59 52.31
C SER W 92 -58.88 -25.48 53.49
N LEU W 93 -59.33 -26.71 53.20
CA LEU W 93 -59.61 -27.69 54.25
C LEU W 93 -58.37 -27.95 55.11
N GLY W 94 -57.20 -27.99 54.46
CA GLY W 94 -55.96 -28.12 55.19
C GLY W 94 -55.72 -26.96 56.13
N CYS W 95 -55.97 -25.74 55.67
CA CYS W 95 -55.78 -24.54 56.50
C CYS W 95 -56.63 -24.55 57.77
N ILE W 96 -57.94 -24.77 57.64
CA ILE W 96 -58.82 -24.82 58.81
C ILE W 96 -58.42 -25.95 59.76
N VAL W 97 -58.29 -27.17 59.25
CA VAL W 97 -58.10 -28.34 60.09
C VAL W 97 -56.73 -28.31 60.77
N GLN W 98 -55.69 -27.81 60.06
CA GLN W 98 -54.38 -27.64 60.69
C GLN W 98 -54.43 -26.63 61.83
N GLU W 99 -55.22 -25.55 61.68
CA GLU W 99 -55.32 -24.60 62.77
C GLU W 99 -56.07 -25.19 63.96
N ILE W 100 -57.02 -26.10 63.73
CA ILE W 100 -57.71 -26.71 64.87
C ILE W 100 -56.89 -27.87 65.45
N VAL W 101 -56.34 -28.75 64.61
CA VAL W 101 -55.74 -30.00 65.07
C VAL W 101 -54.46 -30.24 64.29
N HIS W 102 -53.52 -30.91 64.94
CA HIS W 102 -52.26 -31.24 64.30
C HIS W 102 -51.75 -32.53 64.91
N LEU W 103 -50.78 -33.14 64.24
CA LEU W 103 -50.24 -34.42 64.67
C LEU W 103 -49.55 -34.25 66.02
N PRO W 104 -49.61 -35.28 66.90
CA PRO W 104 -49.00 -35.14 68.24
C PRO W 104 -47.48 -35.12 68.23
N PHE W 105 -46.89 -34.21 67.45
CA PHE W 105 -45.47 -34.12 67.28
C PHE W 105 -45.07 -32.65 67.23
N GLU W 106 -43.84 -32.38 67.65
CA GLU W 106 -43.23 -31.12 67.31
C GLU W 106 -42.89 -31.12 65.81
N ALA W 107 -42.80 -29.91 65.24
CA ALA W 107 -42.68 -29.51 63.84
C ALA W 107 -44.05 -29.60 63.17
N THR W 108 -45.10 -29.91 63.93
CA THR W 108 -46.45 -29.81 63.41
C THR W 108 -47.32 -28.91 64.28
N SER W 109 -46.77 -28.36 65.36
CA SER W 109 -47.58 -27.62 66.33
C SER W 109 -48.13 -26.32 65.75
N ASN W 110 -47.33 -25.61 64.95
CA ASN W 110 -47.70 -24.29 64.45
C ASN W 110 -49.00 -24.34 63.63
N PRO W 111 -50.00 -23.54 63.97
CA PRO W 111 -51.28 -23.60 63.26
C PRO W 111 -51.44 -22.59 62.12
N VAL W 112 -50.48 -21.70 61.95
CA VAL W 112 -50.49 -20.78 60.82
C VAL W 112 -49.94 -21.55 59.63
N ALA W 113 -50.76 -21.69 58.57
CA ALA W 113 -50.46 -22.55 57.44
C ALA W 113 -49.13 -22.19 56.79
N SER W 114 -48.94 -20.91 56.46
CA SER W 114 -47.71 -20.43 55.84
C SER W 114 -46.51 -20.71 56.72
N GLU W 115 -46.61 -20.37 58.01
CA GLU W 115 -45.52 -20.61 58.94
C GLU W 115 -45.36 -22.10 59.27
N ALA W 116 -46.43 -22.88 59.12
CA ALA W 116 -46.32 -24.33 59.31
C ALA W 116 -45.49 -24.98 58.22
N PHE W 117 -45.56 -24.44 57.00
CA PHE W 117 -44.78 -24.97 55.88
C PHE W 117 -43.28 -24.97 56.16
N PHE W 118 -42.81 -24.03 56.99
CA PHE W 118 -41.39 -23.86 57.25
C PHE W 118 -40.91 -24.56 58.51
N GLN W 119 -41.76 -24.71 59.51
CA GLN W 119 -41.37 -25.34 60.77
C GLN W 119 -41.76 -26.80 60.74
N VAL W 120 -41.14 -27.57 59.84
CA VAL W 120 -41.53 -28.95 59.53
C VAL W 120 -40.41 -29.54 58.67
N PRO W 121 -40.06 -30.83 58.84
CA PRO W 121 -39.04 -31.46 57.98
C PRO W 121 -39.26 -31.29 56.49
N ALA W 122 -38.22 -30.79 55.83
CA ALA W 122 -38.32 -30.53 54.40
C ALA W 122 -38.16 -31.79 53.59
N GLY W 123 -37.57 -32.84 54.18
CA GLY W 123 -37.52 -34.13 53.51
C GLY W 123 -38.91 -34.69 53.29
N GLY W 124 -39.78 -34.51 54.28
CA GLY W 124 -41.18 -34.88 54.13
C GLY W 124 -41.87 -34.06 53.05
N LEU W 125 -41.60 -32.75 53.00
CA LEU W 125 -42.24 -31.87 52.03
C LEU W 125 -41.88 -32.25 50.60
N TRP W 126 -40.58 -32.51 50.37
CA TRP W 126 -40.16 -32.96 49.04
C TRP W 126 -40.72 -34.35 48.72
N GLN W 127 -40.85 -35.21 49.75
CA GLN W 127 -41.46 -36.52 49.57
C GLN W 127 -42.89 -36.39 49.07
N ILE W 128 -43.63 -35.41 49.61
CA ILE W 128 -44.97 -35.12 49.09
C ILE W 128 -44.89 -34.65 47.64
N PHE W 129 -43.91 -33.77 47.34
CA PHE W 129 -43.75 -33.21 45.99
C PHE W 129 -43.46 -34.30 44.97
N ALA W 130 -42.59 -35.25 45.35
CA ALA W 130 -42.30 -36.39 44.47
C ALA W 130 -43.52 -37.26 44.27
N GLY W 131 -44.24 -37.52 45.36
CA GLY W 131 -45.44 -38.35 45.28
C GLY W 131 -46.51 -37.72 44.42
N ILE W 132 -46.68 -36.40 44.53
CA ILE W 132 -47.60 -35.67 43.66
C ILE W 132 -47.19 -35.84 42.20
N GLY W 133 -45.87 -35.77 41.92
CA GLY W 133 -45.38 -36.01 40.57
C GLY W 133 -45.72 -37.38 40.04
N ILE W 134 -45.65 -38.41 40.90
CA ILE W 134 -46.06 -39.75 40.52
C ILE W 134 -47.55 -39.79 40.19
N VAL W 135 -48.39 -39.32 41.13
CA VAL W 135 -49.85 -39.34 41.00
C VAL W 135 -50.29 -38.59 39.74
N GLU W 136 -49.64 -37.45 39.44
CA GLU W 136 -49.96 -36.65 38.26
C GLU W 136 -49.73 -37.46 36.98
N HIS W 137 -48.62 -38.20 36.93
CA HIS W 137 -48.27 -39.01 35.75
C HIS W 137 -49.30 -40.11 35.49
N PHE W 138 -49.51 -40.99 36.49
CA PHE W 138 -50.39 -42.15 36.33
C PHE W 138 -51.81 -41.73 35.96
N SER W 139 -52.34 -40.73 36.68
CA SER W 139 -53.72 -40.27 36.48
C SER W 139 -53.93 -39.71 35.09
N ASN W 140 -52.95 -38.97 34.58
CA ASN W 140 -53.08 -38.35 33.27
C ASN W 140 -52.61 -39.29 32.16
N ASN W 141 -52.27 -40.54 32.51
CA ASN W 141 -51.76 -41.61 31.64
C ASN W 141 -50.54 -41.18 30.82
N PHE W 142 -49.60 -40.49 31.51
CA PHE W 142 -48.30 -40.06 30.96
C PHE W 142 -48.45 -39.21 29.71
N LYS W 143 -49.22 -38.15 29.81
CA LYS W 143 -49.55 -37.30 28.68
C LYS W 143 -49.18 -35.84 28.92
N MET W 144 -48.95 -35.10 27.82
CA MET W 144 -48.65 -33.68 27.73
C MET W 144 -49.92 -32.88 27.42
N SER W 145 -49.77 -31.61 27.02
CA SER W 145 -50.92 -30.74 26.78
C SER W 145 -51.80 -31.22 25.63
N GLY W 146 -51.20 -31.50 24.49
CA GLY W 146 -51.97 -32.12 23.41
C GLY W 146 -52.31 -33.55 23.73
N SER W 147 -51.36 -34.27 24.33
CA SER W 147 -51.50 -35.69 24.60
C SER W 147 -52.63 -36.03 25.58
N THR W 148 -52.91 -35.16 26.57
CA THR W 148 -53.92 -35.46 27.60
C THR W 148 -55.28 -35.74 26.98
N MET W 149 -55.68 -34.94 26.00
CA MET W 149 -56.93 -35.16 25.31
C MET W 149 -56.72 -36.15 24.15
N ARG W 154 -61.79 -39.06 26.32
CA ARG W 154 -61.50 -38.54 27.65
C ARG W 154 -62.13 -37.19 27.92
N ALA W 155 -63.05 -37.17 28.87
CA ALA W 155 -63.60 -35.91 29.35
C ALA W 155 -62.50 -35.14 30.09
N PRO W 156 -62.44 -33.82 29.94
CA PRO W 156 -61.46 -33.02 30.69
C PRO W 156 -61.71 -33.12 32.20
N GLY W 157 -60.65 -33.46 32.93
CA GLY W 157 -60.74 -33.60 34.36
C GLY W 157 -61.22 -34.95 34.85
N ASN W 158 -61.79 -35.78 33.99
CA ASN W 158 -62.22 -37.13 34.38
C ASN W 158 -60.98 -38.00 34.47
N LEU W 159 -60.34 -37.98 35.63
CA LEU W 159 -59.10 -38.72 35.83
C LEU W 159 -59.34 -40.16 36.25
N GLY W 160 -60.60 -40.54 36.48
CA GLY W 160 -60.93 -41.89 36.84
C GLY W 160 -60.87 -42.19 38.32
N PHE W 161 -60.27 -41.31 39.12
CA PHE W 161 -60.17 -41.55 40.57
C PHE W 161 -61.48 -41.18 41.25
N ASP W 162 -62.47 -42.05 41.04
CA ASP W 162 -63.70 -42.07 41.85
C ASP W 162 -64.00 -43.51 42.26
N PRO W 163 -63.23 -44.05 43.24
CA PRO W 163 -63.39 -45.46 43.61
C PRO W 163 -64.79 -45.84 44.10
N LEU W 164 -65.49 -44.96 44.80
CA LEU W 164 -66.83 -45.23 45.25
C LEU W 164 -67.83 -44.81 44.19
N ASN W 165 -68.99 -45.47 44.17
CA ASN W 165 -70.03 -45.28 43.16
C ASN W 165 -70.98 -44.15 43.58
N PHE W 166 -70.43 -42.94 43.74
CA PHE W 166 -71.28 -41.79 44.01
C PHE W 166 -72.07 -41.37 42.78
N GLY W 167 -71.43 -41.39 41.61
CA GLY W 167 -72.10 -40.99 40.39
C GLY W 167 -73.02 -42.05 39.82
N LYS W 168 -73.96 -42.57 40.64
CA LYS W 168 -74.94 -43.59 40.25
C LYS W 168 -75.76 -43.10 39.07
N ASN W 169 -76.57 -42.09 39.28
CA ASN W 169 -77.29 -41.48 38.18
C ASN W 169 -76.35 -40.57 37.40
N PRO W 170 -76.26 -40.72 36.08
CA PRO W 170 -75.45 -39.78 35.27
C PRO W 170 -75.91 -38.34 35.35
N SER W 171 -77.21 -38.10 35.53
CA SER W 171 -77.67 -36.74 35.72
C SER W 171 -77.29 -36.22 37.10
N ALA W 172 -77.39 -37.08 38.12
CA ALA W 172 -76.80 -36.76 39.43
C ALA W 172 -75.29 -36.56 39.33
N ARG W 173 -74.63 -37.28 38.42
CA ARG W 173 -73.22 -36.99 38.13
C ARG W 173 -73.06 -35.56 37.62
N ALA W 174 -73.94 -35.14 36.70
CA ALA W 174 -73.88 -33.78 36.14
C ALA W 174 -74.08 -32.72 37.22
N ARG W 175 -75.04 -32.96 38.12
CA ARG W 175 -75.26 -32.09 39.27
C ARG W 175 -74.01 -32.02 40.15
N TYR W 176 -73.38 -33.17 40.41
CA TYR W 176 -72.13 -33.20 41.16
C TYR W 176 -71.00 -32.50 40.41
N GLU W 177 -71.00 -32.54 39.08
CA GLU W 177 -69.99 -31.83 38.30
C GLU W 177 -70.12 -30.33 38.47
N LEU W 178 -71.35 -29.82 38.40
CA LEU W 178 -71.59 -28.40 38.68
C LEU W 178 -71.22 -28.07 40.12
N ALA W 179 -71.54 -28.96 41.06
CA ALA W 179 -71.12 -28.78 42.45
C ALA W 179 -69.60 -28.70 42.57
N GLU W 180 -68.90 -29.57 41.86
CA GLU W 180 -67.45 -29.69 41.96
C GLU W 180 -66.76 -28.41 41.50
N ILE W 181 -67.17 -27.88 40.35
CA ILE W 181 -66.56 -26.67 39.84
C ILE W 181 -66.94 -25.45 40.69
N LYS W 182 -68.18 -25.38 41.20
CA LYS W 182 -68.58 -24.22 41.98
C LYS W 182 -67.86 -24.20 43.33
N ASN W 183 -67.73 -25.36 43.98
CA ASN W 183 -66.97 -25.42 45.23
C ASN W 183 -65.48 -25.24 44.94
N GLY W 184 -64.99 -25.70 43.79
CA GLY W 184 -63.59 -25.47 43.44
C GLY W 184 -63.27 -24.01 43.17
N ARG W 185 -64.13 -23.33 42.41
CA ARG W 185 -63.97 -21.89 42.16
C ARG W 185 -64.03 -21.09 43.45
N LEU W 186 -64.98 -21.44 44.33
CA LEU W 186 -65.11 -20.76 45.61
C LEU W 186 -63.88 -21.02 46.47
N ALA W 187 -63.33 -22.23 46.42
CA ALA W 187 -62.18 -22.54 47.26
C ALA W 187 -60.89 -21.93 46.74
N MET W 188 -60.80 -21.63 45.44
CA MET W 188 -59.64 -20.92 44.92
C MET W 188 -59.55 -19.54 45.52
N LEU W 189 -60.66 -18.80 45.46
CA LEU W 189 -60.70 -17.47 46.11
C LEU W 189 -60.58 -17.67 47.62
N GLY W 190 -61.28 -18.66 48.16
CA GLY W 190 -61.27 -18.85 49.63
C GLY W 190 -59.89 -19.18 50.18
N PHE W 191 -59.15 -20.07 49.53
CA PHE W 191 -57.77 -20.38 49.97
C PHE W 191 -56.88 -19.15 49.82
N GLY W 192 -57.06 -18.40 48.73
CA GLY W 192 -56.25 -17.20 48.50
C GLY W 192 -56.46 -16.19 49.61
N GLY W 193 -57.71 -16.01 50.03
CA GLY W 193 -58.00 -15.12 51.16
C GLY W 193 -57.36 -15.61 52.43
N MET W 194 -57.38 -16.93 52.65
CA MET W 194 -56.81 -17.52 53.89
C MET W 194 -55.30 -17.31 53.93
N ILE W 195 -54.61 -17.52 52.82
CA ILE W 195 -53.12 -17.43 52.83
C ILE W 195 -52.69 -15.95 52.94
N HIS W 196 -53.48 -15.02 52.40
CA HIS W 196 -53.13 -13.60 52.50
C HIS W 196 -53.58 -12.99 53.81
N GLY W 197 -54.68 -13.48 54.40
CA GLY W 197 -54.95 -13.20 55.79
C GLY W 197 -53.80 -13.64 56.69
N CYS W 198 -53.26 -14.83 56.43
CA CYS W 198 -52.17 -15.37 57.24
C CYS W 198 -50.89 -14.57 57.09
N PHE W 199 -50.63 -14.03 55.90
CA PHE W 199 -49.52 -13.10 55.75
C PHE W 199 -49.79 -11.79 56.49
N ILE W 200 -51.03 -11.31 56.44
CA ILE W 200 -51.39 -10.08 57.17
C ILE W 200 -51.50 -10.34 58.66
N THR W 201 -52.45 -11.17 59.06
CA THR W 201 -52.77 -11.34 60.48
C THR W 201 -51.77 -12.22 61.22
N GLY W 202 -51.21 -13.23 60.55
CA GLY W 202 -50.31 -14.14 61.21
C GLY W 202 -50.99 -15.11 62.15
N LYS W 203 -52.26 -15.42 61.93
CA LYS W 203 -53.00 -16.28 62.84
C LYS W 203 -53.52 -17.54 62.17
N GLY W 204 -54.10 -17.45 60.98
CA GLY W 204 -54.74 -18.58 60.37
C GLY W 204 -56.20 -18.25 60.16
N PRO W 205 -56.94 -19.09 59.40
CA PRO W 205 -58.30 -18.72 58.98
C PRO W 205 -59.29 -18.41 60.10
N ILE W 206 -59.58 -19.38 60.97
CA ILE W 206 -60.60 -19.18 61.99
C ILE W 206 -60.11 -18.17 63.03
N GLY W 207 -58.81 -18.18 63.35
CA GLY W 207 -58.26 -17.19 64.26
C GLY W 207 -58.32 -15.77 63.72
N ALA W 208 -58.10 -15.59 62.41
CA ALA W 208 -58.19 -14.25 61.83
C ALA W 208 -59.63 -13.75 61.81
N LEU W 209 -60.60 -14.64 61.58
CA LEU W 209 -62.00 -14.21 61.56
C LEU W 209 -62.47 -13.82 62.96
N THR W 210 -62.22 -14.67 63.97
CA THR W 210 -62.82 -14.48 65.29
C THR W 210 -62.35 -13.19 65.95
N SER W 211 -61.06 -12.87 65.80
CA SER W 211 -60.50 -11.65 66.37
C SER W 211 -59.96 -10.82 65.21
N MET W 212 -60.85 -10.07 64.57
CA MET W 212 -60.49 -9.11 63.54
C MET W 212 -60.57 -7.72 64.15
N ASP W 213 -59.50 -6.93 63.98
CA ASP W 213 -59.36 -5.70 64.74
C ASP W 213 -60.29 -4.64 64.19
N TRP W 214 -61.50 -4.57 64.74
CA TRP W 214 -62.46 -3.54 64.34
C TRP W 214 -61.98 -2.16 64.74
N HIS W 215 -61.27 -2.03 65.86
CA HIS W 215 -60.86 -0.72 66.33
C HIS W 215 -59.42 -0.37 65.95
N GLN W 216 -59.07 -0.50 64.66
CA GLN W 216 -57.94 0.13 63.98
C GLN W 216 -57.96 -0.40 62.54
N SER W 217 -57.10 0.17 61.70
CA SER W 217 -56.84 -0.34 60.36
C SER W 217 -56.20 -1.72 60.43
N MET X 38 -76.08 25.00 9.34
CA MET X 38 -75.49 25.90 10.33
C MET X 38 -75.72 25.31 11.73
N SER X 39 -75.07 25.88 12.74
CA SER X 39 -75.07 25.31 14.09
C SER X 39 -76.13 25.96 14.96
N GLU X 40 -76.70 25.14 15.85
CA GLU X 40 -77.71 25.62 16.79
C GLU X 40 -77.10 26.46 17.90
N SER X 41 -76.15 25.89 18.65
CA SER X 41 -75.53 26.60 19.77
C SER X 41 -74.73 27.82 19.32
N VAL X 42 -73.95 27.69 18.25
CA VAL X 42 -73.10 28.79 17.79
C VAL X 42 -73.55 29.21 16.41
N PRO X 43 -74.41 30.24 16.31
CA PRO X 43 -75.04 30.58 15.03
C PRO X 43 -74.07 31.01 13.95
N PHE X 44 -73.00 31.71 14.31
CA PHE X 44 -71.97 32.10 13.36
C PHE X 44 -71.24 30.89 12.77
N LEU X 45 -71.03 29.84 13.56
CA LEU X 45 -70.28 28.68 13.10
C LEU X 45 -71.17 27.69 12.35
N LYS X 46 -70.56 26.95 11.42
CA LYS X 46 -71.27 25.93 10.65
C LYS X 46 -71.48 24.68 11.50
N LYS X 47 -72.56 23.95 11.19
CA LYS X 47 -72.94 22.75 11.93
C LYS X 47 -71.79 21.75 11.92
N PRO X 48 -71.47 21.14 13.06
CA PRO X 48 -70.41 20.12 13.09
C PRO X 48 -70.80 18.94 12.21
N GLU X 49 -69.86 18.56 11.34
CA GLU X 49 -70.11 17.53 10.33
C GLU X 49 -70.32 16.16 10.95
N ALA X 50 -69.60 15.83 12.01
CA ALA X 50 -69.68 14.51 12.62
C ALA X 50 -70.77 14.42 13.68
N LEU X 51 -71.46 15.51 13.99
CA LEU X 51 -72.45 15.54 15.07
C LEU X 51 -73.85 15.58 14.49
N ASP X 52 -74.74 14.77 15.05
CA ASP X 52 -76.11 14.65 14.55
C ASP X 52 -77.10 14.71 15.72
N SER X 53 -78.34 15.09 15.38
CA SER X 53 -79.40 15.30 16.36
C SER X 53 -79.75 14.04 17.15
N SER X 54 -79.67 12.87 16.50
CA SER X 54 -80.04 11.60 17.13
C SER X 54 -79.22 11.32 18.39
N MET X 55 -77.95 11.71 18.37
CA MET X 55 -77.06 11.53 19.52
C MET X 55 -77.52 12.37 20.70
N ALA X 56 -77.43 11.79 21.89
CA ALA X 56 -77.90 12.44 23.12
C ALA X 56 -77.09 13.68 23.44
N GLY X 57 -77.79 14.69 23.96
CA GLY X 57 -77.16 15.95 24.32
C GLY X 57 -76.56 16.67 23.14
N TYR X 58 -77.25 16.65 22.00
CA TYR X 58 -76.79 17.35 20.81
C TYR X 58 -77.29 18.78 20.84
N ALA X 59 -76.36 19.72 20.88
CA ALA X 59 -76.68 21.13 20.72
C ALA X 59 -75.88 21.71 19.57
N GLY X 60 -75.31 20.86 18.72
CA GLY X 60 -74.45 21.29 17.63
C GLY X 60 -73.24 22.05 18.12
N PHE X 61 -72.68 21.63 19.25
CA PHE X 61 -71.60 22.35 19.89
C PHE X 61 -70.28 21.64 19.63
N ASP X 62 -69.56 22.13 18.65
CA ASP X 62 -68.19 21.70 18.40
C ASP X 62 -67.43 22.80 17.66
N PRO X 63 -67.18 23.97 18.30
CA PRO X 63 -66.50 25.06 17.59
C PRO X 63 -65.13 24.69 17.07
N LEU X 64 -64.36 23.91 17.80
CA LEU X 64 -63.00 23.55 17.41
C LEU X 64 -62.95 22.37 16.47
N GLY X 65 -64.09 21.76 16.13
CA GLY X 65 -64.13 20.62 15.24
C GLY X 65 -63.43 19.40 15.76
N LEU X 66 -63.43 19.21 17.08
CA LEU X 66 -62.76 18.07 17.71
C LEU X 66 -63.39 16.74 17.29
N SER X 67 -64.70 16.73 17.03
CA SER X 67 -65.38 15.52 16.55
C SER X 67 -64.84 15.06 15.19
N SER X 68 -64.34 15.98 14.37
CA SER X 68 -63.72 15.57 13.12
C SER X 68 -62.40 14.85 13.33
N ILE X 69 -61.66 15.20 14.40
CA ILE X 69 -60.36 14.59 14.64
C ILE X 69 -60.52 13.15 15.13
N ALA X 70 -61.25 12.98 16.23
CA ALA X 70 -61.38 11.68 16.86
C ALA X 70 -62.65 10.98 16.40
N ASP X 71 -62.65 9.65 16.50
CA ASP X 71 -63.85 8.86 16.30
C ASP X 71 -64.94 9.33 17.25
N ILE X 72 -66.14 9.53 16.71
CA ILE X 72 -67.22 10.13 17.50
C ILE X 72 -67.65 9.19 18.62
N LYS X 73 -67.63 7.88 18.38
CA LYS X 73 -68.02 6.92 19.41
C LYS X 73 -67.05 6.94 20.59
N PHE X 74 -65.76 7.11 20.30
CA PHE X 74 -64.76 7.26 21.36
C PHE X 74 -65.04 8.48 22.23
N LEU X 75 -65.33 9.63 21.60
CA LEU X 75 -65.67 10.84 22.34
C LEU X 75 -66.96 10.68 23.12
N GLN X 76 -67.93 9.96 22.56
CA GLN X 76 -69.22 9.79 23.21
C GLN X 76 -69.10 8.93 24.46
N GLU X 77 -68.39 7.79 24.35
CA GLU X 77 -68.09 6.97 25.52
C GLU X 77 -67.28 7.74 26.55
N SER X 78 -66.32 8.55 26.09
CA SER X 78 -65.51 9.36 26.98
C SER X 78 -66.32 10.42 27.71
N GLU X 79 -67.24 11.07 27.02
CA GLU X 79 -68.11 12.06 27.66
C GLU X 79 -68.99 11.41 28.70
N ILE X 80 -69.57 10.25 28.38
CA ILE X 80 -70.42 9.53 29.31
C ILE X 80 -69.64 9.05 30.53
N LYS X 81 -68.41 8.57 30.32
CA LYS X 81 -67.57 8.13 31.42
C LYS X 81 -67.17 9.31 32.30
N HIS X 82 -66.72 10.42 31.69
CA HIS X 82 -66.43 11.63 32.45
C HIS X 82 -67.67 12.12 33.20
N CYS X 83 -68.87 12.01 32.57
CA CYS X 83 -70.12 12.41 33.21
C CYS X 83 -70.42 11.60 34.46
N ARG X 84 -70.34 10.28 34.37
CA ARG X 84 -70.73 9.42 35.47
C ARG X 84 -69.75 9.50 36.64
N ILE X 85 -68.45 9.54 36.35
CA ILE X 85 -67.46 9.76 37.42
C ILE X 85 -67.65 11.13 38.06
N ALA X 86 -67.99 12.14 37.27
CA ALA X 86 -68.13 13.48 37.82
C ALA X 86 -69.39 13.62 38.66
N MET X 87 -70.47 12.93 38.25
CA MET X 87 -71.67 12.90 39.08
C MET X 87 -71.41 12.27 40.43
N LEU X 88 -70.69 11.14 40.44
CA LEU X 88 -70.27 10.52 41.68
C LEU X 88 -69.40 11.47 42.51
N ALA X 89 -68.48 12.16 41.84
CA ALA X 89 -67.58 13.07 42.54
C ALA X 89 -68.30 14.25 43.14
N ALA X 90 -69.29 14.81 42.43
CA ALA X 90 -70.03 15.96 42.92
C ALA X 90 -70.91 15.59 44.12
N ALA X 91 -71.68 14.50 43.99
CA ALA X 91 -72.44 13.96 45.12
C ALA X 91 -71.53 13.58 46.27
N GLY X 92 -70.34 13.08 45.95
CA GLY X 92 -69.40 12.71 46.98
C GLY X 92 -68.90 13.91 47.75
N SER X 93 -68.60 15.01 47.04
CA SER X 93 -68.23 16.27 47.66
C SER X 93 -69.29 16.77 48.62
N ILE X 94 -70.55 16.79 48.14
CA ILE X 94 -71.68 17.29 48.94
C ILE X 94 -71.91 16.40 50.16
N ALA X 95 -71.98 15.09 49.96
CA ALA X 95 -72.26 14.17 51.07
C ALA X 95 -71.13 14.16 52.09
N GLN X 96 -69.87 14.20 51.63
CA GLN X 96 -68.73 14.29 52.55
C GLN X 96 -68.74 15.58 53.35
N ASP X 97 -69.31 16.66 52.81
CA ASP X 97 -69.64 17.82 53.64
C ASP X 97 -70.66 17.46 54.70
N ILE X 98 -71.79 16.87 54.28
CA ILE X 98 -72.95 16.70 55.16
C ILE X 98 -72.60 15.77 56.33
N PHE X 99 -72.21 14.54 56.03
CA PHE X 99 -71.86 13.59 57.08
C PHE X 99 -70.62 12.81 56.68
N THR X 100 -70.11 12.05 57.63
CA THR X 100 -68.94 11.22 57.43
C THR X 100 -69.24 9.81 57.95
N PHE X 101 -68.72 8.79 57.27
CA PHE X 101 -68.89 7.39 57.66
C PHE X 101 -68.16 7.10 58.98
N PRO X 102 -68.66 6.12 59.76
CA PRO X 102 -68.10 5.84 61.10
C PRO X 102 -66.61 5.50 61.10
N GLY X 103 -65.86 6.30 61.85
CA GLY X 103 -64.45 6.12 62.09
C GLY X 103 -63.53 6.95 61.23
N VAL X 104 -64.05 7.58 60.16
CA VAL X 104 -63.19 8.33 59.26
C VAL X 104 -62.65 9.59 59.95
N SER X 105 -63.41 10.13 60.92
CA SER X 105 -63.02 11.33 61.64
C SER X 105 -61.69 11.14 62.38
N LYS X 106 -61.42 9.94 62.87
CA LYS X 106 -60.15 9.71 63.56
C LYS X 106 -59.02 9.30 62.61
N VAL X 107 -59.35 8.83 61.41
CA VAL X 107 -58.31 8.66 60.38
C VAL X 107 -57.90 10.00 59.82
N VAL X 108 -58.88 10.79 59.41
CA VAL X 108 -58.65 12.13 58.87
C VAL X 108 -59.51 13.12 59.64
N GLY X 109 -58.87 14.15 60.19
CA GLY X 109 -59.59 15.11 60.99
C GLY X 109 -60.04 16.37 60.29
N THR X 110 -59.09 17.09 59.68
CA THR X 110 -59.40 18.39 59.08
C THR X 110 -59.73 18.29 57.60
N ALA X 111 -58.94 17.51 56.85
CA ALA X 111 -58.99 17.48 55.40
C ALA X 111 -60.37 17.11 54.88
N LYS X 112 -60.84 17.83 53.87
CA LYS X 112 -62.22 17.68 53.43
C LYS X 112 -62.35 17.21 51.99
N MET X 113 -61.79 17.91 51.01
CA MET X 113 -62.04 17.55 49.61
C MET X 113 -60.98 16.62 49.06
N THR X 114 -59.77 17.13 48.83
CA THR X 114 -58.74 16.31 48.25
C THR X 114 -57.64 15.99 49.24
N GLY X 115 -57.63 16.67 50.39
CA GLY X 115 -56.68 16.33 51.44
C GLY X 115 -56.89 14.93 51.97
N VAL X 116 -58.17 14.48 52.02
CA VAL X 116 -58.49 13.13 52.48
C VAL X 116 -57.81 12.09 51.60
N HIS X 117 -57.69 12.37 50.29
CA HIS X 117 -57.11 11.44 49.33
C HIS X 117 -55.69 11.08 49.76
N ASP X 118 -54.92 12.09 50.16
CA ASP X 118 -53.56 11.90 50.65
C ASP X 118 -53.52 11.07 51.93
N VAL X 119 -54.42 11.37 52.87
CA VAL X 119 -54.45 10.65 54.15
C VAL X 119 -54.77 9.18 53.90
N LEU X 120 -55.75 8.93 53.04
CA LEU X 120 -56.16 7.57 52.73
C LEU X 120 -55.19 6.84 51.80
N VAL X 121 -54.33 7.52 51.03
CA VAL X 121 -53.30 6.76 50.30
C VAL X 121 -52.24 6.23 51.27
N LYS X 122 -51.95 6.95 52.36
CA LYS X 122 -51.07 6.40 53.41
C LYS X 122 -51.72 5.17 54.02
N GLN X 123 -53.05 5.22 54.18
CA GLN X 123 -53.87 4.09 54.58
C GLN X 123 -54.12 3.28 53.29
N GLY X 124 -55.05 2.34 53.26
CA GLY X 124 -55.29 1.61 52.04
C GLY X 124 -56.56 1.89 51.27
N ALA X 125 -57.35 2.89 51.66
CA ALA X 125 -58.68 3.11 51.07
C ALA X 125 -58.59 3.45 49.59
N MET X 126 -57.73 4.40 49.21
CA MET X 126 -57.67 4.85 47.82
C MET X 126 -57.14 3.76 46.91
N GLY X 127 -56.19 2.97 47.43
CA GLY X 127 -55.66 1.84 46.69
C GLY X 127 -56.71 0.78 46.43
N GLN X 128 -57.56 0.52 47.42
CA GLN X 128 -58.61 -0.47 47.26
C GLN X 128 -59.60 -0.03 46.19
N ILE X 129 -60.04 1.23 46.25
CA ILE X 129 -60.97 1.75 45.23
C ILE X 129 -60.31 1.72 43.86
N LEU X 130 -59.01 2.06 43.80
CA LEU X 130 -58.25 2.03 42.55
C LEU X 130 -58.29 0.64 41.93
N LEU X 131 -58.02 -0.39 42.76
CA LEU X 131 -57.98 -1.78 42.29
C LEU X 131 -59.33 -2.23 41.74
N TRP X 132 -60.42 -1.87 42.41
CA TRP X 132 -61.72 -2.35 41.94
C TRP X 132 -62.24 -1.54 40.77
N THR X 133 -61.97 -0.23 40.72
CA THR X 133 -62.30 0.52 39.51
C THR X 133 -61.42 0.11 38.34
N SER X 134 -60.19 -0.34 38.60
CA SER X 134 -59.34 -0.83 37.53
C SER X 134 -59.82 -2.17 37.02
N PHE X 135 -60.37 -3.01 37.90
CA PHE X 135 -61.06 -4.21 37.47
C PHE X 135 -62.21 -3.89 36.53
N LEU X 136 -63.12 -3.02 36.98
CA LEU X 136 -64.25 -2.57 36.16
C LEU X 136 -63.80 -1.89 34.87
N GLU X 137 -62.66 -1.20 34.89
CA GLU X 137 -62.16 -0.55 33.69
C GLU X 137 -61.38 -1.48 32.77
N VAL X 138 -60.93 -2.65 33.25
CA VAL X 138 -60.46 -3.69 32.34
C VAL X 138 -61.62 -4.21 31.51
N PHE X 139 -62.75 -4.48 32.16
CA PHE X 139 -63.94 -4.88 31.42
C PHE X 139 -64.49 -3.72 30.60
N GLY X 140 -64.25 -2.49 31.05
CA GLY X 140 -64.55 -1.33 30.23
C GLY X 140 -63.63 -1.17 29.04
N THR X 141 -62.37 -1.62 29.17
CA THR X 141 -61.49 -1.70 28.01
C THR X 141 -62.07 -2.62 26.95
N ILE X 142 -62.51 -3.83 27.36
CA ILE X 142 -63.15 -4.77 26.44
C ILE X 142 -64.39 -4.14 25.83
N ALA X 143 -65.24 -3.55 26.68
CA ALA X 143 -66.50 -2.91 26.24
C ALA X 143 -66.26 -1.81 25.21
N LEU X 144 -65.23 -0.99 25.42
CA LEU X 144 -64.88 0.03 24.44
C LEU X 144 -64.39 -0.59 23.13
N LEU X 145 -63.71 -1.74 23.18
CA LEU X 145 -63.29 -2.41 21.94
C LEU X 145 -64.48 -2.85 21.09
N GLU X 146 -65.52 -3.43 21.70
CA GLU X 146 -66.69 -3.74 20.87
C GLU X 146 -67.48 -2.49 20.50
N THR X 147 -67.39 -1.40 21.28
CA THR X 147 -67.98 -0.14 20.84
C THR X 147 -67.32 0.36 19.56
N LEU X 148 -66.00 0.26 19.48
CA LEU X 148 -65.30 0.65 18.26
C LEU X 148 -65.53 -0.36 17.13
N ASP X 149 -65.76 -1.64 17.46
CA ASP X 149 -66.29 -2.57 16.48
C ASP X 149 -67.73 -2.26 16.09
N GLY X 150 -68.45 -1.48 16.90
CA GLY X 150 -69.78 -1.01 16.56
C GLY X 150 -70.92 -1.84 17.10
N LYS X 151 -70.64 -2.90 17.86
CA LYS X 151 -71.67 -3.81 18.35
C LYS X 151 -72.21 -3.37 19.72
N ARG X 152 -71.69 -2.28 20.26
CA ARG X 152 -72.14 -1.76 21.54
C ARG X 152 -72.27 -0.25 21.41
N ALA X 153 -73.34 0.30 21.96
CA ALA X 153 -73.57 1.73 21.94
C ALA X 153 -72.71 2.41 22.99
N PRO X 154 -72.33 3.68 22.78
CA PRO X 154 -71.57 4.42 23.79
C PRO X 154 -72.30 4.52 25.13
N GLY X 155 -71.60 4.16 26.20
CA GLY X 155 -72.13 4.20 27.54
C GLY X 155 -73.08 3.08 27.89
N ASP X 156 -73.41 2.20 26.96
CA ASP X 156 -74.40 1.16 27.19
C ASP X 156 -73.70 -0.04 27.83
N PHE X 157 -73.85 -0.16 29.15
CA PHE X 157 -73.35 -1.31 29.87
C PHE X 157 -74.45 -2.30 30.21
N LYS X 158 -75.68 -2.08 29.71
CA LYS X 158 -76.87 -2.89 29.98
C LYS X 158 -77.20 -2.97 31.46
N PHE X 159 -76.77 -1.99 32.25
CA PHE X 159 -76.95 -2.02 33.69
C PHE X 159 -78.22 -1.23 34.01
N ASP X 160 -79.33 -1.93 33.91
CA ASP X 160 -80.65 -1.39 34.28
C ASP X 160 -81.38 -2.42 35.12
N PRO X 161 -80.90 -2.68 36.39
CA PRO X 161 -81.59 -3.67 37.23
C PRO X 161 -83.01 -3.25 37.58
N LEU X 162 -83.16 -2.07 38.16
CA LEU X 162 -84.48 -1.51 38.41
C LEU X 162 -85.15 -1.13 37.09
N GLY X 163 -86.48 -1.13 37.10
CA GLY X 163 -87.23 -0.82 35.91
C GLY X 163 -87.34 0.67 35.67
N PHE X 164 -86.28 1.28 35.15
CA PHE X 164 -86.31 2.69 34.81
C PHE X 164 -86.23 2.95 33.31
N SER X 165 -85.86 1.97 32.50
CA SER X 165 -85.84 2.13 31.04
C SER X 165 -86.58 0.95 30.42
N LYS X 166 -87.91 1.06 30.36
CA LYS X 166 -88.72 0.07 29.68
C LYS X 166 -89.79 0.74 28.83
N ASN X 167 -89.50 1.92 28.31
CA ASN X 167 -90.45 2.67 27.52
C ASN X 167 -89.94 3.00 26.13
N ALA X 168 -88.64 3.29 25.99
CA ALA X 168 -87.96 3.83 24.81
C ALA X 168 -88.44 5.25 24.47
N GLU X 169 -89.31 5.83 25.28
CA GLU X 169 -89.56 7.26 25.37
C GLU X 169 -89.03 7.84 26.68
N THR X 170 -89.33 7.16 27.80
CA THR X 170 -88.68 7.49 29.07
C THR X 170 -87.18 7.21 29.01
N ALA X 171 -86.77 6.23 28.20
CA ALA X 171 -85.36 5.92 28.03
C ALA X 171 -84.60 7.08 27.38
N LYS X 172 -85.18 7.67 26.33
CA LYS X 172 -84.51 8.79 25.66
C LYS X 172 -84.44 10.03 26.55
N ARG X 173 -85.50 10.28 27.34
CA ARG X 173 -85.49 11.39 28.27
C ARG X 173 -84.44 11.19 29.36
N TYR X 174 -84.36 9.96 29.90
CA TYR X 174 -83.33 9.65 30.88
C TYR X 174 -81.94 9.71 30.28
N GLN X 175 -81.81 9.37 28.99
CA GLN X 175 -80.54 9.48 28.31
C GLN X 175 -80.11 10.94 28.23
N LEU X 176 -81.04 11.83 27.86
CA LEU X 176 -80.75 13.26 27.81
C LEU X 176 -80.45 13.82 29.19
N SER X 177 -81.23 13.40 30.20
CA SER X 177 -80.99 13.90 31.55
C SER X 177 -79.68 13.40 32.13
N GLU X 178 -79.26 12.19 31.75
CA GLU X 178 -77.95 11.69 32.17
C GLU X 178 -76.82 12.54 31.61
N ILE X 179 -76.90 12.88 30.32
CA ILE X 179 -75.88 13.70 29.67
C ILE X 179 -75.85 15.11 30.27
N LYS X 180 -77.03 15.71 30.47
CA LYS X 180 -77.09 17.09 30.97
C LYS X 180 -76.65 17.19 32.42
N ASN X 181 -77.16 16.29 33.27
CA ASN X 181 -76.72 16.26 34.67
C ASN X 181 -75.26 15.91 34.79
N GLY X 182 -74.76 15.07 33.88
CA GLY X 182 -73.35 14.74 33.91
C GLY X 182 -72.46 15.91 33.53
N ARG X 183 -72.85 16.67 32.50
CA ARG X 183 -72.12 17.87 32.11
C ARG X 183 -72.11 18.91 33.22
N LEU X 184 -73.27 19.14 33.83
CA LEU X 184 -73.37 20.02 34.98
C LEU X 184 -72.51 19.52 36.14
N ALA X 185 -72.40 18.20 36.30
CA ALA X 185 -71.59 17.64 37.37
C ALA X 185 -70.09 17.79 37.11
N MET X 186 -69.69 17.73 35.83
CA MET X 186 -68.27 17.92 35.48
C MET X 186 -67.86 19.34 35.86
N LEU X 187 -68.68 20.33 35.47
CA LEU X 187 -68.39 21.75 35.78
C LEU X 187 -68.45 21.98 37.29
N ALA X 188 -69.44 21.39 37.96
CA ALA X 188 -69.59 21.53 39.42
C ALA X 188 -68.41 20.92 40.17
N THR X 189 -67.95 19.74 39.74
CA THR X 189 -66.79 19.08 40.41
C THR X 189 -65.58 20.01 40.25
N GLY X 190 -65.42 20.61 39.08
CA GLY X 190 -64.31 21.59 38.90
C GLY X 190 -64.46 22.78 39.82
N GLY X 191 -65.69 23.27 40.00
CA GLY X 191 -65.94 24.43 40.88
C GLY X 191 -65.73 24.10 42.34
N MET X 192 -66.13 22.89 42.76
CA MET X 192 -66.00 22.49 44.18
C MET X 192 -64.53 22.29 44.56
N VAL X 193 -63.77 21.59 43.71
CA VAL X 193 -62.33 21.33 44.00
C VAL X 193 -61.54 22.63 43.92
N HIS X 194 -61.82 23.45 42.91
CA HIS X 194 -61.10 24.73 42.74
C HIS X 194 -61.43 25.65 43.91
N GLY X 195 -62.68 25.65 44.37
CA GLY X 195 -63.02 26.43 45.57
C GLY X 195 -62.22 25.93 46.76
N TYR X 196 -62.07 24.61 46.88
CA TYR X 196 -61.21 24.04 47.96
C TYR X 196 -59.77 24.50 47.77
N PHE X 197 -59.31 24.56 46.52
CA PHE X 197 -57.92 24.99 46.24
C PHE X 197 -57.71 26.41 46.76
N ILE X 198 -58.63 27.35 46.49
CA ILE X 198 -58.47 28.67 47.11
C ILE X 198 -58.62 28.56 48.63
N THR X 199 -59.78 28.13 49.10
CA THR X 199 -60.15 28.34 50.49
C THR X 199 -59.85 27.16 51.40
N GLY X 200 -59.95 25.93 50.91
CA GLY X 200 -59.91 24.81 51.80
C GLY X 200 -61.19 24.56 52.55
N LYS X 201 -62.23 25.37 52.32
CA LYS X 201 -63.47 25.23 53.08
C LYS X 201 -64.24 23.98 52.69
N GLY X 202 -64.25 23.62 51.41
CA GLY X 202 -65.13 22.58 50.95
C GLY X 202 -66.47 23.21 50.60
N PRO X 203 -67.26 22.56 49.72
CA PRO X 203 -68.38 23.22 49.03
C PRO X 203 -69.42 23.92 49.88
N LEU X 204 -70.09 23.16 50.74
CA LEU X 204 -71.18 23.72 51.52
C LEU X 204 -70.68 24.60 52.65
N GLU X 205 -69.54 24.25 53.26
CA GLU X 205 -68.91 25.15 54.23
C GLU X 205 -68.48 26.46 53.59
N LEU X 206 -67.93 26.40 52.37
CA LEU X 206 -67.64 27.62 51.61
C LEU X 206 -68.91 28.42 51.35
N LEU X 207 -70.05 27.74 51.15
CA LEU X 207 -71.32 28.44 51.01
C LEU X 207 -71.70 29.16 52.30
N THR X 208 -71.54 28.49 53.45
CA THR X 208 -71.94 29.09 54.72
C THR X 208 -71.02 30.23 55.11
N ASN X 209 -69.72 30.09 54.86
CA ASN X 209 -68.78 31.13 55.22
C ASN X 209 -67.57 31.10 54.29
N VAL Y 57 57.28 -15.12 -55.78
CA VAL Y 57 58.12 -15.62 -56.88
C VAL Y 57 59.63 -15.19 -56.98
N PRO Y 58 60.07 -13.99 -56.55
CA PRO Y 58 61.52 -13.72 -56.61
C PRO Y 58 62.26 -14.53 -55.56
N GLY Y 59 63.54 -14.78 -55.82
CA GLY Y 59 64.43 -15.47 -54.90
C GLY Y 59 63.94 -16.84 -54.50
N ASP Y 60 63.49 -17.63 -55.48
CA ASP Y 60 62.90 -18.94 -55.24
C ASP Y 60 63.94 -20.03 -55.49
N ALA Y 61 64.61 -20.46 -54.41
CA ALA Y 61 65.51 -21.60 -54.47
C ALA Y 61 64.81 -22.91 -54.16
N GLY Y 62 63.48 -22.93 -54.22
CA GLY Y 62 62.72 -24.08 -53.76
C GLY Y 62 62.92 -24.39 -52.30
N PHE Y 63 63.22 -23.37 -51.49
CA PHE Y 63 63.60 -23.55 -50.10
C PHE Y 63 62.41 -23.10 -49.25
N ASP Y 64 61.49 -24.02 -49.02
CA ASP Y 64 60.53 -23.90 -47.94
C ASP Y 64 60.43 -25.24 -47.20
N PRO Y 65 61.52 -25.68 -46.50
CA PRO Y 65 61.52 -27.05 -45.92
C PRO Y 65 60.38 -27.33 -44.95
N LEU Y 66 60.00 -26.36 -44.12
CA LEU Y 66 58.93 -26.55 -43.15
C LEU Y 66 57.55 -26.30 -43.74
N THR Y 67 57.48 -25.86 -45.00
CA THR Y 67 56.23 -25.56 -45.72
C THR Y 67 55.37 -24.54 -44.97
N ILE Y 68 55.98 -23.39 -44.64
CA ILE Y 68 55.21 -22.28 -44.09
C ILE Y 68 54.26 -21.70 -45.15
N SER Y 69 54.66 -21.74 -46.43
CA SER Y 69 53.87 -21.19 -47.53
C SER Y 69 52.49 -21.82 -47.65
N ALA Y 70 52.32 -23.04 -47.12
CA ALA Y 70 51.03 -23.70 -47.17
C ALA Y 70 50.03 -23.12 -46.15
N TRP Y 71 50.51 -22.51 -45.06
CA TRP Y 71 49.60 -22.09 -43.99
C TRP Y 71 49.80 -20.64 -43.59
N LEU Y 72 50.11 -19.78 -44.57
CA LEU Y 72 50.17 -18.33 -44.41
C LEU Y 72 50.31 -17.75 -45.80
N ASP Y 73 49.73 -16.56 -45.99
CA ASP Y 73 49.64 -15.95 -47.30
C ASP Y 73 51.02 -15.63 -47.84
N SER Y 74 51.27 -16.03 -49.09
CA SER Y 74 52.56 -15.76 -49.72
C SER Y 74 52.82 -14.27 -49.82
N ARG Y 75 51.77 -13.47 -50.06
CA ARG Y 75 51.89 -12.02 -50.06
C ARG Y 75 52.31 -11.50 -48.69
N TRP Y 76 51.71 -12.03 -47.61
CA TRP Y 76 52.10 -11.66 -46.26
C TRP Y 76 53.54 -12.07 -45.96
N LEU Y 77 53.93 -13.27 -46.39
CA LEU Y 77 55.30 -13.76 -46.18
C LEU Y 77 56.32 -12.92 -46.92
N ARG Y 78 56.06 -12.60 -48.19
CA ARG Y 78 56.97 -11.77 -48.98
C ARG Y 78 57.09 -10.37 -48.42
N GLU Y 79 55.97 -9.77 -48.00
CA GLU Y 79 55.99 -8.43 -47.40
C GLU Y 79 56.80 -8.42 -46.11
N ALA Y 80 56.57 -9.42 -45.24
CA ALA Y 80 57.33 -9.51 -43.99
C ALA Y 80 58.81 -9.74 -44.26
N GLU Y 81 59.14 -10.59 -45.23
CA GLU Y 81 60.55 -10.87 -45.52
C GLU Y 81 61.26 -9.65 -46.07
N ILE Y 82 60.60 -8.91 -46.96
CA ILE Y 82 61.27 -7.75 -47.57
C ILE Y 82 61.36 -6.61 -46.55
N LYS Y 83 60.38 -6.50 -45.65
CA LYS Y 83 60.46 -5.53 -44.57
C LYS Y 83 61.61 -5.87 -43.62
N HIS Y 84 61.73 -7.15 -43.26
CA HIS Y 84 62.84 -7.63 -42.45
C HIS Y 84 64.17 -7.40 -43.15
N CYS Y 85 64.21 -7.67 -44.47
CA CYS Y 85 65.39 -7.42 -45.29
C CYS Y 85 65.86 -5.98 -45.19
N ARG Y 86 64.95 -5.04 -45.43
CA ARG Y 86 65.33 -3.62 -45.50
C ARG Y 86 65.67 -3.07 -44.12
N VAL Y 87 64.92 -3.46 -43.08
CA VAL Y 87 65.24 -3.07 -41.70
C VAL Y 87 66.63 -3.57 -41.30
N ALA Y 88 66.93 -4.84 -41.61
CA ALA Y 88 68.23 -5.40 -41.26
C ALA Y 88 69.34 -4.82 -42.11
N MET Y 89 69.03 -4.44 -43.35
CA MET Y 89 69.99 -3.72 -44.20
C MET Y 89 70.42 -2.43 -43.54
N LEU Y 90 69.45 -1.61 -43.12
CA LEU Y 90 69.73 -0.37 -42.43
C LEU Y 90 70.46 -0.62 -41.12
N ALA Y 91 70.02 -1.64 -40.37
CA ALA Y 91 70.60 -1.91 -39.05
C ALA Y 91 72.06 -2.36 -39.15
N ALA Y 92 72.34 -3.27 -40.10
CA ALA Y 92 73.71 -3.81 -40.23
C ALA Y 92 74.65 -2.72 -40.76
N ALA Y 93 74.23 -1.99 -41.79
CA ALA Y 93 75.07 -0.91 -42.36
C ALA Y 93 75.27 0.15 -41.28
N GLY Y 94 74.23 0.48 -40.52
CA GLY Y 94 74.37 1.45 -39.42
C GLY Y 94 75.32 0.96 -38.35
N CYS Y 95 75.24 -0.34 -38.02
CA CYS Y 95 76.11 -0.93 -36.97
C CYS Y 95 77.58 -0.79 -37.39
N ILE Y 96 77.90 -1.11 -38.64
CA ILE Y 96 79.30 -0.89 -39.12
C ILE Y 96 79.58 0.61 -39.22
N ALA Y 97 78.59 1.42 -39.59
CA ALA Y 97 78.82 2.87 -39.81
C ALA Y 97 79.25 3.57 -38.51
N GLN Y 98 78.67 3.19 -37.37
CA GLN Y 98 78.98 3.90 -36.10
C GLN Y 98 80.48 3.74 -35.80
N ASP Y 99 81.05 2.56 -36.06
CA ASP Y 99 82.48 2.33 -35.74
C ASP Y 99 83.36 3.04 -36.79
N ILE Y 100 82.85 3.25 -37.99
CA ILE Y 100 83.61 3.99 -39.06
C ILE Y 100 83.66 5.49 -38.75
N PHE Y 101 82.55 6.09 -38.34
CA PHE Y 101 82.51 7.55 -38.10
C PHE Y 101 81.36 7.89 -37.16
N GLN Y 102 81.39 9.06 -36.52
CA GLN Y 102 80.35 9.40 -35.56
C GLN Y 102 79.71 10.74 -35.87
N PHE Y 103 78.38 10.80 -35.75
CA PHE Y 103 77.66 12.07 -35.88
C PHE Y 103 77.95 12.93 -34.65
N PRO Y 104 78.02 14.27 -34.84
CA PRO Y 104 78.39 15.15 -33.72
C PRO Y 104 77.40 15.13 -32.56
N GLY Y 105 77.99 15.04 -31.36
CA GLY Y 105 77.30 15.06 -30.10
C GLY Y 105 76.69 13.74 -29.68
N ALA Y 106 76.96 12.67 -30.41
CA ALA Y 106 76.33 11.39 -30.16
C ALA Y 106 77.25 10.47 -29.34
N LYS Y 115 77.53 0.24 -27.14
CA LYS Y 115 77.53 0.99 -28.39
C LYS Y 115 76.57 0.35 -29.39
N MET Y 116 76.49 -0.98 -29.38
CA MET Y 116 75.56 -1.68 -30.26
C MET Y 116 74.18 -1.82 -29.65
N THR Y 117 74.12 -2.36 -28.45
CA THR Y 117 72.88 -2.74 -27.79
C THR Y 117 72.57 -1.87 -26.59
N ALA Y 118 73.58 -1.53 -25.78
CA ALA Y 118 73.36 -0.63 -24.66
C ALA Y 118 73.16 0.81 -25.12
N LEU Y 119 73.69 1.18 -26.29
CA LEU Y 119 73.46 2.53 -26.83
C LEU Y 119 72.00 2.76 -27.19
N HIS Y 120 71.21 1.69 -27.39
CA HIS Y 120 69.75 1.83 -27.47
C HIS Y 120 69.26 2.53 -26.22
N ASP Y 121 69.69 2.07 -25.05
CA ASP Y 121 69.25 2.68 -23.81
C ASP Y 121 70.01 3.96 -23.48
N ALA Y 122 71.18 4.17 -24.07
CA ALA Y 122 71.83 5.48 -23.97
C ALA Y 122 71.13 6.52 -24.84
N ALA Y 123 70.42 6.08 -25.87
CA ALA Y 123 69.69 6.99 -26.75
C ALA Y 123 68.25 7.24 -26.32
N VAL Y 124 67.61 6.28 -25.64
CA VAL Y 124 66.21 6.46 -25.24
C VAL Y 124 66.06 7.59 -24.21
N LYS Y 125 67.06 7.80 -23.35
CA LYS Y 125 66.95 8.81 -22.31
C LYS Y 125 66.94 10.22 -22.89
N ALA Y 126 67.67 10.44 -23.98
CA ALA Y 126 67.60 11.71 -24.68
C ALA Y 126 66.23 11.95 -25.28
N GLY Y 127 65.56 10.89 -25.70
CA GLY Y 127 64.36 10.97 -26.51
C GLY Y 127 64.58 10.74 -27.98
N SER Y 128 65.75 10.24 -28.37
CA SER Y 128 66.04 10.00 -29.78
C SER Y 128 65.27 8.81 -30.30
N MET Y 129 65.37 7.67 -29.62
CA MET Y 129 64.67 6.46 -30.04
C MET Y 129 63.15 6.66 -29.97
N GLY Y 130 62.67 7.41 -28.98
CA GLY Y 130 61.25 7.72 -28.90
C GLY Y 130 60.74 8.51 -30.08
N GLN Y 131 61.52 9.51 -30.51
CA GLN Y 131 61.18 10.29 -31.70
C GLN Y 131 61.22 9.42 -32.96
N MET Y 132 62.27 8.60 -33.10
CA MET Y 132 62.37 7.69 -34.24
C MET Y 132 61.21 6.70 -34.24
N LEU Y 133 60.82 6.23 -33.05
CA LEU Y 133 59.67 5.34 -32.90
C LEU Y 133 58.39 6.03 -33.36
N PHE Y 134 58.24 7.31 -33.04
CA PHE Y 134 57.04 8.04 -33.42
C PHE Y 134 56.93 8.14 -34.94
N TRP Y 135 58.05 8.40 -35.61
CA TRP Y 135 58.02 8.55 -37.06
C TRP Y 135 57.92 7.20 -37.76
N ILE Y 136 58.60 6.17 -37.26
CA ILE Y 136 58.39 4.83 -37.79
C ILE Y 136 56.95 4.39 -37.55
N GLY Y 137 56.39 4.72 -36.39
CA GLY Y 137 55.01 4.36 -36.08
C GLY Y 137 54.03 5.01 -37.02
N PHE Y 138 54.24 6.29 -37.33
CA PHE Y 138 53.42 6.98 -38.33
C PHE Y 138 53.51 6.29 -39.69
N VAL Y 139 54.73 6.07 -40.19
CA VAL Y 139 54.93 5.45 -41.51
C VAL Y 139 54.36 4.02 -41.52
N GLU Y 140 54.49 3.31 -40.39
CA GLU Y 140 54.01 1.94 -40.32
C GLU Y 140 52.48 1.88 -40.27
N ALA Y 141 51.84 2.96 -39.81
CA ALA Y 141 50.39 3.05 -39.89
C ALA Y 141 49.91 3.20 -41.34
N ILE Y 142 50.51 4.11 -42.10
CA ILE Y 142 50.19 4.18 -43.53
C ILE Y 142 50.61 2.89 -44.24
N SER Y 143 51.71 2.27 -43.78
CA SER Y 143 52.13 1.01 -44.37
C SER Y 143 51.25 -0.16 -43.95
N THR Y 144 50.56 -0.07 -42.80
CA THR Y 144 49.59 -1.14 -42.52
C THR Y 144 48.34 -0.98 -43.36
N ALA Y 145 47.95 0.27 -43.70
CA ALA Y 145 46.98 0.49 -44.76
C ALA Y 145 47.46 -0.11 -46.08
N ALA Y 146 48.77 0.03 -46.37
CA ALA Y 146 49.35 -0.52 -47.59
C ALA Y 146 49.21 -2.04 -47.65
N THR Y 147 49.66 -2.74 -46.61
CA THR Y 147 49.60 -4.20 -46.62
C THR Y 147 48.16 -4.72 -46.60
N ILE Y 148 47.24 -4.01 -45.95
CA ILE Y 148 45.84 -4.43 -45.97
C ILE Y 148 45.26 -4.29 -47.37
N GLN Y 149 45.58 -3.19 -48.07
CA GLN Y 149 45.09 -3.04 -49.43
C GLN Y 149 45.83 -3.94 -50.41
N MET Y 150 47.03 -4.42 -50.07
CA MET Y 150 47.67 -5.45 -50.87
C MET Y 150 46.97 -6.79 -50.68
N LEU Y 151 46.57 -7.09 -49.44
CA LEU Y 151 46.10 -8.42 -49.06
C LEU Y 151 44.62 -8.63 -49.33
N GLN Y 152 43.79 -7.60 -49.13
CA GLN Y 152 42.34 -7.69 -49.33
C GLN Y 152 41.96 -7.92 -50.78
N GLY Y 153 42.87 -7.71 -51.74
CA GLY Y 153 42.58 -7.97 -53.13
C GLY Y 153 43.50 -9.01 -53.73
N GLY Y 173 65.47 -6.20 -66.66
CA GLY Y 173 66.53 -5.45 -66.03
C GLY Y 173 66.23 -5.01 -64.60
N ARG Y 174 65.00 -5.27 -64.14
CA ARG Y 174 64.58 -4.92 -62.79
C ARG Y 174 64.38 -6.11 -61.88
N ALA Y 175 63.91 -7.25 -62.41
CA ALA Y 175 63.75 -8.47 -61.60
C ALA Y 175 65.06 -8.91 -60.98
N ARG Y 176 66.17 -8.70 -61.69
CA ARG Y 176 67.51 -8.85 -61.11
C ARG Y 176 67.70 -7.94 -59.90
N MET Y 177 67.19 -6.71 -59.97
CA MET Y 177 67.40 -5.74 -58.89
C MET Y 177 66.56 -6.10 -57.66
N GLU Y 178 65.32 -6.57 -57.88
CA GLU Y 178 64.52 -7.09 -56.78
C GLU Y 178 65.20 -8.27 -56.11
N LEU Y 179 65.75 -9.18 -56.91
CA LEU Y 179 66.45 -10.34 -56.35
C LEU Y 179 67.71 -9.91 -55.62
N SER Y 180 68.41 -8.90 -56.15
CA SER Y 180 69.58 -8.36 -55.45
C SER Y 180 69.19 -7.78 -54.10
N GLU Y 181 68.07 -7.04 -54.06
CA GLU Y 181 67.56 -6.48 -52.81
C GLU Y 181 67.25 -7.57 -51.80
N ILE Y 182 66.53 -8.61 -52.25
CA ILE Y 182 66.12 -9.65 -51.32
C ILE Y 182 67.33 -10.47 -50.87
N LYS Y 183 68.30 -10.71 -51.76
CA LYS Y 183 69.50 -11.48 -51.39
C LYS Y 183 70.36 -10.74 -50.39
N ASN Y 184 70.70 -9.48 -50.69
CA ASN Y 184 71.48 -8.66 -49.76
C ASN Y 184 70.72 -8.42 -48.45
N GLY Y 185 69.39 -8.46 -48.49
CA GLY Y 185 68.61 -8.29 -47.28
C GLY Y 185 68.64 -9.50 -46.37
N ARG Y 186 68.52 -10.70 -46.96
CA ARG Y 186 68.74 -11.94 -46.18
C ARG Y 186 70.14 -11.97 -45.60
N LEU Y 187 71.13 -11.56 -46.39
CA LEU Y 187 72.51 -11.44 -45.91
C LEU Y 187 72.61 -10.44 -44.77
N ALA Y 188 71.84 -9.36 -44.84
CA ALA Y 188 71.84 -8.37 -43.78
C ALA Y 188 71.25 -8.91 -42.49
N MET Y 189 70.21 -9.76 -42.60
CA MET Y 189 69.66 -10.43 -41.41
C MET Y 189 70.68 -11.34 -40.74
N ILE Y 190 71.40 -12.13 -41.54
CA ILE Y 190 72.48 -12.95 -40.99
C ILE Y 190 73.56 -12.07 -40.40
N GLY Y 191 73.95 -11.02 -41.13
CA GLY Y 191 75.02 -10.15 -40.68
C GLY Y 191 74.68 -9.45 -39.38
N PHE Y 192 73.46 -8.91 -39.28
CA PHE Y 192 73.06 -8.19 -38.07
C PHE Y 192 72.97 -9.10 -36.86
N SER Y 193 72.41 -10.29 -37.05
CA SER Y 193 72.41 -11.31 -36.01
C SER Y 193 73.82 -11.63 -35.54
N GLY Y 194 74.76 -11.74 -36.49
CA GLY Y 194 76.14 -11.99 -36.13
C GLY Y 194 76.73 -10.88 -35.30
N MET Y 195 76.56 -9.62 -35.75
CA MET Y 195 77.15 -8.46 -35.06
C MET Y 195 76.59 -8.33 -33.65
N VAL Y 196 75.29 -8.56 -33.49
CA VAL Y 196 74.67 -8.39 -32.19
C VAL Y 196 75.10 -9.49 -31.24
N HIS Y 197 75.14 -10.75 -31.68
CA HIS Y 197 75.61 -11.80 -30.78
C HIS Y 197 77.12 -11.72 -30.57
N HIS Y 198 77.85 -11.13 -31.51
CA HIS Y 198 79.25 -10.79 -31.27
C HIS Y 198 79.36 -9.76 -30.15
N TYR Y 199 78.44 -8.79 -30.09
CA TYR Y 199 78.39 -7.85 -28.97
C TYR Y 199 78.18 -8.58 -27.63
N PHE Y 200 77.25 -9.53 -27.57
CA PHE Y 200 77.11 -10.35 -26.36
C PHE Y 200 78.42 -11.07 -26.00
N ILE Y 201 79.13 -11.60 -27.00
CA ILE Y 201 80.38 -12.30 -26.74
C ILE Y 201 81.44 -11.35 -26.17
N THR Y 202 81.65 -10.20 -26.82
CA THR Y 202 82.80 -9.38 -26.51
C THR Y 202 82.51 -7.94 -26.07
N GLY Y 203 81.25 -7.52 -26.01
CA GLY Y 203 80.93 -6.13 -25.71
C GLY Y 203 81.50 -5.14 -26.71
N LYS Y 204 81.52 -5.52 -27.99
CA LYS Y 204 82.11 -4.68 -29.03
C LYS Y 204 81.24 -4.68 -30.27
N GLY Y 205 81.43 -3.67 -31.09
CA GLY Y 205 80.78 -3.59 -32.37
C GLY Y 205 81.49 -4.46 -33.38
N PRO Y 206 80.87 -4.60 -34.58
CA PRO Y 206 81.35 -5.57 -35.57
C PRO Y 206 82.77 -5.35 -36.07
N ILE Y 207 83.04 -4.22 -36.72
CA ILE Y 207 84.36 -4.00 -37.29
C ILE Y 207 85.37 -3.66 -36.21
N GLU Y 208 84.90 -3.21 -35.04
CA GLU Y 208 85.81 -2.95 -33.92
C GLU Y 208 86.46 -4.25 -33.47
N LEU Y 209 85.64 -5.30 -33.36
CA LEU Y 209 86.14 -6.62 -33.02
C LEU Y 209 87.01 -7.18 -34.14
N LEU Y 210 86.55 -7.04 -35.39
CA LEU Y 210 87.28 -7.47 -36.58
C LEU Y 210 88.70 -6.90 -36.59
N THR Y 211 88.83 -5.62 -36.27
CA THR Y 211 90.14 -4.96 -36.18
C THR Y 211 91.02 -5.65 -35.14
N SER Y 212 90.53 -5.75 -33.91
CA SER Y 212 91.27 -6.46 -32.84
C SER Y 212 91.39 -7.95 -33.16
N ALA Z 37 -19.81 -80.43 19.66
CA ALA Z 37 -18.38 -80.60 19.86
C ALA Z 37 -17.91 -79.94 21.15
N LYS Z 38 -18.12 -80.63 22.27
CA LYS Z 38 -17.71 -80.13 23.57
C LYS Z 38 -16.28 -80.57 23.88
N SER Z 39 -15.74 -80.09 25.00
CA SER Z 39 -14.37 -80.34 25.41
C SER Z 39 -14.27 -81.46 26.44
N LYS Z 40 -13.17 -82.21 26.39
CA LYS Z 40 -12.95 -83.30 27.34
C LYS Z 40 -12.64 -82.80 28.76
N ALA Z 41 -11.65 -81.90 28.89
CA ALA Z 41 -11.19 -81.47 30.21
C ALA Z 41 -12.26 -80.67 30.95
N ILE Z 42 -12.93 -79.80 30.21
CA ILE Z 42 -14.06 -79.03 30.68
C ILE Z 42 -15.27 -79.50 29.88
N PRO Z 43 -16.15 -80.34 30.45
CA PRO Z 43 -17.28 -80.87 29.66
C PRO Z 43 -18.24 -79.79 29.18
N PHE Z 44 -18.48 -78.77 30.00
CA PHE Z 44 -19.46 -77.74 29.63
C PHE Z 44 -18.97 -76.84 28.50
N LEU Z 45 -17.67 -76.55 28.43
CA LEU Z 45 -17.20 -75.61 27.42
C LEU Z 45 -17.16 -76.26 26.05
N ASP Z 46 -17.30 -75.44 25.01
CA ASP Z 46 -17.25 -75.91 23.63
C ASP Z 46 -15.80 -76.08 23.21
N ALA Z 47 -15.54 -77.15 22.46
CA ALA Z 47 -14.18 -77.53 22.11
C ALA Z 47 -13.50 -76.45 21.27
N PRO Z 48 -12.22 -76.18 21.52
CA PRO Z 48 -11.50 -75.13 20.79
C PRO Z 48 -11.27 -75.54 19.35
N PRO Z 49 -11.68 -74.70 18.38
CA PRO Z 49 -11.74 -75.14 16.97
C PRO Z 49 -10.42 -75.55 16.35
N ALA Z 50 -9.31 -74.91 16.74
CA ALA Z 50 -8.04 -75.18 16.09
C ALA Z 50 -7.45 -76.50 16.52
N LEU Z 51 -7.79 -76.97 17.71
CA LEU Z 51 -7.19 -78.20 18.21
C LEU Z 51 -7.90 -79.43 17.66
N SER Z 52 -7.14 -80.52 17.48
CA SER Z 52 -7.53 -81.55 16.53
C SER Z 52 -7.73 -82.96 17.05
N GLU Z 53 -7.44 -83.26 18.34
CA GLU Z 53 -7.45 -84.58 18.99
C GLU Z 53 -6.31 -85.49 18.49
N SER Z 54 -5.64 -85.09 17.42
CA SER Z 54 -4.51 -85.80 16.85
C SER Z 54 -3.17 -85.24 17.29
N MET Z 55 -3.18 -84.22 18.13
CA MET Z 55 -1.96 -83.61 18.64
C MET Z 55 -1.71 -84.13 20.04
N PRO Z 56 -0.51 -84.61 20.32
CA PRO Z 56 -0.25 -85.26 21.62
C PRO Z 56 -0.34 -84.27 22.78
N GLY Z 57 -0.74 -84.78 23.93
CA GLY Z 57 -0.97 -83.93 25.08
C GLY Z 57 -2.14 -82.99 24.92
N TYR Z 58 -3.26 -83.50 24.42
CA TYR Z 58 -4.46 -82.70 24.20
C TYR Z 58 -5.60 -83.27 25.01
N VAL Z 59 -6.27 -82.43 25.79
CA VAL Z 59 -7.49 -82.84 26.48
C VAL Z 59 -8.59 -81.81 26.25
N GLY Z 60 -8.48 -81.04 25.18
CA GLY Z 60 -9.47 -80.01 24.90
C GLY Z 60 -9.38 -78.78 25.77
N PHE Z 61 -8.22 -78.53 26.37
CA PHE Z 61 -8.06 -77.39 27.27
C PHE Z 61 -7.49 -76.21 26.49
N ASP Z 62 -8.37 -75.30 26.10
CA ASP Z 62 -7.99 -74.00 25.56
C ASP Z 62 -9.19 -73.06 25.70
N PRO Z 63 -9.56 -72.65 26.93
CA PRO Z 63 -10.71 -71.75 27.08
C PRO Z 63 -10.53 -70.39 26.41
N LEU Z 64 -9.30 -69.88 26.32
CA LEU Z 64 -9.05 -68.55 25.79
C LEU Z 64 -8.89 -68.51 24.28
N TRP Z 65 -8.91 -69.68 23.62
CA TRP Z 65 -8.76 -69.82 22.17
C TRP Z 65 -7.50 -69.14 21.67
N VAL Z 66 -6.40 -69.35 22.40
CA VAL Z 66 -5.09 -68.89 21.96
C VAL Z 66 -4.71 -69.58 20.66
N SER Z 67 -5.22 -70.79 20.43
CA SER Z 67 -4.95 -71.52 19.21
C SER Z 67 -5.65 -70.93 17.99
N SER Z 68 -6.61 -70.02 18.19
CA SER Z 68 -7.34 -69.38 17.11
C SER Z 68 -6.89 -67.96 16.84
N MET Z 69 -5.87 -67.47 17.55
CA MET Z 69 -5.48 -66.07 17.46
C MET Z 69 -4.87 -65.70 16.12
N LEU Z 70 -4.35 -66.67 15.38
CA LEU Z 70 -3.90 -66.45 14.02
C LEU Z 70 -4.60 -67.43 13.09
N PRO Z 71 -5.04 -66.98 11.91
CA PRO Z 71 -5.74 -67.89 11.00
C PRO Z 71 -4.83 -68.89 10.30
N ASP Z 72 -3.51 -68.69 10.35
CA ASP Z 72 -2.57 -69.38 9.47
C ASP Z 72 -2.56 -70.88 9.73
N ALA Z 73 -2.10 -71.63 8.72
CA ALA Z 73 -2.11 -73.09 8.80
C ALA Z 73 -1.12 -73.60 9.83
N GLY Z 74 0.03 -72.95 9.96
CA GLY Z 74 1.09 -73.41 10.84
C GLY Z 74 1.18 -72.72 12.19
N TYR Z 75 0.14 -71.98 12.60
CA TYR Z 75 0.19 -71.30 13.89
C TYR Z 75 0.09 -72.27 15.05
N VAL Z 76 -0.75 -73.31 14.90
CA VAL Z 76 -0.89 -74.32 15.94
C VAL Z 76 0.40 -75.12 16.08
N LYS Z 77 1.09 -75.35 14.96
CA LYS Z 77 2.42 -75.96 15.00
C LYS Z 77 3.43 -75.08 15.72
N PHE Z 78 3.34 -73.76 15.52
CA PHE Z 78 4.18 -72.84 16.28
C PHE Z 78 3.88 -72.93 17.77
N LEU Z 79 2.60 -73.00 18.13
CA LEU Z 79 2.19 -73.11 19.53
C LEU Z 79 2.68 -74.41 20.15
N GLN Z 80 2.59 -75.50 19.41
CA GLN Z 80 3.04 -76.79 19.91
C GLN Z 80 4.55 -76.81 20.12
N GLU Z 81 5.31 -76.27 19.16
CA GLU Z 81 6.75 -76.16 19.30
C GLU Z 81 7.13 -75.26 20.48
N ALA Z 82 6.37 -74.17 20.68
CA ALA Z 82 6.61 -73.28 21.81
C ALA Z 82 6.38 -73.99 23.14
N GLU Z 83 5.32 -74.81 23.21
CA GLU Z 83 5.06 -75.61 24.40
C GLU Z 83 6.17 -76.60 24.69
N ILE Z 84 6.66 -77.29 23.66
CA ILE Z 84 7.70 -78.31 23.85
C ILE Z 84 9.04 -77.67 24.21
N LYS Z 85 9.38 -76.55 23.58
CA LYS Z 85 10.62 -75.85 23.93
C LYS Z 85 10.58 -75.33 25.36
N HIS Z 86 9.45 -74.74 25.75
CA HIS Z 86 9.25 -74.32 27.13
C HIS Z 86 9.34 -75.50 28.09
N GLY Z 87 8.75 -76.63 27.72
CA GLY Z 87 8.78 -77.80 28.58
C GLY Z 87 10.16 -78.41 28.73
N ARG Z 88 10.93 -78.47 27.64
CA ARG Z 88 12.28 -79.04 27.69
C ARG Z 88 13.24 -78.15 28.47
N VAL Z 89 13.18 -76.84 28.24
CA VAL Z 89 13.96 -75.88 29.03
C VAL Z 89 13.59 -75.97 30.50
N ALA Z 90 12.31 -76.13 30.80
CA ALA Z 90 11.85 -76.19 32.19
C ALA Z 90 12.28 -77.48 32.88
N MET Z 91 12.23 -78.61 32.16
CA MET Z 91 12.75 -79.86 32.72
C MET Z 91 14.23 -79.74 33.04
N LEU Z 92 15.01 -79.13 32.15
CA LEU Z 92 16.42 -78.92 32.40
C LEU Z 92 16.65 -78.00 33.58
N ALA Z 93 15.84 -76.94 33.71
CA ALA Z 93 15.97 -76.01 34.82
C ALA Z 93 15.61 -76.65 36.15
N ALA Z 94 14.56 -77.47 36.19
CA ALA Z 94 14.13 -78.10 37.43
C ALA Z 94 15.16 -79.11 37.93
N ALA Z 95 15.60 -80.02 37.04
CA ALA Z 95 16.68 -80.95 37.36
C ALA Z 95 17.95 -80.19 37.72
N GLY Z 96 18.20 -79.07 37.05
CA GLY Z 96 19.38 -78.30 37.33
C GLY Z 96 19.38 -77.69 38.71
N ALA Z 97 18.25 -77.12 39.12
CA ALA Z 97 18.12 -76.54 40.46
C ALA Z 97 18.29 -77.60 41.55
N ILE Z 98 17.66 -78.77 41.38
CA ILE Z 98 17.78 -79.84 42.36
C ILE Z 98 19.22 -80.31 42.50
N VAL Z 99 19.87 -80.61 41.37
CA VAL Z 99 21.23 -81.13 41.40
C VAL Z 99 22.23 -80.06 41.85
N GLN Z 100 21.97 -78.78 41.54
CA GLN Z 100 22.81 -77.70 42.06
C GLN Z 100 22.74 -77.66 43.58
N ASP Z 101 21.57 -77.91 44.15
CA ASP Z 101 21.46 -78.01 45.60
C ASP Z 101 22.23 -79.22 46.12
N ILE Z 102 22.17 -80.36 45.42
CA ILE Z 102 22.88 -81.57 45.83
C ILE Z 102 24.37 -81.32 45.94
N PHE Z 103 25.00 -80.93 44.84
CA PHE Z 103 26.43 -80.67 44.83
C PHE Z 103 26.72 -79.58 43.81
N THR Z 104 28.00 -79.30 43.63
CA THR Z 104 28.49 -78.40 42.59
C THR Z 104 29.78 -79.00 42.05
N PHE Z 105 30.15 -78.57 40.85
CA PHE Z 105 31.35 -79.07 40.20
C PHE Z 105 32.59 -78.50 40.90
N PRO Z 106 33.77 -79.14 40.74
CA PRO Z 106 34.98 -78.64 41.41
C PRO Z 106 35.32 -77.20 41.03
N GLY Z 107 35.71 -76.42 42.02
CA GLY Z 107 36.14 -75.07 41.79
C GLY Z 107 35.04 -74.04 41.68
N VAL Z 108 33.78 -74.47 41.51
CA VAL Z 108 32.66 -73.53 41.39
C VAL Z 108 32.49 -72.73 42.68
N LYS Z 109 32.70 -73.41 43.82
CA LYS Z 109 32.44 -72.82 45.12
C LYS Z 109 33.42 -71.69 45.44
N SER Z 110 34.68 -71.81 44.99
CA SER Z 110 35.67 -70.77 45.24
C SER Z 110 35.42 -69.53 44.38
N VAL Z 111 34.65 -69.65 43.30
CA VAL Z 111 34.33 -68.49 42.47
C VAL Z 111 33.02 -67.85 42.90
N ILE Z 112 31.92 -68.61 42.88
CA ILE Z 112 30.63 -67.97 43.14
C ILE Z 112 30.34 -67.83 44.62
N GLY Z 113 30.90 -68.70 45.46
CA GLY Z 113 30.60 -68.62 46.87
C GLY Z 113 29.31 -69.33 47.21
N ASP Z 114 28.48 -68.74 48.06
CA ASP Z 114 27.32 -69.42 48.62
C ASP Z 114 25.98 -68.99 48.00
N VAL Z 115 25.96 -68.58 46.73
CA VAL Z 115 24.69 -68.29 46.07
C VAL Z 115 23.99 -69.60 45.69
N LYS Z 116 22.67 -69.55 45.47
CA LYS Z 116 21.91 -70.78 45.28
C LYS Z 116 21.27 -70.97 43.91
N MET Z 117 20.37 -70.09 43.46
CA MET Z 117 19.77 -70.41 42.16
C MET Z 117 19.86 -69.31 41.11
N THR Z 118 18.90 -68.39 41.12
CA THR Z 118 18.94 -67.26 40.19
C THR Z 118 20.07 -66.32 40.55
N SER Z 119 20.45 -66.27 41.83
CA SER Z 119 21.58 -65.46 42.26
C SER Z 119 22.89 -65.92 41.64
N VAL Z 120 23.07 -67.23 41.42
CA VAL Z 120 24.29 -67.68 40.74
C VAL Z 120 24.34 -67.13 39.31
N HIS Z 121 23.18 -67.07 38.62
CA HIS Z 121 23.10 -66.38 37.33
C HIS Z 121 23.60 -64.94 37.47
N ASP Z 122 23.18 -64.27 38.54
CA ASP Z 122 23.62 -62.90 38.80
C ASP Z 122 25.11 -62.85 39.11
N LYS Z 123 25.62 -63.80 39.90
CA LYS Z 123 26.99 -63.74 40.38
C LYS Z 123 27.99 -63.86 39.23
N PHE Z 124 27.83 -64.88 38.37
CA PHE Z 124 28.61 -64.96 37.15
C PHE Z 124 28.54 -63.68 36.35
N LEU Z 125 27.34 -63.10 36.20
CA LEU Z 125 27.17 -61.94 35.34
C LEU Z 125 27.82 -60.68 35.92
N SER Z 126 28.10 -60.66 37.22
CA SER Z 126 28.85 -59.56 37.79
C SER Z 126 30.34 -59.66 37.46
N MET Z 127 30.80 -60.85 37.05
CA MET Z 127 32.20 -61.15 36.82
C MET Z 127 32.52 -61.40 35.34
N GLU Z 128 31.68 -60.94 34.41
CA GLU Z 128 31.81 -61.26 32.99
C GLU Z 128 31.90 -59.98 32.19
N ALA Z 129 32.71 -60.00 31.12
CA ALA Z 129 32.88 -58.84 30.26
C ALA Z 129 31.57 -58.44 29.61
N GLY Z 130 31.41 -57.14 29.41
CA GLY Z 130 30.17 -56.64 28.84
C GLY Z 130 29.11 -56.36 29.88
N SER Z 131 28.69 -57.40 30.62
CA SER Z 131 27.71 -57.18 31.67
C SER Z 131 28.36 -56.69 32.97
N GLY Z 132 29.51 -57.22 33.34
CA GLY Z 132 30.21 -56.85 34.56
C GLY Z 132 31.67 -56.57 34.25
N LYS Z 133 32.54 -56.93 35.19
CA LYS Z 133 33.98 -56.76 35.05
C LYS Z 133 34.68 -57.94 35.71
N GLY Z 134 35.33 -58.78 34.92
CA GLY Z 134 35.96 -59.96 35.47
C GLY Z 134 36.58 -60.80 34.37
N ASP Z 135 36.99 -62.01 34.76
CA ASP Z 135 37.72 -62.93 33.88
C ASP Z 135 36.89 -64.14 33.47
N MET Z 136 35.57 -64.05 33.57
CA MET Z 136 34.69 -65.18 33.35
C MET Z 136 33.82 -64.94 32.12
N ALA Z 137 33.49 -66.02 31.41
CA ALA Z 137 32.37 -66.00 30.45
C ALA Z 137 31.63 -67.34 30.59
N ALA Z 138 30.72 -67.41 31.55
CA ALA Z 138 30.00 -68.65 31.80
C ALA Z 138 28.58 -68.60 31.23
N MET Z 139 27.80 -67.60 31.62
CA MET Z 139 26.48 -67.40 31.05
C MET Z 139 26.57 -66.97 29.59
N HIS Z 140 27.66 -66.31 29.22
CA HIS Z 140 27.85 -65.84 27.85
C HIS Z 140 28.18 -66.97 26.92
N GLN Z 141 28.98 -67.93 27.39
CA GLN Z 141 29.24 -69.14 26.62
C GLN Z 141 27.97 -69.95 26.44
N LEU Z 142 27.14 -70.03 27.48
CA LEU Z 142 25.84 -70.69 27.33
C LEU Z 142 24.97 -69.97 26.30
N LEU Z 143 24.95 -68.64 26.33
CA LEU Z 143 24.19 -67.87 25.35
C LEU Z 143 24.71 -68.07 23.93
N LEU Z 144 26.04 -68.13 23.78
CA LEU Z 144 26.66 -68.33 22.47
C LEU Z 144 26.21 -69.63 21.82
N TRP Z 145 26.39 -70.75 22.51
CA TRP Z 145 26.12 -72.04 21.88
C TRP Z 145 24.63 -72.33 21.83
N LEU Z 146 23.87 -71.97 22.87
CA LEU Z 146 22.41 -72.08 22.80
C LEU Z 146 21.85 -71.21 21.70
N GLY Z 147 22.46 -70.05 21.47
CA GLY Z 147 21.99 -69.17 20.42
C GLY Z 147 22.29 -69.67 19.03
N LEU Z 148 23.43 -70.35 18.85
CA LEU Z 148 23.71 -71.00 17.57
C LEU Z 148 22.66 -72.07 17.27
N LEU Z 149 22.45 -72.97 18.23
CA LEU Z 149 21.38 -73.97 18.15
C LEU Z 149 20.02 -73.31 17.92
N GLU Z 150 19.75 -72.21 18.62
CA GLU Z 150 18.42 -71.61 18.53
C GLU Z 150 18.15 -70.94 17.19
N ILE Z 151 19.15 -70.26 16.60
CA ILE Z 151 18.97 -69.71 15.25
C ILE Z 151 18.75 -70.82 14.23
N ALA Z 152 19.41 -71.97 14.43
CA ALA Z 152 19.13 -73.15 13.61
C ALA Z 152 17.66 -73.56 13.75
N THR Z 153 17.16 -73.64 15.00
CA THR Z 153 15.75 -73.97 15.20
C THR Z 153 14.83 -72.86 14.73
N SER Z 154 15.30 -71.61 14.75
CA SER Z 154 14.57 -70.49 14.14
C SER Z 154 14.21 -70.77 12.69
N VAL Z 155 15.19 -71.21 11.91
CA VAL Z 155 14.95 -71.56 10.52
C VAL Z 155 14.03 -72.78 10.42
N ALA Z 156 14.18 -73.75 11.32
CA ALA Z 156 13.33 -74.94 11.34
C ALA Z 156 11.87 -74.59 11.60
N ILE Z 157 11.63 -73.72 12.59
CA ILE Z 157 10.27 -73.31 12.93
C ILE Z 157 9.66 -72.49 11.80
N ILE Z 158 10.46 -71.62 11.18
CA ILE Z 158 9.99 -70.80 10.06
C ILE Z 158 9.61 -71.68 8.88
N GLN Z 159 10.43 -72.68 8.55
CA GLN Z 159 10.09 -73.63 7.49
C GLN Z 159 8.86 -74.45 7.83
N SER Z 160 8.74 -74.87 9.09
CA SER Z 160 7.59 -75.69 9.49
C SER Z 160 6.29 -74.90 9.51
N PHE Z 161 6.37 -73.59 9.79
CA PHE Z 161 5.20 -72.74 9.83
C PHE Z 161 4.56 -72.61 8.47
N LYS Z 162 5.35 -72.44 7.42
CA LYS Z 162 4.81 -72.15 6.10
C LYS Z 162 4.52 -73.42 5.29
N GLY Z 163 4.55 -74.58 5.93
CA GLY Z 163 4.15 -75.81 5.27
C GLY Z 163 5.15 -76.37 4.29
N GLU Z 164 6.40 -75.90 4.33
CA GLU Z 164 7.43 -76.39 3.42
C GLU Z 164 8.05 -77.69 3.89
N THR Z 165 7.66 -78.17 5.07
CA THR Z 165 8.28 -79.30 5.71
C THR Z 165 7.20 -80.16 6.35
N SER Z 166 7.36 -81.48 6.29
CA SER Z 166 6.42 -82.42 6.88
C SER Z 166 6.90 -82.88 8.26
N ARG Z 167 7.50 -81.96 9.02
CA ARG Z 167 8.07 -82.23 10.33
C ARG Z 167 7.09 -81.84 11.41
N GLY Z 168 7.03 -82.64 12.45
CA GLY Z 168 6.17 -82.35 13.56
C GLY Z 168 6.82 -81.39 14.53
N PRO Z 169 6.05 -80.95 15.51
CA PRO Z 169 6.57 -80.04 16.53
C PRO Z 169 7.52 -80.74 17.48
N GLY Z 170 8.64 -80.09 17.77
CA GLY Z 170 9.62 -80.61 18.69
C GLY Z 170 10.64 -81.54 18.08
N GLU Z 171 10.41 -82.03 16.86
CA GLU Z 171 11.28 -83.03 16.26
C GLU Z 171 12.49 -82.35 15.63
N PHE Z 172 13.65 -82.57 16.24
CA PHE Z 172 14.90 -82.13 15.66
C PHE Z 172 15.74 -83.29 15.16
N GLY Z 173 15.17 -84.49 15.15
CA GLY Z 173 15.92 -85.67 14.78
C GLY Z 173 16.86 -86.17 15.85
N PHE Z 174 16.75 -85.67 17.07
CA PHE Z 174 17.67 -86.05 18.13
C PHE Z 174 17.12 -87.28 18.84
N ASP Z 175 17.75 -88.41 18.61
CA ASP Z 175 17.42 -89.65 19.28
C ASP Z 175 18.64 -90.57 19.19
N PRO Z 176 19.81 -90.20 19.76
CA PRO Z 176 21.05 -90.97 19.50
C PRO Z 176 20.98 -92.43 19.92
N LEU Z 177 20.47 -92.67 21.12
CA LEU Z 177 20.16 -94.03 21.54
C LEU Z 177 18.79 -94.37 20.97
N ASN Z 178 18.68 -95.52 20.30
CA ASN Z 178 17.40 -95.89 19.70
C ASN Z 178 16.37 -96.11 20.80
N PHE Z 179 15.48 -95.13 20.95
CA PHE Z 179 14.41 -95.20 21.94
C PHE Z 179 13.04 -95.29 21.29
N GLY Z 180 12.87 -94.68 20.12
CA GLY Z 180 11.66 -94.80 19.34
C GLY Z 180 11.70 -95.87 18.28
N LYS Z 181 12.75 -96.71 18.27
CA LYS Z 181 12.86 -97.92 17.44
C LYS Z 181 12.67 -97.61 15.95
N GLY Z 182 13.42 -96.62 15.47
CA GLY Z 182 13.44 -96.27 14.07
C GLY Z 182 12.89 -94.91 13.73
N ASN Z 183 12.20 -94.23 14.65
CA ASN Z 183 11.75 -92.87 14.39
C ASN Z 183 12.20 -91.93 15.50
N SER Z 184 12.93 -90.88 15.12
CA SER Z 184 13.44 -89.91 16.10
C SER Z 184 12.30 -89.15 16.76
N ALA Z 185 11.17 -88.99 16.06
CA ALA Z 185 9.99 -88.35 16.63
C ALA Z 185 9.49 -89.05 17.88
N GLY Z 186 9.69 -90.36 17.97
CA GLY Z 186 9.24 -91.15 19.10
C GLY Z 186 7.82 -91.63 18.93
N SER Z 187 7.40 -92.46 19.88
CA SER Z 187 6.04 -93.00 19.87
C SER Z 187 5.08 -91.98 20.43
N ASP Z 188 3.78 -92.19 20.14
CA ASP Z 188 2.71 -91.34 20.68
C ASP Z 188 2.75 -91.28 22.21
N SER Z 189 3.05 -92.40 22.85
CA SER Z 189 3.08 -92.42 24.31
C SER Z 189 4.27 -91.64 24.86
N TYR Z 190 5.45 -91.79 24.26
CA TYR Z 190 6.61 -91.09 24.79
C TYR Z 190 6.58 -89.60 24.50
N LYS Z 191 5.95 -89.16 23.41
CA LYS Z 191 5.79 -87.71 23.26
C LYS Z 191 4.72 -87.17 24.19
N LEU Z 192 3.67 -87.95 24.47
CA LEU Z 192 2.71 -87.54 25.49
C LEU Z 192 3.38 -87.44 26.85
N LYS Z 193 4.28 -88.36 27.16
CA LYS Z 193 5.08 -88.28 28.39
C LYS Z 193 5.94 -87.03 28.43
N GLU Z 194 6.62 -86.74 27.31
CA GLU Z 194 7.48 -85.55 27.20
C GLU Z 194 6.69 -84.27 27.45
N ILE Z 195 5.52 -84.15 26.82
CA ILE Z 195 4.69 -82.95 26.98
C ILE Z 195 4.18 -82.83 28.42
N LYS Z 196 3.73 -83.94 29.01
CA LYS Z 196 3.16 -83.90 30.36
C LYS Z 196 4.24 -83.61 31.41
N ASN Z 197 5.40 -84.28 31.31
CA ASN Z 197 6.51 -83.96 32.21
C ASN Z 197 7.01 -82.54 31.97
N GLY Z 198 6.94 -82.07 30.73
CA GLY Z 198 7.33 -80.70 30.46
C GLY Z 198 6.44 -79.70 31.15
N ARG Z 199 5.12 -79.88 31.06
CA ARG Z 199 4.16 -79.01 31.73
C ARG Z 199 4.33 -79.03 33.24
N LEU Z 200 4.54 -80.22 33.81
CA LEU Z 200 4.82 -80.36 35.24
C LEU Z 200 6.07 -79.59 35.64
N ALA Z 201 7.12 -79.67 34.83
CA ALA Z 201 8.37 -79.02 35.16
C ALA Z 201 8.30 -77.51 35.01
N MET Z 202 7.48 -77.00 34.09
CA MET Z 202 7.21 -75.56 34.01
C MET Z 202 6.62 -75.03 35.30
N ILE Z 203 5.58 -75.69 35.79
CA ILE Z 203 4.98 -75.33 37.07
C ILE Z 203 6.00 -75.47 38.19
N GLY Z 204 6.75 -76.58 38.19
CA GLY Z 204 7.66 -76.86 39.28
C GLY Z 204 8.83 -75.88 39.37
N ILE Z 205 9.40 -75.52 38.23
CA ILE Z 205 10.54 -74.59 38.27
C ILE Z 205 10.07 -73.18 38.56
N GLY Z 206 8.85 -72.83 38.15
CA GLY Z 206 8.25 -71.58 38.57
C GLY Z 206 8.06 -71.50 40.07
N GLY Z 207 7.57 -72.57 40.67
CA GLY Z 207 7.48 -72.63 42.11
C GLY Z 207 8.83 -72.47 42.78
N MET Z 208 9.85 -73.20 42.29
CA MET Z 208 11.19 -73.16 42.87
C MET Z 208 11.82 -71.79 42.79
N VAL Z 209 11.64 -71.09 41.66
CA VAL Z 209 12.20 -69.75 41.50
C VAL Z 209 11.58 -68.77 42.47
N HIS Z 210 10.25 -68.82 42.64
CA HIS Z 210 9.58 -67.90 43.55
C HIS Z 210 9.86 -68.25 45.00
N HIS Z 211 9.90 -69.54 45.33
CA HIS Z 211 10.26 -69.96 46.68
C HIS Z 211 11.68 -69.50 47.03
N TYR Z 212 12.60 -69.51 46.06
CA TYR Z 212 13.93 -68.95 46.30
C TYR Z 212 13.88 -67.43 46.41
N LEU Z 213 13.11 -66.76 45.53
CA LEU Z 213 13.05 -65.30 45.53
C LEU Z 213 12.58 -64.71 46.85
N LEU Z 214 11.85 -65.47 47.65
CA LEU Z 214 11.39 -65.01 48.96
C LEU Z 214 12.09 -65.68 50.14
N THR Z 215 12.19 -67.02 50.22
CA THR Z 215 12.96 -67.60 51.32
C THR Z 215 14.46 -67.52 51.11
N GLY Z 216 14.92 -67.68 49.88
CA GLY Z 216 16.34 -67.82 49.67
C GLY Z 216 16.88 -69.19 49.95
N LYS Z 217 16.02 -70.19 50.17
CA LYS Z 217 16.51 -71.47 50.64
C LYS Z 217 17.00 -72.37 49.52
N GLY Z 218 16.38 -72.32 48.35
CA GLY Z 218 16.68 -73.29 47.32
C GLY Z 218 15.83 -74.52 47.52
N PRO Z 219 15.67 -75.34 46.45
CA PRO Z 219 14.72 -76.47 46.45
C PRO Z 219 14.72 -77.41 47.65
N LEU Z 220 15.87 -77.96 48.00
CA LEU Z 220 15.90 -79.02 49.00
C LEU Z 220 15.79 -78.47 50.42
N GLN Z 221 16.36 -77.30 50.69
CA GLN Z 221 16.13 -76.66 51.99
C GLN Z 221 14.67 -76.25 52.15
N PHE Z 222 14.05 -75.75 51.07
CA PHE Z 222 12.64 -75.39 51.11
C PHE Z 222 11.78 -76.62 51.41
N LEU Z 223 12.04 -77.72 50.71
CA LEU Z 223 11.27 -78.93 50.92
C LEU Z 223 11.54 -79.54 52.30
N GLY Z 224 12.76 -79.36 52.81
CA GLY Z 224 13.01 -79.74 54.20
C GLY Z 224 12.34 -78.80 55.18
N GLY Z 225 12.49 -77.51 54.96
CA GLY Z 225 11.91 -76.54 55.87
C GLY Z 225 10.43 -76.30 55.65
N ILE Z 226 9.61 -77.35 55.82
CA ILE Z 226 8.16 -77.25 55.63
C ILE Z 226 7.52 -76.26 56.61
N PRO Z 227 8.10 -75.92 57.82
CA PRO Z 227 7.73 -74.63 58.40
C PRO Z 227 8.67 -73.57 57.85
N ASN Z 228 8.13 -72.62 57.11
CA ASN Z 228 8.98 -71.71 56.37
C ASN Z 228 8.46 -70.29 56.58
N TYR Z 229 9.38 -69.33 56.38
CA TYR Z 229 9.46 -67.94 56.85
C TYR Z 229 9.98 -67.87 58.29
N LYS Z 230 10.15 -69.00 58.98
CA LYS Z 230 10.63 -68.97 60.36
C LYS Z 230 12.09 -68.60 60.43
N SER Z 231 12.91 -69.20 59.58
CA SER Z 231 14.31 -68.81 59.46
C SER Z 231 14.71 -68.99 58.02
N CYS Z 232 15.09 -67.90 57.37
CA CYS Z 232 15.40 -67.90 55.95
C CYS Z 232 16.81 -67.37 55.73
N VAL Z 233 17.36 -67.71 54.56
CA VAL Z 233 18.72 -67.33 54.23
C VAL Z 233 18.72 -65.93 53.66
N SER Z 234 19.65 -65.10 54.11
CA SER Z 234 19.86 -63.77 53.54
C SER Z 234 20.42 -63.94 52.12
N HIS Z 235 19.64 -63.53 51.14
CA HIS Z 235 20.01 -63.72 49.74
C HIS Z 235 19.86 -62.41 48.99
N PRO Z 236 20.66 -62.19 47.95
CA PRO Z 236 20.68 -60.86 47.30
C PRO Z 236 19.40 -60.56 46.53
N ASP Z 237 19.16 -59.26 46.35
CA ASP Z 237 18.17 -58.81 45.40
C ASP Z 237 18.59 -59.23 43.99
N SER Z 238 17.59 -59.54 43.17
CA SER Z 238 17.87 -60.02 41.83
C SER Z 238 18.23 -58.86 40.91
N LEU Z 239 18.44 -59.17 39.64
CA LEU Z 239 18.61 -58.13 38.65
C LEU Z 239 17.31 -57.43 38.26
N LEU Z 240 16.19 -57.84 38.85
CA LEU Z 240 14.89 -57.19 38.67
C LEU Z 240 14.30 -56.87 40.05
N PRO Z 241 14.91 -55.92 40.78
CA PRO Z 241 14.48 -55.69 42.17
C PRO Z 241 13.12 -55.03 42.29
N TRP Z 242 12.69 -54.27 41.27
CA TRP Z 242 11.39 -53.61 41.26
C TRP Z 242 10.25 -54.58 41.52
N LEU Z 243 10.37 -55.80 40.98
CA LEU Z 243 9.30 -56.80 41.11
C LEU Z 243 9.06 -57.18 42.57
N PHE Z 244 10.08 -57.10 43.42
CA PHE Z 244 9.93 -57.33 44.86
C PHE Z 244 9.72 -56.01 45.60
N LYS Z 245 8.78 -55.18 45.15
CA LYS Z 245 8.51 -53.93 45.84
C LYS Z 245 7.09 -53.80 46.35
N ALA Z 246 6.17 -54.67 45.93
CA ALA Z 246 4.86 -54.72 46.55
C ALA Z 246 4.78 -55.75 47.66
N VAL Z 247 5.88 -56.44 47.95
CA VAL Z 247 5.85 -57.50 48.96
C VAL Z 247 5.69 -56.90 50.35
N GLY Z 248 6.60 -56.03 50.74
CA GLY Z 248 6.44 -55.30 51.99
C GLY Z 248 5.32 -54.26 52.09
N PRO Z 249 5.25 -53.31 51.14
CA PRO Z 249 4.24 -52.24 51.25
C PRO Z 249 2.78 -52.63 51.13
N VAL Z 250 2.40 -53.50 50.19
CA VAL Z 250 1.01 -53.86 49.97
C VAL Z 250 0.70 -55.24 50.51
N LEU Z 251 1.52 -56.22 50.15
CA LEU Z 251 1.38 -57.61 50.55
C LEU Z 251 1.88 -57.75 52.00
N PRO Z 252 1.58 -58.87 52.69
CA PRO Z 252 1.99 -58.98 54.11
C PRO Z 252 3.49 -58.93 54.41
N LYS Z 253 4.36 -59.53 53.59
CA LYS Z 253 5.82 -59.65 53.86
C LYS Z 253 6.11 -60.35 55.18
N ILE Z 254 5.54 -61.56 55.36
CA ILE Z 254 5.83 -62.41 56.53
C ILE Z 254 7.32 -62.50 56.82
N CYS Z 255 8.14 -62.57 55.76
CA CYS Z 255 9.59 -62.59 55.88
C CYS Z 255 10.08 -61.24 56.40
N PHE AA 40 -41.62 -11.48 -2.09
CA PHE AA 40 -41.42 -12.89 -2.40
C PHE AA 40 -42.57 -13.72 -1.83
N SER AA 41 -43.10 -13.24 -0.72
CA SER AA 41 -44.37 -13.66 -0.16
C SER AA 41 -45.10 -12.36 0.13
N PRO AA 42 -46.44 -12.38 0.27
CA PRO AA 42 -47.17 -11.13 0.56
C PRO AA 42 -46.68 -10.47 1.84
N VAL AA 43 -46.31 -9.20 1.72
CA VAL AA 43 -45.84 -8.41 2.85
C VAL AA 43 -47.07 -7.82 3.55
N PRO AA 44 -47.29 -8.11 4.83
CA PRO AA 44 -48.48 -7.60 5.50
C PRO AA 44 -48.31 -6.16 5.95
N SER AA 45 -49.43 -5.46 5.99
CA SER AA 45 -49.53 -4.12 6.53
C SER AA 45 -50.73 -4.08 7.45
N PRO AA 46 -50.76 -3.17 8.44
CA PRO AA 46 -51.93 -3.10 9.34
C PRO AA 46 -53.18 -2.75 8.56
N GLU AA 47 -54.32 -3.24 9.05
CA GLU AA 47 -55.60 -2.91 8.47
C GLU AA 47 -55.84 -1.40 8.54
N GLY AA 48 -56.39 -0.87 7.46
CA GLY AA 48 -56.45 0.57 7.31
C GLY AA 48 -55.30 1.15 6.53
N THR AA 49 -54.38 0.31 6.03
CA THR AA 49 -53.34 0.79 5.15
C THR AA 49 -53.96 1.19 3.82
N LYS AA 50 -53.68 2.42 3.39
CA LYS AA 50 -54.17 2.93 2.14
C LYS AA 50 -52.99 3.47 1.35
N GLU AA 51 -53.23 3.84 0.10
CA GLU AA 51 -52.16 4.30 -0.77
C GLU AA 51 -51.92 5.78 -0.55
N THR AA 52 -50.66 6.14 -0.31
CA THR AA 52 -50.29 7.50 0.03
C THR AA 52 -49.29 8.10 -0.95
N TYR AA 53 -48.91 7.37 -2.00
CA TYR AA 53 -48.00 7.93 -2.99
C TYR AA 53 -48.70 9.04 -3.77
N TRP AA 54 -48.04 10.18 -3.88
CA TRP AA 54 -48.62 11.36 -4.52
C TRP AA 54 -47.59 11.99 -5.45
N GLU AA 55 -48.07 12.49 -6.59
CA GLU AA 55 -47.23 13.28 -7.49
C GLU AA 55 -47.87 14.63 -7.80
N THR AA 56 -48.83 15.05 -6.99
CA THR AA 56 -49.56 16.29 -7.17
C THR AA 56 -48.81 17.44 -6.51
N LYS AA 57 -49.46 18.59 -6.36
CA LYS AA 57 -48.86 19.72 -5.67
C LYS AA 57 -48.72 19.43 -4.19
N ALA AA 58 -49.78 18.90 -3.58
CA ALA AA 58 -49.81 18.53 -2.18
C ALA AA 58 -50.30 17.10 -2.04
N PRO AA 59 -49.91 16.40 -0.97
CA PRO AA 59 -50.45 15.05 -0.76
C PRO AA 59 -51.93 15.12 -0.44
N SER AA 60 -52.61 14.01 -0.72
CA SER AA 60 -53.99 13.86 -0.30
C SER AA 60 -54.09 13.97 1.22
N SER AA 61 -55.25 14.41 1.70
CA SER AA 61 -55.46 14.63 3.14
C SER AA 61 -55.36 13.34 3.96
N ASP AA 62 -55.32 12.18 3.32
CA ASP AA 62 -55.17 10.91 3.99
C ASP AA 62 -53.84 10.78 4.72
N VAL AA 63 -52.81 11.51 4.26
CA VAL AA 63 -51.51 11.50 4.94
C VAL AA 63 -51.55 12.18 6.31
N LEU AA 64 -52.66 12.81 6.67
CA LEU AA 64 -52.81 13.49 7.94
C LEU AA 64 -53.45 12.61 9.00
N GLY AA 65 -53.86 11.40 8.65
CA GLY AA 65 -54.40 10.47 9.64
C GLY AA 65 -55.72 10.97 10.21
N ILE AA 66 -55.79 11.01 11.55
CA ILE AA 66 -56.96 11.51 12.26
C ILE AA 66 -57.24 12.99 12.01
N GLY AA 67 -56.30 13.71 11.41
CA GLY AA 67 -56.47 15.12 11.12
C GLY AA 67 -56.82 15.40 9.67
N ALA AA 68 -57.33 14.39 8.97
CA ALA AA 68 -57.64 14.51 7.55
C ALA AA 68 -58.79 15.48 7.28
N GLY AA 69 -59.70 15.63 8.24
CA GLY AA 69 -60.83 16.52 8.12
C GLY AA 69 -60.68 17.89 8.71
N VAL AA 70 -59.55 18.19 9.33
CA VAL AA 70 -59.33 19.51 9.90
C VAL AA 70 -59.02 20.49 8.78
N SER AA 71 -59.54 21.70 8.91
CA SER AA 71 -59.41 22.73 7.90
C SER AA 71 -58.01 23.34 7.92
N SER AA 72 -57.62 23.95 6.80
CA SER AA 72 -56.32 24.60 6.72
C SER AA 72 -56.23 25.82 7.60
N GLY AA 73 -57.36 26.50 7.81
CA GLY AA 73 -57.39 27.59 8.78
C GLY AA 73 -57.18 27.09 10.20
N ASN AA 74 -57.74 25.92 10.52
CA ASN AA 74 -57.62 25.42 11.88
C ASN AA 74 -56.21 24.93 12.17
N PHE AA 75 -55.55 24.29 11.20
CA PHE AA 75 -54.14 23.99 11.42
C PHE AA 75 -53.30 25.25 11.49
N ALA AA 76 -53.58 26.25 10.64
CA ALA AA 76 -52.76 27.46 10.60
C ALA AA 76 -52.87 28.25 11.89
N ALA AA 77 -54.07 28.29 12.46
CA ALA AA 77 -54.23 28.97 13.74
C ALA AA 77 -53.66 28.13 14.88
N ALA AA 78 -53.83 26.81 14.82
CA ALA AA 78 -53.16 25.93 15.78
C ALA AA 78 -51.64 26.01 15.63
N SER AA 79 -51.17 26.16 14.39
CA SER AA 79 -49.74 26.24 14.12
C SER AA 79 -49.11 27.44 14.79
N VAL AA 80 -49.75 28.61 14.66
CA VAL AA 80 -49.23 29.82 15.30
C VAL AA 80 -49.40 29.73 16.81
N PHE AA 81 -50.54 29.20 17.27
CA PHE AA 81 -50.80 29.08 18.70
C PHE AA 81 -49.78 28.16 19.36
N ALA AA 82 -49.54 26.99 18.77
CA ALA AA 82 -48.54 26.05 19.30
C ALA AA 82 -47.14 26.64 19.25
N ALA AA 83 -46.84 27.44 18.23
CA ALA AA 83 -45.54 28.09 18.14
C ALA AA 83 -45.36 29.15 19.22
N LEU AA 84 -46.39 29.97 19.45
CA LEU AA 84 -46.29 31.03 20.46
C LEU AA 84 -46.29 30.46 21.88
N VAL AA 85 -47.23 29.55 22.17
CA VAL AA 85 -47.29 28.96 23.51
C VAL AA 85 -46.07 28.09 23.75
N GLY AA 86 -45.67 27.30 22.75
CA GLY AA 86 -44.49 26.47 22.88
C GLY AA 86 -43.22 27.26 23.09
N GLY AA 87 -43.08 28.38 22.36
CA GLY AA 87 -41.93 29.25 22.56
C GLY AA 87 -41.94 29.96 23.90
N TYR AA 88 -43.12 30.42 24.32
CA TYR AA 88 -43.28 31.04 25.62
C TYR AA 88 -42.92 30.09 26.75
N CYS AA 89 -43.48 28.87 26.71
CA CYS AA 89 -43.16 27.86 27.72
C CYS AA 89 -41.69 27.47 27.68
N THR AA 90 -41.12 27.33 26.47
CA THR AA 90 -39.68 27.09 26.33
C THR AA 90 -38.87 28.23 26.92
N GLY AA 91 -39.26 29.47 26.60
CA GLY AA 91 -38.54 30.65 27.10
C GLY AA 91 -38.56 30.76 28.61
N GLN AA 92 -39.64 30.34 29.25
CA GLN AA 92 -39.80 30.48 30.69
C GLN AA 92 -38.93 29.53 31.49
N VAL AA 93 -38.31 28.53 30.85
CA VAL AA 93 -37.49 27.55 31.57
C VAL AA 93 -36.12 27.36 30.94
N ILE AA 94 -35.61 28.35 30.17
CA ILE AA 94 -34.28 28.22 29.57
C ILE AA 94 -33.17 28.06 30.60
N PRO AA 95 -33.07 28.89 31.68
CA PRO AA 95 -32.25 28.41 32.80
C PRO AA 95 -33.04 27.30 33.48
N LEU AA 96 -32.69 26.06 33.21
CA LEU AA 96 -33.40 24.93 33.79
C LEU AA 96 -32.92 24.72 35.22
N THR AA 97 -33.87 24.46 36.12
CA THR AA 97 -33.56 24.21 37.52
C THR AA 97 -33.87 22.76 37.88
N VAL AA 98 -33.53 22.40 39.13
CA VAL AA 98 -33.91 21.10 39.67
C VAL AA 98 -35.42 21.05 39.97
N GLU AA 99 -36.08 22.21 40.08
CA GLU AA 99 -37.54 22.27 40.16
C GLU AA 99 -38.06 23.04 38.95
N PRO AA 100 -38.24 22.39 37.80
CA PRO AA 100 -38.91 23.06 36.69
C PRO AA 100 -40.42 22.86 36.77
N ASN AA 101 -41.14 23.86 36.29
CA ASN AA 101 -42.59 23.78 36.25
C ASN AA 101 -42.98 22.74 35.21
N PRO AA 102 -43.70 21.68 35.59
CA PRO AA 102 -44.01 20.61 34.63
C PRO AA 102 -44.93 21.03 33.50
N LEU AA 103 -45.76 22.05 33.70
CA LEU AA 103 -46.60 22.55 32.62
C LEU AA 103 -45.79 23.28 31.57
N PHE AA 104 -44.72 23.96 31.98
CA PHE AA 104 -43.88 24.65 31.02
C PHE AA 104 -43.00 23.69 30.23
N LEU AA 105 -42.59 22.59 30.86
CA LEU AA 105 -41.93 21.52 30.13
C LEU AA 105 -42.86 20.91 29.09
N ALA AA 106 -44.05 20.50 29.53
CA ALA AA 106 -45.03 19.89 28.63
C ALA AA 106 -45.47 20.87 27.55
N GLY AA 107 -45.66 22.14 27.93
CA GLY AA 107 -46.01 23.16 26.98
C GLY AA 107 -44.91 23.50 25.99
N SER AA 108 -43.65 23.18 26.32
CA SER AA 108 -42.55 23.46 25.41
C SER AA 108 -42.52 22.52 24.21
N PHE AA 109 -43.16 21.36 24.31
CA PHE AA 109 -43.25 20.39 23.21
C PHE AA 109 -44.18 20.86 22.09
N LEU AA 110 -44.84 22.00 22.27
CA LEU AA 110 -45.69 22.58 21.25
C LEU AA 110 -44.88 23.24 20.13
N LEU AA 111 -43.63 23.65 20.40
CA LEU AA 111 -42.82 24.27 19.35
C LEU AA 111 -42.50 23.33 18.18
N PRO AA 112 -41.92 22.13 18.36
CA PRO AA 112 -41.77 21.24 17.20
C PRO AA 112 -43.11 20.77 16.65
N TYR AA 113 -44.12 20.64 17.51
CA TYR AA 113 -45.45 20.23 17.10
C TYR AA 113 -46.08 21.26 16.17
N SER AA 114 -45.71 22.53 16.32
CA SER AA 114 -46.17 23.58 15.42
C SER AA 114 -45.61 23.45 14.02
N TRP AA 115 -44.39 22.92 13.88
CA TRP AA 115 -43.81 22.68 12.57
C TRP AA 115 -44.67 21.71 11.77
N ALA AA 116 -45.08 20.60 12.40
CA ALA AA 116 -45.96 19.65 11.75
C ALA AA 116 -47.34 20.27 11.50
N LEU AA 117 -47.75 21.22 12.33
CA LEU AA 117 -49.04 21.87 12.12
C LEU AA 117 -49.04 22.76 10.89
N HIS AA 118 -47.96 23.49 10.58
CA HIS AA 118 -48.06 24.37 9.42
C HIS AA 118 -47.89 23.57 8.13
N VAL AA 119 -47.18 22.45 8.20
CA VAL AA 119 -47.10 21.53 7.06
C VAL AA 119 -48.48 20.96 6.76
N ALA AA 120 -49.21 20.57 7.80
CA ALA AA 120 -50.60 20.14 7.64
C ALA AA 120 -51.49 21.28 7.16
N ALA AA 121 -51.19 22.52 7.55
CA ALA AA 121 -51.93 23.68 7.06
C ALA AA 121 -51.67 23.94 5.59
N TRP AA 122 -50.42 23.76 5.15
CA TRP AA 122 -50.11 23.92 3.74
C TRP AA 122 -50.75 22.81 2.90
N ILE AA 123 -50.78 21.59 3.44
CA ILE AA 123 -51.36 20.45 2.72
C ILE AA 123 -52.86 20.65 2.55
N GLN AA 124 -53.55 21.11 3.60
CA GLN AA 124 -54.99 21.26 3.52
C GLN AA 124 -55.39 22.44 2.66
N LYS AA 125 -54.61 23.52 2.68
CA LYS AA 125 -54.91 24.68 1.84
C LYS AA 125 -54.79 24.33 0.37
N ASN AA 126 -53.82 23.49 0.03
CA ASN AA 126 -53.62 23.07 -1.34
C ASN AA 126 -54.48 21.89 -1.74
N ASN AA 127 -55.27 21.34 -0.82
CA ASN AA 127 -56.34 20.41 -1.16
C ASN AA 127 -57.71 21.03 -1.09
N GLY AA 128 -57.79 22.34 -0.88
CA GLY AA 128 -59.08 23.01 -0.79
C GLY AA 128 -59.85 22.74 0.48
N LYS AA 129 -59.15 22.55 1.59
CA LYS AA 129 -59.81 22.36 2.88
C LYS AA 129 -59.47 23.51 3.81
N LEU BA 38 36.10 69.15 -69.35
CA LEU BA 38 34.68 68.82 -69.49
C LEU BA 38 34.48 67.38 -69.03
N TRP BA 39 33.57 66.66 -69.68
CA TRP BA 39 33.40 65.24 -69.40
C TRP BA 39 34.65 64.47 -69.77
N ASN BA 40 35.12 64.64 -71.01
CA ASN BA 40 36.19 63.86 -71.63
C ASN BA 40 35.90 62.37 -71.57
N GLU BA 41 34.65 62.00 -71.90
CA GLU BA 41 34.20 60.61 -71.83
C GLU BA 41 35.07 59.73 -72.71
N GLY BA 42 35.73 58.76 -72.08
CA GLY BA 42 36.70 57.93 -72.76
C GLY BA 42 38.13 58.34 -72.47
N LYS BA 43 38.38 59.65 -72.42
CA LYS BA 43 39.72 60.15 -72.08
C LYS BA 43 39.98 60.06 -70.57
N ILE BA 44 39.21 60.81 -69.80
CA ILE BA 44 39.27 60.80 -68.35
C ILE BA 44 37.84 60.81 -67.86
N GLN BA 45 37.56 60.05 -66.79
CA GLN BA 45 36.24 59.95 -66.18
C GLN BA 45 35.22 59.40 -67.20
N GLY BA 46 35.38 58.12 -67.50
CA GLY BA 46 34.45 57.48 -68.40
C GLY BA 46 34.69 55.99 -68.47
N LYS BA 47 34.02 55.36 -69.43
CA LYS BA 47 34.19 53.93 -69.67
C LYS BA 47 35.43 53.69 -70.53
N GLY BA 48 36.33 52.86 -70.03
CA GLY BA 48 37.65 52.75 -70.61
C GLY BA 48 38.65 53.70 -70.00
N VAL BA 49 38.32 54.29 -68.86
CA VAL BA 49 39.22 55.17 -68.13
C VAL BA 49 39.63 54.47 -66.86
N SER BA 50 40.93 54.38 -66.63
CA SER BA 50 41.45 53.80 -65.40
C SER BA 50 42.44 54.78 -64.80
N VAL BA 51 42.26 55.08 -63.51
CA VAL BA 51 43.34 55.75 -62.80
C VAL BA 51 44.50 54.79 -62.58
N ILE BA 52 44.22 53.54 -62.20
CA ILE BA 52 45.25 52.54 -62.00
C ILE BA 52 44.86 51.30 -62.80
N PRO BA 53 45.33 51.15 -64.04
CA PRO BA 53 44.99 49.96 -64.85
C PRO BA 53 45.56 48.65 -64.32
N LEU BA 54 46.33 48.69 -63.23
CA LEU BA 54 46.64 47.50 -62.43
C LEU BA 54 45.36 46.77 -62.06
N PHE BA 55 44.36 47.52 -61.60
CA PHE BA 55 43.05 46.97 -61.31
C PHE BA 55 42.20 47.11 -62.56
N PRO BA 56 41.67 46.02 -63.11
CA PRO BA 56 40.76 46.13 -64.26
C PRO BA 56 39.50 46.88 -63.88
N ARG BA 57 38.98 47.66 -64.81
CA ARG BA 57 37.78 48.41 -64.55
C ARG BA 57 36.58 47.46 -64.48
N PRO BA 58 35.82 47.46 -63.39
CA PRO BA 58 34.71 46.51 -63.25
C PRO BA 58 33.54 46.87 -64.14
N ALA BA 59 32.70 45.87 -64.40
CA ALA BA 59 31.48 46.09 -65.17
C ALA BA 59 30.43 46.81 -64.33
N SER BA 60 30.32 46.47 -63.04
CA SER BA 60 29.27 47.02 -62.18
C SER BA 60 29.38 48.52 -62.04
N LEU BA 61 30.60 49.05 -62.08
CA LEU BA 61 30.83 50.49 -62.07
C LEU BA 61 30.34 51.07 -63.39
N ASP BA 62 29.25 51.83 -63.32
CA ASP BA 62 28.71 52.44 -64.52
C ASP BA 62 29.57 53.63 -64.95
N GLY BA 63 29.39 54.03 -66.19
CA GLY BA 63 30.19 55.11 -66.75
C GLY BA 63 29.45 56.42 -66.95
N THR BA 64 28.52 56.73 -66.04
CA THR BA 64 27.72 57.95 -66.16
C THR BA 64 27.71 58.80 -64.89
N PHE BA 65 28.57 58.50 -63.92
CA PHE BA 65 28.57 59.21 -62.64
C PHE BA 65 29.76 60.14 -62.55
N PRO BA 66 29.57 61.48 -62.45
CA PRO BA 66 30.71 62.42 -62.52
C PRO BA 66 31.83 62.14 -61.52
N GLY BA 67 32.94 61.65 -62.06
CA GLY BA 67 34.09 61.25 -61.28
C GLY BA 67 34.44 59.77 -61.41
N ASP BA 68 33.81 59.04 -62.34
CA ASP BA 68 34.06 57.60 -62.45
C ASP BA 68 35.27 57.34 -63.34
N GLN BA 69 36.41 57.10 -62.72
CA GLN BA 69 37.63 56.78 -63.45
C GLN BA 69 38.20 55.49 -62.86
N GLY BA 70 37.57 54.37 -63.20
CA GLY BA 70 37.96 53.08 -62.65
C GLY BA 70 37.84 53.06 -61.14
N PHE BA 71 38.91 52.60 -60.49
CA PHE BA 71 39.11 52.56 -59.04
C PHE BA 71 37.92 52.00 -58.25
N ASP BA 72 37.54 50.78 -58.57
CA ASP BA 72 36.61 50.03 -57.71
C ASP BA 72 37.19 48.63 -57.47
N PRO BA 73 38.27 48.53 -56.67
CA PRO BA 73 38.86 47.20 -56.40
C PRO BA 73 37.97 46.24 -55.63
N PHE BA 74 37.49 46.64 -54.46
CA PHE BA 74 36.73 45.73 -53.60
C PHE BA 74 35.30 45.50 -54.07
N GLY BA 75 34.91 46.04 -55.22
CA GLY BA 75 33.62 45.77 -55.82
C GLY BA 75 32.44 46.31 -55.05
N PHE BA 76 32.55 47.53 -54.51
CA PHE BA 76 31.45 48.08 -53.74
C PHE BA 76 30.30 48.53 -54.61
N SER BA 77 30.59 48.99 -55.84
CA SER BA 77 29.55 49.45 -56.76
C SER BA 77 28.55 48.35 -57.14
N SER BA 78 28.93 47.09 -56.94
CA SER BA 78 28.06 45.96 -57.25
C SER BA 78 26.78 45.97 -56.42
N TRP BA 79 26.89 46.30 -55.14
CA TRP BA 79 25.77 46.14 -54.23
C TRP BA 79 25.32 47.42 -53.52
N VAL BA 80 26.17 48.45 -53.39
CA VAL BA 80 25.72 49.69 -52.76
C VAL BA 80 24.82 50.46 -53.72
N ASN BA 81 23.97 51.31 -53.15
CA ASN BA 81 23.22 52.27 -53.94
C ASN BA 81 24.20 53.29 -54.49
N MET BA 82 24.24 53.43 -55.82
CA MET BA 82 25.23 54.31 -56.44
C MET BA 82 24.90 55.77 -56.19
N LYS BA 83 23.61 56.10 -56.16
CA LYS BA 83 23.17 57.44 -55.84
C LYS BA 83 23.54 57.83 -54.41
N PHE BA 84 23.37 56.91 -53.46
CA PHE BA 84 23.71 57.20 -52.06
C PHE BA 84 25.20 57.42 -51.87
N VAL BA 85 26.01 56.51 -52.42
CA VAL BA 85 27.45 56.59 -52.23
C VAL BA 85 28.01 57.80 -53.00
N ALA BA 86 27.36 58.20 -54.10
CA ALA BA 86 27.78 59.43 -54.78
C ALA BA 86 27.51 60.65 -53.92
N GLU BA 87 26.32 60.74 -53.32
CA GLU BA 87 26.02 61.86 -52.42
C GLU BA 87 26.96 61.89 -51.22
N ALA BA 88 27.24 60.72 -50.65
CA ALA BA 88 28.17 60.63 -49.53
C ALA BA 88 29.57 61.06 -49.93
N GLU BA 89 30.00 60.70 -51.14
CA GLU BA 89 31.32 61.08 -51.62
C GLU BA 89 31.45 62.59 -51.80
N ILE BA 90 30.44 63.22 -52.41
CA ILE BA 90 30.47 64.66 -52.62
C ILE BA 90 30.43 65.39 -51.28
N LYS BA 91 29.67 64.89 -50.31
CA LYS BA 91 29.59 65.54 -49.01
C LYS BA 91 30.89 65.40 -48.23
N HIS BA 92 31.52 64.22 -48.26
CA HIS BA 92 32.84 64.03 -47.67
C HIS BA 92 33.86 64.96 -48.36
N CYS BA 93 33.73 65.12 -49.68
CA CYS BA 93 34.60 66.02 -50.45
C CYS BA 93 34.47 67.46 -49.98
N ARG BA 94 33.23 67.93 -49.84
CA ARG BA 94 32.97 69.31 -49.46
C ARG BA 94 33.42 69.63 -48.04
N LEU BA 95 33.17 68.72 -47.09
CA LEU BA 95 33.75 68.90 -45.75
C LEU BA 95 35.26 68.94 -45.78
N ALA BA 96 35.88 68.05 -46.57
CA ALA BA 96 37.33 67.99 -46.64
C ALA BA 96 37.92 69.29 -47.15
N MET BA 97 37.30 69.87 -48.19
CA MET BA 97 37.77 71.14 -48.72
C MET BA 97 37.64 72.25 -47.69
N LEU BA 98 36.46 72.36 -47.07
CA LEU BA 98 36.21 73.41 -46.08
C LEU BA 98 37.09 73.22 -44.86
N ALA BA 99 37.30 71.97 -44.45
CA ALA BA 99 38.19 71.70 -43.33
C ALA BA 99 39.63 72.01 -43.67
N PHE BA 100 40.03 71.77 -44.93
CA PHE BA 100 41.37 72.11 -45.36
C PHE BA 100 41.59 73.61 -45.31
N ALA BA 101 40.62 74.37 -45.82
CA ALA BA 101 40.65 75.83 -45.73
C ALA BA 101 40.71 76.28 -44.28
N GLY BA 102 39.92 75.66 -43.41
CA GLY BA 102 39.94 76.01 -42.00
C GLY BA 102 41.26 75.71 -41.33
N ILE BA 103 41.84 74.54 -41.63
CA ILE BA 103 43.16 74.17 -41.11
C ILE BA 103 44.24 75.15 -41.56
N MET BA 104 44.24 75.53 -42.85
CA MET BA 104 45.22 76.47 -43.38
C MET BA 104 45.14 77.82 -42.72
N VAL BA 105 43.93 78.36 -42.61
CA VAL BA 105 43.72 79.66 -41.97
C VAL BA 105 44.14 79.63 -40.51
N GLU BA 106 43.74 78.59 -39.79
CA GLU BA 106 43.99 78.52 -38.36
C GLU BA 106 45.41 78.06 -38.04
N SER BA 107 46.17 77.55 -39.02
CA SER BA 107 47.58 77.25 -38.83
C SER BA 107 48.51 78.35 -39.34
N ALA BA 108 48.00 79.25 -40.18
CA ALA BA 108 48.74 80.46 -40.52
C ALA BA 108 48.58 81.56 -39.48
N GLY BA 109 47.80 81.33 -38.44
CA GLY BA 109 47.50 82.33 -37.45
C GLY BA 109 46.40 83.29 -37.83
N ILE BA 110 45.85 83.18 -39.04
CA ILE BA 110 44.82 84.09 -39.52
C ILE BA 110 43.55 83.88 -38.72
N SER BA 111 42.88 84.97 -38.36
CA SER BA 111 41.70 84.88 -37.51
C SER BA 111 40.77 86.03 -37.81
N PHE BA 112 39.58 85.93 -37.28
CA PHE BA 112 38.56 86.97 -37.22
C PHE BA 112 38.81 87.86 -36.01
N PRO BA 113 38.38 89.13 -36.04
CA PRO BA 113 38.71 90.05 -34.94
C PRO BA 113 38.14 89.58 -33.59
N GLY BA 114 39.03 89.41 -32.63
CA GLY BA 114 38.63 88.99 -31.31
C GLY BA 114 38.47 87.50 -31.13
N ALA BA 115 38.60 86.71 -32.20
CA ALA BA 115 38.49 85.26 -32.06
C ALA BA 115 39.61 84.71 -31.18
N THR BA 116 40.84 85.15 -31.41
CA THR BA 116 41.96 84.74 -30.58
C THR BA 116 41.87 85.32 -29.17
N SER BA 117 41.09 86.38 -28.97
CA SER BA 117 40.89 86.93 -27.63
C SER BA 117 40.13 85.95 -26.75
N VAL BA 118 38.99 85.43 -27.24
CA VAL BA 118 38.20 84.47 -26.47
C VAL BA 118 38.78 83.07 -26.60
N LEU BA 119 39.07 82.64 -27.83
CA LEU BA 119 39.68 81.33 -28.06
C LEU BA 119 41.16 81.40 -27.71
N GLY BA 120 41.90 80.32 -27.97
CA GLY BA 120 43.30 80.33 -27.70
C GLY BA 120 44.09 81.13 -28.71
N SER BA 121 45.34 81.43 -28.35
CA SER BA 121 46.26 82.06 -29.28
C SER BA 121 47.08 81.04 -30.06
N SER BA 122 46.90 79.75 -29.77
CA SER BA 122 47.67 78.72 -30.44
C SER BA 122 47.20 78.53 -31.88
N LYS BA 123 48.04 77.86 -32.66
CA LYS BA 123 47.73 77.47 -34.02
C LYS BA 123 47.55 75.97 -34.15
N ASN BA 124 47.56 75.25 -33.03
CA ASN BA 124 47.28 73.83 -33.05
C ASN BA 124 45.80 73.64 -33.29
N ILE BA 125 45.45 72.99 -34.42
CA ILE BA 125 44.04 72.82 -34.81
C ILE BA 125 43.30 72.04 -33.73
N PHE BA 126 43.97 71.05 -33.14
CA PHE BA 126 43.39 70.23 -32.08
C PHE BA 126 43.07 71.07 -30.85
N GLU BA 127 44.01 71.93 -30.45
CA GLU BA 127 43.82 72.76 -29.27
C GLU BA 127 42.70 73.77 -29.48
N ILE BA 128 42.62 74.37 -30.68
CA ILE BA 128 41.54 75.31 -30.99
C ILE BA 128 40.20 74.61 -30.93
N HIS BA 129 40.11 73.37 -31.46
CA HIS BA 129 38.84 72.64 -31.44
C HIS BA 129 38.37 72.39 -30.01
N ASP BA 130 39.29 72.01 -29.13
CA ASP BA 130 38.93 71.70 -27.76
C ASP BA 130 38.50 72.96 -27.00
N LYS BA 131 39.12 74.09 -27.31
CA LYS BA 131 38.75 75.31 -26.60
C LYS BA 131 37.55 75.99 -27.25
N ALA BA 132 37.37 75.82 -28.56
CA ALA BA 132 36.15 76.33 -29.19
C ALA BA 132 34.94 75.47 -28.86
N VAL BA 133 35.15 74.20 -28.55
CA VAL BA 133 34.11 73.39 -27.94
C VAL BA 133 33.73 73.98 -26.58
N ALA BA 134 34.74 74.27 -25.75
CA ALA BA 134 34.50 74.84 -24.42
C ALA BA 134 33.93 76.24 -24.48
N SER BA 135 34.08 76.94 -25.60
CA SER BA 135 33.51 78.27 -25.77
C SER BA 135 32.08 78.25 -26.27
N GLY BA 136 31.61 77.11 -26.78
CA GLY BA 136 30.28 77.02 -27.35
C GLY BA 136 30.20 77.29 -28.83
N ALA BA 137 31.28 77.81 -29.43
CA ALA BA 137 31.28 78.08 -30.87
C ALA BA 137 31.10 76.81 -31.67
N MET BA 138 31.79 75.73 -31.29
CA MET BA 138 31.62 74.45 -31.94
C MET BA 138 30.22 73.90 -31.74
N GLY BA 139 29.62 74.16 -30.58
CA GLY BA 139 28.25 73.74 -30.35
C GLY BA 139 27.26 74.46 -31.25
N GLN BA 140 27.51 75.75 -31.53
CA GLN BA 140 26.66 76.50 -32.45
C GLN BA 140 26.81 76.01 -33.88
N ILE BA 141 28.04 75.71 -34.31
CA ILE BA 141 28.22 75.15 -35.65
C ILE BA 141 27.61 73.76 -35.73
N LEU BA 142 27.74 72.97 -34.67
CA LEU BA 142 27.11 71.65 -34.62
C LEU BA 142 25.60 71.75 -34.71
N LEU BA 143 25.01 72.67 -33.94
CA LEU BA 143 23.57 72.91 -33.96
C LEU BA 143 23.07 73.25 -35.36
N TRP BA 144 23.70 74.21 -36.02
CA TRP BA 144 23.17 74.70 -37.28
C TRP BA 144 23.45 73.74 -38.43
N VAL BA 145 24.61 73.11 -38.43
CA VAL BA 145 24.90 72.07 -39.42
C VAL BA 145 23.90 70.94 -39.29
N SER BA 146 23.67 70.47 -38.06
CA SER BA 146 22.74 69.36 -37.83
C SER BA 146 21.31 69.75 -38.15
N PHE BA 147 20.92 71.00 -37.92
CA PHE BA 147 19.60 71.48 -38.32
C PHE BA 147 19.42 71.39 -39.83
N PHE BA 148 20.35 71.98 -40.60
CA PHE BA 148 20.31 71.90 -42.06
C PHE BA 148 20.31 70.45 -42.53
N GLU BA 149 21.05 69.62 -41.84
CA GLU BA 149 21.28 68.26 -42.29
C GLU BA 149 20.12 67.35 -41.97
N VAL BA 150 19.26 67.74 -41.02
CA VAL BA 150 18.05 66.97 -40.75
C VAL BA 150 16.85 67.53 -41.52
N VAL BA 151 16.66 68.85 -41.56
CA VAL BA 151 15.44 69.37 -42.18
C VAL BA 151 15.59 69.41 -43.69
N ALA BA 152 16.80 69.48 -44.21
CA ALA BA 152 17.02 69.55 -45.64
C ALA BA 152 17.81 68.36 -46.17
N GLY BA 153 18.89 67.98 -45.49
CA GLY BA 153 19.74 66.89 -45.98
C GLY BA 153 19.05 65.54 -46.02
N VAL BA 154 18.36 65.18 -44.93
CA VAL BA 154 17.66 63.89 -44.85
C VAL BA 154 16.49 63.84 -45.85
N PRO BA 155 15.60 64.86 -45.97
CA PRO BA 155 14.59 64.78 -47.05
C PRO BA 155 15.19 64.71 -48.44
N ALA BA 156 16.26 65.48 -48.69
CA ALA BA 156 16.92 65.43 -49.99
C ALA BA 156 17.48 64.05 -50.27
N MET BA 157 18.10 63.42 -49.28
CA MET BA 157 18.64 62.07 -49.44
C MET BA 157 17.51 61.07 -49.68
N ASN BA 158 16.44 61.16 -48.88
CA ASN BA 158 15.32 60.23 -48.99
C ASN BA 158 14.66 60.31 -50.36
N GLU BA 159 14.49 61.52 -50.91
CA GLU BA 159 13.86 61.64 -52.22
C GLU BA 159 14.80 61.22 -53.33
N MET BA 160 16.07 61.61 -53.24
CA MET BA 160 17.08 61.26 -54.25
C MET BA 160 17.25 59.74 -54.37
N LEU BA 161 17.07 59.01 -53.28
CA LEU BA 161 17.15 57.55 -53.32
C LEU BA 161 15.82 56.87 -53.58
N ASN BA 162 14.70 57.44 -53.10
CA ASN BA 162 13.39 56.86 -53.37
C ASN BA 162 13.06 56.92 -54.85
N GLY BA 163 13.28 58.07 -55.48
CA GLY BA 163 12.82 58.27 -56.84
C GLY BA 163 11.59 59.13 -56.89
N GLU BA 164 11.60 60.24 -56.14
CA GLU BA 164 10.50 61.18 -56.14
C GLU BA 164 10.88 62.54 -56.71
N SER BA 165 12.16 62.83 -56.93
CA SER BA 165 12.58 64.17 -57.31
C SER BA 165 13.56 64.26 -58.46
N SER BA 166 14.28 63.16 -58.80
CA SER BA 166 15.32 63.14 -59.85
C SER BA 166 16.38 64.22 -59.59
N ARG BA 167 16.79 64.34 -58.33
CA ARG BA 167 17.86 65.23 -57.95
C ARG BA 167 19.17 64.47 -58.11
N ILE BA 168 20.10 65.04 -58.87
CA ILE BA 168 21.43 64.44 -59.02
C ILE BA 168 22.12 64.54 -57.66
N PRO BA 169 22.99 63.58 -57.32
CA PRO BA 169 23.66 63.62 -56.00
C PRO BA 169 24.44 64.90 -55.78
N GLY BA 170 24.39 65.38 -54.53
CA GLY BA 170 25.15 66.54 -54.15
C GLY BA 170 24.58 67.87 -54.60
N TYR BA 171 23.40 67.88 -55.21
CA TYR BA 171 22.80 69.11 -55.71
C TYR BA 171 21.92 69.74 -54.64
N TYR BA 172 22.16 71.02 -54.36
CA TYR BA 172 21.30 71.77 -53.45
C TYR BA 172 20.88 73.11 -54.03
N ALA BA 173 20.97 73.27 -55.36
CA ALA BA 173 20.64 74.50 -56.09
C ALA BA 173 21.40 75.70 -55.53
N PHE BA 174 22.62 75.46 -55.07
CA PHE BA 174 23.42 76.50 -54.43
C PHE BA 174 24.44 76.99 -55.45
N ASP BA 175 23.96 77.87 -56.33
CA ASP BA 175 24.84 78.55 -57.28
C ASP BA 175 24.59 80.06 -57.31
N PRO BA 176 24.86 80.77 -56.19
CA PRO BA 176 24.57 82.22 -56.17
C PRO BA 176 25.38 83.04 -57.18
N LEU BA 177 26.67 82.79 -57.29
CA LEU BA 177 27.55 83.60 -58.13
C LEU BA 177 27.69 83.09 -59.55
N GLY BA 178 26.56 82.78 -60.22
CA GLY BA 178 26.58 82.31 -61.60
C GLY BA 178 27.39 81.04 -61.71
N GLN BA 179 28.37 81.02 -62.64
CA GLN BA 179 29.31 79.91 -62.94
C GLN BA 179 28.61 78.54 -62.93
N GLY BA 180 27.67 78.40 -63.86
CA GLY BA 180 26.92 77.19 -64.07
C GLY BA 180 26.85 76.69 -65.49
N LYS BA 181 25.60 76.63 -65.98
CA LYS BA 181 25.33 76.26 -67.39
C LYS BA 181 26.03 74.98 -67.80
N GLY BA 182 26.74 75.04 -68.91
CA GLY BA 182 27.44 73.87 -69.44
C GLY BA 182 28.49 73.33 -68.48
N ASP BA 183 29.21 74.22 -67.81
CA ASP BA 183 30.25 73.86 -66.86
C ASP BA 183 29.67 73.10 -65.67
N LYS BA 184 28.46 73.48 -65.23
CA LYS BA 184 27.85 72.94 -64.00
C LYS BA 184 27.69 71.43 -64.07
N MET BA 185 27.30 70.90 -65.23
CA MET BA 185 27.17 69.48 -65.43
C MET BA 185 28.43 68.88 -66.06
N GLY BA 186 29.43 69.70 -66.37
CA GLY BA 186 30.60 69.22 -67.09
C GLY BA 186 31.88 69.16 -66.31
N ARG BA 187 32.82 70.08 -66.61
CA ARG BA 187 34.13 70.06 -65.96
C ARG BA 187 34.05 70.33 -64.46
N MET BA 188 33.15 71.24 -64.05
CA MET BA 188 33.07 71.63 -62.64
C MET BA 188 32.71 70.46 -61.75
N GLN BA 189 31.84 69.56 -62.22
CA GLN BA 189 31.55 68.33 -61.48
C GLN BA 189 32.81 67.47 -61.32
N LEU BA 190 33.62 67.37 -62.37
CA LEU BA 190 34.85 66.59 -62.29
C LEU BA 190 35.92 67.33 -61.50
N SER BA 191 36.03 68.64 -61.71
CA SER BA 191 36.97 69.45 -60.92
C SER BA 191 36.64 69.40 -59.43
N GLU BA 192 35.36 69.49 -59.09
CA GLU BA 192 34.92 69.42 -57.69
C GLU BA 192 35.29 68.09 -57.06
N ILE BA 193 34.99 66.99 -57.77
CA ILE BA 193 35.19 65.67 -57.19
C ILE BA 193 36.68 65.38 -56.99
N GLN BA 194 37.53 65.83 -57.92
CA GLN BA 194 38.96 65.57 -57.81
C GLN BA 194 39.63 66.46 -56.76
N ASN BA 195 39.27 67.75 -56.74
CA ASN BA 195 39.72 68.63 -55.65
C ASN BA 195 39.24 68.11 -54.30
N GLY BA 196 38.07 67.49 -54.24
CA GLY BA 196 37.57 66.97 -52.98
C GLY BA 196 38.28 65.73 -52.52
N ARG BA 197 38.58 64.81 -53.45
CA ARG BA 197 39.36 63.62 -53.12
C ARG BA 197 40.76 64.01 -52.66
N LEU BA 198 41.38 64.97 -53.35
CA LEU BA 198 42.67 65.50 -52.93
C LEU BA 198 42.56 66.17 -51.57
N ALA BA 199 41.46 66.89 -51.32
CA ALA BA 199 41.27 67.53 -50.02
C ALA BA 199 41.11 66.50 -48.90
N MET BA 200 40.41 65.39 -49.17
CA MET BA 200 40.29 64.32 -48.18
C MET BA 200 41.64 63.73 -47.80
N LEU BA 201 42.42 63.35 -48.81
CA LEU BA 201 43.74 62.78 -48.59
C LEU BA 201 44.65 63.78 -47.88
N ALA BA 202 44.60 65.04 -48.30
CA ALA BA 202 45.46 66.04 -47.69
C ALA BA 202 45.06 66.35 -46.26
N VAL BA 203 43.75 66.36 -45.95
CA VAL BA 203 43.31 66.71 -44.60
C VAL BA 203 43.69 65.62 -43.63
N SER BA 204 43.48 64.36 -44.03
CA SER BA 204 43.96 63.21 -43.29
C SER BA 204 45.47 63.27 -43.10
N GLY BA 205 46.20 63.64 -44.15
CA GLY BA 205 47.64 63.80 -44.03
C GLY BA 205 48.02 64.85 -43.00
N ILE BA 206 47.39 66.03 -43.07
CA ILE BA 206 47.73 67.16 -42.19
C ILE BA 206 47.48 66.81 -40.73
N VAL BA 207 46.31 66.23 -40.43
CA VAL BA 207 45.98 65.93 -39.05
C VAL BA 207 46.92 64.87 -38.47
N HIS BA 208 47.30 63.86 -39.27
CA HIS BA 208 48.20 62.83 -38.79
C HIS BA 208 49.64 63.32 -38.70
N HIS BA 209 50.04 64.26 -39.58
CA HIS BA 209 51.35 64.88 -39.45
C HIS BA 209 51.44 65.69 -38.17
N THR BA 210 50.39 66.47 -37.86
CA THR BA 210 50.32 67.21 -36.61
C THR BA 210 50.32 66.27 -35.41
N LEU BA 211 49.71 65.09 -35.54
CA LEU BA 211 49.73 64.10 -34.46
C LEU BA 211 51.13 63.56 -34.23
N ILE BA 212 51.80 63.10 -35.31
CA ILE BA 212 53.08 62.44 -35.14
C ILE BA 212 54.20 63.41 -34.82
N THR BA 213 54.03 64.70 -35.13
CA THR BA 213 55.08 65.69 -34.88
C THR BA 213 54.79 66.53 -33.66
N GLY BA 214 53.54 66.96 -33.48
CA GLY BA 214 53.23 68.00 -32.54
C GLY BA 214 53.25 69.39 -33.12
N LYS BA 215 53.61 69.53 -34.40
CA LYS BA 215 53.61 70.81 -35.09
C LYS BA 215 52.77 70.70 -36.34
N GLY BA 216 51.88 71.67 -36.54
CA GLY BA 216 51.04 71.69 -37.71
C GLY BA 216 51.78 72.21 -38.92
N PRO BA 217 51.05 72.36 -40.02
CA PRO BA 217 51.65 72.91 -41.24
C PRO BA 217 51.69 74.43 -41.15
N LEU BA 218 52.31 75.04 -42.17
CA LEU BA 218 52.45 76.50 -42.30
C LEU BA 218 52.94 77.26 -41.06
N ALA CA 56 -20.32 -31.47 60.07
CA ALA CA 56 -20.21 -31.32 61.51
C ALA CA 56 -19.76 -29.90 61.84
N SER CA 57 -19.12 -29.26 60.88
CA SER CA 57 -18.69 -27.89 61.00
C SER CA 57 -18.82 -27.24 59.62
N LEU CA 58 -18.45 -25.97 59.53
CA LEU CA 58 -18.57 -25.18 58.32
C LEU CA 58 -17.19 -24.86 57.78
N ASP CA 59 -16.99 -25.11 56.48
CA ASP CA 59 -15.73 -24.84 55.79
C ASP CA 59 -15.27 -23.40 56.06
N PRO CA 60 -13.99 -23.19 56.41
CA PRO CA 60 -13.52 -21.86 56.78
C PRO CA 60 -13.69 -20.79 55.69
N LYS CA 61 -13.38 -21.15 54.45
CA LYS CA 61 -13.43 -20.21 53.34
C LYS CA 61 -14.72 -20.31 52.55
N THR CA 62 -15.27 -21.51 52.39
CA THR CA 62 -16.46 -21.66 51.57
C THR CA 62 -17.72 -21.49 52.42
N GLY CA 63 -17.70 -21.92 53.68
CA GLY CA 63 -18.89 -21.83 54.50
C GLY CA 63 -19.98 -22.80 54.15
N PHE CA 64 -19.62 -23.90 53.51
CA PHE CA 64 -20.49 -24.99 53.15
C PHE CA 64 -20.27 -26.13 54.12
N PRO CA 65 -21.38 -26.82 54.46
CA PRO CA 65 -21.29 -28.04 55.27
C PRO CA 65 -20.20 -28.99 54.80
N ILE CA 66 -19.17 -29.20 55.63
CA ILE CA 66 -18.01 -29.97 55.18
C ILE CA 66 -18.09 -31.44 55.54
N GLN CA 67 -18.05 -31.77 56.84
CA GLN CA 67 -18.05 -33.16 57.26
C GLN CA 67 -19.35 -33.82 56.84
N GLY CA 68 -19.26 -35.09 56.47
CA GLY CA 68 -20.47 -35.82 56.16
C GLY CA 68 -21.36 -36.09 57.35
N GLY CA 69 -20.80 -36.02 58.55
CA GLY CA 69 -21.55 -36.29 59.76
C GLY CA 69 -21.70 -37.75 60.07
N SER CA 70 -21.19 -38.62 59.17
CA SER CA 70 -21.27 -40.08 59.27
C SER CA 70 -22.72 -40.55 59.41
N ARG CA 71 -23.62 -39.93 58.64
CA ARG CA 71 -25.06 -40.25 58.70
C ARG CA 71 -25.63 -40.51 57.30
N GLU CA 72 -25.59 -41.77 56.86
CA GLU CA 72 -26.18 -42.18 55.60
C GLU CA 72 -27.38 -43.10 55.82
N LYS CA 73 -27.97 -43.07 57.02
CA LYS CA 73 -29.00 -44.02 57.40
C LYS CA 73 -30.23 -43.92 56.51
N LEU CA 74 -30.65 -45.07 55.99
CA LEU CA 74 -31.90 -45.08 55.24
C LEU CA 74 -33.07 -45.13 56.20
N CYS CA 75 -32.78 -45.76 57.35
CA CYS CA 75 -33.71 -45.95 58.48
C CYS CA 75 -35.14 -45.50 58.26
N GLY CA 76 -36.01 -46.47 58.04
CA GLY CA 76 -37.41 -46.11 58.00
C GLY CA 76 -37.93 -46.08 59.42
N GLY CA 77 -39.21 -45.78 59.58
CA GLY CA 77 -39.68 -45.59 60.94
C GLY CA 77 -39.02 -44.34 61.53
N SER CA 78 -38.14 -44.45 62.50
CA SER CA 78 -37.41 -43.23 62.88
C SER CA 78 -36.60 -42.75 61.68
N ALA CA 79 -36.75 -41.46 61.34
CA ALA CA 79 -36.08 -40.90 60.17
C ALA CA 79 -34.57 -40.97 60.33
N SER CA 80 -34.09 -40.70 61.56
CA SER CA 80 -32.69 -40.67 62.00
C SER CA 80 -31.99 -39.47 61.43
N ALA CA 81 -32.76 -38.50 60.90
CA ALA CA 81 -32.28 -37.28 60.27
C ALA CA 81 -31.36 -37.60 59.09
N GLY CA 82 -31.68 -38.71 58.40
CA GLY CA 82 -30.95 -39.22 57.26
C GLY CA 82 -30.67 -38.10 56.30
N CYS CA 83 -29.39 -37.72 56.19
CA CYS CA 83 -28.93 -36.58 55.39
C CYS CA 83 -29.29 -36.72 53.92
N GLN CA 84 -29.73 -37.89 53.48
CA GLN CA 84 -30.22 -38.09 52.14
C GLN CA 84 -31.56 -37.38 52.01
N PRO CA 85 -31.81 -36.72 50.90
CA PRO CA 85 -33.12 -36.10 50.66
C PRO CA 85 -34.22 -37.14 50.63
N MET CA 86 -35.36 -36.77 51.19
CA MET CA 86 -36.63 -37.48 51.41
C MET CA 86 -36.52 -38.33 52.67
N THR CA 87 -35.36 -38.32 53.32
CA THR CA 87 -35.15 -38.91 54.63
C THR CA 87 -34.70 -37.80 55.57
N GLN CA 88 -34.59 -36.57 55.02
CA GLN CA 88 -34.13 -35.41 55.77
C GLN CA 88 -35.15 -35.05 56.86
N ALA CA 89 -34.67 -34.80 58.07
CA ALA CA 89 -35.53 -34.36 59.15
C ALA CA 89 -35.38 -32.88 59.42
N ALA CA 90 -34.54 -32.19 58.65
CA ALA CA 90 -34.27 -30.79 58.87
C ALA CA 90 -35.36 -29.93 58.26
N SER CA 91 -35.72 -28.87 58.97
CA SER CA 91 -36.70 -27.93 58.47
C SER CA 91 -36.03 -26.98 57.49
N ILE CA 92 -36.85 -26.24 56.73
CA ILE CA 92 -36.29 -25.18 55.87
C ILE CA 92 -35.59 -24.14 56.73
N LEU CA 93 -36.13 -23.88 57.93
CA LEU CA 93 -35.54 -22.94 58.88
C LEU CA 93 -34.14 -23.36 59.30
N ASP CA 94 -33.93 -24.66 59.56
CA ASP CA 94 -32.60 -25.15 59.90
C ASP CA 94 -31.60 -24.91 58.77
N LYS CA 95 -32.03 -25.15 57.53
CA LYS CA 95 -31.18 -24.93 56.37
C LYS CA 95 -30.82 -23.46 56.20
N GLN CA 96 -31.77 -22.55 56.44
CA GLN CA 96 -31.44 -21.13 56.38
C GLN CA 96 -30.42 -20.77 57.45
N ARG CA 97 -30.56 -21.36 58.64
CA ARG CA 97 -29.62 -21.14 59.73
C ARG CA 97 -28.21 -21.61 59.38
N THR CA 98 -28.08 -22.79 58.75
CA THR CA 98 -26.75 -23.24 58.32
C THR CA 98 -26.14 -22.30 57.26
N VAL CA 99 -26.95 -21.77 56.32
CA VAL CA 99 -26.45 -20.79 55.35
C VAL CA 99 -25.91 -19.55 56.06
N LEU CA 100 -26.65 -19.05 57.07
CA LEU CA 100 -26.23 -17.86 57.79
C LEU CA 100 -24.94 -18.09 58.56
N ALA CA 101 -24.83 -19.28 59.16
CA ALA CA 101 -23.62 -19.64 59.90
C ALA CA 101 -22.43 -19.75 58.95
N GLY CA 102 -22.67 -20.26 57.74
CA GLY CA 102 -21.62 -20.32 56.74
C GLY CA 102 -21.11 -18.94 56.36
N LYS CA 103 -22.03 -17.96 56.22
CA LYS CA 103 -21.65 -16.57 55.96
C LYS CA 103 -20.78 -16.03 57.08
N ILE CA 104 -21.14 -16.33 58.33
CA ILE CA 104 -20.39 -15.90 59.51
C ILE CA 104 -18.97 -16.46 59.49
N THR CA 105 -18.83 -17.76 59.12
CA THR CA 105 -17.51 -18.39 59.04
C THR CA 105 -16.63 -17.71 58.00
N VAL CA 106 -17.18 -17.39 56.81
CA VAL CA 106 -16.41 -16.74 55.76
C VAL CA 106 -15.91 -15.38 56.25
N ALA CA 107 -16.79 -14.62 56.90
CA ALA CA 107 -16.44 -13.29 57.41
C ALA CA 107 -15.36 -13.39 58.49
N ALA CA 108 -15.55 -14.30 59.44
CA ALA CA 108 -14.63 -14.43 60.57
C ALA CA 108 -13.26 -14.94 60.12
N ASN CA 109 -13.23 -15.93 59.22
CA ASN CA 109 -11.95 -16.37 58.68
C ASN CA 109 -11.28 -15.25 57.89
N LYS CA 110 -12.05 -14.39 57.25
CA LYS CA 110 -11.50 -13.23 56.57
C LYS CA 110 -10.97 -12.18 57.56
N VAL CA 111 -11.39 -12.21 58.82
CA VAL CA 111 -10.94 -11.20 59.82
C VAL CA 111 -9.43 -11.18 59.99
N PRO CA 112 -8.71 -12.30 60.15
CA PRO CA 112 -7.23 -12.23 60.15
C PRO CA 112 -6.60 -11.70 58.88
N VAL CA 113 -7.26 -11.79 57.72
CA VAL CA 113 -6.71 -11.20 56.50
C VAL CA 113 -6.54 -9.69 56.69
N LEU CA 114 -7.54 -9.02 57.27
CA LEU CA 114 -7.41 -7.61 57.62
C LEU CA 114 -6.32 -7.44 58.67
N THR CA 115 -6.27 -8.33 59.66
CA THR CA 115 -5.27 -8.27 60.73
C THR CA 115 -3.86 -8.44 60.15
N ALA CA 116 -3.70 -9.37 59.20
CA ALA CA 116 -2.40 -9.61 58.59
C ALA CA 116 -2.04 -8.48 57.63
N ALA CA 117 -3.01 -7.95 56.89
CA ALA CA 117 -2.77 -6.80 56.03
C ALA CA 117 -2.37 -5.57 56.83
N VAL CA 118 -3.07 -5.31 57.94
CA VAL CA 118 -2.77 -4.15 58.78
C VAL CA 118 -1.38 -4.29 59.39
N ASP CA 119 -0.98 -5.51 59.78
CA ASP CA 119 0.37 -5.72 60.30
C ASP CA 119 1.42 -5.40 59.25
N LYS CA 120 1.20 -5.82 57.99
CA LYS CA 120 2.14 -5.46 56.91
C LYS CA 120 2.22 -3.95 56.74
N MET CA 121 1.07 -3.25 56.82
CA MET CA 121 1.05 -1.81 56.68
C MET CA 121 1.90 -1.14 57.75
N LYS CA 122 1.74 -1.59 59.01
CA LYS CA 122 2.49 -1.00 60.11
C LYS CA 122 4.00 -1.25 59.97
N THR CA 123 4.37 -2.44 59.49
CA THR CA 123 5.79 -2.80 59.32
C THR CA 123 6.54 -1.95 58.31
N ALA CA 124 5.84 -1.44 57.27
CA ALA CA 124 6.45 -0.70 56.13
C ALA CA 124 7.47 0.40 56.50
N LYS CA 125 8.30 0.79 55.52
CA LYS CA 125 9.29 1.87 55.76
C LYS CA 125 8.63 3.14 56.28
N LYS CA 126 7.52 3.55 55.66
CA LYS CA 126 6.72 4.64 56.15
C LYS CA 126 5.30 4.11 56.31
N PRO CA 127 4.67 4.26 57.46
CA PRO CA 127 3.35 3.67 57.67
C PRO CA 127 2.17 4.61 57.45
N LYS CA 128 1.15 4.18 56.68
CA LYS CA 128 0.06 5.10 56.36
C LYS CA 128 -1.33 4.63 56.77
N LEU CA 129 -1.54 3.35 57.11
CA LEU CA 129 -2.84 2.78 57.47
C LEU CA 129 -3.92 3.11 56.45
N ASP CA 130 -3.76 2.53 55.24
CA ASP CA 130 -4.73 2.63 54.14
C ASP CA 130 -6.15 2.64 54.68
N ARG CA 131 -6.69 3.85 54.82
CA ARG CA 131 -8.04 4.04 55.34
C ARG CA 131 -9.05 3.45 54.39
N ASP CA 132 -8.71 3.47 53.09
CA ASP CA 132 -9.59 2.95 52.06
C ASP CA 132 -9.73 1.43 52.18
N TYR CA 133 -8.61 0.72 52.36
CA TYR CA 133 -8.66 -0.74 52.53
C TYR CA 133 -9.44 -1.13 53.77
N VAL CA 134 -9.17 -0.44 54.90
CA VAL CA 134 -9.79 -0.77 56.17
C VAL CA 134 -11.29 -0.52 56.10
N LEU CA 135 -11.68 0.61 55.50
CA LEU CA 135 -13.08 0.93 55.31
C LEU CA 135 -13.75 -0.02 54.31
N ARG CA 136 -13.08 -0.32 53.18
CA ARG CA 136 -13.67 -1.22 52.19
C ARG CA 136 -13.77 -2.64 52.71
N TYR CA 137 -12.89 -3.04 53.63
CA TYR CA 137 -13.09 -4.33 54.29
C TYR CA 137 -14.35 -4.24 55.16
N SER CA 138 -14.47 -3.16 55.93
CA SER CA 138 -15.58 -2.99 56.85
C SER CA 138 -16.91 -2.88 56.10
N ALA CA 139 -16.92 -2.12 55.00
CA ALA CA 139 -18.13 -1.98 54.18
C ALA CA 139 -18.55 -3.31 53.56
N LEU CA 140 -17.59 -4.17 53.22
CA LEU CA 140 -17.95 -5.42 52.56
C LEU CA 140 -18.08 -6.59 53.52
N TYR CA 141 -16.95 -7.05 54.05
CA TYR CA 141 -16.93 -8.23 54.90
C TYR CA 141 -17.59 -7.98 56.26
N LEU CA 142 -17.26 -6.88 56.93
CA LEU CA 142 -17.74 -6.66 58.29
C LEU CA 142 -19.25 -6.44 58.35
N THR CA 143 -19.81 -5.63 57.44
CA THR CA 143 -21.26 -5.39 57.45
C THR CA 143 -22.02 -6.69 57.15
N THR CA 144 -21.47 -7.51 56.24
CA THR CA 144 -22.07 -8.81 55.88
C THR CA 144 -22.18 -9.70 57.11
N LEU CA 145 -21.14 -9.66 57.96
CA LEU CA 145 -21.17 -10.39 59.23
C LEU CA 145 -22.35 -9.94 60.11
N VAL CA 146 -22.46 -8.64 60.37
CA VAL CA 146 -23.49 -8.10 61.27
C VAL CA 146 -24.89 -8.47 60.77
N ASP CA 147 -25.15 -8.28 59.46
CA ASP CA 147 -26.50 -8.55 58.95
C ASP CA 147 -26.84 -10.04 59.06
N ALA CA 148 -25.87 -10.92 58.77
CA ALA CA 148 -26.11 -12.36 58.91
C ALA CA 148 -26.34 -12.74 60.38
N MET CA 149 -25.57 -12.14 61.30
CA MET CA 149 -25.74 -12.40 62.73
C MET CA 149 -27.10 -11.94 63.21
N GLU CA 150 -27.57 -10.78 62.71
CA GLU CA 150 -28.90 -10.27 63.03
C GLU CA 150 -29.97 -11.23 62.54
N GLN CA 151 -29.81 -11.75 61.33
CA GLN CA 151 -30.79 -12.67 60.74
C GLN CA 151 -30.88 -13.98 61.51
N TYR CA 152 -29.73 -14.51 61.96
CA TYR CA 152 -29.76 -15.74 62.78
C TYR CA 152 -30.51 -15.47 64.08
N CYS CA 153 -30.29 -14.28 64.67
CA CYS CA 153 -31.02 -13.90 65.89
C CYS CA 153 -32.51 -13.78 65.62
N LEU CA 154 -32.87 -13.24 64.45
CA LEU CA 154 -34.28 -13.07 64.11
C LEU CA 154 -34.98 -14.42 64.04
N ARG CA 155 -34.36 -15.38 63.36
CA ARG CA 155 -34.90 -16.73 63.28
C ARG CA 155 -34.87 -17.41 64.64
N ASP CA 156 -33.82 -17.16 65.43
CA ASP CA 156 -33.70 -17.80 66.74
C ASP CA 156 -34.75 -17.28 67.71
N ALA CA 157 -35.25 -16.05 67.53
CA ALA CA 157 -36.21 -15.50 68.46
C ALA CA 157 -37.66 -15.62 67.98
N ASN CA 158 -38.00 -15.06 66.82
CA ASN CA 158 -39.40 -15.12 66.36
C ASN CA 158 -39.78 -16.54 65.94
N GLY CA 159 -38.84 -17.26 65.33
CA GLY CA 159 -39.03 -18.63 64.89
C GLY CA 159 -39.25 -18.79 63.41
N ALA CA 160 -40.23 -19.61 63.04
CA ALA CA 160 -40.49 -19.91 61.64
C ALA CA 160 -40.98 -18.71 60.84
N LYS CA 161 -41.54 -17.66 61.49
CA LYS CA 161 -42.07 -16.52 60.75
C LYS CA 161 -40.98 -15.82 59.94
N ALA CA 162 -39.75 -15.77 60.49
CA ALA CA 162 -38.64 -15.16 59.77
C ALA CA 162 -38.19 -15.96 58.56
N ALA CA 163 -38.66 -17.19 58.40
CA ALA CA 163 -38.25 -18.03 57.28
C ALA CA 163 -39.10 -17.78 56.06
N GLY CA 164 -39.94 -16.76 56.09
CA GLY CA 164 -40.88 -16.52 55.03
C GLY CA 164 -42.27 -16.93 55.36
N GLY CA 165 -42.53 -17.34 56.61
CA GLY CA 165 -43.88 -17.67 57.01
C GLY CA 165 -44.78 -16.45 56.94
N ALA CA 166 -44.26 -15.28 57.26
CA ALA CA 166 -45.04 -14.06 57.18
C ALA CA 166 -45.02 -13.43 55.79
N GLY CA 167 -44.30 -14.01 54.85
CA GLY CA 167 -44.34 -13.55 53.48
C GLY CA 167 -43.02 -12.92 53.05
N LEU CA 168 -43.10 -12.18 51.94
CA LEU CA 168 -41.96 -11.46 51.38
C LEU CA 168 -41.43 -10.46 52.40
N PRO CA 169 -40.12 -10.20 52.41
CA PRO CA 169 -39.59 -9.16 53.30
C PRO CA 169 -40.30 -7.85 53.02
N LYS CA 170 -40.76 -7.21 54.08
CA LYS CA 170 -41.60 -6.04 53.92
C LYS CA 170 -41.03 -4.93 54.77
N PHE CA 171 -41.52 -3.73 54.52
CA PHE CA 171 -41.14 -2.62 55.38
C PHE CA 171 -41.82 -2.73 56.73
N LYS CA 172 -42.94 -3.47 56.79
CA LYS CA 172 -43.69 -3.73 58.01
C LYS CA 172 -43.58 -5.21 58.37
N GLU CA 173 -42.39 -5.64 58.81
CA GLU CA 173 -42.20 -7.02 59.24
C GLU CA 173 -43.12 -7.33 60.43
N THR CA 174 -43.98 -8.33 60.26
CA THR CA 174 -44.97 -8.66 61.31
C THR CA 174 -44.48 -9.78 62.22
N LEU CA 175 -43.24 -9.67 62.71
CA LEU CA 175 -42.65 -10.68 63.55
C LEU CA 175 -41.83 -10.01 64.65
N LYS CA 176 -41.35 -10.81 65.60
CA LYS CA 176 -40.50 -10.30 66.65
C LYS CA 176 -39.14 -9.89 66.07
N PRO CA 177 -38.50 -8.83 66.62
CA PRO CA 177 -37.24 -8.36 66.02
C PRO CA 177 -36.05 -9.25 66.35
N ALA CA 178 -34.85 -8.79 65.98
CA ALA CA 178 -33.63 -9.54 66.26
C ALA CA 178 -33.26 -9.51 67.73
N SER CA 179 -33.96 -8.72 68.55
CA SER CA 179 -33.74 -8.65 69.98
C SER CA 179 -34.39 -9.88 70.63
N SER CA 180 -34.40 -9.92 71.98
CA SER CA 180 -34.93 -11.02 72.78
C SER CA 180 -34.22 -12.34 72.47
N SER CA 181 -32.97 -12.26 72.03
CA SER CA 181 -32.14 -13.42 71.72
C SER CA 181 -30.95 -13.42 72.66
N SER CA 182 -30.55 -14.62 73.10
CA SER CA 182 -29.43 -14.74 74.01
C SER CA 182 -28.11 -14.44 73.31
N LEU CA 183 -28.10 -14.53 71.98
CA LEU CA 183 -26.92 -14.30 71.17
C LEU CA 183 -26.95 -12.94 70.48
N TYR CA 184 -27.94 -12.10 70.77
CA TYR CA 184 -27.95 -10.74 70.24
C TYR CA 184 -26.81 -9.91 70.85
N SER CA 185 -26.39 -10.23 72.07
CA SER CA 185 -25.30 -9.51 72.73
C SER CA 185 -24.02 -9.59 71.90
N TYR CA 186 -23.77 -10.76 71.31
CA TYR CA 186 -22.63 -10.95 70.41
C TYR CA 186 -22.75 -10.06 69.18
N VAL CA 187 -23.97 -9.87 68.65
CA VAL CA 187 -24.17 -8.96 67.52
C VAL CA 187 -23.80 -7.53 67.92
N ASP CA 188 -24.14 -7.14 69.16
CA ASP CA 188 -23.78 -5.82 69.66
C ASP CA 188 -22.27 -5.64 69.72
N THR CA 189 -21.54 -6.71 70.09
CA THR CA 189 -20.08 -6.65 70.16
C THR CA 189 -19.48 -6.37 68.78
N VAL CA 190 -19.99 -7.05 67.75
CA VAL CA 190 -19.48 -6.85 66.40
C VAL CA 190 -19.81 -5.44 65.92
N LYS CA 191 -21.00 -4.93 66.24
CA LYS CA 191 -21.42 -3.59 65.83
C LYS CA 191 -20.51 -2.53 66.42
N SER CA 192 -20.16 -2.66 67.70
CA SER CA 192 -19.23 -1.75 68.35
C SER CA 192 -17.85 -1.86 67.71
N GLY CA 193 -17.44 -3.10 67.39
CA GLY CA 193 -16.15 -3.32 66.76
C GLY CA 193 -16.03 -2.68 65.39
N ILE CA 194 -17.12 -2.69 64.60
CA ILE CA 194 -17.12 -2.03 63.29
C ILE CA 194 -16.87 -0.54 63.47
N ALA CA 195 -17.51 0.05 64.48
CA ALA CA 195 -17.30 1.46 64.79
C ALA CA 195 -15.85 1.72 65.19
N ALA CA 196 -15.27 0.80 65.97
CA ALA CA 196 -13.86 0.91 66.35
C ALA CA 196 -12.94 0.82 65.14
N VAL CA 197 -13.26 -0.08 64.19
CA VAL CA 197 -12.42 -0.27 63.00
C VAL CA 197 -12.39 1.00 62.17
N SER CA 198 -13.57 1.62 61.98
CA SER CA 198 -13.66 2.88 61.26
C SER CA 198 -12.97 4.00 62.03
N ALA CA 199 -13.17 4.07 63.35
CA ALA CA 199 -12.58 5.13 64.16
C ALA CA 199 -11.07 5.05 64.16
N ALA CA 200 -10.52 3.84 64.25
CA ALA CA 200 -9.06 3.65 64.21
C ALA CA 200 -8.50 4.06 62.85
N ALA CA 201 -9.21 3.72 61.77
CA ALA CA 201 -8.76 4.05 60.41
C ALA CA 201 -8.71 5.57 60.20
N LYS CA 202 -9.71 6.29 60.72
CA LYS CA 202 -9.70 7.74 60.61
C LYS CA 202 -8.59 8.36 61.44
N ALA CA 203 -8.26 7.73 62.57
CA ALA CA 203 -7.26 8.27 63.49
C ALA CA 203 -5.85 7.96 63.07
N GLY CA 204 -5.64 6.84 62.37
CA GLY CA 204 -4.31 6.40 62.02
C GLY CA 204 -3.74 5.39 62.98
N ASP CA 205 -4.57 4.81 63.84
CA ASP CA 205 -4.13 3.85 64.85
C ASP CA 205 -4.10 2.45 64.26
N PHE CA 206 -2.88 1.93 64.05
CA PHE CA 206 -2.71 0.59 63.50
C PHE CA 206 -3.14 -0.46 64.51
N ASP CA 207 -2.73 -0.25 65.77
CA ASP CA 207 -3.05 -1.17 66.86
C ASP CA 207 -4.57 -1.22 67.08
N GLY CA 208 -5.23 -0.08 66.92
CA GLY CA 208 -6.68 -0.01 67.12
C GLY CA 208 -7.44 -0.91 66.16
N VAL CA 209 -7.05 -0.90 64.87
CA VAL CA 209 -7.70 -1.74 63.87
C VAL CA 209 -7.51 -3.22 64.20
N ASN CA 210 -6.29 -3.59 64.60
CA ASN CA 210 -5.96 -4.99 64.88
C ASN CA 210 -6.74 -5.52 66.07
N LYS CA 211 -6.81 -4.73 67.16
CA LYS CA 211 -7.55 -5.15 68.35
C LYS CA 211 -9.03 -5.24 68.05
N ALA CA 212 -9.56 -4.27 67.31
CA ALA CA 212 -10.99 -4.24 67.01
C ALA CA 212 -11.39 -5.44 66.15
N ALA CA 213 -10.56 -5.79 65.17
CA ALA CA 213 -10.81 -6.99 64.35
C ALA CA 213 -10.77 -8.24 65.21
N GLY CA 214 -9.84 -8.29 66.17
CA GLY CA 214 -9.78 -9.40 67.10
C GLY CA 214 -11.04 -9.52 67.94
N ASP CA 215 -11.61 -8.37 68.33
CA ASP CA 215 -12.87 -8.35 69.07
C ASP CA 215 -14.00 -8.95 68.23
N ILE CA 216 -14.02 -8.62 66.93
CA ILE CA 216 -15.00 -9.19 66.01
C ILE CA 216 -14.85 -10.69 65.94
N LYS CA 217 -13.60 -11.16 65.84
CA LYS CA 217 -13.32 -12.59 65.68
C LYS CA 217 -13.77 -13.37 66.89
N THR CA 218 -13.48 -12.87 68.10
CA THR CA 218 -13.92 -13.55 69.33
C THR CA 218 -15.45 -13.57 69.41
N ALA CA 219 -16.09 -12.44 69.08
CA ALA CA 219 -17.55 -12.32 69.18
C ALA CA 219 -18.26 -13.26 68.21
N ALA CA 220 -17.77 -13.34 66.97
CA ALA CA 220 -18.38 -14.21 65.97
C ALA CA 220 -18.20 -15.68 66.34
N ASP CA 221 -17.00 -16.05 66.82
CA ASP CA 221 -16.76 -17.41 67.29
C ASP CA 221 -17.64 -17.75 68.47
N SER CA 222 -17.82 -16.78 69.39
CA SER CA 222 -18.68 -16.96 70.55
C SER CA 222 -20.13 -17.18 70.12
N PHE CA 223 -20.56 -16.44 69.09
CA PHE CA 223 -21.92 -16.56 68.56
C PHE CA 223 -22.16 -17.97 68.05
N LEU CA 224 -21.20 -18.51 67.29
CA LEU CA 224 -21.35 -19.82 66.69
C LEU CA 224 -21.39 -20.90 67.78
N SER CA 225 -20.56 -20.76 68.81
CA SER CA 225 -20.48 -21.76 69.87
C SER CA 225 -21.78 -21.83 70.67
N THR CA 226 -22.33 -20.67 71.07
CA THR CA 226 -23.60 -20.68 71.79
C THR CA 226 -24.74 -21.17 70.90
N ALA CA 227 -24.72 -20.81 69.62
CA ALA CA 227 -25.81 -21.18 68.74
C ALA CA 227 -25.75 -22.65 68.37
N ASN CA 228 -24.53 -23.16 68.17
CA ASN CA 228 -24.28 -24.51 67.68
C ASN CA 228 -25.11 -24.79 66.43
N PRO CA 229 -24.93 -24.01 65.35
CA PRO CA 229 -25.85 -24.07 64.19
C PRO CA 229 -25.95 -25.45 63.60
N PRO CA 230 -27.18 -25.91 63.32
CA PRO CA 230 -27.38 -27.26 62.79
C PRO CA 230 -26.69 -27.39 61.44
N ILE CA 231 -25.94 -28.47 61.29
CA ILE CA 231 -25.18 -28.69 60.07
C ILE CA 231 -26.04 -29.56 59.13
N ILE CA 232 -26.57 -28.95 58.08
CA ILE CA 232 -27.50 -29.64 57.21
C ILE CA 232 -26.87 -29.84 55.84
N PHE CA 233 -26.74 -31.10 55.42
CA PHE CA 233 -26.33 -31.44 54.05
C PHE CA 233 -27.47 -32.22 53.44
N ASN CA 234 -28.08 -31.70 52.37
CA ASN CA 234 -29.25 -32.43 51.91
C ASN CA 234 -29.09 -32.72 50.42
#